data_6WEO
#
_entry.id   6WEO
#
_cell.length_a   134.487
_cell.length_b   145.219
_cell.length_c   152.038
_cell.angle_alpha   71.062
_cell.angle_beta   81.836
_cell.angle_gamma   62.475
#
_symmetry.space_group_name_H-M   'P 1'
#
loop_
_entity.id
_entity.type
_entity.pdbx_description
1 polymer 'Interleukin-10 receptor subunit beta'
2 polymer 'Interleukin-22 receptor subunit alpha-1'
3 polymer Interleukin-22
4 branched beta-D-mannopyranose-(1-4)-2-acetamido-2-deoxy-beta-D-glucopyranose-(1-4)-[alpha-L-fucopyranose-(1-6)]2-acetamido-2-deoxy-beta-D-glucopyranose
5 branched 2-acetamido-2-deoxy-beta-D-glucopyranose-(1-4)-[alpha-L-fucopyranose-(1-6)]2-acetamido-2-deoxy-beta-D-glucopyranose
6 branched alpha-L-fucopyranose-(1-6)-2-acetamido-2-deoxy-beta-D-glucopyranose
7 branched alpha-L-fucopyranose-(1-3)-2-acetamido-2-deoxy-beta-D-glucopyranose
8 branched beta-D-mannopyranose-(1-4)-2-acetamido-2-deoxy-beta-D-glucopyranose-(1-4)-2-acetamido-2-deoxy-beta-D-glucopyranose
9 branched beta-D-mannopyranose-(1-4)-2-acetamido-2-deoxy-beta-D-glucopyranose-(1-4)-[alpha-L-fucopyranose-(1-3)][alpha-L-fucopyranose-(1-6)]2-acetamido-2-deoxy-beta-D-glucopyranose
10 branched 2-acetamido-2-deoxy-beta-D-glucopyranose-(1-4)-2-acetamido-2-deoxy-beta-D-glucopyranose
11 branched alpha-L-fucopyranose-(1-3)-[alpha-L-fucopyranose-(1-6)]2-acetamido-2-deoxy-beta-D-glucopyranose
12 non-polymer GLYCEROL
13 non-polymer 2-acetamido-2-deoxy-beta-D-glucopyranose
14 water water
#
loop_
_entity_poly.entity_id
_entity_poly.type
_entity_poly.pdbx_seq_one_letter_code
_entity_poly.pdbx_strand_id
1 'polypeptide(L)'
;MIPPPEKVRMNSVNFKNILQWEVPAFPKTQLTFTAQYESYRSFQDHCKRTASTQCDFSHLSKYGDYTVRVRAELADEHSE
WVQVTFCPVEDTIIGPPEMQIESLAESLHLRFSAPQIENEPETWTLKNIYDSWAYRVQYWKQGTNEKFQVVSPYDSEVLR
NLEPWTTYCIQVQGFLLDQQRTGEWSEPICERTGNDEITPSGGS
;
0,3,6,9,C,E,H,K,O,R,U,X
2 'polypeptide(L)'
;LLQHVKFQSSNFENILTWDGGPASTSDTVYSVEYKKYGERKWLAKAGCQRITQKFCDLTMETRDHQEFYYAKVTAVSAGG
PPVTKMTDRFSSLQHTTIKPPDVTCIPKVRSIQMLVHPTLTPVLSEDGHQLTLEEIFHDLFYRLELHVNHTYQMHLEGKQ
REYEFLGLTPDTEFLGSITILTPILSKESAPYVCRVKTLPDGGS
;
1,4,7,A,B,F,I,M,P,S,V,Y
3 'polypeptide(L)'
;LPVNTRCKLHVRNFQSPYIVNRTFMLAKEASLADQNTDVRLIGEKLFRGVSAKDQCYLMKQVLQFTLEDVLLPQSDRFQP
YMWEVVPFLTKLSNKLSSCHISGDDQNIQKNVRRLKETVKKLGESGEIKAIGELDLLFMSLRNACVGGS
;
2,5,8,D,G,J,L,N,Q,T,W,Z
#
# COMPACT_ATOMS: atom_id res chain seq x y z
N MET A 1 64.08 -93.39 -27.29
CA MET A 1 62.94 -93.02 -26.47
C MET A 1 62.45 -91.68 -26.98
N ILE A 2 61.38 -91.20 -26.37
CA ILE A 2 60.72 -89.94 -26.70
C ILE A 2 60.82 -88.98 -25.52
N PRO A 3 61.09 -87.70 -25.72
CA PRO A 3 61.15 -86.77 -24.59
C PRO A 3 59.75 -86.44 -24.09
N PRO A 4 59.59 -86.30 -22.77
CA PRO A 4 58.25 -86.14 -22.19
C PRO A 4 57.71 -84.74 -22.44
N PRO A 5 56.43 -84.50 -22.12
CA PRO A 5 55.87 -83.15 -22.29
C PRO A 5 56.55 -82.13 -21.38
N GLU A 6 56.62 -80.89 -21.88
CA GLU A 6 57.28 -79.79 -21.20
C GLU A 6 56.27 -78.81 -20.61
N LYS A 7 56.67 -78.14 -19.52
CA LYS A 7 55.89 -77.07 -18.88
C LYS A 7 54.44 -77.49 -18.65
N VAL A 8 54.25 -78.72 -18.16
CA VAL A 8 52.92 -79.25 -17.93
C VAL A 8 52.27 -78.56 -16.73
N ARG A 9 51.04 -78.10 -16.92
CA ARG A 9 50.31 -77.38 -15.88
C ARG A 9 48.82 -77.60 -16.04
N MET A 10 48.09 -77.54 -14.91
CA MET A 10 46.62 -77.57 -14.90
C MET A 10 46.15 -76.12 -14.84
N ASN A 11 45.60 -75.62 -15.94
CA ASN A 11 45.12 -74.25 -15.94
C ASN A 11 43.65 -74.29 -15.57
N SER A 12 43.34 -73.96 -14.32
CA SER A 12 42.00 -74.08 -13.79
C SER A 12 41.55 -72.73 -13.25
N VAL A 13 40.51 -72.15 -13.84
CA VAL A 13 39.90 -70.94 -13.30
C VAL A 13 38.38 -71.10 -13.35
N ASN A 14 37.73 -70.83 -12.20
CA ASN A 14 36.28 -70.99 -12.07
C ASN A 14 35.86 -72.41 -12.44
N PHE A 15 36.64 -73.39 -11.97
CA PHE A 15 36.32 -74.81 -12.14
C PHE A 15 36.32 -75.23 -13.62
N LYS A 16 36.98 -74.43 -14.47
CA LYS A 16 37.31 -74.77 -15.86
C LYS A 16 38.70 -75.41 -15.85
N ASN A 17 38.75 -76.74 -15.74
CA ASN A 17 39.99 -77.45 -15.49
C ASN A 17 40.58 -77.93 -16.80
N ILE A 18 41.70 -77.33 -17.19
CA ILE A 18 42.37 -77.64 -18.44
C ILE A 18 43.81 -78.03 -18.12
N LEU A 19 44.17 -79.27 -18.44
CA LEU A 19 45.56 -79.67 -18.37
C LEU A 19 46.27 -79.22 -19.64
N GLN A 20 47.34 -78.44 -19.47
CA GLN A 20 48.07 -77.88 -20.59
C GLN A 20 49.53 -78.28 -20.51
N TRP A 21 50.12 -78.53 -21.68
CA TRP A 21 51.52 -78.88 -21.84
C TRP A 21 51.99 -78.20 -23.12
N GLU A 22 53.29 -78.33 -23.43
CA GLU A 22 53.85 -77.79 -24.66
C GLU A 22 54.55 -78.88 -25.46
N VAL A 23 54.54 -78.71 -26.78
CA VAL A 23 55.18 -79.74 -27.61
C VAL A 23 56.68 -79.70 -27.33
N PRO A 24 57.31 -80.85 -27.06
CA PRO A 24 58.71 -80.81 -26.62
C PRO A 24 59.64 -80.45 -27.76
N ALA A 25 60.87 -80.11 -27.37
CA ALA A 25 61.93 -79.84 -28.34
C ALA A 25 62.24 -81.16 -29.02
N PHE A 26 61.76 -81.31 -30.25
CA PHE A 26 61.88 -82.61 -30.89
C PHE A 26 61.83 -82.43 -32.40
N PRO A 27 62.95 -82.63 -33.15
CA PRO A 27 62.93 -82.38 -34.60
C PRO A 27 62.16 -83.39 -35.43
N LYS A 28 61.02 -83.89 -34.93
CA LYS A 28 60.20 -84.83 -35.68
C LYS A 28 58.75 -84.50 -35.27
N THR A 29 58.00 -83.92 -36.21
CA THR A 29 56.64 -83.44 -35.96
C THR A 29 55.56 -84.52 -36.05
N GLN A 30 55.83 -85.73 -35.57
CA GLN A 30 54.91 -86.85 -35.53
C GLN A 30 54.85 -87.22 -34.06
N LEU A 31 53.88 -86.71 -33.32
CA LEU A 31 53.90 -86.93 -31.88
C LEU A 31 52.50 -86.83 -31.28
N THR A 32 52.07 -87.92 -30.66
CA THR A 32 50.77 -87.97 -30.02
C THR A 32 50.88 -88.02 -28.49
N PHE A 33 49.84 -87.51 -27.81
CA PHE A 33 49.83 -87.37 -26.36
C PHE A 33 48.59 -88.06 -25.80
N THR A 34 48.73 -88.63 -24.60
CA THR A 34 47.61 -89.29 -23.95
C THR A 34 47.59 -88.92 -22.47
N ALA A 35 46.42 -88.48 -21.99
CA ALA A 35 46.20 -87.96 -20.65
C ALA A 35 45.21 -88.82 -19.88
N GLN A 36 45.46 -88.97 -18.56
CA GLN A 36 44.68 -89.85 -17.70
C GLN A 36 44.37 -89.19 -16.34
N TYR A 37 43.32 -89.67 -15.67
CA TYR A 37 42.97 -89.27 -14.30
C TYR A 37 42.70 -90.50 -13.45
N GLU A 38 42.80 -90.34 -12.14
CA GLU A 38 42.68 -91.48 -11.23
C GLU A 38 41.22 -91.75 -10.87
N SER A 39 40.80 -93.02 -11.05
CA SER A 39 39.47 -93.48 -10.64
C SER A 39 39.71 -94.57 -9.60
N TYR A 40 39.77 -94.17 -8.31
CA TYR A 40 40.04 -95.08 -7.19
C TYR A 40 41.36 -95.80 -7.44
N ARG A 41 41.33 -97.10 -7.65
CA ARG A 41 42.57 -97.85 -7.87
C ARG A 41 43.19 -97.55 -9.23
N SER A 42 42.36 -97.20 -10.21
CA SER A 42 42.78 -97.26 -11.61
C SER A 42 42.63 -95.95 -12.36
N PHE A 43 43.56 -95.72 -13.28
CA PHE A 43 43.55 -94.56 -14.16
C PHE A 43 42.58 -94.76 -15.32
N GLN A 44 42.05 -93.64 -15.79
CA GLN A 44 41.06 -93.59 -16.85
C GLN A 44 41.72 -92.80 -17.96
N ASP A 45 41.64 -93.28 -19.20
CA ASP A 45 42.01 -92.42 -20.32
C ASP A 45 41.02 -91.27 -20.42
N HIS A 46 41.52 -90.06 -20.71
CA HIS A 46 40.62 -88.96 -21.00
C HIS A 46 40.88 -88.35 -22.38
N CYS A 47 42.13 -88.05 -22.70
CA CYS A 47 42.58 -87.74 -24.05
C CYS A 47 43.47 -88.88 -24.47
N LYS A 48 43.06 -89.66 -25.47
CA LYS A 48 43.83 -90.83 -25.91
C LYS A 48 44.42 -90.52 -27.27
N ARG A 49 45.75 -90.44 -27.32
CA ARG A 49 46.50 -90.19 -28.55
C ARG A 49 45.96 -88.98 -29.32
N THR A 50 45.97 -87.83 -28.64
CA THR A 50 45.56 -86.57 -29.22
C THR A 50 46.79 -85.84 -29.75
N ALA A 51 46.59 -85.04 -30.78
CA ALA A 51 47.64 -84.17 -31.30
C ALA A 51 47.74 -82.85 -30.58
N SER A 52 46.78 -82.54 -29.71
CA SER A 52 46.63 -81.24 -29.09
C SER A 52 47.58 -81.08 -27.90
N THR A 53 47.79 -79.82 -27.52
CA THR A 53 48.62 -79.52 -26.36
C THR A 53 47.80 -79.19 -25.13
N GLN A 54 46.54 -79.63 -25.06
CA GLN A 54 45.74 -79.42 -23.87
C GLN A 54 44.65 -80.47 -23.78
N CYS A 55 44.17 -80.69 -22.55
CA CYS A 55 43.09 -81.64 -22.30
C CYS A 55 42.17 -81.06 -21.24
N ASP A 56 40.87 -81.06 -21.52
CA ASP A 56 39.85 -80.47 -20.64
C ASP A 56 39.45 -81.46 -19.55
N PHE A 57 39.60 -81.05 -18.30
CA PHE A 57 39.29 -81.87 -17.14
C PHE A 57 38.17 -81.27 -16.32
N SER A 58 37.26 -80.55 -16.98
CA SER A 58 36.18 -79.86 -16.26
C SER A 58 35.12 -80.82 -15.76
N HIS A 59 35.10 -82.06 -16.25
CA HIS A 59 34.10 -82.99 -15.79
C HIS A 59 34.44 -83.56 -14.41
N LEU A 60 35.62 -83.26 -13.88
CA LEU A 60 36.05 -83.81 -12.59
C LEU A 60 35.21 -83.22 -11.48
N SER A 61 34.98 -84.03 -10.43
CA SER A 61 34.22 -83.59 -9.27
C SER A 61 34.95 -82.46 -8.55
N LYS A 62 34.18 -81.53 -7.97
CA LYS A 62 34.83 -80.43 -7.25
C LYS A 62 35.56 -80.95 -6.04
N TYR A 63 34.91 -81.81 -5.28
CA TYR A 63 35.49 -82.17 -4.01
C TYR A 63 36.41 -83.37 -4.12
N GLY A 64 36.63 -83.87 -5.35
CA GLY A 64 37.50 -85.01 -5.55
C GLY A 64 38.96 -84.57 -5.54
N ASP A 65 39.79 -85.40 -4.89
CA ASP A 65 41.24 -85.26 -4.95
C ASP A 65 41.72 -86.08 -6.14
N TYR A 66 42.16 -85.41 -7.19
CA TYR A 66 42.56 -86.12 -8.40
C TYR A 66 44.03 -85.88 -8.67
N THR A 67 44.67 -86.89 -9.22
CA THR A 67 46.01 -86.76 -9.80
C THR A 67 45.91 -87.01 -11.30
N VAL A 68 46.51 -86.10 -12.07
CA VAL A 68 46.48 -86.09 -13.54
C VAL A 68 47.88 -86.30 -14.11
N ARG A 69 48.00 -87.10 -15.18
CA ARG A 69 49.30 -87.38 -15.83
C ARG A 69 49.14 -87.35 -17.35
N VAL A 70 50.21 -87.00 -18.07
CA VAL A 70 50.19 -86.95 -19.53
C VAL A 70 51.53 -87.47 -20.06
N ARG A 71 51.49 -88.09 -21.24
CA ARG A 71 52.72 -88.51 -21.89
C ARG A 71 52.60 -88.27 -23.38
N ALA A 72 53.73 -88.01 -24.02
CA ALA A 72 53.80 -87.98 -25.47
C ALA A 72 54.09 -89.42 -25.87
N GLU A 73 53.56 -89.83 -27.04
CA GLU A 73 53.83 -91.21 -27.45
C GLU A 73 53.98 -91.28 -28.96
N LEU A 74 54.70 -92.30 -29.44
CA LEU A 74 54.66 -92.67 -30.86
C LEU A 74 54.81 -94.18 -30.99
N ALA A 75 54.15 -94.77 -32.00
CA ALA A 75 54.15 -96.21 -32.20
C ALA A 75 53.81 -96.94 -30.90
N ASP A 76 54.47 -98.08 -30.64
CA ASP A 76 54.24 -98.78 -29.37
C ASP A 76 55.00 -98.17 -28.19
N GLU A 77 55.98 -97.32 -28.43
CA GLU A 77 56.82 -96.79 -27.36
C GLU A 77 56.33 -95.43 -26.87
N HIS A 78 56.15 -95.33 -25.56
CA HIS A 78 55.68 -94.16 -24.86
C HIS A 78 56.72 -93.58 -23.93
N SER A 79 56.38 -92.42 -23.42
CA SER A 79 57.25 -91.65 -22.56
C SER A 79 56.94 -91.95 -21.11
N GLU A 80 57.80 -91.40 -20.27
CA GLU A 80 57.49 -91.35 -18.86
C GLU A 80 56.28 -90.44 -18.68
N TRP A 81 55.54 -90.68 -17.63
CA TRP A 81 54.41 -89.83 -17.30
C TRP A 81 54.89 -88.58 -16.55
N VAL A 82 54.17 -87.49 -16.71
CA VAL A 82 54.36 -86.32 -15.84
C VAL A 82 53.06 -86.09 -15.10
N GLN A 83 53.06 -86.31 -13.79
CA GLN A 83 51.83 -86.23 -13.01
C GLN A 83 51.77 -84.90 -12.27
N VAL A 84 50.52 -84.43 -12.03
CA VAL A 84 50.19 -83.28 -11.19
C VAL A 84 49.10 -83.71 -10.22
N THR A 85 49.19 -83.22 -8.99
CA THR A 85 48.13 -83.46 -8.03
C THR A 85 47.21 -82.25 -8.14
N PHE A 86 45.90 -82.51 -8.01
CA PHE A 86 44.88 -81.49 -8.32
C PHE A 86 43.57 -81.83 -7.62
N CYS A 87 43.02 -80.85 -6.90
CA CYS A 87 41.70 -80.92 -6.28
C CYS A 87 40.99 -79.64 -6.66
N PRO A 88 39.89 -79.70 -7.41
CA PRO A 88 39.33 -78.45 -7.97
C PRO A 88 38.93 -77.40 -6.94
N VAL A 89 38.09 -77.74 -5.95
CA VAL A 89 37.53 -76.70 -5.07
C VAL A 89 38.63 -76.06 -4.21
N GLU A 90 39.73 -76.77 -3.95
CA GLU A 90 40.83 -76.22 -3.17
C GLU A 90 41.86 -75.49 -4.03
N ASP A 91 42.04 -75.85 -5.31
CA ASP A 91 43.18 -75.36 -6.09
C ASP A 91 42.81 -74.44 -7.24
N THR A 92 41.56 -74.44 -7.70
CA THR A 92 41.21 -73.66 -8.87
C THR A 92 41.36 -72.16 -8.58
N ILE A 93 41.53 -71.35 -9.63
CA ILE A 93 41.63 -69.90 -9.45
C ILE A 93 40.23 -69.29 -9.41
N ILE A 94 39.97 -68.45 -8.40
CA ILE A 94 38.69 -67.72 -8.28
C ILE A 94 38.70 -66.59 -9.28
N GLY A 95 37.86 -66.66 -10.32
CA GLY A 95 37.81 -65.61 -11.32
C GLY A 95 37.33 -64.30 -10.72
N PRO A 96 37.44 -63.22 -11.48
CA PRO A 96 37.00 -61.93 -10.97
C PRO A 96 35.50 -61.82 -11.04
N PRO A 97 34.86 -61.22 -10.04
CA PRO A 97 33.42 -60.98 -10.11
C PRO A 97 33.10 -59.78 -11.01
N GLU A 98 31.86 -59.78 -11.48
CA GLU A 98 31.28 -58.69 -12.25
C GLU A 98 30.66 -57.65 -11.32
N MET A 99 30.71 -56.39 -11.72
CA MET A 99 30.17 -55.30 -10.91
C MET A 99 29.51 -54.23 -11.76
N GLN A 100 28.36 -53.73 -11.31
CA GLN A 100 27.73 -52.56 -11.90
C GLN A 100 27.59 -51.47 -10.83
N ILE A 101 27.80 -50.22 -11.23
CA ILE A 101 27.78 -49.09 -10.31
C ILE A 101 26.66 -48.16 -10.75
N GLU A 102 25.82 -47.75 -9.78
CA GLU A 102 24.72 -46.81 -10.04
C GLU A 102 24.89 -45.65 -9.05
N SER A 103 25.69 -44.64 -9.43
CA SER A 103 25.95 -43.48 -8.58
C SER A 103 24.83 -42.45 -8.77
N LEU A 104 24.08 -42.18 -7.70
CA LEU A 104 23.00 -41.20 -7.80
C LEU A 104 23.48 -39.79 -7.47
N ALA A 105 23.86 -39.59 -6.21
CA ALA A 105 24.31 -38.28 -5.80
C ALA A 105 25.01 -38.41 -4.46
N GLU A 106 26.30 -38.07 -4.43
CA GLU A 106 27.16 -38.22 -3.25
C GLU A 106 27.03 -39.62 -2.63
N SER A 107 26.70 -40.61 -3.47
CA SER A 107 26.68 -42.03 -3.11
C SER A 107 27.14 -42.87 -4.29
N LEU A 108 27.63 -44.08 -4.00
CA LEU A 108 28.07 -45.04 -5.02
C LEU A 108 27.45 -46.40 -4.69
N HIS A 109 26.50 -46.84 -5.51
CA HIS A 109 25.79 -48.09 -5.30
C HIS A 109 26.43 -49.20 -6.13
N LEU A 110 26.93 -50.23 -5.44
CA LEU A 110 27.55 -51.38 -6.07
C LEU A 110 26.62 -52.59 -6.08
N ARG A 111 26.71 -53.39 -7.13
CA ARG A 111 26.07 -54.68 -7.23
C ARG A 111 27.07 -55.67 -7.82
N PHE A 112 27.18 -56.84 -7.20
CA PHE A 112 28.15 -57.87 -7.57
C PHE A 112 27.47 -59.11 -8.15
N SER A 113 28.25 -59.87 -8.93
CA SER A 113 27.84 -61.15 -9.50
C SER A 113 29.04 -62.10 -9.42
N ALA A 114 28.92 -63.16 -8.61
CA ALA A 114 30.00 -64.13 -8.48
C ALA A 114 30.28 -64.80 -9.84
N PRO A 115 31.51 -65.26 -10.08
CA PRO A 115 31.81 -65.92 -11.35
C PRO A 115 31.01 -67.20 -11.49
N GLN A 116 30.51 -67.49 -12.69
CA GLN A 116 29.76 -68.74 -12.86
C GLN A 116 30.69 -69.91 -13.16
N ILE A 117 30.38 -71.08 -12.56
CA ILE A 117 31.14 -72.30 -12.77
C ILE A 117 30.55 -73.10 -13.92
N GLU A 118 31.44 -73.66 -14.74
CA GLU A 118 31.06 -74.47 -15.89
C GLU A 118 30.82 -75.95 -15.57
N ASN A 119 31.03 -76.38 -14.33
CA ASN A 119 30.74 -77.78 -14.03
C ASN A 119 29.29 -78.11 -14.25
N GLU A 120 28.41 -77.19 -13.98
CA GLU A 120 27.06 -77.69 -13.96
C GLU A 120 26.21 -77.13 -15.09
N PRO A 121 25.30 -77.95 -15.62
CA PRO A 121 24.34 -77.45 -16.62
C PRO A 121 23.37 -76.44 -16.05
N GLU A 122 23.51 -76.07 -14.77
CA GLU A 122 22.71 -75.03 -14.14
C GLU A 122 23.62 -73.84 -13.82
N THR A 123 22.97 -72.68 -13.66
CA THR A 123 23.59 -71.40 -13.35
C THR A 123 24.18 -71.33 -11.94
N TRP A 124 25.18 -72.15 -11.65
CA TRP A 124 25.85 -72.10 -10.36
C TRP A 124 27.01 -71.11 -10.39
N THR A 125 27.15 -70.34 -9.31
CA THR A 125 28.24 -69.39 -9.11
C THR A 125 29.21 -69.92 -8.04
N LEU A 126 30.42 -69.35 -8.02
CA LEU A 126 31.42 -69.79 -7.06
C LEU A 126 30.92 -69.53 -5.64
N LYS A 127 30.06 -68.52 -5.49
CA LYS A 127 29.38 -68.24 -4.22
C LYS A 127 28.47 -69.38 -3.81
N ASN A 128 27.93 -70.13 -4.78
CA ASN A 128 27.07 -71.26 -4.44
C ASN A 128 27.82 -72.46 -3.93
N ILE A 129 29.14 -72.52 -4.07
CA ILE A 129 29.94 -73.67 -3.67
C ILE A 129 30.68 -73.43 -2.36
N TYR A 130 31.25 -72.24 -2.19
CA TYR A 130 32.03 -71.93 -1.01
C TYR A 130 31.08 -71.33 0.01
N ASP A 131 31.15 -71.87 1.21
CA ASP A 131 30.30 -71.51 2.33
C ASP A 131 30.71 -70.20 2.99
N SER A 132 31.88 -69.68 2.67
CA SER A 132 32.42 -68.46 3.26
C SER A 132 32.72 -67.40 2.22
N TRP A 133 32.01 -67.41 1.09
CA TRP A 133 32.27 -66.43 0.03
C TRP A 133 31.90 -65.03 0.51
N ALA A 134 32.81 -64.08 0.31
CA ALA A 134 32.56 -62.67 0.59
C ALA A 134 33.35 -61.82 -0.39
N TYR A 135 32.94 -60.57 -0.52
CA TYR A 135 33.56 -59.62 -1.43
C TYR A 135 34.40 -58.59 -0.69
N ARG A 136 35.60 -58.33 -1.20
CA ARG A 136 36.43 -57.22 -0.77
C ARG A 136 36.33 -56.08 -1.78
N VAL A 137 35.94 -54.89 -1.33
CA VAL A 137 35.89 -53.71 -2.20
C VAL A 137 37.11 -52.85 -1.88
N GLN A 138 37.78 -52.37 -2.91
CA GLN A 138 38.95 -51.50 -2.77
C GLN A 138 38.67 -50.22 -3.54
N TYR A 139 38.70 -49.07 -2.87
CA TYR A 139 38.40 -47.83 -3.59
C TYR A 139 39.42 -46.72 -3.34
N TRP A 140 39.57 -45.88 -4.37
CA TRP A 140 40.33 -44.64 -4.37
C TRP A 140 39.80 -43.75 -5.50
N LYS A 141 40.44 -42.60 -5.70
CA LYS A 141 40.01 -41.63 -6.69
C LYS A 141 40.85 -41.78 -7.97
N GLN A 142 41.46 -40.71 -8.52
CA GLN A 142 42.34 -40.85 -9.69
C GLN A 142 43.58 -39.97 -9.60
N GLY A 143 43.74 -39.25 -8.48
CA GLY A 143 44.90 -38.42 -8.25
C GLY A 143 45.66 -38.87 -7.02
N THR A 144 45.18 -39.91 -6.36
CA THR A 144 45.81 -40.46 -5.16
C THR A 144 46.25 -41.89 -5.45
N ASN A 145 47.28 -42.34 -4.72
CA ASN A 145 47.63 -43.74 -4.70
C ASN A 145 47.09 -44.46 -3.47
N GLU A 146 46.57 -43.71 -2.50
CA GLU A 146 46.08 -44.28 -1.25
C GLU A 146 44.78 -45.05 -1.48
N LYS A 147 44.57 -46.10 -0.69
CA LYS A 147 43.46 -47.02 -0.87
C LYS A 147 42.58 -47.08 0.39
N PHE A 148 41.37 -47.61 0.20
CA PHE A 148 40.44 -47.98 1.27
C PHE A 148 39.75 -49.29 0.91
N GLN A 149 39.34 -50.03 1.94
CA GLN A 149 38.81 -51.37 1.80
C GLN A 149 37.53 -51.56 2.62
N VAL A 150 36.58 -52.28 2.05
CA VAL A 150 35.36 -52.68 2.76
C VAL A 150 35.03 -54.11 2.34
N VAL A 151 34.51 -54.89 3.27
CA VAL A 151 34.16 -56.28 3.03
C VAL A 151 32.65 -56.45 3.12
N SER A 152 32.08 -57.17 2.16
CA SER A 152 30.67 -57.42 2.26
C SER A 152 30.37 -58.83 1.80
N PRO A 153 29.46 -59.52 2.48
CA PRO A 153 29.06 -60.87 2.05
C PRO A 153 27.86 -60.91 1.13
N TYR A 154 27.26 -59.78 0.86
CA TYR A 154 26.03 -59.74 0.07
C TYR A 154 26.39 -59.23 -1.32
N ASP A 155 25.48 -59.41 -2.25
CA ASP A 155 25.75 -58.95 -3.62
C ASP A 155 25.56 -57.46 -3.82
N SER A 156 25.45 -56.68 -2.75
CA SER A 156 25.20 -55.26 -2.93
C SER A 156 26.03 -54.49 -1.91
N GLU A 157 26.47 -53.29 -2.29
CA GLU A 157 27.17 -52.43 -1.33
C GLU A 157 27.04 -50.99 -1.81
N VAL A 158 26.98 -50.06 -0.84
CA VAL A 158 26.88 -48.62 -1.11
C VAL A 158 28.04 -47.91 -0.45
N LEU A 159 28.84 -47.20 -1.25
CA LEU A 159 29.89 -46.39 -0.66
C LEU A 159 29.33 -45.02 -0.36
N ARG A 160 29.20 -44.74 0.94
CA ARG A 160 28.54 -43.56 1.47
C ARG A 160 29.55 -42.53 1.96
N ASN A 161 29.13 -41.26 1.90
CA ASN A 161 29.87 -40.09 2.36
C ASN A 161 31.28 -39.92 1.77
N LEU A 162 31.35 -39.22 0.64
CA LEU A 162 32.58 -38.89 -0.07
C LEU A 162 32.44 -37.46 -0.61
N GLU A 163 33.52 -36.94 -1.19
CA GLU A 163 33.43 -35.59 -1.75
C GLU A 163 32.65 -35.63 -3.05
N PRO A 164 31.73 -34.69 -3.26
CA PRO A 164 30.91 -34.74 -4.48
C PRO A 164 31.67 -34.27 -5.70
N TRP A 165 31.13 -34.64 -6.86
CA TRP A 165 31.72 -34.31 -8.16
C TRP A 165 33.17 -34.74 -8.24
N THR A 166 33.39 -36.02 -7.94
CA THR A 166 34.72 -36.63 -8.04
C THR A 166 34.49 -38.00 -8.65
N THR A 167 35.18 -38.29 -9.73
CA THR A 167 35.07 -39.59 -10.39
C THR A 167 35.85 -40.63 -9.60
N TYR A 168 35.17 -41.66 -9.13
CA TYR A 168 35.85 -42.76 -8.48
C TYR A 168 35.94 -43.99 -9.38
N CYS A 169 37.00 -44.78 -9.17
CA CYS A 169 37.22 -46.07 -9.80
C CYS A 169 37.40 -47.17 -8.74
N ILE A 170 36.65 -48.26 -8.87
CA ILE A 170 36.56 -49.30 -7.85
C ILE A 170 36.71 -50.67 -8.47
N GLN A 171 37.25 -51.60 -7.69
CA GLN A 171 37.34 -53.00 -8.08
C GLN A 171 36.88 -53.87 -6.93
N VAL A 172 36.55 -55.10 -7.30
CA VAL A 172 36.05 -56.11 -6.37
C VAL A 172 36.78 -57.42 -6.65
N GLN A 173 36.89 -58.26 -5.62
CA GLN A 173 37.50 -59.58 -5.73
C GLN A 173 36.79 -60.55 -4.80
N GLY A 174 36.85 -61.83 -5.17
CA GLY A 174 36.38 -62.87 -4.28
C GLY A 174 37.46 -63.34 -3.32
N PHE A 175 37.04 -63.73 -2.12
CA PHE A 175 37.94 -64.34 -1.16
C PHE A 175 37.09 -65.17 -0.20
N LEU A 176 37.74 -66.04 0.59
CA LEU A 176 37.04 -66.85 1.59
C LEU A 176 37.38 -66.40 3.01
N LEU A 177 36.34 -66.24 3.85
CA LEU A 177 36.42 -65.67 5.20
C LEU A 177 37.05 -66.60 6.22
N ASP A 178 37.29 -67.84 5.85
CA ASP A 178 37.82 -68.85 6.75
C ASP A 178 39.11 -69.45 6.21
N GLN A 179 39.56 -68.98 5.06
CA GLN A 179 40.74 -69.43 4.36
C GLN A 179 41.67 -68.25 4.08
N GLN A 180 42.90 -68.57 3.71
CA GLN A 180 43.82 -67.59 3.13
C GLN A 180 43.81 -67.76 1.62
N ARG A 181 42.62 -67.66 1.03
CA ARG A 181 42.41 -67.78 -0.39
C ARG A 181 41.84 -66.49 -0.95
N THR A 182 42.61 -65.85 -1.85
CA THR A 182 42.23 -64.62 -2.52
C THR A 182 41.88 -64.90 -3.97
N GLY A 183 40.78 -64.27 -4.48
CA GLY A 183 40.44 -64.38 -5.89
C GLY A 183 41.06 -63.26 -6.71
N GLU A 184 40.89 -63.33 -8.03
CA GLU A 184 41.51 -62.31 -8.84
C GLU A 184 40.66 -61.03 -8.83
N TRP A 185 41.35 -59.90 -8.91
CA TRP A 185 40.66 -58.62 -8.98
C TRP A 185 40.03 -58.44 -10.35
N SER A 186 38.94 -57.68 -10.39
CA SER A 186 38.33 -57.22 -11.62
C SER A 186 39.15 -56.03 -12.16
N GLU A 187 38.78 -55.48 -13.34
CA GLU A 187 39.42 -54.22 -13.77
C GLU A 187 38.56 -53.03 -13.31
N PRO A 188 39.13 -51.89 -12.89
CA PRO A 188 38.29 -50.86 -12.27
C PRO A 188 37.28 -50.29 -13.25
N ILE A 189 36.03 -50.27 -12.83
CA ILE A 189 34.98 -49.65 -13.60
C ILE A 189 34.65 -48.35 -12.90
N CYS A 190 34.57 -47.27 -13.66
CA CYS A 190 34.45 -45.94 -13.10
C CYS A 190 33.14 -45.29 -13.52
N GLU A 191 32.53 -44.59 -12.56
CA GLU A 191 31.31 -43.83 -12.78
C GLU A 191 31.46 -42.56 -11.96
N ARG A 192 30.95 -41.46 -12.51
CA ARG A 192 31.08 -40.16 -11.88
C ARG A 192 30.00 -39.94 -10.83
N THR A 193 30.37 -39.26 -9.76
CA THR A 193 29.42 -38.88 -8.73
C THR A 193 28.67 -37.60 -9.14
N LEU B 1 -92.34 -2.39 -6.72
CA LEU B 1 -90.93 -2.37 -6.33
C LEU B 1 -90.10 -3.32 -7.18
N LEU B 2 -89.39 -2.70 -8.12
CA LEU B 2 -88.51 -3.34 -9.08
C LEU B 2 -87.11 -2.78 -8.80
N GLN B 3 -86.08 -3.63 -8.91
CA GLN B 3 -84.72 -3.19 -8.58
C GLN B 3 -83.68 -3.90 -9.45
N HIS B 4 -82.49 -3.29 -9.50
CA HIS B 4 -81.29 -3.85 -10.13
C HIS B 4 -81.48 -4.13 -11.62
N VAL B 5 -82.00 -3.12 -12.33
CA VAL B 5 -82.18 -3.14 -13.79
C VAL B 5 -80.86 -2.72 -14.43
N LYS B 6 -80.17 -3.66 -15.09
CA LYS B 6 -78.91 -3.32 -15.74
C LYS B 6 -78.68 -4.23 -16.94
N PHE B 7 -77.66 -3.85 -17.72
CA PHE B 7 -77.16 -4.63 -18.83
C PHE B 7 -76.03 -5.55 -18.38
N GLN B 8 -76.05 -6.78 -18.88
CA GLN B 8 -74.99 -7.75 -18.65
C GLN B 8 -74.44 -8.06 -20.02
N SER B 9 -73.21 -7.66 -20.29
CA SER B 9 -72.70 -7.69 -21.64
C SER B 9 -71.42 -8.49 -21.69
N SER B 10 -71.41 -9.56 -22.49
CA SER B 10 -70.25 -10.42 -22.61
C SER B 10 -70.10 -10.78 -24.07
N ASN B 11 -68.95 -10.42 -24.65
CA ASN B 11 -68.65 -10.66 -26.06
C ASN B 11 -69.82 -10.24 -26.97
N PHE B 12 -70.36 -9.06 -26.66
CA PHE B 12 -71.44 -8.39 -27.39
C PHE B 12 -72.76 -9.14 -27.27
N GLU B 13 -72.89 -9.99 -26.28
CA GLU B 13 -74.14 -10.68 -25.97
C GLU B 13 -74.81 -9.92 -24.84
N ASN B 14 -75.90 -9.28 -25.13
CA ASN B 14 -76.42 -8.24 -24.24
C ASN B 14 -77.64 -8.79 -23.55
N ILE B 15 -77.48 -9.16 -22.29
CA ILE B 15 -78.55 -9.81 -21.54
C ILE B 15 -79.01 -8.81 -20.50
N LEU B 16 -80.28 -8.47 -20.55
CA LEU B 16 -80.86 -7.52 -19.62
C LEU B 16 -81.43 -8.29 -18.44
N THR B 17 -81.00 -7.92 -17.25
CA THR B 17 -81.40 -8.61 -16.04
C THR B 17 -81.90 -7.59 -15.02
N TRP B 18 -82.84 -8.06 -14.19
CA TRP B 18 -83.43 -7.26 -13.11
C TRP B 18 -83.85 -8.20 -12.00
N ASP B 19 -84.30 -7.62 -10.88
CA ASP B 19 -84.64 -8.42 -9.71
C ASP B 19 -85.98 -7.97 -9.13
N GLY B 20 -86.61 -8.88 -8.39
CA GLY B 20 -87.82 -8.53 -7.68
C GLY B 20 -87.47 -7.72 -6.45
N GLY B 21 -88.49 -7.40 -5.66
CA GLY B 21 -88.28 -6.56 -4.52
C GLY B 21 -89.05 -6.97 -3.27
N PRO B 22 -89.11 -6.05 -2.29
CA PRO B 22 -89.97 -6.26 -1.12
C PRO B 22 -91.44 -6.19 -1.48
N ALA B 23 -91.74 -6.10 -2.78
CA ALA B 23 -93.10 -6.11 -3.30
C ALA B 23 -93.13 -7.11 -4.46
N SER B 24 -92.95 -8.40 -4.13
CA SER B 24 -92.82 -9.46 -5.11
C SER B 24 -94.01 -10.42 -5.02
N THR B 25 -95.15 -10.00 -5.57
CA THR B 25 -96.27 -10.92 -5.62
C THR B 25 -95.89 -12.03 -6.58
N SER B 26 -96.21 -13.27 -6.20
CA SER B 26 -95.75 -14.41 -7.01
C SER B 26 -96.46 -14.48 -8.35
N ASP B 27 -97.06 -13.37 -8.79
CA ASP B 27 -97.72 -13.23 -10.08
C ASP B 27 -97.35 -11.91 -10.75
N THR B 28 -96.32 -11.25 -10.25
CA THR B 28 -95.90 -9.98 -10.82
C THR B 28 -95.13 -10.25 -12.10
N VAL B 29 -95.51 -9.57 -13.17
CA VAL B 29 -94.94 -9.79 -14.48
C VAL B 29 -94.19 -8.54 -14.90
N TYR B 30 -93.32 -8.70 -15.88
CA TYR B 30 -92.42 -7.65 -16.32
C TYR B 30 -92.47 -7.54 -17.83
N SER B 31 -92.52 -6.32 -18.32
CA SER B 31 -92.48 -6.04 -19.75
C SER B 31 -91.23 -5.23 -20.06
N VAL B 32 -90.57 -5.56 -21.17
CA VAL B 32 -89.31 -4.93 -21.53
C VAL B 32 -89.54 -4.05 -22.74
N GLU B 33 -89.03 -2.82 -22.70
CA GLU B 33 -89.07 -1.95 -23.86
C GLU B 33 -87.68 -1.38 -24.08
N TYR B 34 -87.35 -1.19 -25.34
CA TYR B 34 -86.04 -0.70 -25.73
C TYR B 34 -86.21 0.37 -26.80
N LYS B 35 -85.22 1.24 -26.88
CA LYS B 35 -85.28 2.35 -27.83
C LYS B 35 -83.86 2.79 -28.17
N LYS B 36 -83.73 3.40 -29.33
CA LYS B 36 -82.45 3.98 -29.68
C LYS B 36 -82.32 5.36 -29.07
N TYR B 37 -81.17 5.64 -28.49
CA TYR B 37 -80.98 6.92 -27.84
C TYR B 37 -81.18 8.03 -28.87
N GLY B 38 -81.95 9.02 -28.48
CA GLY B 38 -82.32 10.09 -29.37
C GLY B 38 -83.56 9.82 -30.18
N GLU B 39 -84.28 8.72 -29.94
CA GLU B 39 -85.57 8.50 -30.56
C GLU B 39 -86.67 8.42 -29.52
N ARG B 40 -87.89 8.76 -29.96
CA ARG B 40 -89.07 8.84 -29.11
C ARG B 40 -89.87 7.54 -29.06
N LYS B 41 -89.91 6.79 -30.15
CA LYS B 41 -90.70 5.57 -30.18
C LYS B 41 -90.03 4.51 -29.32
N TRP B 42 -90.80 3.92 -28.40
CA TRP B 42 -90.30 2.83 -27.56
C TRP B 42 -90.72 1.50 -28.19
N LEU B 43 -89.74 0.70 -28.62
CA LEU B 43 -90.04 -0.61 -29.19
C LEU B 43 -90.30 -1.63 -28.09
N ALA B 44 -91.03 -2.69 -28.45
CA ALA B 44 -91.36 -3.76 -27.53
C ALA B 44 -90.67 -5.06 -27.99
N LYS B 45 -89.97 -5.72 -27.06
CA LYS B 45 -89.37 -7.02 -27.35
C LYS B 45 -90.48 -8.07 -27.34
N ALA B 46 -90.68 -8.76 -28.48
CA ALA B 46 -91.85 -9.61 -28.61
C ALA B 46 -91.86 -10.76 -27.59
N GLY B 47 -90.71 -11.39 -27.37
CA GLY B 47 -90.68 -12.54 -26.46
C GLY B 47 -90.90 -12.17 -25.00
N CYS B 48 -90.42 -11.01 -24.57
CA CYS B 48 -90.36 -10.60 -23.17
C CYS B 48 -91.44 -9.55 -22.90
N GLN B 49 -92.69 -10.01 -22.79
CA GLN B 49 -93.81 -9.12 -22.48
C GLN B 49 -94.66 -9.75 -21.38
N ARG B 50 -94.71 -9.11 -20.21
CA ARG B 50 -95.49 -9.62 -19.08
C ARG B 50 -95.09 -11.05 -18.71
N ILE B 51 -93.80 -11.22 -18.47
CA ILE B 51 -93.19 -12.51 -18.17
C ILE B 51 -92.75 -12.53 -16.70
N THR B 52 -92.67 -13.74 -16.13
CA THR B 52 -92.31 -13.97 -14.74
C THR B 52 -90.80 -14.06 -14.51
N GLN B 53 -90.03 -14.20 -15.57
CA GLN B 53 -88.59 -14.36 -15.54
C GLN B 53 -87.92 -13.05 -15.13
N LYS B 54 -86.62 -13.11 -14.84
CA LYS B 54 -85.91 -11.91 -14.42
C LYS B 54 -84.80 -11.55 -15.41
N PHE B 55 -84.97 -11.89 -16.68
CA PHE B 55 -83.96 -11.62 -17.70
C PHE B 55 -84.58 -11.63 -19.08
N CYS B 56 -83.86 -11.01 -20.02
CA CYS B 56 -84.33 -10.89 -21.39
C CYS B 56 -83.12 -10.69 -22.31
N ASP B 57 -82.97 -11.54 -23.30
CA ASP B 57 -81.79 -11.49 -24.16
C ASP B 57 -82.08 -10.52 -25.29
N LEU B 58 -81.41 -9.37 -25.25
CA LEU B 58 -81.64 -8.31 -26.22
C LEU B 58 -80.49 -8.22 -27.21
N THR B 59 -79.79 -9.33 -27.41
CA THR B 59 -78.62 -9.35 -28.27
C THR B 59 -78.97 -8.93 -29.69
N MET B 60 -79.99 -9.54 -30.28
CA MET B 60 -80.36 -9.21 -31.65
C MET B 60 -80.83 -7.75 -31.75
N GLU B 61 -81.46 -7.23 -30.70
CA GLU B 61 -82.02 -5.89 -30.75
C GLU B 61 -80.95 -4.83 -30.59
N THR B 62 -79.78 -5.20 -30.07
CA THR B 62 -78.69 -4.25 -29.88
C THR B 62 -77.43 -4.73 -30.58
N ARG B 63 -77.53 -5.12 -31.85
CA ARG B 63 -76.45 -5.78 -32.58
C ARG B 63 -75.34 -4.83 -33.05
N ASP B 64 -75.64 -3.55 -33.20
CA ASP B 64 -74.70 -2.55 -33.69
C ASP B 64 -73.75 -2.20 -32.56
N HIS B 65 -72.48 -2.62 -32.66
CA HIS B 65 -71.58 -2.35 -31.55
C HIS B 65 -71.19 -0.89 -31.44
N GLN B 66 -71.37 -0.11 -32.49
CA GLN B 66 -71.01 1.31 -32.46
C GLN B 66 -72.17 2.20 -32.07
N GLU B 67 -73.32 1.63 -31.72
CA GLU B 67 -74.51 2.42 -31.43
C GLU B 67 -74.75 2.58 -29.93
N PHE B 68 -75.75 3.38 -29.58
CA PHE B 68 -76.13 3.63 -28.20
C PHE B 68 -77.62 3.39 -28.01
N TYR B 69 -77.94 2.62 -26.98
CA TYR B 69 -79.30 2.16 -26.73
C TYR B 69 -79.69 2.48 -25.29
N TYR B 70 -80.98 2.34 -25.03
CA TYR B 70 -81.58 2.44 -23.71
C TYR B 70 -82.62 1.35 -23.59
N ALA B 71 -82.84 0.90 -22.37
CA ALA B 71 -83.88 -0.09 -22.18
C ALA B 71 -84.52 0.11 -20.83
N LYS B 72 -85.79 -0.25 -20.75
CA LYS B 72 -86.53 -0.07 -19.52
C LYS B 72 -87.41 -1.28 -19.26
N VAL B 73 -87.67 -1.53 -17.98
CA VAL B 73 -88.51 -2.65 -17.54
C VAL B 73 -89.66 -2.13 -16.67
N THR B 74 -90.86 -2.63 -16.95
CA THR B 74 -92.07 -2.31 -16.20
C THR B 74 -92.53 -3.52 -15.40
N ALA B 75 -92.59 -3.35 -14.08
CA ALA B 75 -93.06 -4.39 -13.17
C ALA B 75 -94.50 -4.07 -12.82
N VAL B 76 -95.38 -5.03 -13.03
CA VAL B 76 -96.80 -4.89 -12.72
C VAL B 76 -97.18 -5.95 -11.70
N SER B 77 -97.77 -5.52 -10.60
CA SER B 77 -98.21 -6.39 -9.52
C SER B 77 -99.73 -6.41 -9.47
N ALA B 78 -100.28 -7.48 -8.88
CA ALA B 78 -101.72 -7.59 -8.77
C ALA B 78 -102.32 -6.46 -7.92
N GLY B 79 -101.66 -6.13 -6.81
CA GLY B 79 -102.16 -5.09 -5.93
C GLY B 79 -101.27 -3.85 -5.85
N GLY B 80 -100.92 -3.28 -7.01
CA GLY B 80 -100.08 -2.12 -7.03
C GLY B 80 -99.87 -1.51 -8.40
N PRO B 81 -99.55 -0.22 -8.42
CA PRO B 81 -99.41 0.52 -9.67
C PRO B 81 -98.17 0.06 -10.42
N PRO B 82 -98.09 0.31 -11.73
CA PRO B 82 -96.91 -0.16 -12.47
C PRO B 82 -95.71 0.74 -12.22
N VAL B 83 -94.53 0.12 -12.15
CA VAL B 83 -93.25 0.77 -11.94
C VAL B 83 -92.39 0.51 -13.16
N THR B 84 -91.83 1.57 -13.77
CA THR B 84 -91.01 1.48 -14.97
C THR B 84 -89.64 2.06 -14.65
N LYS B 85 -88.60 1.22 -14.76
CA LYS B 85 -87.23 1.60 -14.45
C LYS B 85 -86.30 1.35 -15.64
N MET B 86 -85.40 2.30 -15.88
CA MET B 86 -84.51 2.30 -17.04
C MET B 86 -83.08 1.98 -16.63
N THR B 87 -82.24 1.87 -17.63
CA THR B 87 -80.82 1.54 -17.46
C THR B 87 -79.97 2.71 -17.91
N ASP B 88 -78.68 2.63 -17.64
CA ASP B 88 -77.79 3.62 -18.23
C ASP B 88 -77.74 3.43 -19.74
N ARG B 89 -77.27 4.48 -20.43
CA ARG B 89 -77.02 4.38 -21.85
C ARG B 89 -76.02 3.27 -22.13
N PHE B 90 -76.42 2.32 -22.95
CA PHE B 90 -75.60 1.16 -23.24
C PHE B 90 -74.93 1.36 -24.58
N SER B 91 -73.63 1.13 -24.59
CA SER B 91 -72.84 1.05 -25.81
C SER B 91 -72.03 -0.23 -25.72
N SER B 92 -72.36 -1.20 -26.58
CA SER B 92 -71.73 -2.51 -26.46
C SER B 92 -70.22 -2.39 -26.61
N LEU B 93 -69.76 -1.49 -27.49
CA LEU B 93 -68.32 -1.30 -27.63
C LEU B 93 -67.70 -0.93 -26.28
N GLN B 94 -68.41 -0.11 -25.49
CA GLN B 94 -67.85 0.43 -24.25
C GLN B 94 -68.13 -0.41 -23.01
N HIS B 95 -69.20 -1.18 -23.01
CA HIS B 95 -69.64 -1.82 -21.79
C HIS B 95 -69.37 -3.34 -21.76
N THR B 96 -69.01 -3.97 -22.87
CA THR B 96 -68.94 -5.42 -22.89
C THR B 96 -67.72 -5.93 -22.11
N THR B 97 -67.90 -7.00 -21.36
CA THR B 97 -66.80 -7.70 -20.74
C THR B 97 -66.43 -8.83 -21.67
N ILE B 98 -65.19 -9.28 -21.62
CA ILE B 98 -64.74 -10.36 -22.50
C ILE B 98 -64.79 -11.65 -21.70
N LYS B 99 -65.52 -12.65 -22.23
CA LYS B 99 -65.46 -13.99 -21.64
C LYS B 99 -64.11 -14.61 -21.92
N PRO B 100 -63.67 -15.55 -21.08
CA PRO B 100 -62.33 -16.12 -21.22
C PRO B 100 -62.12 -16.72 -22.61
N PRO B 101 -60.88 -16.70 -23.10
CA PRO B 101 -60.62 -17.17 -24.46
C PRO B 101 -60.83 -18.66 -24.59
N ASP B 102 -61.15 -19.09 -25.81
CA ASP B 102 -61.31 -20.51 -26.15
C ASP B 102 -59.95 -21.08 -26.49
N VAL B 103 -59.37 -21.82 -25.55
CA VAL B 103 -58.03 -22.37 -25.67
C VAL B 103 -58.07 -23.89 -25.45
N THR B 104 -57.25 -24.61 -26.19
CA THR B 104 -56.94 -25.99 -25.90
C THR B 104 -55.44 -26.05 -25.60
N CYS B 105 -55.10 -26.55 -24.41
CA CYS B 105 -53.71 -26.76 -23.99
C CYS B 105 -53.20 -28.11 -24.44
N ILE B 106 -51.98 -28.13 -24.99
CA ILE B 106 -51.40 -29.35 -25.53
C ILE B 106 -50.12 -29.71 -24.79
N PRO B 107 -50.09 -30.83 -24.05
CA PRO B 107 -48.85 -31.24 -23.38
C PRO B 107 -47.87 -31.81 -24.37
N LYS B 108 -46.65 -31.37 -24.27
CA LYS B 108 -45.49 -31.88 -24.98
C LYS B 108 -44.54 -32.45 -23.94
N VAL B 109 -43.43 -33.00 -24.41
CA VAL B 109 -42.49 -33.61 -23.49
C VAL B 109 -41.71 -32.55 -22.73
N ARG B 110 -41.20 -31.55 -23.45
CA ARG B 110 -40.38 -30.52 -22.84
C ARG B 110 -40.99 -29.13 -23.05
N SER B 111 -42.27 -29.08 -23.36
CA SER B 111 -42.94 -27.82 -23.61
C SER B 111 -44.41 -28.01 -23.28
N ILE B 112 -45.15 -26.91 -23.42
CA ILE B 112 -46.60 -26.87 -23.27
C ILE B 112 -47.06 -25.95 -24.40
N GLN B 113 -47.92 -26.42 -25.29
CA GLN B 113 -48.33 -25.62 -26.43
C GLN B 113 -49.77 -25.18 -26.23
N MET B 114 -50.09 -23.97 -26.69
CA MET B 114 -51.42 -23.44 -26.48
C MET B 114 -51.92 -22.85 -27.78
N LEU B 115 -53.14 -23.20 -28.14
CA LEU B 115 -53.81 -22.71 -29.34
C LEU B 115 -55.02 -21.93 -28.87
N VAL B 116 -55.12 -20.70 -29.30
CA VAL B 116 -56.28 -19.88 -28.97
C VAL B 116 -57.23 -19.92 -30.16
N HIS B 117 -58.53 -20.24 -29.90
CA HIS B 117 -59.37 -20.32 -31.09
C HIS B 117 -60.25 -19.08 -31.22
N PRO B 118 -60.54 -18.65 -32.45
CA PRO B 118 -61.31 -17.42 -32.61
C PRO B 118 -62.70 -17.59 -32.03
N THR B 119 -63.17 -16.56 -31.35
CA THR B 119 -64.49 -16.58 -30.73
C THR B 119 -65.38 -15.61 -31.46
N LEU B 120 -66.41 -16.16 -32.11
CA LEU B 120 -67.38 -15.38 -32.84
C LEU B 120 -68.33 -14.74 -31.85
N THR B 121 -68.89 -13.62 -32.26
CA THR B 121 -69.70 -12.76 -31.42
C THR B 121 -70.93 -12.38 -32.22
N PRO B 122 -71.95 -11.88 -31.58
CA PRO B 122 -73.16 -11.46 -32.30
C PRO B 122 -73.12 -10.04 -32.87
N VAL B 123 -72.02 -9.66 -33.52
CA VAL B 123 -71.91 -8.34 -34.14
C VAL B 123 -71.56 -8.53 -35.60
N LEU B 124 -72.32 -7.88 -36.49
CA LEU B 124 -72.20 -8.18 -37.90
C LEU B 124 -71.55 -7.02 -38.64
N SER B 125 -70.85 -7.35 -39.71
CA SER B 125 -70.23 -6.36 -40.57
C SER B 125 -71.25 -5.82 -41.57
N GLU B 126 -70.78 -4.89 -42.40
CA GLU B 126 -71.60 -4.37 -43.51
C GLU B 126 -71.98 -5.50 -44.47
N ASP B 127 -71.08 -6.48 -44.66
CA ASP B 127 -71.36 -7.62 -45.53
C ASP B 127 -72.35 -8.59 -44.92
N GLY B 128 -72.58 -8.48 -43.62
CA GLY B 128 -73.52 -9.35 -42.97
C GLY B 128 -72.93 -10.59 -42.33
N HIS B 129 -71.61 -10.67 -42.14
CA HIS B 129 -70.99 -11.81 -41.49
C HIS B 129 -70.57 -11.50 -40.05
N GLN B 130 -70.70 -12.49 -39.17
CA GLN B 130 -70.31 -12.36 -37.77
C GLN B 130 -68.81 -12.17 -37.62
N LEU B 131 -68.42 -11.27 -36.75
CA LEU B 131 -67.03 -10.90 -36.59
C LEU B 131 -66.44 -11.58 -35.36
N THR B 132 -65.16 -11.91 -35.44
CA THR B 132 -64.45 -12.38 -34.27
C THR B 132 -63.98 -11.19 -33.46
N LEU B 133 -63.63 -11.47 -32.21
CA LEU B 133 -63.07 -10.44 -31.35
C LEU B 133 -61.84 -9.80 -31.99
N GLU B 134 -60.96 -10.63 -32.58
CA GLU B 134 -59.75 -10.07 -33.20
C GLU B 134 -60.09 -9.05 -34.27
N GLU B 135 -61.17 -9.31 -35.02
CA GLU B 135 -61.61 -8.43 -36.09
C GLU B 135 -62.27 -7.19 -35.54
N ILE B 136 -62.77 -7.24 -34.31
CA ILE B 136 -63.42 -6.08 -33.71
C ILE B 136 -62.42 -5.17 -33.02
N PHE B 137 -61.47 -5.73 -32.30
CA PHE B 137 -60.44 -4.95 -31.63
C PHE B 137 -59.10 -5.29 -32.29
N HIS B 138 -58.58 -4.38 -33.13
CA HIS B 138 -57.28 -4.67 -33.72
C HIS B 138 -56.17 -4.55 -32.69
N ASP B 139 -56.46 -3.97 -31.54
CA ASP B 139 -55.47 -3.90 -30.47
C ASP B 139 -55.45 -5.17 -29.63
N LEU B 140 -56.28 -6.17 -29.96
CA LEU B 140 -56.41 -7.35 -29.12
C LEU B 140 -55.10 -8.14 -29.11
N PHE B 141 -54.72 -8.63 -27.94
CA PHE B 141 -53.55 -9.48 -27.86
C PHE B 141 -53.73 -10.49 -26.70
N TYR B 142 -52.83 -11.46 -26.65
CA TYR B 142 -53.01 -12.52 -25.68
C TYR B 142 -51.91 -12.48 -24.63
N ARG B 143 -52.31 -12.62 -23.38
CA ARG B 143 -51.35 -12.68 -22.31
C ARG B 143 -51.53 -14.04 -21.63
N LEU B 144 -50.55 -14.92 -21.81
CA LEU B 144 -50.59 -16.23 -21.20
C LEU B 144 -49.42 -16.34 -20.24
N GLU B 145 -49.66 -17.01 -19.13
CA GLU B 145 -48.69 -17.24 -18.07
C GLU B 145 -48.65 -18.72 -17.77
N LEU B 146 -47.45 -19.23 -17.52
CA LEU B 146 -47.28 -20.62 -17.11
C LEU B 146 -46.67 -20.65 -15.69
N HIS B 147 -47.48 -20.98 -14.70
CA HIS B 147 -47.00 -20.94 -13.31
C HIS B 147 -46.43 -22.30 -12.90
N VAL B 148 -45.19 -22.30 -12.40
CA VAL B 148 -44.60 -23.51 -11.83
C VAL B 148 -44.59 -23.44 -10.30
N ASN B 149 -44.08 -22.37 -9.72
CA ASN B 149 -44.12 -22.24 -8.26
C ASN B 149 -44.03 -20.76 -7.94
N HIS B 150 -44.17 -20.44 -6.64
CA HIS B 150 -44.31 -19.06 -6.17
C HIS B 150 -43.26 -18.15 -6.75
N THR B 151 -42.05 -18.67 -6.99
CA THR B 151 -40.91 -17.84 -7.39
C THR B 151 -40.55 -17.93 -8.87
N TYR B 152 -41.26 -18.72 -9.67
CA TYR B 152 -40.87 -18.93 -11.05
C TYR B 152 -42.13 -18.98 -11.89
N GLN B 153 -42.24 -18.05 -12.84
CA GLN B 153 -43.32 -18.01 -13.81
C GLN B 153 -42.68 -17.68 -15.16
N MET B 154 -43.34 -18.11 -16.20
CA MET B 154 -42.94 -17.84 -17.58
C MET B 154 -44.07 -17.08 -18.22
N HIS B 155 -43.73 -16.09 -19.05
CA HIS B 155 -44.73 -15.29 -19.73
C HIS B 155 -44.57 -15.35 -21.24
N LEU B 156 -45.72 -15.35 -21.91
CA LEU B 156 -45.83 -15.15 -23.35
C LEU B 156 -46.96 -14.17 -23.65
N GLU B 157 -46.73 -13.37 -24.70
CA GLU B 157 -47.64 -12.34 -25.21
C GLU B 157 -47.49 -12.20 -26.73
N GLY B 158 -48.58 -11.80 -27.38
CA GLY B 158 -48.55 -11.62 -28.83
C GLY B 158 -49.94 -11.43 -29.41
N LYS B 159 -49.95 -11.28 -30.75
CA LYS B 159 -51.17 -11.21 -31.55
C LYS B 159 -51.50 -12.52 -32.24
N GLN B 160 -50.53 -13.42 -32.33
CA GLN B 160 -50.68 -14.68 -33.03
C GLN B 160 -51.51 -15.64 -32.19
N ARG B 161 -51.77 -16.84 -32.74
CA ARG B 161 -52.56 -17.86 -32.03
C ARG B 161 -51.79 -19.12 -31.67
N GLU B 162 -50.50 -19.20 -31.93
CA GLU B 162 -49.71 -20.37 -31.57
C GLU B 162 -48.67 -19.94 -30.55
N TYR B 163 -48.61 -20.64 -29.43
CA TYR B 163 -47.64 -20.35 -28.39
C TYR B 163 -47.12 -21.68 -27.85
N GLU B 164 -45.85 -21.69 -27.49
CA GLU B 164 -45.21 -22.85 -26.91
C GLU B 164 -44.25 -22.35 -25.84
N PHE B 165 -44.42 -22.83 -24.61
CA PHE B 165 -43.48 -22.53 -23.54
C PHE B 165 -42.37 -23.57 -23.65
N LEU B 166 -41.18 -23.16 -24.10
CA LEU B 166 -40.19 -24.22 -24.28
C LEU B 166 -39.36 -24.42 -23.03
N GLY B 167 -38.68 -25.57 -23.01
CA GLY B 167 -37.65 -25.81 -22.02
C GLY B 167 -38.06 -26.29 -20.67
N LEU B 168 -39.15 -27.05 -20.59
CA LEU B 168 -39.70 -27.58 -19.34
C LEU B 168 -39.18 -28.99 -19.12
N THR B 169 -39.29 -29.41 -17.92
CA THR B 169 -38.90 -30.77 -17.59
C THR B 169 -40.06 -31.72 -17.88
N PRO B 170 -39.76 -32.93 -18.35
CA PRO B 170 -40.83 -33.90 -18.59
C PRO B 170 -41.53 -34.31 -17.28
N ASP B 171 -42.77 -34.77 -17.44
CA ASP B 171 -43.57 -35.32 -16.35
C ASP B 171 -43.70 -34.37 -15.17
N THR B 172 -43.75 -33.05 -15.45
CA THR B 172 -43.88 -32.02 -14.42
C THR B 172 -45.23 -31.34 -14.56
N GLU B 173 -45.84 -30.99 -13.42
CA GLU B 173 -47.15 -30.36 -13.43
C GLU B 173 -47.02 -28.85 -13.49
N PHE B 174 -47.78 -28.22 -14.38
CA PHE B 174 -47.73 -26.76 -14.49
C PHE B 174 -49.15 -26.23 -14.51
N LEU B 175 -49.30 -24.94 -14.20
CA LEU B 175 -50.60 -24.28 -14.16
C LEU B 175 -50.56 -23.16 -15.19
N GLY B 176 -51.37 -23.24 -16.23
CA GLY B 176 -51.38 -22.25 -17.30
C GLY B 176 -52.61 -21.36 -17.27
N SER B 177 -52.42 -20.10 -17.60
CA SER B 177 -53.52 -19.14 -17.66
C SER B 177 -53.40 -18.28 -18.91
N ILE B 178 -54.50 -18.06 -19.60
CA ILE B 178 -54.51 -17.22 -20.78
C ILE B 178 -55.63 -16.20 -20.67
N THR B 179 -55.26 -14.93 -20.80
CA THR B 179 -56.16 -13.80 -20.68
C THR B 179 -56.12 -13.00 -21.99
N ILE B 180 -57.30 -12.56 -22.41
CA ILE B 180 -57.46 -11.67 -23.56
C ILE B 180 -57.42 -10.24 -23.09
N LEU B 181 -56.64 -9.42 -23.81
CA LEU B 181 -56.58 -7.98 -23.55
C LEU B 181 -56.86 -7.20 -24.81
N THR B 182 -57.61 -6.13 -24.64
CA THR B 182 -57.78 -5.08 -25.65
C THR B 182 -57.44 -3.77 -24.95
N PRO B 183 -56.24 -3.24 -25.17
CA PRO B 183 -55.79 -2.09 -24.35
C PRO B 183 -56.56 -0.78 -24.63
N ILE B 184 -56.94 -0.51 -25.88
CA ILE B 184 -57.50 0.81 -26.24
C ILE B 184 -58.73 1.13 -25.39
N LEU B 185 -59.63 0.18 -25.23
CA LEU B 185 -60.84 0.35 -24.44
C LEU B 185 -60.68 -0.12 -22.99
N SER B 186 -59.46 -0.44 -22.58
CA SER B 186 -59.17 -0.87 -21.21
C SER B 186 -59.97 -2.13 -20.81
N LYS B 187 -60.11 -3.10 -21.72
CA LYS B 187 -60.84 -4.32 -21.43
C LYS B 187 -59.92 -5.53 -21.13
N GLU B 188 -60.33 -6.36 -20.16
CA GLU B 188 -59.55 -7.57 -19.88
C GLU B 188 -60.45 -8.77 -19.56
N SER B 189 -60.21 -9.88 -20.25
CA SER B 189 -61.00 -11.09 -19.98
C SER B 189 -60.58 -11.77 -18.68
N ALA B 190 -61.47 -12.60 -18.14
CA ALA B 190 -61.05 -13.57 -17.11
C ALA B 190 -60.08 -14.60 -17.70
N PRO B 191 -59.25 -15.21 -16.87
CA PRO B 191 -58.32 -16.19 -17.40
C PRO B 191 -59.07 -17.46 -17.72
N TYR B 192 -58.59 -18.12 -18.76
CA TYR B 192 -58.79 -19.54 -18.96
C TYR B 192 -57.66 -20.29 -18.26
N VAL B 193 -57.98 -21.36 -17.54
CA VAL B 193 -57.00 -21.99 -16.65
C VAL B 193 -56.75 -23.44 -17.04
N CYS B 194 -55.50 -23.76 -17.36
CA CYS B 194 -55.07 -25.12 -17.67
C CYS B 194 -54.21 -25.63 -16.54
N ARG B 195 -54.58 -26.77 -15.99
CA ARG B 195 -53.66 -27.57 -15.19
C ARG B 195 -53.14 -28.66 -16.13
N VAL B 196 -51.90 -28.52 -16.56
CA VAL B 196 -51.31 -29.44 -17.52
C VAL B 196 -50.08 -30.05 -16.90
N LYS B 197 -49.69 -31.18 -17.48
CA LYS B 197 -48.54 -31.95 -17.04
C LYS B 197 -47.76 -32.35 -18.27
N THR B 198 -46.50 -31.94 -18.34
CA THR B 198 -45.68 -32.30 -19.47
C THR B 198 -45.60 -33.81 -19.61
N LEU B 199 -45.52 -34.27 -20.85
CA LEU B 199 -45.55 -35.70 -21.12
C LEU B 199 -44.25 -36.36 -20.67
N PRO B 200 -44.31 -37.62 -20.24
CA PRO B 200 -43.15 -38.35 -19.71
C PRO B 200 -42.27 -38.97 -20.79
N ASP B 201 -41.52 -38.12 -21.49
CA ASP B 201 -40.47 -38.53 -22.44
C ASP B 201 -40.43 -40.02 -22.88
N CYS C 7 -57.92 17.27 -45.65
CA CYS C 7 -57.57 17.43 -44.24
C CYS C 7 -57.68 16.07 -43.50
N LYS C 8 -56.56 15.48 -43.09
CA LYS C 8 -56.61 14.19 -42.41
C LYS C 8 -55.70 14.17 -41.19
N LEU C 9 -56.14 13.46 -40.14
CA LEU C 9 -55.34 13.18 -38.95
C LEU C 9 -55.07 11.69 -38.84
N HIS C 10 -54.08 11.33 -38.00
CA HIS C 10 -53.76 9.93 -37.70
C HIS C 10 -54.65 9.38 -36.59
N VAL C 11 -54.96 8.08 -36.70
CA VAL C 11 -55.82 7.38 -35.74
C VAL C 11 -55.23 7.44 -34.35
N ARG C 12 -53.91 7.60 -34.27
CA ARG C 12 -53.17 7.60 -33.02
C ARG C 12 -53.76 8.60 -32.01
N ASN C 13 -54.46 9.62 -32.48
CA ASN C 13 -55.13 10.54 -31.58
C ASN C 13 -56.25 9.87 -30.77
N PHE C 14 -56.76 8.71 -31.20
CA PHE C 14 -57.90 8.12 -30.52
C PHE C 14 -57.58 6.81 -29.80
N GLN C 15 -56.30 6.48 -29.62
CA GLN C 15 -55.96 5.14 -29.15
C GLN C 15 -55.10 5.14 -27.88
N SER C 16 -55.02 6.27 -27.14
CA SER C 16 -54.37 6.30 -25.84
C SER C 16 -55.39 5.90 -24.80
N PRO C 17 -55.24 4.75 -24.14
CA PRO C 17 -56.29 4.30 -23.21
C PRO C 17 -56.59 5.30 -22.10
N TYR C 18 -55.57 5.99 -21.59
CA TYR C 18 -55.80 6.96 -20.50
C TYR C 18 -56.78 8.03 -20.93
N ILE C 19 -56.51 8.71 -22.03
CA ILE C 19 -57.46 9.74 -22.38
C ILE C 19 -58.75 9.07 -22.77
N VAL C 20 -58.65 7.90 -23.43
CA VAL C 20 -59.86 7.21 -23.86
C VAL C 20 -60.64 6.79 -22.64
N ASN C 21 -59.94 6.37 -21.60
CA ASN C 21 -60.64 6.02 -20.39
C ASN C 21 -61.34 7.22 -19.77
N ARG C 22 -60.65 8.36 -19.66
CA ARG C 22 -61.27 9.45 -18.92
C ARG C 22 -62.35 10.17 -19.72
N THR C 23 -62.14 10.37 -21.01
CA THR C 23 -63.14 11.02 -21.85
C THR C 23 -64.43 10.23 -21.80
N PHE C 24 -64.30 8.90 -21.97
CA PHE C 24 -65.41 7.96 -21.84
C PHE C 24 -65.81 7.83 -20.40
N MET C 25 -64.87 7.98 -19.46
CA MET C 25 -65.45 8.14 -18.16
C MET C 25 -66.33 9.40 -18.15
N LEU C 26 -65.77 10.51 -18.66
CA LEU C 26 -66.45 11.81 -18.52
C LEU C 26 -67.87 11.83 -19.08
N ALA C 27 -68.13 11.08 -20.17
CA ALA C 27 -69.51 11.06 -20.69
C ALA C 27 -70.47 10.37 -19.72
N LYS C 28 -69.99 9.41 -18.94
CA LYS C 28 -70.86 8.72 -17.99
C LYS C 28 -71.25 9.61 -16.79
N GLU C 29 -70.36 10.57 -16.35
CA GLU C 29 -70.74 11.47 -15.25
C GLU C 29 -71.92 12.33 -15.62
N ALA C 30 -71.89 12.84 -16.84
CA ALA C 30 -72.91 13.76 -17.30
C ALA C 30 -74.17 13.02 -17.69
N SER C 31 -74.01 11.82 -18.27
CA SER C 31 -75.17 11.08 -18.74
C SER C 31 -76.04 10.54 -17.59
N LEU C 32 -75.46 10.27 -16.42
CA LEU C 32 -76.31 9.87 -15.29
C LEU C 32 -77.24 11.00 -14.85
N ALA C 33 -76.82 12.26 -15.04
CA ALA C 33 -77.65 13.43 -14.76
C ALA C 33 -78.50 13.83 -15.96
N ASP C 34 -78.65 12.94 -16.94
CA ASP C 34 -79.34 13.22 -18.20
C ASP C 34 -80.52 12.26 -18.35
N GLN C 35 -81.74 12.76 -18.14
CA GLN C 35 -82.94 11.92 -18.26
C GLN C 35 -83.64 12.09 -19.60
N ASN C 36 -83.02 12.80 -20.55
CA ASN C 36 -83.66 13.02 -21.86
C ASN C 36 -83.17 12.06 -22.92
N THR C 37 -83.81 10.88 -22.94
CA THR C 37 -83.53 9.86 -23.93
C THR C 37 -84.07 10.22 -25.31
N ASP C 38 -84.90 11.27 -25.40
CA ASP C 38 -85.60 11.58 -26.64
C ASP C 38 -84.74 12.38 -27.62
N VAL C 39 -83.82 13.21 -27.13
CA VAL C 39 -83.02 14.11 -27.97
C VAL C 39 -81.56 13.70 -27.89
N ARG C 40 -80.93 13.56 -29.05
CA ARG C 40 -79.53 13.16 -29.21
C ARG C 40 -78.82 14.18 -30.07
N LEU C 41 -77.71 14.73 -29.57
CA LEU C 41 -77.02 15.79 -30.28
C LEU C 41 -76.26 15.25 -31.50
N ILE C 42 -75.31 14.36 -31.25
CA ILE C 42 -74.47 13.82 -32.33
C ILE C 42 -75.24 12.61 -32.88
N GLY C 43 -76.10 12.88 -33.87
CA GLY C 43 -76.94 11.86 -34.48
C GLY C 43 -77.09 12.13 -35.97
N GLU C 44 -78.02 11.46 -36.66
CA GLU C 44 -78.24 11.69 -38.09
C GLU C 44 -78.82 13.08 -38.36
N LYS C 45 -79.48 13.69 -37.37
CA LYS C 45 -79.94 15.07 -37.51
C LYS C 45 -78.76 16.02 -37.69
N LEU C 46 -77.59 15.67 -37.15
CA LEU C 46 -76.38 16.44 -37.38
C LEU C 46 -75.72 16.06 -38.71
N PHE C 47 -75.92 14.81 -39.16
CA PHE C 47 -75.30 14.22 -40.35
C PHE C 47 -76.15 14.35 -41.62
N ARG C 48 -77.13 15.25 -41.66
CA ARG C 48 -78.06 15.34 -42.79
C ARG C 48 -77.30 15.77 -44.05
N GLY C 49 -77.04 14.82 -44.94
CA GLY C 49 -76.46 15.12 -46.22
C GLY C 49 -75.00 15.55 -46.25
N VAL C 50 -74.10 14.80 -45.60
CA VAL C 50 -72.68 15.13 -45.58
C VAL C 50 -71.88 13.93 -46.08
N SER C 51 -71.42 14.00 -47.34
CA SER C 51 -70.53 12.98 -47.90
C SER C 51 -69.36 12.72 -46.95
N ALA C 52 -68.76 11.53 -47.07
CA ALA C 52 -67.70 11.16 -46.14
C ALA C 52 -66.46 12.03 -46.32
N LYS C 53 -66.27 12.57 -47.52
CA LYS C 53 -65.17 13.49 -47.73
C LYS C 53 -65.37 14.77 -46.93
N ASP C 54 -66.63 15.16 -46.72
CA ASP C 54 -67.00 16.36 -45.96
C ASP C 54 -67.30 16.08 -44.49
N GLN C 55 -67.25 14.82 -44.06
CA GLN C 55 -67.63 14.50 -42.69
C GLN C 55 -66.64 15.06 -41.66
N CYS C 56 -65.35 15.13 -42.02
CA CYS C 56 -64.36 15.67 -41.08
C CYS C 56 -64.56 17.17 -40.82
N TYR C 57 -64.82 17.97 -41.87
CA TYR C 57 -65.19 19.37 -41.65
C TYR C 57 -66.46 19.49 -40.80
N LEU C 58 -67.43 18.61 -41.05
CA LEU C 58 -68.68 18.61 -40.30
C LEU C 58 -68.39 18.48 -38.81
N MET C 59 -67.52 17.55 -38.46
CA MET C 59 -67.11 17.38 -37.08
C MET C 59 -66.15 18.48 -36.64
N LYS C 60 -65.44 19.13 -37.58
CA LYS C 60 -64.50 20.18 -37.21
C LYS C 60 -65.20 21.39 -36.59
N GLN C 61 -66.41 21.73 -37.05
CA GLN C 61 -67.12 22.86 -36.44
C GLN C 61 -67.86 22.48 -35.15
N VAL C 62 -68.46 21.29 -35.09
CA VAL C 62 -69.22 20.89 -33.90
C VAL C 62 -68.30 20.74 -32.68
N LEU C 63 -67.07 20.26 -32.88
CA LEU C 63 -66.13 20.21 -31.76
C LEU C 63 -65.77 21.61 -31.27
N GLN C 64 -65.51 22.54 -32.19
CA GLN C 64 -65.15 23.88 -31.76
C GLN C 64 -66.29 24.54 -30.99
N PHE C 65 -67.54 24.21 -31.30
CA PHE C 65 -68.65 24.69 -30.47
C PHE C 65 -68.63 24.04 -29.09
N THR C 66 -68.46 22.71 -29.02
CA THR C 66 -68.46 22.08 -27.71
C THR C 66 -67.30 22.61 -26.87
N LEU C 67 -66.20 23.00 -27.53
CA LEU C 67 -65.05 23.61 -26.87
C LEU C 67 -65.37 25.04 -26.40
N GLU C 68 -66.04 25.85 -27.22
CA GLU C 68 -66.23 27.27 -26.92
C GLU C 68 -67.41 27.52 -25.96
N ASP C 69 -68.54 26.80 -26.14
CA ASP C 69 -69.78 27.16 -25.47
C ASP C 69 -70.29 26.15 -24.43
N VAL C 70 -69.78 24.93 -24.42
CA VAL C 70 -70.32 23.88 -23.54
C VAL C 70 -69.34 23.50 -22.45
N LEU C 71 -68.07 23.30 -22.81
CA LEU C 71 -67.13 22.77 -21.83
C LEU C 71 -66.48 23.86 -20.99
N LEU C 72 -66.14 24.99 -21.61
CA LEU C 72 -65.53 26.07 -20.86
C LEU C 72 -66.44 26.63 -19.76
N PRO C 73 -67.74 26.88 -20.00
CA PRO C 73 -68.58 27.38 -18.89
C PRO C 73 -68.76 26.40 -17.75
N GLN C 74 -68.53 25.11 -17.93
CA GLN C 74 -68.75 24.21 -16.80
C GLN C 74 -67.44 23.89 -16.06
N SER C 75 -66.51 24.87 -15.97
CA SER C 75 -65.17 24.63 -15.42
C SER C 75 -65.12 24.56 -13.91
N ASP C 76 -66.24 24.76 -13.22
CA ASP C 76 -66.22 24.74 -11.75
C ASP C 76 -66.61 23.40 -11.14
N ARG C 77 -67.46 22.63 -11.79
CA ARG C 77 -67.83 21.30 -11.33
C ARG C 77 -67.16 20.26 -12.25
N PHE C 78 -67.53 18.98 -12.05
CA PHE C 78 -67.02 17.78 -12.79
C PHE C 78 -65.50 17.74 -12.88
N GLN C 79 -64.83 18.33 -11.88
CA GLN C 79 -63.42 18.70 -11.94
C GLN C 79 -62.39 17.57 -12.00
N PRO C 80 -62.66 16.37 -11.47
CA PRO C 80 -61.62 15.33 -11.53
C PRO C 80 -61.43 14.76 -12.92
N TYR C 81 -62.40 14.91 -13.80
CA TYR C 81 -62.35 14.34 -15.15
C TYR C 81 -62.19 15.44 -16.17
N MET C 82 -63.00 16.48 -16.03
CA MET C 82 -62.93 17.64 -16.91
C MET C 82 -61.54 18.24 -16.99
N TRP C 83 -60.79 18.15 -15.90
CA TRP C 83 -59.46 18.76 -15.85
C TRP C 83 -58.56 18.18 -16.94
N GLU C 84 -58.66 16.87 -17.20
CA GLU C 84 -57.77 16.18 -18.13
C GLU C 84 -58.30 16.08 -19.57
N VAL C 85 -59.62 16.05 -19.75
CA VAL C 85 -60.18 15.78 -21.08
C VAL C 85 -60.18 17.02 -21.98
N VAL C 86 -60.50 18.19 -21.41
CA VAL C 86 -60.64 19.41 -22.22
C VAL C 86 -59.36 19.80 -22.94
N PRO C 87 -58.17 19.73 -22.33
CA PRO C 87 -56.94 20.02 -23.09
C PRO C 87 -56.69 19.08 -24.26
N PHE C 88 -57.11 17.82 -24.18
CA PHE C 88 -56.90 16.92 -25.31
C PHE C 88 -57.76 17.32 -26.51
N LEU C 89 -59.05 17.59 -26.27
CA LEU C 89 -59.98 17.96 -27.35
C LEU C 89 -59.63 19.29 -28.04
N THR C 90 -59.08 20.28 -27.30
CA THR C 90 -58.60 21.50 -27.95
C THR C 90 -57.39 21.23 -28.84
N LYS C 91 -56.50 20.31 -28.42
CA LYS C 91 -55.31 19.96 -29.20
C LYS C 91 -55.65 19.38 -30.57
N LEU C 92 -56.84 18.83 -30.72
CA LEU C 92 -57.30 18.29 -31.99
C LEU C 92 -57.97 19.35 -32.85
N SER C 93 -58.69 20.30 -32.25
CA SER C 93 -59.31 21.34 -33.07
C SER C 93 -58.23 22.15 -33.78
N ASN C 94 -57.10 22.39 -33.13
CA ASN C 94 -56.01 23.12 -33.78
C ASN C 94 -55.34 22.26 -34.84
N LYS C 95 -55.32 20.95 -34.65
CA LYS C 95 -54.87 20.08 -35.73
C LYS C 95 -55.82 20.20 -36.91
N LEU C 96 -57.09 20.50 -36.65
CA LEU C 96 -58.13 20.59 -37.66
C LEU C 96 -58.36 22.00 -38.16
N SER C 97 -57.51 22.96 -37.76
CA SER C 97 -57.66 24.35 -38.19
C SER C 97 -57.53 24.49 -39.70
N SER C 98 -56.70 23.65 -40.31
CA SER C 98 -56.46 23.65 -41.74
C SER C 98 -57.55 22.98 -42.57
N CYS C 99 -58.66 22.52 -41.97
CA CYS C 99 -59.70 21.86 -42.75
C CYS C 99 -60.87 22.80 -43.04
N HIS C 100 -61.18 22.96 -44.32
CA HIS C 100 -62.40 23.62 -44.84
C HIS C 100 -62.61 22.98 -46.20
N ILE C 101 -63.47 21.95 -46.24
CA ILE C 101 -63.47 21.00 -47.35
C ILE C 101 -63.99 21.61 -48.65
N SER C 102 -63.63 20.94 -49.75
CA SER C 102 -63.89 21.26 -51.15
C SER C 102 -65.33 21.16 -51.64
N GLY C 103 -66.28 21.81 -50.97
CA GLY C 103 -67.63 21.76 -51.47
C GLY C 103 -68.60 22.67 -50.74
N ASP C 104 -69.88 22.35 -50.90
CA ASP C 104 -70.97 23.16 -50.37
C ASP C 104 -71.18 22.86 -48.89
N ASP C 105 -71.05 23.89 -48.06
CA ASP C 105 -71.25 23.79 -46.62
C ASP C 105 -72.48 24.57 -46.17
N GLN C 106 -73.54 24.54 -46.99
CA GLN C 106 -74.79 25.20 -46.62
C GLN C 106 -75.63 24.35 -45.68
N ASN C 107 -75.61 23.02 -45.86
CA ASN C 107 -76.35 22.12 -44.95
C ASN C 107 -75.55 21.83 -43.71
N ILE C 108 -74.22 21.75 -43.86
CA ILE C 108 -73.35 21.59 -42.70
C ILE C 108 -73.53 22.76 -41.75
N GLN C 109 -73.63 23.98 -42.29
CA GLN C 109 -73.89 25.14 -41.45
C GLN C 109 -75.30 25.09 -40.83
N LYS C 110 -76.27 24.53 -41.55
CA LYS C 110 -77.60 24.35 -40.98
C LYS C 110 -77.63 23.25 -39.93
N ASN C 111 -76.81 22.21 -40.10
CA ASN C 111 -76.78 21.13 -39.13
C ASN C 111 -76.09 21.58 -37.84
N VAL C 112 -74.97 22.29 -37.96
CA VAL C 112 -74.33 22.83 -36.77
C VAL C 112 -75.26 23.81 -36.09
N ARG C 113 -76.14 24.47 -36.87
CA ARG C 113 -77.14 25.36 -36.30
C ARG C 113 -78.16 24.58 -35.47
N ARG C 114 -78.63 23.44 -36.00
CA ARG C 114 -79.55 22.59 -35.27
C ARG C 114 -78.96 22.14 -33.94
N LEU C 115 -77.62 22.04 -33.86
CA LEU C 115 -76.99 21.66 -32.60
C LEU C 115 -77.12 22.75 -31.54
N LYS C 116 -76.66 23.97 -31.85
CA LYS C 116 -76.72 25.03 -30.84
C LYS C 116 -78.16 25.37 -30.47
N GLU C 117 -79.12 25.11 -31.36
CA GLU C 117 -80.49 25.47 -31.05
C GLU C 117 -81.05 24.58 -29.95
N THR C 118 -80.70 23.30 -29.97
CA THR C 118 -81.12 22.37 -28.93
C THR C 118 -80.43 22.65 -27.60
N VAL C 119 -79.15 23.05 -27.65
CA VAL C 119 -78.41 23.29 -26.40
C VAL C 119 -79.03 24.45 -25.62
N LYS C 120 -79.39 25.52 -26.32
CA LYS C 120 -80.00 26.63 -25.59
C LYS C 120 -81.50 26.45 -25.38
N LYS C 121 -82.17 25.64 -26.20
CA LYS C 121 -83.58 25.41 -25.95
C LYS C 121 -83.80 24.56 -24.70
N LEU C 122 -82.78 23.84 -24.26
CA LEU C 122 -82.84 23.03 -23.05
C LEU C 122 -82.00 23.61 -21.93
N GLY C 123 -81.62 24.88 -22.05
CA GLY C 123 -80.73 25.57 -21.12
C GLY C 123 -79.50 24.84 -20.57
N GLU C 124 -79.34 24.85 -19.24
CA GLU C 124 -78.10 24.33 -18.64
C GLU C 124 -77.98 22.82 -18.78
N SER C 125 -79.10 22.10 -18.74
CA SER C 125 -79.07 20.66 -18.98
C SER C 125 -78.57 20.35 -20.39
N GLY C 126 -78.80 21.27 -21.34
CA GLY C 126 -78.29 21.08 -22.70
C GLY C 126 -76.77 21.00 -22.73
N GLU C 127 -76.09 21.66 -21.80
CA GLU C 127 -74.64 21.55 -21.72
C GLU C 127 -74.22 20.22 -21.08
N ILE C 128 -74.94 19.72 -20.07
CA ILE C 128 -74.62 18.42 -19.48
C ILE C 128 -74.94 17.29 -20.47
N LYS C 129 -75.92 17.53 -21.36
CA LYS C 129 -76.22 16.60 -22.44
C LYS C 129 -75.03 16.48 -23.40
N ALA C 130 -74.38 17.59 -23.74
CA ALA C 130 -73.24 17.51 -24.65
C ALA C 130 -72.11 16.69 -24.04
N ILE C 131 -71.85 16.88 -22.74
CA ILE C 131 -70.76 16.18 -22.03
C ILE C 131 -71.07 14.70 -21.89
N GLY C 132 -72.33 14.37 -21.60
CA GLY C 132 -72.71 12.98 -21.61
C GLY C 132 -72.62 12.37 -22.98
N GLU C 133 -72.52 13.21 -24.00
CA GLU C 133 -72.37 12.76 -25.38
C GLU C 133 -70.96 12.97 -25.92
N LEU C 134 -69.98 13.28 -25.06
CA LEU C 134 -68.60 13.32 -25.53
C LEU C 134 -68.11 11.96 -25.98
N ASP C 135 -68.73 10.87 -25.52
CA ASP C 135 -68.40 9.56 -26.07
C ASP C 135 -68.86 9.47 -27.52
N LEU C 136 -70.10 9.90 -27.81
CA LEU C 136 -70.54 9.97 -29.19
C LEU C 136 -69.62 10.87 -30.00
N LEU C 137 -69.29 12.02 -29.43
CA LEU C 137 -68.45 13.00 -30.10
C LEU C 137 -67.06 12.44 -30.38
N PHE C 138 -66.42 11.83 -29.37
CA PHE C 138 -65.08 11.27 -29.56
C PHE C 138 -65.05 10.35 -30.77
N MET C 139 -65.99 9.40 -30.84
CA MET C 139 -65.94 8.41 -31.91
C MET C 139 -66.53 8.91 -33.22
N SER C 140 -67.54 9.78 -33.15
CA SER C 140 -68.05 10.34 -34.39
C SER C 140 -66.95 11.13 -35.10
N LEU C 141 -66.03 11.69 -34.32
CA LEU C 141 -64.89 12.40 -34.87
C LEU C 141 -63.86 11.48 -35.53
N ARG C 142 -63.62 10.30 -34.95
CA ARG C 142 -62.56 9.43 -35.47
C ARG C 142 -62.84 9.00 -36.89
N ASN C 143 -64.03 8.45 -37.13
CA ASN C 143 -64.33 7.91 -38.44
C ASN C 143 -64.48 8.99 -39.50
N ALA C 144 -64.73 10.24 -39.10
CA ALA C 144 -64.93 11.30 -40.08
C ALA C 144 -63.61 11.84 -40.62
N CYS C 145 -62.51 11.70 -39.86
CA CYS C 145 -61.19 12.22 -40.18
C CYS C 145 -60.17 11.10 -40.43
N VAL C 146 -60.62 9.87 -40.63
CA VAL C 146 -59.73 8.78 -40.99
C VAL C 146 -60.34 7.98 -42.14
N MET D 1 -33.89 47.56 -7.32
CA MET D 1 -34.60 46.58 -8.13
C MET D 1 -33.97 45.22 -7.89
N ILE D 2 -34.78 44.17 -7.99
CA ILE D 2 -34.35 42.81 -7.67
C ILE D 2 -34.29 42.00 -8.96
N PRO D 3 -33.22 41.27 -9.22
CA PRO D 3 -33.09 40.50 -10.47
C PRO D 3 -33.97 39.26 -10.46
N PRO D 4 -34.44 38.82 -11.62
CA PRO D 4 -35.35 37.69 -11.66
C PRO D 4 -34.61 36.38 -11.42
N PRO D 5 -35.33 35.29 -11.16
CA PRO D 5 -34.67 33.99 -10.93
C PRO D 5 -33.91 33.50 -12.16
N GLU D 6 -32.81 32.82 -11.91
CA GLU D 6 -31.89 32.40 -12.95
C GLU D 6 -32.02 30.91 -13.25
N LYS D 7 -31.70 30.53 -14.50
CA LYS D 7 -31.77 29.15 -14.97
C LYS D 7 -33.13 28.51 -14.71
N VAL D 8 -34.19 29.27 -15.02
CA VAL D 8 -35.56 28.80 -14.80
C VAL D 8 -35.88 27.72 -15.84
N ARG D 9 -36.29 26.55 -15.37
CA ARG D 9 -36.60 25.43 -16.26
C ARG D 9 -37.64 24.54 -15.60
N MET D 10 -38.49 23.97 -16.43
CA MET D 10 -39.49 23.01 -15.96
C MET D 10 -38.88 21.63 -16.14
N ASN D 11 -38.43 21.04 -15.05
CA ASN D 11 -37.94 19.68 -15.10
C ASN D 11 -39.15 18.77 -14.87
N SER D 12 -39.53 18.05 -15.90
CA SER D 12 -40.70 17.18 -15.88
C SER D 12 -40.24 15.78 -16.25
N VAL D 13 -40.46 14.82 -15.36
CA VAL D 13 -40.15 13.42 -15.61
C VAL D 13 -41.35 12.58 -15.18
N ASN D 14 -41.82 11.71 -16.09
CA ASN D 14 -42.98 10.83 -15.85
C ASN D 14 -44.18 11.63 -15.29
N PHE D 15 -44.42 12.80 -15.89
CA PHE D 15 -45.50 13.73 -15.57
C PHE D 15 -45.39 14.28 -14.16
N LYS D 16 -44.22 14.20 -13.56
CA LYS D 16 -43.93 14.91 -12.32
C LYS D 16 -43.22 16.21 -12.73
N ASN D 17 -44.02 17.28 -12.86
CA ASN D 17 -43.60 18.55 -13.42
C ASN D 17 -43.17 19.48 -12.30
N ILE D 18 -41.87 19.74 -12.21
CA ILE D 18 -41.34 20.56 -11.11
C ILE D 18 -40.51 21.68 -11.69
N LEU D 19 -40.91 22.91 -11.39
CA LEU D 19 -40.18 24.10 -11.80
C LEU D 19 -38.94 24.29 -10.95
N GLN D 20 -37.78 24.42 -11.60
CA GLN D 20 -36.50 24.55 -10.91
C GLN D 20 -35.82 25.83 -11.35
N TRP D 21 -35.17 26.50 -10.41
CA TRP D 21 -34.41 27.69 -10.74
C TRP D 21 -33.25 27.80 -9.78
N GLU D 22 -32.42 28.83 -9.99
CA GLU D 22 -31.31 29.18 -9.11
C GLU D 22 -31.48 30.64 -8.65
N VAL D 23 -31.03 30.89 -7.43
CA VAL D 23 -31.21 32.22 -6.82
C VAL D 23 -30.31 33.22 -7.55
N PRO D 24 -30.80 34.43 -7.85
CA PRO D 24 -30.02 35.36 -8.66
C PRO D 24 -28.82 35.90 -7.89
N ALA D 25 -27.98 36.62 -8.63
CA ALA D 25 -26.82 37.31 -8.06
C ALA D 25 -27.23 38.47 -7.16
N PHE D 26 -27.86 38.15 -6.03
CA PHE D 26 -28.30 39.13 -5.05
C PHE D 26 -28.41 38.41 -3.71
N PRO D 27 -27.28 38.03 -3.11
CA PRO D 27 -27.33 37.22 -1.89
C PRO D 27 -27.81 37.97 -0.66
N LYS D 28 -28.87 38.76 -0.78
CA LYS D 28 -29.35 39.50 0.38
C LYS D 28 -30.32 38.67 1.22
N THR D 29 -30.36 37.36 0.98
CA THR D 29 -31.26 36.41 1.66
C THR D 29 -32.69 36.94 1.60
N GLN D 30 -33.54 36.53 2.55
CA GLN D 30 -34.91 37.01 2.66
C GLN D 30 -35.62 37.04 1.32
N LEU D 31 -34.99 36.50 0.30
CA LEU D 31 -35.50 36.54 -1.05
C LEU D 31 -36.48 35.41 -1.21
N THR D 32 -37.72 35.76 -1.48
CA THR D 32 -38.80 34.79 -1.69
C THR D 32 -39.23 34.78 -3.15
N PHE D 33 -39.96 33.74 -3.54
CA PHE D 33 -40.34 33.55 -4.92
C PHE D 33 -41.82 33.20 -5.02
N THR D 34 -42.40 33.50 -6.17
CA THR D 34 -43.80 33.21 -6.44
C THR D 34 -43.91 32.56 -7.82
N ALA D 35 -44.59 31.41 -7.88
CA ALA D 35 -44.73 30.64 -9.10
C ALA D 35 -46.21 30.55 -9.47
N GLN D 36 -46.53 30.73 -10.76
CA GLN D 36 -47.91 30.76 -11.24
C GLN D 36 -48.07 30.02 -12.57
N TYR D 37 -49.32 29.58 -12.85
CA TYR D 37 -49.69 29.01 -14.13
C TYR D 37 -50.98 29.67 -14.63
N GLU D 38 -51.18 29.70 -15.95
CA GLU D 38 -52.38 30.34 -16.51
C GLU D 38 -53.50 29.33 -16.74
N SER D 39 -54.59 29.50 -15.99
CA SER D 39 -55.84 28.78 -16.18
C SER D 39 -56.98 29.80 -16.27
N TYR D 40 -58.10 29.37 -16.85
CA TYR D 40 -59.31 30.18 -16.99
C TYR D 40 -58.91 31.44 -17.75
N ARG D 41 -59.09 32.63 -17.18
CA ARG D 41 -58.76 33.89 -17.84
C ARG D 41 -57.37 34.42 -17.45
N SER D 42 -57.04 34.39 -16.15
CA SER D 42 -55.79 34.97 -15.63
C SER D 42 -54.98 33.95 -14.84
N PHE D 43 -53.67 34.22 -14.76
CA PHE D 43 -52.72 33.41 -14.01
C PHE D 43 -53.15 33.26 -12.56
N GLN D 44 -52.79 32.11 -11.97
CA GLN D 44 -53.12 31.78 -10.59
C GLN D 44 -51.87 31.47 -9.77
N ASP D 45 -51.83 31.98 -8.54
CA ASP D 45 -50.78 31.62 -7.59
C ASP D 45 -50.79 30.13 -7.30
N HIS D 46 -49.60 29.53 -7.28
CA HIS D 46 -49.47 28.15 -6.85
C HIS D 46 -48.48 27.99 -5.69
N CYS D 47 -47.30 28.57 -5.80
CA CYS D 47 -46.36 28.75 -4.71
C CYS D 47 -46.27 30.25 -4.45
N LYS D 48 -46.67 30.69 -3.25
CA LYS D 48 -46.65 32.11 -2.89
C LYS D 48 -45.61 32.36 -1.81
N ARG D 49 -44.62 33.20 -2.13
CA ARG D 49 -43.59 33.61 -1.19
C ARG D 49 -42.88 32.40 -0.55
N THR D 50 -42.31 31.56 -1.39
CA THR D 50 -41.54 30.42 -0.90
C THR D 50 -40.06 30.81 -0.84
N ALA D 51 -39.36 30.27 0.15
CA ALA D 51 -37.91 30.41 0.19
C ALA D 51 -37.22 29.37 -0.66
N SER D 52 -37.97 28.42 -1.20
CA SER D 52 -37.38 27.30 -1.93
C SER D 52 -37.11 27.67 -3.38
N THR D 53 -36.26 26.85 -4.00
CA THR D 53 -35.88 26.97 -5.41
C THR D 53 -36.64 26.00 -6.31
N GLN D 54 -37.85 25.63 -5.92
CA GLN D 54 -38.67 24.74 -6.73
C GLN D 54 -40.13 24.94 -6.40
N CYS D 55 -40.98 24.54 -7.35
CA CYS D 55 -42.44 24.55 -7.19
C CYS D 55 -43.03 23.34 -7.89
N ASP D 56 -43.90 22.63 -7.21
CA ASP D 56 -44.51 21.43 -7.75
C ASP D 56 -45.74 21.75 -8.57
N PHE D 57 -45.70 21.37 -9.84
CA PHE D 57 -46.79 21.54 -10.79
C PHE D 57 -47.27 20.18 -11.30
N SER D 58 -47.24 19.17 -10.45
CA SER D 58 -47.65 17.84 -10.90
C SER D 58 -49.16 17.68 -11.00
N HIS D 59 -49.96 18.64 -10.48
CA HIS D 59 -51.41 18.61 -10.59
C HIS D 59 -51.90 19.11 -11.95
N LEU D 60 -50.99 19.56 -12.81
CA LEU D 60 -51.38 20.07 -14.12
C LEU D 60 -51.84 18.96 -15.06
N SER D 61 -52.75 19.33 -15.94
CA SER D 61 -53.29 18.44 -16.95
C SER D 61 -52.19 17.94 -17.87
N LYS D 62 -52.33 16.68 -18.31
CA LYS D 62 -51.29 16.12 -19.16
C LYS D 62 -51.30 16.73 -20.54
N TYR D 63 -52.46 16.86 -21.17
CA TYR D 63 -52.52 17.38 -22.52
C TYR D 63 -52.64 18.92 -22.56
N GLY D 64 -52.57 19.57 -21.40
CA GLY D 64 -52.77 21.02 -21.34
C GLY D 64 -51.57 21.83 -21.77
N ASP D 65 -51.83 22.86 -22.58
CA ASP D 65 -50.83 23.87 -22.94
C ASP D 65 -50.91 24.98 -21.90
N TYR D 66 -49.89 25.04 -21.04
CA TYR D 66 -49.83 25.97 -19.92
C TYR D 66 -48.65 26.92 -20.10
N THR D 67 -48.79 28.10 -19.54
CA THR D 67 -47.66 29.01 -19.37
C THR D 67 -47.45 29.14 -17.87
N VAL D 68 -46.24 28.84 -17.43
CA VAL D 68 -45.87 28.89 -16.02
C VAL D 68 -44.74 29.90 -15.89
N ARG D 69 -44.76 30.67 -14.78
CA ARG D 69 -43.82 31.76 -14.52
C ARG D 69 -43.40 31.81 -13.05
N VAL D 70 -42.26 32.45 -12.82
CA VAL D 70 -41.68 32.62 -11.49
C VAL D 70 -41.20 34.06 -11.36
N ARG D 71 -41.23 34.58 -10.13
CA ARG D 71 -40.79 35.93 -9.81
C ARG D 71 -39.99 35.94 -8.53
N ALA D 72 -39.11 36.92 -8.38
CA ALA D 72 -38.42 37.15 -7.12
C ALA D 72 -39.20 38.17 -6.30
N GLU D 73 -39.13 38.02 -4.99
CA GLU D 73 -39.79 38.99 -4.12
C GLU D 73 -38.90 39.32 -2.95
N LEU D 74 -38.86 40.61 -2.62
CA LEU D 74 -38.23 41.10 -1.39
C LEU D 74 -39.27 42.04 -0.79
N ALA D 75 -40.11 41.51 0.10
CA ALA D 75 -41.27 42.27 0.60
C ALA D 75 -42.10 42.66 -0.63
N ASP D 76 -42.63 43.89 -0.70
CA ASP D 76 -43.48 44.28 -1.82
C ASP D 76 -42.75 44.42 -3.16
N GLU D 77 -41.55 44.97 -3.19
CA GLU D 77 -40.94 45.12 -4.51
C GLU D 77 -40.61 43.74 -5.08
N HIS D 78 -41.15 43.47 -6.26
CA HIS D 78 -41.03 42.19 -6.93
C HIS D 78 -40.23 42.35 -8.20
N SER D 79 -39.87 41.22 -8.80
CA SER D 79 -39.04 41.21 -9.99
C SER D 79 -39.90 41.04 -11.24
N GLU D 80 -39.25 41.03 -12.39
CA GLU D 80 -39.91 40.63 -13.63
C GLU D 80 -40.28 39.16 -13.56
N TRP D 81 -41.34 38.77 -14.30
CA TRP D 81 -41.71 37.37 -14.38
C TRP D 81 -40.78 36.64 -15.35
N VAL D 82 -40.44 35.39 -15.02
CA VAL D 82 -39.74 34.50 -15.95
C VAL D 82 -40.67 33.33 -16.24
N GLN D 83 -41.25 33.33 -17.43
CA GLN D 83 -42.20 32.31 -17.84
C GLN D 83 -41.57 31.33 -18.82
N VAL D 84 -42.06 30.09 -18.77
CA VAL D 84 -41.79 29.05 -19.74
C VAL D 84 -43.12 28.42 -20.09
N THR D 85 -43.26 28.05 -21.35
CA THR D 85 -44.43 27.33 -21.87
C THR D 85 -44.14 25.84 -21.91
N PHE D 86 -45.17 25.04 -21.60
CA PHE D 86 -45.00 23.63 -21.27
C PHE D 86 -46.31 22.89 -21.45
N CYS D 87 -46.27 21.75 -22.14
CA CYS D 87 -47.42 20.85 -22.18
C CYS D 87 -46.88 19.45 -21.86
N PRO D 88 -47.34 18.81 -20.78
CA PRO D 88 -46.64 17.60 -20.31
C PRO D 88 -46.52 16.48 -21.32
N VAL D 89 -47.61 16.03 -21.98
CA VAL D 89 -47.54 14.83 -22.82
C VAL D 89 -46.60 14.99 -24.00
N GLU D 90 -46.32 16.23 -24.41
CA GLU D 90 -45.43 16.46 -25.54
C GLU D 90 -43.98 16.62 -25.11
N ASP D 91 -43.75 17.11 -23.90
CA ASP D 91 -42.42 17.53 -23.53
C ASP D 91 -41.80 16.70 -22.42
N THR D 92 -42.59 15.91 -21.68
CA THR D 92 -42.08 15.18 -20.51
C THR D 92 -41.03 14.11 -20.87
N ILE D 93 -40.11 13.90 -19.92
CA ILE D 93 -39.06 12.91 -20.06
C ILE D 93 -39.64 11.53 -19.74
N ILE D 94 -39.45 10.60 -20.67
CA ILE D 94 -39.87 9.21 -20.50
C ILE D 94 -38.84 8.56 -19.60
N GLY D 95 -39.21 8.29 -18.35
CA GLY D 95 -38.32 7.61 -17.46
C GLY D 95 -38.08 6.20 -17.97
N PRO D 96 -37.10 5.53 -17.39
CA PRO D 96 -36.78 4.18 -17.85
C PRO D 96 -37.79 3.19 -17.31
N PRO D 97 -38.13 2.17 -18.08
CA PRO D 97 -39.01 1.13 -17.56
C PRO D 97 -38.27 0.26 -16.58
N GLU D 98 -39.04 -0.47 -15.77
CA GLU D 98 -38.43 -1.51 -14.96
C GLU D 98 -38.38 -2.81 -15.75
N MET D 99 -37.36 -3.61 -15.48
CA MET D 99 -37.15 -4.88 -16.15
C MET D 99 -36.61 -5.92 -15.17
N GLN D 100 -37.15 -7.15 -15.24
CA GLN D 100 -36.68 -8.29 -14.46
C GLN D 100 -36.27 -9.43 -15.38
N ILE D 101 -35.20 -10.15 -15.05
CA ILE D 101 -34.65 -11.17 -15.94
C ILE D 101 -34.68 -12.53 -15.26
N GLU D 102 -35.09 -13.55 -16.02
CA GLU D 102 -35.07 -14.93 -15.57
C GLU D 102 -34.23 -15.75 -16.55
N SER D 103 -33.15 -16.34 -16.05
CA SER D 103 -32.26 -17.14 -16.88
C SER D 103 -32.82 -18.55 -17.04
N LEU D 104 -33.12 -18.94 -18.28
CA LEU D 104 -33.50 -20.32 -18.58
C LEU D 104 -32.32 -21.11 -19.14
N ALA D 105 -32.60 -21.93 -20.14
CA ALA D 105 -31.58 -22.70 -20.86
C ALA D 105 -31.28 -21.97 -22.16
N GLU D 106 -30.12 -21.32 -22.23
CA GLU D 106 -29.71 -20.53 -23.38
C GLU D 106 -30.67 -19.39 -23.75
N SER D 107 -31.68 -19.09 -22.94
CA SER D 107 -32.50 -17.93 -23.24
C SER D 107 -32.63 -17.08 -21.98
N LEU D 108 -33.10 -15.85 -22.20
CA LEU D 108 -33.30 -14.88 -21.13
C LEU D 108 -34.69 -14.30 -21.26
N HIS D 109 -35.53 -14.54 -20.25
CA HIS D 109 -36.89 -14.05 -20.23
C HIS D 109 -36.93 -12.67 -19.59
N LEU D 110 -37.36 -11.67 -20.35
CA LEU D 110 -37.46 -10.29 -19.89
C LEU D 110 -38.91 -9.97 -19.56
N ARG D 111 -39.14 -9.20 -18.50
CA ARG D 111 -40.48 -8.71 -18.24
C ARG D 111 -40.41 -7.22 -17.90
N PHE D 112 -41.24 -6.40 -18.56
CA PHE D 112 -41.10 -4.95 -18.44
C PHE D 112 -42.23 -4.32 -17.62
N SER D 113 -41.93 -3.14 -17.10
CA SER D 113 -42.93 -2.36 -16.39
C SER D 113 -42.79 -0.89 -16.79
N ALA D 114 -43.80 -0.37 -17.49
CA ALA D 114 -43.74 1.02 -17.92
C ALA D 114 -43.63 1.94 -16.71
N PRO D 115 -42.96 3.07 -16.85
CA PRO D 115 -42.87 4.00 -15.72
C PRO D 115 -44.23 4.55 -15.36
N GLN D 116 -44.46 4.71 -14.05
CA GLN D 116 -45.75 5.17 -13.55
C GLN D 116 -45.85 6.69 -13.57
N ILE D 117 -47.06 7.18 -13.89
CA ILE D 117 -47.35 8.61 -13.92
C ILE D 117 -47.83 9.05 -12.55
N GLU D 118 -47.40 10.24 -12.15
CA GLU D 118 -47.44 10.57 -10.73
C GLU D 118 -48.82 10.97 -10.24
N ASN D 119 -49.36 12.06 -10.77
CA ASN D 119 -50.59 12.65 -10.26
C ASN D 119 -51.80 11.71 -10.36
N GLU D 120 -51.59 10.44 -10.68
CA GLU D 120 -52.68 9.48 -10.85
C GLU D 120 -52.53 8.33 -9.87
N PRO D 121 -53.07 8.47 -8.66
CA PRO D 121 -52.99 7.33 -7.72
C PRO D 121 -53.87 6.16 -8.17
N GLU D 122 -53.90 5.86 -9.47
CA GLU D 122 -54.67 4.75 -10.00
C GLU D 122 -53.84 3.69 -10.71
N THR D 123 -52.51 3.71 -10.55
CA THR D 123 -51.59 2.79 -11.24
C THR D 123 -51.66 2.97 -12.76
N TRP D 124 -51.56 4.22 -13.21
CA TRP D 124 -51.41 4.48 -14.63
C TRP D 124 -49.92 4.54 -14.97
N THR D 125 -49.61 4.34 -16.25
CA THR D 125 -48.24 4.25 -16.72
C THR D 125 -48.15 4.89 -18.08
N LEU D 126 -46.91 5.15 -18.50
CA LEU D 126 -46.65 5.80 -19.77
C LEU D 126 -47.12 4.95 -20.96
N LYS D 127 -47.10 3.62 -20.81
CA LYS D 127 -47.62 2.76 -21.87
C LYS D 127 -49.11 2.98 -22.07
N ASN D 128 -49.82 3.34 -21.00
CA ASN D 128 -51.25 3.64 -21.02
C ASN D 128 -51.57 5.03 -21.58
N ILE D 129 -50.56 5.87 -21.76
CA ILE D 129 -50.76 7.24 -22.19
C ILE D 129 -50.45 7.42 -23.67
N TYR D 130 -49.43 6.73 -24.16
CA TYR D 130 -48.94 6.83 -25.53
C TYR D 130 -49.55 5.71 -26.37
N ASP D 131 -50.05 6.03 -27.56
CA ASP D 131 -50.60 4.96 -28.38
C ASP D 131 -49.54 4.14 -29.09
N SER D 132 -48.31 4.62 -29.16
CA SER D 132 -47.30 3.94 -29.95
C SER D 132 -46.18 3.43 -29.07
N TRP D 133 -46.52 3.11 -27.82
CA TRP D 133 -45.50 2.67 -26.86
C TRP D 133 -44.90 1.33 -27.31
N ALA D 134 -43.58 1.28 -27.25
CA ALA D 134 -42.83 0.08 -27.52
C ALA D 134 -41.60 0.09 -26.62
N TYR D 135 -41.05 -1.09 -26.41
CA TYR D 135 -39.80 -1.24 -25.69
C TYR D 135 -38.75 -1.56 -26.72
N ARG D 136 -37.64 -0.84 -26.68
CA ARG D 136 -36.47 -1.25 -27.44
C ARG D 136 -35.53 -1.89 -26.44
N VAL D 137 -35.17 -3.13 -26.67
CA VAL D 137 -34.26 -3.83 -25.79
C VAL D 137 -32.90 -3.79 -26.45
N GLN D 138 -31.88 -3.47 -25.64
CA GLN D 138 -30.50 -3.48 -26.08
C GLN D 138 -29.72 -4.40 -25.16
N TYR D 139 -29.11 -5.41 -25.75
CA TYR D 139 -28.30 -6.36 -25.01
C TYR D 139 -26.96 -6.51 -25.72
N TRP D 140 -25.98 -6.96 -24.95
CA TRP D 140 -24.67 -7.22 -25.52
C TRP D 140 -23.98 -8.29 -24.67
N LYS D 141 -22.95 -8.87 -25.24
CA LYS D 141 -22.09 -9.73 -24.44
C LYS D 141 -21.25 -8.88 -23.50
N GLN D 142 -21.18 -9.31 -22.25
CA GLN D 142 -20.47 -8.56 -21.21
C GLN D 142 -19.08 -8.14 -21.69
N GLY D 143 -18.79 -6.85 -21.54
CA GLY D 143 -17.49 -6.29 -21.90
C GLY D 143 -17.36 -5.78 -23.33
N THR D 144 -17.91 -6.53 -24.29
CA THR D 144 -17.76 -6.14 -25.69
C THR D 144 -18.69 -4.97 -26.03
N ASN D 145 -18.39 -4.33 -27.16
CA ASN D 145 -19.16 -3.17 -27.61
C ASN D 145 -19.81 -3.44 -28.97
N GLU D 146 -20.68 -4.45 -29.03
CA GLU D 146 -21.41 -4.84 -30.24
C GLU D 146 -22.88 -4.95 -29.87
N LYS D 147 -23.62 -3.85 -30.04
CA LYS D 147 -24.99 -3.79 -29.58
C LYS D 147 -25.93 -4.52 -30.55
N PHE D 148 -26.88 -5.25 -29.98
CA PHE D 148 -28.00 -5.80 -30.71
C PHE D 148 -29.28 -5.19 -30.17
N GLN D 149 -30.28 -5.10 -31.03
CA GLN D 149 -31.50 -4.40 -30.70
C GLN D 149 -32.70 -5.20 -31.17
N VAL D 150 -33.73 -5.22 -30.35
CA VAL D 150 -35.02 -5.81 -30.70
C VAL D 150 -36.11 -4.96 -30.11
N VAL D 151 -37.23 -4.84 -30.83
CA VAL D 151 -38.39 -4.09 -30.38
C VAL D 151 -39.54 -5.07 -30.27
N SER D 152 -40.31 -4.92 -29.18
CA SER D 152 -41.55 -5.66 -28.94
C SER D 152 -42.48 -4.67 -28.25
N PRO D 153 -43.75 -4.67 -28.61
CA PRO D 153 -44.71 -3.77 -27.95
C PRO D 153 -45.40 -4.31 -26.72
N TYR D 154 -45.08 -5.54 -26.30
CA TYR D 154 -45.74 -6.27 -25.23
C TYR D 154 -44.86 -6.21 -23.98
N ASP D 155 -45.44 -6.60 -22.82
CA ASP D 155 -44.65 -6.55 -21.59
C ASP D 155 -43.67 -7.72 -21.42
N SER D 156 -43.47 -8.55 -22.43
CA SER D 156 -42.62 -9.70 -22.28
C SER D 156 -41.84 -9.93 -23.55
N GLU D 157 -40.63 -10.43 -23.40
CA GLU D 157 -39.80 -10.80 -24.54
C GLU D 157 -38.82 -11.88 -24.14
N VAL D 158 -38.59 -12.80 -25.07
CA VAL D 158 -37.68 -13.91 -24.85
C VAL D 158 -36.63 -13.82 -25.94
N LEU D 159 -35.37 -13.74 -25.52
CA LEU D 159 -34.22 -13.72 -26.39
C LEU D 159 -33.95 -15.17 -26.79
N ARG D 160 -34.14 -15.49 -28.08
CA ARG D 160 -34.40 -16.89 -28.38
C ARG D 160 -33.17 -17.71 -28.74
N ASN D 161 -32.12 -17.13 -29.31
CA ASN D 161 -30.99 -17.97 -29.68
C ASN D 161 -29.71 -17.22 -29.37
N LEU D 162 -28.94 -17.72 -28.42
CA LEU D 162 -27.68 -17.07 -28.03
C LEU D 162 -26.60 -18.13 -27.83
N GLU D 163 -25.58 -17.74 -27.08
CA GLU D 163 -24.47 -18.60 -26.72
C GLU D 163 -24.63 -19.03 -25.27
N PRO D 164 -24.45 -20.31 -24.98
CA PRO D 164 -24.61 -20.80 -23.61
C PRO D 164 -23.41 -20.42 -22.76
N TRP D 165 -23.61 -20.48 -21.44
CA TRP D 165 -22.56 -20.14 -20.48
C TRP D 165 -21.98 -18.76 -20.76
N THR D 166 -22.86 -17.77 -20.87
CA THR D 166 -22.41 -16.42 -21.17
C THR D 166 -23.21 -15.39 -20.40
N THR D 167 -22.51 -14.50 -19.69
CA THR D 167 -23.14 -13.39 -18.96
C THR D 167 -23.44 -12.25 -19.93
N TYR D 168 -24.72 -11.93 -20.13
CA TYR D 168 -25.11 -10.76 -20.92
C TYR D 168 -25.65 -9.66 -20.03
N CYS D 169 -25.53 -8.42 -20.49
CA CYS D 169 -26.14 -7.27 -19.82
C CYS D 169 -27.10 -6.58 -20.78
N ILE D 170 -28.34 -6.39 -20.34
CA ILE D 170 -29.39 -5.85 -21.19
C ILE D 170 -30.06 -4.69 -20.47
N GLN D 171 -30.53 -3.72 -21.25
CA GLN D 171 -31.30 -2.60 -20.73
C GLN D 171 -32.42 -2.26 -21.69
N VAL D 172 -33.42 -1.54 -21.18
CA VAL D 172 -34.62 -1.23 -21.95
C VAL D 172 -34.98 0.24 -21.81
N GLN D 173 -35.68 0.73 -22.82
CA GLN D 173 -36.21 2.09 -22.83
C GLN D 173 -37.51 2.07 -23.64
N GLY D 174 -38.44 2.97 -23.32
CA GLY D 174 -39.64 3.11 -24.11
C GLY D 174 -39.36 4.04 -25.28
N PHE D 175 -40.03 3.80 -26.41
CA PHE D 175 -39.90 4.70 -27.55
C PHE D 175 -41.14 4.59 -28.43
N LEU D 176 -41.30 5.56 -29.33
CA LEU D 176 -42.38 5.56 -30.30
C LEU D 176 -41.79 5.49 -31.71
N LEU D 177 -42.27 4.54 -32.52
CA LEU D 177 -41.76 4.37 -33.88
C LEU D 177 -42.22 5.46 -34.81
N ASP D 178 -43.10 6.33 -34.34
CA ASP D 178 -43.74 7.33 -35.16
C ASP D 178 -43.52 8.76 -34.69
N GLN D 179 -43.20 8.99 -33.43
CA GLN D 179 -43.00 10.35 -32.94
C GLN D 179 -41.57 10.57 -32.47
N GLN D 180 -40.61 9.83 -33.03
CA GLN D 180 -39.19 9.88 -32.71
C GLN D 180 -38.89 10.45 -31.32
N ARG D 181 -39.49 9.85 -30.29
CA ARG D 181 -39.22 10.21 -28.89
C ARG D 181 -38.63 8.99 -28.21
N THR D 182 -37.40 9.10 -27.73
CA THR D 182 -36.72 8.00 -27.06
C THR D 182 -36.70 8.24 -25.56
N GLY D 183 -37.01 7.20 -24.78
CA GLY D 183 -37.00 7.28 -23.34
C GLY D 183 -35.64 6.97 -22.76
N GLU D 184 -35.57 7.01 -21.45
CA GLU D 184 -34.29 6.77 -20.80
C GLU D 184 -34.04 5.28 -20.74
N TRP D 185 -32.77 4.90 -20.83
CA TRP D 185 -32.40 3.51 -20.66
C TRP D 185 -32.51 3.11 -19.20
N SER D 186 -32.81 1.85 -18.95
CA SER D 186 -32.78 1.36 -17.58
C SER D 186 -31.34 1.15 -17.18
N GLU D 187 -31.12 0.79 -15.92
CA GLU D 187 -29.76 0.53 -15.51
C GLU D 187 -29.44 -0.89 -15.94
N PRO D 188 -28.32 -1.13 -16.60
CA PRO D 188 -28.07 -2.47 -17.14
C PRO D 188 -27.99 -3.50 -16.01
N ILE D 189 -28.80 -4.54 -16.16
CA ILE D 189 -28.86 -5.69 -15.27
C ILE D 189 -28.23 -6.85 -16.05
N CYS D 190 -27.47 -7.69 -15.35
CA CYS D 190 -26.78 -8.83 -15.97
C CYS D 190 -27.17 -10.15 -15.30
N GLU D 191 -27.37 -11.18 -16.13
CA GLU D 191 -27.64 -12.56 -15.72
C GLU D 191 -26.98 -13.51 -16.70
N ARG D 192 -26.45 -14.62 -16.20
CA ARG D 192 -25.77 -15.62 -17.01
C ARG D 192 -26.74 -16.67 -17.54
N THR D 193 -26.52 -17.11 -18.79
CA THR D 193 -27.42 -18.06 -19.45
C THR D 193 -27.20 -19.51 -19.03
N GLY D 194 -26.08 -20.10 -19.44
CA GLY D 194 -25.79 -21.51 -19.25
C GLY D 194 -26.58 -22.41 -20.17
N ASN D 195 -25.98 -23.52 -20.63
CA ASN D 195 -26.65 -24.45 -21.54
C ASN D 195 -27.68 -25.34 -20.85
N LEU E 1 -57.34 -63.94 61.63
CA LEU E 1 -56.35 -63.40 60.68
C LEU E 1 -55.52 -62.27 61.27
N LEU E 2 -54.28 -62.61 61.56
CA LEU E 2 -53.30 -61.69 62.10
C LEU E 2 -52.13 -61.62 61.13
N GLN E 3 -51.63 -60.40 60.87
CA GLN E 3 -50.50 -60.21 59.95
C GLN E 3 -49.69 -58.98 60.37
N HIS E 4 -48.47 -58.90 59.85
CA HIS E 4 -47.59 -57.73 60.05
C HIS E 4 -47.36 -57.42 61.52
N VAL E 5 -47.01 -58.48 62.27
CA VAL E 5 -46.61 -58.38 63.66
C VAL E 5 -45.13 -57.96 63.66
N LYS E 6 -44.87 -56.75 64.15
CA LYS E 6 -43.53 -56.17 64.02
C LYS E 6 -43.26 -55.28 65.22
N PHE E 7 -41.99 -54.96 65.41
CA PHE E 7 -41.58 -53.93 66.36
C PHE E 7 -41.31 -52.63 65.59
N GLN E 8 -41.75 -51.52 66.17
CA GLN E 8 -41.37 -50.19 65.70
C GLN E 8 -40.75 -49.48 66.89
N SER E 9 -39.43 -49.20 66.79
CA SER E 9 -38.65 -48.65 67.90
C SER E 9 -38.00 -47.33 67.52
N SER E 10 -38.23 -46.30 68.34
CA SER E 10 -37.73 -44.96 68.04
C SER E 10 -37.20 -44.34 69.31
N ASN E 11 -35.90 -43.99 69.32
CA ASN E 11 -35.23 -43.46 70.51
C ASN E 11 -35.52 -44.35 71.73
N PHE E 12 -35.46 -45.67 71.52
CA PHE E 12 -35.62 -46.71 72.53
C PHE E 12 -37.03 -46.83 73.08
N GLU E 13 -38.01 -46.31 72.36
CA GLU E 13 -39.43 -46.49 72.67
C GLU E 13 -39.94 -47.63 71.78
N ASN E 14 -40.10 -48.79 72.36
CA ASN E 14 -40.15 -50.05 71.61
C ASN E 14 -41.59 -50.53 71.57
N ILE E 15 -42.23 -50.34 70.43
CA ILE E 15 -43.66 -50.53 70.33
C ILE E 15 -43.99 -51.67 69.40
N LEU E 16 -44.82 -52.60 69.89
CA LEU E 16 -45.33 -53.72 69.11
C LEU E 16 -46.58 -53.33 68.35
N THR E 17 -46.58 -53.58 67.05
CA THR E 17 -47.72 -53.28 66.20
C THR E 17 -48.06 -54.52 65.37
N TRP E 18 -49.35 -54.65 65.06
CA TRP E 18 -49.85 -55.73 64.23
C TRP E 18 -51.12 -55.26 63.55
N ASP E 19 -51.65 -56.09 62.66
CA ASP E 19 -52.94 -55.80 62.09
C ASP E 19 -53.73 -57.09 61.97
N GLY E 20 -55.05 -56.94 61.90
CA GLY E 20 -55.93 -58.05 61.59
C GLY E 20 -55.84 -58.35 60.11
N GLY E 21 -56.77 -59.15 59.64
CA GLY E 21 -56.76 -59.50 58.25
C GLY E 21 -58.13 -59.35 57.66
N PRO E 22 -58.32 -59.86 56.47
CA PRO E 22 -59.66 -59.88 55.87
C PRO E 22 -60.61 -60.82 56.59
N ALA E 23 -60.20 -61.36 57.75
CA ALA E 23 -61.04 -62.25 58.55
C ALA E 23 -61.13 -61.80 60.00
N SER E 24 -60.81 -60.53 60.27
CA SER E 24 -60.80 -59.96 61.62
C SER E 24 -61.90 -58.89 61.67
N THR E 25 -63.11 -59.31 62.06
CA THR E 25 -64.18 -58.38 62.37
C THR E 25 -63.91 -57.70 63.72
N SER E 26 -64.70 -56.67 64.04
CA SER E 26 -64.46 -55.88 65.24
C SER E 26 -64.65 -56.67 66.54
N ASP E 27 -65.11 -57.92 66.49
CA ASP E 27 -65.19 -58.74 67.69
C ASP E 27 -63.91 -59.56 67.90
N THR E 28 -62.86 -59.28 67.12
CA THR E 28 -61.58 -59.94 67.26
C THR E 28 -60.76 -59.27 68.36
N VAL E 29 -60.22 -60.08 69.26
CA VAL E 29 -59.42 -59.54 70.35
C VAL E 29 -58.00 -60.06 70.16
N TYR E 30 -57.06 -59.38 70.80
CA TYR E 30 -55.64 -59.65 70.65
C TYR E 30 -54.98 -59.67 72.02
N SER E 31 -54.11 -60.65 72.25
CA SER E 31 -53.34 -60.74 73.49
C SER E 31 -51.84 -60.65 73.18
N VAL E 32 -51.09 -59.94 74.03
CA VAL E 32 -49.66 -59.68 73.82
C VAL E 32 -48.81 -60.46 74.83
N GLU E 33 -47.70 -61.03 74.36
CA GLU E 33 -46.72 -61.73 75.18
C GLU E 33 -45.30 -61.37 74.77
N TYR E 34 -44.39 -61.31 75.76
CA TYR E 34 -42.98 -60.98 75.52
C TYR E 34 -42.08 -61.89 76.35
N LYS E 35 -40.85 -62.04 75.87
CA LYS E 35 -39.82 -62.88 76.47
C LYS E 35 -38.45 -62.40 76.02
N LYS E 36 -37.47 -62.72 76.84
CA LYS E 36 -36.08 -62.48 76.51
C LYS E 36 -35.62 -63.66 75.68
N TYR E 37 -34.89 -63.37 74.61
CA TYR E 37 -34.46 -64.44 73.72
C TYR E 37 -33.63 -65.44 74.52
N GLY E 38 -33.93 -66.72 74.34
CA GLY E 38 -33.32 -67.73 75.17
C GLY E 38 -34.05 -68.10 76.44
N GLU E 39 -35.29 -67.64 76.63
CA GLU E 39 -36.10 -68.09 77.75
C GLU E 39 -37.28 -68.91 77.22
N ARG E 40 -37.81 -69.78 78.08
CA ARG E 40 -38.87 -70.69 77.66
C ARG E 40 -40.28 -70.12 77.87
N LYS E 41 -40.55 -69.52 79.03
CA LYS E 41 -41.87 -68.97 79.33
C LYS E 41 -42.05 -67.61 78.70
N TRP E 42 -43.21 -67.41 78.10
CA TRP E 42 -43.61 -66.14 77.52
C TRP E 42 -44.34 -65.34 78.60
N LEU E 43 -43.83 -64.13 78.88
CA LEU E 43 -44.48 -63.26 79.85
C LEU E 43 -45.64 -62.55 79.18
N ALA E 44 -46.66 -62.19 79.97
CA ALA E 44 -47.88 -61.60 79.43
C ALA E 44 -47.96 -60.12 79.81
N LYS E 45 -48.15 -59.27 78.81
CA LYS E 45 -48.22 -57.83 79.08
C LYS E 45 -49.54 -57.51 79.78
N ALA E 46 -49.44 -57.00 81.01
CA ALA E 46 -50.64 -56.82 81.82
C ALA E 46 -51.61 -55.86 81.14
N GLY E 47 -51.09 -54.83 80.48
CA GLY E 47 -51.97 -53.89 79.83
C GLY E 47 -52.67 -54.45 78.60
N CYS E 48 -52.00 -55.29 77.82
CA CYS E 48 -52.45 -55.69 76.49
C CYS E 48 -52.93 -57.14 76.50
N GLN E 49 -54.11 -57.36 77.05
CA GLN E 49 -54.68 -58.69 77.10
C GLN E 49 -56.11 -58.62 76.56
N ARG E 50 -56.34 -59.33 75.45
CA ARG E 50 -57.65 -59.39 74.79
C ARG E 50 -58.17 -58.00 74.45
N ILE E 51 -57.33 -57.24 73.74
CA ILE E 51 -57.57 -55.85 73.42
C ILE E 51 -57.94 -55.71 71.95
N THR E 52 -58.70 -54.67 71.64
CA THR E 52 -59.17 -54.51 70.27
C THR E 52 -58.25 -53.64 69.41
N GLN E 53 -57.44 -52.76 70.00
CA GLN E 53 -56.54 -51.97 69.17
C GLN E 53 -55.35 -52.82 68.76
N LYS E 54 -54.55 -52.28 67.84
CA LYS E 54 -53.52 -53.06 67.17
C LYS E 54 -52.10 -52.58 67.48
N PHE E 55 -51.82 -52.24 68.75
CA PHE E 55 -50.47 -51.83 69.13
C PHE E 55 -50.30 -52.02 70.63
N CYS E 56 -49.03 -52.10 71.05
CA CYS E 56 -48.73 -52.33 72.47
C CYS E 56 -47.33 -51.78 72.77
N ASP E 57 -47.24 -50.98 73.83
CA ASP E 57 -46.00 -50.30 74.21
C ASP E 57 -45.20 -51.19 75.15
N LEU E 58 -44.12 -51.76 74.64
CA LEU E 58 -43.32 -52.63 75.50
C LEU E 58 -42.02 -51.97 75.92
N THR E 59 -42.02 -50.61 75.95
CA THR E 59 -40.81 -49.86 76.29
C THR E 59 -40.25 -50.29 77.63
N MET E 60 -41.12 -50.33 78.65
CA MET E 60 -40.71 -50.73 79.99
C MET E 60 -40.21 -52.15 80.02
N GLU E 61 -40.86 -53.02 79.26
CA GLU E 61 -40.56 -54.44 79.28
C GLU E 61 -39.31 -54.75 78.47
N THR E 62 -38.83 -53.80 77.64
CA THR E 62 -37.61 -53.97 76.86
C THR E 62 -36.56 -52.87 77.08
N ARG E 63 -36.29 -52.50 78.33
CA ARG E 63 -35.45 -51.32 78.65
C ARG E 63 -33.96 -51.54 78.48
N ASP E 64 -33.49 -52.78 78.51
CA ASP E 64 -32.06 -53.07 78.41
C ASP E 64 -31.68 -52.99 76.95
N HIS E 65 -30.98 -51.92 76.55
CA HIS E 65 -30.73 -51.75 75.12
C HIS E 65 -29.75 -52.80 74.59
N GLN E 66 -29.03 -53.48 75.47
CA GLN E 66 -28.06 -54.50 75.10
C GLN E 66 -28.61 -55.92 75.10
N GLU E 67 -29.91 -56.11 75.36
CA GLU E 67 -30.56 -57.41 75.39
C GLU E 67 -31.32 -57.67 74.09
N PHE E 68 -31.82 -58.92 73.95
CA PHE E 68 -32.57 -59.36 72.79
C PHE E 68 -33.90 -59.97 73.21
N TYR E 69 -34.99 -59.57 72.54
CA TYR E 69 -36.36 -59.88 72.93
C TYR E 69 -37.20 -60.44 71.78
N TYR E 70 -38.38 -60.90 72.17
CA TYR E 70 -39.38 -61.41 71.24
C TYR E 70 -40.75 -61.06 71.77
N ALA E 71 -41.71 -61.02 70.87
CA ALA E 71 -43.11 -60.81 71.24
C ALA E 71 -44.00 -61.60 70.30
N LYS E 72 -45.20 -61.90 70.80
CA LYS E 72 -46.21 -62.61 70.02
C LYS E 72 -47.56 -61.95 70.29
N VAL E 73 -48.45 -62.02 69.29
CA VAL E 73 -49.83 -61.54 69.40
C VAL E 73 -50.75 -62.71 69.03
N THR E 74 -51.79 -62.92 69.84
CA THR E 74 -52.78 -63.96 69.59
C THR E 74 -54.16 -63.32 69.37
N ALA E 75 -54.75 -63.56 68.20
CA ALA E 75 -56.09 -63.06 67.87
C ALA E 75 -57.07 -64.21 67.94
N VAL E 76 -58.11 -64.06 68.74
CA VAL E 76 -59.20 -65.03 68.85
C VAL E 76 -60.52 -64.31 68.56
N SER E 77 -61.32 -64.90 67.66
CA SER E 77 -62.60 -64.32 67.27
C SER E 77 -63.46 -65.39 66.63
N ALA E 78 -64.75 -65.10 66.53
CA ALA E 78 -65.75 -65.96 65.90
C ALA E 78 -65.54 -67.44 66.23
N GLY E 79 -65.71 -67.78 67.51
CA GLY E 79 -65.50 -69.14 67.96
C GLY E 79 -64.07 -69.62 67.76
N GLY E 80 -63.91 -70.48 66.75
CA GLY E 80 -62.66 -71.11 66.39
C GLY E 80 -61.42 -70.27 66.17
N PRO E 81 -60.50 -70.82 65.38
CA PRO E 81 -59.15 -71.18 65.88
C PRO E 81 -58.31 -69.98 66.27
N PRO E 82 -57.35 -70.19 67.19
CA PRO E 82 -56.47 -69.10 67.63
C PRO E 82 -55.36 -68.90 66.60
N VAL E 83 -54.95 -67.65 66.42
CA VAL E 83 -53.87 -67.29 65.51
C VAL E 83 -52.77 -66.63 66.34
N THR E 84 -51.55 -67.16 66.25
CA THR E 84 -50.39 -66.63 66.96
C THR E 84 -49.26 -66.40 65.98
N LYS E 85 -48.88 -65.14 65.79
CA LYS E 85 -47.70 -64.79 65.01
C LYS E 85 -46.76 -63.99 65.89
N MET E 86 -45.47 -64.29 65.81
CA MET E 86 -44.49 -63.61 66.62
C MET E 86 -43.59 -62.77 65.72
N THR E 87 -42.70 -62.01 66.37
CA THR E 87 -41.82 -61.03 65.77
C THR E 87 -40.40 -61.53 65.57
N ASP E 88 -39.62 -60.73 64.85
CA ASP E 88 -38.18 -60.97 64.75
C ASP E 88 -37.48 -60.67 66.07
N ARG E 89 -36.27 -61.21 66.20
CA ARG E 89 -35.40 -60.94 67.35
C ARG E 89 -35.18 -59.45 67.45
N PHE E 90 -35.55 -58.87 68.59
CA PHE E 90 -35.49 -57.41 68.77
C PHE E 90 -34.32 -57.07 69.69
N SER E 91 -33.50 -56.09 69.28
CA SER E 91 -32.54 -55.45 70.18
C SER E 91 -32.61 -53.96 69.92
N SER E 92 -33.00 -53.19 70.94
CA SER E 92 -33.26 -51.77 70.74
C SER E 92 -32.03 -51.00 70.26
N LEU E 93 -30.84 -51.29 70.81
CA LEU E 93 -29.63 -50.54 70.47
C LEU E 93 -29.35 -50.52 68.96
N GLN E 94 -29.59 -51.65 68.27
CA GLN E 94 -29.34 -51.71 66.84
C GLN E 94 -30.59 -51.44 65.99
N HIS E 95 -31.80 -51.60 66.53
CA HIS E 95 -33.00 -51.50 65.70
C HIS E 95 -33.76 -50.19 65.87
N THR E 96 -33.39 -49.36 66.84
CA THR E 96 -34.12 -48.11 67.06
C THR E 96 -33.67 -47.03 66.07
N THR E 97 -34.61 -46.21 65.67
CA THR E 97 -34.32 -45.05 64.84
C THR E 97 -34.22 -43.83 65.75
N ILE E 98 -33.59 -42.77 65.26
CA ILE E 98 -33.44 -41.51 65.98
C ILE E 98 -34.54 -40.56 65.53
N LYS E 99 -35.33 -40.03 66.48
CA LYS E 99 -36.22 -38.91 66.10
C LYS E 99 -35.41 -37.62 65.89
N PRO E 100 -35.93 -36.69 65.09
CA PRO E 100 -35.20 -35.46 64.79
C PRO E 100 -34.83 -34.70 66.05
N PRO E 101 -33.73 -33.95 66.02
CA PRO E 101 -33.28 -33.24 67.22
C PRO E 101 -34.22 -32.13 67.63
N ASP E 102 -34.20 -31.80 68.94
CA ASP E 102 -34.94 -30.65 69.50
C ASP E 102 -34.11 -29.39 69.34
N VAL E 103 -34.46 -28.57 68.36
CA VAL E 103 -33.69 -27.39 68.01
C VAL E 103 -34.61 -26.18 68.12
N THR E 104 -34.04 -25.09 68.57
CA THR E 104 -34.73 -23.82 68.51
C THR E 104 -33.86 -22.98 67.59
N CYS E 105 -34.44 -22.47 66.52
CA CYS E 105 -33.76 -21.57 65.60
C CYS E 105 -33.99 -20.13 66.04
N ILE E 106 -32.93 -19.35 66.10
CA ILE E 106 -33.04 -17.95 66.52
C ILE E 106 -32.66 -17.04 65.36
N PRO E 107 -33.61 -16.29 64.79
CA PRO E 107 -33.27 -15.29 63.76
C PRO E 107 -32.53 -14.11 64.37
N LYS E 108 -31.46 -13.74 63.74
CA LYS E 108 -30.65 -12.58 64.06
C LYS E 108 -30.79 -11.59 62.88
N VAL E 109 -30.06 -10.48 62.92
CA VAL E 109 -30.12 -9.55 61.81
C VAL E 109 -29.31 -10.08 60.61
N ARG E 110 -28.07 -10.53 60.86
CA ARG E 110 -27.19 -11.00 59.81
C ARG E 110 -26.74 -12.43 60.05
N SER E 111 -27.45 -13.16 60.91
CA SER E 111 -27.07 -14.55 61.11
C SER E 111 -28.32 -15.33 61.42
N ILE E 112 -28.13 -16.63 61.57
CA ILE E 112 -29.19 -17.54 61.99
C ILE E 112 -28.55 -18.47 63.03
N GLN E 113 -29.06 -18.43 64.24
CA GLN E 113 -28.44 -19.18 65.31
C GLN E 113 -29.33 -20.33 65.68
N MET E 114 -28.70 -21.47 66.01
CA MET E 114 -29.41 -22.69 66.29
C MET E 114 -28.87 -23.32 67.57
N LEU E 115 -29.78 -23.71 68.47
CA LEU E 115 -29.40 -24.35 69.71
C LEU E 115 -29.98 -25.75 69.75
N VAL E 116 -29.14 -26.73 70.00
CA VAL E 116 -29.61 -28.10 70.16
C VAL E 116 -29.67 -28.43 71.65
N HIS E 117 -30.81 -28.94 72.11
CA HIS E 117 -31.11 -29.33 73.48
C HIS E 117 -31.06 -30.84 73.60
N PRO E 118 -30.57 -31.33 74.73
CA PRO E 118 -30.46 -32.79 74.93
C PRO E 118 -31.82 -33.46 74.88
N THR E 119 -31.86 -34.67 74.30
CA THR E 119 -33.10 -35.46 74.27
C THR E 119 -32.94 -36.69 75.14
N LEU E 120 -33.78 -36.80 76.17
CA LEU E 120 -33.79 -37.91 77.11
C LEU E 120 -34.48 -39.15 76.54
N THR E 121 -34.11 -40.30 77.07
CA THR E 121 -34.55 -41.60 76.57
C THR E 121 -34.97 -42.48 77.74
N PRO E 122 -35.70 -43.57 77.45
CA PRO E 122 -36.08 -44.53 78.50
C PRO E 122 -35.01 -45.51 78.92
N VAL E 123 -33.75 -45.32 78.58
CA VAL E 123 -32.71 -46.24 79.02
C VAL E 123 -32.00 -45.60 80.20
N LEU E 124 -31.71 -46.41 81.19
CA LEU E 124 -31.23 -45.89 82.45
C LEU E 124 -29.75 -46.18 82.64
N SER E 125 -29.12 -45.37 83.47
CA SER E 125 -27.72 -45.57 83.81
C SER E 125 -27.59 -46.65 84.89
N GLU E 126 -26.34 -46.99 85.26
CA GLU E 126 -26.15 -47.99 86.30
C GLU E 126 -26.78 -47.54 87.61
N ASP E 127 -26.68 -46.24 87.92
CA ASP E 127 -27.34 -45.69 89.11
C ASP E 127 -28.83 -45.47 88.93
N GLY E 128 -29.36 -45.56 87.72
CA GLY E 128 -30.77 -45.46 87.50
C GLY E 128 -31.35 -44.14 87.00
N HIS E 129 -30.53 -43.23 86.45
CA HIS E 129 -31.06 -42.00 85.89
C HIS E 129 -31.12 -42.15 84.38
N GLN E 130 -32.08 -41.44 83.77
CA GLN E 130 -32.29 -41.48 82.32
C GLN E 130 -31.12 -40.86 81.56
N LEU E 131 -30.79 -41.45 80.41
CA LEU E 131 -29.64 -41.04 79.62
C LEU E 131 -30.01 -40.15 78.43
N THR E 132 -29.11 -39.20 78.12
CA THR E 132 -29.30 -38.45 76.87
C THR E 132 -28.74 -39.24 75.70
N LEU E 133 -29.21 -38.86 74.50
CA LEU E 133 -28.67 -39.45 73.28
C LEU E 133 -27.16 -39.29 73.23
N GLU E 134 -26.66 -38.11 73.57
CA GLU E 134 -25.23 -37.89 73.60
C GLU E 134 -24.55 -38.87 74.56
N GLU E 135 -25.25 -39.27 75.63
CA GLU E 135 -24.70 -40.24 76.57
C GLU E 135 -24.72 -41.69 76.10
N ILE E 136 -25.63 -42.05 75.19
CA ILE E 136 -25.75 -43.43 74.70
C ILE E 136 -24.84 -43.67 73.50
N PHE E 137 -24.82 -42.69 72.59
CA PHE E 137 -24.02 -42.73 71.37
C PHE E 137 -22.92 -41.68 71.53
N HIS E 138 -21.73 -42.16 71.83
CA HIS E 138 -20.57 -41.29 72.02
C HIS E 138 -20.08 -40.63 70.73
N ASP E 139 -20.33 -41.25 69.54
CA ASP E 139 -19.97 -40.79 68.19
C ASP E 139 -21.02 -39.87 67.55
N LEU E 140 -22.07 -39.52 68.29
CA LEU E 140 -23.16 -38.69 67.79
C LEU E 140 -22.66 -37.31 67.37
N PHE E 141 -23.21 -36.80 66.27
CA PHE E 141 -22.94 -35.43 65.87
C PHE E 141 -24.13 -34.85 65.10
N TYR E 142 -24.12 -33.54 64.94
CA TYR E 142 -25.23 -32.82 64.36
C TYR E 142 -24.78 -32.23 63.05
N ARG E 143 -25.61 -32.34 62.04
CA ARG E 143 -25.25 -31.78 60.75
C ARG E 143 -26.33 -30.84 60.34
N LEU E 144 -25.99 -29.56 60.27
CA LEU E 144 -26.92 -28.54 59.85
C LEU E 144 -26.47 -27.95 58.51
N GLU E 145 -27.43 -27.62 57.66
CA GLU E 145 -27.14 -26.84 56.47
C GLU E 145 -28.13 -25.72 56.43
N LEU E 146 -27.69 -24.58 55.93
CA LEU E 146 -28.57 -23.44 55.71
C LEU E 146 -28.69 -23.26 54.21
N HIS E 147 -29.85 -23.63 53.67
CA HIS E 147 -30.11 -23.59 52.23
C HIS E 147 -30.71 -22.23 51.85
N VAL E 148 -30.06 -21.56 50.89
CA VAL E 148 -30.54 -20.29 50.36
C VAL E 148 -31.17 -20.45 48.97
N ASN E 149 -30.50 -21.14 48.04
CA ASN E 149 -31.04 -21.45 46.73
C ASN E 149 -30.30 -22.67 46.19
N HIS E 150 -30.82 -23.22 45.07
CA HIS E 150 -30.29 -24.45 44.50
C HIS E 150 -28.79 -24.42 44.36
N THR E 151 -28.22 -23.24 44.16
CA THR E 151 -26.81 -23.06 43.82
C THR E 151 -25.96 -22.55 44.97
N TYR E 152 -26.54 -22.26 46.13
CA TYR E 152 -25.79 -21.73 47.28
C TYR E 152 -26.37 -22.34 48.56
N GLN E 153 -25.53 -23.06 49.31
CA GLN E 153 -25.91 -23.58 50.61
C GLN E 153 -24.73 -23.34 51.53
N MET E 154 -25.01 -23.20 52.82
CA MET E 154 -23.99 -23.07 53.87
C MET E 154 -24.08 -24.29 54.76
N HIS E 155 -22.94 -24.82 55.18
CA HIS E 155 -22.94 -26.03 56.00
C HIS E 155 -22.25 -25.78 57.32
N LEU E 156 -22.75 -26.42 58.38
CA LEU E 156 -22.08 -26.46 59.67
C LEU E 156 -22.19 -27.85 60.30
N GLU E 157 -21.14 -28.25 61.00
CA GLU E 157 -21.11 -29.56 61.64
C GLU E 157 -20.30 -29.46 62.91
N GLY E 158 -20.62 -30.35 63.85
CA GLY E 158 -19.89 -30.47 65.08
C GLY E 158 -20.69 -31.32 66.04
N LYS E 159 -20.10 -31.53 67.24
CA LYS E 159 -20.76 -32.16 68.38
C LYS E 159 -21.30 -31.16 69.40
N GLN E 160 -20.92 -29.88 69.32
CA GLN E 160 -21.39 -28.93 70.32
C GLN E 160 -22.88 -28.68 70.07
N ARG E 161 -23.51 -27.87 70.92
CA ARG E 161 -24.94 -27.65 70.84
C ARG E 161 -25.31 -26.27 70.34
N GLU E 162 -24.34 -25.43 70.02
CA GLU E 162 -24.55 -24.08 69.51
C GLU E 162 -23.92 -23.92 68.13
N TYR E 163 -24.69 -23.37 67.19
CA TYR E 163 -24.22 -23.10 65.83
C TYR E 163 -24.80 -21.75 65.38
N GLU E 164 -24.04 -21.04 64.55
CA GLU E 164 -24.51 -19.77 64.02
C GLU E 164 -24.03 -19.64 62.57
N PHE E 165 -24.96 -19.46 61.64
CA PHE E 165 -24.62 -19.21 60.24
C PHE E 165 -24.41 -17.70 60.13
N LEU E 166 -23.17 -17.28 59.98
CA LEU E 166 -22.87 -15.86 59.98
C LEU E 166 -22.90 -15.29 58.56
N GLY E 167 -23.03 -13.97 58.45
CA GLY E 167 -22.80 -13.32 57.16
C GLY E 167 -23.93 -13.31 56.15
N LEU E 168 -25.18 -13.27 56.58
CA LEU E 168 -26.34 -13.28 55.70
C LEU E 168 -26.92 -11.89 55.49
N THR E 169 -27.67 -11.78 54.53
CA THR E 169 -28.27 -10.46 54.40
C THR E 169 -29.52 -10.33 55.27
N PRO E 170 -29.76 -9.16 55.84
CA PRO E 170 -30.97 -8.97 56.65
C PRO E 170 -32.22 -9.15 55.82
N ASP E 171 -33.32 -9.50 56.51
CA ASP E 171 -34.66 -9.62 55.93
C ASP E 171 -34.71 -10.62 54.75
N THR E 172 -33.94 -11.70 54.86
CA THR E 172 -33.93 -12.75 53.84
C THR E 172 -34.45 -14.07 54.39
N GLU E 173 -35.13 -14.83 53.52
CA GLU E 173 -35.73 -16.10 53.89
C GLU E 173 -34.71 -17.22 53.71
N PHE E 174 -34.56 -18.06 54.74
CA PHE E 174 -33.63 -19.19 54.66
C PHE E 174 -34.32 -20.47 55.15
N LEU E 175 -33.74 -21.60 54.77
CA LEU E 175 -34.28 -22.89 55.16
C LEU E 175 -33.19 -23.65 55.91
N GLY E 176 -33.42 -23.93 57.19
CA GLY E 176 -32.44 -24.65 58.01
C GLY E 176 -32.86 -26.09 58.29
N SER E 177 -31.88 -27.00 58.23
CA SER E 177 -32.09 -28.40 58.56
C SER E 177 -31.04 -28.83 59.55
N ILE E 178 -31.47 -29.57 60.57
CA ILE E 178 -30.55 -30.21 61.48
C ILE E 178 -30.94 -31.68 61.58
N THR E 179 -29.98 -32.56 61.31
CA THR E 179 -30.16 -34.00 61.38
C THR E 179 -29.11 -34.53 62.34
N ILE E 180 -29.50 -35.58 63.10
CA ILE E 180 -28.62 -36.33 64.00
C ILE E 180 -28.08 -37.54 63.26
N LEU E 181 -26.76 -37.75 63.32
CA LEU E 181 -26.18 -38.95 62.73
C LEU E 181 -25.25 -39.65 63.73
N THR E 182 -25.35 -40.98 63.81
CA THR E 182 -24.47 -41.78 64.67
C THR E 182 -23.78 -42.76 63.76
N PRO E 183 -22.53 -42.48 63.39
CA PRO E 183 -21.92 -43.23 62.28
C PRO E 183 -21.67 -44.69 62.59
N ILE E 184 -21.30 -45.01 63.84
CA ILE E 184 -20.89 -46.36 64.18
C ILE E 184 -22.00 -47.39 63.95
N LEU E 185 -23.24 -47.07 64.33
CA LEU E 185 -24.40 -47.94 64.07
C LEU E 185 -25.13 -47.59 62.76
N SER E 186 -24.55 -46.73 61.92
CA SER E 186 -25.13 -46.31 60.64
C SER E 186 -26.56 -45.79 60.82
N LYS E 187 -26.80 -45.07 61.90
CA LYS E 187 -28.11 -44.50 62.19
C LYS E 187 -28.15 -43.01 61.78
N GLU E 188 -29.28 -42.58 61.25
CA GLU E 188 -29.45 -41.18 60.87
C GLU E 188 -30.87 -40.71 61.14
N SER E 189 -31.01 -39.65 61.92
CA SER E 189 -32.34 -39.14 62.18
C SER E 189 -32.87 -38.45 60.93
N ALA E 190 -34.19 -38.30 60.87
CA ALA E 190 -34.81 -37.37 59.95
C ALA E 190 -34.47 -35.93 60.35
N PRO E 191 -34.55 -34.98 59.42
CA PRO E 191 -34.17 -33.61 59.74
C PRO E 191 -35.23 -32.88 60.53
N TYR E 192 -34.76 -31.99 61.41
CA TYR E 192 -35.52 -30.85 61.92
C TYR E 192 -35.37 -29.67 60.98
N VAL E 193 -36.47 -29.00 60.62
CA VAL E 193 -36.43 -28.00 59.55
C VAL E 193 -36.95 -26.64 60.04
N CYS E 194 -36.12 -25.62 59.90
CA CYS E 194 -36.52 -24.26 60.24
C CYS E 194 -36.65 -23.46 58.96
N ARG E 195 -37.82 -22.87 58.73
CA ARG E 195 -37.96 -21.79 57.74
C ARG E 195 -37.90 -20.47 58.51
N VAL E 196 -36.76 -19.78 58.40
CA VAL E 196 -36.52 -18.56 59.16
C VAL E 196 -36.17 -17.39 58.25
N LYS E 197 -36.34 -16.21 58.79
CA LYS E 197 -36.10 -14.98 58.05
C LYS E 197 -35.26 -14.09 58.93
N THR E 198 -34.07 -13.74 58.45
CA THR E 198 -33.22 -12.85 59.21
C THR E 198 -33.91 -11.53 59.45
N LEU E 199 -33.62 -10.95 60.60
CA LEU E 199 -34.30 -9.73 61.02
C LEU E 199 -33.82 -8.55 60.18
N PRO E 200 -34.67 -7.56 59.98
CA PRO E 200 -34.27 -6.37 59.20
C PRO E 200 -33.42 -5.44 60.05
N ASP E 201 -32.90 -4.41 59.40
CA ASP E 201 -32.28 -3.36 60.20
C ASP E 201 -32.65 -1.96 59.69
N ARG F 6 -1.92 -56.82 77.33
CA ARG F 6 -2.50 -57.87 78.16
C ARG F 6 -3.57 -58.72 77.43
N CYS F 7 -4.72 -58.97 78.07
CA CYS F 7 -5.83 -59.66 77.43
C CYS F 7 -6.96 -58.68 77.13
N LYS F 8 -6.60 -57.43 76.82
CA LYS F 8 -7.61 -56.45 76.47
C LYS F 8 -7.11 -55.70 75.24
N LEU F 9 -8.03 -55.40 74.32
CA LEU F 9 -7.77 -54.63 73.10
C LEU F 9 -8.42 -53.24 73.14
N HIS F 10 -8.22 -52.50 72.04
CA HIS F 10 -8.76 -51.17 71.86
C HIS F 10 -10.18 -51.21 71.28
N VAL F 11 -10.95 -50.16 71.60
CA VAL F 11 -12.31 -50.02 71.08
C VAL F 11 -12.34 -49.93 69.55
N ARG F 12 -11.26 -49.47 68.92
CA ARG F 12 -11.28 -49.26 67.48
C ARG F 12 -11.76 -50.49 66.72
N ASN F 13 -11.53 -51.69 67.25
CA ASN F 13 -11.96 -52.90 66.57
C ASN F 13 -13.49 -53.02 66.46
N PHE F 14 -14.26 -52.35 67.31
CA PHE F 14 -15.72 -52.46 67.28
C PHE F 14 -16.39 -51.17 66.82
N GLN F 15 -15.63 -50.23 66.24
CA GLN F 15 -16.15 -48.91 65.92
C GLN F 15 -16.03 -48.55 64.43
N SER F 16 -15.80 -49.53 63.55
CA SER F 16 -15.77 -49.24 62.13
C SER F 16 -17.19 -49.37 61.57
N PRO F 17 -17.79 -48.28 61.11
CA PRO F 17 -19.18 -48.37 60.61
C PRO F 17 -19.37 -49.41 59.52
N TYR F 18 -18.35 -49.63 58.68
CA TYR F 18 -18.43 -50.64 57.64
C TYR F 18 -18.47 -52.05 58.20
N ILE F 19 -17.53 -52.37 59.09
CA ILE F 19 -17.48 -53.74 59.53
C ILE F 19 -18.70 -54.10 60.32
N VAL F 20 -19.17 -53.19 61.19
CA VAL F 20 -20.29 -53.59 62.01
C VAL F 20 -21.52 -53.74 61.14
N ASN F 21 -21.69 -52.82 60.17
CA ASN F 21 -22.85 -52.90 59.30
C ASN F 21 -22.91 -54.26 58.61
N ARG F 22 -21.77 -54.80 58.17
CA ARG F 22 -21.85 -56.10 57.51
C ARG F 22 -22.08 -57.19 58.54
N THR F 23 -21.37 -57.11 59.66
CA THR F 23 -21.51 -58.14 60.67
C THR F 23 -22.94 -58.24 61.12
N PHE F 24 -23.60 -57.09 61.28
CA PHE F 24 -24.98 -57.14 61.76
C PHE F 24 -25.95 -57.55 60.67
N MET F 25 -25.64 -57.25 59.40
CA MET F 25 -26.47 -57.73 58.29
C MET F 25 -26.32 -59.23 58.12
N LEU F 26 -25.13 -59.75 58.41
CA LEU F 26 -24.93 -61.19 58.36
C LEU F 26 -25.78 -61.90 59.40
N ALA F 27 -25.76 -61.40 60.64
CA ALA F 27 -26.53 -62.00 61.72
C ALA F 27 -28.05 -61.87 61.55
N LYS F 28 -28.54 -60.78 60.96
CA LYS F 28 -30.00 -60.66 60.77
C LYS F 28 -30.54 -61.64 59.72
N GLU F 29 -29.81 -61.84 58.60
CA GLU F 29 -30.29 -62.73 57.54
C GLU F 29 -30.36 -64.19 58.02
N ALA F 30 -29.44 -64.60 58.87
CA ALA F 30 -29.52 -65.96 59.40
C ALA F 30 -30.65 -66.09 60.41
N SER F 31 -30.88 -65.02 61.19
CA SER F 31 -31.86 -65.06 62.27
C SER F 31 -33.28 -65.19 61.73
N LEU F 32 -33.54 -64.73 60.50
CA LEU F 32 -34.87 -64.89 59.92
C LEU F 32 -35.26 -66.35 59.77
N ALA F 33 -34.31 -67.23 59.49
CA ALA F 33 -34.58 -68.65 59.32
C ALA F 33 -34.47 -69.45 60.62
N ASP F 34 -34.42 -68.78 61.78
CA ASP F 34 -34.21 -69.43 63.07
C ASP F 34 -35.45 -69.20 63.93
N GLN F 35 -36.31 -70.22 64.02
CA GLN F 35 -37.57 -70.10 64.77
C GLN F 35 -37.46 -70.67 66.18
N ASN F 36 -36.25 -70.95 66.64
CA ASN F 36 -36.03 -71.58 67.94
C ASN F 36 -35.75 -70.49 68.97
N THR F 37 -36.82 -69.94 69.55
CA THR F 37 -36.67 -68.92 70.57
C THR F 37 -36.24 -69.46 71.92
N ASP F 38 -36.32 -70.78 72.12
CA ASP F 38 -36.11 -71.38 73.44
C ASP F 38 -34.62 -71.56 73.76
N VAL F 39 -33.77 -71.68 72.74
CA VAL F 39 -32.34 -71.90 72.93
C VAL F 39 -31.55 -70.70 72.39
N ARG F 40 -30.68 -70.14 73.22
CA ARG F 40 -29.87 -68.97 72.87
C ARG F 40 -28.42 -69.29 73.14
N LEU F 41 -27.58 -69.16 72.11
CA LEU F 41 -26.21 -69.65 72.18
C LEU F 41 -25.32 -68.78 73.06
N ILE F 42 -25.11 -67.53 72.65
CA ILE F 42 -24.26 -66.62 73.39
C ILE F 42 -25.24 -65.92 74.34
N GLY F 43 -25.47 -66.53 75.50
CA GLY F 43 -26.44 -66.00 76.42
C GLY F 43 -26.00 -66.20 77.84
N GLU F 44 -26.89 -65.94 78.81
CA GLU F 44 -26.50 -66.07 80.21
C GLU F 44 -26.13 -67.50 80.59
N LYS F 45 -26.63 -68.49 79.85
CA LYS F 45 -26.16 -69.86 80.07
C LYS F 45 -24.68 -69.99 79.76
N LEU F 46 -24.16 -69.12 78.88
CA LEU F 46 -22.74 -69.13 78.52
C LEU F 46 -21.84 -68.44 79.55
N PHE F 47 -22.35 -67.42 80.27
CA PHE F 47 -21.52 -66.62 81.17
C PHE F 47 -21.61 -67.06 82.63
N ARG F 48 -22.16 -68.25 82.90
CA ARG F 48 -22.36 -68.74 84.27
C ARG F 48 -21.01 -69.14 84.90
N GLY F 49 -20.57 -68.37 85.88
CA GLY F 49 -19.34 -68.59 86.63
C GLY F 49 -18.03 -68.22 85.97
N VAL F 50 -17.98 -67.05 85.33
CA VAL F 50 -16.77 -66.54 84.70
C VAL F 50 -16.52 -65.10 85.14
N SER F 51 -15.50 -64.89 85.99
CA SER F 51 -15.04 -63.56 86.38
C SER F 51 -14.93 -62.62 85.18
N ALA F 52 -15.02 -61.32 85.44
CA ALA F 52 -15.01 -60.33 84.36
C ALA F 52 -13.65 -60.23 83.66
N LYS F 53 -12.55 -60.18 84.44
CA LYS F 53 -11.24 -60.12 83.79
C LYS F 53 -10.98 -61.38 82.96
N ASP F 54 -11.70 -62.45 83.26
CA ASP F 54 -11.61 -63.70 82.52
C ASP F 54 -12.63 -63.86 81.41
N GLN F 55 -13.57 -62.92 81.26
CA GLN F 55 -14.61 -63.09 80.26
C GLN F 55 -14.06 -62.99 78.85
N CYS F 56 -12.98 -62.20 78.68
CA CYS F 56 -12.37 -62.05 77.36
C CYS F 56 -11.78 -63.37 76.88
N TYR F 57 -11.13 -64.14 77.76
CA TYR F 57 -10.70 -65.49 77.36
C TYR F 57 -11.89 -66.34 76.94
N LEU F 58 -13.00 -66.24 77.69
CA LEU F 58 -14.21 -67.00 77.38
C LEU F 58 -14.71 -66.70 75.97
N MET F 59 -14.78 -65.41 75.61
CA MET F 59 -15.23 -65.04 74.27
C MET F 59 -14.18 -65.35 73.21
N LYS F 60 -12.90 -65.35 73.56
CA LYS F 60 -11.85 -65.74 72.61
C LYS F 60 -11.95 -67.22 72.23
N GLN F 61 -12.30 -68.08 73.19
CA GLN F 61 -12.43 -69.50 72.94
C GLN F 61 -13.70 -69.79 72.14
N VAL F 62 -14.77 -69.05 72.43
CA VAL F 62 -16.02 -69.13 71.68
C VAL F 62 -15.80 -68.62 70.25
N LEU F 63 -14.95 -67.60 70.10
CA LEU F 63 -14.65 -67.06 68.78
C LEU F 63 -13.91 -68.08 67.92
N GLN F 64 -12.92 -68.76 68.49
CA GLN F 64 -12.22 -69.77 67.71
C GLN F 64 -13.11 -70.95 67.33
N PHE F 65 -14.06 -71.32 68.17
CA PHE F 65 -14.98 -72.39 67.79
C PHE F 65 -15.85 -71.98 66.61
N THR F 66 -16.46 -70.79 66.70
CA THR F 66 -17.30 -70.30 65.60
C THR F 66 -16.51 -70.08 64.32
N LEU F 67 -15.26 -69.66 64.41
CA LEU F 67 -14.47 -69.51 63.19
C LEU F 67 -14.15 -70.86 62.59
N GLU F 68 -13.79 -71.83 63.43
CA GLU F 68 -13.30 -73.10 62.91
C GLU F 68 -14.44 -74.01 62.45
N ASP F 69 -15.57 -74.00 63.15
CA ASP F 69 -16.57 -75.05 62.96
C ASP F 69 -17.84 -74.66 62.22
N VAL F 70 -18.18 -73.38 62.12
CA VAL F 70 -19.43 -72.99 61.47
C VAL F 70 -19.19 -72.05 60.30
N LEU F 71 -18.34 -71.05 60.47
CA LEU F 71 -18.28 -70.02 59.42
C LEU F 71 -17.29 -70.36 58.32
N LEU F 72 -16.08 -70.73 58.70
CA LEU F 72 -15.02 -71.10 57.78
C LEU F 72 -15.31 -72.38 57.01
N PRO F 73 -15.90 -73.43 57.60
CA PRO F 73 -16.11 -74.67 56.82
C PRO F 73 -16.99 -74.47 55.61
N GLN F 74 -17.80 -73.41 55.57
CA GLN F 74 -18.62 -73.15 54.40
C GLN F 74 -18.86 -71.64 54.25
N SER F 75 -17.88 -70.96 53.63
CA SER F 75 -17.94 -69.52 53.37
C SER F 75 -18.78 -69.19 52.16
N ASP F 76 -19.44 -70.18 51.55
CA ASP F 76 -20.10 -70.03 50.26
C ASP F 76 -21.53 -69.52 50.33
N ARG F 77 -22.21 -69.71 51.46
CA ARG F 77 -23.58 -69.24 51.59
C ARG F 77 -23.60 -67.95 52.40
N PHE F 78 -24.81 -67.37 52.50
CA PHE F 78 -25.00 -66.05 53.12
C PHE F 78 -24.09 -64.98 52.51
N GLN F 79 -23.69 -65.11 51.25
CA GLN F 79 -22.88 -64.02 50.68
C GLN F 79 -23.82 -62.83 50.43
N PRO F 80 -23.28 -61.67 50.00
CA PRO F 80 -21.89 -61.19 50.04
C PRO F 80 -21.30 -60.86 51.42
N TYR F 81 -22.03 -61.06 52.51
CA TYR F 81 -21.50 -60.56 53.79
C TYR F 81 -20.39 -61.46 54.34
N MET F 82 -20.55 -62.78 54.22
CA MET F 82 -19.53 -63.70 54.73
C MET F 82 -18.14 -63.34 54.27
N TRP F 83 -18.02 -62.90 53.01
CA TRP F 83 -16.71 -62.66 52.45
C TRP F 83 -15.91 -61.63 53.26
N GLU F 84 -16.56 -60.55 53.73
CA GLU F 84 -15.88 -59.51 54.50
C GLU F 84 -15.96 -59.71 56.01
N VAL F 85 -16.95 -60.44 56.52
CA VAL F 85 -17.10 -60.52 57.98
C VAL F 85 -16.09 -61.51 58.57
N VAL F 86 -15.97 -62.73 58.01
CA VAL F 86 -15.08 -63.75 58.63
C VAL F 86 -13.60 -63.34 58.62
N PRO F 87 -13.06 -62.63 57.61
CA PRO F 87 -11.66 -62.20 57.75
C PRO F 87 -11.45 -61.24 58.90
N PHE F 88 -12.44 -60.37 59.16
CA PHE F 88 -12.36 -59.44 60.28
C PHE F 88 -12.40 -60.16 61.61
N LEU F 89 -13.28 -61.17 61.74
CA LEU F 89 -13.29 -61.99 62.94
C LEU F 89 -11.99 -62.79 63.11
N THR F 90 -11.35 -63.25 62.02
CA THR F 90 -10.00 -63.85 62.17
C THR F 90 -8.99 -62.79 62.61
N LYS F 91 -9.12 -61.56 62.09
CA LYS F 91 -8.24 -60.46 62.47
C LYS F 91 -8.31 -60.19 63.97
N LEU F 92 -9.43 -60.53 64.58
CA LEU F 92 -9.72 -60.37 66.00
C LEU F 92 -9.24 -61.55 66.83
N SER F 93 -9.33 -62.77 66.29
CA SER F 93 -8.83 -63.95 66.98
C SER F 93 -7.32 -63.93 67.11
N ASN F 94 -6.63 -63.41 66.11
CA ASN F 94 -5.17 -63.37 66.14
C ASN F 94 -4.66 -62.28 67.08
N LYS F 95 -5.41 -61.19 67.25
CA LYS F 95 -5.02 -60.19 68.23
C LYS F 95 -5.06 -60.76 69.65
N LEU F 96 -5.90 -61.78 69.88
CA LEU F 96 -6.13 -62.38 71.18
C LEU F 96 -5.26 -63.59 71.45
N SER F 97 -4.29 -63.90 70.56
CA SER F 97 -3.44 -65.06 70.74
C SER F 97 -2.62 -64.94 72.01
N SER F 98 -2.24 -63.71 72.37
CA SER F 98 -1.51 -63.39 73.60
C SER F 98 -2.42 -63.35 74.82
N CYS F 99 -3.68 -63.76 74.68
CA CYS F 99 -4.63 -63.84 75.79
C CYS F 99 -4.69 -65.27 76.34
N HIS F 100 -4.53 -65.40 77.66
CA HIS F 100 -4.62 -66.69 78.34
C HIS F 100 -5.10 -66.44 79.77
N ILE F 101 -6.04 -67.25 80.22
CA ILE F 101 -6.72 -67.00 81.50
C ILE F 101 -5.82 -67.36 82.66
N SER F 102 -5.60 -66.40 83.55
CA SER F 102 -4.96 -66.72 84.80
C SER F 102 -5.99 -67.41 85.69
N GLY F 103 -5.52 -68.36 86.49
CA GLY F 103 -6.36 -69.08 87.41
C GLY F 103 -7.11 -70.25 86.79
N ASP F 104 -7.78 -71.01 87.66
CA ASP F 104 -8.51 -72.20 87.24
C ASP F 104 -9.85 -71.79 86.66
N ASP F 105 -10.02 -72.00 85.36
CA ASP F 105 -11.34 -71.84 84.76
C ASP F 105 -11.70 -73.12 84.02
N GLN F 106 -11.96 -74.18 84.82
CA GLN F 106 -12.32 -75.48 84.27
C GLN F 106 -13.75 -75.44 83.73
N ASN F 107 -14.61 -74.60 84.32
CA ASN F 107 -15.99 -74.45 83.87
C ASN F 107 -16.11 -73.55 82.64
N ILE F 108 -15.16 -72.63 82.42
CA ILE F 108 -15.16 -71.84 81.19
C ILE F 108 -15.10 -72.76 79.99
N GLN F 109 -14.22 -73.76 80.05
CA GLN F 109 -14.15 -74.77 79.01
C GLN F 109 -15.40 -75.63 78.97
N LYS F 110 -16.03 -75.85 80.14
CA LYS F 110 -17.26 -76.64 80.21
C LYS F 110 -18.45 -75.96 79.56
N ASN F 111 -18.52 -74.61 79.60
CA ASN F 111 -19.60 -73.89 78.92
C ASN F 111 -19.37 -73.82 77.43
N VAL F 112 -18.13 -73.55 76.98
CA VAL F 112 -17.85 -73.53 75.54
C VAL F 112 -18.06 -74.93 74.97
N ARG F 113 -17.87 -75.98 75.80
CA ARG F 113 -18.17 -77.34 75.36
C ARG F 113 -19.66 -77.53 75.15
N ARG F 114 -20.46 -77.17 76.14
CA ARG F 114 -21.90 -77.24 75.98
C ARG F 114 -22.36 -76.32 74.86
N LEU F 115 -21.58 -75.29 74.55
CA LEU F 115 -21.91 -74.48 73.38
C LEU F 115 -21.75 -75.30 72.10
N LYS F 116 -20.56 -75.87 71.87
CA LYS F 116 -20.41 -76.69 70.67
C LYS F 116 -21.29 -77.91 70.68
N GLU F 117 -21.77 -78.32 71.87
CA GLU F 117 -22.66 -79.46 71.95
C GLU F 117 -24.05 -79.12 71.42
N THR F 118 -24.54 -77.94 71.75
CA THR F 118 -25.89 -77.55 71.36
C THR F 118 -26.00 -77.37 69.83
N VAL F 119 -24.97 -76.79 69.20
CA VAL F 119 -25.03 -76.54 67.76
C VAL F 119 -25.09 -77.86 66.99
N LYS F 120 -24.38 -78.87 67.48
CA LYS F 120 -24.41 -80.18 66.84
C LYS F 120 -25.61 -81.02 67.25
N LYS F 121 -26.24 -80.70 68.38
CA LYS F 121 -27.50 -81.33 68.74
C LYS F 121 -28.64 -80.89 67.82
N LEU F 122 -28.50 -79.74 67.15
CA LEU F 122 -29.54 -79.24 66.24
C LEU F 122 -29.11 -79.33 64.77
N GLY F 123 -28.04 -80.06 64.48
CA GLY F 123 -27.55 -80.16 63.11
C GLY F 123 -27.53 -78.84 62.35
N GLU F 124 -28.23 -78.79 61.22
CA GLU F 124 -28.22 -77.60 60.37
C GLU F 124 -28.83 -76.41 61.10
N SER F 125 -29.87 -76.66 61.90
CA SER F 125 -30.49 -75.58 62.67
C SER F 125 -29.52 -74.97 63.68
N GLY F 126 -28.61 -75.77 64.23
CA GLY F 126 -27.63 -75.23 65.17
C GLY F 126 -26.62 -74.30 64.53
N GLU F 127 -26.24 -74.54 63.28
CA GLU F 127 -25.26 -73.68 62.63
C GLU F 127 -25.86 -72.33 62.21
N ILE F 128 -27.12 -72.33 61.74
CA ILE F 128 -27.75 -71.08 61.33
C ILE F 128 -28.03 -70.19 62.54
N LYS F 129 -28.28 -70.76 63.72
CA LYS F 129 -28.48 -69.92 64.89
C LYS F 129 -27.21 -69.13 65.20
N ALA F 130 -26.04 -69.81 65.14
CA ALA F 130 -24.76 -69.16 65.42
C ALA F 130 -24.49 -68.01 64.44
N ILE F 131 -24.81 -68.21 63.17
CA ILE F 131 -24.64 -67.14 62.21
C ILE F 131 -25.64 -66.03 62.50
N GLY F 132 -26.86 -66.39 62.89
CA GLY F 132 -27.84 -65.41 63.32
C GLY F 132 -27.47 -64.71 64.61
N GLU F 133 -26.55 -65.29 65.38
CA GLU F 133 -26.08 -64.71 66.63
C GLU F 133 -24.70 -64.07 66.50
N LEU F 134 -24.21 -63.85 65.28
CA LEU F 134 -22.94 -63.15 65.15
C LEU F 134 -23.03 -61.71 65.66
N ASP F 135 -24.22 -61.12 65.76
CA ASP F 135 -24.30 -59.82 66.45
C ASP F 135 -24.02 -59.97 67.94
N LEU F 136 -24.63 -60.98 68.59
CA LEU F 136 -24.33 -61.28 69.99
C LEU F 136 -22.83 -61.58 70.20
N LEU F 137 -22.19 -62.30 69.27
CA LEU F 137 -20.76 -62.56 69.40
C LEU F 137 -19.97 -61.27 69.37
N PHE F 138 -20.19 -60.45 68.32
CA PHE F 138 -19.51 -59.17 68.17
C PHE F 138 -19.67 -58.31 69.42
N MET F 139 -20.89 -58.21 69.94
CA MET F 139 -21.06 -57.30 71.06
C MET F 139 -20.51 -57.92 72.36
N SER F 140 -20.66 -59.23 72.55
CA SER F 140 -20.06 -59.84 73.73
C SER F 140 -18.55 -59.74 73.69
N LEU F 141 -17.97 -59.81 72.49
CA LEU F 141 -16.54 -59.54 72.37
C LEU F 141 -16.22 -58.10 72.71
N ARG F 142 -17.12 -57.19 72.43
CA ARG F 142 -16.83 -55.82 72.82
C ARG F 142 -16.81 -55.70 74.34
N ASN F 143 -17.90 -56.11 74.98
CA ASN F 143 -18.04 -55.86 76.41
C ASN F 143 -17.02 -56.62 77.24
N ALA F 144 -16.49 -57.73 76.72
CA ALA F 144 -15.55 -58.55 77.46
C ALA F 144 -14.09 -58.12 77.27
N CYS F 145 -13.74 -57.52 76.13
CA CYS F 145 -12.34 -57.25 75.86
C CYS F 145 -11.98 -55.75 75.79
N VAL F 146 -12.88 -54.84 76.11
CA VAL F 146 -12.46 -53.46 76.24
C VAL F 146 -13.16 -52.92 77.47
N MET G 1 16.84 -71.21 32.40
CA MET G 1 15.65 -70.81 33.12
C MET G 1 15.20 -69.44 32.63
N ILE G 2 14.07 -68.95 33.14
CA ILE G 2 13.49 -67.68 32.74
C ILE G 2 13.54 -66.73 33.92
N PRO G 3 13.96 -65.48 33.73
CA PRO G 3 14.07 -64.57 34.86
C PRO G 3 12.69 -64.13 35.32
N PRO G 4 12.50 -63.94 36.61
CA PRO G 4 11.17 -63.65 37.14
C PRO G 4 10.78 -62.21 36.84
N PRO G 5 9.52 -61.82 37.10
CA PRO G 5 9.14 -60.41 36.88
C PRO G 5 9.96 -59.49 37.76
N GLU G 6 10.27 -58.31 37.23
CA GLU G 6 11.13 -57.38 37.94
C GLU G 6 10.30 -56.26 38.58
N LYS G 7 10.82 -55.71 39.68
CA LYS G 7 10.16 -54.62 40.40
C LYS G 7 8.72 -54.97 40.75
N VAL G 8 8.48 -56.18 41.25
CA VAL G 8 7.12 -56.59 41.59
C VAL G 8 6.66 -55.81 42.83
N ARG G 9 5.53 -55.09 42.69
CA ARG G 9 5.00 -54.22 43.74
C ARG G 9 3.47 -54.21 43.65
N MET G 10 2.83 -54.07 44.81
CA MET G 10 1.38 -53.92 44.91
C MET G 10 1.08 -52.43 45.07
N ASN G 11 0.59 -51.80 44.01
CA ASN G 11 0.17 -50.41 44.12
C ASN G 11 -1.31 -50.40 44.50
N SER G 12 -1.60 -50.00 45.74
CA SER G 12 -2.92 -50.04 46.33
C SER G 12 -3.29 -48.64 46.81
N VAL G 13 -4.34 -48.06 46.22
CA VAL G 13 -4.87 -46.77 46.64
C VAL G 13 -6.39 -46.88 46.75
N ASN G 14 -6.94 -46.42 47.87
CA ASN G 14 -8.38 -46.50 48.13
C ASN G 14 -8.91 -47.93 47.93
N PHE G 15 -8.14 -48.91 48.42
CA PHE G 15 -8.48 -50.33 48.40
C PHE G 15 -8.61 -50.87 46.98
N LYS G 16 -8.03 -50.17 46.01
CA LYS G 16 -7.87 -50.66 44.64
C LYS G 16 -6.48 -51.31 44.55
N ASN G 17 -6.45 -52.63 44.67
CA ASN G 17 -5.20 -53.38 44.81
C ASN G 17 -4.77 -53.89 43.43
N ILE G 18 -3.71 -53.32 42.89
CA ILE G 18 -3.21 -53.67 41.57
C ILE G 18 -1.74 -54.02 41.66
N LEU G 19 -1.40 -55.24 41.26
CA LEU G 19 -0.03 -55.73 41.18
C LEU G 19 0.65 -55.21 39.91
N GLN G 20 1.83 -54.59 40.07
CA GLN G 20 2.57 -53.99 38.96
C GLN G 20 3.98 -54.52 38.92
N TRP G 21 4.50 -54.74 37.72
CA TRP G 21 5.90 -55.11 37.57
C TRP G 21 6.39 -54.53 36.25
N GLU G 22 7.68 -54.74 35.97
CA GLU G 22 8.26 -54.35 34.69
C GLU G 22 8.76 -55.59 33.96
N VAL G 23 8.67 -55.50 32.65
CA VAL G 23 8.99 -56.62 31.76
C VAL G 23 10.49 -56.92 31.85
N PRO G 24 10.89 -58.20 32.03
CA PRO G 24 12.30 -58.54 32.32
C PRO G 24 13.23 -58.35 31.14
N ALA G 25 14.52 -58.60 31.38
CA ALA G 25 15.57 -58.55 30.37
C ALA G 25 15.46 -59.66 29.30
N PHE G 26 14.43 -60.51 29.36
CA PHE G 26 14.20 -61.58 28.41
C PHE G 26 13.08 -61.12 27.49
N PRO G 27 13.36 -60.27 26.50
CA PRO G 27 12.27 -59.66 25.73
C PRO G 27 11.61 -60.61 24.73
N LYS G 28 11.44 -61.87 25.09
CA LYS G 28 10.72 -62.77 24.21
C LYS G 28 9.24 -62.39 24.28
N THR G 29 8.64 -62.19 23.13
CA THR G 29 7.28 -61.68 23.14
C THR G 29 6.25 -62.73 23.53
N GLN G 30 6.69 -63.98 23.73
CA GLN G 30 5.83 -65.06 24.20
C GLN G 30 5.81 -65.18 25.72
N LEU G 31 6.13 -64.11 26.43
CA LEU G 31 6.33 -64.19 27.87
C LEU G 31 5.04 -63.77 28.57
N THR G 32 4.41 -64.72 29.27
CA THR G 32 3.20 -64.47 30.04
C THR G 32 3.46 -64.64 31.54
N PHE G 33 2.49 -64.22 32.35
CA PHE G 33 2.63 -64.19 33.80
C PHE G 33 1.40 -64.80 34.46
N THR G 34 1.59 -65.33 35.68
CA THR G 34 0.51 -65.95 36.45
C THR G 34 0.53 -65.42 37.87
N ALA G 35 -0.63 -64.92 38.34
CA ALA G 35 -0.75 -64.31 39.67
C ALA G 35 -1.79 -65.06 40.51
N GLN G 36 -1.47 -65.33 41.77
CA GLN G 36 -2.39 -66.04 42.65
C GLN G 36 -2.34 -65.49 44.08
N TYR G 37 -3.39 -65.78 44.85
CA TYR G 37 -3.42 -65.51 46.29
C TYR G 37 -3.86 -66.76 47.06
N GLU G 38 -3.42 -66.85 48.31
CA GLU G 38 -3.73 -68.00 49.16
C GLU G 38 -5.02 -67.76 49.93
N SER G 39 -6.00 -68.61 49.69
CA SER G 39 -7.28 -68.56 50.38
C SER G 39 -7.38 -69.84 51.19
N TYR G 40 -7.21 -69.71 52.51
CA TYR G 40 -7.18 -70.82 53.46
C TYR G 40 -5.93 -71.65 53.27
N ARG G 41 -6.03 -72.94 52.94
CA ARG G 41 -4.84 -73.79 52.96
C ARG G 41 -3.92 -73.57 51.76
N SER G 42 -4.48 -73.41 50.56
CA SER G 42 -3.67 -73.36 49.36
C SER G 42 -3.91 -72.09 48.55
N PHE G 43 -3.02 -71.89 47.57
CA PHE G 43 -3.05 -70.75 46.66
C PHE G 43 -4.08 -70.99 45.55
N GLN G 44 -4.74 -69.91 45.11
CA GLN G 44 -5.79 -69.97 44.09
C GLN G 44 -5.43 -69.10 42.91
N ASP G 45 -5.58 -69.65 41.69
CA ASP G 45 -5.36 -68.89 40.47
C ASP G 45 -6.31 -67.70 40.37
N HIS G 46 -5.75 -66.57 39.97
CA HIS G 46 -6.54 -65.38 39.69
C HIS G 46 -6.33 -64.82 38.28
N CYS G 47 -5.08 -64.60 37.88
CA CYS G 47 -4.71 -64.28 36.51
C CYS G 47 -3.88 -65.45 35.97
N LYS G 48 -4.37 -66.10 34.92
CA LYS G 48 -3.71 -67.25 34.29
C LYS G 48 -3.22 -66.90 32.89
N ARG G 49 -1.91 -66.95 32.71
CA ARG G 49 -1.24 -66.75 31.41
C ARG G 49 -1.64 -65.45 30.71
N THR G 50 -1.47 -64.31 31.39
CA THR G 50 -1.73 -63.00 30.79
C THR G 50 -0.43 -62.39 30.26
N ALA G 51 -0.55 -61.63 29.17
CA ALA G 51 0.56 -60.86 28.60
C ALA G 51 0.73 -59.51 29.26
N SER G 52 -0.17 -59.14 30.17
CA SER G 52 -0.21 -57.80 30.74
C SER G 52 0.81 -57.66 31.85
N THR G 53 1.08 -56.40 32.21
CA THR G 53 2.00 -56.12 33.31
C THR G 53 1.27 -55.73 34.61
N GLN G 54 0.02 -56.16 34.77
CA GLN G 54 -0.74 -55.89 36.00
C GLN G 54 -1.81 -56.96 36.18
N CYS G 55 -2.28 -57.10 37.43
CA CYS G 55 -3.37 -58.00 37.80
C CYS G 55 -4.22 -57.37 38.90
N ASP G 56 -5.54 -57.41 38.73
CA ASP G 56 -6.45 -56.78 39.69
C ASP G 56 -6.73 -57.71 40.86
N PHE G 57 -6.40 -57.26 42.06
CA PHE G 57 -6.67 -58.00 43.28
C PHE G 57 -7.60 -57.19 44.20
N SER G 58 -8.48 -56.36 43.62
CA SER G 58 -9.35 -55.50 44.41
C SER G 58 -10.52 -56.25 45.06
N HIS G 59 -10.78 -57.48 44.63
CA HIS G 59 -11.82 -58.32 45.21
C HIS G 59 -11.40 -58.93 46.53
N LEU G 60 -10.15 -58.72 46.95
CA LEU G 60 -9.69 -59.26 48.21
C LEU G 60 -10.40 -58.56 49.36
N SER G 61 -10.65 -59.31 50.42
CA SER G 61 -11.32 -58.77 51.59
C SER G 61 -10.46 -57.69 52.24
N LYS G 62 -11.13 -56.70 52.82
CA LYS G 62 -10.42 -55.57 53.39
C LYS G 62 -9.57 -56.00 54.57
N TYR G 63 -10.12 -56.84 55.45
CA TYR G 63 -9.45 -57.23 56.68
C TYR G 63 -8.62 -58.53 56.56
N GLY G 64 -8.51 -59.09 55.35
CA GLY G 64 -7.77 -60.36 55.17
C GLY G 64 -6.25 -60.18 55.09
N ASP G 65 -5.53 -61.13 55.70
CA ASP G 65 -4.07 -61.21 55.55
C ASP G 65 -3.69 -62.17 54.43
N TYR G 66 -3.25 -61.60 53.31
CA TYR G 66 -2.99 -62.32 52.08
C TYR G 66 -1.51 -62.24 51.69
N THR G 67 -1.03 -63.28 51.01
CA THR G 67 0.22 -63.25 50.27
C THR G 67 -0.13 -63.48 48.81
N VAL G 68 0.33 -62.59 47.92
CA VAL G 68 0.10 -62.67 46.48
C VAL G 68 1.45 -62.78 45.76
N ARG G 69 1.51 -63.57 44.68
CA ARG G 69 2.76 -63.83 43.98
C ARG G 69 2.57 -63.89 42.47
N VAL G 70 3.67 -63.61 41.74
CA VAL G 70 3.73 -63.63 40.27
C VAL G 70 5.00 -64.32 39.84
N ARG G 71 4.92 -65.03 38.72
CA ARG G 71 6.08 -65.71 38.16
C ARG G 71 6.02 -65.55 36.64
N ALA G 72 7.18 -65.59 36.00
CA ALA G 72 7.23 -65.52 34.54
C ALA G 72 7.15 -66.92 33.96
N GLU G 73 6.48 -67.04 32.82
CA GLU G 73 6.33 -68.36 32.23
C GLU G 73 6.40 -68.27 30.72
N LEU G 74 6.82 -69.39 30.11
CA LEU G 74 6.78 -69.64 28.68
C LEU G 74 5.77 -70.78 28.47
N ALA G 75 5.96 -71.59 27.42
CA ALA G 75 5.01 -72.65 27.13
C ALA G 75 4.70 -73.52 28.34
N ASP G 76 5.75 -74.15 28.90
CA ASP G 76 5.63 -75.04 30.06
C ASP G 76 6.65 -74.74 31.15
N GLU G 77 7.64 -73.90 30.88
CA GLU G 77 8.66 -73.55 31.85
C GLU G 77 8.25 -72.30 32.60
N HIS G 78 8.25 -72.39 33.91
CA HIS G 78 7.84 -71.27 34.73
C HIS G 78 9.07 -70.81 35.53
N SER G 79 8.99 -69.60 36.06
CA SER G 79 10.09 -68.99 36.80
C SER G 79 9.83 -69.11 38.30
N GLU G 80 10.76 -68.60 39.08
CA GLU G 80 10.50 -68.46 40.50
C GLU G 80 9.37 -67.47 40.76
N TRP G 81 8.71 -67.66 41.90
CA TRP G 81 7.67 -66.73 42.32
C TRP G 81 8.30 -65.48 42.92
N VAL G 82 7.63 -64.35 42.73
CA VAL G 82 7.94 -63.13 43.46
C VAL G 82 6.72 -62.88 44.34
N GLN G 83 6.88 -63.13 45.62
CA GLN G 83 5.82 -63.04 46.62
C GLN G 83 5.96 -61.71 47.34
N VAL G 84 4.82 -61.16 47.74
CA VAL G 84 4.73 -60.03 48.67
C VAL G 84 3.58 -60.30 49.64
N THR G 85 3.75 -59.88 50.88
CA THR G 85 2.68 -59.94 51.87
C THR G 85 1.94 -58.60 51.95
N PHE G 86 0.60 -58.67 52.09
CA PHE G 86 -0.28 -57.53 51.89
C PHE G 86 -1.62 -57.71 52.62
N CYS G 87 -2.03 -56.66 53.35
CA CYS G 87 -3.36 -56.58 53.97
C CYS G 87 -3.97 -55.22 53.63
N PRO G 88 -5.13 -55.17 52.96
CA PRO G 88 -5.61 -53.88 52.43
C PRO G 88 -5.73 -52.81 53.51
N VAL G 89 -6.40 -53.11 54.63
CA VAL G 89 -6.69 -52.08 55.64
C VAL G 89 -5.43 -51.50 56.29
N GLU G 90 -4.33 -52.25 56.34
CA GLU G 90 -3.08 -51.69 56.89
C GLU G 90 -2.25 -50.99 55.84
N ASP G 91 -2.35 -51.41 54.60
CA ASP G 91 -1.36 -51.01 53.63
C ASP G 91 -1.86 -50.16 52.50
N THR G 92 -3.17 -50.03 52.31
CA THR G 92 -3.66 -49.24 51.19
C THR G 92 -3.25 -47.77 51.37
N ILE G 93 -3.04 -47.09 50.23
CA ILE G 93 -2.70 -45.67 50.20
C ILE G 93 -3.99 -44.86 50.32
N ILE G 94 -4.00 -43.88 51.23
CA ILE G 94 -5.16 -43.01 51.42
C ILE G 94 -5.17 -42.02 50.26
N GLY G 95 -6.15 -42.16 49.37
CA GLY G 95 -6.27 -41.27 48.26
C GLY G 95 -6.61 -39.87 48.71
N PRO G 96 -6.55 -38.91 47.80
CA PRO G 96 -6.85 -37.54 48.18
C PRO G 96 -8.34 -37.32 48.28
N PRO G 97 -8.79 -36.58 49.28
CA PRO G 97 -10.21 -36.22 49.34
C PRO G 97 -10.53 -35.12 48.34
N GLU G 98 -11.80 -35.01 47.98
CA GLU G 98 -12.27 -33.92 47.14
C GLU G 98 -12.65 -32.72 48.00
N MET G 99 -12.50 -31.52 47.44
CA MET G 99 -12.91 -30.34 48.18
C MET G 99 -13.52 -29.29 47.24
N GLN G 100 -14.57 -28.62 47.72
CA GLN G 100 -15.19 -27.49 47.06
C GLN G 100 -15.14 -26.28 47.98
N ILE G 101 -14.93 -25.08 47.42
CA ILE G 101 -14.78 -23.85 48.20
C ILE G 101 -15.82 -22.82 47.79
N GLU G 102 -16.41 -22.17 48.79
CA GLU G 102 -17.38 -21.10 48.61
C GLU G 102 -16.82 -19.83 49.23
N SER G 103 -16.70 -18.78 48.43
CA SER G 103 -16.23 -17.51 48.94
C SER G 103 -17.40 -16.76 49.56
N LEU G 104 -17.31 -16.46 50.86
CA LEU G 104 -18.33 -15.62 51.48
C LEU G 104 -17.81 -14.19 51.64
N ALA G 105 -18.11 -13.53 52.75
CA ALA G 105 -17.65 -12.17 53.02
C ALA G 105 -16.40 -12.30 53.88
N GLU G 106 -15.25 -12.05 53.26
CA GLU G 106 -13.93 -12.21 53.87
C GLU G 106 -13.70 -13.60 54.47
N SER G 107 -14.55 -14.59 54.19
CA SER G 107 -14.31 -15.96 54.66
C SER G 107 -14.44 -16.94 53.49
N LEU G 108 -13.92 -18.16 53.72
CA LEU G 108 -13.92 -19.24 52.72
C LEU G 108 -14.45 -20.53 53.32
N HIS G 109 -15.62 -20.99 52.84
CA HIS G 109 -16.28 -22.21 53.32
C HIS G 109 -15.80 -23.43 52.52
N LEU G 110 -15.24 -24.41 53.22
CA LEU G 110 -14.75 -25.65 52.67
C LEU G 110 -15.72 -26.80 52.95
N ARG G 111 -15.82 -27.71 51.99
CA ARG G 111 -16.54 -28.98 52.14
C ARG G 111 -15.66 -30.09 51.60
N PHE G 112 -15.50 -31.16 52.39
CA PHE G 112 -14.60 -32.25 52.04
C PHE G 112 -15.41 -33.51 51.74
N SER G 113 -14.79 -34.41 50.98
CA SER G 113 -15.38 -35.70 50.64
C SER G 113 -14.30 -36.77 50.76
N ALA G 114 -14.46 -37.68 51.72
CA ALA G 114 -13.46 -38.73 51.88
C ALA G 114 -13.41 -39.56 50.60
N PRO G 115 -12.24 -40.09 50.25
CA PRO G 115 -12.16 -40.85 49.00
C PRO G 115 -13.01 -42.09 49.07
N GLN G 116 -13.64 -42.42 47.93
CA GLN G 116 -14.50 -43.60 47.87
C GLN G 116 -13.73 -44.88 47.62
N ILE G 117 -14.23 -45.97 48.24
CA ILE G 117 -13.69 -47.32 48.12
C ILE G 117 -14.27 -47.98 46.88
N GLU G 118 -13.43 -48.76 46.22
CA GLU G 118 -13.69 -49.18 44.84
C GLU G 118 -14.69 -50.33 44.70
N ASN G 119 -14.31 -51.51 45.18
CA ASN G 119 -15.10 -52.71 44.96
C ASN G 119 -16.40 -52.82 45.76
N GLU G 120 -16.99 -51.69 46.15
CA GLU G 120 -18.23 -51.76 46.91
C GLU G 120 -19.36 -51.22 46.04
N PRO G 121 -20.42 -52.03 45.77
CA PRO G 121 -21.51 -51.55 44.91
C PRO G 121 -22.23 -50.38 45.55
N GLU G 122 -21.85 -50.02 46.77
CA GLU G 122 -22.40 -48.88 47.48
C GLU G 122 -21.28 -47.91 47.85
N THR G 123 -21.49 -46.63 47.52
CA THR G 123 -20.58 -45.55 47.91
C THR G 123 -20.32 -45.54 49.42
N TRP G 124 -19.38 -46.36 49.90
CA TRP G 124 -19.03 -46.30 51.32
C TRP G 124 -18.06 -45.17 51.65
N THR G 125 -16.90 -45.13 50.98
CA THR G 125 -15.83 -44.14 51.17
C THR G 125 -14.95 -44.45 52.38
N LEU G 126 -13.74 -43.89 52.38
CA LEU G 126 -12.75 -44.22 53.40
C LEU G 126 -13.13 -43.73 54.80
N LYS G 127 -13.88 -42.64 54.92
CA LYS G 127 -14.22 -42.22 56.26
C LYS G 127 -15.09 -43.27 56.97
N ASN G 128 -15.89 -44.00 56.21
CA ASN G 128 -16.83 -44.98 56.74
C ASN G 128 -16.18 -46.27 57.19
N ILE G 129 -14.90 -46.50 56.91
CA ILE G 129 -14.20 -47.72 57.28
C ILE G 129 -13.20 -47.49 58.41
N TYR G 130 -12.53 -46.35 58.43
CA TYR G 130 -11.57 -46.06 59.48
C TYR G 130 -12.22 -45.30 60.63
N ASP G 131 -11.93 -45.73 61.87
CA ASP G 131 -12.51 -45.16 63.08
C ASP G 131 -11.86 -43.83 63.49
N SER G 132 -10.72 -43.45 62.92
CA SER G 132 -10.02 -42.24 63.32
C SER G 132 -9.87 -41.24 62.16
N TRP G 133 -10.82 -41.23 61.23
CA TRP G 133 -10.68 -40.36 60.07
C TRP G 133 -10.81 -38.88 60.46
N ALA G 134 -9.89 -38.06 59.95
CA ALA G 134 -9.97 -36.60 60.08
C ALA G 134 -9.30 -36.00 58.85
N TYR G 135 -9.56 -34.72 58.62
CA TYR G 135 -8.98 -33.99 57.50
C TYR G 135 -7.92 -33.03 58.03
N ARG G 136 -6.77 -32.97 57.36
CA ARG G 136 -5.77 -31.93 57.59
C ARG G 136 -5.88 -30.92 56.45
N VAL G 137 -6.18 -29.66 56.77
CA VAL G 137 -6.32 -28.61 55.76
C VAL G 137 -5.08 -27.72 55.78
N GLN G 138 -4.55 -27.41 54.59
CA GLN G 138 -3.40 -26.49 54.45
C GLN G 138 -3.69 -25.40 53.43
N TYR G 139 -3.63 -24.12 53.86
CA TYR G 139 -3.82 -22.97 52.99
C TYR G 139 -2.70 -21.94 53.19
N TRP G 140 -2.53 -21.08 52.17
CA TRP G 140 -1.54 -20.02 52.27
C TRP G 140 -1.99 -18.82 51.45
N LYS G 141 -1.24 -17.71 51.57
CA LYS G 141 -1.60 -16.39 51.06
C LYS G 141 -0.80 -16.06 49.79
N GLN G 142 -1.47 -16.11 48.61
CA GLN G 142 -0.82 -16.04 47.30
C GLN G 142 0.42 -15.13 47.17
N GLY G 143 1.51 -15.65 46.59
CA GLY G 143 2.76 -14.90 46.44
C GLY G 143 3.97 -15.50 47.17
N THR G 144 3.76 -16.03 48.39
CA THR G 144 4.88 -16.35 49.28
C THR G 144 4.59 -17.57 50.18
N ASN G 145 5.65 -18.34 50.50
CA ASN G 145 5.49 -19.66 51.16
C ASN G 145 5.40 -19.54 52.67
N GLU G 146 4.18 -19.32 53.16
CA GLU G 146 3.89 -19.31 54.60
C GLU G 146 2.64 -20.15 54.85
N LYS G 147 2.83 -21.41 55.25
CA LYS G 147 1.73 -22.36 55.36
C LYS G 147 1.06 -22.30 56.74
N PHE G 148 -0.25 -22.55 56.76
CA PHE G 148 -1.03 -22.67 57.99
C PHE G 148 -1.92 -23.90 57.90
N GLN G 149 -2.13 -24.56 59.03
CA GLN G 149 -2.87 -25.82 59.03
C GLN G 149 -3.82 -25.90 60.21
N VAL G 150 -5.01 -26.43 59.96
CA VAL G 150 -6.02 -26.67 61.01
C VAL G 150 -6.69 -28.00 60.69
N VAL G 151 -7.16 -28.66 61.74
CA VAL G 151 -7.82 -29.96 61.65
C VAL G 151 -9.26 -29.86 62.11
N SER G 152 -10.14 -30.57 61.40
CA SER G 152 -11.49 -30.75 61.83
C SER G 152 -11.86 -32.15 61.40
N PRO G 153 -12.61 -32.89 62.20
CA PRO G 153 -13.06 -34.24 61.80
C PRO G 153 -14.36 -34.27 61.01
N TYR G 154 -14.98 -33.13 60.74
CA TYR G 154 -16.28 -33.08 60.09
C TYR G 154 -16.07 -32.77 58.61
N ASP G 155 -17.12 -32.97 57.82
CA ASP G 155 -16.96 -32.75 56.38
C ASP G 155 -17.03 -31.27 55.98
N SER G 156 -17.00 -30.35 56.93
CA SER G 156 -17.11 -28.94 56.62
C SER G 156 -16.18 -28.18 57.56
N GLU G 157 -15.63 -27.09 57.06
CA GLU G 157 -14.75 -26.21 57.81
C GLU G 157 -14.82 -24.83 57.17
N VAL G 158 -14.75 -23.80 58.01
CA VAL G 158 -14.81 -22.42 57.57
C VAL G 158 -13.51 -21.74 57.97
N LEU G 159 -12.80 -21.20 57.00
CA LEU G 159 -11.56 -20.45 57.22
C LEU G 159 -11.92 -19.02 57.60
N ARG G 160 -11.64 -18.66 58.85
CA ARG G 160 -12.11 -17.39 59.37
C ARG G 160 -11.05 -16.30 59.40
N ASN G 161 -11.51 -15.06 59.18
CA ASN G 161 -10.70 -13.85 59.25
C ASN G 161 -9.46 -13.89 58.38
N LEU G 162 -9.58 -13.40 57.16
CA LEU G 162 -8.44 -13.35 56.25
C LEU G 162 -8.39 -11.94 55.67
N GLU G 163 -7.30 -11.63 55.00
CA GLU G 163 -7.19 -10.30 54.45
C GLU G 163 -8.12 -10.20 53.25
N PRO G 164 -8.90 -9.14 53.12
CA PRO G 164 -9.93 -9.11 52.09
C PRO G 164 -9.34 -8.89 50.70
N TRP G 165 -10.14 -9.30 49.71
CA TRP G 165 -9.79 -9.17 48.31
C TRP G 165 -8.41 -9.77 48.02
N THR G 166 -8.19 -11.00 48.48
CA THR G 166 -6.91 -11.69 48.27
C THR G 166 -7.18 -13.16 47.99
N THR G 167 -6.67 -13.64 46.86
CA THR G 167 -6.87 -15.03 46.50
C THR G 167 -5.89 -15.91 47.28
N TYR G 168 -6.42 -16.83 48.08
CA TYR G 168 -5.63 -17.80 48.81
C TYR G 168 -5.72 -19.19 48.15
N CYS G 169 -4.72 -20.02 48.39
CA CYS G 169 -4.72 -21.40 47.88
C CYS G 169 -4.71 -22.42 49.02
N ILE G 170 -5.64 -23.38 48.99
CA ILE G 170 -5.83 -24.35 50.07
C ILE G 170 -5.86 -25.78 49.49
N GLN G 171 -5.34 -26.76 50.24
CA GLN G 171 -5.41 -28.16 49.85
C GLN G 171 -5.77 -29.02 51.06
N VAL G 172 -6.25 -30.24 50.80
CA VAL G 172 -6.72 -31.12 51.87
C VAL G 172 -6.18 -32.55 51.70
N GLN G 173 -6.05 -33.23 52.83
CA GLN G 173 -5.64 -34.63 52.91
C GLN G 173 -6.35 -35.34 54.06
N GLY G 174 -6.57 -36.64 53.91
CA GLY G 174 -7.11 -37.43 55.00
C GLY G 174 -5.97 -37.90 55.89
N PHE G 175 -6.24 -38.05 57.18
CA PHE G 175 -5.24 -38.62 58.09
C PHE G 175 -5.96 -39.29 59.25
N LEU G 176 -5.23 -40.16 59.94
CA LEU G 176 -5.77 -40.86 61.10
C LEU G 176 -5.00 -40.43 62.34
N LEU G 177 -5.73 -39.97 63.38
CA LEU G 177 -5.04 -39.42 64.55
C LEU G 177 -4.41 -40.49 65.43
N ASP G 178 -4.74 -41.77 65.23
CA ASP G 178 -4.20 -42.83 66.04
C ASP G 178 -3.42 -43.87 65.26
N GLN G 179 -3.20 -43.65 63.97
CA GLN G 179 -2.40 -44.58 63.18
C GLN G 179 -1.18 -43.91 62.57
N GLN G 180 -0.99 -42.61 62.82
CA GLN G 180 0.07 -41.80 62.21
C GLN G 180 0.29 -42.24 60.76
N ARG G 181 -0.84 -42.26 60.03
CA ARG G 181 -0.92 -42.63 58.62
C ARG G 181 -1.49 -41.44 57.88
N THR G 182 -0.68 -40.85 57.01
CA THR G 182 -1.06 -39.63 56.30
C THR G 182 -1.47 -39.94 54.87
N GLY G 183 -2.53 -39.28 54.42
CA GLY G 183 -3.01 -39.43 53.06
C GLY G 183 -2.34 -38.46 52.10
N GLU G 184 -2.73 -38.57 50.85
CA GLU G 184 -2.14 -37.73 49.83
C GLU G 184 -2.82 -36.37 49.86
N TRP G 185 -2.06 -35.33 49.53
CA TRP G 185 -2.62 -33.99 49.47
C TRP G 185 -3.50 -33.81 48.24
N SER G 186 -4.51 -32.95 48.37
CA SER G 186 -5.29 -32.57 47.20
C SER G 186 -4.49 -31.57 46.37
N GLU G 187 -5.03 -31.19 45.21
CA GLU G 187 -4.29 -30.17 44.48
C GLU G 187 -4.73 -28.79 44.95
N PRO G 188 -3.82 -27.84 45.13
CA PRO G 188 -4.24 -26.54 45.68
C PRO G 188 -5.25 -25.87 44.77
N ILE G 189 -6.38 -25.51 45.37
CA ILE G 189 -7.47 -24.79 44.69
C ILE G 189 -7.48 -23.39 45.28
N CYS G 190 -7.59 -22.37 44.42
CA CYS G 190 -7.51 -21.00 44.89
C CYS G 190 -8.82 -20.27 44.59
N GLU G 191 -9.25 -19.43 45.53
CA GLU G 191 -10.48 -18.66 45.43
C GLU G 191 -10.24 -17.28 46.02
N ARG G 192 -10.87 -16.26 45.44
CA ARG G 192 -10.70 -14.91 45.96
C ARG G 192 -11.67 -14.70 47.11
N THR G 193 -11.18 -14.03 48.17
CA THR G 193 -11.97 -13.93 49.39
C THR G 193 -13.08 -12.88 49.29
N GLY G 194 -12.86 -11.80 48.55
CA GLY G 194 -13.93 -10.83 48.43
C GLY G 194 -14.37 -10.22 49.75
N ASN G 195 -15.57 -9.63 49.71
CA ASN G 195 -16.12 -8.95 50.87
C ASN G 195 -17.63 -8.72 50.67
N LEU H 1 -50.80 54.80 41.67
CA LEU H 1 -49.37 55.04 41.84
C LEU H 1 -48.52 54.27 40.83
N LEU H 2 -48.04 54.99 39.84
CA LEU H 2 -47.26 54.50 38.71
C LEU H 2 -45.85 55.06 38.78
N GLN H 3 -44.86 54.27 38.35
CA GLN H 3 -43.47 54.71 38.41
C GLN H 3 -42.65 54.04 37.31
N HIS H 4 -41.45 54.58 37.06
CA HIS H 4 -40.44 53.94 36.20
C HIS H 4 -40.94 53.64 34.79
N VAL H 5 -41.61 54.60 34.17
CA VAL H 5 -42.14 54.43 32.81
C VAL H 5 -41.04 54.78 31.81
N LYS H 6 -40.54 53.77 31.09
CA LYS H 6 -39.38 53.95 30.23
C LYS H 6 -39.41 52.95 29.06
N PHE H 7 -38.59 53.24 28.06
CA PHE H 7 -38.31 52.34 26.95
C PHE H 7 -37.05 51.54 27.24
N GLN H 8 -37.11 50.24 26.95
CA GLN H 8 -35.95 49.34 26.98
C GLN H 8 -35.81 48.80 25.56
N SER H 9 -34.72 49.16 24.88
CA SER H 9 -34.53 48.90 23.46
C SER H 9 -33.26 48.10 23.25
N SER H 10 -33.38 46.99 22.52
CA SER H 10 -32.25 46.12 22.24
C SER H 10 -32.35 45.68 20.79
N ASN H 11 -31.34 46.01 19.99
CA ASN H 11 -31.31 45.70 18.56
C ASN H 11 -32.57 46.17 17.84
N PHE H 12 -33.04 47.38 18.16
CA PHE H 12 -34.19 48.04 17.54
C PHE H 12 -35.49 47.32 17.84
N GLU H 13 -35.46 46.52 18.91
CA GLU H 13 -36.62 45.90 19.53
C GLU H 13 -37.00 46.83 20.68
N ASN H 14 -38.11 47.51 20.54
CA ASN H 14 -38.47 48.63 21.39
C ASN H 14 -39.68 48.24 22.24
N ILE H 15 -39.46 48.04 23.53
CA ILE H 15 -40.48 47.57 24.45
C ILE H 15 -40.77 48.68 25.46
N LEU H 16 -42.03 49.00 25.64
CA LEU H 16 -42.41 49.95 26.67
C LEU H 16 -42.60 49.22 27.98
N THR H 17 -41.93 49.68 29.03
CA THR H 17 -42.04 49.03 30.34
C THR H 17 -42.40 50.05 31.41
N TRP H 18 -43.11 49.57 32.43
CA TRP H 18 -43.50 50.38 33.57
C TRP H 18 -43.64 49.49 34.80
N ASP H 19 -43.94 50.11 35.93
CA ASP H 19 -44.11 49.36 37.18
C ASP H 19 -45.30 49.93 37.95
N GLY H 20 -45.85 49.12 38.85
CA GLY H 20 -46.86 49.57 39.77
C GLY H 20 -46.24 50.36 40.91
N GLY H 21 -47.07 50.65 41.92
CA GLY H 21 -46.62 51.42 43.06
C GLY H 21 -47.12 50.89 44.40
N PRO H 22 -46.98 51.71 45.45
CA PRO H 22 -47.58 51.36 46.76
C PRO H 22 -49.10 51.41 46.72
N ALA H 23 -49.66 51.56 45.52
CA ALA H 23 -51.10 51.60 45.25
C ALA H 23 -51.38 50.63 44.10
N SER H 24 -51.28 49.33 44.38
CA SER H 24 -51.47 48.34 43.33
C SER H 24 -52.79 47.62 43.57
N THR H 25 -53.88 48.35 43.33
CA THR H 25 -55.24 47.86 43.58
C THR H 25 -55.63 46.75 42.62
N SER H 26 -56.41 45.78 43.14
CA SER H 26 -56.95 44.72 42.30
C SER H 26 -57.58 45.33 41.05
N ASP H 27 -57.36 44.67 39.91
CA ASP H 27 -57.97 45.09 38.66
C ASP H 27 -57.43 46.44 38.18
N THR H 28 -56.25 46.84 38.64
CA THR H 28 -55.67 48.10 38.20
C THR H 28 -55.18 47.92 36.77
N VAL H 29 -55.59 48.85 35.90
CA VAL H 29 -55.30 48.72 34.48
C VAL H 29 -54.41 49.86 34.01
N TYR H 30 -53.73 49.60 32.89
CA TYR H 30 -52.81 50.53 32.25
C TYR H 30 -53.19 50.58 30.78
N SER H 31 -53.29 51.79 30.25
CA SER H 31 -53.61 52.02 28.85
C SER H 31 -52.40 52.69 28.21
N VAL H 32 -52.08 52.29 26.99
CA VAL H 32 -50.86 52.72 26.32
C VAL H 32 -51.22 53.78 25.29
N GLU H 33 -50.38 54.81 25.21
CA GLU H 33 -50.54 55.90 24.26
C GLU H 33 -49.20 56.09 23.57
N TYR H 34 -49.22 56.22 22.25
CA TYR H 34 -47.97 56.32 21.50
C TYR H 34 -48.10 57.41 20.45
N LYS H 35 -46.99 58.05 20.16
CA LYS H 35 -47.03 59.15 19.20
C LYS H 35 -45.64 59.44 18.66
N LYS H 36 -45.64 60.13 17.53
CA LYS H 36 -44.44 60.76 17.01
C LYS H 36 -44.29 62.14 17.63
N TYR H 37 -43.08 62.47 18.07
CA TYR H 37 -42.74 63.78 18.63
C TYR H 37 -42.98 64.89 17.63
N GLY H 38 -43.38 66.06 18.14
CA GLY H 38 -43.58 67.20 17.28
C GLY H 38 -44.91 67.19 16.61
N GLU H 39 -45.74 66.23 16.95
CA GLU H 39 -47.12 66.15 16.50
C GLU H 39 -48.01 66.10 17.73
N ARG H 40 -49.28 66.45 17.54
CA ARG H 40 -50.24 66.42 18.63
C ARG H 40 -50.94 65.08 18.74
N LYS H 41 -51.15 64.39 17.63
CA LYS H 41 -51.99 63.21 17.65
C LYS H 41 -51.27 62.04 18.34
N TRP H 42 -51.90 61.55 19.42
CA TRP H 42 -51.45 60.36 20.15
C TRP H 42 -52.22 59.17 19.62
N LEU H 43 -51.51 58.24 18.99
CA LEU H 43 -52.08 56.99 18.56
C LEU H 43 -52.02 55.96 19.72
N ALA H 44 -52.94 54.99 19.69
CA ALA H 44 -53.08 53.99 20.74
C ALA H 44 -52.76 52.60 20.20
N LYS H 45 -51.88 51.88 20.92
CA LYS H 45 -51.51 50.49 20.58
C LYS H 45 -52.65 49.56 20.96
N ALA H 46 -53.21 48.87 19.96
CA ALA H 46 -54.44 48.09 20.14
C ALA H 46 -54.30 46.95 21.14
N GLY H 47 -53.13 46.32 21.20
CA GLY H 47 -53.02 45.12 22.02
C GLY H 47 -53.14 45.37 23.52
N CYS H 48 -52.56 46.44 24.02
CA CYS H 48 -52.46 46.67 25.47
C CYS H 48 -53.32 47.90 25.81
N GLN H 49 -54.64 47.74 25.86
CA GLN H 49 -55.56 48.79 26.28
C GLN H 49 -56.33 48.19 27.44
N ARG H 50 -56.19 48.78 28.63
CA ARG H 50 -56.82 48.28 29.85
C ARG H 50 -56.33 46.87 30.18
N ILE H 51 -55.00 46.75 30.34
CA ILE H 51 -54.33 45.48 30.61
C ILE H 51 -53.80 45.47 32.03
N THR H 52 -53.65 44.27 32.60
CA THR H 52 -53.10 44.15 33.95
C THR H 52 -51.59 44.04 33.97
N GLN H 53 -50.98 43.67 32.83
CA GLN H 53 -49.54 43.50 32.75
C GLN H 53 -48.84 44.85 32.71
N LYS H 54 -47.51 44.80 32.87
CA LYS H 54 -46.65 45.98 33.02
C LYS H 54 -45.65 46.12 31.85
N PHE H 55 -46.08 45.81 30.62
CA PHE H 55 -45.25 46.00 29.44
C PHE H 55 -46.08 45.97 28.16
N CYS H 56 -45.51 46.54 27.10
CA CYS H 56 -46.19 46.56 25.80
C CYS H 56 -45.13 46.77 24.73
N ASP H 57 -45.17 45.98 23.67
CA ASP H 57 -44.17 45.99 22.61
C ASP H 57 -44.56 46.98 21.53
N LEU H 58 -43.75 48.00 21.34
CA LEU H 58 -44.01 49.04 20.37
C LEU H 58 -43.06 48.99 19.17
N THR H 59 -42.45 47.83 18.86
CA THR H 59 -41.41 47.81 17.84
C THR H 59 -41.95 48.20 16.46
N MET H 60 -43.05 47.59 16.04
CA MET H 60 -43.61 47.87 14.71
C MET H 60 -44.03 49.32 14.58
N GLU H 61 -44.42 49.93 15.69
CA GLU H 61 -44.91 51.29 15.65
C GLU H 61 -43.78 52.32 15.60
N THR H 62 -42.54 51.94 15.97
CA THR H 62 -41.38 52.83 15.92
C THR H 62 -40.23 52.25 15.09
N ARG H 63 -40.54 51.74 13.88
CA ARG H 63 -39.58 50.98 13.07
C ARG H 63 -38.54 51.86 12.38
N ASP H 64 -38.81 53.16 12.24
CA ASP H 64 -37.89 54.09 11.59
C ASP H 64 -36.82 54.48 12.60
N HIS H 65 -35.58 54.02 12.38
CA HIS H 65 -34.52 54.23 13.38
C HIS H 65 -34.02 55.67 13.47
N GLN H 66 -34.30 56.51 12.47
CA GLN H 66 -33.88 57.90 12.40
C GLN H 66 -34.93 58.90 12.86
N GLU H 67 -36.09 58.46 13.37
CA GLU H 67 -37.15 59.37 13.79
C GLU H 67 -37.17 59.48 15.31
N PHE H 68 -38.04 60.36 15.83
CA PHE H 68 -38.17 60.54 17.28
C PHE H 68 -39.62 60.36 17.72
N TYR H 69 -39.83 59.61 18.80
CA TYR H 69 -41.15 59.20 19.25
C TYR H 69 -41.31 59.47 20.73
N TYR H 70 -42.55 59.33 21.19
CA TYR H 70 -42.91 59.42 22.58
C TYR H 70 -44.02 58.42 22.88
N ALA H 71 -44.10 58.05 24.15
CA ALA H 71 -45.16 57.18 24.62
C ALA H 71 -45.52 57.53 26.06
N LYS H 72 -46.78 57.28 26.42
CA LYS H 72 -47.28 57.49 27.76
C LYS H 72 -48.22 56.35 28.13
N VAL H 73 -48.29 56.04 29.44
CA VAL H 73 -49.20 55.02 29.96
C VAL H 73 -50.10 55.69 31.00
N THR H 74 -51.40 55.43 30.90
CA THR H 74 -52.38 55.97 31.82
C THR H 74 -52.84 54.83 32.72
N ALA H 75 -52.63 54.99 34.02
CA ALA H 75 -53.00 54.00 35.01
C ALA H 75 -54.27 54.45 35.73
N VAL H 76 -55.26 53.56 35.79
CA VAL H 76 -56.47 53.81 36.57
C VAL H 76 -56.52 52.72 37.64
N SER H 77 -56.31 53.12 38.88
CA SER H 77 -56.47 52.22 40.00
C SER H 77 -57.92 52.43 40.37
N ALA H 78 -58.74 51.39 40.20
CA ALA H 78 -60.19 51.53 40.27
C ALA H 78 -60.62 52.30 41.50
N GLY H 79 -61.50 53.27 41.30
CA GLY H 79 -61.98 54.08 42.40
C GLY H 79 -61.07 55.22 42.81
N GLY H 80 -60.38 55.85 41.85
CA GLY H 80 -59.47 56.93 42.14
C GLY H 80 -58.97 57.56 40.86
N PRO H 81 -58.42 58.78 40.96
CA PRO H 81 -58.08 59.53 39.76
C PRO H 81 -56.95 58.87 39.00
N PRO H 82 -56.89 59.03 37.68
CA PRO H 82 -55.85 58.37 36.90
C PRO H 82 -54.51 59.09 36.99
N VAL H 83 -53.45 58.29 36.91
CA VAL H 83 -52.07 58.77 36.94
C VAL H 83 -51.50 58.49 35.57
N THR H 84 -50.96 59.53 34.94
CA THR H 84 -50.38 59.46 33.61
C THR H 84 -48.95 59.95 33.66
N LYS H 85 -48.01 59.08 33.31
CA LYS H 85 -46.62 59.42 33.21
C LYS H 85 -46.11 59.07 31.82
N MET H 86 -45.23 59.89 31.28
CA MET H 86 -44.65 59.79 29.95
C MET H 86 -43.18 59.36 30.05
N THR H 87 -42.59 59.04 28.90
CA THR H 87 -41.18 58.69 28.80
C THR H 87 -40.39 59.85 28.21
N ASP H 88 -39.07 59.72 28.29
CA ASP H 88 -38.18 60.63 27.60
C ASP H 88 -38.28 60.45 26.08
N ARG H 89 -37.79 61.43 25.35
CA ARG H 89 -37.73 61.34 23.90
C ARG H 89 -36.90 60.14 23.46
N PHE H 90 -37.50 59.25 22.67
CA PHE H 90 -36.85 58.01 22.26
C PHE H 90 -36.37 58.13 20.82
N SER H 91 -35.13 57.73 20.59
CA SER H 91 -34.53 57.54 19.27
C SER H 91 -33.78 56.21 19.24
N SER H 92 -34.25 55.26 18.45
CA SER H 92 -33.65 53.93 18.53
C SER H 92 -32.17 53.97 18.14
N LEU H 93 -31.81 54.76 17.13
CA LEU H 93 -30.42 54.75 16.67
C LEU H 93 -29.43 55.04 17.81
N GLN H 94 -29.71 56.05 18.65
CA GLN H 94 -28.78 56.41 19.71
C GLN H 94 -29.08 55.74 21.04
N HIS H 95 -30.32 55.29 21.26
CA HIS H 95 -30.72 54.76 22.56
C HIS H 95 -30.71 53.25 22.62
N THR H 96 -30.59 52.57 21.49
CA THR H 96 -30.65 51.14 21.49
C THR H 96 -29.32 50.56 21.98
N THR H 97 -29.40 49.44 22.70
CA THR H 97 -28.21 48.69 23.09
C THR H 97 -28.00 47.54 22.11
N ILE H 98 -26.76 47.02 22.06
CA ILE H 98 -26.42 45.92 21.16
C ILE H 98 -26.39 44.59 21.88
N LYS H 99 -27.17 43.62 21.36
CA LYS H 99 -27.11 42.24 21.82
C LYS H 99 -25.78 41.61 21.41
N PRO H 100 -25.27 40.66 22.19
CA PRO H 100 -24.01 40.01 21.82
C PRO H 100 -24.11 39.40 20.44
N PRO H 101 -23.00 39.31 19.71
CA PRO H 101 -23.06 38.81 18.33
C PRO H 101 -23.40 37.31 18.26
N ASP H 102 -24.01 36.91 17.15
CA ASP H 102 -24.35 35.49 16.94
C ASP H 102 -23.13 34.77 16.38
N VAL H 103 -22.43 34.03 17.25
CA VAL H 103 -21.17 33.40 16.90
C VAL H 103 -21.34 31.90 17.06
N THR H 104 -20.64 31.14 16.25
CA THR H 104 -20.40 29.74 16.57
C THR H 104 -18.89 29.54 16.68
N CYS H 105 -18.45 29.02 17.81
CA CYS H 105 -17.05 28.74 18.02
C CYS H 105 -16.73 27.32 17.60
N ILE H 106 -15.62 27.16 16.89
CA ILE H 106 -15.19 25.88 16.35
C ILE H 106 -13.81 25.54 16.93
N PRO H 107 -13.72 24.53 17.79
CA PRO H 107 -12.41 24.08 18.28
C PRO H 107 -11.68 23.33 17.17
N LYS H 108 -10.42 23.66 16.96
CA LYS H 108 -9.54 23.03 15.98
C LYS H 108 -8.39 22.34 16.72
N VAL H 109 -7.46 21.75 15.97
CA VAL H 109 -6.36 21.01 16.59
C VAL H 109 -5.30 21.97 17.14
N ARG H 110 -4.89 22.96 16.35
CA ARG H 110 -3.87 23.90 16.79
C ARG H 110 -4.38 25.33 16.69
N SER H 111 -5.68 25.53 16.61
CA SER H 111 -6.26 26.85 16.47
C SER H 111 -7.68 26.83 17.01
N ILE H 112 -8.32 28.00 17.00
CA ILE H 112 -9.73 28.13 17.39
C ILE H 112 -10.37 29.09 16.39
N GLN H 113 -11.43 28.64 15.73
CA GLN H 113 -12.09 29.40 14.67
C GLN H 113 -13.43 29.95 15.16
N MET H 114 -13.78 31.14 14.68
CA MET H 114 -15.01 31.78 15.11
C MET H 114 -15.71 32.36 13.92
N LEU H 115 -17.01 32.07 13.78
CA LEU H 115 -17.85 32.59 12.70
C LEU H 115 -18.96 33.43 13.29
N VAL H 116 -19.05 34.68 12.81
CA VAL H 116 -20.08 35.61 13.25
C VAL H 116 -21.24 35.59 12.28
N HIS H 117 -22.47 35.36 12.78
CA HIS H 117 -23.58 35.32 11.82
C HIS H 117 -24.37 36.61 11.84
N PRO H 118 -24.84 37.06 10.68
CA PRO H 118 -25.57 38.34 10.64
C PRO H 118 -26.85 38.28 11.46
N THR H 119 -27.14 39.37 12.13
CA THR H 119 -28.33 39.48 12.96
C THR H 119 -29.29 40.44 12.26
N LEU H 120 -30.44 39.92 11.90
CA LEU H 120 -31.47 40.76 11.33
C LEU H 120 -32.12 41.57 12.44
N THR H 121 -32.66 42.72 12.06
CA THR H 121 -33.22 43.72 12.96
C THR H 121 -34.58 44.14 12.42
N PRO H 122 -35.43 44.72 13.29
CA PRO H 122 -36.76 45.16 12.84
C PRO H 122 -36.76 46.46 12.06
N VAL H 123 -35.59 46.95 11.65
CA VAL H 123 -35.48 48.18 10.91
C VAL H 123 -35.32 47.80 9.44
N LEU H 124 -36.14 48.40 8.58
CA LEU H 124 -36.19 48.03 7.19
C LEU H 124 -35.66 49.17 6.35
N SER H 125 -35.27 48.85 5.12
CA SER H 125 -34.91 49.85 4.13
C SER H 125 -36.16 50.45 3.48
N GLU H 126 -35.96 51.38 2.53
CA GLU H 126 -37.08 52.03 1.82
C GLU H 126 -37.91 51.03 1.02
N ASP H 127 -37.27 50.02 0.43
CA ASP H 127 -37.98 48.97 -0.30
C ASP H 127 -38.64 47.94 0.63
N GLY H 128 -38.32 47.99 1.93
CA GLY H 128 -38.97 47.15 2.92
C GLY H 128 -38.26 45.87 3.34
N HIS H 129 -36.97 45.71 3.07
CA HIS H 129 -36.25 44.54 3.56
C HIS H 129 -35.47 44.89 4.83
N GLN H 130 -35.45 43.93 5.75
CA GLN H 130 -34.81 44.11 7.04
C GLN H 130 -33.30 44.24 6.89
N LEU H 131 -32.71 45.12 7.69
CA LEU H 131 -31.27 45.35 7.63
C LEU H 131 -30.55 44.58 8.72
N THR H 132 -29.31 44.24 8.43
CA THR H 132 -28.42 43.77 9.46
C THR H 132 -27.77 44.95 10.17
N LEU H 133 -27.24 44.67 11.37
CA LEU H 133 -26.50 45.70 12.09
C LEU H 133 -25.40 46.28 11.22
N GLU H 134 -24.69 45.43 10.47
CA GLU H 134 -23.65 45.92 9.58
C GLU H 134 -24.22 46.95 8.60
N GLU H 135 -25.46 46.74 8.20
CA GLU H 135 -26.14 47.70 7.36
C GLU H 135 -26.59 48.95 8.10
N ILE H 136 -26.72 48.90 9.43
CA ILE H 136 -27.17 50.08 10.18
C ILE H 136 -26.00 50.98 10.56
N PHE H 137 -24.92 50.40 11.04
CA PHE H 137 -23.72 51.14 11.43
C PHE H 137 -22.62 50.74 10.47
N HIS H 138 -22.25 51.61 9.53
CA HIS H 138 -21.12 51.27 8.67
C HIS H 138 -19.81 51.18 9.45
N ASP H 139 -19.77 51.76 10.67
CA ASP H 139 -18.61 51.68 11.56
C ASP H 139 -18.54 50.38 12.38
N LEU H 140 -19.47 49.44 12.20
CA LEU H 140 -19.52 48.25 13.05
C LEU H 140 -18.27 47.39 12.86
N PHE H 141 -17.71 46.90 13.98
CA PHE H 141 -16.59 45.95 13.88
C PHE H 141 -16.59 45.02 15.08
N TYR H 142 -15.79 43.96 15.01
CA TYR H 142 -15.78 42.92 16.03
C TYR H 142 -14.40 42.89 16.68
N ARG H 143 -14.38 42.81 18.01
CA ARG H 143 -13.15 42.74 18.81
C ARG H 143 -13.12 41.39 19.51
N LEU H 144 -12.14 40.57 19.18
CA LEU H 144 -12.08 39.22 19.68
C LEU H 144 -10.94 39.18 20.68
N GLU H 145 -11.13 38.44 21.76
CA GLU H 145 -10.09 38.21 22.76
C GLU H 145 -10.05 36.70 22.99
N LEU H 146 -8.85 36.16 23.09
CA LEU H 146 -8.70 34.75 23.45
C LEU H 146 -7.85 34.78 24.72
N HIS H 147 -8.49 34.49 25.85
CA HIS H 147 -7.89 34.57 27.18
C HIS H 147 -7.31 33.22 27.59
N VAL H 148 -6.02 33.16 27.97
CA VAL H 148 -5.40 31.92 28.48
C VAL H 148 -5.22 31.94 30.00
N ASN H 149 -4.55 32.97 30.52
CA ASN H 149 -4.39 33.17 31.95
C ASN H 149 -4.22 34.66 32.12
N HIS H 150 -4.19 35.12 33.37
CA HIS H 150 -4.25 36.54 33.64
C HIS H 150 -3.22 37.33 32.87
N THR H 151 -2.09 36.71 32.52
CA THR H 151 -0.95 37.43 31.92
C THR H 151 -0.83 37.23 30.40
N TYR H 152 -1.69 36.44 29.76
CA TYR H 152 -1.56 36.15 28.34
C TYR H 152 -2.93 36.14 27.67
N GLN H 153 -3.12 37.03 26.70
CA GLN H 153 -4.36 37.13 25.94
C GLN H 153 -3.99 37.37 24.49
N MET H 154 -4.85 36.92 23.61
CA MET H 154 -4.66 37.13 22.19
C MET H 154 -5.81 37.96 21.68
N HIS H 155 -5.53 38.91 20.81
CA HIS H 155 -6.56 39.76 20.24
C HIS H 155 -6.57 39.72 18.72
N LEU H 156 -7.79 39.76 18.18
CA LEU H 156 -8.06 39.93 16.76
C LEU H 156 -9.23 40.89 16.64
N GLU H 157 -9.21 41.70 15.59
CA GLU H 157 -10.23 42.71 15.33
C GLU H 157 -10.41 42.84 13.81
N GLY H 158 -11.62 43.19 13.40
CA GLY H 158 -11.83 43.40 11.99
C GLY H 158 -13.29 43.55 11.66
N LYS H 159 -13.55 43.80 10.38
CA LYS H 159 -14.92 43.90 9.92
C LYS H 159 -15.41 42.59 9.37
N GLN H 160 -14.50 41.66 9.11
CA GLN H 160 -14.88 40.39 8.54
C GLN H 160 -15.60 39.54 9.58
N ARG H 161 -16.11 38.41 9.11
CA ARG H 161 -16.91 37.50 9.91
C ARG H 161 -16.23 36.17 10.19
N GLU H 162 -14.98 36.00 9.75
CA GLU H 162 -14.21 34.78 9.96
C GLU H 162 -12.95 35.09 10.77
N TYR H 163 -12.69 34.31 11.81
CA TYR H 163 -11.48 34.52 12.61
C TYR H 163 -10.93 33.19 13.10
N GLU H 164 -9.60 33.10 13.15
CA GLU H 164 -8.92 31.91 13.62
C GLU H 164 -7.72 32.33 14.44
N PHE H 165 -7.67 31.87 15.68
CA PHE H 165 -6.51 32.13 16.52
C PHE H 165 -5.51 30.99 16.27
N LEU H 166 -4.40 31.30 15.62
CA LEU H 166 -3.43 30.26 15.28
C LEU H 166 -2.36 30.07 16.36
N GLY H 167 -1.67 28.93 16.30
CA GLY H 167 -0.49 28.66 17.11
C GLY H 167 -0.81 28.15 18.51
N LEU H 168 -1.93 27.45 18.68
CA LEU H 168 -2.32 27.06 20.03
C LEU H 168 -1.76 25.69 20.37
N THR H 169 -1.69 25.45 21.59
CA THR H 169 -1.27 24.15 22.04
C THR H 169 -2.47 23.21 21.94
N PRO H 170 -2.26 21.96 21.56
CA PRO H 170 -3.38 21.02 21.51
C PRO H 170 -3.95 20.72 22.88
N ASP H 171 -5.23 20.33 22.90
CA ASP H 171 -5.88 19.86 24.12
C ASP H 171 -5.81 20.92 25.22
N THR H 172 -5.95 22.18 24.83
CA THR H 172 -5.89 23.28 25.79
C THR H 172 -7.22 23.99 25.90
N GLU H 173 -7.51 24.42 27.12
CA GLU H 173 -8.71 25.14 27.47
C GLU H 173 -8.48 26.61 27.19
N PHE H 174 -9.45 27.25 26.55
CA PHE H 174 -9.35 28.67 26.25
C PHE H 174 -10.70 29.32 26.52
N LEU H 175 -10.68 30.63 26.67
CA LEU H 175 -11.89 31.44 26.78
C LEU H 175 -11.87 32.45 25.65
N GLY H 176 -12.77 32.31 24.69
CA GLY H 176 -12.83 33.25 23.58
C GLY H 176 -13.97 34.21 23.83
N SER H 177 -13.71 35.50 23.55
CA SER H 177 -14.74 36.54 23.67
C SER H 177 -14.82 37.30 22.37
N ILE H 178 -16.05 37.52 21.91
CA ILE H 178 -16.35 38.27 20.71
C ILE H 178 -17.34 39.37 21.07
N THR H 179 -17.00 40.61 20.70
CA THR H 179 -17.78 41.79 21.02
C THR H 179 -18.07 42.60 19.76
N ILE H 180 -19.27 43.20 19.71
CA ILE H 180 -19.61 44.18 18.67
C ILE H 180 -19.32 45.60 19.20
N LEU H 181 -18.72 46.43 18.36
CA LEU H 181 -18.50 47.81 18.70
C LEU H 181 -19.10 48.69 17.60
N THR H 182 -19.70 49.81 18.01
CA THR H 182 -20.16 50.83 17.08
C THR H 182 -19.48 52.12 17.54
N PRO H 183 -18.32 52.48 16.97
CA PRO H 183 -17.53 53.55 17.60
C PRO H 183 -18.16 54.93 17.48
N ILE H 184 -18.78 55.27 16.34
CA ILE H 184 -19.30 56.61 16.15
C ILE H 184 -20.29 56.97 17.24
N LEU H 185 -21.24 56.08 17.53
CA LEU H 185 -22.22 56.28 18.60
C LEU H 185 -21.78 55.65 19.92
N SER H 186 -20.52 55.23 20.02
CA SER H 186 -19.97 54.70 21.28
C SER H 186 -20.81 53.53 21.82
N LYS H 187 -21.22 52.63 20.93
CA LYS H 187 -22.00 51.46 21.30
C LYS H 187 -21.12 50.22 21.42
N GLU H 188 -21.40 49.42 22.46
CA GLU H 188 -20.69 48.18 22.73
C GLU H 188 -21.65 47.13 23.27
N SER H 189 -21.65 45.95 22.64
CA SER H 189 -22.45 44.80 23.05
C SER H 189 -21.83 44.13 24.26
N ALA H 190 -22.61 43.36 24.98
CA ALA H 190 -21.96 42.45 25.91
C ALA H 190 -21.23 41.39 25.09
N PRO H 191 -20.21 40.77 25.66
CA PRO H 191 -19.44 39.76 24.90
C PRO H 191 -20.22 38.46 24.77
N TYR H 192 -20.09 37.83 23.61
CA TYR H 192 -20.41 36.42 23.49
C TYR H 192 -19.18 35.66 23.95
N VAL H 193 -19.36 34.67 24.84
CA VAL H 193 -18.24 33.96 25.44
C VAL H 193 -18.35 32.47 25.16
N CYS H 194 -17.25 31.90 24.66
CA CYS H 194 -17.11 30.49 24.35
C CYS H 194 -16.10 29.88 25.31
N ARG H 195 -16.48 28.80 25.99
CA ARG H 195 -15.49 27.98 26.65
C ARG H 195 -15.15 26.87 25.68
N VAL H 196 -13.99 26.99 25.03
CA VAL H 196 -13.59 26.04 24.02
C VAL H 196 -12.27 25.41 24.42
N LYS H 197 -12.05 24.20 23.89
CA LYS H 197 -10.86 23.45 24.16
C LYS H 197 -10.40 22.89 22.82
N THR H 198 -9.19 23.26 22.41
CA THR H 198 -8.65 22.76 21.15
C THR H 198 -8.66 21.24 21.17
N LEU H 199 -8.85 20.63 20.00
CA LEU H 199 -9.07 19.20 19.94
C LEU H 199 -7.80 18.44 20.32
N PRO H 200 -7.95 17.27 20.89
CA PRO H 200 -6.76 16.54 21.35
C PRO H 200 -6.02 15.89 20.19
N ASP H 201 -5.10 16.63 19.58
CA ASP H 201 -4.18 16.15 18.55
C ASP H 201 -4.55 14.80 17.88
N CYS I 7 -16.96 73.18 -1.58
CA CYS I 7 -18.34 73.02 -2.10
C CYS I 7 -18.88 71.61 -1.79
N LYS I 8 -18.00 70.77 -1.24
CA LYS I 8 -18.35 69.41 -0.83
C LYS I 8 -17.76 69.15 0.55
N LEU I 9 -18.47 68.36 1.35
CA LEU I 9 -17.95 67.94 2.64
C LEU I 9 -17.56 66.46 2.60
N HIS I 10 -16.57 66.11 3.41
CA HIS I 10 -16.12 64.73 3.50
C HIS I 10 -16.98 64.00 4.50
N VAL I 11 -17.02 62.66 4.35
CA VAL I 11 -17.73 61.82 5.31
C VAL I 11 -17.09 61.98 6.69
N ARG I 12 -15.79 62.29 6.71
CA ARG I 12 -15.01 62.41 7.95
C ARG I 12 -15.59 63.40 8.95
N ASN I 13 -16.19 64.50 8.51
CA ASN I 13 -16.56 65.54 9.48
C ASN I 13 -17.59 65.08 10.50
N PHE I 14 -18.27 63.96 10.27
CA PHE I 14 -19.35 63.54 11.15
C PHE I 14 -19.06 62.21 11.90
N GLN I 15 -17.79 61.76 11.93
CA GLN I 15 -17.48 60.43 12.45
C GLN I 15 -16.48 60.39 13.61
N SER I 16 -16.19 61.52 14.25
CA SER I 16 -15.31 61.55 15.43
C SER I 16 -16.12 61.22 16.67
N PRO I 17 -15.85 60.11 17.35
CA PRO I 17 -16.65 59.77 18.55
C PRO I 17 -16.70 60.89 19.57
N TYR I 18 -15.60 61.61 19.75
CA TYR I 18 -15.60 62.64 20.78
C TYR I 18 -16.70 63.65 20.50
N ILE I 19 -16.71 64.23 19.31
CA ILE I 19 -17.69 65.30 19.07
C ILE I 19 -19.11 64.75 19.19
N VAL I 20 -19.38 63.54 18.70
CA VAL I 20 -20.76 63.06 18.72
C VAL I 20 -21.22 62.78 20.14
N ASN I 21 -20.36 62.19 20.98
CA ASN I 21 -20.74 61.99 22.38
C ASN I 21 -21.09 63.34 23.03
N ARG I 22 -20.30 64.38 22.76
CA ARG I 22 -20.63 65.67 23.36
C ARG I 22 -21.82 66.32 22.66
N THR I 23 -21.89 66.23 21.33
CA THR I 23 -22.99 66.83 20.59
C THR I 23 -24.33 66.20 20.98
N PHE I 24 -24.36 64.86 21.12
CA PHE I 24 -25.57 64.12 21.48
C PHE I 24 -25.90 64.25 22.95
N MET I 25 -24.89 64.37 23.82
CA MET I 25 -25.19 64.64 25.22
C MET I 25 -25.75 66.05 25.44
N LEU I 26 -25.35 67.05 24.64
CA LEU I 26 -25.97 68.36 24.77
C LEU I 26 -27.44 68.32 24.39
N ALA I 27 -27.78 67.64 23.27
CA ALA I 27 -29.17 67.57 22.85
C ALA I 27 -30.03 66.80 23.84
N LYS I 28 -29.47 65.81 24.52
CA LYS I 28 -30.23 65.04 25.50
C LYS I 28 -30.55 65.87 26.74
N GLU I 29 -29.56 66.60 27.28
CA GLU I 29 -29.75 67.40 28.50
C GLU I 29 -30.73 68.56 28.31
N ALA I 30 -30.79 69.14 27.10
CA ALA I 30 -31.78 70.18 26.83
C ALA I 30 -33.18 69.59 26.66
N SER I 31 -33.25 68.40 26.05
CA SER I 31 -34.54 67.76 25.80
C SER I 31 -35.20 67.29 27.09
N LEU I 32 -34.43 66.96 28.11
CA LEU I 32 -35.01 66.63 29.41
C LEU I 32 -35.78 67.81 30.00
N ALA I 33 -35.34 69.04 29.71
CA ALA I 33 -35.99 70.26 30.14
C ALA I 33 -37.02 70.76 29.12
N ASP I 34 -37.43 69.88 28.20
CA ASP I 34 -38.30 70.19 27.07
C ASP I 34 -39.60 69.38 27.15
N GLN I 35 -40.70 70.04 27.50
CA GLN I 35 -41.99 69.36 27.56
C GLN I 35 -42.87 69.65 26.34
N ASN I 36 -42.30 70.23 25.28
CA ASN I 36 -43.08 70.63 24.11
C ASN I 36 -43.04 69.52 23.06
N THR I 37 -43.92 68.54 23.24
CA THR I 37 -44.04 67.40 22.33
C THR I 37 -44.79 67.73 21.04
N ASP I 38 -45.43 68.89 20.96
CA ASP I 38 -46.30 69.23 19.83
C ASP I 38 -45.58 69.93 18.68
N VAL I 39 -44.51 70.68 18.94
CA VAL I 39 -43.84 71.45 17.90
C VAL I 39 -42.42 70.90 17.74
N ARG I 40 -42.03 70.65 16.48
CA ARG I 40 -40.70 70.09 16.23
C ARG I 40 -39.99 70.95 15.19
N LEU I 41 -38.79 71.39 15.56
CA LEU I 41 -38.09 72.39 14.77
C LEU I 41 -37.53 71.80 13.48
N ILE I 42 -36.59 70.87 13.57
CA ILE I 42 -35.95 70.34 12.37
C ILE I 42 -36.76 69.12 11.95
N GLY I 43 -37.78 69.37 11.15
CA GLY I 43 -38.71 68.38 10.70
C GLY I 43 -39.08 68.60 9.26
N GLU I 44 -40.17 67.97 8.89
CA GLU I 44 -40.67 68.06 7.54
C GLU I 44 -40.96 69.52 7.19
N LYS I 45 -41.05 70.38 8.21
CA LYS I 45 -41.40 71.80 8.02
C LYS I 45 -40.40 72.53 7.14
N LEU I 46 -39.11 72.24 7.26
CA LEU I 46 -38.10 72.90 6.42
C LEU I 46 -37.93 72.21 5.07
N PHE I 47 -38.18 70.90 4.98
CA PHE I 47 -37.89 70.15 3.77
C PHE I 47 -39.07 70.15 2.80
N ARG I 48 -40.02 71.07 2.95
CA ARG I 48 -41.16 71.17 2.04
C ARG I 48 -40.66 71.67 0.70
N GLY I 49 -40.57 70.77 -0.28
CA GLY I 49 -40.22 71.21 -1.61
C GLY I 49 -38.79 71.70 -1.77
N VAL I 50 -37.83 70.89 -1.34
CA VAL I 50 -36.42 71.26 -1.42
C VAL I 50 -35.66 70.22 -2.25
N SER I 51 -35.29 70.60 -3.48
CA SER I 51 -34.47 69.77 -4.35
C SER I 51 -33.33 69.14 -3.57
N ALA I 52 -32.89 67.97 -4.05
CA ALA I 52 -31.84 67.25 -3.35
C ALA I 52 -30.46 67.88 -3.50
N LYS I 53 -30.20 68.58 -4.61
CA LYS I 53 -28.91 69.22 -4.84
C LYS I 53 -28.66 70.44 -3.97
N ASP I 54 -29.73 71.11 -3.56
CA ASP I 54 -29.59 72.31 -2.77
C ASP I 54 -29.63 72.07 -1.29
N GLN I 55 -29.75 70.81 -0.88
CA GLN I 55 -29.93 70.48 0.52
C GLN I 55 -28.69 70.84 1.34
N CYS I 56 -27.50 70.72 0.75
CA CYS I 56 -26.31 71.14 1.49
C CYS I 56 -26.28 72.65 1.69
N TYR I 57 -26.55 73.45 0.65
CA TYR I 57 -26.69 74.90 0.85
C TYR I 57 -27.83 75.22 1.80
N LEU I 58 -28.93 74.47 1.68
CA LEU I 58 -30.06 74.64 2.59
C LEU I 58 -29.61 74.44 4.04
N MET I 59 -28.85 73.37 4.30
CA MET I 59 -28.29 73.08 5.61
C MET I 59 -27.16 74.02 6.03
N LYS I 60 -26.47 74.66 5.08
CA LYS I 60 -25.39 75.58 5.42
C LYS I 60 -25.87 76.76 6.27
N GLN I 61 -27.02 77.36 5.90
CA GLN I 61 -27.57 78.48 6.67
C GLN I 61 -28.26 78.04 7.96
N VAL I 62 -28.84 76.84 8.00
CA VAL I 62 -29.43 76.35 9.25
C VAL I 62 -28.38 76.22 10.35
N LEU I 63 -27.15 75.82 9.98
CA LEU I 63 -26.06 75.80 10.95
C LEU I 63 -25.64 77.22 11.32
N GLN I 64 -25.51 78.10 10.32
CA GLN I 64 -25.11 79.46 10.64
C GLN I 64 -26.15 80.15 11.52
N PHE I 65 -27.44 79.83 11.33
CA PHE I 65 -28.48 80.39 12.19
C PHE I 65 -28.36 79.92 13.63
N THR I 66 -28.28 78.59 13.82
CA THR I 66 -28.24 78.06 15.20
C THR I 66 -27.03 78.54 15.95
N LEU I 67 -25.90 78.75 15.25
CA LEU I 67 -24.71 79.30 15.90
C LEU I 67 -24.90 80.78 16.25
N GLU I 68 -25.52 81.56 15.37
CA GLU I 68 -25.54 83.00 15.62
C GLU I 68 -26.62 83.40 16.64
N ASP I 69 -27.80 82.78 16.60
CA ASP I 69 -28.97 83.28 17.34
C ASP I 69 -29.39 82.44 18.54
N VAL I 70 -28.89 81.22 18.68
CA VAL I 70 -29.29 80.34 19.77
C VAL I 70 -28.12 80.04 20.71
N LEU I 71 -26.91 79.91 20.15
CA LEU I 71 -25.74 79.49 20.89
C LEU I 71 -25.02 80.67 21.54
N LEU I 72 -24.84 81.78 20.83
CA LEU I 72 -24.17 82.92 21.45
C LEU I 72 -24.91 83.46 22.68
N PRO I 73 -26.23 83.64 22.68
CA PRO I 73 -26.88 84.25 23.86
C PRO I 73 -26.85 83.47 25.16
N GLN I 74 -26.96 82.13 25.14
CA GLN I 74 -27.02 81.38 26.40
C GLN I 74 -25.93 80.31 26.47
N SER I 75 -24.67 80.68 26.21
CA SER I 75 -23.56 79.73 26.28
C SER I 75 -23.15 79.48 27.74
N ASP I 76 -24.09 79.75 28.67
CA ASP I 76 -23.81 79.83 30.10
C ASP I 76 -23.88 78.45 30.76
N ARG I 77 -25.08 77.89 30.90
CA ARG I 77 -25.15 76.59 31.54
C ARG I 77 -25.26 75.50 30.49
N PHE I 78 -25.85 74.37 30.83
CA PHE I 78 -25.71 73.19 29.98
C PHE I 78 -24.25 72.89 29.68
N GLN I 79 -23.35 73.30 30.62
CA GLN I 79 -21.94 72.98 30.53
C GLN I 79 -21.80 71.49 30.84
N PRO I 80 -20.61 70.92 30.72
CA PRO I 80 -19.40 71.26 29.95
C PRO I 80 -19.56 71.08 28.45
N TYR I 81 -20.76 70.73 28.00
CA TYR I 81 -20.92 70.31 26.62
C TYR I 81 -20.88 71.52 25.68
N MET I 82 -21.54 72.61 26.06
CA MET I 82 -21.54 73.82 25.26
C MET I 82 -20.13 74.25 24.88
N TRP I 83 -19.18 74.09 25.79
CA TRP I 83 -17.84 74.61 25.58
C TRP I 83 -17.12 73.98 24.38
N GLU I 84 -17.28 72.67 24.17
CA GLU I 84 -16.58 71.96 23.10
C GLU I 84 -17.37 71.88 21.81
N VAL I 85 -18.70 71.92 21.88
CA VAL I 85 -19.54 71.63 20.72
C VAL I 85 -19.55 72.80 19.74
N VAL I 86 -19.63 74.04 20.22
CA VAL I 86 -19.74 75.20 19.34
C VAL I 86 -18.47 75.43 18.51
N PRO I 87 -17.24 75.29 19.04
CA PRO I 87 -16.08 75.48 18.16
C PRO I 87 -16.03 74.47 17.03
N PHE I 88 -16.58 73.28 17.26
CA PHE I 88 -16.72 72.28 16.20
C PHE I 88 -17.75 72.73 15.14
N LEU I 89 -18.92 73.23 15.57
CA LEU I 89 -19.94 73.70 14.63
C LEU I 89 -19.46 74.88 13.78
N THR I 90 -18.65 75.76 14.37
CA THR I 90 -18.05 76.84 13.60
C THR I 90 -17.08 76.28 12.56
N LYS I 91 -16.31 75.25 12.92
CA LYS I 91 -15.33 74.69 12.00
C LYS I 91 -16.00 74.11 10.75
N LEU I 92 -17.28 73.74 10.83
CA LEU I 92 -18.04 73.25 9.68
C LEU I 92 -18.63 74.38 8.84
N SER I 93 -19.04 75.50 9.46
CA SER I 93 -19.50 76.66 8.68
C SER I 93 -18.37 77.24 7.84
N ASN I 94 -17.12 77.15 8.33
CA ASN I 94 -15.98 77.65 7.60
C ASN I 94 -15.67 76.78 6.38
N LYS I 95 -15.89 75.45 6.49
CA LYS I 95 -15.67 74.55 5.36
C LYS I 95 -16.68 74.77 4.23
N LEU I 96 -17.89 75.24 4.54
CA LEU I 96 -18.95 75.34 3.54
C LEU I 96 -19.12 76.73 2.91
N SER I 97 -18.22 77.67 3.20
CA SER I 97 -18.35 79.02 2.65
C SER I 97 -18.24 79.07 1.13
N SER I 98 -17.50 78.14 0.53
CA SER I 98 -17.13 78.13 -0.89
C SER I 98 -18.21 77.65 -1.89
N CYS I 99 -19.47 77.41 -1.51
CA CYS I 99 -20.49 77.08 -2.50
C CYS I 99 -21.77 77.82 -2.17
N HIS I 100 -22.46 78.26 -3.23
CA HIS I 100 -23.69 79.02 -3.18
C HIS I 100 -24.63 78.43 -4.22
N ILE I 101 -25.91 78.31 -3.89
CA ILE I 101 -26.81 77.51 -4.72
C ILE I 101 -26.99 78.16 -6.08
N SER I 102 -26.69 77.38 -7.13
CA SER I 102 -26.79 77.75 -8.54
C SER I 102 -28.20 77.79 -9.10
N GLY I 103 -29.16 78.39 -8.41
CA GLY I 103 -30.49 78.39 -8.96
C GLY I 103 -31.48 79.22 -8.18
N ASP I 104 -32.75 78.86 -8.37
CA ASP I 104 -33.87 79.58 -7.77
C ASP I 104 -34.01 79.16 -6.32
N ASP I 105 -33.82 80.12 -5.41
CA ASP I 105 -33.92 79.91 -3.97
C ASP I 105 -35.13 80.61 -3.38
N GLN I 106 -36.26 80.49 -4.09
CA GLN I 106 -37.51 81.05 -3.61
C GLN I 106 -38.09 80.16 -2.51
N ASN I 107 -37.89 78.85 -2.61
CA ASN I 107 -38.41 77.94 -1.60
C ASN I 107 -37.46 77.79 -0.41
N ILE I 108 -36.14 77.79 -0.62
CA ILE I 108 -35.22 77.64 0.51
C ILE I 108 -35.27 78.85 1.44
N GLN I 109 -35.26 80.07 0.89
CA GLN I 109 -35.31 81.23 1.76
C GLN I 109 -36.66 81.35 2.47
N LYS I 110 -37.75 80.94 1.82
CA LYS I 110 -39.06 80.95 2.44
C LYS I 110 -39.13 79.90 3.55
N ASN I 111 -38.40 78.80 3.38
CA ASN I 111 -38.33 77.76 4.39
C ASN I 111 -37.36 78.11 5.53
N VAL I 112 -36.20 78.70 5.21
CA VAL I 112 -35.22 79.04 6.24
C VAL I 112 -35.73 80.10 7.22
N ARG I 113 -36.60 81.01 6.79
CA ARG I 113 -37.15 82.01 7.72
C ARG I 113 -38.11 81.37 8.72
N ARG I 114 -38.92 80.41 8.29
CA ARG I 114 -39.83 79.72 9.22
C ARG I 114 -39.03 79.17 10.39
N LEU I 115 -37.75 78.91 10.16
CA LEU I 115 -36.89 78.43 11.22
C LEU I 115 -36.66 79.51 12.28
N LYS I 116 -36.34 80.73 11.84
CA LYS I 116 -36.08 81.85 12.76
C LYS I 116 -37.31 82.34 13.53
N GLU I 117 -38.54 82.18 13.00
CA GLU I 117 -39.73 82.67 13.70
C GLU I 117 -40.11 81.80 14.90
N THR I 118 -39.95 80.48 14.79
CA THR I 118 -40.42 79.57 15.85
C THR I 118 -39.62 79.69 17.14
N VAL I 119 -38.30 79.84 17.05
CA VAL I 119 -37.49 79.97 18.27
C VAL I 119 -37.89 81.22 19.04
N LYS I 120 -38.18 82.30 18.31
CA LYS I 120 -38.60 83.54 18.91
C LYS I 120 -40.08 83.52 19.31
N LYS I 121 -40.88 82.59 18.78
CA LYS I 121 -42.29 82.56 19.16
C LYS I 121 -42.46 82.31 20.65
N LEU I 122 -41.68 81.40 21.25
CA LEU I 122 -41.71 81.25 22.70
C LEU I 122 -40.39 81.64 23.36
N GLY I 123 -39.57 82.47 22.71
CA GLY I 123 -38.30 82.93 23.25
C GLY I 123 -37.36 81.93 23.89
N GLU I 124 -37.06 82.11 25.18
CA GLU I 124 -36.02 81.30 25.84
C GLU I 124 -36.38 79.81 25.83
N SER I 125 -37.68 79.46 25.92
CA SER I 125 -38.05 78.07 25.71
C SER I 125 -37.69 77.64 24.30
N GLY I 126 -37.85 78.55 23.35
CA GLY I 126 -37.46 78.28 21.97
C GLY I 126 -35.95 78.13 21.80
N GLU I 127 -35.16 78.72 22.69
CA GLU I 127 -33.71 78.58 22.58
C GLU I 127 -33.22 77.21 23.04
N ILE I 128 -33.80 76.65 24.13
CA ILE I 128 -33.35 75.35 24.61
C ILE I 128 -33.75 74.23 23.64
N LYS I 129 -34.85 74.42 22.91
CA LYS I 129 -35.31 73.41 21.94
C LYS I 129 -34.32 73.22 20.79
N ALA I 130 -33.76 74.30 20.26
CA ALA I 130 -32.79 74.16 19.18
C ALA I 130 -31.59 73.34 19.62
N ILE I 131 -31.12 73.54 20.87
CA ILE I 131 -30.00 72.77 21.39
C ILE I 131 -30.40 71.32 21.63
N GLY I 132 -31.59 71.10 22.19
CA GLY I 132 -32.09 69.76 22.40
C GLY I 132 -32.30 69.01 21.11
N GLU I 133 -32.34 69.73 19.99
CA GLU I 133 -32.45 69.16 18.67
C GLU I 133 -31.12 69.13 17.93
N LEU I 134 -30.00 69.29 18.66
CA LEU I 134 -28.68 69.12 18.05
C LEU I 134 -28.42 67.70 17.56
N ASP I 135 -29.18 66.70 18.01
CA ASP I 135 -29.02 65.40 17.37
C ASP I 135 -29.49 65.46 15.92
N LEU I 136 -30.68 66.03 15.71
CA LEU I 136 -31.31 66.17 14.40
C LEU I 136 -30.46 67.02 13.45
N LEU I 137 -29.88 68.12 13.95
CA LEU I 137 -29.03 68.99 13.13
C LEU I 137 -27.79 68.26 12.62
N PHE I 138 -27.07 67.59 13.52
CA PHE I 138 -25.85 66.86 13.15
C PHE I 138 -26.10 65.89 12.00
N MET I 139 -27.14 65.06 12.11
CA MET I 139 -27.38 64.01 11.12
C MET I 139 -27.97 64.58 9.83
N SER I 140 -28.79 65.65 9.92
CA SER I 140 -29.24 66.31 8.71
C SER I 140 -28.07 66.95 7.96
N LEU I 141 -27.05 67.42 8.71
CA LEU I 141 -25.85 68.00 8.11
C LEU I 141 -25.02 66.97 7.35
N ARG I 142 -24.87 65.76 7.90
CA ARG I 142 -24.08 64.73 7.20
C ARG I 142 -24.76 64.26 5.92
N ASN I 143 -26.04 63.90 6.02
CA ASN I 143 -26.73 63.29 4.89
C ASN I 143 -26.92 64.29 3.75
N ALA I 144 -26.90 65.58 4.04
CA ALA I 144 -27.17 66.55 2.99
C ALA I 144 -25.93 66.92 2.20
N CYS I 145 -24.72 66.80 2.76
CA CYS I 145 -23.54 67.29 2.07
C CYS I 145 -22.60 66.17 1.63
N VAL I 146 -23.07 64.93 1.62
CA VAL I 146 -22.30 63.81 1.09
C VAL I 146 -23.26 62.96 0.27
N MET J 1 10.69 101.79 29.00
CA MET J 1 10.05 100.69 28.27
C MET J 1 10.55 99.34 28.73
N ILE J 2 9.66 98.35 28.75
CA ILE J 2 10.01 97.04 29.30
C ILE J 2 10.10 95.98 28.21
N PRO J 3 11.12 95.13 28.25
CA PRO J 3 11.31 94.16 27.17
C PRO J 3 10.30 93.03 27.22
N PRO J 4 9.99 92.42 26.09
CA PRO J 4 8.95 91.38 25.98
C PRO J 4 9.42 90.05 26.52
N PRO J 5 8.50 89.10 26.68
CA PRO J 5 8.90 87.70 26.91
C PRO J 5 9.61 87.17 25.68
N GLU J 6 10.58 86.29 25.91
CA GLU J 6 11.37 85.74 24.81
C GLU J 6 10.97 84.29 24.53
N LYS J 7 11.18 83.89 23.27
CA LYS J 7 10.94 82.53 22.79
C LYS J 7 9.54 82.04 23.17
N VAL J 8 8.54 82.87 22.91
CA VAL J 8 7.16 82.51 23.23
C VAL J 8 6.72 81.36 22.33
N ARG J 9 6.22 80.28 22.94
CA ARG J 9 5.84 79.10 22.20
C ARG J 9 4.70 78.39 22.94
N MET J 10 3.80 77.75 22.20
CA MET J 10 2.77 76.90 22.77
C MET J 10 3.25 75.46 22.64
N ASN J 11 3.63 74.85 23.76
CA ASN J 11 4.04 73.45 23.77
C ASN J 11 2.80 72.62 24.09
N SER J 12 2.24 71.95 23.07
CA SER J 12 1.01 71.17 23.20
C SER J 12 1.27 69.74 22.75
N VAL J 13 1.14 68.79 23.65
CA VAL J 13 1.29 67.38 23.31
C VAL J 13 0.11 66.62 23.90
N ASN J 14 -0.62 65.93 23.03
CA ASN J 14 -1.84 65.22 23.41
C ASN J 14 -2.82 66.13 24.15
N PHE J 15 -3.04 67.34 23.62
CA PHE J 15 -4.05 68.29 24.13
C PHE J 15 -3.75 68.83 25.53
N LYS J 16 -2.49 68.72 25.98
CA LYS J 16 -1.98 69.44 27.14
C LYS J 16 -1.31 70.70 26.63
N ASN J 17 -2.03 71.82 26.68
CA ASN J 17 -1.62 73.07 26.04
C ASN J 17 -0.95 73.98 27.06
N ILE J 18 0.34 74.22 26.88
CA ILE J 18 1.15 75.04 27.79
C ILE J 18 1.75 76.19 26.99
N LEU J 19 1.42 77.42 27.37
CA LEU J 19 2.08 78.58 26.82
C LEU J 19 3.41 78.76 27.54
N GLN J 20 4.51 78.81 26.81
CA GLN J 20 5.83 78.89 27.41
C GLN J 20 6.56 80.09 26.85
N TRP J 21 7.31 80.78 27.72
CA TRP J 21 8.14 81.91 27.32
C TRP J 21 9.40 81.88 28.18
N GLU J 22 10.30 82.82 27.91
CA GLU J 22 11.50 82.99 28.70
C GLU J 22 11.59 84.42 29.22
N VAL J 23 12.24 84.54 30.37
CA VAL J 23 12.39 85.82 31.07
C VAL J 23 13.24 86.76 30.22
N PRO J 24 12.88 88.04 30.10
CA PRO J 24 13.63 88.92 29.21
C PRO J 24 15.05 89.18 29.71
N ALA J 25 15.83 89.75 28.81
CA ALA J 25 17.24 90.07 29.07
C ALA J 25 17.36 91.19 30.11
N PHE J 26 17.89 90.83 31.28
CA PHE J 26 18.22 91.65 32.43
C PHE J 26 17.44 92.96 32.59
N PRO J 27 16.11 92.95 32.80
CA PRO J 27 15.40 94.22 32.99
C PRO J 27 15.65 94.82 34.38
N LYS J 28 15.13 94.15 35.41
CA LYS J 28 15.31 94.56 36.81
C LYS J 28 14.64 93.54 37.73
N THR J 29 14.16 94.00 38.89
CA THR J 29 13.62 93.11 39.93
C THR J 29 12.19 92.62 39.65
N GLN J 30 11.19 93.48 39.88
CA GLN J 30 9.77 93.12 39.71
C GLN J 30 9.44 92.82 38.26
N LEU J 31 9.42 91.53 37.93
CA LEU J 31 9.21 91.06 36.55
C LEU J 31 8.09 90.01 36.49
N THR J 32 6.84 90.46 36.24
CA THR J 32 5.69 89.56 36.14
C THR J 32 5.08 89.56 34.73
N PHE J 33 4.21 88.57 34.46
CA PHE J 33 3.65 88.33 33.13
C PHE J 33 2.14 88.11 33.19
N THR J 34 1.44 88.42 32.09
CA THR J 34 0.02 88.19 31.97
C THR J 34 -0.26 87.54 30.62
N ALA J 35 -0.98 86.41 30.63
CA ALA J 35 -1.32 85.66 29.43
C ALA J 35 -2.84 85.61 29.29
N GLN J 36 -3.33 85.77 28.06
CA GLN J 36 -4.76 85.82 27.75
C GLN J 36 -5.07 85.03 26.48
N TYR J 37 -6.36 84.71 26.28
CA TYR J 37 -6.83 84.08 25.04
C TYR J 37 -8.10 84.72 24.48
N GLU J 38 -8.29 84.58 23.16
CA GLU J 38 -9.44 85.16 22.45
C GLU J 38 -10.76 84.51 22.88
N SER J 39 -11.67 85.31 23.45
CA SER J 39 -12.99 84.82 23.89
C SER J 39 -14.09 85.77 23.41
N TYR J 40 -14.74 85.46 22.29
CA TYR J 40 -15.87 86.24 21.78
C TYR J 40 -15.48 87.69 21.40
N ARG J 41 -14.26 87.88 20.90
CA ARG J 41 -13.61 89.12 20.49
C ARG J 41 -12.97 89.87 21.66
N SER J 42 -13.28 89.52 22.92
CA SER J 42 -12.72 90.23 24.07
C SER J 42 -11.81 89.26 24.82
N PHE J 43 -10.58 89.71 25.09
CA PHE J 43 -9.59 88.84 25.74
C PHE J 43 -9.83 88.75 27.22
N GLN J 44 -9.50 87.58 27.78
CA GLN J 44 -9.75 87.30 29.17
C GLN J 44 -8.41 87.00 29.82
N ASP J 45 -8.20 87.51 31.03
CA ASP J 45 -7.07 87.06 31.82
C ASP J 45 -7.20 85.57 32.09
N HIS J 46 -6.09 84.86 31.98
CA HIS J 46 -5.97 83.47 32.41
C HIS J 46 -4.85 83.30 33.43
N CYS J 47 -3.67 83.82 33.13
CA CYS J 47 -2.60 83.99 34.09
C CYS J 47 -2.45 85.49 34.26
N LYS J 48 -2.78 86.01 35.45
CA LYS J 48 -2.74 87.45 35.72
C LYS J 48 -1.60 87.76 36.69
N ARG J 49 -0.62 88.52 36.23
CA ARG J 49 0.50 88.93 37.05
C ARG J 49 1.16 87.70 37.71
N THR J 50 1.61 86.78 36.86
CA THR J 50 2.32 85.58 37.30
C THR J 50 3.82 85.81 37.24
N ALA J 51 4.55 85.19 38.16
CA ALA J 51 6.01 85.20 38.08
C ALA J 51 6.57 84.07 37.24
N SER J 52 5.74 83.09 36.89
CA SER J 52 6.27 81.91 36.23
C SER J 52 6.36 82.13 34.72
N THR J 53 7.17 81.30 34.08
CA THR J 53 7.41 81.35 32.65
C THR J 53 6.61 80.31 31.87
N GLN J 54 5.46 79.88 32.40
CA GLN J 54 4.57 78.99 31.67
C GLN J 54 3.14 79.23 32.14
N CYS J 55 2.17 78.94 31.27
CA CYS J 55 0.74 79.07 31.57
C CYS J 55 0.01 77.90 30.92
N ASP J 56 -0.87 77.25 31.67
CA ASP J 56 -1.57 76.07 31.16
C ASP J 56 -2.84 76.49 30.40
N PHE J 57 -2.92 76.11 29.15
CA PHE J 57 -4.07 76.41 28.31
C PHE J 57 -4.74 75.11 27.87
N SER J 58 -4.69 74.09 28.73
CA SER J 58 -5.26 72.80 28.42
C SER J 58 -6.76 72.81 28.56
N HIS J 59 -7.32 73.85 29.16
CA HIS J 59 -8.76 73.95 29.31
C HIS J 59 -9.43 74.39 28.04
N LEU J 60 -8.65 74.76 27.03
CA LEU J 60 -9.17 75.31 25.79
C LEU J 60 -9.89 74.23 24.96
N SER J 61 -10.88 74.68 24.19
CA SER J 61 -11.66 73.80 23.32
C SER J 61 -10.79 73.18 22.22
N LYS J 62 -11.01 71.88 21.97
CA LYS J 62 -10.18 71.19 20.98
C LYS J 62 -10.42 71.77 19.59
N TYR J 63 -11.67 72.02 19.25
CA TYR J 63 -11.96 72.50 17.92
C TYR J 63 -11.96 74.02 17.87
N GLY J 64 -11.59 74.67 18.99
CA GLY J 64 -11.59 76.10 19.04
C GLY J 64 -10.37 76.66 18.33
N ASP J 65 -10.60 77.75 17.58
CA ASP J 65 -9.53 78.57 17.01
C ASP J 65 -9.15 79.65 18.01
N TYR J 66 -7.94 79.57 18.55
CA TYR J 66 -7.55 80.49 19.58
C TYR J 66 -6.32 81.30 19.17
N THR J 67 -6.27 82.55 19.62
CA THR J 67 -5.06 83.36 19.64
C THR J 67 -4.71 83.69 21.10
N VAL J 68 -3.47 83.36 21.50
CA VAL J 68 -2.97 83.53 22.86
C VAL J 68 -1.81 84.53 22.84
N ARG J 69 -1.73 85.39 23.87
CA ARG J 69 -0.72 86.45 23.99
C ARG J 69 -0.19 86.53 25.42
N VAL J 70 1.03 87.01 25.56
CA VAL J 70 1.62 87.21 26.88
C VAL J 70 2.42 88.51 26.87
N ARG J 71 2.46 89.19 28.01
CA ARG J 71 3.25 90.40 28.17
C ARG J 71 3.94 90.41 29.52
N ALA J 72 5.03 91.15 29.57
CA ALA J 72 5.81 91.39 30.77
C ALA J 72 5.26 92.60 31.51
N GLU J 73 5.37 92.59 32.83
CA GLU J 73 4.77 93.66 33.59
C GLU J 73 5.65 94.16 34.72
N LEU J 74 5.54 95.48 34.94
CA LEU J 74 5.79 96.20 36.18
C LEU J 74 4.48 96.92 36.50
N ALA J 75 4.41 97.54 37.66
CA ALA J 75 3.16 98.15 38.07
C ALA J 75 2.70 99.23 37.10
N ASP J 76 1.50 99.02 36.53
CA ASP J 76 0.77 99.92 35.64
C ASP J 76 1.38 100.14 34.25
N GLU J 77 2.62 99.73 34.02
CA GLU J 77 3.23 99.80 32.70
C GLU J 77 3.35 98.40 32.10
N HIS J 78 2.91 98.24 30.87
CA HIS J 78 2.95 96.93 30.26
C HIS J 78 3.92 96.90 29.07
N SER J 79 4.22 95.68 28.66
CA SER J 79 5.16 95.36 27.59
C SER J 79 4.40 95.13 26.30
N GLU J 80 5.14 94.92 25.22
CA GLU J 80 4.45 94.48 24.02
C GLU J 80 3.85 93.10 24.26
N TRP J 81 2.72 92.84 23.60
CA TRP J 81 2.11 91.52 23.58
C TRP J 81 2.80 90.67 22.53
N VAL J 82 2.94 89.40 22.82
CA VAL J 82 3.45 88.44 21.86
C VAL J 82 2.32 87.46 21.61
N GLN J 83 1.75 87.51 20.41
CA GLN J 83 0.61 86.67 20.07
C GLN J 83 1.09 85.42 19.36
N VAL J 84 0.35 84.33 19.56
CA VAL J 84 0.52 83.08 18.85
C VAL J 84 -0.88 82.58 18.46
N THR J 85 -1.01 82.01 17.28
CA THR J 85 -2.26 81.42 16.87
C THR J 85 -2.17 79.93 17.18
N PHE J 86 -3.27 79.34 17.65
CA PHE J 86 -3.25 77.93 18.10
C PHE J 86 -4.66 77.36 18.13
N CYS J 87 -4.88 76.26 17.38
CA CYS J 87 -6.12 75.49 17.39
C CYS J 87 -5.72 74.05 17.71
N PRO J 88 -6.14 73.52 18.84
CA PRO J 88 -5.54 72.26 19.34
C PRO J 88 -5.59 71.07 18.39
N VAL J 89 -6.77 70.76 17.84
CA VAL J 89 -6.93 69.52 17.06
C VAL J 89 -6.07 69.54 15.79
N GLU J 90 -5.74 70.73 15.28
CA GLU J 90 -4.85 70.82 14.13
C GLU J 90 -3.38 70.91 14.52
N ASP J 91 -3.07 71.43 15.71
CA ASP J 91 -1.70 71.78 16.04
C ASP J 91 -1.08 70.96 17.17
N THR J 92 -1.86 70.25 17.98
CA THR J 92 -1.26 69.50 19.08
C THR J 92 -0.42 68.34 18.53
N ILE J 93 0.65 68.01 19.26
CA ILE J 93 1.54 66.91 18.86
C ILE J 93 0.89 65.61 19.28
N ILE J 94 0.78 64.67 18.34
CA ILE J 94 0.22 63.36 18.62
C ILE J 94 1.31 62.58 19.34
N GLY J 95 1.12 62.36 20.64
CA GLY J 95 2.10 61.64 21.42
C GLY J 95 2.20 60.20 20.98
N PRO J 96 3.23 59.51 21.44
CA PRO J 96 3.42 58.13 21.02
C PRO J 96 2.43 57.23 21.72
N PRO J 97 1.84 56.27 21.01
CA PRO J 97 0.95 55.32 21.67
C PRO J 97 1.77 54.27 22.42
N GLU J 98 1.09 53.65 23.36
CA GLU J 98 1.63 52.51 24.07
C GLU J 98 1.30 51.23 23.31
N MET J 99 2.22 50.28 23.35
CA MET J 99 2.03 49.00 22.70
C MET J 99 2.64 47.90 23.57
N GLN J 100 1.93 46.80 23.70
CA GLN J 100 2.45 45.63 24.39
C GLN J 100 2.47 44.47 23.40
N ILE J 101 3.53 43.67 23.46
CA ILE J 101 3.74 42.61 22.51
C ILE J 101 3.71 41.30 23.26
N GLU J 102 3.02 40.33 22.70
CA GLU J 102 2.91 39.01 23.31
C GLU J 102 3.64 38.08 22.36
N SER J 103 4.69 37.42 22.86
CA SER J 103 5.50 36.57 22.02
C SER J 103 4.79 35.25 21.80
N LEU J 104 4.39 35.01 20.56
CA LEU J 104 3.78 33.75 20.17
C LEU J 104 4.83 32.90 19.46
N ALA J 105 4.78 31.60 19.73
CA ALA J 105 5.68 30.63 19.12
C ALA J 105 5.77 30.89 17.61
N GLU J 106 4.65 31.30 17.02
CA GLU J 106 4.58 31.56 15.58
C GLU J 106 5.21 32.89 15.22
N SER J 107 4.48 33.98 15.45
CA SER J 107 4.93 35.33 15.18
C SER J 107 4.63 36.22 16.39
N LEU J 108 4.67 37.55 16.18
CA LEU J 108 4.59 38.57 17.24
C LEU J 108 3.24 39.27 17.27
N HIS J 109 2.54 39.19 18.41
CA HIS J 109 1.22 39.79 18.59
C HIS J 109 1.31 41.20 19.17
N LEU J 110 0.81 42.19 18.41
CA LEU J 110 0.82 43.59 18.83
C LEU J 110 -0.57 44.02 19.29
N ARG J 111 -0.61 44.81 20.38
CA ARG J 111 -1.83 45.48 20.81
C ARG J 111 -1.46 46.94 21.15
N PHE J 112 -2.22 47.91 20.65
CA PHE J 112 -1.93 49.34 20.83
C PHE J 112 -2.90 50.00 21.80
N SER J 113 -2.45 51.11 22.40
CA SER J 113 -3.29 51.95 23.24
C SER J 113 -2.93 53.40 22.96
N ALA J 114 -3.88 54.15 22.38
CA ALA J 114 -3.67 55.56 22.06
C ALA J 114 -3.44 56.41 23.31
N PRO J 115 -2.72 57.54 23.19
CA PRO J 115 -2.47 58.41 24.35
C PRO J 115 -3.77 59.05 24.86
N GLN J 116 -3.85 59.23 26.18
CA GLN J 116 -4.99 59.87 26.83
C GLN J 116 -4.85 61.40 26.85
N ILE J 117 -6.01 62.08 26.78
CA ILE J 117 -6.09 63.53 26.89
C ILE J 117 -6.83 63.89 28.18
N GLU J 118 -6.10 64.45 29.15
CA GLU J 118 -6.63 64.76 30.48
C GLU J 118 -7.33 66.13 30.56
N ASN J 119 -7.65 66.75 29.43
CA ASN J 119 -8.35 68.03 29.47
C ASN J 119 -9.77 67.89 30.00
N GLU J 120 -10.34 66.69 29.92
CA GLU J 120 -11.67 66.20 30.28
C GLU J 120 -11.56 65.20 31.43
N PRO J 121 -12.41 65.33 32.47
CA PRO J 121 -12.34 64.38 33.59
C PRO J 121 -12.69 62.94 33.20
N GLU J 122 -12.99 62.69 31.94
CA GLU J 122 -13.29 61.34 31.46
C GLU J 122 -12.01 60.72 30.87
N THR J 123 -12.09 59.44 30.53
CA THR J 123 -10.93 58.70 30.03
C THR J 123 -10.90 58.69 28.51
N TRP J 124 -10.82 59.87 27.91
CA TRP J 124 -10.74 59.90 26.46
C TRP J 124 -9.31 59.69 25.99
N THR J 125 -9.17 59.41 24.69
CA THR J 125 -7.88 59.12 24.08
C THR J 125 -7.81 59.76 22.69
N LEU J 126 -6.58 59.87 22.16
CA LEU J 126 -6.39 60.54 20.88
C LEU J 126 -7.15 59.84 19.76
N LYS J 127 -7.31 58.50 19.87
CA LYS J 127 -8.11 57.71 18.93
C LYS J 127 -9.61 58.05 19.00
N ASN J 128 -10.08 58.48 20.18
CA ASN J 128 -11.47 58.86 20.38
C ASN J 128 -11.81 60.25 19.85
N ILE J 129 -10.82 61.07 19.48
CA ILE J 129 -11.07 62.47 19.09
C ILE J 129 -11.04 62.66 17.57
N TYR J 130 -10.08 62.04 16.92
CA TYR J 130 -9.83 62.12 15.49
C TYR J 130 -10.57 60.98 14.81
N ASP J 131 -11.30 61.27 13.75
CA ASP J 131 -12.03 60.21 13.10
C ASP J 131 -11.19 59.33 12.18
N SER J 132 -9.95 59.74 11.89
CA SER J 132 -9.10 59.07 10.92
C SER J 132 -7.92 58.42 11.61
N TRP J 133 -8.07 58.03 12.87
CA TRP J 133 -6.95 57.45 13.58
C TRP J 133 -6.63 56.08 13.01
N ALA J 134 -5.33 55.83 12.80
CA ALA J 134 -4.85 54.50 12.47
C ALA J 134 -3.43 54.36 13.00
N TYR J 135 -2.98 53.12 13.14
CA TYR J 135 -1.63 52.88 13.60
C TYR J 135 -0.78 52.47 12.41
N ARG J 136 0.39 53.08 12.29
CA ARG J 136 1.39 52.65 11.34
C ARG J 136 2.46 51.91 12.11
N VAL J 137 2.70 50.65 11.77
CA VAL J 137 3.76 49.87 12.40
C VAL J 137 4.90 49.77 11.41
N GLN J 138 6.13 49.99 11.87
CA GLN J 138 7.31 49.84 11.06
C GLN J 138 8.24 48.85 11.73
N TYR J 139 8.64 47.81 10.99
CA TYR J 139 9.52 46.77 11.53
C TYR J 139 10.73 46.55 10.63
N TRP J 140 11.82 46.16 11.28
CA TRP J 140 13.11 45.87 10.65
C TRP J 140 13.91 44.90 11.51
N PHE J 148 10.14 47.95 6.66
CA PHE J 148 8.78 47.62 6.22
C PHE J 148 7.72 48.26 7.13
N GLN J 149 6.54 48.55 6.59
CA GLN J 149 5.48 49.20 7.35
C GLN J 149 4.11 48.60 7.04
N VAL J 150 3.25 48.57 8.06
CA VAL J 150 1.86 48.13 7.93
C VAL J 150 0.97 49.12 8.67
N VAL J 151 -0.23 49.36 8.13
CA VAL J 151 -1.20 50.29 8.68
C VAL J 151 -2.43 49.52 9.14
N SER J 152 -2.92 49.83 10.34
CA SER J 152 -4.14 49.21 10.84
C SER J 152 -4.94 50.22 11.65
N PRO J 153 -6.26 50.22 11.55
CA PRO J 153 -7.08 51.13 12.36
C PRO J 153 -7.54 50.56 13.69
N TYR J 154 -7.25 49.31 13.97
CA TYR J 154 -7.75 48.64 15.16
C TYR J 154 -6.64 48.58 16.20
N ASP J 155 -7.00 48.33 17.46
CA ASP J 155 -5.95 48.38 18.48
C ASP J 155 -5.09 47.12 18.54
N SER J 156 -5.17 46.23 17.55
CA SER J 156 -4.32 45.04 17.54
C SER J 156 -3.90 44.73 16.11
N GLU J 157 -2.70 44.18 15.99
CA GLU J 157 -2.18 43.75 14.71
C GLU J 157 -1.16 42.66 14.97
N VAL J 158 -1.08 41.73 14.03
CA VAL J 158 -0.16 40.62 14.16
C VAL J 158 0.72 40.60 12.91
N LEU J 159 2.03 40.71 13.11
CA LEU J 159 2.99 40.55 12.04
C LEU J 159 3.34 39.07 11.96
N ARG J 160 2.88 38.41 10.89
CA ARG J 160 2.95 36.96 10.72
C ARG J 160 4.10 36.57 9.78
N ASN J 161 4.48 35.30 9.87
CA ASN J 161 5.52 34.68 9.02
C ASN J 161 6.87 35.32 9.34
N LEU J 162 7.55 35.95 8.38
CA LEU J 162 8.89 36.50 8.53
C LEU J 162 9.86 35.33 8.69
N GLU J 163 10.93 35.50 9.47
CA GLU J 163 11.85 34.37 9.57
C GLU J 163 11.90 33.85 11.01
N PRO J 164 12.00 32.54 11.20
CA PRO J 164 11.95 31.99 12.57
C PRO J 164 13.18 32.30 13.40
N TRP J 165 12.99 32.16 14.71
CA TRP J 165 13.98 32.37 15.76
C TRP J 165 14.65 33.75 15.68
N THR J 166 13.84 34.79 15.53
CA THR J 166 14.42 36.12 15.65
C THR J 166 13.35 37.07 16.17
N THR J 167 13.61 37.71 17.30
CA THR J 167 12.75 38.77 17.82
C THR J 167 13.11 40.05 17.08
N TYR J 168 12.13 40.63 16.42
CA TYR J 168 12.34 41.92 15.80
C TYR J 168 11.88 42.99 16.77
N CYS J 169 12.38 44.21 16.56
CA CYS J 169 11.96 45.38 17.31
C CYS J 169 11.18 46.30 16.39
N ILE J 170 10.02 46.71 16.88
CA ILE J 170 8.96 47.37 16.14
C ILE J 170 8.54 48.62 16.88
N GLN J 171 7.96 49.58 16.16
CA GLN J 171 7.38 50.75 16.81
C GLN J 171 6.05 51.09 16.16
N VAL J 172 5.27 51.91 16.85
CA VAL J 172 3.98 52.30 16.32
C VAL J 172 3.89 53.81 16.39
N GLN J 173 3.13 54.40 15.47
CA GLN J 173 2.85 55.82 15.49
C GLN J 173 1.40 56.04 15.08
N GLY J 174 0.81 57.10 15.61
CA GLY J 174 -0.52 57.50 15.22
C GLY J 174 -0.42 58.43 14.03
N PHE J 175 -1.44 58.37 13.17
CA PHE J 175 -1.52 59.24 11.99
C PHE J 175 -2.98 59.34 11.56
N LEU J 176 -3.26 60.29 10.66
CA LEU J 176 -4.61 60.43 10.11
C LEU J 176 -4.62 59.92 8.67
N LEU J 177 -5.83 59.71 8.14
CA LEU J 177 -5.97 58.93 6.92
C LEU J 177 -5.34 59.64 5.73
N ASP J 178 -5.72 60.88 5.48
CA ASP J 178 -5.13 61.61 4.37
C ASP J 178 -4.52 62.95 4.75
N GLN J 179 -4.79 63.48 5.96
CA GLN J 179 -4.29 64.80 6.30
C GLN J 179 -2.79 64.86 6.55
N GLN J 180 -2.03 63.91 5.96
CA GLN J 180 -0.61 63.78 6.21
C GLN J 180 -0.20 64.34 7.57
N ARG J 181 -0.85 63.85 8.63
CA ARG J 181 -0.58 64.24 10.01
C ARG J 181 0.00 63.02 10.67
N THR J 182 1.27 63.08 11.04
CA THR J 182 1.96 61.96 11.70
C THR J 182 2.23 62.29 13.17
N GLY J 183 1.98 61.31 14.05
CA GLY J 183 2.32 61.46 15.45
C GLY J 183 3.72 60.93 15.74
N GLU J 184 4.14 61.11 16.98
CA GLU J 184 5.49 60.67 17.31
C GLU J 184 5.53 59.16 17.51
N TRP J 185 6.68 58.61 17.16
CA TRP J 185 6.92 57.18 17.33
C TRP J 185 7.19 56.87 18.81
N SER J 186 6.86 55.65 19.21
CA SER J 186 7.20 55.17 20.54
C SER J 186 8.66 54.73 20.62
N GLU J 187 9.08 54.39 21.81
CA GLU J 187 10.41 53.81 21.86
C GLU J 187 10.30 52.30 21.70
N PRO J 188 11.29 51.67 21.05
CA PRO J 188 11.16 50.24 20.73
C PRO J 188 10.94 49.37 21.97
N ILE J 189 9.86 48.58 21.94
CA ILE J 189 9.56 47.58 22.97
C ILE J 189 9.69 46.21 22.32
N CYS J 190 10.56 45.35 22.88
CA CYS J 190 10.87 44.05 22.30
C CYS J 190 10.59 42.93 23.29
N GLU J 191 10.14 41.79 22.79
CA GLU J 191 9.90 40.62 23.62
C GLU J 191 10.36 39.40 22.83
N ARG J 192 10.92 38.41 23.54
CA ARG J 192 11.60 37.32 22.88
C ARG J 192 10.61 36.32 22.29
N THR J 193 10.85 35.91 21.04
CA THR J 193 9.94 34.99 20.33
C THR J 193 10.11 33.55 20.80
N LEU K 1 13.71 -28.52 12.81
CA LEU K 1 12.70 -28.69 11.77
C LEU K 1 12.27 -30.14 11.72
N LEU K 2 11.09 -30.37 12.27
CA LEU K 2 10.43 -31.66 12.41
C LEU K 2 9.13 -31.67 11.61
N GLN K 3 8.84 -32.79 10.95
CA GLN K 3 7.65 -32.85 10.11
C GLN K 3 7.11 -34.27 10.07
N HIS K 4 5.86 -34.39 9.66
CA HIS K 4 5.22 -35.69 9.36
C HIS K 4 5.30 -36.64 10.54
N VAL K 5 5.06 -36.13 11.73
CA VAL K 5 5.06 -36.96 12.92
C VAL K 5 3.68 -37.58 13.02
N LYS K 6 3.59 -38.88 12.78
CA LYS K 6 2.28 -39.54 12.74
C LYS K 6 2.44 -41.00 13.12
N PHE K 7 1.29 -41.62 13.36
CA PHE K 7 1.19 -43.04 13.66
C PHE K 7 0.96 -43.81 12.37
N GLN K 8 1.63 -44.92 12.24
CA GLN K 8 1.30 -45.86 11.18
C GLN K 8 0.90 -47.13 11.91
N SER K 9 -0.39 -47.46 11.86
CA SER K 9 -0.97 -48.51 12.69
C SER K 9 -1.61 -49.59 11.84
N SER K 10 -1.15 -50.82 12.03
CA SER K 10 -1.55 -51.94 11.18
C SER K 10 -1.79 -53.14 12.07
N ASN K 11 -2.99 -53.70 12.03
CA ASN K 11 -3.38 -54.83 12.92
C ASN K 11 -2.98 -54.55 14.37
N PHE K 12 -3.16 -53.31 14.79
CA PHE K 12 -2.95 -52.82 16.17
C PHE K 12 -1.50 -52.93 16.64
N GLU K 13 -0.57 -53.07 15.71
CA GLU K 13 0.84 -52.86 16.00
C GLU K 13 1.09 -51.40 15.61
N ASN K 14 1.36 -50.57 16.61
CA ASN K 14 1.24 -49.13 16.47
C ASN K 14 2.62 -48.48 16.44
N ILE K 15 3.02 -48.01 15.27
CA ILE K 15 4.37 -47.51 15.08
C ILE K 15 4.32 -46.03 14.80
N LEU K 16 5.06 -45.27 15.61
CA LEU K 16 5.19 -43.84 15.44
C LEU K 16 6.36 -43.56 14.52
N THR K 17 6.09 -42.86 13.43
CA THR K 17 7.09 -42.51 12.45
C THR K 17 7.05 -41.00 12.26
N TRP K 18 8.22 -40.44 11.92
CA TRP K 18 8.33 -39.02 11.64
C TRP K 18 9.51 -38.81 10.70
N ASP K 19 9.69 -37.57 10.24
CA ASP K 19 10.79 -37.24 9.36
C ASP K 19 11.44 -35.93 9.79
N GLY K 20 12.71 -35.77 9.40
CA GLY K 20 13.42 -34.53 9.59
C GLY K 20 13.02 -33.49 8.55
N GLY K 21 13.77 -32.41 8.54
CA GLY K 21 13.46 -31.33 7.64
C GLY K 21 14.71 -30.85 6.95
N PRO K 22 14.64 -29.68 6.39
CA PRO K 22 15.83 -29.04 5.82
C PRO K 22 16.91 -28.71 6.85
N ALA K 23 16.76 -29.20 8.09
CA ALA K 23 17.75 -29.00 9.16
C ALA K 23 18.02 -30.32 9.92
N SER K 24 18.70 -31.29 9.30
CA SER K 24 18.99 -32.56 9.95
C SER K 24 20.51 -32.75 10.07
N THR K 25 21.11 -32.11 11.07
CA THR K 25 22.53 -32.32 11.33
C THR K 25 22.74 -33.73 11.85
N SER K 26 23.94 -34.26 11.60
CA SER K 26 24.25 -35.61 12.08
C SER K 26 24.01 -35.73 13.58
N ASP K 27 24.23 -34.66 14.34
CA ASP K 27 24.03 -34.64 15.79
C ASP K 27 22.59 -34.36 16.22
N THR K 28 21.63 -34.35 15.31
CA THR K 28 20.26 -34.08 15.71
C THR K 28 19.61 -35.35 16.22
N VAL K 29 19.06 -35.25 17.42
CA VAL K 29 18.47 -36.39 18.08
C VAL K 29 16.99 -36.10 18.28
N TYR K 30 16.24 -37.16 18.52
CA TYR K 30 14.80 -37.13 18.62
C TYR K 30 14.41 -37.85 19.91
N SER K 31 13.47 -37.26 20.64
CA SER K 31 12.95 -37.83 21.88
C SER K 31 11.47 -38.10 21.71
N VAL K 32 11.02 -39.27 22.17
CA VAL K 32 9.63 -39.70 22.01
C VAL K 32 8.94 -39.64 23.36
N GLU K 33 7.75 -39.04 23.40
CA GLU K 33 6.88 -38.96 24.57
C GLU K 33 5.47 -39.29 24.15
N TYR K 34 4.72 -39.96 25.02
CA TYR K 34 3.35 -40.35 24.73
C TYR K 34 2.51 -40.17 25.99
N LYS K 35 1.20 -40.08 25.80
CA LYS K 35 0.24 -39.90 26.87
C LYS K 35 -1.09 -40.47 26.42
N LYS K 36 -1.90 -40.79 27.41
CA LYS K 36 -3.28 -41.12 27.21
C LYS K 36 -4.07 -39.82 27.26
N TYR K 37 -5.00 -39.64 26.33
CA TYR K 37 -5.68 -38.36 26.19
C TYR K 37 -6.41 -37.99 27.50
N GLY K 38 -6.35 -36.72 27.87
CA GLY K 38 -6.99 -36.38 29.14
C GLY K 38 -6.06 -36.47 30.31
N GLU K 39 -4.79 -36.67 30.04
CA GLU K 39 -3.82 -36.63 31.10
C GLU K 39 -2.89 -35.44 30.93
N ARG K 40 -2.36 -34.99 32.05
CA ARG K 40 -1.44 -33.88 31.98
C ARG K 40 -0.01 -34.37 31.82
N LYS K 41 0.34 -35.47 32.50
CA LYS K 41 1.70 -35.99 32.47
C LYS K 41 1.96 -36.73 31.17
N TRP K 42 3.03 -36.35 30.49
CA TRP K 42 3.52 -37.01 29.29
C TRP K 42 4.62 -37.99 29.68
N LEU K 43 4.41 -39.28 29.41
CA LEU K 43 5.44 -40.29 29.67
C LEU K 43 6.45 -40.36 28.53
N ALA K 44 7.65 -40.85 28.86
CA ALA K 44 8.76 -40.94 27.93
C ALA K 44 9.06 -42.39 27.56
N LYS K 45 9.13 -42.68 26.26
CA LYS K 45 9.41 -44.03 25.77
C LYS K 45 10.87 -44.37 25.99
N ALA K 46 11.14 -45.42 26.76
CA ALA K 46 12.50 -45.71 27.19
C ALA K 46 13.44 -45.98 26.02
N GLY K 47 12.97 -46.68 25.00
CA GLY K 47 13.85 -46.99 23.88
C GLY K 47 14.18 -45.78 23.04
N CYS K 48 13.22 -44.87 22.88
CA CYS K 48 13.31 -43.80 21.90
C CYS K 48 13.55 -42.46 22.58
N GLN K 49 14.78 -42.27 23.09
CA GLN K 49 15.19 -41.02 23.76
C GLN K 49 16.52 -40.56 23.17
N ARG K 50 16.54 -39.36 22.57
CA ARG K 50 17.75 -38.81 21.98
C ARG K 50 18.32 -39.77 20.94
N ILE K 51 17.47 -40.19 20.01
CA ILE K 51 17.87 -41.19 19.03
C ILE K 51 17.90 -40.54 17.66
N THR K 52 18.72 -41.07 16.76
CA THR K 52 18.78 -40.52 15.43
C THR K 52 17.79 -41.13 14.45
N GLN K 53 17.24 -42.31 14.75
CA GLN K 53 16.31 -42.92 13.79
C GLN K 53 14.99 -42.17 13.81
N LYS K 54 14.15 -42.43 12.82
CA LYS K 54 12.96 -41.62 12.64
C LYS K 54 11.69 -42.42 12.74
N PHE K 55 11.65 -43.40 13.66
CA PHE K 55 10.46 -44.18 13.96
C PHE K 55 10.60 -44.81 15.35
N CYS K 56 9.46 -45.20 15.94
CA CYS K 56 9.42 -45.76 17.29
C CYS K 56 8.19 -46.66 17.46
N ASP K 57 8.42 -47.91 17.93
CA ASP K 57 7.35 -48.89 18.11
C ASP K 57 6.74 -48.68 19.49
N LEU K 58 5.52 -48.16 19.51
CA LEU K 58 4.81 -47.87 20.75
C LEU K 58 3.67 -48.87 20.98
N THR K 59 3.79 -50.06 20.39
CA THR K 59 2.69 -51.02 20.45
C THR K 59 2.37 -51.41 21.89
N MET K 60 3.39 -51.72 22.67
CA MET K 60 3.12 -52.02 24.08
C MET K 60 2.53 -50.83 24.80
N GLU K 61 2.90 -49.61 24.42
CA GLU K 61 2.46 -48.41 25.15
C GLU K 61 1.07 -47.96 24.79
N THR K 62 0.51 -48.47 23.72
CA THR K 62 -0.84 -48.11 23.28
C THR K 62 -1.68 -49.37 23.07
N ARG K 63 -1.66 -50.29 24.05
CA ARG K 63 -2.27 -51.60 23.81
C ARG K 63 -3.79 -51.61 23.91
N ASP K 64 -4.41 -50.67 24.61
CA ASP K 64 -5.86 -50.66 24.86
C ASP K 64 -6.55 -50.15 23.60
N HIS K 65 -7.15 -51.07 22.85
CA HIS K 65 -7.64 -50.68 21.55
C HIS K 65 -8.83 -49.74 21.67
N GLN K 66 -9.48 -49.72 22.83
CA GLN K 66 -10.63 -48.84 23.04
C GLN K 66 -10.26 -47.50 23.66
N GLU K 67 -8.97 -47.21 23.80
CA GLU K 67 -8.49 -46.01 24.46
C GLU K 67 -8.13 -44.95 23.42
N PHE K 68 -7.77 -43.76 23.90
CA PHE K 68 -7.35 -42.65 23.05
C PHE K 68 -6.02 -42.12 23.53
N TYR K 69 -5.07 -42.00 22.61
CA TYR K 69 -3.69 -41.66 22.91
C TYR K 69 -3.22 -40.51 22.03
N TYR K 70 -2.10 -39.95 22.45
CA TYR K 70 -1.40 -38.91 21.72
C TYR K 70 0.07 -39.22 21.89
N ALA K 71 0.88 -38.81 20.94
CA ALA K 71 2.31 -38.97 21.04
C ALA K 71 2.98 -37.72 20.49
N LYS K 72 4.19 -37.45 20.94
CA LYS K 72 4.90 -36.28 20.44
C LYS K 72 6.37 -36.62 20.31
N VAL K 73 7.04 -35.89 19.43
CA VAL K 73 8.46 -36.05 19.19
C VAL K 73 9.13 -34.71 19.46
N THR K 74 10.26 -34.75 20.15
CA THR K 74 11.04 -33.57 20.40
C THR K 74 12.35 -33.69 19.65
N ALA K 75 12.60 -32.78 18.73
CA ALA K 75 13.83 -32.73 17.97
C ALA K 75 14.69 -31.62 18.54
N VAL K 76 15.90 -31.98 18.97
CA VAL K 76 16.90 -31.04 19.44
C VAL K 76 18.15 -31.24 18.57
N SER K 77 18.74 -30.12 18.13
CA SER K 77 19.89 -30.08 17.25
C SER K 77 21.11 -29.76 18.07
N ALA K 78 22.25 -29.65 17.41
CA ALA K 78 23.47 -29.29 18.12
C ALA K 78 23.23 -28.02 18.89
N GLY K 79 23.24 -28.11 20.22
CA GLY K 79 22.87 -26.97 21.02
C GLY K 79 21.45 -26.58 20.68
N GLY K 80 21.28 -25.31 20.29
CA GLY K 80 20.02 -24.70 19.89
C GLY K 80 18.74 -25.09 20.62
N PRO K 81 17.62 -24.77 20.01
CA PRO K 81 16.31 -24.92 20.69
C PRO K 81 15.55 -26.14 20.20
N PRO K 82 14.69 -26.70 21.05
CA PRO K 82 13.93 -27.89 20.67
C PRO K 82 12.69 -27.56 19.86
N VAL K 83 12.34 -28.49 18.96
CA VAL K 83 11.11 -28.45 18.17
C VAL K 83 10.32 -29.70 18.54
N THR K 84 9.07 -29.52 18.96
CA THR K 84 8.19 -30.60 19.40
C THR K 84 6.88 -30.53 18.64
N LYS K 85 6.60 -31.55 17.84
CA LYS K 85 5.32 -31.65 17.15
C LYS K 85 4.70 -32.97 17.53
N MET K 86 3.41 -32.93 17.82
CA MET K 86 2.71 -34.12 18.26
C MET K 86 1.75 -34.56 17.14
N THR K 87 1.09 -35.68 17.38
CA THR K 87 0.25 -36.34 16.40
C THR K 87 -1.21 -36.01 16.65
N ASP K 88 -2.05 -36.41 15.70
CA ASP K 88 -3.49 -36.37 15.88
C ASP K 88 -3.89 -37.34 16.99
N ARG K 89 -5.08 -37.14 17.55
CA ARG K 89 -5.64 -38.08 18.52
C ARG K 89 -5.69 -39.49 17.92
N PHE K 90 -5.08 -40.47 18.60
CA PHE K 90 -4.97 -41.81 18.06
C PHE K 90 -5.88 -42.78 18.81
N SER K 91 -6.68 -43.53 18.05
CA SER K 91 -7.45 -44.67 18.54
C SER K 91 -7.20 -45.90 17.67
N SER K 92 -6.56 -46.93 18.22
CA SER K 92 -6.18 -48.04 17.35
C SER K 92 -7.42 -48.70 16.78
N LEU K 93 -8.48 -48.83 17.58
CA LEU K 93 -9.70 -49.44 17.04
C LEU K 93 -10.20 -48.71 15.80
N GLN K 94 -10.21 -47.38 15.83
CA GLN K 94 -10.79 -46.76 14.66
C GLN K 94 -9.78 -46.47 13.57
N HIS K 95 -8.48 -46.38 13.91
CA HIS K 95 -7.48 -45.92 12.94
C HIS K 95 -6.60 -47.00 12.34
N THR K 96 -6.54 -48.19 12.92
CA THR K 96 -5.62 -49.23 12.45
C THR K 96 -6.15 -49.87 11.16
N THR K 97 -5.23 -50.26 10.28
CA THR K 97 -5.65 -50.97 9.08
C THR K 97 -5.52 -52.47 9.28
N ILE K 98 -6.19 -53.23 8.43
CA ILE K 98 -6.10 -54.68 8.48
C ILE K 98 -5.04 -55.10 7.47
N LYS K 99 -4.00 -55.82 7.93
CA LYS K 99 -3.06 -56.44 6.98
C LYS K 99 -3.79 -57.58 6.24
N PRO K 100 -3.32 -57.94 5.06
CA PRO K 100 -3.97 -59.04 4.29
C PRO K 100 -4.13 -60.32 5.11
N PRO K 101 -5.18 -61.09 4.84
CA PRO K 101 -5.44 -62.29 5.62
C PRO K 101 -4.40 -63.36 5.36
N ASP K 102 -4.26 -64.25 6.34
CA ASP K 102 -3.34 -65.39 6.28
C ASP K 102 -4.02 -66.51 5.51
N VAL K 103 -3.62 -66.73 4.27
CA VAL K 103 -4.32 -67.67 3.42
C VAL K 103 -3.39 -68.76 2.89
N THR K 104 -3.92 -69.96 2.71
CA THR K 104 -3.23 -71.00 1.95
C THR K 104 -4.08 -71.34 0.75
N CYS K 105 -3.50 -71.18 -0.44
CA CYS K 105 -4.15 -71.55 -1.70
C CYS K 105 -3.68 -72.93 -2.09
N ILE K 106 -4.64 -73.78 -2.42
CA ILE K 106 -4.33 -75.16 -2.75
C ILE K 106 -4.78 -75.40 -4.19
N PRO K 107 -3.84 -75.71 -5.08
CA PRO K 107 -4.21 -76.10 -6.44
C PRO K 107 -4.76 -77.51 -6.42
N LYS K 108 -5.93 -77.65 -7.01
CA LYS K 108 -6.65 -78.88 -7.24
C LYS K 108 -6.70 -79.12 -8.75
N VAL K 109 -7.35 -80.20 -9.19
CA VAL K 109 -7.37 -80.48 -10.63
C VAL K 109 -8.36 -79.57 -11.34
N ARG K 110 -9.59 -79.52 -10.85
CA ARG K 110 -10.63 -78.76 -11.51
C ARG K 110 -11.19 -77.69 -10.59
N SER K 111 -10.39 -77.31 -9.58
CA SER K 111 -10.77 -76.31 -8.60
C SER K 111 -9.52 -75.68 -8.02
N ILE K 112 -9.75 -74.63 -7.22
CA ILE K 112 -8.69 -73.91 -6.52
C ILE K 112 -9.20 -73.71 -5.10
N GLN K 113 -8.49 -74.24 -4.12
CA GLN K 113 -8.95 -74.17 -2.74
C GLN K 113 -8.13 -73.14 -1.97
N MET K 114 -8.79 -72.47 -1.02
CA MET K 114 -8.19 -71.42 -0.22
C MET K 114 -8.59 -71.61 1.23
N LEU K 115 -7.60 -71.63 2.13
CA LEU K 115 -7.85 -71.80 3.56
C LEU K 115 -7.37 -70.53 4.26
N VAL K 116 -8.26 -69.91 5.04
CA VAL K 116 -7.91 -68.70 5.79
C VAL K 116 -7.56 -69.06 7.23
N HIS K 117 -6.41 -68.62 7.68
CA HIS K 117 -5.94 -68.92 9.02
C HIS K 117 -6.09 -67.73 9.94
N PRO K 118 -6.45 -67.95 11.20
CA PRO K 118 -6.62 -66.80 12.11
C PRO K 118 -5.33 -65.99 12.29
N THR K 119 -5.49 -64.67 12.47
CA THR K 119 -4.36 -63.78 12.70
C THR K 119 -4.40 -63.29 14.15
N LEU K 120 -3.38 -63.63 14.92
CA LEU K 120 -3.28 -63.10 16.27
C LEU K 120 -2.81 -61.65 16.21
N THR K 121 -3.15 -60.92 17.25
CA THR K 121 -2.93 -59.47 17.31
C THR K 121 -2.41 -59.09 18.69
N PRO K 122 -1.86 -57.89 18.84
CA PRO K 122 -1.31 -57.48 20.14
C PRO K 122 -2.34 -57.03 21.17
N VAL K 123 -3.62 -57.23 20.92
CA VAL K 123 -4.64 -56.67 21.79
C VAL K 123 -5.13 -57.78 22.70
N LEU K 124 -5.35 -57.44 23.96
CA LEU K 124 -5.67 -58.44 24.95
C LEU K 124 -7.14 -58.42 25.34
N SER K 125 -7.62 -59.57 25.79
CA SER K 125 -8.94 -59.66 26.38
C SER K 125 -8.86 -59.18 27.82
N GLU K 126 -10.01 -59.21 28.50
CA GLU K 126 -10.03 -58.81 29.90
C GLU K 126 -9.10 -59.69 30.70
N ASP K 127 -9.04 -60.98 30.38
CA ASP K 127 -8.14 -61.92 31.03
C ASP K 127 -6.69 -61.78 30.59
N GLY K 128 -6.40 -60.96 29.59
CA GLY K 128 -5.03 -60.70 29.22
C GLY K 128 -4.48 -61.54 28.09
N HIS K 129 -5.35 -62.14 27.28
CA HIS K 129 -4.97 -63.04 26.19
C HIS K 129 -5.01 -62.33 24.83
N GLN K 130 -4.08 -62.67 23.95
CA GLN K 130 -4.06 -62.00 22.66
C GLN K 130 -5.28 -62.40 21.85
N LEU K 131 -5.88 -61.42 21.18
CA LEU K 131 -7.09 -61.69 20.42
C LEU K 131 -6.79 -61.79 18.93
N THR K 132 -7.59 -62.58 18.22
CA THR K 132 -7.56 -62.53 16.77
C THR K 132 -8.46 -61.44 16.24
N LEU K 133 -8.28 -61.13 14.95
CA LEU K 133 -9.12 -60.17 14.25
C LEU K 133 -10.60 -60.55 14.39
N GLU K 134 -10.91 -61.83 14.17
CA GLU K 134 -12.28 -62.31 14.29
C GLU K 134 -12.83 -62.07 15.70
N GLU K 135 -11.98 -62.17 16.72
CA GLU K 135 -12.44 -61.92 18.06
C GLU K 135 -12.63 -60.45 18.33
N ILE K 136 -11.96 -59.58 17.58
CA ILE K 136 -12.12 -58.14 17.75
C ILE K 136 -13.26 -57.59 16.92
N PHE K 137 -13.36 -58.05 15.69
CA PHE K 137 -14.39 -57.61 14.77
C PHE K 137 -15.33 -58.80 14.60
N HIS K 138 -16.45 -58.73 15.32
CA HIS K 138 -17.47 -59.75 15.19
C HIS K 138 -18.13 -59.69 13.82
N ASP K 139 -18.05 -58.53 13.14
CA ASP K 139 -18.62 -58.37 11.80
C ASP K 139 -17.68 -58.80 10.68
N LEU K 140 -16.47 -59.24 11.00
CA LEU K 140 -15.47 -59.51 9.98
C LEU K 140 -15.93 -60.60 9.02
N PHE K 141 -15.61 -60.42 7.74
CA PHE K 141 -15.89 -61.44 6.74
C PHE K 141 -14.82 -61.39 5.66
N TYR K 142 -14.87 -62.36 4.75
CA TYR K 142 -13.88 -62.50 3.68
C TYR K 142 -14.56 -62.32 2.32
N ARG K 143 -13.90 -61.61 1.43
CA ARG K 143 -14.34 -61.43 0.04
C ARG K 143 -13.25 -62.01 -0.86
N LEU K 144 -13.58 -63.02 -1.61
CA LEU K 144 -12.61 -63.70 -2.47
C LEU K 144 -12.96 -63.52 -3.94
N GLU K 145 -11.92 -63.34 -4.73
CA GLU K 145 -12.02 -63.31 -6.17
C GLU K 145 -11.01 -64.28 -6.74
N LEU K 146 -11.45 -65.00 -7.77
CA LEU K 146 -10.61 -65.84 -8.62
C LEU K 146 -10.64 -65.25 -10.02
N HIS K 147 -9.49 -64.74 -10.48
CA HIS K 147 -9.38 -64.07 -11.77
C HIS K 147 -9.07 -65.11 -12.88
N VAL K 148 -9.87 -65.08 -13.94
CA VAL K 148 -9.62 -65.91 -15.10
C VAL K 148 -8.86 -65.14 -16.14
N ASN K 149 -9.30 -63.92 -16.38
CA ASN K 149 -8.63 -62.95 -17.23
C ASN K 149 -9.10 -61.61 -16.70
N HIS K 150 -8.51 -60.51 -17.21
CA HIS K 150 -8.84 -59.22 -16.63
C HIS K 150 -10.34 -58.91 -16.67
N THR K 151 -11.11 -59.52 -17.60
CA THR K 151 -12.53 -59.20 -17.73
C THR K 151 -13.47 -60.25 -17.14
N TYR K 152 -12.96 -61.33 -16.54
CA TYR K 152 -13.79 -62.40 -16.00
C TYR K 152 -13.27 -62.78 -14.62
N GLN K 153 -14.15 -62.72 -13.64
CA GLN K 153 -13.81 -63.09 -12.28
C GLN K 153 -14.99 -63.85 -11.68
N MET K 154 -14.69 -64.73 -10.76
CA MET K 154 -15.68 -65.49 -10.00
C MET K 154 -15.55 -65.00 -8.57
N HIS K 155 -16.67 -64.83 -7.87
CA HIS K 155 -16.63 -64.34 -6.50
C HIS K 155 -17.21 -65.35 -5.50
N LEU K 156 -16.60 -65.39 -4.30
CA LEU K 156 -17.05 -66.12 -3.12
C LEU K 156 -16.89 -65.21 -1.90
N GLU K 157 -17.80 -65.34 -0.96
CA GLU K 157 -17.74 -64.53 0.24
C GLU K 157 -18.27 -65.31 1.42
N GLY K 158 -17.81 -64.96 2.61
CA GLY K 158 -18.38 -65.56 3.79
C GLY K 158 -17.59 -65.20 5.03
N LYS K 159 -18.11 -65.70 6.14
CA LYS K 159 -17.43 -65.65 7.42
C LYS K 159 -16.62 -66.91 7.70
N GLN K 160 -16.86 -68.00 6.94
CA GLN K 160 -16.12 -69.24 7.15
C GLN K 160 -14.68 -69.08 6.63
N ARG K 161 -13.88 -70.09 6.87
CA ARG K 161 -12.45 -70.06 6.54
C ARG K 161 -12.06 -71.00 5.42
N GLU K 162 -13.02 -71.66 4.80
CA GLU K 162 -12.75 -72.57 3.69
C GLU K 162 -13.59 -72.13 2.50
N TYR K 163 -12.93 -71.97 1.36
CA TYR K 163 -13.58 -71.57 0.12
C TYR K 163 -13.01 -72.41 -0.99
N GLU K 164 -13.86 -72.80 -1.94
CA GLU K 164 -13.41 -73.61 -3.08
C GLU K 164 -14.05 -73.06 -4.36
N PHE K 165 -13.21 -72.66 -5.31
CA PHE K 165 -13.69 -72.23 -6.63
C PHE K 165 -13.77 -73.45 -7.53
N LEU K 166 -15.00 -73.90 -7.81
CA LEU K 166 -15.22 -75.14 -8.54
C LEU K 166 -15.40 -74.91 -10.03
N GLY K 167 -15.27 -76.00 -10.79
CA GLY K 167 -15.56 -76.03 -12.22
C GLY K 167 -14.48 -75.45 -13.10
N LEU K 168 -13.21 -75.57 -12.71
CA LEU K 168 -12.11 -74.95 -13.42
C LEU K 168 -11.47 -75.89 -14.44
N THR K 169 -10.73 -75.28 -15.39
CA THR K 169 -10.00 -76.13 -16.34
C THR K 169 -8.68 -76.58 -15.70
N PRO K 170 -8.28 -77.84 -15.92
CA PRO K 170 -6.97 -78.28 -15.43
C PRO K 170 -5.84 -77.54 -16.14
N ASP K 171 -4.68 -77.50 -15.48
CA ASP K 171 -3.45 -76.96 -16.05
C ASP K 171 -3.60 -75.51 -16.55
N THR K 172 -4.43 -74.72 -15.86
CA THR K 172 -4.68 -73.31 -16.16
C THR K 172 -4.28 -72.40 -15.00
N GLU K 173 -3.68 -71.25 -15.33
CA GLU K 173 -3.25 -70.27 -14.35
C GLU K 173 -4.39 -69.31 -14.00
N PHE K 174 -4.55 -69.07 -12.71
CA PHE K 174 -5.58 -68.20 -12.17
C PHE K 174 -4.95 -67.27 -11.15
N LEU K 175 -5.64 -66.18 -10.86
CA LEU K 175 -5.19 -65.23 -9.84
C LEU K 175 -6.27 -65.14 -8.77
N GLY K 176 -5.91 -65.50 -7.54
CA GLY K 176 -6.82 -65.41 -6.42
C GLY K 176 -6.46 -64.25 -5.51
N SER K 177 -7.47 -63.54 -5.01
CA SER K 177 -7.26 -62.47 -4.04
C SER K 177 -8.26 -62.65 -2.91
N ILE K 178 -7.80 -62.48 -1.68
CA ILE K 178 -8.70 -62.55 -0.52
C ILE K 178 -8.58 -61.24 0.29
N THR K 179 -9.72 -60.69 0.65
CA THR K 179 -9.77 -59.42 1.32
C THR K 179 -10.55 -59.55 2.61
N ILE K 180 -10.03 -58.95 3.68
CA ILE K 180 -10.76 -58.83 4.94
C ILE K 180 -11.52 -57.51 4.92
N LEU K 181 -12.78 -57.57 5.35
CA LEU K 181 -13.64 -56.41 5.52
C LEU K 181 -14.23 -56.45 6.94
N THR K 182 -14.40 -55.26 7.51
CA THR K 182 -15.17 -55.10 8.74
C THR K 182 -16.15 -53.98 8.43
N PRO K 183 -17.42 -54.29 8.11
CA PRO K 183 -18.32 -53.24 7.60
C PRO K 183 -18.65 -52.13 8.61
N ILE K 184 -18.84 -52.46 9.90
CA ILE K 184 -19.34 -51.46 10.86
C ILE K 184 -18.44 -50.25 10.89
N LEU K 185 -17.14 -50.47 11.02
CA LEU K 185 -16.16 -49.39 11.01
C LEU K 185 -15.55 -49.19 9.64
N SER K 186 -16.08 -49.86 8.61
CA SER K 186 -15.74 -49.52 7.23
C SER K 186 -14.26 -49.76 6.90
N LYS K 187 -13.68 -50.87 7.38
CA LYS K 187 -12.28 -51.23 7.14
C LYS K 187 -12.13 -52.32 6.09
N GLU K 188 -11.11 -52.19 5.25
CA GLU K 188 -10.85 -53.19 4.22
C GLU K 188 -9.35 -53.40 4.10
N SER K 189 -8.91 -54.65 4.26
CA SER K 189 -7.48 -54.91 4.16
C SER K 189 -7.01 -54.84 2.72
N ALA K 190 -5.72 -54.71 2.56
CA ALA K 190 -5.14 -55.07 1.29
C ALA K 190 -5.33 -56.57 1.07
N PRO K 191 -5.36 -57.00 -0.19
CA PRO K 191 -5.62 -58.42 -0.49
C PRO K 191 -4.43 -59.33 -0.28
N TYR K 192 -4.72 -60.56 0.14
CA TYR K 192 -3.79 -61.65 -0.07
C TYR K 192 -3.98 -62.13 -1.52
N VAL K 193 -2.87 -62.31 -2.26
CA VAL K 193 -2.90 -62.57 -3.70
C VAL K 193 -2.17 -63.86 -4.03
N CYS K 194 -2.88 -64.79 -4.66
CA CYS K 194 -2.37 -66.09 -5.06
C CYS K 194 -2.23 -66.12 -6.57
N ARG K 195 -1.05 -66.40 -7.07
CA ARG K 195 -0.95 -66.79 -8.47
C ARG K 195 -0.83 -68.30 -8.46
N VAL K 196 -1.91 -68.98 -8.87
CA VAL K 196 -1.98 -70.43 -8.78
C VAL K 196 -2.29 -71.06 -10.13
N LYS K 197 -1.96 -72.35 -10.24
CA LYS K 197 -2.20 -73.08 -11.46
C LYS K 197 -2.81 -74.42 -11.11
N THR K 198 -4.02 -74.69 -11.63
CA THR K 198 -4.66 -75.97 -11.38
C THR K 198 -3.83 -77.16 -11.89
N LEU K 199 -3.94 -78.27 -11.16
CA LEU K 199 -3.11 -79.43 -11.42
C LEU K 199 -3.45 -80.08 -12.76
N PRO K 200 -2.46 -80.61 -13.44
CA PRO K 200 -2.70 -81.20 -14.78
C PRO K 200 -3.31 -82.59 -14.71
N ASP K 201 -4.60 -82.67 -14.36
CA ASP K 201 -5.40 -83.91 -14.36
C ASP K 201 -4.62 -85.23 -14.58
N LEU L 1 -3.13 14.98 4.34
CA LEU L 1 -3.70 14.52 5.61
C LEU L 1 -4.81 15.48 6.02
N LEU L 2 -5.99 14.89 6.25
CA LEU L 2 -7.24 15.55 6.61
C LEU L 2 -7.77 14.97 7.93
N GLN L 3 -8.40 15.79 8.78
CA GLN L 3 -8.88 15.28 10.06
C GLN L 3 -10.12 16.04 10.52
N HIS L 4 -10.90 15.41 11.42
CA HIS L 4 -12.02 16.02 12.15
C HIS L 4 -13.04 16.67 11.23
N VAL L 5 -13.47 15.90 10.23
CA VAL L 5 -14.51 16.34 9.31
C VAL L 5 -15.85 16.13 10.02
N LYS L 6 -16.55 17.21 10.36
CA LYS L 6 -17.82 17.03 11.07
C LYS L 6 -18.78 18.18 10.79
N PHE L 7 -20.05 17.92 11.07
CA PHE L 7 -21.09 18.91 10.97
C PHE L 7 -21.25 19.57 12.33
N GLN L 8 -21.35 20.88 12.34
CA GLN L 8 -21.67 21.54 13.59
C GLN L 8 -22.95 22.27 13.27
N SER L 9 -24.06 21.79 13.82
CA SER L 9 -25.39 22.21 13.46
C SER L 9 -26.12 22.78 14.68
N SER L 10 -26.59 24.02 14.55
CA SER L 10 -27.17 24.74 15.68
C SER L 10 -28.39 25.51 15.17
N ASN L 11 -29.56 25.22 15.74
CA ASN L 11 -30.84 25.78 15.26
C ASN L 11 -31.04 25.60 13.75
N PHE L 12 -30.67 24.40 13.23
CA PHE L 12 -30.85 23.94 11.85
C PHE L 12 -30.08 24.69 10.79
N GLU L 13 -29.07 25.47 11.20
CA GLU L 13 -28.08 26.03 10.30
C GLU L 13 -26.90 25.07 10.37
N ASN L 14 -26.63 24.39 9.28
CA ASN L 14 -25.77 23.24 9.31
C ASN L 14 -24.44 23.59 8.67
N ILE L 15 -23.40 23.71 9.48
CA ILE L 15 -22.08 24.17 9.02
C ILE L 15 -21.09 23.01 9.04
N LEU L 16 -20.45 22.79 7.92
CA LEU L 16 -19.47 21.75 7.80
C LEU L 16 -18.11 22.31 8.14
N THR L 17 -17.45 21.67 9.09
CA THR L 17 -16.12 22.07 9.54
C THR L 17 -15.15 20.89 9.45
N TRP L 18 -13.87 21.21 9.24
CA TRP L 18 -12.81 20.21 9.25
C TRP L 18 -11.51 20.90 9.56
N ASP L 19 -10.44 20.11 9.72
CA ASP L 19 -9.11 20.65 10.01
C ASP L 19 -8.08 20.02 9.08
N GLY L 20 -6.96 20.73 8.92
CA GLY L 20 -5.84 20.21 8.20
C GLY L 20 -5.09 19.20 9.04
N GLY L 21 -3.96 18.76 8.54
CA GLY L 21 -3.20 17.75 9.24
C GLY L 21 -1.75 18.10 9.29
N PRO L 22 -0.94 17.11 9.61
CA PRO L 22 0.51 17.28 9.55
C PRO L 22 1.07 17.42 8.14
N ALA L 23 0.19 17.55 7.13
CA ALA L 23 0.59 17.75 5.73
C ALA L 23 -0.25 18.87 5.10
N SER L 24 -0.02 20.12 5.54
CA SER L 24 -0.73 21.30 5.05
C SER L 24 0.31 22.23 4.39
N THR L 25 0.47 22.12 3.08
CA THR L 25 1.40 22.95 2.30
C THR L 25 0.97 24.45 2.21
N SER L 26 -0.06 24.95 2.89
CA SER L 26 -0.56 26.31 2.76
C SER L 26 -1.05 26.59 1.33
N ASP L 27 -0.65 25.74 0.38
CA ASP L 27 -1.19 25.71 -0.98
C ASP L 27 -2.12 24.52 -1.17
N THR L 28 -2.55 23.92 -0.06
CA THR L 28 -3.50 22.81 -0.02
C THR L 28 -4.93 23.32 -0.12
N VAL L 29 -5.72 22.70 -0.99
CA VAL L 29 -7.09 23.12 -1.22
C VAL L 29 -8.02 22.01 -0.74
N TYR L 30 -9.28 22.39 -0.54
CA TYR L 30 -10.30 21.51 -0.01
C TYR L 30 -11.55 21.65 -0.87
N SER L 31 -12.14 20.51 -1.22
CA SER L 31 -13.35 20.47 -2.02
C SER L 31 -14.44 19.81 -1.20
N VAL L 32 -15.63 20.42 -1.19
CA VAL L 32 -16.74 19.97 -0.35
C VAL L 32 -17.76 19.29 -1.26
N GLU L 33 -18.23 18.11 -0.85
CA GLU L 33 -19.22 17.34 -1.59
C GLU L 33 -20.28 16.88 -0.60
N TYR L 34 -21.53 16.81 -1.07
CA TYR L 34 -22.62 16.32 -0.23
C TYR L 34 -23.53 15.45 -1.06
N LYS L 35 -24.32 14.64 -0.36
CA LYS L 35 -25.30 13.73 -0.93
C LYS L 35 -26.38 13.50 0.08
N LYS L 36 -27.52 13.11 -0.43
CA LYS L 36 -28.62 12.62 0.38
C LYS L 36 -28.40 11.11 0.54
N TYR L 37 -28.56 10.61 1.77
CA TYR L 37 -28.26 9.21 2.05
C TYR L 37 -29.10 8.28 1.19
N GLY L 38 -28.44 7.24 0.66
CA GLY L 38 -29.05 6.29 -0.24
C GLY L 38 -28.89 6.59 -1.70
N GLU L 39 -28.04 7.53 -2.04
CA GLU L 39 -27.81 7.78 -3.45
C GLU L 39 -26.34 7.58 -3.79
N ARG L 40 -26.10 7.28 -5.05
CA ARG L 40 -24.74 7.01 -5.49
C ARG L 40 -24.03 8.28 -5.90
N LYS L 41 -24.75 9.21 -6.51
CA LYS L 41 -24.16 10.44 -7.04
C LYS L 41 -23.86 11.44 -5.91
N TRP L 42 -22.62 11.95 -5.88
CA TRP L 42 -22.16 13.00 -4.97
C TRP L 42 -22.18 14.38 -5.63
N LEU L 43 -22.93 15.33 -5.04
CA LEU L 43 -22.98 16.73 -5.49
C LEU L 43 -21.85 17.54 -4.85
N ALA L 44 -21.50 18.63 -5.52
CA ALA L 44 -20.42 19.54 -5.11
C ALA L 44 -20.97 20.90 -4.73
N LYS L 45 -20.59 21.39 -3.56
CA LYS L 45 -21.03 22.71 -3.12
C LYS L 45 -20.30 23.78 -3.93
N ALA L 46 -21.08 24.62 -4.60
CA ALA L 46 -20.52 25.60 -5.53
C ALA L 46 -19.61 26.61 -4.84
N GLY L 47 -19.95 27.01 -3.62
CA GLY L 47 -19.09 27.97 -2.93
C GLY L 47 -17.76 27.38 -2.49
N CYS L 48 -17.76 26.12 -2.06
CA CYS L 48 -16.60 25.53 -1.40
C CYS L 48 -15.94 24.47 -2.29
N GLN L 49 -15.25 24.92 -3.31
CA GLN L 49 -14.52 24.06 -4.23
C GLN L 49 -13.11 24.60 -4.33
N ARG L 50 -12.13 23.77 -3.95
CA ARG L 50 -10.72 24.17 -4.00
C ARG L 50 -10.49 25.43 -3.18
N ILE L 51 -10.93 25.40 -1.93
CA ILE L 51 -10.83 26.54 -1.04
C ILE L 51 -9.78 26.20 0.00
N THR L 52 -9.10 27.22 0.51
CA THR L 52 -8.06 26.99 1.50
C THR L 52 -8.60 27.02 2.92
N GLN L 53 -9.81 27.55 3.11
CA GLN L 53 -10.44 27.61 4.42
C GLN L 53 -10.94 26.24 4.83
N LYS L 54 -11.33 26.11 6.08
CA LYS L 54 -11.62 24.81 6.66
C LYS L 54 -13.05 24.70 7.18
N PHE L 55 -14.02 25.32 6.50
CA PHE L 55 -15.42 25.25 6.91
C PHE L 55 -16.29 25.61 5.71
N CYS L 56 -17.55 25.18 5.77
CA CYS L 56 -18.45 25.37 4.64
C CYS L 56 -19.88 25.32 5.15
N ASP L 57 -20.69 26.31 4.76
CA ASP L 57 -22.07 26.42 5.23
C ASP L 57 -22.98 25.65 4.27
N LEU L 58 -23.48 24.51 4.72
CA LEU L 58 -24.35 23.65 3.91
C LEU L 58 -25.81 23.77 4.29
N THR L 59 -26.22 24.89 4.88
CA THR L 59 -27.56 25.06 5.42
C THR L 59 -28.62 24.90 4.35
N MET L 60 -28.47 25.61 3.24
CA MET L 60 -29.43 25.48 2.16
C MET L 60 -29.42 24.08 1.56
N GLU L 61 -28.25 23.42 1.55
CA GLU L 61 -28.13 22.11 0.92
C GLU L 61 -28.57 20.95 1.80
N THR L 62 -28.77 21.17 3.10
CA THR L 62 -29.31 20.14 3.97
C THR L 62 -30.56 20.71 4.64
N ARG L 63 -31.46 21.31 3.84
CA ARG L 63 -32.58 22.11 4.36
C ARG L 63 -33.74 21.27 4.91
N ASP L 64 -33.82 19.98 4.55
CA ASP L 64 -34.88 19.07 5.00
C ASP L 64 -34.48 18.47 6.35
N HIS L 65 -35.15 18.87 7.42
CA HIS L 65 -34.73 18.43 8.74
C HIS L 65 -35.05 16.96 8.99
N GLN L 66 -36.00 16.42 8.25
CA GLN L 66 -36.39 15.03 8.39
C GLN L 66 -35.60 14.11 7.48
N GLU L 67 -34.60 14.65 6.77
CA GLU L 67 -33.82 13.90 5.80
C GLU L 67 -32.49 13.45 6.42
N PHE L 68 -31.74 12.62 5.68
CA PHE L 68 -30.43 12.15 6.12
C PHE L 68 -29.41 12.46 5.06
N TYR L 69 -28.32 13.11 5.44
CA TYR L 69 -27.34 13.57 4.48
C TYR L 69 -25.95 13.15 4.90
N TYR L 70 -25.04 13.28 3.94
CA TYR L 70 -23.62 13.03 4.13
C TYR L 70 -22.87 14.10 3.36
N ALA L 71 -21.66 14.39 3.83
CA ALA L 71 -20.74 15.30 3.17
C ALA L 71 -19.32 14.78 3.36
N LYS L 72 -18.45 15.15 2.45
CA LYS L 72 -17.06 14.77 2.50
C LYS L 72 -16.26 15.95 2.01
N VAL L 73 -15.03 16.05 2.46
CA VAL L 73 -14.13 17.05 1.91
C VAL L 73 -12.92 16.30 1.41
N THR L 74 -12.49 16.63 0.20
CA THR L 74 -11.33 16.01 -0.42
C THR L 74 -10.24 17.05 -0.46
N ALA L 75 -9.12 16.75 0.17
CA ALA L 75 -7.97 17.65 0.26
C ALA L 75 -6.88 17.23 -0.71
N VAL L 76 -6.41 18.18 -1.53
CA VAL L 76 -5.26 17.95 -2.40
C VAL L 76 -4.17 18.96 -2.03
N SER L 77 -2.98 18.45 -1.70
CA SER L 77 -1.83 19.26 -1.32
C SER L 77 -0.66 18.95 -2.25
N ALA L 78 -0.12 19.99 -2.88
CA ALA L 78 1.07 19.86 -3.71
C ALA L 78 0.93 18.84 -4.83
N GLY L 79 1.69 17.75 -4.72
CA GLY L 79 1.76 16.71 -5.73
C GLY L 79 0.46 16.34 -6.41
N GLY L 80 -0.35 15.53 -5.74
CA GLY L 80 -1.59 15.09 -6.34
C GLY L 80 -2.49 14.15 -5.56
N PRO L 81 -1.93 13.23 -4.76
CA PRO L 81 -2.78 12.16 -4.20
C PRO L 81 -3.78 12.72 -3.21
N PRO L 82 -5.07 12.66 -3.55
CA PRO L 82 -6.11 13.22 -2.68
C PRO L 82 -6.50 12.33 -1.50
N VAL L 83 -6.90 13.00 -0.42
CA VAL L 83 -7.38 12.35 0.79
C VAL L 83 -8.81 12.82 1.01
N THR L 84 -9.74 11.87 1.19
CA THR L 84 -11.15 12.18 1.31
C THR L 84 -11.70 11.59 2.60
N LYS L 85 -12.21 12.43 3.48
CA LYS L 85 -12.90 11.95 4.67
C LYS L 85 -14.30 12.55 4.69
N MET L 86 -15.26 11.70 5.02
CA MET L 86 -16.65 12.11 5.03
C MET L 86 -17.18 12.09 6.46
N THR L 87 -18.41 12.56 6.64
CA THR L 87 -18.95 12.74 7.97
C THR L 87 -19.89 11.61 8.31
N ASP L 88 -20.28 11.56 9.57
CA ASP L 88 -21.28 10.58 9.91
C ASP L 88 -22.57 10.94 9.23
N ARG L 89 -23.45 9.99 9.12
CA ARG L 89 -24.78 10.28 8.62
C ARG L 89 -25.36 11.45 9.43
N PHE L 90 -25.77 12.52 8.75
CA PHE L 90 -26.32 13.70 9.39
C PHE L 90 -27.84 13.72 9.25
N SER L 91 -28.54 13.94 10.36
CA SER L 91 -29.97 14.29 10.35
C SER L 91 -30.11 15.52 11.23
N SER L 92 -30.46 16.67 10.65
CA SER L 92 -30.46 17.87 11.47
C SER L 92 -31.50 17.75 12.58
N LEU L 93 -32.64 17.13 12.29
CA LEU L 93 -33.65 17.02 13.35
C LEU L 93 -33.09 16.40 14.62
N GLN L 94 -32.29 15.33 14.47
CA GLN L 94 -31.82 14.65 15.66
C GLN L 94 -30.48 15.15 16.12
N HIS L 95 -29.70 15.84 15.25
CA HIS L 95 -28.35 16.13 15.71
C HIS L 95 -28.13 17.57 16.12
N THR L 96 -29.01 18.48 15.70
CA THR L 96 -28.75 19.89 15.94
C THR L 96 -29.03 20.25 17.39
N THR L 97 -28.24 21.18 17.90
CA THR L 97 -28.40 21.69 19.24
C THR L 97 -29.26 22.92 19.17
N ILE L 98 -29.86 23.28 20.28
CA ILE L 98 -30.70 24.48 20.36
C ILE L 98 -29.90 25.63 20.96
N LYS L 99 -29.89 26.75 20.22
CA LYS L 99 -29.28 27.98 20.74
C LYS L 99 -30.12 28.56 21.86
N PRO L 100 -29.49 29.30 22.77
CA PRO L 100 -30.22 29.91 23.88
C PRO L 100 -31.37 30.77 23.38
N PRO L 101 -32.45 30.82 24.13
CA PRO L 101 -33.65 31.52 23.65
C PRO L 101 -33.44 33.03 23.60
N ASP L 102 -34.20 33.69 22.72
CA ASP L 102 -34.19 35.16 22.55
C ASP L 102 -35.08 35.79 23.63
N VAL L 103 -34.45 36.34 24.66
CA VAL L 103 -35.14 36.85 25.83
C VAL L 103 -34.80 38.32 26.10
N THR L 104 -35.76 39.06 26.64
CA THR L 104 -35.46 40.36 27.22
C THR L 104 -35.85 40.35 28.69
N CYS L 105 -34.88 40.62 29.56
CA CYS L 105 -35.12 40.73 30.98
C CYS L 105 -35.40 42.20 31.33
N ILE L 106 -36.47 42.41 32.09
CA ILE L 106 -36.92 43.74 32.46
C ILE L 106 -36.82 43.86 33.98
N PRO L 107 -35.96 44.74 34.50
CA PRO L 107 -35.94 44.98 35.94
C PRO L 107 -37.17 45.75 36.41
N LYS L 108 -37.80 45.23 37.45
CA LYS L 108 -38.85 45.90 38.20
C LYS L 108 -38.31 46.20 39.61
N VAL L 109 -39.14 46.83 40.43
CA VAL L 109 -38.72 47.20 41.78
C VAL L 109 -38.71 45.98 42.70
N ARG L 110 -39.80 45.22 42.69
CA ARG L 110 -39.92 44.08 43.58
C ARG L 110 -40.04 42.78 42.82
N SER L 111 -39.63 42.78 41.56
CA SER L 111 -39.71 41.59 40.72
C SER L 111 -38.68 41.69 39.60
N ILE L 112 -38.55 40.61 38.82
CA ILE L 112 -37.69 40.60 37.65
C ILE L 112 -38.45 39.88 36.56
N GLN L 113 -38.71 40.55 35.44
CA GLN L 113 -39.56 39.99 34.38
C GLN L 113 -38.72 39.60 33.16
N MET L 114 -39.16 38.53 32.49
CA MET L 114 -38.45 37.92 31.35
C MET L 114 -39.43 37.61 30.23
N LEU L 115 -39.14 38.08 29.02
CA LEU L 115 -40.00 37.86 27.85
C LEU L 115 -39.23 37.01 26.85
N VAL L 116 -39.82 35.90 26.44
CA VAL L 116 -39.20 35.05 25.43
C VAL L 116 -39.75 35.42 24.07
N HIS L 117 -38.84 35.65 23.13
CA HIS L 117 -39.30 35.97 21.81
C HIS L 117 -39.11 34.78 20.87
N PRO L 118 -40.04 34.51 19.94
CA PRO L 118 -39.87 33.35 19.07
C PRO L 118 -38.57 33.48 18.26
N THR L 119 -37.92 32.33 18.04
CA THR L 119 -36.70 32.22 17.27
C THR L 119 -37.02 31.51 15.97
N LEU L 120 -36.83 32.20 14.85
CA LEU L 120 -37.03 31.66 13.52
C LEU L 120 -35.87 30.80 13.12
N THR L 121 -36.14 29.90 12.18
CA THR L 121 -35.18 28.88 11.82
C THR L 121 -35.16 28.71 10.31
N PRO L 122 -34.11 28.12 9.76
CA PRO L 122 -34.02 27.98 8.29
C PRO L 122 -34.83 26.86 7.68
N VAL L 123 -35.73 26.19 8.41
CA VAL L 123 -36.42 25.02 7.90
C VAL L 123 -37.82 25.44 7.47
N LEU L 124 -38.25 24.97 6.32
CA LEU L 124 -39.48 25.48 5.78
C LEU L 124 -40.58 24.43 5.85
N SER L 125 -41.81 24.94 5.79
CA SER L 125 -43.01 24.13 5.76
C SER L 125 -43.22 23.55 4.36
N GLU L 126 -44.32 22.81 4.19
CA GLU L 126 -44.61 22.26 2.88
C GLU L 126 -44.76 23.38 1.87
N ASP L 127 -45.35 24.48 2.31
CA ASP L 127 -45.53 25.69 1.53
C ASP L 127 -44.24 26.49 1.37
N GLY L 128 -43.20 26.17 2.11
CA GLY L 128 -41.93 26.84 1.92
C GLY L 128 -41.66 28.00 2.84
N HIS L 129 -42.36 28.10 3.96
CA HIS L 129 -42.19 29.22 4.88
C HIS L 129 -41.35 28.81 6.09
N GLN L 130 -40.54 29.74 6.59
CA GLN L 130 -39.68 29.43 7.73
C GLN L 130 -40.49 29.23 9.01
N LEU L 131 -40.13 28.20 9.78
CA LEU L 131 -40.78 27.86 11.03
C LEU L 131 -39.97 28.34 12.24
N THR L 132 -40.69 28.62 13.32
CA THR L 132 -40.07 28.82 14.62
C THR L 132 -39.82 27.46 15.28
N LEU L 133 -38.97 27.47 16.32
CA LEU L 133 -38.66 26.26 17.08
C LEU L 133 -39.93 25.60 17.62
N GLU L 134 -40.80 26.41 18.24
CA GLU L 134 -42.06 25.90 18.77
C GLU L 134 -42.89 25.26 17.69
N GLU L 135 -42.76 25.74 16.46
CA GLU L 135 -43.46 25.10 15.37
C GLU L 135 -42.84 23.78 14.99
N ILE L 136 -41.56 23.57 15.33
CA ILE L 136 -40.86 22.31 15.02
C ILE L 136 -40.99 21.30 16.15
N PHE L 137 -40.78 21.76 17.37
CA PHE L 137 -40.86 20.94 18.56
C PHE L 137 -42.12 21.37 19.30
N HIS L 138 -43.20 20.61 19.15
CA HIS L 138 -44.38 20.91 19.91
C HIS L 138 -44.14 20.67 21.39
N ASP L 139 -43.11 19.88 21.74
CA ASP L 139 -42.82 19.58 23.14
C ASP L 139 -41.99 20.65 23.84
N LEU L 140 -41.66 21.74 23.14
CA LEU L 140 -40.72 22.74 23.65
C LEU L 140 -41.25 23.44 24.89
N PHE L 141 -40.35 23.75 25.83
CA PHE L 141 -40.73 24.55 26.99
C PHE L 141 -39.51 25.28 27.55
N TYR L 142 -39.77 26.20 28.47
CA TYR L 142 -38.72 27.03 29.03
C TYR L 142 -38.61 26.75 30.51
N ARG L 143 -37.38 26.58 30.99
CA ARG L 143 -37.04 26.37 32.39
C ARG L 143 -36.13 27.52 32.83
N LEU L 144 -36.64 28.39 33.69
CA LEU L 144 -35.82 29.51 34.09
C LEU L 144 -35.58 29.49 35.58
N GLU L 145 -34.38 29.91 35.96
CA GLU L 145 -33.92 30.00 37.34
C GLU L 145 -33.40 31.42 37.56
N LEU L 146 -33.68 31.95 38.76
CA LEU L 146 -33.23 33.28 39.22
C LEU L 146 -32.29 33.08 40.40
N HIS L 147 -31.02 33.42 40.22
CA HIS L 147 -30.01 33.19 41.23
C HIS L 147 -29.93 34.36 42.22
N VAL L 148 -29.97 34.02 43.51
CA VAL L 148 -29.75 34.98 44.58
C VAL L 148 -28.32 34.90 45.06
N ASN L 149 -27.84 33.69 45.28
CA ASN L 149 -26.46 33.43 45.60
C ASN L 149 -26.21 32.02 45.10
N HIS L 150 -24.96 31.58 45.12
CA HIS L 150 -24.65 30.27 44.54
C HIS L 150 -25.52 29.15 45.12
N THR L 151 -26.05 29.32 46.34
CA THR L 151 -26.78 28.28 47.04
C THR L 151 -28.30 28.45 47.07
N TYR L 152 -28.87 29.53 46.53
CA TYR L 152 -30.32 29.78 46.59
C TYR L 152 -30.79 30.28 45.24
N GLN L 153 -31.73 29.54 44.62
CA GLN L 153 -32.30 29.87 43.31
C GLN L 153 -33.81 29.65 43.30
N MET L 154 -34.52 30.41 42.47
CA MET L 154 -35.97 30.33 42.33
C MET L 154 -36.27 29.78 40.94
N HIS L 155 -37.30 28.94 40.82
CA HIS L 155 -37.62 28.32 39.54
C HIS L 155 -39.01 28.67 39.03
N LEU L 156 -39.08 28.87 37.70
CA LEU L 156 -40.30 29.05 36.92
C LEU L 156 -40.16 28.24 35.64
N GLU L 157 -41.27 27.64 35.19
CA GLU L 157 -41.23 26.78 34.00
C GLU L 157 -42.56 26.86 33.26
N GLY L 158 -42.52 26.66 31.95
CA GLY L 158 -43.78 26.65 31.22
C GLY L 158 -43.60 26.71 29.72
N LYS L 159 -44.75 26.75 29.05
CA LYS L 159 -44.79 26.95 27.60
C LYS L 159 -45.03 28.39 27.20
N GLN L 160 -45.44 29.25 28.13
CA GLN L 160 -45.69 30.64 27.81
C GLN L 160 -44.38 31.43 27.63
N ARG L 161 -44.52 32.69 27.22
CA ARG L 161 -43.38 33.55 26.91
C ARG L 161 -43.21 34.70 27.90
N GLU L 162 -44.03 34.78 28.93
CA GLU L 162 -43.90 35.82 29.94
C GLU L 162 -43.69 35.15 31.29
N TYR L 163 -42.69 35.62 32.03
CA TYR L 163 -42.37 35.13 33.37
C TYR L 163 -42.09 36.31 34.27
N GLU L 164 -42.46 36.18 35.54
CA GLU L 164 -42.19 37.22 36.52
C GLU L 164 -41.75 36.53 37.80
N PHE L 165 -40.52 36.81 38.22
CA PHE L 165 -40.03 36.37 39.52
C PHE L 165 -40.42 37.43 40.56
N LEU L 166 -41.42 37.10 41.38
CA LEU L 166 -41.99 38.02 42.34
C LEU L 166 -41.35 37.88 43.72
N GLY L 167 -41.54 38.90 44.55
CA GLY L 167 -41.15 38.82 45.94
C GLY L 167 -39.69 39.09 46.19
N LEU L 168 -39.08 39.93 45.37
CA LEU L 168 -37.66 40.22 45.45
C LEU L 168 -37.41 41.49 46.27
N THR L 169 -36.15 41.64 46.72
CA THR L 169 -35.71 42.84 47.41
C THR L 169 -35.31 43.91 46.39
N PRO L 170 -35.69 45.18 46.59
CA PRO L 170 -35.28 46.22 45.66
C PRO L 170 -33.78 46.44 45.69
N ASP L 171 -33.26 46.99 44.58
CA ASP L 171 -31.86 47.41 44.47
C ASP L 171 -30.86 46.30 44.80
N THR L 172 -31.19 45.06 44.49
CA THR L 172 -30.32 43.91 44.68
C THR L 172 -30.04 43.24 43.34
N GLU L 173 -28.82 42.74 43.16
CA GLU L 173 -28.42 42.13 41.89
C GLU L 173 -28.79 40.66 41.84
N PHE L 174 -29.35 40.23 40.71
CA PHE L 174 -29.76 38.85 40.49
C PHE L 174 -29.18 38.38 39.17
N LEU L 175 -29.09 37.05 39.04
CA LEU L 175 -28.65 36.37 37.82
C LEU L 175 -29.79 35.46 37.38
N GLY L 176 -30.34 35.73 36.20
CA GLY L 176 -31.36 34.89 35.62
C GLY L 176 -30.78 34.08 34.47
N SER L 177 -31.25 32.85 34.34
CA SER L 177 -30.90 32.04 33.17
C SER L 177 -32.18 31.39 32.66
N ILE L 178 -32.30 31.33 31.35
CA ILE L 178 -33.43 30.68 30.71
C ILE L 178 -32.91 29.67 29.67
N THR L 179 -33.44 28.44 29.70
CA THR L 179 -33.02 27.39 28.78
C THR L 179 -34.20 26.79 28.05
N ILE L 180 -33.99 26.44 26.80
CA ILE L 180 -34.98 25.72 26.01
C ILE L 180 -34.71 24.22 26.13
N LEU L 181 -35.78 23.45 26.31
CA LEU L 181 -35.78 22.00 26.33
C LEU L 181 -36.83 21.46 25.35
N THR L 182 -36.49 20.36 24.68
CA THR L 182 -37.45 19.56 23.94
C THR L 182 -37.25 18.12 24.42
N PRO L 183 -38.12 17.64 25.32
CA PRO L 183 -37.85 16.37 26.02
C PRO L 183 -37.87 15.12 25.16
N ILE L 184 -38.74 15.03 24.14
CA ILE L 184 -38.90 13.79 23.38
C ILE L 184 -37.55 13.33 22.82
N LEU L 185 -36.82 14.23 22.18
CA LEU L 185 -35.49 13.99 21.65
C LEU L 185 -34.37 14.41 22.61
N SER L 186 -34.70 14.73 23.86
CA SER L 186 -33.71 15.01 24.92
C SER L 186 -32.77 16.18 24.63
N LYS L 187 -33.27 17.25 24.03
CA LYS L 187 -32.48 18.44 23.71
C LYS L 187 -32.65 19.56 24.75
N GLU L 188 -31.52 20.18 25.11
CA GLU L 188 -31.50 21.28 26.07
C GLU L 188 -30.57 22.38 25.54
N SER L 189 -31.08 23.60 25.42
CA SER L 189 -30.23 24.65 24.88
C SER L 189 -29.18 25.08 25.91
N ALA L 190 -28.19 25.82 25.43
CA ALA L 190 -27.39 26.62 26.34
C ALA L 190 -28.29 27.71 26.95
N PRO L 191 -27.91 28.25 28.11
CA PRO L 191 -28.77 29.24 28.77
C PRO L 191 -28.61 30.63 28.19
N TYR L 192 -29.70 31.36 28.18
CA TYR L 192 -29.62 32.81 28.15
C TYR L 192 -29.50 33.34 29.59
N VAL L 193 -28.53 34.23 29.84
CA VAL L 193 -28.16 34.68 31.19
C VAL L 193 -28.34 36.17 31.31
N CYS L 194 -29.11 36.59 32.31
CA CYS L 194 -29.36 38.00 32.59
C CYS L 194 -28.64 38.36 33.88
N ARG L 195 -27.75 39.34 33.79
CA ARG L 195 -27.20 40.03 34.95
C ARG L 195 -28.08 41.25 35.13
N VAL L 196 -29.02 41.17 36.07
CA VAL L 196 -30.02 42.21 36.28
C VAL L 196 -30.00 42.71 37.72
N LYS L 197 -30.54 43.92 37.89
CA LYS L 197 -30.60 44.59 39.17
C LYS L 197 -31.97 45.21 39.31
N THR L 198 -32.72 44.78 40.32
CA THR L 198 -34.03 45.37 40.54
C THR L 198 -33.91 46.88 40.78
N LEU L 199 -34.95 47.61 40.36
CA LEU L 199 -34.92 49.06 40.44
C LEU L 199 -34.96 49.49 41.90
N PRO L 200 -34.31 50.63 42.24
CA PRO L 200 -34.21 51.08 43.64
C PRO L 200 -35.40 51.87 44.21
N ASP L 201 -36.60 51.34 44.03
CA ASP L 201 -37.80 51.92 44.68
C ASP L 201 -37.95 53.45 44.45
N MET M 1 -63.52 -20.66 2.46
CA MET M 1 -62.91 -21.81 3.08
C MET M 1 -62.69 -22.85 2.02
N ILE M 2 -61.47 -23.36 1.95
CA ILE M 2 -61.08 -24.25 0.86
C ILE M 2 -60.82 -25.67 1.34
N PRO M 3 -61.33 -26.69 0.63
CA PRO M 3 -61.14 -28.05 1.09
C PRO M 3 -59.68 -28.46 1.00
N PRO M 4 -59.22 -29.33 1.88
CA PRO M 4 -57.79 -29.65 1.95
C PRO M 4 -57.37 -30.56 0.82
N PRO M 5 -56.08 -30.72 0.61
CA PRO M 5 -55.62 -31.72 -0.36
C PRO M 5 -56.05 -33.11 0.12
N GLU M 6 -56.30 -33.99 -0.85
CA GLU M 6 -56.79 -35.35 -0.60
C GLU M 6 -55.71 -36.40 -0.83
N LYS M 7 -55.86 -37.51 -0.11
CA LYS M 7 -54.96 -38.66 -0.15
C LYS M 7 -53.52 -38.22 0.07
N VAL M 8 -53.32 -37.39 1.09
CA VAL M 8 -51.95 -36.99 1.41
C VAL M 8 -51.18 -38.18 1.95
N ARG M 9 -50.03 -38.44 1.35
CA ARG M 9 -49.24 -39.64 1.57
C ARG M 9 -47.77 -39.33 1.35
N MET M 10 -46.92 -39.96 2.16
CA MET M 10 -45.48 -39.91 1.97
C MET M 10 -45.00 -41.20 1.30
N ASN M 11 -44.61 -41.10 0.03
CA ASN M 11 -44.05 -42.22 -0.71
C ASN M 11 -42.54 -42.16 -0.61
N SER M 12 -41.90 -43.07 0.13
CA SER M 12 -40.45 -43.02 0.14
C SER M 12 -39.87 -44.39 -0.22
N VAL M 13 -39.05 -44.39 -1.27
CA VAL M 13 -38.30 -45.58 -1.67
C VAL M 13 -36.82 -45.19 -1.66
N ASN M 14 -36.00 -46.04 -1.02
CA ASN M 14 -34.55 -45.84 -0.89
C ASN M 14 -34.26 -44.41 -0.40
N PHE M 15 -35.02 -43.98 0.61
CA PHE M 15 -34.82 -42.67 1.24
C PHE M 15 -35.08 -41.51 0.26
N LYS M 16 -35.78 -41.76 -0.85
CA LYS M 16 -36.29 -40.73 -1.72
C LYS M 16 -37.72 -40.45 -1.28
N ASN M 17 -37.91 -39.37 -0.54
CA ASN M 17 -39.20 -39.08 0.08
C ASN M 17 -40.01 -38.07 -0.73
N ILE M 18 -41.11 -38.52 -1.30
CA ILE M 18 -41.93 -37.65 -2.09
C ILE M 18 -43.29 -37.64 -1.44
N LEU M 19 -43.65 -36.52 -0.84
CA LEU M 19 -44.98 -36.33 -0.31
C LEU M 19 -45.89 -36.07 -1.51
N GLN M 20 -46.97 -36.82 -1.56
CA GLN M 20 -47.87 -36.82 -2.70
C GLN M 20 -49.28 -36.58 -2.21
N TRP M 21 -50.06 -35.86 -3.01
CA TRP M 21 -51.48 -35.66 -2.72
C TRP M 21 -52.24 -35.50 -4.04
N GLU M 22 -53.55 -35.34 -3.93
CA GLU M 22 -54.44 -35.11 -5.06
C GLU M 22 -55.23 -33.80 -4.85
N VAL M 23 -55.59 -33.17 -5.96
CA VAL M 23 -56.28 -31.87 -5.88
C VAL M 23 -57.63 -32.07 -5.20
N PRO M 24 -58.10 -31.14 -4.39
CA PRO M 24 -59.32 -31.40 -3.61
C PRO M 24 -60.56 -31.50 -4.51
N ALA M 25 -61.62 -32.03 -3.90
CA ALA M 25 -62.92 -32.11 -4.57
C ALA M 25 -63.39 -30.67 -4.74
N PHE M 26 -62.85 -30.02 -5.77
CA PHE M 26 -63.09 -28.61 -5.85
C PHE M 26 -62.99 -28.19 -7.30
N PRO M 27 -63.64 -27.11 -7.70
CA PRO M 27 -63.52 -26.65 -9.08
C PRO M 27 -62.13 -26.07 -9.30
N LYS M 28 -61.13 -26.96 -9.34
CA LYS M 28 -59.74 -26.57 -9.45
C LYS M 28 -59.51 -25.56 -10.56
N THR M 29 -58.87 -24.46 -10.18
CA THR M 29 -58.49 -23.39 -11.07
C THR M 29 -57.06 -23.09 -10.66
N GLN M 30 -56.73 -21.82 -10.47
CA GLN M 30 -55.40 -21.41 -10.03
C GLN M 30 -55.10 -21.96 -8.63
N LEU M 31 -55.29 -23.26 -8.43
CA LEU M 31 -55.19 -23.84 -7.10
C LEU M 31 -53.78 -24.37 -6.91
N THR M 32 -53.02 -23.76 -6.00
CA THR M 32 -51.64 -24.17 -5.75
C THR M 32 -51.47 -24.79 -4.36
N PHE M 33 -50.31 -25.35 -4.14
CA PHE M 33 -50.07 -26.06 -2.91
C PHE M 33 -48.77 -25.59 -2.30
N THR M 34 -48.71 -25.70 -1.00
CA THR M 34 -47.53 -25.36 -0.24
C THR M 34 -47.30 -26.53 0.70
N ALA M 35 -46.08 -27.03 0.70
CA ALA M 35 -45.72 -28.16 1.55
C ALA M 35 -44.60 -27.76 2.49
N GLN M 36 -44.75 -28.15 3.76
CA GLN M 36 -43.85 -27.75 4.82
C GLN M 36 -43.47 -28.96 5.65
N TYR M 37 -42.32 -28.83 6.36
CA TYR M 37 -41.87 -29.79 7.37
C TYR M 37 -41.54 -29.05 8.64
N GLU M 38 -41.65 -29.74 9.76
CA GLU M 38 -41.43 -29.13 11.05
C GLU M 38 -39.97 -29.35 11.43
N SER M 39 -39.23 -28.23 11.57
CA SER M 39 -37.84 -28.22 12.04
C SER M 39 -37.73 -27.25 13.21
N TYR M 40 -37.17 -27.72 14.32
CA TYR M 40 -36.97 -26.89 15.52
C TYR M 40 -38.29 -26.35 16.08
N ARG M 41 -39.33 -27.21 16.07
CA ARG M 41 -40.67 -26.87 16.56
C ARG M 41 -41.40 -25.85 15.68
N SER M 42 -40.72 -25.30 14.66
CA SER M 42 -41.38 -24.37 13.75
C SER M 42 -41.34 -24.97 12.33
N PHE M 43 -42.43 -24.74 11.59
CA PHE M 43 -42.56 -25.24 10.24
C PHE M 43 -41.85 -24.33 9.25
N GLN M 44 -41.31 -24.94 8.19
CA GLN M 44 -40.64 -24.21 7.12
C GLN M 44 -41.30 -24.51 5.79
N ASP M 45 -41.53 -23.46 4.99
CA ASP M 45 -41.94 -23.65 3.60
C ASP M 45 -40.89 -24.48 2.89
N HIS M 46 -41.36 -25.43 2.10
CA HIS M 46 -40.43 -26.17 1.25
C HIS M 46 -40.81 -26.15 -0.23
N CYS M 47 -42.07 -26.38 -0.53
CA CYS M 47 -42.63 -26.08 -1.84
C CYS M 47 -43.70 -25.04 -1.61
N LYS M 48 -43.54 -23.85 -2.18
CA LYS M 48 -44.42 -22.71 -1.95
C LYS M 48 -45.25 -22.43 -3.20
N ARG M 49 -46.58 -22.48 -3.08
CA ARG M 49 -47.45 -22.18 -4.22
C ARG M 49 -46.97 -22.94 -5.45
N THR M 50 -46.84 -24.24 -5.30
CA THR M 50 -46.42 -25.00 -6.44
C THR M 50 -47.65 -25.44 -7.20
N ALA M 51 -47.50 -25.63 -8.50
CA ALA M 51 -48.56 -26.29 -9.23
C ALA M 51 -48.50 -27.80 -9.11
N SER M 52 -47.45 -28.37 -8.53
CA SER M 52 -47.38 -29.83 -8.50
C SER M 52 -48.21 -30.39 -7.37
N THR M 53 -48.51 -31.69 -7.48
CA THR M 53 -49.15 -32.45 -6.42
C THR M 53 -48.14 -33.28 -5.64
N GLN M 54 -46.88 -32.84 -5.60
CA GLN M 54 -45.87 -33.49 -4.77
C GLN M 54 -44.79 -32.51 -4.35
N CYS M 55 -44.07 -32.89 -3.33
CA CYS M 55 -42.92 -32.12 -2.90
C CYS M 55 -41.85 -33.13 -2.48
N ASP M 56 -40.61 -32.95 -2.97
CA ASP M 56 -39.52 -33.88 -2.71
C ASP M 56 -38.85 -33.59 -1.35
N PHE M 57 -38.89 -34.57 -0.47
CA PHE M 57 -38.41 -34.39 0.89
C PHE M 57 -37.20 -35.26 1.18
N SER M 58 -36.40 -35.51 0.15
CA SER M 58 -35.25 -36.39 0.25
C SER M 58 -34.09 -35.67 0.91
N HIS M 59 -34.17 -34.37 1.10
CA HIS M 59 -33.10 -33.65 1.76
C HIS M 59 -33.13 -33.79 3.27
N LEU M 60 -34.21 -34.34 3.80
CA LEU M 60 -34.38 -34.56 5.23
C LEU M 60 -33.43 -35.66 5.74
N SER M 61 -33.03 -35.54 7.01
CA SER M 61 -32.10 -36.47 7.64
C SER M 61 -32.61 -37.91 7.58
N LYS M 62 -31.68 -38.88 7.58
CA LYS M 62 -32.04 -40.29 7.45
C LYS M 62 -32.80 -40.79 8.67
N TYR M 63 -32.34 -40.41 9.86
CA TYR M 63 -32.91 -40.92 11.11
C TYR M 63 -33.94 -39.99 11.77
N GLY M 64 -34.31 -38.89 11.14
CA GLY M 64 -35.17 -37.94 11.79
C GLY M 64 -36.63 -38.36 11.89
N ASP M 65 -37.26 -37.95 12.98
CA ASP M 65 -38.71 -38.03 13.11
C ASP M 65 -39.30 -36.71 12.57
N TYR M 66 -39.98 -36.79 11.45
CA TYR M 66 -40.45 -35.58 10.79
C TYR M 66 -41.98 -35.54 10.76
N THR M 67 -42.51 -34.31 10.83
CA THR M 67 -43.90 -34.05 10.50
C THR M 67 -43.96 -33.11 9.30
N VAL M 68 -44.63 -33.53 8.23
CA VAL M 68 -44.77 -32.75 7.00
C VAL M 68 -46.24 -32.52 6.73
N ARG M 69 -46.57 -31.35 6.17
CA ARG M 69 -47.96 -30.97 5.92
C ARG M 69 -48.06 -30.24 4.59
N VAL M 70 -49.28 -30.24 4.02
CA VAL M 70 -49.55 -29.58 2.75
C VAL M 70 -50.91 -28.92 2.86
N ARG M 71 -51.07 -27.81 2.17
CA ARG M 71 -52.33 -27.09 2.14
C ARG M 71 -52.59 -26.66 0.72
N ALA M 72 -53.87 -26.48 0.45
CA ALA M 72 -54.30 -25.91 -0.80
C ALA M 72 -54.43 -24.41 -0.63
N GLU M 73 -54.06 -23.66 -1.68
CA GLU M 73 -54.18 -22.21 -1.63
C GLU M 73 -54.80 -21.75 -2.95
N LEU M 74 -55.74 -20.82 -2.84
CA LEU M 74 -56.34 -20.08 -3.96
C LEU M 74 -56.22 -18.60 -3.64
N ALA M 75 -55.57 -17.85 -4.52
CA ALA M 75 -55.38 -16.43 -4.24
C ALA M 75 -54.84 -16.35 -2.83
N ASP M 76 -55.60 -15.68 -1.97
CA ASP M 76 -55.25 -15.44 -0.59
C ASP M 76 -56.01 -16.34 0.38
N GLU M 77 -56.92 -17.16 -0.11
CA GLU M 77 -57.65 -18.10 0.71
C GLU M 77 -56.96 -19.45 0.68
N HIS M 78 -56.70 -19.99 1.85
CA HIS M 78 -56.00 -21.24 2.00
C HIS M 78 -56.90 -22.27 2.67
N SER M 79 -56.44 -23.52 2.67
CA SER M 79 -57.15 -24.64 3.27
C SER M 79 -56.53 -25.02 4.61
N GLU M 80 -57.19 -25.96 5.27
CA GLU M 80 -56.59 -26.56 6.45
C GLU M 80 -55.35 -27.31 6.04
N TRP M 81 -54.42 -27.45 6.98
CA TRP M 81 -53.22 -28.26 6.76
C TRP M 81 -53.57 -29.73 6.93
N VAL M 82 -52.87 -30.58 6.17
CA VAL M 82 -52.94 -32.04 6.31
C VAL M 82 -51.54 -32.54 6.67
N GLN M 83 -51.39 -33.11 7.87
CA GLN M 83 -50.10 -33.64 8.33
C GLN M 83 -50.00 -35.16 8.22
N VAL M 84 -48.77 -35.63 7.99
CA VAL M 84 -48.40 -37.04 8.10
C VAL M 84 -47.06 -37.07 8.82
N THR M 85 -46.87 -38.03 9.73
CA THR M 85 -45.61 -38.25 10.43
C THR M 85 -44.80 -39.34 9.74
N PHE M 86 -43.47 -39.20 9.76
CA PHE M 86 -42.59 -39.97 8.91
C PHE M 86 -41.19 -40.05 9.51
N CYS M 87 -40.60 -41.25 9.58
CA CYS M 87 -39.18 -41.41 9.93
C CYS M 87 -38.52 -42.26 8.84
N PRO M 88 -37.62 -41.70 8.03
CA PRO M 88 -37.17 -42.43 6.83
C PRO M 88 -36.50 -43.77 7.13
N VAL M 89 -35.52 -43.82 8.06
CA VAL M 89 -34.78 -45.06 8.29
C VAL M 89 -35.73 -46.15 8.76
N GLU M 90 -36.83 -45.77 9.39
CA GLU M 90 -37.86 -46.69 9.83
C GLU M 90 -38.91 -46.94 8.76
N ASP M 91 -39.14 -46.00 7.87
CA ASP M 91 -40.32 -46.10 7.05
C ASP M 91 -40.04 -46.27 5.57
N THR M 92 -38.84 -46.00 5.11
CA THR M 92 -38.67 -46.06 3.67
C THR M 92 -38.81 -47.49 3.17
N ILE M 93 -39.26 -47.61 1.92
CA ILE M 93 -39.45 -48.89 1.24
C ILE M 93 -38.11 -49.37 0.69
N ILE M 94 -37.82 -50.66 0.88
CA ILE M 94 -36.62 -51.29 0.32
C ILE M 94 -36.90 -51.51 -1.17
N GLY M 95 -36.21 -50.77 -2.02
CA GLY M 95 -36.34 -50.95 -3.44
C GLY M 95 -35.73 -52.26 -3.88
N PRO M 96 -35.92 -52.61 -5.13
CA PRO M 96 -35.35 -53.85 -5.62
C PRO M 96 -33.86 -53.69 -5.90
N PRO M 97 -33.05 -54.68 -5.54
CA PRO M 97 -31.62 -54.63 -5.89
C PRO M 97 -31.44 -54.91 -7.37
N GLU M 98 -30.23 -54.59 -7.85
CA GLU M 98 -29.79 -54.99 -9.18
C GLU M 98 -29.12 -56.36 -9.09
N MET M 99 -29.21 -57.14 -10.17
CA MET M 99 -28.57 -58.44 -10.18
C MET M 99 -28.01 -58.72 -11.56
N GLN M 100 -26.79 -59.29 -11.60
CA GLN M 100 -26.16 -59.73 -12.82
C GLN M 100 -25.89 -61.23 -12.76
N ILE M 101 -26.04 -61.90 -13.90
CA ILE M 101 -25.96 -63.37 -13.99
C ILE M 101 -24.87 -63.80 -14.96
N GLU M 102 -24.05 -64.74 -14.51
CA GLU M 102 -23.02 -65.35 -15.32
C GLU M 102 -23.25 -66.86 -15.35
N SER M 103 -23.49 -67.41 -16.54
CA SER M 103 -23.71 -68.84 -16.72
C SER M 103 -22.36 -69.54 -16.90
N LEU M 104 -22.03 -70.43 -15.97
CA LEU M 104 -20.86 -71.25 -16.17
C LEU M 104 -21.35 -72.61 -16.65
N ALA M 105 -20.86 -73.67 -16.08
CA ALA M 105 -21.29 -75.01 -16.43
C ALA M 105 -22.34 -75.45 -15.42
N GLU M 106 -23.57 -75.68 -15.90
CA GLU M 106 -24.72 -76.10 -15.08
C GLU M 106 -24.92 -75.31 -13.78
N SER M 107 -24.24 -74.18 -13.64
CA SER M 107 -24.40 -73.31 -12.50
C SER M 107 -24.67 -71.90 -13.00
N LEU M 108 -25.23 -71.07 -12.11
CA LEU M 108 -25.52 -69.67 -12.41
C LEU M 108 -24.92 -68.82 -11.31
N HIS M 109 -23.90 -68.02 -11.63
CA HIS M 109 -23.22 -67.17 -10.67
C HIS M 109 -23.89 -65.78 -10.64
N LEU M 110 -24.38 -65.39 -9.45
CA LEU M 110 -25.09 -64.12 -9.22
C LEU M 110 -24.23 -63.08 -8.49
N ARG M 111 -24.38 -61.82 -8.89
CA ARG M 111 -23.83 -60.69 -8.14
C ARG M 111 -24.96 -59.71 -7.89
N PHE M 112 -25.07 -59.24 -6.65
CA PHE M 112 -26.15 -58.33 -6.30
C PHE M 112 -25.58 -56.95 -6.03
N SER M 113 -26.40 -55.92 -6.16
CA SER M 113 -26.00 -54.56 -5.84
C SER M 113 -27.18 -53.94 -5.10
N ALA M 114 -27.01 -53.66 -3.82
CA ALA M 114 -28.11 -53.08 -3.06
C ALA M 114 -28.47 -51.71 -3.63
N PRO M 115 -29.71 -51.27 -3.47
CA PRO M 115 -30.09 -49.96 -4.04
C PRO M 115 -29.34 -48.83 -3.34
N GLN M 116 -29.03 -47.80 -4.10
CA GLN M 116 -28.29 -46.71 -3.50
C GLN M 116 -29.24 -45.82 -2.68
N ILE M 117 -28.69 -45.23 -1.62
CA ILE M 117 -29.43 -44.32 -0.77
C ILE M 117 -29.52 -42.96 -1.46
N GLU M 118 -30.68 -42.32 -1.37
CA GLU M 118 -30.95 -41.08 -2.10
C GLU M 118 -30.32 -39.90 -1.38
N ASN M 119 -29.94 -38.89 -2.17
CA ASN M 119 -29.30 -37.67 -1.68
C ASN M 119 -28.06 -37.98 -0.85
N GLU M 120 -27.29 -38.96 -1.29
CA GLU M 120 -26.01 -39.23 -0.65
C GLU M 120 -24.94 -38.96 -1.68
N PRO M 121 -24.03 -37.98 -1.45
CA PRO M 121 -23.04 -37.59 -2.46
C PRO M 121 -22.06 -38.69 -2.77
N GLU M 122 -22.20 -39.77 -2.05
CA GLU M 122 -21.39 -40.93 -2.29
C GLU M 122 -22.28 -42.08 -2.69
N THR M 123 -21.62 -43.20 -2.95
CA THR M 123 -22.26 -44.43 -3.38
C THR M 123 -22.52 -45.32 -2.18
N TRP M 124 -23.32 -44.76 -1.27
CA TRP M 124 -23.80 -45.53 -0.14
C TRP M 124 -25.02 -46.32 -0.58
N THR M 125 -25.25 -47.45 0.06
CA THR M 125 -26.36 -48.27 -0.38
C THR M 125 -27.14 -48.72 0.85
N LEU M 126 -28.33 -49.28 0.58
CA LEU M 126 -29.18 -49.72 1.67
C LEU M 126 -28.45 -50.74 2.51
N LYS M 127 -27.55 -51.50 1.91
CA LYS M 127 -26.78 -52.44 2.71
C LYS M 127 -25.90 -51.69 3.72
N ASN M 128 -25.39 -50.52 3.33
CA ASN M 128 -24.51 -49.73 4.20
C ASN M 128 -25.25 -49.04 5.36
N ILE M 129 -26.58 -49.01 5.39
CA ILE M 129 -27.33 -48.35 6.44
C ILE M 129 -27.99 -49.34 7.40
N TYR M 130 -28.52 -50.46 6.88
CA TYR M 130 -29.20 -51.49 7.68
C TYR M 130 -28.27 -52.61 8.13
N ASP M 131 -28.37 -52.98 9.41
CA ASP M 131 -27.50 -53.96 10.05
C ASP M 131 -27.83 -55.39 9.67
N SER M 132 -29.06 -55.69 9.30
CA SER M 132 -29.51 -57.07 9.15
C SER M 132 -29.90 -57.37 7.71
N TRP M 133 -29.29 -56.66 6.78
CA TRP M 133 -29.61 -56.79 5.36
C TRP M 133 -29.22 -58.16 4.80
N ALA M 134 -30.12 -58.74 4.01
CA ALA M 134 -29.81 -59.95 3.25
C ALA M 134 -30.56 -59.94 1.93
N TYR M 135 -30.11 -60.75 1.00
CA TYR M 135 -30.77 -60.89 -0.27
C TYR M 135 -31.56 -62.19 -0.32
N ARG M 136 -32.82 -62.12 -0.78
CA ARG M 136 -33.57 -63.32 -1.11
C ARG M 136 -33.65 -63.51 -2.63
N VAL M 137 -33.14 -64.65 -3.10
CA VAL M 137 -33.17 -65.00 -4.51
C VAL M 137 -34.34 -65.96 -4.73
N GLN M 138 -35.12 -65.72 -5.78
CA GLN M 138 -36.17 -66.65 -6.16
C GLN M 138 -35.98 -66.99 -7.64
N TYR M 139 -35.87 -68.29 -7.94
CA TYR M 139 -35.71 -68.78 -9.30
C TYR M 139 -36.63 -69.94 -9.60
N TRP M 140 -36.90 -70.10 -10.90
CA TRP M 140 -37.71 -71.20 -11.41
C TRP M 140 -37.30 -71.44 -12.86
N LYS M 141 -37.39 -72.71 -13.25
CA LYS M 141 -37.15 -73.09 -14.63
C LYS M 141 -38.18 -72.39 -15.48
N GLN M 142 -37.72 -71.66 -16.49
CA GLN M 142 -38.65 -70.98 -17.38
C GLN M 142 -39.65 -71.97 -17.97
N GLY M 143 -40.92 -71.59 -17.96
CA GLY M 143 -42.04 -72.40 -18.38
C GLY M 143 -42.82 -73.04 -17.25
N THR M 144 -42.27 -73.03 -16.03
CA THR M 144 -42.81 -73.78 -14.91
C THR M 144 -43.16 -72.84 -13.77
N ASN M 145 -43.84 -73.41 -12.76
CA ASN M 145 -44.31 -72.64 -11.62
C ASN M 145 -43.58 -72.93 -10.33
N GLU M 146 -42.81 -74.00 -10.26
CA GLU M 146 -42.10 -74.36 -9.04
C GLU M 146 -41.02 -73.32 -8.78
N LYS M 147 -41.22 -72.48 -7.77
CA LYS M 147 -40.24 -71.45 -7.45
C LYS M 147 -39.38 -71.94 -6.28
N PHE M 148 -38.06 -71.89 -6.47
CA PHE M 148 -37.05 -72.20 -5.48
C PHE M 148 -36.44 -70.90 -4.95
N GLN M 149 -35.96 -70.92 -3.71
CA GLN M 149 -35.46 -69.71 -3.05
C GLN M 149 -34.15 -69.97 -2.33
N VAL M 150 -33.31 -68.96 -2.31
CA VAL M 150 -32.07 -68.99 -1.54
C VAL M 150 -31.86 -67.62 -0.92
N VAL M 151 -31.31 -67.60 0.32
CA VAL M 151 -31.00 -66.39 1.06
C VAL M 151 -29.49 -66.32 1.31
N SER M 152 -28.90 -65.14 1.08
CA SER M 152 -27.50 -64.79 1.37
C SER M 152 -27.39 -63.35 1.87
N PRO M 153 -26.50 -63.08 2.82
CA PRO M 153 -26.21 -61.71 3.24
C PRO M 153 -25.09 -61.03 2.49
N TYR M 154 -24.52 -61.69 1.50
CA TYR M 154 -23.33 -61.21 0.80
C TYR M 154 -23.66 -60.72 -0.62
N ASP M 155 -22.71 -60.05 -1.24
CA ASP M 155 -22.97 -59.50 -2.57
C ASP M 155 -22.90 -60.57 -3.70
N SER M 156 -22.78 -61.86 -3.38
CA SER M 156 -22.60 -62.92 -4.38
C SER M 156 -23.34 -64.18 -3.95
N GLU M 157 -23.78 -64.96 -4.93
CA GLU M 157 -24.35 -66.28 -4.67
C GLU M 157 -24.28 -67.09 -5.95
N VAL M 158 -24.06 -68.39 -5.80
CA VAL M 158 -23.96 -69.27 -6.95
C VAL M 158 -25.00 -70.35 -6.82
N LEU M 159 -25.89 -70.43 -7.82
CA LEU M 159 -26.91 -71.46 -7.94
C LEU M 159 -26.32 -72.68 -8.65
N ARG M 160 -26.16 -73.77 -7.91
CA ARG M 160 -25.53 -74.96 -8.44
C ARG M 160 -26.54 -76.06 -8.72
N ASN M 161 -26.02 -77.14 -9.28
CA ASN M 161 -26.77 -78.38 -9.48
C ASN M 161 -28.11 -78.12 -10.15
N LEU M 162 -28.05 -77.75 -11.41
CA LEU M 162 -29.24 -77.37 -12.13
C LEU M 162 -29.23 -78.10 -13.46
N GLU M 163 -30.36 -78.06 -14.14
CA GLU M 163 -30.46 -78.84 -15.36
C GLU M 163 -29.60 -78.17 -16.42
N PRO M 164 -28.83 -78.92 -17.18
CA PRO M 164 -28.01 -78.30 -18.22
C PRO M 164 -28.86 -77.94 -19.44
N TRP M 165 -28.35 -76.97 -20.19
CA TRP M 165 -28.99 -76.45 -21.40
C TRP M 165 -30.46 -76.12 -21.16
N THR M 166 -30.73 -75.35 -20.10
CA THR M 166 -32.08 -74.97 -19.67
C THR M 166 -32.07 -73.52 -19.18
N THR M 167 -33.10 -72.76 -19.54
CA THR M 167 -33.27 -71.38 -19.08
C THR M 167 -33.87 -71.29 -17.67
N TYR M 168 -33.13 -70.70 -16.73
CA TYR M 168 -33.72 -70.36 -15.45
C TYR M 168 -34.05 -68.87 -15.42
N CYS M 169 -35.10 -68.52 -14.67
CA CYS M 169 -35.47 -67.12 -14.43
C CYS M 169 -35.30 -66.78 -12.94
N ILE M 170 -34.58 -65.69 -12.66
CA ILE M 170 -34.08 -65.37 -11.34
C ILE M 170 -34.61 -64.00 -10.93
N GLN M 171 -34.92 -63.85 -9.65
CA GLN M 171 -35.30 -62.57 -9.06
C GLN M 171 -34.58 -62.45 -7.73
N VAL M 172 -34.41 -61.21 -7.26
CA VAL M 172 -33.84 -60.99 -5.95
C VAL M 172 -34.67 -59.90 -5.26
N GLN M 173 -34.70 -59.91 -3.93
CA GLN M 173 -35.29 -58.84 -3.16
C GLN M 173 -34.44 -58.65 -1.93
N GLY M 174 -34.36 -57.39 -1.45
CA GLY M 174 -33.69 -57.11 -0.19
C GLY M 174 -34.69 -57.30 0.95
N PHE M 175 -34.19 -57.69 2.11
CA PHE M 175 -35.04 -57.73 3.29
C PHE M 175 -34.12 -57.66 4.50
N LEU M 176 -34.73 -57.41 5.67
CA LEU M 176 -33.95 -57.28 6.89
C LEU M 176 -34.21 -58.51 7.76
N LEU M 177 -33.14 -59.13 8.23
CA LEU M 177 -33.31 -60.41 8.91
C LEU M 177 -33.95 -60.28 10.29
N ASP M 178 -33.75 -59.18 11.01
CA ASP M 178 -34.34 -59.07 12.34
C ASP M 178 -35.30 -57.88 12.47
N GLN M 179 -35.65 -57.24 11.34
CA GLN M 179 -36.57 -56.10 11.36
C GLN M 179 -37.83 -56.31 10.53
N GLN M 180 -38.20 -57.56 10.24
CA GLN M 180 -39.36 -57.94 9.45
C GLN M 180 -39.83 -56.91 8.42
N ARG M 181 -38.89 -56.42 7.59
CA ARG M 181 -39.16 -55.50 6.48
C ARG M 181 -38.60 -56.11 5.20
N THR M 182 -39.50 -56.39 4.26
CA THR M 182 -39.15 -56.93 2.97
C THR M 182 -39.33 -55.93 1.82
N GLY M 183 -38.34 -55.90 0.96
CA GLY M 183 -38.35 -55.02 -0.18
C GLY M 183 -39.05 -55.61 -1.37
N GLU M 184 -39.06 -54.82 -2.42
CA GLU M 184 -39.75 -55.15 -3.65
C GLU M 184 -38.96 -56.20 -4.42
N TRP M 185 -39.66 -57.03 -5.20
CA TRP M 185 -38.93 -57.95 -6.05
C TRP M 185 -38.31 -57.23 -7.23
N SER M 186 -37.16 -57.72 -7.68
CA SER M 186 -36.59 -57.22 -8.91
C SER M 186 -37.37 -57.81 -10.08
N GLU M 187 -37.07 -57.36 -11.26
CA GLU M 187 -37.79 -57.96 -12.37
C GLU M 187 -37.09 -59.25 -12.80
N PRO M 188 -37.82 -60.31 -13.16
CA PRO M 188 -37.16 -61.57 -13.49
C PRO M 188 -36.21 -61.44 -14.69
N ILE M 189 -34.97 -61.89 -14.48
CA ILE M 189 -33.93 -61.94 -15.49
C ILE M 189 -33.69 -63.42 -15.82
N CYS M 190 -33.58 -63.78 -17.09
CA CYS M 190 -33.46 -65.20 -17.46
C CYS M 190 -32.13 -65.48 -18.13
N GLU M 191 -31.56 -66.64 -17.85
CA GLU M 191 -30.27 -67.03 -18.41
C GLU M 191 -30.25 -68.52 -18.67
N ARG M 192 -29.58 -68.94 -19.74
CA ARG M 192 -29.45 -70.35 -20.04
C ARG M 192 -28.21 -70.89 -19.35
N THR M 193 -28.35 -72.09 -18.80
CA THR M 193 -27.32 -72.72 -17.99
C THR M 193 -26.22 -73.43 -18.77
N GLY M 194 -26.36 -73.61 -20.08
CA GLY M 194 -25.24 -74.18 -20.79
C GLY M 194 -24.74 -75.50 -20.24
N ASN M 195 -23.44 -75.74 -20.47
CA ASN M 195 -22.64 -76.81 -19.86
C ASN M 195 -21.17 -76.73 -20.31
N ARG N 6 -59.44 0.32 10.12
CA ARG N 6 -58.68 1.50 10.54
C ARG N 6 -57.48 1.08 11.39
N CYS N 7 -56.36 1.78 11.22
CA CYS N 7 -55.07 1.32 11.76
C CYS N 7 -54.10 2.49 11.88
N LYS N 8 -54.18 3.17 13.04
CA LYS N 8 -53.37 4.33 13.38
C LYS N 8 -52.78 4.11 14.76
N LEU N 9 -51.63 4.71 15.00
CA LEU N 9 -51.00 4.69 16.31
C LEU N 9 -51.20 6.02 17.03
N HIS N 10 -51.20 5.95 18.36
CA HIS N 10 -51.31 7.18 19.14
C HIS N 10 -49.91 7.78 19.28
N VAL N 11 -49.85 9.12 19.28
CA VAL N 11 -48.58 9.83 19.38
C VAL N 11 -47.88 9.49 20.67
N ARG N 12 -48.65 9.15 21.69
CA ARG N 12 -48.05 8.77 22.96
C ARG N 12 -46.99 7.71 22.74
N ASN N 13 -47.16 6.88 21.70
CA ASN N 13 -46.22 5.81 21.37
C ASN N 13 -44.87 6.33 20.89
N PHE N 14 -44.80 7.59 20.46
CA PHE N 14 -43.57 8.16 19.92
C PHE N 14 -43.07 9.33 20.77
N GLN N 15 -43.54 9.43 22.00
CA GLN N 15 -43.18 10.59 22.80
C GLN N 15 -42.50 10.18 24.07
N SER N 16 -42.00 8.95 24.16
CA SER N 16 -41.32 8.55 25.37
C SER N 16 -39.84 8.87 25.22
N PRO N 17 -39.32 9.87 25.92
CA PRO N 17 -37.87 10.16 25.84
C PRO N 17 -36.98 8.99 26.19
N TYR N 18 -37.40 8.12 27.12
CA TYR N 18 -36.61 6.92 27.41
C TYR N 18 -36.47 6.05 26.16
N ILE N 19 -37.60 5.67 25.59
CA ILE N 19 -37.53 4.75 24.45
C ILE N 19 -36.93 5.44 23.25
N VAL N 20 -37.21 6.73 23.07
CA VAL N 20 -36.67 7.41 21.90
C VAL N 20 -35.16 7.53 21.99
N ASN N 21 -34.66 7.92 23.17
CA ASN N 21 -33.21 7.94 23.37
C ASN N 21 -32.61 6.56 23.08
N ARG N 22 -33.26 5.46 23.52
CA ARG N 22 -32.63 4.14 23.38
C ARG N 22 -32.67 3.68 21.94
N THR N 23 -33.82 3.85 21.29
CA THR N 23 -33.91 3.47 19.90
C THR N 23 -32.91 4.22 19.05
N PHE N 24 -32.75 5.55 19.28
CA PHE N 24 -31.90 6.34 18.40
C PHE N 24 -30.43 6.10 18.66
N MET N 25 -30.11 5.76 19.90
CA MET N 25 -28.75 5.37 20.18
C MET N 25 -28.45 4.03 19.55
N LEU N 26 -29.45 3.16 19.42
CA LEU N 26 -29.22 1.89 18.73
C LEU N 26 -28.94 2.12 17.26
N ALA N 27 -29.70 2.99 16.61
CA ALA N 27 -29.43 3.28 15.22
C ALA N 27 -28.06 3.91 15.04
N LYS N 28 -27.64 4.76 15.98
CA LYS N 28 -26.36 5.44 15.81
C LYS N 28 -25.20 4.45 15.86
N GLU N 29 -25.22 3.50 16.80
CA GLU N 29 -24.10 2.57 16.92
C GLU N 29 -23.97 1.67 15.69
N ALA N 30 -25.10 1.30 15.07
CA ALA N 30 -25.05 0.49 13.86
C ALA N 30 -24.68 1.31 12.63
N SER N 31 -25.18 2.57 12.52
CA SER N 31 -24.93 3.33 11.30
C SER N 31 -23.46 3.69 11.16
N LEU N 32 -22.76 3.90 12.28
CA LEU N 32 -21.33 4.12 12.24
C LEU N 32 -20.58 2.95 11.63
N ALA N 33 -21.09 1.72 11.79
CA ALA N 33 -20.52 0.50 11.17
C ALA N 33 -21.10 0.22 9.79
N ASP N 34 -21.80 1.19 9.20
CA ASP N 34 -22.44 1.04 7.90
C ASP N 34 -21.86 2.14 7.00
N GLN N 35 -20.93 1.76 6.12
CA GLN N 35 -20.29 2.69 5.19
C GLN N 35 -20.88 2.60 3.80
N ASN N 36 -22.05 1.98 3.69
CA ASN N 36 -22.75 1.90 2.42
C ASN N 36 -23.71 3.07 2.32
N THR N 37 -23.18 4.21 1.92
CA THR N 37 -23.98 5.43 1.74
C THR N 37 -24.88 5.39 0.51
N ASP N 38 -24.68 4.40 -0.39
CA ASP N 38 -25.38 4.31 -1.67
C ASP N 38 -26.75 3.63 -1.56
N VAL N 39 -26.95 2.69 -0.63
CA VAL N 39 -28.21 1.95 -0.57
C VAL N 39 -28.92 2.27 0.74
N ARG N 40 -30.22 2.61 0.63
CA ARG N 40 -31.06 3.01 1.75
C ARG N 40 -32.36 2.22 1.80
N LEU N 41 -32.62 1.61 2.96
CA LEU N 41 -33.75 0.70 3.11
C LEU N 41 -35.06 1.48 3.23
N ILE N 42 -35.19 2.30 4.26
CA ILE N 42 -36.41 3.07 4.49
C ILE N 42 -36.20 4.37 3.71
N GLY N 43 -36.55 4.32 2.44
CA GLY N 43 -36.27 5.44 1.56
C GLY N 43 -37.32 5.71 0.50
N GLU N 44 -36.94 6.54 -0.49
CA GLU N 44 -37.88 6.84 -1.55
C GLU N 44 -38.22 5.60 -2.36
N LYS N 45 -37.29 4.66 -2.44
CA LYS N 45 -37.63 3.41 -3.09
C LYS N 45 -38.70 2.67 -2.32
N LEU N 46 -38.77 2.84 -0.99
CA LEU N 46 -39.79 2.14 -0.19
C LEU N 46 -41.16 2.80 -0.28
N PHE N 47 -41.21 4.12 -0.45
CA PHE N 47 -42.49 4.82 -0.49
C PHE N 47 -42.98 5.07 -1.91
N ARG N 48 -42.37 4.41 -2.89
CA ARG N 48 -42.70 4.66 -4.29
C ARG N 48 -44.11 4.18 -4.59
N GLY N 49 -45.04 5.12 -4.75
CA GLY N 49 -46.41 4.79 -5.15
C GLY N 49 -47.24 4.11 -4.08
N VAL N 50 -47.32 4.69 -2.88
CA VAL N 50 -48.04 4.03 -1.80
C VAL N 50 -49.22 4.85 -1.32
N SER N 51 -49.84 5.56 -2.25
CA SER N 51 -51.09 6.25 -1.95
C SER N 51 -50.99 7.19 -0.77
N ALA N 52 -52.15 7.68 -0.33
CA ALA N 52 -52.27 8.57 0.80
C ALA N 52 -52.60 7.71 2.03
N LYS N 53 -51.76 7.80 3.05
CA LYS N 53 -51.93 7.08 4.31
C LYS N 53 -52.23 5.60 4.13
N ASP N 54 -51.75 4.97 3.05
CA ASP N 54 -51.48 3.53 3.05
C ASP N 54 -50.10 3.24 3.62
N GLN N 55 -49.35 4.29 3.95
CA GLN N 55 -47.97 4.17 4.41
C GLN N 55 -47.89 3.54 5.78
N CYS N 56 -48.91 3.71 6.61
CA CYS N 56 -48.89 3.02 7.89
C CYS N 56 -48.92 1.51 7.69
N TYR N 57 -49.84 1.02 6.86
CA TYR N 57 -49.84 -0.39 6.51
C TYR N 57 -48.54 -0.80 5.86
N LEU N 58 -48.03 0.04 4.95
CA LEU N 58 -46.74 -0.24 4.33
C LEU N 58 -45.66 -0.33 5.40
N MET N 59 -45.71 0.59 6.37
CA MET N 59 -44.75 0.61 7.47
C MET N 59 -44.98 -0.55 8.43
N LYS N 60 -46.23 -1.02 8.55
CA LYS N 60 -46.50 -2.21 9.37
C LYS N 60 -45.82 -3.45 8.77
N GLN N 61 -45.73 -3.52 7.45
CA GLN N 61 -45.07 -4.67 6.85
C GLN N 61 -43.57 -4.59 7.06
N VAL N 62 -43.04 -3.37 7.01
CA VAL N 62 -41.62 -3.15 7.27
C VAL N 62 -41.27 -3.41 8.73
N LEU N 63 -42.13 -3.00 9.65
CA LEU N 63 -41.85 -3.23 11.05
C LEU N 63 -41.89 -4.70 11.35
N GLN N 64 -42.93 -5.36 10.84
CA GLN N 64 -43.13 -6.79 11.05
C GLN N 64 -41.96 -7.58 10.46
N PHE N 65 -41.43 -7.13 9.32
CA PHE N 65 -40.28 -7.80 8.72
C PHE N 65 -39.03 -7.63 9.56
N THR N 66 -38.77 -6.39 9.97
CA THR N 66 -37.57 -6.05 10.72
C THR N 66 -37.49 -6.81 12.02
N LEU N 67 -38.63 -7.00 12.67
CA LEU N 67 -38.61 -7.72 13.94
C LEU N 67 -38.32 -9.19 13.70
N GLU N 68 -38.95 -9.77 12.69
CA GLU N 68 -38.88 -11.22 12.51
C GLU N 68 -37.56 -11.65 11.87
N ASP N 69 -37.06 -10.87 10.91
CA ASP N 69 -35.97 -11.36 10.09
C ASP N 69 -34.65 -10.66 10.36
N VAL N 70 -34.65 -9.55 11.10
CA VAL N 70 -33.44 -8.76 11.33
C VAL N 70 -33.09 -8.69 12.81
N LEU N 71 -34.08 -8.37 13.65
CA LEU N 71 -33.84 -8.04 15.05
C LEU N 71 -33.82 -9.26 15.96
N LEU N 72 -34.73 -10.21 15.73
CA LEU N 72 -34.69 -11.45 16.48
C LEU N 72 -33.42 -12.28 16.19
N PRO N 73 -32.93 -12.38 14.95
CA PRO N 73 -31.64 -13.05 14.72
C PRO N 73 -30.44 -12.29 15.29
N GLN N 74 -30.62 -11.04 15.67
CA GLN N 74 -29.55 -10.16 16.06
C GLN N 74 -29.72 -9.71 17.51
N SER N 75 -30.15 -10.61 18.41
CA SER N 75 -30.47 -10.19 19.77
C SER N 75 -29.27 -10.11 20.71
N ASP N 76 -28.10 -10.59 20.30
CA ASP N 76 -26.94 -10.59 21.21
C ASP N 76 -26.05 -9.37 21.02
N ARG N 77 -26.12 -8.69 19.89
CA ARG N 77 -25.21 -7.58 19.66
C ARG N 77 -25.91 -6.22 19.89
N PHE N 78 -25.14 -5.15 19.78
CA PHE N 78 -25.63 -3.77 19.98
C PHE N 78 -26.38 -3.61 21.29
N GLN N 79 -25.95 -4.34 22.32
CA GLN N 79 -26.57 -4.17 23.62
C GLN N 79 -26.15 -2.81 24.18
N PRO N 80 -26.64 -2.40 25.35
CA PRO N 80 -27.82 -2.85 26.08
C PRO N 80 -29.14 -2.46 25.43
N TYR N 81 -29.07 -1.84 24.26
CA TYR N 81 -30.28 -1.20 23.72
C TYR N 81 -31.24 -2.22 23.13
N MET N 82 -30.73 -3.21 22.41
CA MET N 82 -31.58 -4.19 21.79
C MET N 82 -32.57 -4.79 22.80
N TRP N 83 -32.13 -5.05 24.03
CA TRP N 83 -33.00 -5.63 25.06
C TRP N 83 -34.21 -4.72 25.37
N GLU N 84 -34.01 -3.41 25.42
CA GLU N 84 -35.17 -2.57 25.66
C GLU N 84 -35.85 -2.17 24.37
N VAL N 85 -35.14 -2.17 23.24
CA VAL N 85 -35.73 -1.61 22.03
C VAL N 85 -36.71 -2.59 21.40
N VAL N 86 -36.34 -3.87 21.33
CA VAL N 86 -37.19 -4.82 20.61
C VAL N 86 -38.55 -4.99 21.26
N PRO N 87 -38.69 -5.14 22.58
CA PRO N 87 -40.04 -5.23 23.13
C PRO N 87 -40.87 -4.01 22.83
N PHE N 88 -40.24 -2.83 22.76
CA PHE N 88 -40.99 -1.65 22.37
C PHE N 88 -41.42 -1.76 20.91
N LEU N 89 -40.50 -2.14 20.00
CA LEU N 89 -40.92 -2.28 18.61
C LEU N 89 -42.01 -3.33 18.46
N THR N 90 -41.95 -4.40 19.25
CA THR N 90 -43.00 -5.41 19.26
C THR N 90 -44.35 -4.86 19.70
N LYS N 91 -44.37 -3.98 20.73
CA LYS N 91 -45.63 -3.35 21.18
C LYS N 91 -46.27 -2.52 20.08
N LEU N 92 -45.46 -2.00 19.17
CA LEU N 92 -46.02 -1.21 18.09
C LEU N 92 -46.49 -2.13 17.00
N SER N 93 -45.76 -3.24 16.81
CA SER N 93 -46.21 -4.25 15.88
C SER N 93 -47.53 -4.84 16.36
N ASN N 94 -47.68 -5.00 17.68
CA ASN N 94 -48.91 -5.56 18.23
C ASN N 94 -50.07 -4.58 18.15
N LYS N 95 -49.82 -3.28 18.37
CA LYS N 95 -50.89 -2.30 18.21
C LYS N 95 -51.36 -2.23 16.77
N LEU N 96 -50.49 -2.54 15.82
CA LEU N 96 -50.84 -2.48 14.41
C LEU N 96 -51.27 -3.82 13.83
N SER N 97 -51.50 -4.84 14.64
CA SER N 97 -51.84 -6.17 14.12
C SER N 97 -53.14 -6.14 13.32
N SER N 98 -54.09 -5.31 13.75
CA SER N 98 -55.40 -5.17 13.13
C SER N 98 -55.39 -4.27 11.88
N CYS N 99 -54.24 -3.85 11.37
CA CYS N 99 -54.19 -2.99 10.19
C CYS N 99 -54.13 -3.82 8.94
N HIS N 100 -55.08 -3.57 8.04
CA HIS N 100 -55.05 -4.25 6.75
C HIS N 100 -55.73 -3.31 5.77
N ILE N 101 -55.07 -3.05 4.65
CA ILE N 101 -55.66 -2.15 3.67
C ILE N 101 -56.69 -2.92 2.87
N SER N 102 -57.69 -2.22 2.35
CA SER N 102 -58.71 -2.83 1.49
C SER N 102 -58.64 -2.08 0.16
N GLY N 103 -57.65 -2.43 -0.64
CA GLY N 103 -57.46 -1.77 -1.92
C GLY N 103 -56.33 -2.39 -2.70
N ASP N 104 -55.72 -1.60 -3.57
CA ASP N 104 -54.62 -2.11 -4.37
C ASP N 104 -53.40 -2.20 -3.46
N ASP N 105 -52.97 -3.41 -3.17
CA ASP N 105 -51.76 -3.62 -2.41
C ASP N 105 -50.73 -4.38 -3.23
N GLN N 106 -50.71 -4.10 -4.53
CA GLN N 106 -49.71 -4.66 -5.43
C GLN N 106 -48.44 -3.85 -5.40
N ASN N 107 -48.56 -2.54 -5.30
CA ASN N 107 -47.39 -1.69 -5.31
C ASN N 107 -46.75 -1.63 -3.92
N ILE N 108 -47.55 -1.76 -2.86
CA ILE N 108 -47.00 -1.86 -1.51
C ILE N 108 -46.16 -3.14 -1.38
N GLN N 109 -46.69 -4.27 -1.85
CA GLN N 109 -45.92 -5.51 -1.77
C GLN N 109 -44.67 -5.49 -2.65
N LYS N 110 -44.69 -4.72 -3.75
CA LYS N 110 -43.50 -4.64 -4.58
C LYS N 110 -42.36 -3.97 -3.85
N ASN N 111 -42.68 -2.96 -3.01
CA ASN N 111 -41.63 -2.24 -2.31
C ASN N 111 -41.06 -3.05 -1.16
N VAL N 112 -41.90 -3.75 -0.40
CA VAL N 112 -41.37 -4.59 0.66
C VAL N 112 -40.53 -5.74 0.07
N ARG N 113 -40.87 -6.27 -1.09
CA ARG N 113 -40.07 -7.36 -1.62
C ARG N 113 -38.66 -6.87 -1.98
N ARG N 114 -38.57 -5.73 -2.65
CA ARG N 114 -37.25 -5.18 -2.93
C ARG N 114 -36.47 -4.86 -1.65
N LEU N 115 -37.18 -4.53 -0.56
CA LEU N 115 -36.54 -4.28 0.73
C LEU N 115 -35.91 -5.55 1.28
N LYS N 116 -36.73 -6.61 1.40
CA LYS N 116 -36.24 -7.92 1.87
C LYS N 116 -35.23 -8.51 0.90
N GLU N 117 -35.29 -8.15 -0.39
CA GLU N 117 -34.29 -8.65 -1.32
C GLU N 117 -32.97 -7.94 -1.10
N THR N 118 -33.04 -6.63 -0.88
CA THR N 118 -31.83 -5.84 -0.68
C THR N 118 -31.15 -6.22 0.63
N VAL N 119 -31.94 -6.50 1.67
CA VAL N 119 -31.33 -6.90 2.94
C VAL N 119 -30.63 -8.24 2.79
N LYS N 120 -31.23 -9.16 2.03
CA LYS N 120 -30.59 -10.45 1.87
C LYS N 120 -29.50 -10.40 0.82
N LYS N 121 -29.56 -9.48 -0.13
CA LYS N 121 -28.45 -9.39 -1.09
C LYS N 121 -27.19 -8.81 -0.43
N LEU N 122 -27.32 -8.17 0.73
CA LEU N 122 -26.17 -7.63 1.44
C LEU N 122 -25.77 -8.45 2.66
N GLY N 123 -26.32 -9.66 2.80
CA GLY N 123 -26.09 -10.50 3.96
C GLY N 123 -26.10 -9.83 5.33
N GLU N 124 -25.06 -10.07 6.14
CA GLU N 124 -25.10 -9.57 7.50
C GLU N 124 -25.07 -8.06 7.56
N SER N 125 -24.34 -7.42 6.64
CA SER N 125 -24.28 -5.96 6.65
C SER N 125 -25.66 -5.34 6.37
N GLY N 126 -26.50 -6.00 5.57
CA GLY N 126 -27.86 -5.49 5.38
C GLY N 126 -28.68 -5.51 6.66
N GLU N 127 -28.44 -6.51 7.52
CA GLU N 127 -29.14 -6.52 8.80
C GLU N 127 -28.62 -5.42 9.70
N ILE N 128 -27.31 -5.14 9.66
CA ILE N 128 -26.83 -4.06 10.50
C ILE N 128 -27.35 -2.76 9.93
N LYS N 129 -27.46 -2.68 8.61
CA LYS N 129 -28.04 -1.49 8.00
C LYS N 129 -29.48 -1.29 8.47
N ALA N 130 -30.28 -2.36 8.47
CA ALA N 130 -31.64 -2.20 8.94
C ALA N 130 -31.67 -1.70 10.38
N ILE N 131 -30.75 -2.21 11.22
CA ILE N 131 -30.69 -1.74 12.60
C ILE N 131 -30.20 -0.29 12.62
N GLY N 132 -29.25 0.06 11.76
CA GLY N 132 -28.79 1.43 11.66
C GLY N 132 -29.85 2.39 11.15
N GLU N 133 -30.91 1.87 10.54
CA GLU N 133 -31.99 2.68 10.02
C GLU N 133 -33.22 2.67 10.93
N LEU N 134 -33.07 2.15 12.14
CA LEU N 134 -34.17 2.11 13.10
C LEU N 134 -34.63 3.53 13.51
N ASP N 135 -33.78 4.55 13.32
CA ASP N 135 -34.22 5.94 13.52
C ASP N 135 -35.21 6.35 12.43
N LEU N 136 -34.88 6.01 11.17
CA LEU N 136 -35.80 6.20 10.05
C LEU N 136 -37.10 5.43 10.26
N LEU N 137 -37.01 4.19 10.73
CA LEU N 137 -38.21 3.37 10.94
C LEU N 137 -39.13 4.03 11.96
N PHE N 138 -38.57 4.40 13.11
CA PHE N 138 -39.34 5.07 14.14
C PHE N 138 -40.06 6.27 13.54
N MET N 139 -39.32 7.08 12.77
CA MET N 139 -39.90 8.31 12.25
C MET N 139 -40.89 8.04 11.12
N SER N 140 -40.60 7.05 10.27
CA SER N 140 -41.56 6.78 9.23
C SER N 140 -42.83 6.21 9.82
N LEU N 141 -42.69 5.42 10.89
CA LEU N 141 -43.88 4.92 11.57
C LEU N 141 -44.67 6.06 12.16
N ARG N 142 -43.95 6.98 12.81
CA ARG N 142 -44.59 8.11 13.45
C ARG N 142 -45.30 8.95 12.39
N ASN N 143 -44.58 9.26 11.29
CA ASN N 143 -45.18 10.15 10.28
C ASN N 143 -46.34 9.50 9.54
N ALA N 144 -46.34 8.15 9.37
CA ALA N 144 -47.34 7.48 8.55
C ALA N 144 -48.60 7.04 9.32
N CYS N 145 -48.50 6.81 10.62
CA CYS N 145 -49.59 6.25 11.41
C CYS N 145 -50.21 7.26 12.37
N VAL N 146 -49.92 8.55 12.22
CA VAL N 146 -50.49 9.53 13.13
C VAL N 146 -51.06 10.74 12.34
N MET O 1 -49.77 -33.85 43.24
CA MET O 1 -48.91 -34.27 44.35
C MET O 1 -48.69 -33.16 45.36
N ILE O 2 -48.06 -32.09 44.90
CA ILE O 2 -47.62 -30.98 45.76
C ILE O 2 -48.43 -29.71 45.52
N PRO O 3 -48.87 -29.02 46.59
CA PRO O 3 -49.72 -27.85 46.44
C PRO O 3 -48.93 -26.65 45.94
N PRO O 4 -49.56 -25.82 45.09
CA PRO O 4 -48.86 -24.68 44.42
C PRO O 4 -48.77 -23.45 45.32
N PRO O 5 -47.95 -22.47 44.95
CA PRO O 5 -47.92 -21.24 45.73
C PRO O 5 -49.25 -20.50 45.72
N GLU O 6 -49.54 -19.84 46.85
CA GLU O 6 -50.77 -19.12 47.11
C GLU O 6 -50.55 -17.62 46.92
N LYS O 7 -51.62 -16.92 46.56
CA LYS O 7 -51.63 -15.46 46.41
C LYS O 7 -50.44 -15.00 45.56
N VAL O 8 -50.20 -15.72 44.48
CA VAL O 8 -49.11 -15.37 43.59
C VAL O 8 -49.45 -14.08 42.85
N ARG O 9 -48.57 -13.07 42.95
CA ARG O 9 -48.81 -11.75 42.36
C ARG O 9 -47.49 -11.09 42.04
N MET O 10 -47.50 -10.23 40.99
CA MET O 10 -46.35 -9.40 40.61
C MET O 10 -46.52 -8.01 41.23
N ASN O 11 -45.66 -7.68 42.19
CA ASN O 11 -45.61 -6.35 42.79
C ASN O 11 -44.49 -5.53 42.16
N SER O 12 -44.82 -4.56 41.30
CA SER O 12 -43.78 -3.75 40.69
C SER O 12 -44.09 -2.28 40.92
N VAL O 13 -43.12 -1.58 41.48
CA VAL O 13 -43.19 -0.16 41.76
C VAL O 13 -41.96 0.47 41.12
N ASN O 14 -42.18 1.50 40.27
CA ASN O 14 -41.10 2.15 39.54
C ASN O 14 -40.22 1.14 38.79
N PHE O 15 -40.85 0.15 38.13
CA PHE O 15 -40.15 -0.88 37.37
C PHE O 15 -39.26 -1.79 38.24
N LYS O 16 -39.43 -1.78 39.55
CA LYS O 16 -38.80 -2.81 40.40
C LYS O 16 -39.79 -3.96 40.50
N ASN O 17 -39.61 -4.99 39.67
CA ASN O 17 -40.63 -6.03 39.51
C ASN O 17 -40.34 -7.24 40.39
N ILE O 18 -41.14 -7.44 41.40
CA ILE O 18 -40.90 -8.53 42.33
C ILE O 18 -42.13 -9.42 42.35
N LEU O 19 -41.98 -10.63 41.86
CA LEU O 19 -43.00 -11.65 41.95
C LEU O 19 -43.05 -12.16 43.37
N GLN O 20 -44.22 -12.20 43.96
CA GLN O 20 -44.38 -12.57 45.36
C GLN O 20 -45.43 -13.66 45.54
N TRP O 21 -45.19 -14.58 46.48
CA TRP O 21 -46.20 -15.58 46.82
C TRP O 21 -46.08 -15.95 48.30
N GLU O 22 -46.98 -16.81 48.73
CA GLU O 22 -47.01 -17.32 50.08
C GLU O 22 -46.92 -18.84 50.04
N VAL O 23 -46.40 -19.42 51.12
CA VAL O 23 -46.21 -20.87 51.12
C VAL O 23 -47.56 -21.55 51.00
N PRO O 24 -47.66 -22.67 50.27
CA PRO O 24 -48.95 -23.34 50.10
C PRO O 24 -49.45 -23.97 51.40
N ALA O 25 -50.68 -24.46 51.34
CA ALA O 25 -51.33 -25.18 52.43
C ALA O 25 -50.66 -26.51 52.67
N PHE O 26 -49.49 -26.49 53.31
CA PHE O 26 -48.71 -27.73 53.42
C PHE O 26 -47.76 -27.62 54.59
N PRO O 27 -47.32 -28.72 55.12
CA PRO O 27 -46.31 -28.70 56.18
C PRO O 27 -45.10 -29.55 55.79
N LYS O 28 -44.06 -29.04 55.14
CA LYS O 28 -43.03 -29.99 54.70
C LYS O 28 -41.62 -29.43 54.74
N THR O 29 -40.67 -30.39 54.66
CA THR O 29 -39.25 -30.11 54.72
C THR O 29 -38.82 -29.39 53.46
N GLN O 30 -37.94 -28.42 53.63
CA GLN O 30 -37.29 -27.74 52.51
C GLN O 30 -38.25 -27.52 51.34
N LEU O 31 -39.40 -26.94 51.63
CA LEU O 31 -40.30 -26.62 50.53
C LEU O 31 -39.67 -25.41 49.86
N THR O 32 -39.11 -25.61 48.66
CA THR O 32 -38.47 -24.52 47.92
C THR O 32 -39.28 -24.15 46.70
N PHE O 33 -38.90 -23.03 46.10
CA PHE O 33 -39.65 -22.48 44.99
C PHE O 33 -38.72 -22.20 43.84
N THR O 34 -39.29 -22.27 42.63
CA THR O 34 -38.60 -21.96 41.39
C THR O 34 -39.49 -21.06 40.57
N ALA O 35 -38.95 -19.94 40.13
CA ALA O 35 -39.68 -18.94 39.39
C ALA O 35 -39.07 -18.74 38.02
N GLN O 36 -39.92 -18.67 37.00
CA GLN O 36 -39.48 -18.56 35.63
C GLN O 36 -40.23 -17.44 34.91
N TYR O 37 -39.63 -16.96 33.81
CA TYR O 37 -40.32 -16.06 32.89
C TYR O 37 -40.15 -16.65 31.49
N GLU O 38 -41.12 -16.39 30.62
CA GLU O 38 -41.13 -16.94 29.28
C GLU O 38 -40.36 -16.04 28.31
N SER O 39 -39.34 -16.60 27.67
CA SER O 39 -38.56 -15.93 26.62
C SER O 39 -38.59 -16.75 25.34
N TYR O 40 -39.09 -16.16 24.27
CA TYR O 40 -39.09 -16.82 22.95
C TYR O 40 -39.90 -18.12 22.96
N ARG O 41 -41.03 -18.12 23.66
CA ARG O 41 -41.88 -19.30 23.80
C ARG O 41 -41.18 -20.44 24.56
N SER O 42 -40.21 -20.09 25.41
CA SER O 42 -39.48 -21.07 26.23
C SER O 42 -39.20 -20.45 27.61
N PHE O 43 -39.65 -21.12 28.66
CA PHE O 43 -39.43 -20.61 30.00
C PHE O 43 -37.99 -20.90 30.42
N GLN O 44 -37.39 -19.96 31.14
CA GLN O 44 -36.03 -20.09 31.65
C GLN O 44 -36.07 -19.85 33.15
N ASP O 45 -35.33 -20.70 33.88
CA ASP O 45 -35.19 -20.57 35.33
C ASP O 45 -34.61 -19.21 35.67
N HIS O 46 -35.15 -18.59 36.70
CA HIS O 46 -34.57 -17.34 37.18
C HIS O 46 -34.22 -17.36 38.66
N CYS O 47 -35.10 -17.87 39.51
CA CYS O 47 -34.76 -18.26 40.88
C CYS O 47 -34.94 -19.78 40.94
N LYS O 48 -33.88 -20.52 41.32
CA LYS O 48 -33.92 -21.99 41.32
C LYS O 48 -33.93 -22.53 42.74
N ARG O 49 -34.99 -23.25 43.10
CA ARG O 49 -35.08 -23.90 44.41
C ARG O 49 -34.66 -22.93 45.51
N THR O 50 -35.33 -21.78 45.56
CA THR O 50 -34.96 -20.80 46.55
C THR O 50 -35.73 -21.04 47.84
N ALA O 51 -35.12 -20.64 48.96
CA ALA O 51 -35.92 -20.63 50.16
C ALA O 51 -36.84 -19.43 50.21
N SER O 52 -36.75 -18.50 49.27
CA SER O 52 -37.55 -17.28 49.36
C SER O 52 -38.93 -17.41 48.74
N THR O 53 -39.82 -16.49 49.15
CA THR O 53 -41.18 -16.34 48.60
C THR O 53 -41.31 -15.15 47.65
N GLN O 54 -40.21 -14.76 47.02
CA GLN O 54 -40.21 -13.71 46.01
C GLN O 54 -39.02 -13.93 45.07
N CYS O 55 -39.12 -13.36 43.90
CA CYS O 55 -38.05 -13.44 42.92
C CYS O 55 -38.03 -12.10 42.24
N ASP O 56 -36.85 -11.50 42.14
CA ASP O 56 -36.71 -10.16 41.56
C ASP O 56 -36.64 -10.27 40.03
N PHE O 57 -37.59 -9.63 39.35
CA PHE O 57 -37.72 -9.70 37.91
C PHE O 57 -37.53 -8.36 37.24
N SER O 58 -36.75 -7.49 37.86
CA SER O 58 -36.55 -6.12 37.40
C SER O 58 -35.61 -6.06 36.21
N HIS O 59 -34.98 -7.18 35.85
CA HIS O 59 -34.11 -7.20 34.69
C HIS O 59 -34.91 -7.28 33.43
N LEU O 60 -36.21 -7.49 33.55
CA LEU O 60 -37.08 -7.58 32.38
C LEU O 60 -37.21 -6.21 31.69
N SER O 61 -37.37 -6.24 30.36
CA SER O 61 -37.50 -5.03 29.57
C SER O 61 -38.74 -4.26 30.01
N LYS O 62 -38.67 -2.93 29.87
CA LYS O 62 -39.78 -2.09 30.33
C LYS O 62 -41.02 -2.34 29.50
N TYR O 63 -40.85 -2.55 28.20
CA TYR O 63 -41.99 -2.69 27.31
C TYR O 63 -42.40 -4.14 27.05
N GLY O 64 -41.75 -5.12 27.67
CA GLY O 64 -42.08 -6.50 27.34
C GLY O 64 -43.41 -6.96 27.92
N ASP O 65 -44.13 -7.75 27.13
CA ASP O 65 -45.31 -8.47 27.61
C ASP O 65 -44.84 -9.83 28.11
N TYR O 66 -44.85 -10.01 29.41
CA TYR O 66 -44.25 -11.17 30.02
C TYR O 66 -45.32 -12.06 30.65
N THR O 67 -45.04 -13.37 30.62
CA THR O 67 -45.71 -14.38 31.44
C THR O 67 -44.65 -14.95 32.38
N VAL O 68 -44.85 -14.86 33.69
CA VAL O 68 -43.92 -15.43 34.67
C VAL O 68 -44.68 -16.43 35.53
N ARG O 69 -44.00 -17.50 35.93
CA ARG O 69 -44.66 -18.54 36.72
C ARG O 69 -43.74 -18.99 37.83
N VAL O 70 -44.35 -19.49 38.91
CA VAL O 70 -43.65 -19.97 40.10
C VAL O 70 -44.34 -21.26 40.49
N ARG O 71 -43.59 -22.15 41.12
CA ARG O 71 -44.08 -23.43 41.60
C ARG O 71 -43.35 -23.73 42.89
N ALA O 72 -43.93 -24.64 43.67
CA ALA O 72 -43.33 -25.22 44.85
C ALA O 72 -42.67 -26.56 44.56
N GLU O 73 -41.60 -26.86 45.26
CA GLU O 73 -40.91 -28.13 45.11
C GLU O 73 -40.58 -28.68 46.49
N LEU O 74 -40.66 -30.01 46.62
CA LEU O 74 -40.21 -30.69 47.82
C LEU O 74 -39.03 -31.54 47.39
N ALA O 75 -38.90 -32.72 47.92
CA ALA O 75 -37.76 -33.51 47.48
C ALA O 75 -38.17 -34.09 46.13
N ASP O 76 -37.83 -33.37 45.07
CA ASP O 76 -38.14 -33.83 43.72
C ASP O 76 -39.64 -34.05 43.48
N GLU O 77 -40.49 -33.39 44.24
CA GLU O 77 -41.91 -33.39 43.92
C GLU O 77 -42.30 -31.94 43.75
N HIS O 78 -42.83 -31.58 42.61
CA HIS O 78 -43.15 -30.19 42.40
C HIS O 78 -44.65 -30.03 42.21
N SER O 79 -45.12 -28.79 42.31
CA SER O 79 -46.52 -28.48 42.20
C SER O 79 -46.81 -28.02 40.78
N GLU O 80 -48.09 -27.77 40.51
CA GLU O 80 -48.43 -27.12 39.26
C GLU O 80 -47.86 -25.70 39.25
N TRP O 81 -47.66 -25.17 38.06
CA TRP O 81 -47.21 -23.80 37.93
C TRP O 81 -48.38 -22.86 38.20
N VAL O 82 -48.07 -21.69 38.77
CA VAL O 82 -49.02 -20.59 38.87
C VAL O 82 -48.44 -19.44 38.06
N GLN O 83 -49.15 -19.04 37.00
CA GLN O 83 -48.71 -17.97 36.10
C GLN O 83 -49.41 -16.63 36.34
N VAL O 84 -48.69 -15.55 36.05
CA VAL O 84 -49.26 -14.22 35.99
C VAL O 84 -48.72 -13.54 34.74
N THR O 85 -49.57 -12.75 34.07
CA THR O 85 -49.14 -11.92 32.94
C THR O 85 -48.83 -10.51 33.42
N PHE O 86 -47.83 -9.90 32.77
CA PHE O 86 -47.25 -8.67 33.28
C PHE O 86 -46.58 -7.90 32.15
N CYS O 87 -46.93 -6.62 31.99
CA CYS O 87 -46.20 -5.70 31.12
C CYS O 87 -45.83 -4.50 31.97
N PRO O 88 -44.54 -4.29 32.28
CA PRO O 88 -44.15 -3.27 33.28
C PRO O 88 -44.62 -1.84 32.94
N VAL O 89 -44.35 -1.34 31.73
CA VAL O 89 -44.67 0.06 31.43
C VAL O 89 -46.17 0.29 31.54
N GLU O 90 -46.98 -0.75 31.33
CA GLU O 90 -48.44 -0.62 31.43
C GLU O 90 -48.95 -0.84 32.85
N ASP O 91 -48.20 -1.58 33.68
CA ASP O 91 -48.71 -2.09 34.94
C ASP O 91 -47.98 -1.61 36.18
N THR O 92 -46.75 -1.15 36.07
CA THR O 92 -46.02 -0.85 37.27
C THR O 92 -46.68 0.27 38.05
N ILE O 93 -46.53 0.23 39.36
CA ILE O 93 -47.10 1.24 40.25
C ILE O 93 -46.17 2.42 40.28
N ILE O 94 -46.75 3.62 40.16
CA ILE O 94 -46.01 4.86 40.27
C ILE O 94 -45.76 5.14 41.74
N GLY O 95 -44.50 5.07 42.14
CA GLY O 95 -44.11 5.39 43.50
C GLY O 95 -44.26 6.87 43.83
N PRO O 96 -44.04 7.21 45.09
CA PRO O 96 -44.20 8.60 45.52
C PRO O 96 -43.01 9.44 45.10
N PRO O 97 -43.24 10.66 44.61
CA PRO O 97 -42.12 11.54 44.29
C PRO O 97 -41.51 12.13 45.55
N GLU O 98 -40.29 12.61 45.39
CA GLU O 98 -39.58 13.39 46.37
C GLU O 98 -39.91 14.86 46.18
N MET O 99 -39.96 15.59 47.29
CA MET O 99 -40.23 17.01 47.19
C MET O 99 -39.44 17.75 48.25
N GLN O 100 -38.90 18.91 47.86
CA GLN O 100 -38.25 19.82 48.78
C GLN O 100 -39.02 21.14 48.80
N ILE O 101 -39.10 21.76 49.97
CA ILE O 101 -39.90 22.96 50.18
C ILE O 101 -39.01 24.06 50.72
N GLU O 102 -39.12 25.26 50.13
CA GLU O 102 -38.43 26.46 50.57
C GLU O 102 -39.48 27.50 50.92
N SER O 103 -39.48 27.98 52.17
CA SER O 103 -40.42 29.00 52.61
C SER O 103 -39.87 30.37 52.29
N LEU O 104 -40.58 31.13 51.48
CA LEU O 104 -40.18 32.52 51.30
C LEU O 104 -41.14 33.41 52.09
N ALA O 105 -41.62 34.48 51.50
CA ALA O 105 -42.55 35.40 52.13
C ALA O 105 -43.98 35.01 51.71
N GLU O 106 -44.74 34.47 52.67
CA GLU O 106 -46.12 33.97 52.51
C GLU O 106 -46.30 33.04 51.32
N SER O 107 -45.20 32.52 50.78
CA SER O 107 -45.26 31.54 49.70
C SER O 107 -44.41 30.35 50.08
N LEU O 108 -44.68 29.22 49.42
CA LEU O 108 -43.94 27.97 49.65
C LEU O 108 -43.50 27.50 48.27
N HIS O 109 -42.18 27.49 48.01
CA HIS O 109 -41.64 27.07 46.72
C HIS O 109 -41.31 25.57 46.75
N LEU O 110 -41.99 24.80 45.88
CA LEU O 110 -41.82 23.35 45.79
C LEU O 110 -41.03 22.94 44.55
N ARG O 111 -40.17 21.93 44.73
CA ARG O 111 -39.44 21.30 43.64
C ARG O 111 -39.60 19.80 43.79
N PHE O 112 -39.88 19.14 42.71
CA PHE O 112 -40.15 17.72 42.74
C PHE O 112 -39.03 16.93 42.07
N SER O 113 -38.96 15.64 42.41
CA SER O 113 -38.07 14.71 41.73
C SER O 113 -38.84 13.43 41.49
N ALA O 114 -39.17 13.16 40.24
CA ALA O 114 -39.93 11.97 39.93
C ALA O 114 -39.14 10.73 40.33
N PRO O 115 -39.82 9.62 40.61
CA PRO O 115 -39.10 8.41 41.03
C PRO O 115 -38.19 7.90 39.91
N GLN O 116 -37.05 7.37 40.34
CA GLN O 116 -36.06 6.74 39.47
C GLN O 116 -36.59 5.43 38.91
N ILE O 117 -36.13 5.09 37.71
CA ILE O 117 -36.51 3.82 37.09
C ILE O 117 -35.54 2.74 37.53
N GLU O 118 -36.08 1.59 37.89
CA GLU O 118 -35.27 0.51 38.41
C GLU O 118 -34.53 -0.13 37.25
N ASN O 119 -33.34 -0.67 37.56
CA ASN O 119 -32.51 -1.34 36.56
C ASN O 119 -32.02 -0.36 35.49
N GLU O 120 -31.84 0.92 35.84
CA GLU O 120 -31.27 1.84 34.86
C GLU O 120 -29.92 2.36 35.32
N PRO O 121 -28.85 2.09 34.54
CA PRO O 121 -27.51 2.59 34.90
C PRO O 121 -27.42 4.10 34.81
N GLU O 122 -28.48 4.76 34.38
CA GLU O 122 -28.53 6.19 34.34
C GLU O 122 -29.63 6.65 35.27
N THR O 123 -29.61 7.95 35.55
CA THR O 123 -30.59 8.58 36.43
C THR O 123 -31.86 8.91 35.66
N TRP O 124 -32.47 7.87 35.10
CA TRP O 124 -33.74 8.06 34.42
C TRP O 124 -34.84 8.10 35.46
N THR O 125 -35.99 8.60 35.06
CA THR O 125 -37.08 8.72 36.01
C THR O 125 -38.38 8.44 35.29
N LEU O 126 -39.41 8.19 36.10
CA LEU O 126 -40.71 7.87 35.56
C LEU O 126 -41.18 8.99 34.68
N LYS O 127 -40.72 10.21 34.97
CA LYS O 127 -41.07 11.33 34.12
C LYS O 127 -40.47 11.18 32.72
N ASN O 128 -39.27 10.59 32.60
CA ASN O 128 -38.62 10.39 31.31
C ASN O 128 -39.22 9.25 30.45
N ILE O 129 -40.09 8.41 31.00
CA ILE O 129 -40.70 7.33 30.23
C ILE O 129 -42.15 7.64 29.86
N TYR O 130 -42.90 8.28 30.76
CA TYR O 130 -44.29 8.61 30.51
C TYR O 130 -44.42 10.03 29.96
N ASP O 131 -45.20 10.18 28.88
CA ASP O 131 -45.41 11.45 28.20
C ASP O 131 -46.48 12.32 28.86
N SER O 132 -47.27 11.75 29.77
CA SER O 132 -48.39 12.48 30.35
C SER O 132 -48.21 12.66 31.85
N TRP O 133 -46.95 12.69 32.29
CA TRP O 133 -46.62 12.83 33.70
C TRP O 133 -47.01 14.19 34.25
N ALA O 134 -47.62 14.18 35.42
CA ALA O 134 -47.82 15.40 36.18
C ALA O 134 -47.74 15.06 37.66
N TYR O 135 -47.43 16.07 38.44
CA TYR O 135 -47.37 15.94 39.88
C TYR O 135 -48.65 16.53 40.44
N ARG O 136 -49.27 15.84 41.38
CA ARG O 136 -50.37 16.41 42.14
C ARG O 136 -49.87 16.79 43.53
N VAL O 137 -50.04 18.06 43.89
CA VAL O 137 -49.72 18.55 45.22
C VAL O 137 -51.03 18.69 45.97
N GLN O 138 -51.03 18.27 47.24
CA GLN O 138 -52.14 18.44 48.16
C GLN O 138 -51.59 18.98 49.46
N TYR O 139 -52.07 20.15 49.88
CA TYR O 139 -51.62 20.77 51.12
C TYR O 139 -52.82 21.21 51.95
N TRP O 140 -52.56 21.37 53.24
CA TRP O 140 -53.58 21.84 54.15
C TRP O 140 -52.89 22.53 55.31
N LYS O 141 -53.58 23.47 55.93
CA LYS O 141 -53.05 24.09 57.11
C LYS O 141 -52.95 23.01 58.18
N GLN O 142 -51.82 22.95 58.88
CA GLN O 142 -51.66 21.93 59.91
C GLN O 142 -52.67 22.15 61.03
N GLY O 143 -53.37 21.07 61.40
CA GLY O 143 -54.41 21.09 62.40
C GLY O 143 -55.82 21.13 61.83
N THR O 144 -55.97 21.38 60.53
CA THR O 144 -57.25 21.37 59.84
C THR O 144 -57.36 20.12 58.97
N ASN O 145 -58.54 19.94 58.37
CA ASN O 145 -58.83 18.83 57.46
C ASN O 145 -59.24 19.32 56.07
N GLU O 146 -59.06 20.60 55.79
CA GLU O 146 -59.40 21.17 54.49
C GLU O 146 -58.21 20.97 53.55
N LYS O 147 -58.41 20.25 52.47
CA LYS O 147 -57.28 19.95 51.59
C LYS O 147 -57.41 20.76 50.30
N PHE O 148 -56.32 21.43 49.92
CA PHE O 148 -56.23 22.17 48.68
C PHE O 148 -55.30 21.42 47.71
N GLN O 149 -55.54 21.58 46.41
CA GLN O 149 -54.79 20.84 45.39
C GLN O 149 -54.40 21.71 44.19
N VAL O 150 -53.21 21.47 43.67
CA VAL O 150 -52.78 22.05 42.39
C VAL O 150 -51.98 20.98 41.62
N VAL O 151 -52.08 21.03 40.30
CA VAL O 151 -51.37 20.12 39.41
C VAL O 151 -50.42 20.92 38.52
N SER O 152 -49.21 20.36 38.34
CA SER O 152 -48.16 20.87 37.47
C SER O 152 -47.44 19.70 36.79
N PRO O 153 -47.07 19.85 35.52
CA PRO O 153 -46.22 18.85 34.86
C PRO O 153 -44.74 19.11 34.99
N TYR O 154 -44.33 20.20 35.63
CA TYR O 154 -42.96 20.63 35.70
C TYR O 154 -42.36 20.32 37.07
N ASP O 155 -41.03 20.38 37.17
CA ASP O 155 -40.36 19.99 38.40
C ASP O 155 -40.45 21.08 39.47
N SER O 156 -41.26 22.12 39.25
CA SER O 156 -41.36 23.20 40.21
C SER O 156 -42.79 23.76 40.21
N GLU O 157 -43.19 24.23 41.39
CA GLU O 157 -44.48 24.87 41.61
C GLU O 157 -44.36 25.77 42.85
N VAL O 158 -45.08 26.89 42.84
CA VAL O 158 -45.04 27.82 43.96
C VAL O 158 -46.45 28.04 44.48
N LEU O 159 -46.65 27.72 45.78
CA LEU O 159 -47.90 27.93 46.51
C LEU O 159 -47.89 29.35 47.05
N ARG O 160 -48.75 30.19 46.49
CA ARG O 160 -48.76 31.61 46.79
C ARG O 160 -49.97 31.95 47.62
N ASN O 161 -49.92 33.16 48.17
CA ASN O 161 -51.07 33.73 48.88
C ASN O 161 -51.46 32.88 50.09
N LEU O 162 -50.47 32.45 50.86
CA LEU O 162 -50.80 31.66 52.04
C LEU O 162 -50.77 32.56 53.28
N GLU O 163 -51.27 32.05 54.39
CA GLU O 163 -51.30 32.87 55.58
C GLU O 163 -49.90 32.92 56.18
N PRO O 164 -49.45 34.10 56.64
CA PRO O 164 -48.09 34.22 57.15
C PRO O 164 -47.96 33.57 58.52
N TRP O 165 -46.74 33.16 58.83
CA TRP O 165 -46.39 32.48 60.08
C TRP O 165 -47.40 31.36 60.37
N THR O 166 -47.57 30.48 59.37
CA THR O 166 -48.51 29.36 59.40
C THR O 166 -47.84 28.11 58.84
N THR O 167 -47.91 27.01 59.60
CA THR O 167 -47.36 25.73 59.15
C THR O 167 -48.35 25.02 58.23
N TYR O 168 -47.94 24.79 56.98
CA TYR O 168 -48.69 23.95 56.05
C TYR O 168 -48.03 22.58 55.95
N CYS O 169 -48.84 21.55 55.70
CA CYS O 169 -48.33 20.20 55.47
C CYS O 169 -48.67 19.81 54.04
N ILE O 170 -47.66 19.29 53.30
CA ILE O 170 -47.75 19.08 51.86
C ILE O 170 -47.43 17.63 51.43
N GLN O 171 -48.12 17.17 50.38
CA GLN O 171 -47.93 15.87 49.75
C GLN O 171 -47.90 15.99 48.23
N VAL O 172 -47.23 15.05 47.58
CA VAL O 172 -47.19 15.04 46.12
C VAL O 172 -47.32 13.59 45.65
N GLN O 173 -47.92 13.41 44.48
CA GLN O 173 -48.02 12.10 43.85
C GLN O 173 -47.91 12.30 42.36
N GLY O 174 -47.37 11.29 41.67
CA GLY O 174 -47.34 11.30 40.23
C GLY O 174 -48.65 10.74 39.71
N PHE O 175 -49.07 11.22 38.53
CA PHE O 175 -50.18 10.61 37.83
C PHE O 175 -49.99 10.92 36.36
N LEU O 176 -50.72 10.19 35.51
CA LEU O 176 -50.67 10.37 34.07
C LEU O 176 -51.98 10.95 33.55
N LEU O 177 -51.88 12.03 32.77
CA LEU O 177 -53.08 12.74 32.33
C LEU O 177 -53.87 12.03 31.25
N ASP O 178 -53.31 11.04 30.55
CA ASP O 178 -54.08 10.32 29.54
C ASP O 178 -54.12 8.81 29.80
N GLN O 179 -53.56 8.33 30.89
CA GLN O 179 -53.58 6.88 31.15
C GLN O 179 -54.21 6.50 32.48
N GLN O 180 -55.12 7.30 33.03
CA GLN O 180 -55.79 7.03 34.29
C GLN O 180 -55.01 6.15 35.27
N ARG O 181 -53.76 6.53 35.54
CA ARG O 181 -52.90 5.87 36.53
C ARG O 181 -52.40 6.91 37.52
N THR O 182 -52.80 6.74 38.77
CA THR O 182 -52.37 7.59 39.84
C THR O 182 -51.32 6.87 40.67
N GLY O 183 -50.31 7.62 41.07
CA GLY O 183 -49.27 7.14 41.94
C GLY O 183 -49.62 7.32 43.40
N GLU O 184 -48.66 6.92 44.23
CA GLU O 184 -48.79 6.93 45.69
C GLU O 184 -48.52 8.33 46.24
N TRP O 185 -49.18 8.68 47.35
CA TRP O 185 -48.89 9.95 48.02
C TRP O 185 -47.57 9.83 48.78
N SER O 186 -46.85 10.94 48.83
CA SER O 186 -45.64 10.98 49.63
C SER O 186 -45.99 11.18 51.11
N GLU O 187 -44.99 11.11 51.97
CA GLU O 187 -45.42 11.43 53.32
C GLU O 187 -45.40 12.94 53.51
N PRO O 188 -46.43 13.46 54.17
CA PRO O 188 -46.54 14.91 54.34
C PRO O 188 -45.36 15.46 55.14
N ILE O 189 -44.70 16.46 54.57
CA ILE O 189 -43.67 17.23 55.26
C ILE O 189 -44.25 18.62 55.40
N CYS O 190 -44.02 19.24 56.56
CA CYS O 190 -44.64 20.51 56.89
C CYS O 190 -43.59 21.61 56.94
N GLU O 191 -43.96 22.79 56.45
CA GLU O 191 -43.11 23.97 56.50
C GLU O 191 -43.95 25.19 56.86
N ARG O 192 -43.34 26.08 57.65
CA ARG O 192 -43.95 27.32 58.11
C ARG O 192 -43.68 28.44 57.12
N THR O 193 -44.66 29.34 56.94
CA THR O 193 -44.53 30.43 55.98
C THR O 193 -43.67 31.60 56.46
N GLY O 194 -44.22 32.44 57.30
CA GLY O 194 -43.55 33.66 57.69
C GLY O 194 -43.94 34.86 56.84
N ASN O 195 -43.15 35.92 56.96
CA ASN O 195 -43.29 37.12 56.12
C ASN O 195 -42.01 37.97 56.11
N LEU P 1 45.45 -13.90 -53.11
CA LEU P 1 44.90 -14.02 -51.76
C LEU P 1 43.64 -13.17 -51.57
N LEU P 2 42.49 -13.85 -51.57
CA LEU P 2 41.17 -13.24 -51.45
C LEU P 2 40.49 -13.72 -50.16
N GLN P 3 39.73 -12.83 -49.53
CA GLN P 3 39.05 -13.18 -48.29
C GLN P 3 37.73 -12.44 -48.19
N HIS P 4 36.86 -12.99 -47.34
CA HIS P 4 35.62 -12.36 -46.89
C HIS P 4 34.73 -11.92 -48.04
N VAL P 5 34.53 -12.83 -48.98
CA VAL P 5 33.68 -12.57 -50.15
C VAL P 5 32.23 -12.79 -49.74
N LYS P 6 31.48 -11.70 -49.61
CA LYS P 6 30.13 -11.78 -49.08
C LYS P 6 29.26 -10.70 -49.69
N PHE P 7 27.96 -10.93 -49.55
CA PHE P 7 26.91 -10.00 -49.94
C PHE P 7 26.51 -9.15 -48.74
N GLN P 8 26.29 -7.87 -49.00
CA GLN P 8 25.69 -7.03 -47.98
C GLN P 8 24.42 -6.45 -48.58
N SER P 9 23.28 -6.88 -48.02
CA SER P 9 21.98 -6.54 -48.57
C SER P 9 21.14 -5.83 -47.51
N SER P 10 20.64 -4.65 -47.87
CA SER P 10 19.82 -3.85 -46.96
C SER P 10 18.72 -3.20 -47.79
N ASN P 11 17.46 -3.44 -47.43
CA ASN P 11 16.33 -2.99 -48.23
C ASN P 11 16.47 -3.41 -49.70
N PHE P 12 16.94 -4.63 -49.92
CA PHE P 12 17.07 -5.30 -51.22
C PHE P 12 18.10 -4.65 -52.14
N GLU P 13 18.95 -3.75 -51.63
CA GLU P 13 20.07 -3.27 -52.42
C GLU P 13 21.21 -4.22 -52.07
N ASN P 14 21.63 -4.97 -53.07
CA ASN P 14 22.48 -6.12 -52.82
C ASN P 14 23.86 -5.78 -53.35
N ILE P 15 24.79 -5.56 -52.44
CA ILE P 15 26.13 -5.14 -52.79
C ILE P 15 27.10 -6.23 -52.37
N LEU P 16 27.96 -6.64 -53.27
CA LEU P 16 28.98 -7.64 -52.99
C LEU P 16 30.26 -7.00 -52.51
N THR P 17 30.77 -7.52 -51.39
CA THR P 17 32.01 -7.02 -50.81
C THR P 17 33.00 -8.17 -50.67
N TRP P 18 34.27 -7.79 -50.68
CA TRP P 18 35.38 -8.70 -50.45
C TRP P 18 36.54 -7.86 -49.91
N ASP P 19 37.62 -8.55 -49.55
CA ASP P 19 38.79 -7.88 -49.02
C ASP P 19 40.00 -8.53 -49.65
N GLY P 20 41.13 -7.82 -49.62
CA GLY P 20 42.37 -8.37 -50.11
C GLY P 20 42.95 -9.39 -49.15
N GLY P 21 44.18 -9.82 -49.45
CA GLY P 21 44.86 -10.83 -48.67
C GLY P 21 46.30 -10.46 -48.33
N PRO P 22 47.08 -11.44 -47.86
CA PRO P 22 48.49 -11.13 -47.55
C PRO P 22 49.38 -10.84 -48.74
N ALA P 23 48.88 -10.83 -49.99
CA ALA P 23 49.69 -10.38 -51.11
C ALA P 23 48.84 -9.63 -52.13
N SER P 24 48.08 -8.62 -51.66
CA SER P 24 47.12 -7.90 -52.51
C SER P 24 47.32 -6.38 -52.48
N THR P 25 48.28 -5.86 -53.26
CA THR P 25 48.45 -4.42 -53.33
C THR P 25 47.81 -3.85 -54.60
N SER P 26 48.33 -2.72 -55.11
CA SER P 26 47.70 -2.05 -56.26
C SER P 26 47.75 -2.90 -57.53
N ASP P 27 48.82 -3.68 -57.71
CA ASP P 27 48.87 -4.62 -58.83
C ASP P 27 47.72 -5.62 -58.83
N THR P 28 47.03 -5.81 -57.71
CA THR P 28 45.93 -6.78 -57.65
C THR P 28 44.62 -6.20 -58.18
N VAL P 29 43.98 -6.93 -59.09
CA VAL P 29 42.71 -6.55 -59.70
C VAL P 29 41.67 -7.64 -59.39
N TYR P 30 40.40 -7.26 -59.53
CA TYR P 30 39.27 -8.13 -59.18
C TYR P 30 38.24 -8.12 -60.29
N SER P 31 37.74 -9.32 -60.65
CA SER P 31 36.67 -9.49 -61.61
C SER P 31 35.48 -10.14 -60.91
N VAL P 32 34.28 -9.64 -61.17
CA VAL P 32 33.04 -10.06 -60.49
C VAL P 32 32.21 -10.89 -61.46
N GLU P 33 31.64 -11.98 -60.97
CA GLU P 33 30.75 -12.79 -61.80
C GLU P 33 29.52 -13.19 -60.98
N TYR P 34 28.37 -13.26 -61.64
CA TYR P 34 27.13 -13.63 -60.96
C TYR P 34 26.27 -14.50 -61.88
N LYS P 35 25.41 -15.29 -61.27
CA LYS P 35 24.43 -16.11 -61.98
C LYS P 35 23.33 -16.46 -61.00
N LYS P 36 22.14 -16.82 -61.52
CA LYS P 36 21.10 -17.34 -60.65
C LYS P 36 21.29 -18.83 -60.43
N TYR P 37 21.15 -19.25 -59.17
CA TYR P 37 21.41 -20.64 -58.77
C TYR P 37 20.59 -21.58 -59.63
N GLY P 38 21.24 -22.65 -60.10
CA GLY P 38 20.69 -23.58 -61.05
C GLY P 38 20.99 -23.31 -62.51
N GLU P 39 21.91 -22.38 -62.80
CA GLU P 39 22.35 -22.02 -64.14
C GLU P 39 23.78 -22.49 -64.35
N ARG P 40 24.17 -22.66 -65.60
CA ARG P 40 25.55 -23.07 -65.82
C ARG P 40 26.47 -21.89 -66.12
N LYS P 41 25.98 -20.90 -66.86
CA LYS P 41 26.78 -19.75 -67.26
C LYS P 41 26.91 -18.70 -66.16
N TRP P 42 28.14 -18.29 -65.88
CA TRP P 42 28.37 -17.17 -64.97
C TRP P 42 28.45 -15.90 -65.79
N LEU P 43 27.53 -14.97 -65.56
CA LEU P 43 27.68 -13.70 -66.25
C LEU P 43 28.72 -12.85 -65.51
N ALA P 44 29.28 -11.89 -66.23
CA ALA P 44 30.27 -10.97 -65.68
C ALA P 44 29.61 -9.61 -65.52
N LYS P 45 29.76 -9.01 -64.34
CA LYS P 45 29.16 -7.71 -64.09
C LYS P 45 29.92 -6.67 -64.88
N ALA P 46 29.20 -5.94 -65.75
CA ALA P 46 29.86 -5.05 -66.69
C ALA P 46 30.66 -3.95 -65.99
N GLY P 47 30.14 -3.39 -64.91
CA GLY P 47 30.85 -2.31 -64.24
C GLY P 47 32.11 -2.76 -63.54
N CYS P 48 32.10 -3.98 -62.99
CA CYS P 48 33.10 -4.46 -62.03
C CYS P 48 33.98 -5.55 -62.64
N GLN P 49 34.93 -5.14 -63.49
CA GLN P 49 35.85 -6.06 -64.16
C GLN P 49 37.30 -5.62 -63.97
N ARG P 50 38.09 -6.48 -63.32
CA ARG P 50 39.53 -6.23 -63.04
C ARG P 50 39.69 -4.87 -62.37
N ILE P 51 38.94 -4.70 -61.29
CA ILE P 51 38.86 -3.43 -60.60
C ILE P 51 39.61 -3.55 -59.29
N THR P 52 40.15 -2.42 -58.84
CA THR P 52 40.94 -2.36 -57.62
C THR P 52 40.08 -2.18 -56.39
N GLN P 53 38.83 -1.72 -56.55
CA GLN P 53 37.91 -1.48 -55.45
C GLN P 53 37.42 -2.80 -54.87
N LYS P 54 36.81 -2.73 -53.70
CA LYS P 54 36.45 -3.93 -52.95
C LYS P 54 34.95 -4.03 -52.72
N PHE P 55 34.16 -3.62 -53.71
CA PHE P 55 32.70 -3.73 -53.61
C PHE P 55 32.11 -3.67 -55.00
N CYS P 56 30.86 -4.13 -55.10
CA CYS P 56 30.17 -4.12 -56.39
C CYS P 56 28.68 -4.18 -56.15
N ASP P 57 27.95 -3.24 -56.75
CA ASP P 57 26.51 -3.12 -56.56
C ASP P 57 25.81 -4.03 -57.57
N LEU P 58 25.25 -5.13 -57.07
CA LEU P 58 24.58 -6.11 -57.91
C LEU P 58 23.06 -6.05 -57.77
N THR P 59 22.55 -4.88 -57.37
CA THR P 59 21.12 -4.73 -57.12
C THR P 59 20.30 -5.01 -58.39
N MET P 60 20.69 -4.39 -59.51
CA MET P 60 19.97 -4.60 -60.78
C MET P 60 20.07 -6.03 -61.28
N GLU P 61 21.19 -6.68 -61.01
CA GLU P 61 21.45 -8.02 -61.50
C GLU P 61 20.81 -9.08 -60.63
N THR P 62 20.44 -8.73 -59.39
CA THR P 62 19.75 -9.62 -58.46
C THR P 62 18.42 -9.04 -57.95
N ARG P 63 17.62 -8.46 -58.84
CA ARG P 63 16.41 -7.74 -58.45
C ARG P 63 15.26 -8.64 -58.03
N ASP P 64 15.31 -9.93 -58.39
CA ASP P 64 14.27 -10.91 -58.10
C ASP P 64 14.41 -11.41 -56.67
N HIS P 65 13.49 -10.97 -55.80
CA HIS P 65 13.63 -11.30 -54.40
C HIS P 65 13.31 -12.77 -54.12
N GLN P 66 12.59 -13.43 -55.02
CA GLN P 66 12.19 -14.83 -54.89
C GLN P 66 13.14 -15.80 -55.60
N GLU P 67 14.26 -15.31 -56.11
CA GLU P 67 15.24 -16.12 -56.79
C GLU P 67 16.40 -16.40 -55.84
N PHE P 68 17.30 -17.26 -56.27
CA PHE P 68 18.49 -17.60 -55.51
C PHE P 68 19.70 -17.40 -56.40
N TYR P 69 20.75 -16.76 -55.88
CA TYR P 69 21.92 -16.40 -56.66
C TYR P 69 23.20 -16.84 -55.97
N TYR P 70 24.28 -16.76 -56.73
CA TYR P 70 25.63 -16.99 -56.26
C TYR P 70 26.50 -15.88 -56.84
N ALA P 71 27.58 -15.54 -56.14
CA ALA P 71 28.48 -14.52 -56.64
C ALA P 71 29.89 -14.98 -56.36
N LYS P 72 30.81 -14.61 -57.26
CA LYS P 72 32.19 -15.03 -57.16
C LYS P 72 33.11 -13.89 -57.57
N VAL P 73 34.30 -13.87 -56.98
CA VAL P 73 35.32 -12.88 -57.27
C VAL P 73 36.58 -13.59 -57.69
N THR P 74 37.18 -13.16 -58.80
CA THR P 74 38.44 -13.67 -59.31
C THR P 74 39.49 -12.60 -59.11
N ALA P 75 40.50 -12.90 -58.30
CA ALA P 75 41.58 -11.96 -58.04
C ALA P 75 42.81 -12.46 -58.77
N VAL P 76 43.34 -11.63 -59.67
CA VAL P 76 44.56 -11.92 -60.42
C VAL P 76 45.55 -10.81 -60.11
N SER P 77 46.74 -11.20 -59.73
CA SER P 77 47.78 -10.26 -59.33
C SER P 77 48.86 -10.19 -60.39
N ALA P 78 49.76 -9.23 -60.20
CA ALA P 78 50.87 -9.09 -61.12
C ALA P 78 51.61 -10.40 -61.31
N GLY P 79 51.68 -11.22 -60.26
CA GLY P 79 52.38 -12.48 -60.30
C GLY P 79 51.91 -13.40 -61.41
N GLY P 80 50.70 -13.95 -61.25
CA GLY P 80 50.17 -14.83 -62.26
C GLY P 80 48.91 -15.57 -61.84
N PRO P 81 49.01 -16.38 -60.78
CA PRO P 81 47.92 -17.31 -60.47
C PRO P 81 46.70 -16.58 -59.96
N PRO P 82 45.52 -16.95 -60.48
CA PRO P 82 44.26 -16.36 -60.02
C PRO P 82 43.71 -17.06 -58.79
N VAL P 83 43.03 -16.27 -57.95
CA VAL P 83 42.31 -16.77 -56.78
C VAL P 83 40.84 -16.39 -56.98
N THR P 84 39.95 -17.39 -56.92
CA THR P 84 38.52 -17.18 -57.09
C THR P 84 37.77 -17.81 -55.92
N LYS P 85 37.06 -16.98 -55.16
CA LYS P 85 36.24 -17.45 -54.06
C LYS P 85 34.83 -16.93 -54.26
N MET P 86 33.83 -17.78 -54.04
CA MET P 86 32.47 -17.38 -54.29
C MET P 86 31.67 -17.31 -52.99
N THR P 87 30.44 -16.80 -53.11
CA THR P 87 29.60 -16.53 -51.96
C THR P 87 28.63 -17.69 -51.72
N ASP P 88 28.00 -17.63 -50.56
CA ASP P 88 26.93 -18.55 -50.24
C ASP P 88 25.72 -18.25 -51.11
N ARG P 89 24.85 -19.24 -51.19
CA ARG P 89 23.58 -19.07 -51.88
C ARG P 89 22.89 -17.86 -51.29
N PHE P 90 22.58 -16.90 -52.15
CA PHE P 90 21.99 -15.63 -51.73
C PHE P 90 20.52 -15.59 -52.13
N SER P 91 19.66 -15.21 -51.19
CA SER P 91 18.27 -14.87 -51.50
C SER P 91 17.96 -13.59 -50.74
N SER P 92 17.64 -12.51 -51.47
CA SER P 92 17.51 -11.23 -50.82
C SER P 92 16.39 -11.25 -49.81
N LEU P 93 15.24 -11.80 -50.19
CA LEU P 93 14.09 -11.81 -49.30
C LEU P 93 14.45 -12.41 -47.95
N GLN P 94 15.28 -13.44 -47.95
CA GLN P 94 15.69 -14.07 -46.70
C GLN P 94 16.99 -13.48 -46.18
N HIS P 95 17.77 -12.79 -46.99
CA HIS P 95 19.06 -12.26 -46.55
C HIS P 95 19.06 -10.74 -46.32
N THR P 96 18.07 -10.00 -46.82
CA THR P 96 18.12 -8.56 -46.74
C THR P 96 17.80 -8.05 -45.34
N THR P 97 18.52 -7.03 -44.91
CA THR P 97 18.19 -6.37 -43.65
C THR P 97 17.32 -5.16 -43.93
N ILE P 98 16.62 -4.71 -42.90
CA ILE P 98 15.77 -3.54 -43.02
C ILE P 98 16.48 -2.32 -42.47
N LYS P 99 16.56 -1.28 -43.31
CA LYS P 99 17.04 0.04 -42.94
C LYS P 99 16.06 0.70 -41.97
N PRO P 100 16.53 1.60 -41.11
CA PRO P 100 15.60 2.25 -40.16
C PRO P 100 14.50 2.96 -40.94
N PRO P 101 13.31 3.04 -40.38
CA PRO P 101 12.19 3.65 -41.12
C PRO P 101 12.34 5.16 -41.28
N ASP P 102 11.64 5.68 -42.29
CA ASP P 102 11.61 7.11 -42.56
C ASP P 102 10.54 7.73 -41.68
N VAL P 103 10.99 8.46 -40.64
CA VAL P 103 10.09 8.99 -39.62
C VAL P 103 10.25 10.50 -39.51
N THR P 104 9.14 11.18 -39.28
CA THR P 104 9.21 12.58 -38.92
C THR P 104 8.71 12.71 -37.49
N CYS P 105 9.57 13.18 -36.60
CA CYS P 105 9.19 13.40 -35.21
C CYS P 105 8.69 14.84 -35.07
N ILE P 106 7.52 15.01 -34.45
CA ILE P 106 6.91 16.34 -34.37
C ILE P 106 6.79 16.71 -32.89
N PRO P 107 7.50 17.74 -32.42
CA PRO P 107 7.35 18.14 -31.00
C PRO P 107 6.04 18.88 -30.77
N LYS P 108 5.29 18.44 -29.76
CA LYS P 108 4.09 19.11 -29.26
C LYS P 108 4.34 19.63 -27.84
N VAL P 109 3.31 20.27 -27.25
CA VAL P 109 3.45 20.87 -25.92
C VAL P 109 3.45 19.79 -24.84
N ARG P 110 2.48 18.89 -24.87
CA ARG P 110 2.34 17.85 -23.85
C ARG P 110 2.36 16.45 -24.47
N SER P 111 2.91 16.31 -25.68
CA SER P 111 2.97 15.03 -26.36
C SER P 111 4.12 15.06 -27.37
N ILE P 112 4.33 13.93 -28.02
CA ILE P 112 5.30 13.83 -29.11
C ILE P 112 4.64 12.97 -30.17
N GLN P 113 4.56 13.47 -31.38
CA GLN P 113 3.92 12.76 -32.47
C GLN P 113 4.95 12.28 -33.47
N MET P 114 4.70 11.10 -34.05
CA MET P 114 5.62 10.47 -34.98
C MET P 114 4.83 9.95 -36.18
N LEU P 115 5.32 10.29 -37.36
CA LEU P 115 4.74 9.87 -38.62
C LEU P 115 5.73 8.98 -39.32
N VAL P 116 5.28 7.79 -39.70
CA VAL P 116 6.15 6.87 -40.45
C VAL P 116 5.80 7.03 -41.92
N HIS P 117 6.80 7.26 -42.76
CA HIS P 117 6.51 7.39 -44.19
C HIS P 117 6.92 6.12 -44.93
N PRO P 118 6.22 5.73 -45.99
CA PRO P 118 6.57 4.50 -46.69
C PRO P 118 7.96 4.60 -47.30
N THR P 119 8.67 3.46 -47.29
CA THR P 119 9.99 3.32 -47.90
C THR P 119 9.92 2.42 -49.14
N LEU P 120 10.30 2.98 -50.28
CA LEU P 120 10.39 2.30 -51.56
C LEU P 120 11.67 1.48 -51.68
N THR P 121 11.63 0.50 -52.57
CA THR P 121 12.69 -0.48 -52.72
C THR P 121 12.98 -0.79 -54.19
N PRO P 122 14.07 -1.49 -54.50
CA PRO P 122 14.32 -1.91 -55.89
C PRO P 122 13.48 -3.08 -56.39
N VAL P 123 12.50 -3.63 -55.69
CA VAL P 123 11.84 -4.85 -56.16
C VAL P 123 10.49 -4.53 -56.78
N LEU P 124 10.17 -5.19 -57.89
CA LEU P 124 8.95 -4.84 -58.60
C LEU P 124 7.89 -5.90 -58.46
N SER P 125 6.64 -5.45 -58.62
CA SER P 125 5.47 -6.29 -58.63
C SER P 125 5.32 -6.97 -60.00
N GLU P 126 4.26 -7.77 -60.15
CA GLU P 126 4.02 -8.44 -61.43
C GLU P 126 3.72 -7.43 -62.54
N ASP P 127 3.03 -6.34 -62.22
CA ASP P 127 2.75 -5.30 -63.18
C ASP P 127 3.96 -4.43 -63.52
N GLY P 128 5.04 -4.57 -62.74
CA GLY P 128 6.24 -3.78 -62.96
C GLY P 128 6.36 -2.54 -62.10
N HIS P 129 5.66 -2.48 -60.96
CA HIS P 129 5.66 -1.30 -60.10
C HIS P 129 6.57 -1.50 -58.88
N GLN P 130 7.23 -0.42 -58.46
CA GLN P 130 8.08 -0.51 -57.28
C GLN P 130 7.27 -0.69 -56.00
N LEU P 131 7.76 -1.54 -55.13
CA LEU P 131 7.03 -1.88 -53.91
C LEU P 131 7.60 -1.15 -52.71
N THR P 132 6.71 -0.80 -51.79
CA THR P 132 7.15 -0.35 -50.47
C THR P 132 7.36 -1.57 -49.59
N LEU P 133 8.12 -1.40 -48.52
CA LEU P 133 8.29 -2.50 -47.59
C LEU P 133 6.94 -3.07 -47.19
N GLU P 134 5.96 -2.19 -46.91
CA GLU P 134 4.62 -2.61 -46.50
C GLU P 134 3.99 -3.47 -47.57
N GLU P 135 4.28 -3.18 -48.82
CA GLU P 135 3.78 -4.03 -49.90
C GLU P 135 4.55 -5.34 -49.98
N ILE P 136 5.78 -5.36 -49.50
CA ILE P 136 6.52 -6.61 -49.57
C ILE P 136 6.20 -7.46 -48.36
N PHE P 137 6.14 -6.86 -47.21
CA PHE P 137 5.88 -7.59 -45.99
C PHE P 137 4.52 -7.27 -45.44
N HIS P 138 3.57 -8.17 -45.66
CA HIS P 138 2.25 -8.00 -45.07
C HIS P 138 2.28 -8.12 -43.54
N ASP P 139 3.29 -8.76 -42.95
CA ASP P 139 3.42 -8.86 -41.50
C ASP P 139 4.14 -7.68 -40.87
N LEU P 140 4.53 -6.67 -41.66
CA LEU P 140 5.32 -5.57 -41.14
C LEU P 140 4.55 -4.84 -40.05
N PHE P 141 5.26 -4.35 -39.01
CA PHE P 141 4.64 -3.47 -38.03
C PHE P 141 5.74 -2.62 -37.39
N TYR P 142 5.31 -1.59 -36.66
CA TYR P 142 6.24 -0.62 -36.10
C TYR P 142 6.23 -0.71 -34.57
N ARG P 143 7.44 -0.68 -33.98
CA ARG P 143 7.71 -0.67 -32.55
C ARG P 143 8.42 0.63 -32.18
N LEU P 144 7.76 1.46 -31.40
CA LEU P 144 8.27 2.76 -31.08
C LEU P 144 8.60 2.84 -29.61
N GLU P 145 9.68 3.54 -29.30
CA GLU P 145 10.01 3.77 -27.89
C GLU P 145 10.26 5.24 -27.65
N LEU P 146 9.77 5.74 -26.52
CA LEU P 146 10.04 7.08 -26.03
C LEU P 146 10.72 6.97 -24.68
N HIS P 147 12.02 7.26 -24.65
CA HIS P 147 12.85 7.15 -23.46
C HIS P 147 12.86 8.47 -22.70
N VAL P 148 12.51 8.42 -21.42
CA VAL P 148 12.52 9.56 -20.53
C VAL P 148 13.77 9.58 -19.65
N ASN P 149 14.09 8.45 -19.03
CA ASN P 149 15.32 8.27 -18.28
C ASN P 149 15.63 6.78 -18.26
N HIS P 150 16.84 6.43 -17.79
CA HIS P 150 17.31 5.03 -17.93
C HIS P 150 16.32 4.00 -17.41
N THR P 151 15.46 4.35 -16.45
CA THR P 151 14.52 3.41 -15.85
C THR P 151 13.09 3.56 -16.33
N TYR P 152 12.79 4.51 -17.24
CA TYR P 152 11.41 4.79 -17.66
C TYR P 152 11.31 5.08 -19.16
N GLN P 153 10.55 4.21 -19.86
CA GLN P 153 10.30 4.30 -21.29
C GLN P 153 8.85 3.98 -21.60
N MET P 154 8.34 4.59 -22.66
CA MET P 154 6.96 4.39 -23.10
C MET P 154 6.96 3.70 -24.44
N HIS P 155 6.01 2.79 -24.67
CA HIS P 155 5.91 2.03 -25.90
C HIS P 155 4.60 2.25 -26.63
N LEU P 156 4.71 2.21 -27.95
CA LEU P 156 3.57 2.21 -28.85
C LEU P 156 3.88 1.18 -29.93
N GLU P 157 2.85 0.52 -30.41
CA GLU P 157 3.06 -0.54 -31.39
C GLU P 157 1.87 -0.60 -32.32
N GLY P 158 2.10 -0.93 -33.59
CA GLY P 158 0.98 -1.03 -34.49
C GLY P 158 1.36 -1.14 -35.95
N LYS P 159 0.31 -1.20 -36.78
CA LYS P 159 0.48 -1.21 -38.21
C LYS P 159 0.24 0.14 -38.84
N GLN P 160 -0.34 1.08 -38.10
CA GLN P 160 -0.63 2.36 -38.69
C GLN P 160 0.67 3.16 -38.83
N ARG P 161 0.57 4.34 -39.43
CA ARG P 161 1.75 5.19 -39.60
C ARG P 161 1.75 6.45 -38.78
N GLU P 162 0.76 6.64 -37.90
CA GLU P 162 0.70 7.79 -37.00
C GLU P 162 0.72 7.28 -35.55
N TYR P 163 1.57 7.90 -34.73
CA TYR P 163 1.76 7.57 -33.33
C TYR P 163 1.92 8.83 -32.53
N GLU P 164 1.40 8.85 -31.30
CA GLU P 164 1.58 10.01 -30.44
C GLU P 164 1.71 9.62 -28.97
N PHE P 165 2.79 10.07 -28.37
CA PHE P 165 3.04 9.84 -26.95
C PHE P 165 2.37 10.94 -26.15
N LEU P 166 1.28 10.60 -25.46
CA LEU P 166 0.50 11.60 -24.76
C LEU P 166 0.95 11.69 -23.32
N GLY P 167 0.58 12.80 -22.68
CA GLY P 167 0.78 13.00 -21.26
C GLY P 167 2.17 13.44 -20.91
N LEU P 168 2.86 14.13 -21.80
CA LEU P 168 4.24 14.47 -21.53
C LEU P 168 4.31 15.84 -20.91
N THR P 169 5.40 16.06 -20.19
CA THR P 169 5.60 17.37 -19.60
C THR P 169 6.24 18.33 -20.61
N PRO P 170 5.81 19.61 -20.64
CA PRO P 170 6.39 20.57 -21.59
C PRO P 170 7.86 20.84 -21.35
N ASP P 171 8.54 21.32 -22.41
CA ASP P 171 9.94 21.77 -22.34
C ASP P 171 10.86 20.70 -21.78
N THR P 172 10.56 19.43 -22.07
CA THR P 172 11.36 18.31 -21.61
C THR P 172 11.96 17.57 -22.80
N GLU P 173 13.22 17.18 -22.68
CA GLU P 173 13.86 16.47 -23.76
C GLU P 173 13.60 14.98 -23.64
N PHE P 174 13.25 14.36 -24.77
CA PHE P 174 12.96 12.95 -24.91
C PHE P 174 13.77 12.36 -26.06
N LEU P 175 13.95 11.03 -26.03
CA LEU P 175 14.63 10.28 -27.08
C LEU P 175 13.69 9.25 -27.68
N GLY P 176 13.34 9.38 -28.95
CA GLY P 176 12.45 8.43 -29.60
C GLY P 176 13.19 7.42 -30.47
N SER P 177 12.73 6.16 -30.40
CA SER P 177 13.25 5.09 -31.25
C SER P 177 12.10 4.38 -31.92
N ILE P 178 12.25 4.18 -33.23
CA ILE P 178 11.27 3.47 -34.05
C ILE P 178 11.96 2.36 -34.85
N THR P 179 11.41 1.15 -34.78
CA THR P 179 11.95 0.02 -35.54
C THR P 179 10.84 -0.65 -36.34
N ILE P 180 11.18 -1.12 -37.57
CA ILE P 180 10.27 -1.93 -38.37
C ILE P 180 10.52 -3.40 -38.00
N LEU P 181 9.44 -4.17 -37.91
CA LEU P 181 9.51 -5.56 -37.57
C LEU P 181 8.83 -6.38 -38.67
N THR P 182 9.46 -7.50 -39.01
CA THR P 182 8.89 -8.51 -39.90
C THR P 182 9.02 -9.85 -39.17
N PRO P 183 7.99 -10.29 -38.43
CA PRO P 183 8.20 -11.48 -37.57
C PRO P 183 8.40 -12.75 -38.36
N ILE P 184 7.64 -12.94 -39.45
CA ILE P 184 7.63 -14.21 -40.17
C ILE P 184 9.05 -14.61 -40.57
N LEU P 185 9.81 -13.68 -41.14
CA LEU P 185 11.21 -13.87 -41.48
C LEU P 185 12.13 -13.41 -40.36
N SER P 186 11.55 -13.07 -39.21
CA SER P 186 12.33 -12.73 -38.02
C SER P 186 13.28 -11.57 -38.33
N LYS P 187 12.76 -10.57 -39.07
CA LYS P 187 13.50 -9.39 -39.46
C LYS P 187 13.21 -8.22 -38.52
N GLU P 188 14.26 -7.48 -38.16
CA GLU P 188 14.12 -6.31 -37.31
C GLU P 188 15.07 -5.23 -37.77
N SER P 189 14.53 -4.04 -38.03
CA SER P 189 15.37 -2.98 -38.59
C SER P 189 16.28 -2.43 -37.51
N ALA P 190 17.30 -1.72 -37.95
CA ALA P 190 17.95 -0.79 -37.06
C ALA P 190 16.94 0.29 -36.70
N PRO P 191 17.10 0.97 -35.57
CA PRO P 191 16.14 2.00 -35.18
C PRO P 191 16.35 3.33 -35.88
N TYR P 192 15.26 4.04 -36.11
CA TYR P 192 15.35 5.48 -36.30
C TYR P 192 15.36 6.12 -34.93
N VAL P 193 16.28 7.06 -34.68
CA VAL P 193 16.32 7.75 -33.41
C VAL P 193 16.23 9.26 -33.65
N CYS P 194 15.21 9.88 -33.06
CA CYS P 194 15.03 11.33 -33.04
C CYS P 194 15.17 11.83 -31.62
N ARG P 195 16.05 12.81 -31.42
CA ARG P 195 16.15 13.54 -30.16
C ARG P 195 15.21 14.74 -30.29
N VAL P 196 14.11 14.72 -29.52
CA VAL P 196 13.11 15.78 -29.58
C VAL P 196 12.86 16.41 -28.20
N LYS P 197 12.21 17.58 -28.22
CA LYS P 197 11.93 18.30 -26.98
C LYS P 197 10.50 18.85 -27.07
N THR P 198 9.64 18.47 -26.14
CA THR P 198 8.29 19.01 -26.18
C THR P 198 8.32 20.54 -26.04
N LEU P 199 7.39 21.19 -26.72
CA LEU P 199 7.42 22.64 -26.86
C LEU P 199 7.18 23.33 -25.51
N PRO P 200 7.72 24.54 -25.34
CA PRO P 200 7.57 25.21 -24.06
C PRO P 200 6.20 25.83 -23.92
N ASP P 201 5.26 25.09 -23.33
CA ASP P 201 3.90 25.53 -22.96
C ASP P 201 3.45 26.89 -23.49
N ARG Q 6 -10.39 -28.08 -56.28
CA ARG Q 6 -10.07 -27.02 -55.32
C ARG Q 6 -9.24 -27.54 -54.13
N CYS Q 7 -7.94 -27.78 -54.36
CA CYS Q 7 -7.00 -28.31 -53.37
C CYS Q 7 -5.95 -27.23 -53.11
N LYS Q 8 -6.19 -26.43 -52.09
CA LYS Q 8 -5.34 -25.29 -51.80
C LYS Q 8 -4.97 -25.29 -50.32
N LEU Q 9 -3.85 -24.65 -50.03
CA LEU Q 9 -3.46 -24.45 -48.64
C LEU Q 9 -3.76 -23.02 -48.24
N HIS Q 10 -3.99 -22.82 -46.96
CA HIS Q 10 -4.21 -21.49 -46.45
C HIS Q 10 -2.87 -20.83 -46.16
N VAL Q 11 -2.83 -19.51 -46.30
CA VAL Q 11 -1.58 -18.81 -46.03
C VAL Q 11 -1.18 -18.99 -44.58
N ARG Q 12 -2.16 -19.19 -43.69
CA ARG Q 12 -1.84 -19.32 -42.27
C ARG Q 12 -0.75 -20.39 -42.07
N ASN Q 13 -0.71 -21.41 -42.95
CA ASN Q 13 0.27 -22.49 -42.87
C ASN Q 13 1.73 -22.05 -43.09
N PHE Q 14 1.98 -20.88 -43.67
CA PHE Q 14 3.35 -20.47 -43.96
C PHE Q 14 3.80 -19.27 -43.13
N GLN Q 15 3.08 -18.95 -42.05
CA GLN Q 15 3.29 -17.70 -41.31
C GLN Q 15 3.72 -17.87 -39.86
N SER Q 16 4.22 -19.10 -39.49
CA SER Q 16 4.75 -19.41 -38.17
C SER Q 16 6.22 -18.99 -38.11
N PRO Q 17 6.55 -17.98 -37.30
CA PRO Q 17 7.96 -17.58 -37.22
C PRO Q 17 8.82 -18.72 -36.72
N TYR Q 18 8.29 -19.54 -35.82
CA TYR Q 18 9.04 -20.68 -35.36
C TYR Q 18 9.35 -21.61 -36.52
N ILE Q 19 8.30 -22.07 -37.22
CA ILE Q 19 8.51 -23.07 -38.25
C ILE Q 19 9.37 -22.49 -39.37
N VAL Q 20 9.18 -21.21 -39.67
CA VAL Q 20 9.95 -20.65 -40.77
C VAL Q 20 11.41 -20.54 -40.38
N ASN Q 21 11.66 -20.10 -39.14
CA ASN Q 21 13.03 -20.02 -38.66
C ASN Q 21 13.68 -21.41 -38.73
N ARG Q 22 12.92 -22.45 -38.38
CA ARG Q 22 13.47 -23.80 -38.34
C ARG Q 22 13.68 -24.35 -39.74
N THR Q 23 12.72 -24.11 -40.64
CA THR Q 23 12.85 -24.58 -42.01
C THR Q 23 14.03 -23.91 -42.71
N PHE Q 24 14.15 -22.59 -42.53
CA PHE Q 24 15.20 -21.84 -43.22
C PHE Q 24 16.57 -22.06 -42.61
N MET Q 25 16.62 -22.40 -41.33
CA MET Q 25 17.89 -22.77 -40.74
C MET Q 25 18.34 -24.14 -41.21
N LEU Q 26 17.39 -25.07 -41.43
CA LEU Q 26 17.72 -26.39 -41.93
C LEU Q 26 18.22 -26.31 -43.36
N ALA Q 27 17.53 -25.56 -44.22
CA ALA Q 27 17.98 -25.44 -45.59
C ALA Q 27 19.34 -24.79 -45.65
N LYS Q 28 19.60 -23.86 -44.72
CA LYS Q 28 20.88 -23.14 -44.74
C LYS Q 28 22.02 -24.05 -44.31
N GLU Q 29 21.83 -24.85 -43.26
CA GLU Q 29 22.90 -25.75 -42.80
C GLU Q 29 23.27 -26.75 -43.87
N ALA Q 30 22.25 -27.23 -44.63
CA ALA Q 30 22.45 -28.19 -45.70
C ALA Q 30 23.01 -27.54 -46.96
N SER Q 31 22.52 -26.33 -47.30
CA SER Q 31 22.99 -25.72 -48.54
C SER Q 31 24.46 -25.36 -48.45
N LEU Q 32 25.00 -25.14 -47.25
CA LEU Q 32 26.43 -24.85 -47.15
C LEU Q 32 27.31 -26.01 -47.56
N ALA Q 33 26.84 -27.22 -47.36
CA ALA Q 33 27.61 -28.38 -47.76
C ALA Q 33 27.34 -28.75 -49.21
N ASP Q 34 26.72 -27.83 -49.96
CA ASP Q 34 26.29 -28.07 -51.33
C ASP Q 34 26.96 -27.06 -52.24
N GLN Q 35 28.01 -27.49 -52.95
CA GLN Q 35 28.72 -26.60 -53.87
C GLN Q 35 28.30 -26.84 -55.30
N ASN Q 36 27.17 -27.51 -55.48
CA ASN Q 36 26.71 -27.85 -56.82
C ASN Q 36 25.80 -26.71 -57.27
N THR Q 37 26.43 -25.67 -57.77
CA THR Q 37 25.71 -24.51 -58.25
C THR Q 37 25.05 -24.74 -59.62
N ASP Q 38 25.38 -25.83 -60.31
CA ASP Q 38 24.92 -26.02 -61.68
C ASP Q 38 23.54 -26.67 -61.80
N VAL Q 39 23.14 -27.52 -60.86
CA VAL Q 39 21.86 -28.22 -60.91
C VAL Q 39 20.97 -27.77 -59.76
N ARG Q 40 19.71 -27.43 -60.09
CA ARG Q 40 18.71 -27.00 -59.12
C ARG Q 40 17.46 -27.85 -59.25
N LEU Q 41 17.08 -28.49 -58.14
CA LEU Q 41 15.98 -29.44 -58.13
C LEU Q 41 14.67 -28.69 -58.28
N ILE Q 42 14.34 -27.88 -57.29
CA ILE Q 42 13.09 -27.13 -57.30
C ILE Q 42 13.46 -25.84 -58.02
N GLY Q 43 13.39 -25.88 -59.34
CA GLY Q 43 13.70 -24.71 -60.12
C GLY Q 43 12.67 -24.65 -61.22
N GLU Q 44 12.81 -23.62 -62.05
CA GLU Q 44 11.82 -23.45 -63.09
C GLU Q 44 11.85 -24.63 -64.06
N LYS Q 45 12.94 -25.41 -64.07
CA LYS Q 45 12.98 -26.65 -64.84
C LYS Q 45 11.89 -27.60 -64.40
N LEU Q 46 11.47 -27.48 -63.15
CA LEU Q 46 10.39 -28.30 -62.63
C LEU Q 46 9.04 -27.79 -63.10
N PHE Q 47 8.93 -26.50 -63.43
CA PHE Q 47 7.68 -25.88 -63.84
C PHE Q 47 7.48 -25.84 -65.38
N ARG Q 48 8.21 -26.65 -66.15
CA ARG Q 48 8.17 -26.57 -67.61
C ARG Q 48 6.78 -26.95 -68.13
N GLY Q 49 6.03 -25.98 -68.62
CA GLY Q 49 4.77 -26.27 -69.27
C GLY Q 49 3.71 -26.78 -68.31
N VAL Q 50 3.55 -26.08 -67.20
CA VAL Q 50 2.63 -26.45 -66.15
C VAL Q 50 1.70 -25.26 -65.91
N SER Q 51 0.44 -25.39 -66.34
CA SER Q 51 -0.57 -24.36 -66.09
C SER Q 51 -0.45 -23.86 -64.66
N ALA Q 52 -0.79 -22.58 -64.44
CA ALA Q 52 -0.60 -22.06 -63.09
C ALA Q 52 -1.60 -22.65 -62.11
N LYS Q 53 -2.79 -23.05 -62.59
CA LYS Q 53 -3.81 -23.65 -61.73
C LYS Q 53 -3.51 -25.10 -61.33
N ASP Q 54 -2.71 -25.84 -62.09
CA ASP Q 54 -2.35 -27.19 -61.64
C ASP Q 54 -1.01 -27.23 -60.90
N GLN Q 55 -0.35 -26.08 -60.72
CA GLN Q 55 0.97 -26.05 -60.10
C GLN Q 55 0.95 -26.49 -58.64
N CYS Q 56 -0.16 -26.28 -57.92
CA CYS Q 56 -0.24 -26.74 -56.54
C CYS Q 56 -0.15 -28.25 -56.47
N TYR Q 57 -0.89 -28.95 -57.33
CA TYR Q 57 -0.72 -30.40 -57.41
C TYR Q 57 0.73 -30.75 -57.69
N LEU Q 58 1.38 -29.97 -58.56
CA LEU Q 58 2.78 -30.22 -58.90
C LEU Q 58 3.69 -30.15 -57.66
N MET Q 59 3.52 -29.13 -56.83
CA MET Q 59 4.37 -29.09 -55.65
C MET Q 59 3.99 -30.17 -54.65
N LYS Q 60 2.72 -30.54 -54.59
CA LYS Q 60 2.32 -31.62 -53.71
C LYS Q 60 3.04 -32.92 -54.10
N GLN Q 61 3.32 -33.09 -55.38
CA GLN Q 61 4.07 -34.27 -55.81
C GLN Q 61 5.51 -34.18 -55.34
N VAL Q 62 6.13 -33.01 -55.46
CA VAL Q 62 7.51 -32.86 -55.05
C VAL Q 62 7.67 -33.04 -53.55
N LEU Q 63 6.75 -32.47 -52.76
CA LEU Q 63 6.80 -32.63 -51.32
C LEU Q 63 6.63 -34.09 -50.93
N GLN Q 64 5.66 -34.77 -51.54
CA GLN Q 64 5.48 -36.19 -51.21
C GLN Q 64 6.74 -36.97 -51.53
N PHE Q 65 7.45 -36.62 -52.63
CA PHE Q 65 8.71 -37.29 -52.91
C PHE Q 65 9.79 -36.92 -51.90
N THR Q 66 9.90 -35.62 -51.60
CA THR Q 66 10.92 -35.17 -50.65
C THR Q 66 10.70 -35.76 -49.27
N LEU Q 67 9.43 -35.95 -48.88
CA LEU Q 67 9.14 -36.55 -47.59
C LEU Q 67 9.46 -38.06 -47.58
N GLU Q 68 9.14 -38.77 -48.65
CA GLU Q 68 9.30 -40.23 -48.61
C GLU Q 68 10.76 -40.66 -48.79
N ASP Q 69 11.50 -40.04 -49.71
CA ASP Q 69 12.77 -40.60 -50.11
C ASP Q 69 13.98 -39.82 -49.64
N VAL Q 70 13.82 -38.59 -49.17
CA VAL Q 70 14.97 -37.76 -48.79
C VAL Q 70 14.98 -37.44 -47.30
N LEU Q 71 13.82 -37.11 -46.70
CA LEU Q 71 13.83 -36.64 -45.32
C LEU Q 71 13.74 -37.77 -44.30
N LEU Q 72 12.85 -38.73 -44.53
CA LEU Q 72 12.79 -39.86 -43.62
C LEU Q 72 14.10 -40.64 -43.65
N PRO Q 73 14.73 -40.92 -44.80
CA PRO Q 73 16.08 -41.49 -44.77
C PRO Q 73 17.17 -40.54 -44.26
N GLN Q 74 16.93 -39.23 -44.18
CA GLN Q 74 17.92 -38.28 -43.64
C GLN Q 74 17.40 -37.61 -42.38
N SER Q 75 16.68 -38.39 -41.56
CA SER Q 75 16.14 -37.92 -40.29
C SER Q 75 17.15 -38.00 -39.17
N ASP Q 76 18.35 -38.52 -39.42
CA ASP Q 76 19.32 -38.71 -38.36
C ASP Q 76 20.30 -37.56 -38.23
N ARG Q 77 20.56 -36.82 -39.31
CA ARG Q 77 21.46 -35.67 -39.25
C ARG Q 77 20.70 -34.36 -39.39
N PHE Q 78 21.49 -33.28 -39.40
CA PHE Q 78 21.00 -31.91 -39.46
C PHE Q 78 20.01 -31.60 -38.34
N GLN Q 79 20.11 -32.29 -37.19
CA GLN Q 79 19.27 -31.95 -36.06
C GLN Q 79 19.77 -30.64 -35.48
N PRO Q 80 19.04 -30.03 -34.52
CA PRO Q 80 17.69 -30.24 -34.00
C PRO Q 80 16.57 -29.86 -34.94
N TYR Q 81 16.92 -29.46 -36.16
CA TYR Q 81 15.90 -28.88 -37.03
C TYR Q 81 15.04 -29.95 -37.68
N MET Q 82 15.62 -31.05 -38.19
CA MET Q 82 14.81 -32.10 -38.83
C MET Q 82 13.64 -32.53 -37.98
N TRP Q 83 13.88 -32.65 -36.67
CA TRP Q 83 12.88 -33.16 -35.76
C TRP Q 83 11.61 -32.33 -35.79
N GLU Q 84 11.76 -30.99 -35.94
CA GLU Q 84 10.61 -30.10 -36.00
C GLU Q 84 10.16 -29.83 -37.42
N VAL Q 85 11.05 -29.93 -38.39
CA VAL Q 85 10.73 -29.50 -39.76
C VAL Q 85 9.90 -30.53 -40.50
N VAL Q 86 10.29 -31.80 -40.44
CA VAL Q 86 9.61 -32.82 -41.22
C VAL Q 86 8.18 -33.00 -40.74
N PRO Q 87 7.86 -32.99 -39.43
CA PRO Q 87 6.44 -33.13 -39.05
C PRO Q 87 5.61 -31.99 -39.57
N PHE Q 88 6.20 -30.79 -39.63
CA PHE Q 88 5.47 -29.68 -40.22
C PHE Q 88 5.31 -29.88 -41.71
N LEU Q 89 6.41 -30.25 -42.39
CA LEU Q 89 6.26 -30.59 -43.81
C LEU Q 89 5.31 -31.76 -44.00
N THR Q 90 5.28 -32.73 -43.06
CA THR Q 90 4.29 -33.81 -43.18
C THR Q 90 2.86 -33.29 -43.01
N LYS Q 91 2.64 -32.40 -42.02
CA LYS Q 91 1.31 -31.85 -41.82
C LYS Q 91 0.85 -31.08 -43.05
N LEU Q 92 1.80 -30.67 -43.87
CA LEU Q 92 1.40 -29.94 -45.05
C LEU Q 92 0.99 -30.88 -46.16
N SER Q 93 1.70 -32.00 -46.33
CA SER Q 93 1.28 -32.94 -47.37
C SER Q 93 -0.09 -33.54 -47.04
N ASN Q 94 -0.39 -33.72 -45.75
CA ASN Q 94 -1.68 -34.30 -45.34
C ASN Q 94 -2.85 -33.35 -45.55
N LYS Q 95 -2.62 -32.04 -45.44
CA LYS Q 95 -3.71 -31.14 -45.73
C LYS Q 95 -4.11 -31.24 -47.21
N LEU Q 96 -3.16 -31.58 -48.08
CA LEU Q 96 -3.36 -31.57 -49.52
C LEU Q 96 -3.69 -32.93 -50.13
N SER Q 97 -3.90 -33.97 -49.32
CA SER Q 97 -4.08 -35.31 -49.88
C SER Q 97 -5.30 -35.39 -50.81
N SER Q 98 -6.34 -34.60 -50.54
CA SER Q 98 -7.55 -34.58 -51.36
C SER Q 98 -7.35 -33.84 -52.68
N CYS Q 99 -6.11 -33.55 -53.04
CA CYS Q 99 -5.77 -32.89 -54.30
C CYS Q 99 -5.38 -33.94 -55.34
N HIS Q 100 -6.03 -33.86 -56.51
CA HIS Q 100 -5.75 -34.71 -57.66
C HIS Q 100 -6.15 -33.94 -58.92
N ILE Q 101 -5.32 -33.98 -59.96
CA ILE Q 101 -5.51 -33.09 -61.10
C ILE Q 101 -6.69 -33.55 -61.96
N SER Q 102 -7.70 -32.67 -62.10
CA SER Q 102 -8.85 -32.91 -62.97
C SER Q 102 -8.52 -32.71 -64.45
N GLY Q 103 -7.39 -33.23 -64.89
CA GLY Q 103 -7.01 -33.07 -66.28
C GLY Q 103 -5.78 -33.89 -66.59
N ASP Q 104 -5.12 -33.52 -67.68
CA ASP Q 104 -4.00 -34.29 -68.20
C ASP Q 104 -2.76 -34.04 -67.34
N ASP Q 105 -2.23 -35.14 -66.78
CA ASP Q 105 -1.04 -35.14 -65.91
C ASP Q 105 0.14 -35.77 -66.64
N GLN Q 106 0.28 -35.49 -67.93
CA GLN Q 106 1.42 -36.02 -68.66
C GLN Q 106 2.68 -35.16 -68.52
N ASN Q 107 2.55 -33.81 -68.48
CA ASN Q 107 3.75 -32.98 -68.38
C ASN Q 107 4.26 -32.87 -66.95
N ILE Q 108 3.36 -32.86 -65.97
CA ILE Q 108 3.80 -32.87 -64.58
C ILE Q 108 4.54 -34.18 -64.28
N GLN Q 109 4.02 -35.31 -64.77
CA GLN Q 109 4.63 -36.60 -64.50
C GLN Q 109 6.03 -36.71 -65.09
N LYS Q 110 6.28 -36.05 -66.22
CA LYS Q 110 7.62 -36.10 -66.79
C LYS Q 110 8.59 -35.26 -65.96
N ASN Q 111 8.13 -34.16 -65.39
CA ASN Q 111 9.04 -33.30 -64.65
C ASN Q 111 9.36 -33.86 -63.27
N VAL Q 112 8.36 -34.36 -62.54
CA VAL Q 112 8.65 -34.93 -61.23
C VAL Q 112 9.54 -36.14 -61.37
N ARG Q 113 9.42 -36.85 -62.50
CA ARG Q 113 10.27 -38.01 -62.77
C ARG Q 113 11.72 -37.58 -62.93
N ARG Q 114 11.97 -36.52 -63.72
CA ARG Q 114 13.33 -36.01 -63.87
C ARG Q 114 13.91 -35.54 -62.56
N LEU Q 115 13.06 -35.09 -61.63
CA LEU Q 115 13.55 -34.67 -60.32
C LEU Q 115 14.08 -35.84 -59.52
N LYS Q 116 13.27 -36.87 -59.31
CA LYS Q 116 13.76 -38.00 -58.55
C LYS Q 116 14.91 -38.68 -59.26
N GLU Q 117 15.03 -38.52 -60.58
CA GLU Q 117 16.17 -39.08 -61.30
C GLU Q 117 17.44 -38.31 -60.99
N THR Q 118 17.37 -36.97 -60.94
CA THR Q 118 18.57 -36.19 -60.68
C THR Q 118 19.09 -36.40 -59.26
N VAL Q 119 18.18 -36.49 -58.28
CA VAL Q 119 18.58 -36.66 -56.87
C VAL Q 119 19.33 -37.97 -56.67
N LYS Q 120 18.90 -39.04 -57.36
CA LYS Q 120 19.62 -40.30 -57.25
C LYS Q 120 20.83 -40.36 -58.18
N LYS Q 121 20.86 -39.55 -59.23
CA LYS Q 121 22.07 -39.42 -60.06
C LYS Q 121 23.17 -38.67 -59.31
N LEU Q 122 22.81 -37.93 -58.24
CA LEU Q 122 23.74 -37.15 -57.43
C LEU Q 122 24.06 -37.84 -56.10
N GLY Q 123 23.72 -39.11 -55.98
CA GLY Q 123 23.91 -39.90 -54.76
C GLY Q 123 23.60 -39.20 -53.45
N GLU Q 124 24.55 -39.24 -52.50
CA GLU Q 124 24.32 -38.66 -51.18
C GLU Q 124 24.22 -37.15 -51.26
N SER Q 125 25.00 -36.54 -52.15
CA SER Q 125 24.96 -35.10 -52.34
C SER Q 125 23.59 -34.65 -52.83
N GLY Q 126 22.91 -35.48 -53.63
CA GLY Q 126 21.57 -35.16 -54.06
C GLY Q 126 20.59 -35.11 -52.90
N GLU Q 127 20.84 -35.91 -51.85
CA GLU Q 127 19.93 -35.89 -50.72
C GLU Q 127 20.10 -34.60 -49.93
N ILE Q 128 21.33 -34.13 -49.78
CA ILE Q 128 21.57 -32.85 -49.12
C ILE Q 128 21.07 -31.69 -49.99
N LYS Q 129 21.08 -31.85 -51.32
CA LYS Q 129 20.58 -30.81 -52.22
C LYS Q 129 19.11 -30.53 -51.98
N ALA Q 130 18.30 -31.57 -51.81
CA ALA Q 130 16.90 -31.36 -51.53
C ALA Q 130 16.72 -30.69 -50.18
N ILE Q 131 17.53 -31.09 -49.20
CA ILE Q 131 17.41 -30.49 -47.88
C ILE Q 131 17.84 -29.02 -47.91
N GLY Q 132 18.92 -28.72 -48.64
CA GLY Q 132 19.38 -27.34 -48.83
C GLY Q 132 18.44 -26.48 -49.65
N GLU Q 133 17.49 -27.09 -50.34
CA GLU Q 133 16.46 -26.43 -51.13
C GLU Q 133 15.10 -26.48 -50.47
N LEU Q 134 15.01 -26.88 -49.20
CA LEU Q 134 13.71 -26.83 -48.54
C LEU Q 134 13.17 -25.41 -48.42
N ASP Q 135 14.02 -24.38 -48.48
CA ASP Q 135 13.48 -23.01 -48.52
C ASP Q 135 12.74 -22.77 -49.83
N LEU Q 136 13.32 -23.19 -50.96
CA LEU Q 136 12.60 -23.14 -52.23
C LEU Q 136 11.29 -23.91 -52.14
N LEU Q 137 11.32 -25.10 -51.54
CA LEU Q 137 10.12 -25.93 -51.45
C LEU Q 137 9.00 -25.19 -50.74
N PHE Q 138 9.31 -24.64 -49.57
CA PHE Q 138 8.35 -23.88 -48.79
C PHE Q 138 7.72 -22.77 -49.63
N MET Q 139 8.54 -22.01 -50.35
CA MET Q 139 8.02 -20.82 -51.03
C MET Q 139 7.25 -21.16 -52.29
N SER Q 140 7.70 -22.17 -53.04
CA SER Q 140 6.89 -22.65 -54.18
C SER Q 140 5.64 -23.34 -53.69
N LEU Q 141 5.69 -23.96 -52.51
CA LEU Q 141 4.47 -24.51 -51.95
C LEU Q 141 3.52 -23.38 -51.62
N ARG Q 142 4.07 -22.28 -51.11
CA ARG Q 142 3.26 -21.11 -50.78
C ARG Q 142 2.67 -20.51 -52.04
N ASN Q 143 3.51 -20.22 -53.03
CA ASN Q 143 3.06 -19.53 -54.22
C ASN Q 143 2.15 -20.42 -55.07
N ALA Q 144 2.25 -21.74 -54.95
CA ALA Q 144 1.45 -22.60 -55.81
C ALA Q 144 0.08 -22.93 -55.24
N CYS Q 145 -0.09 -22.88 -53.92
CA CYS Q 145 -1.31 -23.39 -53.30
C CYS Q 145 -2.18 -22.34 -52.62
N VAL Q 146 -1.92 -21.05 -52.79
CA VAL Q 146 -2.86 -20.03 -52.34
C VAL Q 146 -2.89 -18.84 -53.28
N MET R 1 -4.15 -62.34 -16.75
CA MET R 1 -4.31 -61.16 -17.56
C MET R 1 -4.37 -59.94 -16.65
N ILE R 2 -3.82 -58.86 -17.17
CA ILE R 2 -3.70 -57.61 -16.44
C ILE R 2 -4.63 -56.60 -17.09
N PRO R 3 -5.37 -55.80 -16.32
CA PRO R 3 -6.17 -54.75 -16.95
C PRO R 3 -5.27 -53.62 -17.43
N PRO R 4 -5.68 -52.88 -18.43
CA PRO R 4 -4.81 -51.81 -18.96
C PRO R 4 -4.83 -50.60 -18.03
N PRO R 5 -3.91 -49.64 -18.20
CA PRO R 5 -4.00 -48.43 -17.37
C PRO R 5 -5.31 -47.70 -17.59
N GLU R 6 -5.82 -47.06 -16.52
CA GLU R 6 -7.11 -46.39 -16.51
C GLU R 6 -6.96 -44.87 -16.62
N LYS R 7 -7.98 -44.23 -17.18
CA LYS R 7 -8.00 -42.76 -17.30
C LYS R 7 -6.71 -42.24 -17.92
N VAL R 8 -6.30 -42.85 -19.02
CA VAL R 8 -5.10 -42.41 -19.72
C VAL R 8 -5.38 -41.12 -20.50
N ARG R 9 -4.56 -40.08 -20.27
CA ARG R 9 -4.74 -38.80 -20.91
C ARG R 9 -3.39 -38.07 -21.03
N MET R 10 -3.26 -37.27 -22.10
CA MET R 10 -2.07 -36.43 -22.33
C MET R 10 -2.40 -35.05 -21.78
N ASN R 11 -1.72 -34.70 -20.68
CA ASN R 11 -1.86 -33.40 -20.03
C ASN R 11 -0.84 -32.46 -20.67
N SER R 12 -1.29 -31.52 -21.50
CA SER R 12 -0.36 -30.67 -22.25
C SER R 12 -0.69 -29.21 -22.03
N VAL R 13 0.27 -28.46 -21.48
CA VAL R 13 0.14 -27.01 -21.30
C VAL R 13 1.44 -26.35 -21.78
N ASN R 14 1.31 -25.39 -22.70
CA ASN R 14 2.43 -24.66 -23.26
C ASN R 14 3.53 -25.62 -23.76
N PHE R 15 3.10 -26.71 -24.43
CA PHE R 15 3.96 -27.75 -25.01
C PHE R 15 4.72 -28.53 -23.94
N LYS R 16 4.27 -28.48 -22.69
CA LYS R 16 4.77 -29.37 -21.64
C LYS R 16 3.82 -30.54 -21.64
N ASN R 17 4.17 -31.61 -22.37
CA ASN R 17 3.23 -32.70 -22.59
C ASN R 17 3.49 -33.84 -21.61
N ILE R 18 2.55 -34.06 -20.70
CA ILE R 18 2.70 -35.10 -19.68
C ILE R 18 1.57 -36.09 -19.86
N LEU R 19 1.92 -37.35 -20.12
CA LEU R 19 0.97 -38.44 -20.20
C LEU R 19 0.68 -38.95 -18.80
N GLN R 20 -0.59 -38.99 -18.44
CA GLN R 20 -1.01 -39.38 -17.10
C GLN R 20 -2.01 -40.51 -17.21
N TRP R 21 -1.92 -41.46 -16.28
CA TRP R 21 -2.87 -42.57 -16.21
C TRP R 21 -3.00 -42.95 -14.73
N GLU R 22 -3.92 -43.86 -14.47
CA GLU R 22 -4.15 -44.37 -13.12
C GLU R 22 -3.97 -45.86 -13.13
N VAL R 23 -3.47 -46.38 -12.02
CA VAL R 23 -3.23 -47.82 -11.93
C VAL R 23 -4.56 -48.56 -11.95
N PRO R 24 -4.67 -49.68 -12.65
CA PRO R 24 -5.98 -50.34 -12.78
C PRO R 24 -6.45 -50.94 -11.45
N ALA R 25 -7.74 -51.22 -11.40
CA ALA R 25 -8.29 -51.93 -10.25
C ALA R 25 -7.79 -53.37 -10.35
N PHE R 26 -6.82 -53.73 -9.49
CA PHE R 26 -6.11 -55.02 -9.57
C PHE R 26 -5.52 -55.38 -8.21
N PRO R 27 -5.54 -56.65 -7.80
CA PRO R 27 -5.02 -56.97 -6.46
C PRO R 27 -3.49 -56.95 -6.33
N LYS R 28 -2.71 -57.23 -7.36
CA LYS R 28 -1.25 -57.23 -7.22
C LYS R 28 -0.72 -55.81 -7.34
N THR R 29 0.07 -55.41 -6.34
CA THR R 29 0.62 -54.06 -6.28
C THR R 29 1.90 -53.85 -7.09
N GLN R 30 2.64 -54.93 -7.43
CA GLN R 30 3.87 -54.87 -8.22
C GLN R 30 3.66 -54.50 -9.71
N LEU R 31 2.84 -53.50 -10.01
CA LEU R 31 2.44 -53.25 -11.39
C LEU R 31 3.30 -52.13 -11.97
N THR R 32 4.03 -52.44 -13.03
CA THR R 32 4.91 -51.50 -13.69
C THR R 32 4.23 -51.04 -14.99
N PHE R 33 4.71 -49.94 -15.59
CA PHE R 33 4.03 -49.38 -16.76
C PHE R 33 5.03 -49.08 -17.88
N THR R 34 4.56 -49.11 -19.13
CA THR R 34 5.42 -48.79 -20.25
C THR R 34 4.68 -47.86 -21.22
N ALA R 35 5.32 -46.76 -21.58
CA ALA R 35 4.70 -45.74 -22.41
C ALA R 35 5.51 -45.57 -23.68
N GLN R 36 4.81 -45.46 -24.82
CA GLN R 36 5.52 -45.37 -26.10
C GLN R 36 4.88 -44.30 -26.98
N TYR R 37 5.66 -43.83 -27.97
CA TYR R 37 5.16 -42.96 -29.03
C TYR R 37 5.57 -43.52 -30.39
N GLU R 38 4.79 -43.21 -31.43
CA GLU R 38 5.02 -43.72 -32.78
C GLU R 38 5.81 -42.73 -33.62
N SER R 39 7.03 -43.12 -33.99
CA SER R 39 7.90 -42.36 -34.87
C SER R 39 8.22 -43.28 -36.04
N TYR R 40 8.37 -42.71 -37.25
CA TYR R 40 8.52 -43.52 -38.46
C TYR R 40 7.21 -44.31 -38.55
N ARG R 41 7.25 -45.64 -38.65
CA ARG R 41 6.08 -46.50 -38.69
C ARG R 41 6.05 -47.43 -37.49
N SER R 42 7.02 -47.29 -36.58
CA SER R 42 7.23 -48.16 -35.44
C SER R 42 7.16 -47.37 -34.13
N PHE R 43 6.91 -48.12 -33.06
CA PHE R 43 6.84 -47.58 -31.71
C PHE R 43 8.19 -47.65 -30.98
N GLN R 44 8.47 -46.62 -30.20
CA GLN R 44 9.72 -46.46 -29.47
C GLN R 44 9.38 -46.31 -27.99
N ASP R 45 10.12 -47.02 -27.13
CA ASP R 45 10.03 -46.89 -25.69
C ASP R 45 10.45 -45.48 -25.27
N HIS R 46 9.71 -44.87 -24.34
CA HIS R 46 10.16 -43.62 -23.73
C HIS R 46 10.25 -43.69 -22.21
N CYS R 47 9.18 -44.16 -21.55
CA CYS R 47 9.18 -44.55 -20.14
C CYS R 47 9.01 -46.06 -20.14
N LYS R 48 10.04 -46.79 -19.70
CA LYS R 48 10.02 -48.26 -19.79
C LYS R 48 9.93 -48.87 -18.39
N ARG R 49 8.86 -49.64 -18.15
CA ARG R 49 8.71 -50.37 -16.88
C ARG R 49 8.90 -49.43 -15.70
N THR R 50 8.12 -48.37 -15.69
CA THR R 50 8.25 -47.34 -14.68
C THR R 50 7.31 -47.63 -13.54
N ALA R 51 7.70 -47.20 -12.34
CA ALA R 51 6.71 -47.28 -11.29
C ALA R 51 5.76 -46.11 -11.32
N SER R 52 6.05 -45.07 -12.10
CA SER R 52 5.25 -43.85 -12.01
C SER R 52 3.98 -43.98 -12.85
N THR R 53 2.98 -43.16 -12.51
CA THR R 53 1.73 -43.09 -13.26
C THR R 53 1.72 -41.89 -14.19
N GLN R 54 2.90 -41.41 -14.60
CA GLN R 54 2.97 -40.37 -15.60
C GLN R 54 4.28 -40.45 -16.36
N CYS R 55 4.26 -39.89 -17.57
CA CYS R 55 5.41 -39.88 -18.46
C CYS R 55 5.47 -38.53 -19.16
N ASP R 56 6.67 -37.94 -19.24
CA ASP R 56 6.89 -36.65 -19.87
C ASP R 56 7.17 -36.83 -21.35
N PHE R 57 6.35 -36.19 -22.21
CA PHE R 57 6.47 -36.32 -23.66
C PHE R 57 6.75 -34.96 -24.33
N SER R 58 7.48 -34.09 -23.62
CA SER R 58 7.73 -32.71 -24.07
C SER R 58 8.74 -32.60 -25.21
N HIS R 59 9.50 -33.66 -25.47
CA HIS R 59 10.44 -33.78 -26.59
C HIS R 59 9.75 -34.09 -27.91
N LEU R 60 8.44 -34.32 -27.90
CA LEU R 60 7.74 -34.59 -29.14
C LEU R 60 7.71 -33.34 -30.01
N SER R 61 7.72 -33.57 -31.33
CA SER R 61 7.68 -32.48 -32.28
C SER R 61 6.42 -31.68 -32.04
N LYS R 62 6.53 -30.35 -32.17
CA LYS R 62 5.36 -29.51 -31.93
C LYS R 62 4.27 -29.80 -32.96
N TYR R 63 4.64 -30.06 -34.23
CA TYR R 63 3.70 -30.35 -35.32
C TYR R 63 3.55 -31.87 -35.57
N GLY R 64 4.14 -32.70 -34.73
CA GLY R 64 4.06 -34.12 -34.99
C GLY R 64 2.64 -34.59 -34.75
N ASP R 65 2.15 -35.47 -35.63
CA ASP R 65 0.91 -36.19 -35.37
C ASP R 65 1.34 -37.49 -34.67
N TYR R 66 1.04 -37.62 -33.38
CA TYR R 66 1.52 -38.77 -32.64
C TYR R 66 0.36 -39.64 -32.16
N THR R 67 0.65 -40.94 -32.10
CA THR R 67 -0.18 -41.88 -31.38
C THR R 67 0.69 -42.30 -30.19
N VAL R 68 0.18 -42.09 -28.99
CA VAL R 68 0.91 -42.37 -27.76
C VAL R 68 0.21 -43.52 -27.03
N ARG R 69 0.96 -44.46 -26.48
CA ARG R 69 0.26 -45.57 -25.81
C ARG R 69 0.96 -46.03 -24.54
N VAL R 70 0.18 -46.54 -23.60
CA VAL R 70 0.70 -47.03 -22.33
C VAL R 70 0.01 -48.34 -21.99
N ARG R 71 0.74 -49.20 -21.26
CA ARG R 71 0.24 -50.48 -20.78
C ARG R 71 0.83 -50.79 -19.42
N ALA R 72 0.09 -51.60 -18.68
CA ALA R 72 0.53 -52.18 -17.43
C ALA R 72 1.25 -53.47 -17.75
N GLU R 73 2.24 -53.76 -16.91
CA GLU R 73 3.09 -54.93 -17.03
C GLU R 73 3.23 -55.58 -15.67
N LEU R 74 3.35 -56.91 -15.66
CA LEU R 74 3.70 -57.60 -14.43
C LEU R 74 5.05 -58.23 -14.75
N ALA R 75 5.37 -59.40 -14.23
CA ALA R 75 6.70 -59.94 -14.50
C ALA R 75 6.97 -59.96 -15.99
N ASP R 76 6.24 -60.82 -16.68
CA ASP R 76 6.34 -61.02 -18.12
C ASP R 76 4.95 -61.04 -18.73
N GLU R 77 3.92 -60.91 -17.91
CA GLU R 77 2.55 -60.74 -18.37
C GLU R 77 2.26 -59.24 -18.49
N HIS R 78 1.81 -58.83 -19.64
CA HIS R 78 1.52 -57.42 -19.84
C HIS R 78 0.08 -57.25 -20.32
N SER R 79 -0.43 -56.03 -20.30
CA SER R 79 -1.81 -55.72 -20.65
C SER R 79 -1.95 -55.26 -22.10
N GLU R 80 -3.19 -55.12 -22.53
CA GLU R 80 -3.46 -54.48 -23.81
C GLU R 80 -3.05 -53.01 -23.73
N TRP R 81 -2.62 -52.48 -24.85
CA TRP R 81 -2.20 -51.09 -24.88
C TRP R 81 -3.40 -50.15 -24.83
N VAL R 82 -3.19 -48.98 -24.28
CA VAL R 82 -4.19 -47.92 -24.35
C VAL R 82 -3.64 -46.78 -25.17
N GLN R 83 -4.25 -46.49 -26.32
CA GLN R 83 -3.75 -45.42 -27.18
C GLN R 83 -4.54 -44.13 -27.02
N VAL R 84 -3.82 -43.01 -27.15
CA VAL R 84 -4.40 -41.68 -27.34
C VAL R 84 -3.66 -41.00 -28.49
N THR R 85 -4.39 -40.25 -29.32
CA THR R 85 -3.80 -39.44 -30.39
C THR R 85 -3.54 -38.02 -29.92
N PHE R 86 -2.44 -37.43 -30.40
CA PHE R 86 -1.94 -36.17 -29.83
C PHE R 86 -1.09 -35.41 -30.83
N CYS R 87 -1.40 -34.13 -30.99
CA CYS R 87 -0.60 -33.23 -31.80
C CYS R 87 -0.32 -32.04 -30.91
N PRO R 88 0.93 -31.78 -30.53
CA PRO R 88 1.14 -30.73 -29.49
C PRO R 88 0.58 -29.38 -29.91
N VAL R 89 0.98 -28.89 -31.10
CA VAL R 89 0.69 -27.53 -31.55
C VAL R 89 -0.80 -27.28 -31.73
N GLU R 90 -1.58 -28.33 -31.98
CA GLU R 90 -3.01 -28.22 -32.12
C GLU R 90 -3.73 -28.39 -30.80
N ASP R 91 -3.14 -29.15 -29.86
CA ASP R 91 -3.84 -29.64 -28.67
C ASP R 91 -3.32 -29.11 -27.34
N THR R 92 -2.12 -28.57 -27.27
CA THR R 92 -1.63 -28.12 -25.98
C THR R 92 -2.50 -26.97 -25.50
N ILE R 93 -2.55 -26.80 -24.18
CA ILE R 93 -3.30 -25.70 -23.58
C ILE R 93 -2.47 -24.42 -23.60
N ILE R 94 -3.08 -23.32 -24.00
CA ILE R 94 -2.39 -22.02 -24.00
C ILE R 94 -2.39 -21.46 -22.58
N GLY R 95 -1.21 -21.43 -21.92
CA GLY R 95 -1.03 -20.92 -20.56
C GLY R 95 -1.19 -19.42 -20.43
N PRO R 96 -1.27 -18.91 -19.21
CA PRO R 96 -1.52 -17.48 -19.01
C PRO R 96 -0.29 -16.63 -19.26
N PRO R 97 -0.46 -15.50 -19.96
CA PRO R 97 0.66 -14.57 -20.19
C PRO R 97 1.00 -13.73 -18.96
N GLU R 98 2.22 -13.17 -19.00
CA GLU R 98 2.71 -12.18 -18.04
C GLU R 98 2.39 -10.77 -18.53
N MET R 99 2.12 -9.89 -17.58
CA MET R 99 1.75 -8.50 -17.88
C MET R 99 2.29 -7.55 -16.82
N GLN R 100 2.88 -6.43 -17.25
CA GLN R 100 3.32 -5.38 -16.32
C GLN R 100 2.63 -4.08 -16.66
N ILE R 101 2.17 -3.34 -15.64
CA ILE R 101 1.37 -2.14 -15.88
C ILE R 101 2.02 -0.91 -15.22
N GLU R 102 2.08 0.16 -15.97
CA GLU R 102 2.62 1.43 -15.54
C GLU R 102 1.53 2.47 -15.63
N SER R 103 1.26 3.13 -14.52
CA SER R 103 0.27 4.18 -14.45
C SER R 103 0.89 5.51 -14.89
N LEU R 104 0.33 6.13 -15.91
CA LEU R 104 0.74 7.49 -16.22
C LEU R 104 -0.37 8.39 -15.67
N ALA R 105 -0.74 9.41 -16.40
CA ALA R 105 -1.81 10.32 -15.99
C ALA R 105 -3.11 9.85 -16.61
N GLU R 106 -4.02 9.36 -15.78
CA GLU R 106 -5.29 8.82 -16.25
C GLU R 106 -5.16 7.70 -17.29
N SER R 107 -3.95 7.24 -17.59
CA SER R 107 -3.85 6.09 -18.48
C SER R 107 -3.00 5.00 -17.83
N LEU R 108 -3.14 3.77 -18.33
CA LEU R 108 -2.42 2.60 -17.83
C LEU R 108 -1.75 1.90 -19.00
N HIS R 109 -0.41 1.88 -19.01
CA HIS R 109 0.33 1.27 -20.09
C HIS R 109 0.59 -0.20 -19.76
N LEU R 110 0.06 -1.08 -20.60
CA LEU R 110 0.16 -2.51 -20.41
C LEU R 110 1.28 -3.01 -21.27
N ARG R 111 2.01 -3.98 -20.78
CA ARG R 111 3.05 -4.65 -21.53
C ARG R 111 2.92 -6.16 -21.32
N PHE R 112 2.87 -6.93 -22.40
CA PHE R 112 2.61 -8.37 -22.29
C PHE R 112 3.83 -9.20 -22.70
N SER R 113 3.90 -10.42 -22.16
CA SER R 113 4.94 -11.37 -22.49
C SER R 113 4.29 -12.73 -22.65
N ALA R 114 4.29 -13.25 -23.87
CA ALA R 114 3.69 -14.55 -24.12
C ALA R 114 4.46 -15.65 -23.36
N PRO R 115 3.77 -16.76 -23.04
CA PRO R 115 4.44 -17.86 -22.31
C PRO R 115 5.53 -18.53 -23.13
N GLN R 116 6.56 -19.01 -22.41
CA GLN R 116 7.67 -19.70 -23.06
C GLN R 116 7.26 -21.11 -23.44
N ILE R 117 7.79 -21.60 -24.55
CA ILE R 117 7.48 -22.96 -24.99
C ILE R 117 8.51 -23.94 -24.48
N GLU R 118 8.03 -25.13 -24.13
CA GLU R 118 8.87 -26.17 -23.54
C GLU R 118 9.70 -26.88 -24.60
N ASN R 119 10.78 -27.50 -24.14
CA ASN R 119 11.71 -28.24 -25.00
C ASN R 119 12.24 -27.33 -26.10
N GLU R 120 12.81 -26.22 -25.68
CA GLU R 120 13.42 -25.33 -26.65
C GLU R 120 14.63 -24.66 -26.01
N PRO R 121 15.83 -24.85 -26.57
CA PRO R 121 17.01 -24.15 -26.05
C PRO R 121 17.06 -22.67 -26.38
N GLU R 122 16.10 -22.13 -27.14
CA GLU R 122 16.26 -20.82 -27.75
C GLU R 122 15.29 -19.76 -27.25
N THR R 123 14.56 -20.02 -26.16
CA THR R 123 13.64 -19.05 -25.55
C THR R 123 12.62 -18.51 -26.57
N TRP R 124 11.89 -19.44 -27.17
CA TRP R 124 10.78 -19.12 -28.05
C TRP R 124 9.52 -18.92 -27.22
N THR R 125 8.45 -18.44 -27.84
CA THR R 125 7.22 -18.24 -27.07
C THR R 125 6.03 -18.65 -27.90
N LEU R 126 4.89 -18.81 -27.22
CA LEU R 126 3.70 -19.22 -27.95
C LEU R 126 3.30 -18.19 -29.00
N LYS R 127 3.68 -16.93 -28.82
CA LYS R 127 3.45 -15.93 -29.86
C LYS R 127 4.32 -16.21 -31.09
N ASN R 128 5.50 -16.82 -30.90
CA ASN R 128 6.44 -17.15 -31.98
C ASN R 128 6.04 -18.38 -32.81
N ILE R 129 5.08 -19.19 -32.36
CA ILE R 129 4.68 -20.40 -33.05
C ILE R 129 3.36 -20.22 -33.79
N TYR R 130 2.43 -19.48 -33.21
CA TYR R 130 1.12 -19.24 -33.80
C TYR R 130 1.13 -17.91 -34.56
N ASP R 131 0.72 -17.95 -35.81
CA ASP R 131 0.68 -16.77 -36.67
C ASP R 131 -0.52 -15.91 -36.36
N SER R 132 -1.42 -16.41 -35.53
CA SER R 132 -2.70 -15.76 -35.22
C SER R 132 -2.79 -15.39 -33.75
N TRP R 133 -1.66 -15.24 -33.08
CA TRP R 133 -1.65 -14.92 -31.67
C TRP R 133 -2.16 -13.51 -31.42
N ALA R 134 -3.03 -13.37 -30.42
CA ALA R 134 -3.42 -12.04 -29.97
C ALA R 134 -3.73 -12.10 -28.49
N TYR R 135 -3.73 -10.93 -27.87
CA TYR R 135 -4.07 -10.80 -26.45
C TYR R 135 -5.46 -10.19 -26.30
N ARG R 136 -6.28 -10.79 -25.44
CA ARG R 136 -7.52 -10.19 -24.98
C ARG R 136 -7.27 -9.65 -23.59
N VAL R 137 -7.49 -8.36 -23.39
CA VAL R 137 -7.41 -7.72 -22.09
C VAL R 137 -8.83 -7.48 -21.63
N GLN R 138 -9.09 -7.72 -20.35
CA GLN R 138 -10.39 -7.40 -19.74
C GLN R 138 -10.13 -6.51 -18.53
N TYR R 139 -10.79 -5.36 -18.44
CA TYR R 139 -10.52 -4.45 -17.32
C TYR R 139 -11.80 -4.07 -16.57
N TRP R 140 -11.61 -3.79 -15.27
CA TRP R 140 -12.68 -3.31 -14.40
C TRP R 140 -12.05 -2.51 -13.27
N LYS R 141 -12.92 -1.81 -12.56
CA LYS R 141 -12.56 -0.93 -11.46
C LYS R 141 -12.80 -1.65 -10.14
N GLN R 142 -11.74 -1.77 -9.32
CA GLN R 142 -11.75 -2.61 -8.13
C GLN R 142 -12.95 -2.32 -7.23
N GLY R 143 -13.66 -3.39 -6.88
CA GLY R 143 -14.87 -3.29 -6.09
C GLY R 143 -16.14 -3.45 -6.90
N THR R 144 -16.11 -3.04 -8.18
CA THR R 144 -17.23 -3.20 -9.10
C THR R 144 -17.15 -4.58 -9.74
N ASN R 145 -18.06 -4.86 -10.68
CA ASN R 145 -17.98 -6.07 -11.48
C ASN R 145 -18.25 -5.79 -12.95
N GLU R 146 -18.20 -4.51 -13.37
CA GLU R 146 -18.46 -4.11 -14.75
C GLU R 146 -17.16 -4.13 -15.55
N LYS R 147 -17.09 -5.03 -16.53
CA LYS R 147 -15.87 -5.34 -17.25
C LYS R 147 -15.91 -4.79 -18.68
N PHE R 148 -14.74 -4.63 -19.27
CA PHE R 148 -14.61 -4.20 -20.67
C PHE R 148 -13.44 -4.94 -21.32
N GLN R 149 -13.49 -5.03 -22.64
CA GLN R 149 -12.56 -5.82 -23.42
C GLN R 149 -11.97 -4.99 -24.55
N VAL R 150 -10.67 -5.21 -24.79
CA VAL R 150 -9.91 -4.69 -25.92
C VAL R 150 -8.99 -5.80 -26.39
N VAL R 151 -8.81 -5.90 -27.70
CA VAL R 151 -7.96 -6.91 -28.31
C VAL R 151 -6.78 -6.21 -28.93
N SER R 152 -5.59 -6.72 -28.69
CA SER R 152 -4.43 -6.15 -29.33
C SER R 152 -3.51 -7.30 -29.71
N PRO R 153 -2.87 -7.25 -30.88
CA PRO R 153 -1.91 -8.31 -31.25
C PRO R 153 -0.47 -8.06 -30.86
N TYR R 154 -0.18 -6.94 -30.22
CA TYR R 154 1.17 -6.51 -29.90
C TYR R 154 1.50 -6.71 -28.42
N ASP R 155 2.78 -6.59 -28.10
CA ASP R 155 3.18 -6.75 -26.71
C ASP R 155 2.87 -5.51 -25.89
N SER R 156 2.16 -4.55 -26.47
CA SER R 156 1.94 -3.28 -25.81
C SER R 156 0.50 -2.87 -26.00
N GLU R 157 -0.06 -2.27 -24.97
CA GLU R 157 -1.40 -1.74 -25.09
C GLU R 157 -1.54 -0.66 -24.03
N VAL R 158 -2.32 0.37 -24.34
CA VAL R 158 -2.57 1.46 -23.41
C VAL R 158 -4.07 1.62 -23.28
N LEU R 159 -4.57 1.42 -22.06
CA LEU R 159 -5.98 1.62 -21.76
C LEU R 159 -6.16 3.09 -21.39
N ARG R 160 -6.84 3.84 -22.25
CA ARG R 160 -6.94 5.28 -22.05
C ARG R 160 -8.30 5.68 -21.52
N ASN R 161 -8.46 6.99 -21.38
CA ASN R 161 -9.71 7.63 -21.01
C ASN R 161 -10.31 6.99 -19.75
N LEU R 162 -9.52 6.93 -18.68
CA LEU R 162 -9.99 6.32 -17.44
C LEU R 162 -10.24 7.39 -16.38
N GLU R 163 -10.91 7.00 -15.30
CA GLU R 163 -11.21 7.94 -14.24
C GLU R 163 -9.95 8.18 -13.39
N PRO R 164 -9.66 9.41 -12.97
CA PRO R 164 -8.40 9.63 -12.26
C PRO R 164 -8.44 9.13 -10.82
N TRP R 165 -7.25 8.84 -10.31
CA TRP R 165 -7.03 8.34 -8.96
C TRP R 165 -7.98 7.16 -8.67
N THR R 166 -7.92 6.13 -9.51
CA THR R 166 -8.79 4.97 -9.41
C THR R 166 -7.99 3.69 -9.62
N THR R 167 -8.07 2.78 -8.67
CA THR R 167 -7.39 1.51 -8.81
C THR R 167 -8.24 0.61 -9.72
N TYR R 168 -7.67 0.20 -10.85
CA TYR R 168 -8.27 -0.84 -11.69
C TYR R 168 -7.52 -2.15 -11.49
N CYS R 169 -8.19 -3.28 -11.73
CA CYS R 169 -7.57 -4.61 -11.70
C CYS R 169 -7.71 -5.26 -13.08
N ILE R 170 -6.57 -5.75 -13.65
CA ILE R 170 -6.48 -6.16 -15.06
C ILE R 170 -5.90 -7.57 -15.15
N GLN R 171 -6.36 -8.34 -16.16
CA GLN R 171 -5.78 -9.62 -16.50
C GLN R 171 -5.80 -9.78 -18.02
N VAL R 172 -4.96 -10.68 -18.53
CA VAL R 172 -4.84 -10.87 -19.96
C VAL R 172 -4.83 -12.35 -20.27
N GLN R 173 -5.27 -12.71 -21.48
CA GLN R 173 -5.23 -14.08 -21.95
C GLN R 173 -4.94 -14.09 -23.45
N GLY R 174 -4.29 -15.16 -23.92
CA GLY R 174 -4.03 -15.33 -25.34
C GLY R 174 -5.19 -16.03 -26.00
N PHE R 175 -5.40 -15.72 -27.28
CA PHE R 175 -6.40 -16.42 -28.08
C PHE R 175 -5.93 -16.41 -29.53
N LEU R 176 -6.55 -17.26 -30.34
CA LEU R 176 -6.22 -17.39 -31.75
C LEU R 176 -7.41 -16.88 -32.54
N LEU R 177 -7.18 -15.92 -33.45
CA LEU R 177 -8.30 -15.28 -34.13
C LEU R 177 -8.93 -16.18 -35.19
N ASP R 178 -8.15 -17.03 -35.85
CA ASP R 178 -8.70 -17.84 -36.93
C ASP R 178 -8.73 -19.32 -36.61
N GLN R 179 -8.34 -19.71 -35.41
CA GLN R 179 -8.38 -21.11 -35.06
C GLN R 179 -9.23 -21.35 -33.81
N GLN R 180 -10.22 -20.51 -33.58
CA GLN R 180 -11.14 -20.60 -32.43
C GLN R 180 -10.58 -21.30 -31.18
N ARG R 181 -9.40 -20.88 -30.68
CA ARG R 181 -8.82 -21.42 -29.45
C ARG R 181 -8.49 -20.28 -28.49
N THR R 182 -9.06 -20.30 -27.28
CA THR R 182 -8.80 -19.29 -26.26
C THR R 182 -7.89 -19.85 -25.15
N GLY R 183 -6.93 -19.03 -24.68
CA GLY R 183 -6.05 -19.43 -23.60
C GLY R 183 -6.59 -19.12 -22.21
N GLU R 184 -5.79 -19.44 -21.20
CA GLU R 184 -6.15 -19.20 -19.81
C GLU R 184 -5.90 -17.75 -19.41
N TRP R 185 -6.70 -17.25 -18.47
CA TRP R 185 -6.52 -15.89 -17.94
C TRP R 185 -5.32 -15.80 -16.99
N SER R 186 -4.70 -14.61 -16.97
CA SER R 186 -3.62 -14.24 -16.07
C SER R 186 -4.18 -14.06 -14.65
N GLU R 187 -3.32 -13.66 -13.68
CA GLU R 187 -3.47 -13.40 -12.23
C GLU R 187 -3.82 -11.94 -11.92
N PRO R 188 -4.72 -11.61 -11.00
CA PRO R 188 -5.16 -10.21 -10.87
C PRO R 188 -4.02 -9.30 -10.42
N ILE R 189 -3.72 -8.31 -11.23
CA ILE R 189 -2.81 -7.25 -10.82
C ILE R 189 -3.60 -5.96 -10.83
N CYS R 190 -3.44 -5.15 -9.78
CA CYS R 190 -4.14 -3.89 -9.66
C CYS R 190 -3.14 -2.75 -9.58
N GLU R 191 -3.49 -1.62 -10.18
CA GLU R 191 -2.68 -0.42 -10.12
C GLU R 191 -3.59 0.80 -10.01
N ARG R 192 -3.13 1.80 -9.27
CA ARG R 192 -3.88 3.03 -9.10
C ARG R 192 -3.57 3.94 -10.28
N THR R 193 -4.59 4.65 -10.79
CA THR R 193 -4.33 5.47 -11.97
C THR R 193 -3.58 6.74 -11.60
N GLY R 194 -4.18 7.60 -10.80
CA GLY R 194 -3.52 8.86 -10.53
C GLY R 194 -3.37 9.78 -11.73
N ASN R 195 -2.76 10.94 -11.52
CA ASN R 195 -2.43 11.86 -12.62
C ASN R 195 -0.91 12.01 -12.79
N LEU S 1 -65.82 35.20 -49.57
CA LEU S 1 -64.90 35.84 -50.52
C LEU S 1 -64.32 37.12 -49.99
N LEU S 2 -63.05 37.05 -49.60
CA LEU S 2 -62.27 38.16 -49.07
C LEU S 2 -61.09 38.43 -50.01
N GLN S 3 -60.76 39.71 -50.22
CA GLN S 3 -59.65 40.01 -51.12
C GLN S 3 -59.05 41.37 -50.74
N HIS S 4 -57.83 41.61 -51.21
CA HIS S 4 -57.12 42.89 -51.07
C HIS S 4 -56.99 43.31 -49.60
N VAL S 5 -56.54 42.36 -48.77
CA VAL S 5 -56.30 42.61 -47.35
C VAL S 5 -54.92 43.23 -47.18
N LYS S 6 -54.87 44.53 -46.85
CA LYS S 6 -53.58 45.22 -46.81
C LYS S 6 -53.58 46.38 -45.83
N PHE S 7 -52.37 46.85 -45.53
CA PHE S 7 -52.12 48.05 -44.74
C PHE S 7 -51.98 49.25 -45.65
N GLN S 8 -52.66 50.34 -45.28
CA GLN S 8 -52.52 51.62 -45.95
C GLN S 8 -52.10 52.62 -44.89
N SER S 9 -50.85 53.03 -44.96
CA SER S 9 -50.20 53.78 -43.90
C SER S 9 -49.70 55.11 -44.41
N SER S 10 -50.09 56.20 -43.72
CA SER S 10 -49.68 57.54 -44.12
C SER S 10 -49.36 58.36 -42.86
N ASN S 11 -48.11 58.86 -42.77
CA ASN S 11 -47.56 59.57 -41.61
C ASN S 11 -47.71 58.75 -40.31
N PHE S 12 -47.48 57.43 -40.41
CA PHE S 12 -47.50 56.49 -39.29
C PHE S 12 -48.90 56.32 -38.71
N GLU S 13 -49.91 56.67 -39.51
CA GLU S 13 -51.30 56.35 -39.25
C GLU S 13 -51.60 55.09 -40.06
N ASN S 14 -51.81 53.97 -39.39
CA ASN S 14 -51.79 52.67 -40.06
C ASN S 14 -53.20 52.11 -40.06
N ILE S 15 -53.89 52.31 -41.16
CA ILE S 15 -55.28 51.93 -41.25
C ILE S 15 -55.34 50.67 -42.10
N LEU S 16 -55.98 49.65 -41.57
CA LEU S 16 -56.11 48.39 -42.26
C LEU S 16 -57.36 48.43 -43.11
N THR S 17 -57.20 48.09 -44.39
CA THR S 17 -58.26 48.12 -45.37
C THR S 17 -58.34 46.80 -46.14
N TRP S 18 -59.57 46.40 -46.50
CA TRP S 18 -59.81 45.21 -47.32
C TRP S 18 -61.08 45.43 -48.15
N ASP S 19 -61.39 44.46 -49.02
CA ASP S 19 -62.53 44.60 -49.91
C ASP S 19 -63.35 43.32 -49.96
N GLY S 20 -64.61 43.47 -50.35
CA GLY S 20 -65.49 42.35 -50.60
C GLY S 20 -65.17 41.70 -51.93
N GLY S 21 -66.02 40.76 -52.31
CA GLY S 21 -65.79 40.02 -53.52
C GLY S 21 -67.04 39.84 -54.36
N PRO S 22 -67.01 38.88 -55.30
CA PRO S 22 -68.23 38.51 -56.05
C PRO S 22 -69.27 37.80 -55.18
N ALA S 23 -69.04 37.80 -53.86
CA ALA S 23 -69.92 37.21 -52.87
C ALA S 23 -70.17 38.24 -51.74
N SER S 24 -70.93 39.28 -52.05
CA SER S 24 -71.19 40.30 -51.03
C SER S 24 -72.66 40.36 -50.65
N THR S 25 -73.18 39.32 -50.01
CA THR S 25 -74.54 39.42 -49.54
C THR S 25 -74.58 40.41 -48.38
N SER S 26 -75.65 41.19 -48.32
CA SER S 26 -75.80 42.16 -47.26
C SER S 26 -75.56 41.49 -45.91
N ASP S 27 -74.95 42.25 -44.99
CA ASP S 27 -74.78 41.82 -43.61
C ASP S 27 -73.66 40.80 -43.43
N THR S 28 -72.73 40.73 -44.37
CA THR S 28 -71.55 39.88 -44.23
C THR S 28 -70.58 40.60 -43.31
N VAL S 29 -70.08 39.91 -42.29
CA VAL S 29 -69.29 40.53 -41.23
C VAL S 29 -67.86 40.03 -41.24
N TYR S 30 -66.97 40.81 -40.60
CA TYR S 30 -65.52 40.62 -40.59
C TYR S 30 -64.95 40.80 -39.18
N SER S 31 -64.00 39.95 -38.79
CA SER S 31 -63.26 40.12 -37.54
C SER S 31 -61.77 40.30 -37.82
N VAL S 32 -61.14 41.23 -37.11
CA VAL S 32 -59.75 41.61 -37.37
C VAL S 32 -58.84 41.09 -36.27
N GLU S 33 -57.69 40.57 -36.67
CA GLU S 33 -56.69 40.11 -35.72
C GLU S 33 -55.35 40.66 -36.16
N TYR S 34 -54.49 40.96 -35.18
CA TYR S 34 -53.15 41.45 -35.47
C TYR S 34 -52.15 40.78 -34.54
N LYS S 35 -50.89 40.79 -34.93
CA LYS S 35 -49.84 40.23 -34.09
C LYS S 35 -48.52 40.86 -34.50
N LYS S 36 -47.60 40.91 -33.55
CA LYS S 36 -46.27 41.41 -33.80
C LYS S 36 -45.41 40.28 -34.36
N TYR S 37 -44.64 40.57 -35.40
CA TYR S 37 -43.92 39.51 -36.09
C TYR S 37 -42.98 38.74 -35.16
N GLY S 38 -43.00 37.41 -35.27
CA GLY S 38 -42.18 36.53 -34.47
C GLY S 38 -42.74 36.02 -33.16
N GLU S 39 -44.00 36.26 -32.87
CA GLU S 39 -44.69 35.70 -31.72
C GLU S 39 -45.84 34.82 -32.21
N ARG S 40 -46.34 33.96 -31.31
CA ARG S 40 -47.40 33.01 -31.64
C ARG S 40 -48.81 33.54 -31.45
N LYS S 41 -49.06 34.38 -30.44
CA LYS S 41 -50.41 34.83 -30.12
C LYS S 41 -50.90 35.91 -31.09
N TRP S 42 -52.10 35.70 -31.65
CA TRP S 42 -52.79 36.71 -32.47
C TRP S 42 -53.69 37.47 -31.53
N LEU S 43 -53.40 38.75 -31.34
CA LEU S 43 -54.28 39.56 -30.51
C LEU S 43 -55.47 40.04 -31.33
N ALA S 44 -56.56 40.37 -30.64
CA ALA S 44 -57.82 40.79 -31.25
C ALA S 44 -58.06 42.27 -30.98
N LYS S 45 -58.33 43.02 -32.05
CA LYS S 45 -58.64 44.44 -31.95
C LYS S 45 -60.04 44.62 -31.37
N ALA S 46 -60.12 45.31 -30.22
CA ALA S 46 -61.37 45.38 -29.47
C ALA S 46 -62.46 46.09 -30.26
N GLY S 47 -62.11 47.15 -30.99
CA GLY S 47 -63.13 47.91 -31.70
C GLY S 47 -63.73 47.17 -32.88
N CYS S 48 -62.93 46.36 -33.57
CA CYS S 48 -63.33 45.78 -34.84
C CYS S 48 -63.53 44.27 -34.69
N GLN S 49 -64.68 43.87 -34.13
CA GLN S 49 -65.01 42.46 -33.98
C GLN S 49 -66.39 42.17 -34.56
N ARG S 50 -66.42 41.36 -35.62
CA ARG S 50 -67.63 40.94 -36.34
C ARG S 50 -68.44 42.15 -36.84
N ILE S 51 -67.76 43.07 -37.54
CA ILE S 51 -68.35 44.32 -38.02
C ILE S 51 -68.37 44.37 -39.55
N THR S 52 -69.30 45.13 -40.08
CA THR S 52 -69.54 45.19 -41.52
C THR S 52 -68.62 46.16 -42.28
N GLN S 53 -67.84 46.99 -41.59
CA GLN S 53 -66.98 47.89 -42.32
C GLN S 53 -65.90 47.11 -43.05
N LYS S 54 -65.17 47.80 -43.93
CA LYS S 54 -64.10 47.15 -44.68
C LYS S 54 -62.76 47.78 -44.33
N PHE S 55 -62.62 48.26 -43.09
CA PHE S 55 -61.42 48.91 -42.62
C PHE S 55 -61.38 48.90 -41.09
N CYS S 56 -60.18 49.12 -40.56
CA CYS S 56 -59.95 49.14 -39.12
C CYS S 56 -58.66 49.92 -38.85
N ASP S 57 -58.71 50.87 -37.91
CA ASP S 57 -57.57 51.70 -37.56
C ASP S 57 -56.75 51.00 -36.48
N LEU S 58 -55.55 50.52 -36.84
CA LEU S 58 -54.65 49.85 -35.89
C LEU S 58 -53.46 50.73 -35.51
N THR S 59 -53.61 52.05 -35.62
CA THR S 59 -52.50 52.96 -35.36
C THR S 59 -51.98 52.83 -33.94
N MET S 60 -52.88 52.87 -32.96
CA MET S 60 -52.46 52.72 -31.58
C MET S 60 -51.82 51.38 -31.39
N GLU S 61 -52.29 50.39 -32.13
CA GLU S 61 -51.83 49.02 -32.00
C GLU S 61 -50.48 48.78 -32.67
N THR S 62 -50.08 49.62 -33.62
CA THR S 62 -48.81 49.40 -34.29
C THR S 62 -47.91 50.63 -34.17
N ARG S 63 -47.77 51.19 -32.97
CA ARG S 63 -47.12 52.50 -32.76
C ARG S 63 -45.60 52.48 -32.87
N ASP S 64 -44.96 51.31 -32.77
CA ASP S 64 -43.50 51.25 -32.80
C ASP S 64 -43.04 51.25 -34.24
N HIS S 65 -42.49 52.37 -34.72
CA HIS S 65 -42.17 52.47 -36.14
C HIS S 65 -40.98 51.59 -36.52
N GLN S 66 -40.21 51.15 -35.56
CA GLN S 66 -39.09 50.27 -35.87
C GLN S 66 -39.47 48.80 -35.76
N GLU S 67 -40.72 48.47 -35.52
CA GLU S 67 -41.15 47.09 -35.34
C GLU S 67 -41.80 46.56 -36.61
N PHE S 68 -42.04 45.26 -36.61
CA PHE S 68 -42.66 44.55 -37.72
C PHE S 68 -43.88 43.82 -37.18
N TYR S 69 -44.99 43.97 -37.88
CA TYR S 69 -46.31 43.47 -37.52
C TYR S 69 -46.91 42.75 -38.71
N TYR S 70 -48.03 42.07 -38.46
CA TYR S 70 -48.86 41.42 -39.44
C TYR S 70 -50.31 41.61 -39.00
N ALA S 71 -51.23 41.54 -39.95
CA ALA S 71 -52.63 41.55 -39.57
C ALA S 71 -53.36 40.57 -40.47
N LYS S 72 -54.51 40.11 -40.00
CA LYS S 72 -55.32 39.18 -40.75
C LYS S 72 -56.77 39.54 -40.56
N VAL S 73 -57.59 39.22 -41.57
CA VAL S 73 -59.02 39.46 -41.52
C VAL S 73 -59.76 38.17 -41.82
N THR S 74 -60.80 37.91 -41.03
CA THR S 74 -61.69 36.75 -41.17
C THR S 74 -63.03 37.23 -41.74
N ALA S 75 -63.40 36.70 -42.91
CA ALA S 75 -64.65 37.02 -43.59
C ALA S 75 -65.63 35.87 -43.43
N VAL S 76 -66.79 36.16 -42.86
CA VAL S 76 -67.88 35.21 -42.73
C VAL S 76 -69.12 35.81 -43.39
N SER S 77 -69.67 35.09 -44.36
CA SER S 77 -70.88 35.50 -45.05
C SER S 77 -71.98 34.49 -44.75
N ALA S 78 -73.22 34.88 -45.06
CA ALA S 78 -74.35 33.99 -44.85
C ALA S 78 -74.18 32.68 -45.64
N GLY S 79 -74.27 31.54 -44.96
CA GLY S 79 -74.21 30.25 -45.61
C GLY S 79 -72.86 29.76 -46.09
N GLY S 80 -71.85 30.63 -46.19
CA GLY S 80 -70.54 30.23 -46.66
C GLY S 80 -69.48 30.10 -45.59
N PRO S 81 -68.47 29.28 -45.87
CA PRO S 81 -67.42 28.97 -44.87
C PRO S 81 -66.55 30.19 -44.58
N PRO S 82 -65.87 30.23 -43.43
CA PRO S 82 -65.09 31.41 -43.09
C PRO S 82 -63.80 31.48 -43.89
N VAL S 83 -63.42 32.71 -44.22
CA VAL S 83 -62.21 33.02 -44.97
C VAL S 83 -61.34 33.91 -44.10
N THR S 84 -60.06 33.53 -43.96
CA THR S 84 -59.07 34.33 -43.23
C THR S 84 -57.88 34.62 -44.12
N LYS S 85 -57.69 35.91 -44.45
CA LYS S 85 -56.56 36.38 -45.24
C LYS S 85 -55.79 37.40 -44.43
N MET S 86 -54.47 37.31 -44.49
CA MET S 86 -53.63 38.21 -43.72
C MET S 86 -52.81 39.12 -44.62
N THR S 87 -52.06 40.03 -43.99
CA THR S 87 -51.32 41.04 -44.71
C THR S 87 -49.87 40.65 -44.84
N ASP S 88 -49.17 41.38 -45.69
CA ASP S 88 -47.73 41.24 -45.72
C ASP S 88 -47.14 41.78 -44.41
N ARG S 89 -45.87 41.46 -44.18
CA ARG S 89 -45.14 41.99 -43.03
C ARG S 89 -45.19 43.51 -43.10
N PHE S 90 -45.70 44.16 -42.05
CA PHE S 90 -45.82 45.60 -42.03
C PHE S 90 -44.76 46.23 -41.14
N SER S 91 -44.04 47.21 -41.70
CA SER S 91 -43.10 48.07 -40.99
C SER S 91 -43.45 49.50 -41.35
N SER S 92 -43.94 50.25 -40.37
CA SER S 92 -44.40 51.60 -40.67
C SER S 92 -43.25 52.46 -41.18
N LEU S 93 -42.05 52.30 -40.60
CA LEU S 93 -40.89 53.07 -41.03
C LEU S 93 -40.63 52.92 -42.53
N GLN S 94 -40.73 51.71 -43.05
CA GLN S 94 -40.42 51.55 -44.46
C GLN S 94 -41.63 51.67 -45.36
N HIS S 95 -42.83 51.44 -44.84
CA HIS S 95 -44.00 51.34 -45.70
C HIS S 95 -44.90 52.56 -45.69
N THR S 96 -44.71 53.50 -44.78
CA THR S 96 -45.57 54.67 -44.69
C THR S 96 -45.28 55.69 -45.80
N THR S 97 -46.32 56.38 -46.24
CA THR S 97 -46.18 57.50 -47.16
C THR S 97 -46.26 58.79 -46.37
N ILE S 98 -45.78 59.89 -46.95
CA ILE S 98 -45.79 61.20 -46.30
C ILE S 98 -46.97 62.00 -46.84
N LYS S 99 -47.89 62.41 -45.95
CA LYS S 99 -48.92 63.35 -46.37
C LYS S 99 -48.27 64.69 -46.66
N PRO S 100 -48.83 65.48 -47.57
CA PRO S 100 -48.20 66.76 -47.94
C PRO S 100 -47.97 67.64 -46.73
N PRO S 101 -46.99 68.53 -46.81
CA PRO S 101 -46.65 69.37 -45.65
C PRO S 101 -47.74 70.40 -45.36
N ASP S 102 -47.80 70.81 -44.10
CA ASP S 102 -48.78 71.78 -43.63
C ASP S 102 -48.19 73.15 -43.86
N VAL S 103 -48.66 73.84 -44.88
CA VAL S 103 -48.04 75.08 -45.33
C VAL S 103 -49.06 76.22 -45.34
N THR S 104 -48.63 77.40 -44.97
CA THR S 104 -49.43 78.56 -45.31
C THR S 104 -48.56 79.48 -46.13
N CYS S 105 -49.07 79.84 -47.31
CA CYS S 105 -48.43 80.79 -48.21
C CYS S 105 -48.87 82.23 -47.91
N ILE S 106 -47.91 83.13 -47.90
CA ILE S 106 -48.26 84.51 -47.62
C ILE S 106 -47.94 85.34 -48.86
N PRO S 107 -48.93 85.86 -49.57
CA PRO S 107 -48.63 86.72 -50.72
C PRO S 107 -48.12 88.07 -50.23
N LYS S 108 -47.00 88.51 -50.81
CA LYS S 108 -46.40 89.81 -50.53
C LYS S 108 -46.49 90.66 -51.81
N VAL S 109 -46.02 91.91 -51.71
CA VAL S 109 -46.09 92.81 -52.85
C VAL S 109 -45.06 92.40 -53.89
N ARG S 110 -43.84 92.13 -53.42
CA ARG S 110 -42.75 91.78 -54.32
C ARG S 110 -42.17 90.41 -54.05
N SER S 111 -42.83 89.58 -53.25
CA SER S 111 -42.33 88.25 -52.91
C SER S 111 -43.53 87.38 -52.55
N ILE S 112 -43.25 86.10 -52.30
CA ILE S 112 -44.25 85.12 -51.89
C ILE S 112 -43.56 84.33 -50.77
N GLN S 113 -44.13 84.34 -49.59
CA GLN S 113 -43.47 83.73 -48.44
C GLN S 113 -44.19 82.44 -48.06
N MET S 114 -43.42 81.44 -47.63
CA MET S 114 -43.99 80.13 -47.31
C MET S 114 -43.47 79.61 -45.97
N LEU S 115 -44.40 79.23 -45.09
CA LEU S 115 -44.09 78.74 -43.76
C LEU S 115 -44.54 77.29 -43.65
N VAL S 116 -43.62 76.41 -43.30
CA VAL S 116 -43.93 74.99 -43.15
C VAL S 116 -44.12 74.69 -41.69
N HIS S 117 -45.22 74.08 -41.35
CA HIS S 117 -45.50 73.81 -39.96
C HIS S 117 -45.22 72.35 -39.62
N PRO S 118 -44.75 72.11 -38.40
CA PRO S 118 -44.47 70.73 -38.00
C PRO S 118 -45.74 69.91 -38.04
N THR S 119 -45.63 68.68 -38.51
CA THR S 119 -46.75 67.77 -38.52
C THR S 119 -46.49 66.72 -37.46
N LEU S 120 -47.33 66.68 -36.43
CA LEU S 120 -47.19 65.68 -35.39
C LEU S 120 -47.67 64.33 -35.91
N THR S 121 -47.18 63.28 -35.29
CA THR S 121 -47.39 61.93 -35.77
C THR S 121 -47.75 61.07 -34.58
N PRO S 122 -48.32 59.89 -34.82
CA PRO S 122 -48.66 59.02 -33.68
C PRO S 122 -47.47 58.30 -33.06
N VAL S 123 -46.23 58.66 -33.40
CA VAL S 123 -45.06 57.89 -32.97
C VAL S 123 -44.51 58.50 -31.71
N LEU S 124 -44.22 57.65 -30.76
CA LEU S 124 -43.75 58.11 -29.48
C LEU S 124 -42.33 57.66 -29.26
N SER S 125 -41.59 58.44 -28.51
CA SER S 125 -40.31 57.99 -28.04
C SER S 125 -40.51 57.12 -26.80
N GLU S 126 -39.38 56.80 -26.15
CA GLU S 126 -39.45 56.14 -24.85
C GLU S 126 -40.14 57.01 -23.79
N ASP S 127 -39.93 58.34 -23.80
CA ASP S 127 -40.56 59.24 -22.84
C ASP S 127 -42.06 59.44 -23.08
N GLY S 128 -42.58 59.04 -24.23
CA GLY S 128 -44.00 59.13 -24.50
C GLY S 128 -44.38 60.38 -25.25
N HIS S 129 -43.43 61.04 -25.92
CA HIS S 129 -43.74 62.29 -26.62
C HIS S 129 -43.95 62.01 -28.11
N GLN S 130 -44.95 62.70 -28.70
CA GLN S 130 -45.22 62.54 -30.12
C GLN S 130 -44.14 63.22 -30.96
N LEU S 131 -43.64 62.51 -31.97
CA LEU S 131 -42.56 63.01 -32.79
C LEU S 131 -43.13 63.62 -34.06
N THR S 132 -42.47 64.68 -34.52
CA THR S 132 -42.76 65.26 -35.81
C THR S 132 -42.03 64.46 -36.89
N LEU S 133 -42.37 64.72 -38.16
CA LEU S 133 -41.65 64.06 -39.22
C LEU S 133 -40.14 64.30 -39.11
N GLU S 134 -39.74 65.55 -38.89
CA GLU S 134 -38.32 65.86 -38.83
C GLU S 134 -37.62 65.12 -37.70
N GLU S 135 -38.32 64.88 -36.58
CA GLU S 135 -37.66 64.15 -35.51
C GLU S 135 -37.53 62.66 -35.81
N ILE S 136 -38.35 62.13 -36.71
CA ILE S 136 -38.24 60.73 -37.07
C ILE S 136 -37.23 60.54 -38.19
N PHE S 137 -37.28 61.38 -39.24
CA PHE S 137 -36.35 61.29 -40.38
C PHE S 137 -35.39 62.47 -40.35
N HIS S 138 -34.17 62.24 -39.89
CA HIS S 138 -33.15 63.29 -39.84
C HIS S 138 -32.71 63.71 -41.24
N ASP S 139 -32.97 62.89 -42.25
CA ASP S 139 -32.65 63.21 -43.64
C ASP S 139 -33.70 64.09 -44.33
N LEU S 140 -34.80 64.44 -43.66
CA LEU S 140 -35.93 65.13 -44.28
C LEU S 140 -35.55 66.54 -44.75
N PHE S 141 -36.16 66.98 -45.83
CA PHE S 141 -36.07 68.37 -46.25
C PHE S 141 -37.26 68.76 -47.13
N TYR S 142 -37.33 70.04 -47.43
CA TYR S 142 -38.46 70.61 -48.16
C TYR S 142 -37.98 71.07 -49.52
N ARG S 143 -38.77 70.79 -50.53
CA ARG S 143 -38.52 71.20 -51.91
C ARG S 143 -39.65 72.10 -52.35
N LEU S 144 -39.34 73.36 -52.58
CA LEU S 144 -40.37 74.31 -52.94
C LEU S 144 -40.12 74.76 -54.36
N GLU S 145 -41.21 74.87 -55.11
CA GLU S 145 -41.13 75.37 -56.47
C GLU S 145 -42.22 76.43 -56.58
N LEU S 146 -41.86 77.52 -57.25
CA LEU S 146 -42.79 78.59 -57.58
C LEU S 146 -42.86 78.61 -59.10
N HIS S 147 -43.93 78.09 -59.67
CA HIS S 147 -44.05 78.04 -61.10
C HIS S 147 -44.71 79.32 -61.63
N VAL S 148 -44.04 80.03 -62.53
CA VAL S 148 -44.63 81.18 -63.20
C VAL S 148 -45.07 80.86 -64.64
N ASN S 149 -44.22 80.27 -65.47
CA ASN S 149 -44.64 79.87 -66.81
C ASN S 149 -43.75 78.72 -67.27
N HIS S 150 -44.12 78.13 -68.42
CA HIS S 150 -43.46 76.90 -68.85
C HIS S 150 -41.96 77.05 -68.86
N THR S 151 -41.47 78.25 -69.09
CA THR S 151 -40.05 78.44 -69.32
C THR S 151 -39.30 78.99 -68.10
N TYR S 152 -40.01 79.38 -67.03
CA TYR S 152 -39.38 80.00 -65.86
C TYR S 152 -39.97 79.45 -64.59
N GLN S 153 -39.12 78.90 -63.71
CA GLN S 153 -39.51 78.43 -62.39
C GLN S 153 -38.38 78.75 -61.41
N MET S 154 -38.73 79.03 -60.17
CA MET S 154 -37.75 79.31 -59.13
C MET S 154 -37.83 78.17 -58.11
N HIS S 155 -36.67 77.68 -57.65
CA HIS S 155 -36.67 76.59 -56.67
C HIS S 155 -35.87 76.99 -55.45
N LEU S 156 -36.33 76.57 -54.27
CA LEU S 156 -35.48 76.60 -53.09
C LEU S 156 -35.71 75.33 -52.30
N GLU S 157 -34.67 74.94 -51.57
CA GLU S 157 -34.69 73.71 -50.80
C GLU S 157 -33.92 73.90 -49.50
N GLY S 158 -34.34 73.16 -48.48
CA GLY S 158 -33.63 73.22 -47.22
C GLY S 158 -34.40 72.45 -46.15
N LYS S 159 -33.83 72.47 -44.95
CA LYS S 159 -34.46 71.87 -43.80
C LYS S 159 -35.22 72.88 -42.97
N GLN S 160 -34.98 74.16 -43.19
CA GLN S 160 -35.63 75.16 -42.35
C GLN S 160 -37.10 75.22 -42.70
N ARG S 161 -37.83 76.07 -42.01
CA ARG S 161 -39.25 76.17 -42.23
C ARG S 161 -39.67 77.53 -42.76
N GLU S 162 -38.73 78.41 -43.09
CA GLU S 162 -39.06 79.72 -43.62
C GLU S 162 -38.46 79.84 -45.01
N TYR S 163 -39.29 80.18 -45.99
CA TYR S 163 -38.79 80.36 -47.34
C TYR S 163 -39.44 81.60 -47.93
N GLU S 164 -38.69 82.35 -48.73
CA GLU S 164 -39.23 83.55 -49.37
C GLU S 164 -38.69 83.65 -50.79
N PHE S 165 -39.59 83.67 -51.76
CA PHE S 165 -39.21 83.82 -53.17
C PHE S 165 -39.13 85.30 -53.46
N LEU S 166 -37.91 85.80 -53.63
CA LEU S 166 -37.74 87.23 -53.82
C LEU S 166 -37.76 87.64 -55.30
N GLY S 167 -37.93 88.95 -55.52
CA GLY S 167 -37.75 89.52 -56.84
C GLY S 167 -38.92 89.37 -57.79
N LEU S 168 -40.14 89.30 -57.28
CA LEU S 168 -41.29 89.06 -58.14
C LEU S 168 -41.98 90.36 -58.53
N THR S 169 -42.76 90.28 -59.62
CA THR S 169 -43.52 91.47 -59.97
C THR S 169 -44.83 91.51 -59.19
N PRO S 170 -45.24 92.72 -58.79
CA PRO S 170 -46.48 92.87 -58.03
C PRO S 170 -47.70 92.45 -58.86
N ASP S 171 -48.77 92.09 -58.17
CA ASP S 171 -50.07 91.77 -58.79
C ASP S 171 -49.93 90.70 -59.89
N THR S 172 -49.02 89.77 -59.69
CA THR S 172 -48.80 88.68 -60.63
C THR S 172 -49.13 87.35 -59.98
N GLU S 173 -49.70 86.47 -60.79
CA GLU S 173 -50.16 85.19 -60.33
C GLU S 173 -49.04 84.15 -60.38
N PHE S 174 -48.91 83.40 -59.29
CA PHE S 174 -47.92 82.34 -59.17
C PHE S 174 -48.59 81.07 -58.68
N LEU S 175 -47.93 79.96 -58.92
CA LEU S 175 -48.37 78.64 -58.50
C LEU S 175 -47.27 78.07 -57.64
N GLY S 176 -47.55 77.83 -56.37
CA GLY S 176 -46.56 77.30 -55.44
C GLY S 176 -46.77 75.83 -55.15
N SER S 177 -45.66 75.11 -55.05
CA SER S 177 -45.69 73.69 -54.70
C SER S 177 -44.68 73.43 -53.61
N ILE S 178 -45.07 72.66 -52.58
CA ILE S 178 -44.14 72.24 -51.54
C ILE S 178 -44.25 70.74 -51.29
N THR S 179 -43.10 70.09 -51.30
CA THR S 179 -42.92 68.67 -51.22
C THR S 179 -41.91 68.35 -50.13
N ILE S 180 -42.21 67.30 -49.34
CA ILE S 180 -41.31 66.75 -48.33
C ILE S 180 -40.54 65.59 -48.93
N LEU S 181 -39.24 65.55 -48.70
CA LEU S 181 -38.41 64.43 -49.13
C LEU S 181 -37.65 63.85 -47.95
N THR S 182 -37.51 62.53 -47.94
CA THR S 182 -36.58 61.82 -47.05
C THR S 182 -35.79 60.88 -47.94
N PRO S 183 -34.60 61.26 -48.38
CA PRO S 183 -33.94 60.52 -49.46
C PRO S 183 -33.52 59.10 -49.10
N ILE S 184 -33.04 58.86 -47.88
CA ILE S 184 -32.49 57.55 -47.51
C ILE S 184 -33.54 56.45 -47.72
N LEU S 185 -34.74 56.67 -47.26
CA LEU S 185 -35.79 55.69 -47.52
C LEU S 185 -36.51 55.96 -48.82
N SER S 186 -36.09 56.99 -49.57
CA SER S 186 -36.66 57.31 -50.87
C SER S 186 -38.16 57.55 -50.77
N LYS S 187 -38.58 58.26 -49.72
CA LYS S 187 -39.98 58.65 -49.55
C LYS S 187 -40.19 60.09 -50.04
N GLU S 188 -41.33 60.33 -50.69
CA GLU S 188 -41.66 61.66 -51.19
C GLU S 188 -43.15 61.96 -51.04
N SER S 189 -43.48 63.10 -50.44
CA SER S 189 -44.91 63.39 -50.32
C SER S 189 -45.50 63.86 -51.65
N ALA S 190 -46.83 63.85 -51.71
CA ALA S 190 -47.55 64.65 -52.70
C ALA S 190 -47.36 66.13 -52.39
N PRO S 191 -47.51 66.98 -53.40
CA PRO S 191 -47.25 68.41 -53.18
C PRO S 191 -48.39 69.05 -52.45
N TYR S 192 -48.04 70.01 -51.61
CA TYR S 192 -48.98 71.04 -51.20
C TYR S 192 -48.93 72.14 -52.26
N VAL S 193 -50.09 72.60 -52.72
CA VAL S 193 -50.15 73.54 -53.85
C VAL S 193 -50.84 74.83 -53.46
N CYS S 194 -50.14 75.95 -53.62
CA CYS S 194 -50.69 77.29 -53.40
C CYS S 194 -50.87 77.95 -54.74
N ARG S 195 -52.07 78.38 -55.06
CA ARG S 195 -52.25 79.34 -56.16
C ARG S 195 -52.35 80.72 -55.49
N VAL S 196 -51.27 81.52 -55.59
CA VAL S 196 -51.13 82.80 -54.90
C VAL S 196 -50.85 83.94 -55.87
N LYS S 197 -51.09 85.15 -55.41
CA LYS S 197 -50.93 86.32 -56.24
C LYS S 197 -50.22 87.40 -55.44
N THR S 198 -49.07 87.86 -55.91
CA THR S 198 -48.39 88.92 -55.21
C THR S 198 -49.29 90.15 -55.08
N LEU S 199 -49.19 90.83 -53.95
CA LEU S 199 -50.15 91.89 -53.65
C LEU S 199 -49.97 93.06 -54.61
N PRO S 200 -51.05 93.76 -54.93
CA PRO S 200 -50.91 94.82 -55.94
C PRO S 200 -50.31 96.08 -55.34
N ASP S 201 -49.02 96.01 -55.04
CA ASP S 201 -48.23 97.17 -54.65
C ASP S 201 -48.87 98.04 -53.55
N CYS T 7 -14.43 49.05 -32.36
CA CYS T 7 -15.15 48.57 -33.53
C CYS T 7 -16.55 49.17 -33.67
N LYS T 8 -16.59 50.31 -34.33
CA LYS T 8 -17.82 51.03 -34.61
C LYS T 8 -17.83 51.33 -36.10
N LEU T 9 -19.03 51.43 -36.68
CA LEU T 9 -19.18 51.78 -38.08
C LEU T 9 -19.68 53.22 -38.22
N HIS T 10 -19.37 53.82 -39.36
CA HIS T 10 -19.87 55.17 -39.58
C HIS T 10 -21.28 55.09 -40.11
N VAL T 11 -22.08 56.08 -39.72
CA VAL T 11 -23.48 56.06 -40.09
C VAL T 11 -23.67 56.14 -41.61
N ARG T 12 -22.71 56.73 -42.33
CA ARG T 12 -22.87 56.85 -43.79
C ARG T 12 -23.10 55.52 -44.47
N ASN T 13 -22.56 54.43 -43.92
CA ASN T 13 -22.73 53.13 -44.58
C ASN T 13 -24.19 52.72 -44.69
N PHE T 14 -25.09 53.36 -43.93
CA PHE T 14 -26.51 53.05 -43.93
C PHE T 14 -27.33 54.17 -44.59
N GLN T 15 -26.69 55.05 -45.37
CA GLN T 15 -27.38 56.22 -45.89
C GLN T 15 -27.36 56.31 -47.43
N SER T 16 -27.01 55.23 -48.12
CA SER T 16 -27.08 55.23 -49.58
C SER T 16 -28.49 54.87 -50.03
N PRO T 17 -29.24 55.79 -50.64
CA PRO T 17 -30.63 55.46 -51.01
C PRO T 17 -30.76 54.23 -51.89
N TYR T 18 -29.79 54.04 -52.81
CA TYR T 18 -29.72 52.85 -53.68
C TYR T 18 -29.49 51.58 -52.86
N ILE T 19 -28.46 51.58 -52.01
CA ILE T 19 -28.19 50.36 -51.26
C ILE T 19 -29.37 50.04 -50.33
N VAL T 20 -30.06 51.04 -49.75
CA VAL T 20 -31.20 50.66 -48.90
C VAL T 20 -32.39 50.24 -49.76
N ASN T 21 -32.62 50.93 -50.90
CA ASN T 21 -33.68 50.47 -51.80
C ASN T 21 -33.42 49.02 -52.19
N ARG T 22 -32.17 48.65 -52.51
CA ARG T 22 -31.93 47.28 -52.97
C ARG T 22 -32.05 46.28 -51.85
N THR T 23 -31.51 46.62 -50.67
CA THR T 23 -31.61 45.74 -49.50
C THR T 23 -33.05 45.49 -49.08
N PHE T 24 -33.87 46.56 -49.07
CA PHE T 24 -35.25 46.44 -48.61
C PHE T 24 -36.14 45.80 -49.68
N MET T 25 -35.85 46.00 -50.97
CA MET T 25 -36.61 45.26 -51.98
C MET T 25 -36.28 43.78 -51.94
N LEU T 26 -35.02 43.45 -51.67
CA LEU T 26 -34.60 42.05 -51.55
C LEU T 26 -35.33 41.35 -50.41
N ALA T 27 -35.45 42.01 -49.26
CA ALA T 27 -36.16 41.41 -48.13
C ALA T 27 -37.65 41.22 -48.46
N LYS T 28 -38.23 42.10 -49.32
CA LYS T 28 -39.65 42.03 -49.62
C LYS T 28 -40.00 40.78 -50.43
N GLU T 29 -39.23 40.48 -51.49
CA GLU T 29 -39.50 39.28 -52.27
C GLU T 29 -39.26 38.01 -51.45
N ALA T 30 -38.25 38.04 -50.54
CA ALA T 30 -37.99 36.88 -49.70
C ALA T 30 -39.05 36.69 -48.63
N SER T 31 -39.52 37.79 -48.02
CA SER T 31 -40.53 37.67 -46.97
C SER T 31 -41.89 37.24 -47.55
N LEU T 32 -42.19 37.60 -48.80
CA LEU T 32 -43.44 37.12 -49.40
C LEU T 32 -43.49 35.61 -49.44
N ALA T 33 -42.33 34.96 -49.59
CA ALA T 33 -42.27 33.51 -49.65
C ALA T 33 -42.15 32.90 -48.27
N ASP T 34 -42.35 33.70 -47.21
CA ASP T 34 -42.21 33.26 -45.82
C ASP T 34 -43.50 33.55 -45.07
N GLN T 35 -44.32 32.52 -44.87
CA GLN T 35 -45.57 32.64 -44.14
C GLN T 35 -45.45 32.09 -42.72
N ASN T 36 -44.22 31.87 -42.25
CA ASN T 36 -44.00 31.44 -40.88
C ASN T 36 -43.74 32.67 -40.03
N THR T 37 -44.83 33.34 -39.67
CA THR T 37 -44.81 34.54 -38.86
C THR T 37 -44.52 34.28 -37.39
N ASP T 38 -44.51 33.02 -36.95
CA ASP T 38 -44.42 32.71 -35.52
C ASP T 38 -43.00 32.81 -34.98
N VAL T 39 -42.00 32.57 -35.81
CA VAL T 39 -40.60 32.60 -35.38
C VAL T 39 -39.86 33.72 -36.12
N ARG T 40 -39.12 34.52 -35.36
CA ARG T 40 -38.36 35.66 -35.87
C ARG T 40 -36.89 35.53 -35.46
N LEU T 41 -35.99 35.59 -36.45
CA LEU T 41 -34.57 35.31 -36.19
C LEU T 41 -33.90 36.44 -35.45
N ILE T 42 -33.83 37.61 -36.07
CA ILE T 42 -33.20 38.76 -35.43
C ILE T 42 -34.31 39.44 -34.63
N GLY T 43 -34.50 38.97 -33.41
CA GLY T 43 -35.53 39.43 -32.50
C GLY T 43 -34.99 39.43 -31.09
N GLU T 44 -35.83 39.59 -30.06
CA GLU T 44 -35.36 39.65 -28.67
C GLU T 44 -34.67 38.37 -28.25
N LYS T 45 -34.97 37.24 -28.92
CA LYS T 45 -34.26 36.00 -28.64
C LYS T 45 -32.77 36.11 -28.97
N LEU T 46 -32.42 36.90 -29.99
CA LEU T 46 -31.01 37.08 -30.33
C LEU T 46 -30.32 38.05 -29.39
N PHE T 47 -31.05 39.05 -28.89
CA PHE T 47 -30.54 40.11 -28.03
C PHE T 47 -30.80 39.82 -26.57
N ARG T 48 -31.21 38.60 -26.23
CA ARG T 48 -31.58 38.31 -24.86
C ARG T 48 -30.33 38.39 -24.00
N GLY T 49 -30.24 39.45 -23.17
CA GLY T 49 -29.16 39.60 -22.22
C GLY T 49 -27.81 39.89 -22.87
N VAL T 50 -27.79 40.83 -23.79
CA VAL T 50 -26.57 41.17 -24.51
C VAL T 50 -26.32 42.66 -24.25
N SER T 51 -25.23 42.94 -23.52
CA SER T 51 -24.80 44.30 -23.24
C SER T 51 -24.97 45.18 -24.47
N ALA T 52 -25.28 46.46 -24.25
CA ALA T 52 -25.56 47.34 -25.38
C ALA T 52 -24.31 47.57 -26.22
N LYS T 53 -23.21 47.95 -25.57
CA LYS T 53 -21.95 48.12 -26.28
C LYS T 53 -21.45 46.81 -26.89
N ASP T 54 -21.95 45.66 -26.42
CA ASP T 54 -21.56 44.38 -26.98
C ASP T 54 -22.45 43.96 -28.15
N GLN T 55 -23.47 44.75 -28.47
CA GLN T 55 -24.40 44.36 -29.52
C GLN T 55 -23.79 44.43 -30.90
N CYS T 56 -22.85 45.36 -31.14
CA CYS T 56 -22.24 45.41 -32.47
C CYS T 56 -21.49 44.12 -32.75
N TYR T 57 -20.75 43.60 -31.76
CA TYR T 57 -20.14 42.28 -31.92
C TYR T 57 -21.19 41.22 -32.19
N LEU T 58 -22.28 41.24 -31.42
CA LEU T 58 -23.34 40.27 -31.66
C LEU T 58 -23.82 40.35 -33.09
N MET T 59 -24.03 41.57 -33.58
CA MET T 59 -24.48 41.72 -34.96
C MET T 59 -23.40 41.33 -35.94
N LYS T 60 -22.13 41.51 -35.56
CA LYS T 60 -21.05 41.08 -36.45
C LYS T 60 -21.11 39.60 -36.71
N GLN T 61 -21.45 38.81 -35.69
CA GLN T 61 -21.50 37.37 -35.90
C GLN T 61 -22.70 36.97 -36.74
N VAL T 62 -23.87 37.55 -36.49
CA VAL T 62 -24.99 37.19 -37.34
C VAL T 62 -24.78 37.71 -38.76
N LEU T 63 -24.12 38.86 -38.92
CA LEU T 63 -23.83 39.33 -40.27
C LEU T 63 -22.86 38.40 -40.99
N GLN T 64 -21.77 38.05 -40.34
CA GLN T 64 -20.84 37.13 -40.96
C GLN T 64 -21.53 35.79 -41.21
N PHE T 65 -22.45 35.39 -40.33
CA PHE T 65 -23.17 34.14 -40.52
C PHE T 65 -24.08 34.17 -41.73
N THR T 66 -24.90 35.22 -41.85
CA THR T 66 -25.82 35.23 -42.97
C THR T 66 -25.07 35.24 -44.30
N LEU T 67 -23.89 35.88 -44.34
CA LEU T 67 -23.10 35.90 -45.57
C LEU T 67 -22.57 34.53 -45.89
N GLU T 68 -22.08 33.82 -44.89
CA GLU T 68 -21.38 32.57 -45.17
C GLU T 68 -22.37 31.45 -45.48
N ASP T 69 -23.49 31.39 -44.74
CA ASP T 69 -24.35 30.21 -44.80
C ASP T 69 -25.66 30.41 -45.53
N VAL T 70 -26.12 31.64 -45.75
CA VAL T 70 -27.39 31.85 -46.44
C VAL T 70 -27.21 32.63 -47.74
N LEU T 71 -26.36 33.65 -47.77
CA LEU T 71 -26.31 34.49 -48.96
C LEU T 71 -25.37 33.93 -50.01
N LEU T 72 -24.19 33.48 -49.61
CA LEU T 72 -23.28 32.89 -50.59
C LEU T 72 -23.86 31.62 -51.22
N PRO T 73 -24.48 30.68 -50.50
CA PRO T 73 -25.10 29.52 -51.17
C PRO T 73 -26.31 29.88 -52.01
N GLN T 74 -26.90 31.03 -51.81
CA GLN T 74 -28.12 31.37 -52.52
C GLN T 74 -27.88 32.56 -53.42
N SER T 75 -26.74 32.56 -54.10
CA SER T 75 -26.41 33.68 -54.98
C SER T 75 -27.15 33.57 -56.31
N ASP T 76 -27.89 32.48 -56.56
CA ASP T 76 -28.58 32.21 -57.82
C ASP T 76 -30.02 32.70 -57.84
N ARG T 77 -30.62 32.88 -56.66
CA ARG T 77 -32.00 33.35 -56.51
C ARG T 77 -32.09 34.80 -56.06
N PHE T 78 -33.34 35.29 -56.02
CA PHE T 78 -33.74 36.65 -55.67
C PHE T 78 -32.98 37.73 -56.46
N GLN T 79 -32.53 37.45 -57.68
CA GLN T 79 -31.86 38.56 -58.35
C GLN T 79 -32.95 39.57 -58.73
N PRO T 80 -32.59 40.70 -59.34
CA PRO T 80 -31.30 41.37 -59.42
C PRO T 80 -30.82 42.01 -58.11
N TYR T 81 -31.60 41.88 -57.03
CA TYR T 81 -31.24 42.61 -55.82
C TYR T 81 -30.09 41.91 -55.10
N MET T 82 -30.12 40.58 -55.04
CA MET T 82 -29.02 39.84 -54.44
C MET T 82 -27.70 40.32 -55.03
N TRP T 83 -27.69 40.64 -56.34
CA TRP T 83 -26.48 41.02 -57.04
C TRP T 83 -25.82 42.27 -56.42
N GLU T 84 -26.61 43.23 -55.97
CA GLU T 84 -26.04 44.43 -55.37
C GLU T 84 -25.92 44.32 -53.84
N VAL T 85 -26.74 43.53 -53.18
CA VAL T 85 -26.73 43.56 -51.72
C VAL T 85 -25.54 42.80 -51.15
N VAL T 86 -25.18 41.65 -51.72
CA VAL T 86 -24.11 40.83 -51.15
C VAL T 86 -22.77 41.55 -51.17
N PRO T 87 -22.36 42.24 -52.24
CA PRO T 87 -21.10 42.99 -52.15
C PRO T 87 -21.17 44.11 -51.11
N PHE T 88 -22.33 44.72 -50.90
CA PHE T 88 -22.39 45.74 -49.86
C PHE T 88 -22.19 45.11 -48.49
N LEU T 89 -22.91 44.02 -48.22
CA LEU T 89 -22.80 43.33 -46.94
C LEU T 89 -21.40 42.75 -46.68
N THR T 90 -20.65 42.34 -47.70
CA THR T 90 -19.28 41.95 -47.42
C THR T 90 -18.42 43.16 -47.06
N LYS T 91 -18.56 44.29 -47.80
CA LYS T 91 -17.79 45.49 -47.48
C LYS T 91 -18.08 45.98 -46.07
N LEU T 92 -19.24 45.62 -45.52
CA LEU T 92 -19.53 45.97 -44.14
C LEU T 92 -18.92 44.95 -43.18
N SER T 93 -18.93 43.67 -43.57
CA SER T 93 -18.36 42.62 -42.74
C SER T 93 -16.85 42.78 -42.62
N ASN T 94 -16.20 43.29 -43.66
CA ASN T 94 -14.75 43.49 -43.61
C ASN T 94 -14.39 44.65 -42.70
N LYS T 95 -15.24 45.68 -42.66
CA LYS T 95 -15.03 46.83 -41.78
C LYS T 95 -15.10 46.45 -40.31
N LEU T 96 -15.80 45.36 -40.01
CA LEU T 96 -15.98 44.87 -38.65
C LEU T 96 -14.99 43.76 -38.29
N SER T 97 -14.03 43.46 -39.17
CA SER T 97 -13.13 42.34 -38.91
C SER T 97 -12.33 42.55 -37.63
N SER T 98 -11.99 43.81 -37.34
CA SER T 98 -11.24 44.13 -36.13
C SER T 98 -12.10 44.16 -34.89
N CYS T 99 -13.36 43.75 -34.99
CA CYS T 99 -14.27 43.77 -33.86
C CYS T 99 -14.35 42.40 -33.21
N HIS T 100 -14.09 42.36 -31.91
CA HIS T 100 -14.33 41.22 -31.03
C HIS T 100 -14.41 41.83 -29.64
N ILE T 101 -15.42 41.44 -28.85
CA ILE T 101 -15.64 42.19 -27.62
C ILE T 101 -14.55 41.87 -26.60
N SER T 102 -14.18 42.89 -25.82
CA SER T 102 -13.20 42.80 -24.74
C SER T 102 -13.73 42.18 -23.46
N GLY T 103 -14.45 41.08 -23.54
CA GLY T 103 -14.98 40.47 -22.34
C GLY T 103 -15.66 39.15 -22.62
N ASP T 104 -16.53 38.76 -21.69
CA ASP T 104 -17.19 37.46 -21.76
C ASP T 104 -18.36 37.49 -22.74
N ASP T 105 -18.28 36.64 -23.76
CA ASP T 105 -19.30 36.48 -24.79
C ASP T 105 -19.93 35.08 -24.75
N GLN T 106 -20.27 34.59 -23.55
CA GLN T 106 -20.82 33.23 -23.46
C GLN T 106 -22.28 33.18 -23.92
N ASN T 107 -23.05 34.23 -23.66
CA ASN T 107 -24.43 34.31 -24.13
C ASN T 107 -24.55 34.85 -25.55
N ILE T 108 -23.64 35.73 -25.98
CA ILE T 108 -23.64 36.18 -27.36
C ILE T 108 -23.45 34.98 -28.27
N GLN T 109 -22.51 34.10 -27.93
CA GLN T 109 -22.35 32.87 -28.69
C GLN T 109 -23.55 31.96 -28.49
N LYS T 110 -24.17 32.00 -27.31
CA LYS T 110 -25.35 31.18 -27.10
C LYS T 110 -26.55 31.72 -27.89
N ASN T 111 -26.66 33.04 -28.06
CA ASN T 111 -27.77 33.53 -28.87
C ASN T 111 -27.50 33.26 -30.35
N VAL T 112 -26.27 33.49 -30.80
CA VAL T 112 -25.93 33.16 -32.18
C VAL T 112 -25.98 31.64 -32.39
N ARG T 113 -25.70 30.84 -31.35
CA ARG T 113 -25.85 29.41 -31.58
C ARG T 113 -27.33 29.09 -31.81
N ARG T 114 -28.21 29.66 -30.99
CA ARG T 114 -29.64 29.43 -31.20
C ARG T 114 -30.10 29.98 -32.54
N LEU T 115 -29.46 31.07 -33.02
CA LEU T 115 -29.75 31.60 -34.34
C LEU T 115 -29.36 30.59 -35.42
N LYS T 116 -28.13 30.08 -35.35
CA LYS T 116 -27.74 29.07 -36.30
C LYS T 116 -28.57 27.80 -36.13
N GLU T 117 -29.06 27.52 -34.91
CA GLU T 117 -29.79 26.27 -34.70
C GLU T 117 -31.15 26.29 -35.39
N THR T 118 -31.89 27.37 -35.23
CA THR T 118 -33.22 27.44 -35.82
C THR T 118 -33.16 27.52 -37.34
N VAL T 119 -32.15 28.18 -37.89
CA VAL T 119 -32.10 28.35 -39.34
C VAL T 119 -32.04 26.99 -40.04
N LYS T 120 -31.28 26.05 -39.50
CA LYS T 120 -31.18 24.74 -40.12
C LYS T 120 -32.36 23.86 -39.77
N LYS T 121 -33.04 24.16 -38.65
CA LYS T 121 -34.23 23.44 -38.27
C LYS T 121 -35.37 23.69 -39.26
N LEU T 122 -35.28 24.74 -40.07
CA LEU T 122 -36.31 25.02 -41.04
C LEU T 122 -35.86 24.75 -42.46
N GLY T 123 -34.78 23.97 -42.65
CA GLY T 123 -34.20 23.68 -43.95
C GLY T 123 -34.14 24.88 -44.90
N GLU T 124 -34.64 24.69 -46.12
CA GLU T 124 -34.54 25.74 -47.13
C GLU T 124 -35.37 26.96 -46.76
N SER T 125 -36.49 26.75 -46.06
CA SER T 125 -37.30 27.87 -45.60
C SER T 125 -36.54 28.76 -44.61
N GLY T 126 -35.62 28.18 -43.83
CA GLY T 126 -34.85 28.99 -42.89
C GLY T 126 -33.91 29.98 -43.55
N GLU T 127 -33.33 29.61 -44.70
CA GLU T 127 -32.44 30.53 -45.41
C GLU T 127 -33.24 31.65 -46.07
N ILE T 128 -34.44 31.35 -46.57
CA ILE T 128 -35.29 32.37 -47.16
C ILE T 128 -35.75 33.33 -46.07
N LYS T 129 -35.94 32.84 -44.84
CA LYS T 129 -36.31 33.69 -43.72
C LYS T 129 -35.17 34.64 -43.37
N ALA T 130 -33.92 34.17 -43.46
CA ALA T 130 -32.78 35.02 -43.18
C ALA T 130 -32.73 36.19 -44.16
N ILE T 131 -33.08 35.94 -45.44
CA ILE T 131 -33.10 36.97 -46.48
C ILE T 131 -34.26 37.93 -46.29
N GLY T 132 -35.42 37.41 -45.89
CA GLY T 132 -36.54 38.30 -45.62
C GLY T 132 -36.34 39.18 -44.41
N GLU T 133 -35.35 38.86 -43.57
CA GLU T 133 -35.05 39.64 -42.38
C GLU T 133 -33.82 40.50 -42.54
N LEU T 134 -33.32 40.64 -43.78
CA LEU T 134 -32.17 41.51 -44.05
C LEU T 134 -32.48 42.98 -43.78
N ASP T 135 -33.77 43.34 -43.77
CA ASP T 135 -34.12 44.67 -43.32
C ASP T 135 -33.88 44.80 -41.82
N LEU T 136 -34.28 43.81 -41.02
CA LEU T 136 -33.91 43.80 -39.61
C LEU T 136 -32.39 43.76 -39.43
N LEU T 137 -31.68 42.98 -40.25
CA LEU T 137 -30.23 42.92 -40.12
C LEU T 137 -29.61 44.29 -40.38
N PHE T 138 -29.97 44.93 -41.50
CA PHE T 138 -29.44 46.25 -41.86
C PHE T 138 -29.67 47.26 -40.74
N MET T 139 -30.90 47.34 -40.23
CA MET T 139 -31.19 48.36 -39.23
C MET T 139 -30.65 47.96 -37.85
N SER T 140 -30.65 46.67 -37.50
CA SER T 140 -30.03 46.29 -36.23
C SER T 140 -28.53 46.46 -36.27
N LEU T 141 -27.91 46.22 -37.42
CA LEU T 141 -26.49 46.53 -37.58
C LEU T 141 -26.24 48.03 -37.50
N ARG T 142 -27.14 48.83 -38.06
CA ARG T 142 -26.98 50.28 -37.99
C ARG T 142 -27.06 50.73 -36.53
N ASN T 143 -28.12 50.30 -35.83
CA ASN T 143 -28.38 50.80 -34.48
C ASN T 143 -27.34 50.33 -33.48
N ALA T 144 -26.69 49.19 -33.73
CA ALA T 144 -25.75 48.67 -32.75
C ALA T 144 -24.33 49.20 -32.94
N CYS T 145 -23.97 49.61 -34.16
CA CYS T 145 -22.59 49.97 -34.47
C CYS T 145 -22.40 51.47 -34.77
N VAL T 146 -23.38 52.32 -34.47
CA VAL T 146 -23.25 53.77 -34.70
C VAL T 146 -23.62 54.61 -33.46
N MET U 1 3.33 31.45 -80.67
CA MET U 1 2.69 32.05 -79.49
C MET U 1 1.91 33.29 -79.90
N ILE U 2 0.89 33.62 -79.14
CA ILE U 2 0.00 34.74 -79.45
C ILE U 2 0.24 35.83 -78.42
N PRO U 3 0.51 37.06 -78.84
CA PRO U 3 0.78 38.12 -77.86
C PRO U 3 -0.51 38.59 -77.20
N PRO U 4 -0.44 38.98 -75.94
CA PRO U 4 -1.65 39.37 -75.23
C PRO U 4 -2.11 40.76 -75.67
N PRO U 5 -3.32 41.16 -75.27
CA PRO U 5 -3.77 42.51 -75.59
C PRO U 5 -2.94 43.58 -74.88
N GLU U 6 -2.83 44.72 -75.55
CA GLU U 6 -2.05 45.83 -75.05
C GLU U 6 -2.99 46.92 -74.51
N LYS U 7 -2.43 47.74 -73.62
CA LYS U 7 -3.14 48.88 -73.04
C LYS U 7 -4.50 48.47 -72.48
N VAL U 8 -4.54 47.33 -71.82
CA VAL U 8 -5.79 46.86 -71.22
C VAL U 8 -6.11 47.75 -70.03
N ARG U 9 -7.31 48.34 -70.04
CA ARG U 9 -7.71 49.31 -69.03
C ARG U 9 -9.21 49.25 -68.86
N MET U 10 -9.66 49.51 -67.64
CA MET U 10 -11.08 49.63 -67.35
C MET U 10 -11.37 51.13 -67.37
N ASN U 11 -12.01 51.58 -68.43
CA ASN U 11 -12.44 52.96 -68.55
C ASN U 11 -13.85 53.00 -67.99
N SER U 12 -14.00 53.61 -66.80
CA SER U 12 -15.27 53.67 -66.09
C SER U 12 -15.61 55.10 -65.68
N VAL U 13 -16.70 55.64 -66.19
CA VAL U 13 -17.20 56.96 -65.83
C VAL U 13 -18.67 56.81 -65.51
N ASN U 14 -19.10 57.33 -64.34
CA ASN U 14 -20.50 57.26 -63.88
C ASN U 14 -21.07 55.87 -64.03
N PHE U 15 -20.27 54.86 -63.65
CA PHE U 15 -20.69 53.47 -63.65
C PHE U 15 -20.98 52.91 -65.03
N LYS U 16 -20.46 53.53 -66.07
CA LYS U 16 -20.37 52.91 -67.37
C LYS U 16 -18.95 52.34 -67.43
N ASN U 17 -18.81 51.04 -67.21
CA ASN U 17 -17.52 50.37 -67.12
C ASN U 17 -17.20 49.71 -68.46
N ILE U 18 -16.17 50.20 -69.12
CA ILE U 18 -15.81 49.67 -70.42
C ILE U 18 -14.40 49.12 -70.32
N LEU U 19 -14.26 47.83 -70.57
CA LEU U 19 -12.91 47.29 -70.68
C LEU U 19 -12.40 47.58 -72.09
N GLN U 20 -11.24 48.22 -72.18
CA GLN U 20 -10.71 48.59 -73.48
C GLN U 20 -9.30 48.03 -73.60
N TRP U 21 -8.95 47.58 -74.79
CA TRP U 21 -7.59 47.12 -75.06
C TRP U 21 -7.26 47.51 -76.48
N GLU U 22 -6.03 47.24 -76.89
CA GLU U 22 -5.61 47.49 -78.26
C GLU U 22 -5.08 46.18 -78.84
N VAL U 23 -5.21 46.04 -80.15
CA VAL U 23 -4.72 44.83 -80.84
C VAL U 23 -3.20 44.85 -80.84
N PRO U 24 -2.52 43.71 -80.52
CA PRO U 24 -1.05 43.75 -80.36
C PRO U 24 -0.26 43.94 -81.63
N ALA U 25 0.96 43.42 -81.61
CA ALA U 25 1.85 43.50 -82.76
C ALA U 25 1.31 42.69 -83.93
N PHE U 26 1.16 41.38 -83.75
CA PHE U 26 0.79 40.45 -84.81
C PHE U 26 -0.62 40.64 -85.38
N PRO U 27 -0.76 41.25 -86.55
CA PRO U 27 -2.09 41.41 -87.15
C PRO U 27 -2.52 40.12 -87.83
N LYS U 28 -3.83 39.89 -87.82
CA LYS U 28 -4.43 38.71 -88.43
C LYS U 28 -5.94 38.87 -88.39
N THR U 29 -6.59 38.49 -89.49
CA THR U 29 -8.02 38.73 -89.60
C THR U 29 -8.84 37.81 -88.70
N GLN U 30 -8.28 36.66 -88.32
CA GLN U 30 -8.99 35.70 -87.48
C GLN U 30 -8.78 35.90 -85.98
N LEU U 31 -8.02 36.92 -85.57
CA LEU U 31 -7.70 37.12 -84.17
C LEU U 31 -8.90 37.68 -83.40
N THR U 32 -9.40 36.90 -82.44
CA THR U 32 -10.50 37.28 -81.55
C THR U 32 -10.03 37.42 -80.09
N PHE U 33 -10.90 37.95 -79.24
CA PHE U 33 -10.58 38.21 -77.84
C PHE U 33 -11.67 37.65 -76.97
N THR U 34 -11.29 37.23 -75.75
CA THR U 34 -12.25 36.72 -74.77
C THR U 34 -11.99 37.41 -73.44
N ALA U 35 -13.05 37.93 -72.85
CA ALA U 35 -13.00 38.67 -71.59
C ALA U 35 -13.89 38.00 -70.56
N GLN U 36 -13.40 37.89 -69.32
CA GLN U 36 -14.18 37.29 -68.25
C GLN U 36 -13.99 38.11 -66.98
N TYR U 37 -14.89 37.89 -66.01
CA TYR U 37 -14.80 38.44 -64.66
C TYR U 37 -15.03 37.36 -63.60
N GLU U 38 -14.51 37.58 -62.41
CA GLU U 38 -14.82 36.67 -61.31
C GLU U 38 -15.52 37.48 -60.23
N SER U 39 -16.78 37.13 -59.95
CA SER U 39 -17.57 37.84 -58.96
C SER U 39 -17.38 37.29 -57.56
N TYR U 40 -17.29 35.97 -57.45
CA TYR U 40 -17.09 35.29 -56.17
C TYR U 40 -15.82 34.45 -56.26
N ARG U 41 -15.87 33.31 -56.96
CA ARG U 41 -14.70 32.46 -57.11
C ARG U 41 -14.39 32.20 -58.57
N SER U 42 -15.26 31.49 -59.30
CA SER U 42 -14.97 31.11 -60.66
C SER U 42 -15.18 32.26 -61.65
N PHE U 43 -14.35 32.27 -62.69
CA PHE U 43 -14.46 33.23 -63.78
C PHE U 43 -15.56 32.79 -64.72
N GLN U 44 -16.34 33.76 -65.19
CA GLN U 44 -17.40 33.48 -66.13
C GLN U 44 -17.19 34.35 -67.37
N ASP U 45 -17.31 33.71 -68.53
CA ASP U 45 -17.16 34.44 -69.79
C ASP U 45 -18.18 35.57 -69.84
N HIS U 46 -17.76 36.73 -70.35
CA HIS U 46 -18.66 37.85 -70.62
C HIS U 46 -18.62 38.29 -72.06
N CYS U 47 -17.44 38.50 -72.65
CA CYS U 47 -17.27 38.59 -74.08
C CYS U 47 -16.44 37.39 -74.56
N LYS U 48 -17.05 36.51 -75.37
CA LYS U 48 -16.37 35.33 -75.89
C LYS U 48 -16.19 35.44 -77.41
N ARG U 49 -14.93 35.37 -77.85
CA ARG U 49 -14.56 35.40 -79.27
C ARG U 49 -15.14 36.61 -79.99
N THR U 50 -14.86 37.80 -79.45
CA THR U 50 -15.30 39.04 -80.06
C THR U 50 -14.19 39.59 -80.93
N ALA U 51 -14.57 40.20 -82.05
CA ALA U 51 -13.64 40.89 -82.92
C ALA U 51 -13.41 42.34 -82.49
N SER U 52 -14.16 42.83 -81.50
CA SER U 52 -14.10 44.21 -81.05
C SER U 52 -12.94 44.41 -80.09
N THR U 53 -12.57 45.67 -79.89
CA THR U 53 -11.49 45.99 -78.97
C THR U 53 -11.98 46.49 -77.59
N GLN U 54 -13.22 46.20 -77.23
CA GLN U 54 -13.68 46.59 -75.91
C GLN U 54 -14.82 45.66 -75.48
N CYS U 55 -15.06 45.65 -74.17
CA CYS U 55 -16.16 44.87 -73.59
C CYS U 55 -16.85 45.69 -72.51
N ASP U 56 -18.18 45.72 -72.60
CA ASP U 56 -18.97 46.52 -71.68
C ASP U 56 -19.21 45.72 -70.42
N PHE U 57 -18.80 46.28 -69.29
CA PHE U 57 -18.91 45.66 -67.98
C PHE U 57 -19.83 46.46 -67.06
N SER U 58 -20.85 47.09 -67.60
CA SER U 58 -21.66 47.94 -66.75
C SER U 58 -22.62 47.16 -65.88
N HIS U 59 -22.76 45.87 -66.12
CA HIS U 59 -23.63 45.01 -65.32
C HIS U 59 -23.03 44.63 -63.98
N LEU U 60 -21.77 44.99 -63.73
CA LEU U 60 -21.12 44.66 -62.48
C LEU U 60 -21.74 45.42 -61.32
N SER U 61 -21.78 44.76 -60.16
CA SER U 61 -22.36 45.38 -58.98
C SER U 61 -21.58 46.64 -58.59
N LYS U 62 -22.29 47.64 -58.08
CA LYS U 62 -21.61 48.89 -57.77
C LYS U 62 -20.58 48.71 -56.65
N TYR U 63 -20.91 47.93 -55.64
CA TYR U 63 -20.01 47.76 -54.49
C TYR U 63 -19.07 46.56 -54.64
N GLY U 64 -19.08 45.88 -55.79
CA GLY U 64 -18.31 44.66 -55.93
C GLY U 64 -16.82 44.90 -56.12
N ASP U 65 -16.02 43.97 -55.54
CA ASP U 65 -14.59 43.84 -55.83
C ASP U 65 -14.41 42.81 -56.96
N TYR U 66 -14.03 43.28 -58.16
CA TYR U 66 -13.93 42.43 -59.34
C TYR U 66 -12.49 42.38 -59.86
N THR U 67 -12.11 41.22 -60.35
CA THR U 67 -10.93 41.11 -61.18
C THR U 67 -11.43 40.63 -62.53
N VAL U 68 -11.13 41.39 -63.56
CA VAL U 68 -11.55 41.10 -64.92
C VAL U 68 -10.30 40.95 -65.77
N ARG U 69 -10.38 39.98 -66.71
CA ARG U 69 -9.27 39.58 -67.57
C ARG U 69 -9.75 39.41 -69.01
N VAL U 70 -8.80 39.60 -69.91
CA VAL U 70 -9.04 39.48 -71.33
C VAL U 70 -7.83 38.73 -71.90
N ARG U 71 -8.06 38.00 -72.98
CA ARG U 71 -6.96 37.32 -73.67
C ARG U 71 -7.17 37.44 -75.17
N ALA U 72 -6.06 37.35 -75.90
CA ALA U 72 -6.08 37.25 -77.35
C ALA U 72 -6.10 35.76 -77.69
N GLU U 73 -6.87 35.41 -78.70
CA GLU U 73 -6.96 34.00 -79.05
C GLU U 73 -7.10 33.84 -80.56
N LEU U 74 -6.52 32.77 -81.06
CA LEU U 74 -6.71 32.47 -82.46
C LEU U 74 -7.72 31.35 -82.47
N ALA U 75 -7.61 30.37 -83.33
CA ALA U 75 -8.61 29.32 -83.34
C ALA U 75 -8.59 28.60 -82.00
N ASP U 76 -7.46 27.98 -81.75
CA ASP U 76 -7.28 27.19 -80.55
C ASP U 76 -6.09 27.63 -79.74
N GLU U 77 -5.24 28.48 -80.28
CA GLU U 77 -4.10 28.98 -79.54
C GLU U 77 -4.50 30.32 -78.94
N HIS U 78 -4.38 30.42 -77.64
CA HIS U 78 -4.75 31.63 -76.94
C HIS U 78 -3.49 32.17 -76.30
N SER U 79 -3.60 33.39 -75.81
CA SER U 79 -2.49 34.05 -75.16
C SER U 79 -2.66 33.88 -73.65
N GLU U 80 -1.69 34.38 -72.91
CA GLU U 80 -1.85 34.53 -71.47
C GLU U 80 -2.91 35.58 -71.15
N TRP U 81 -3.55 35.45 -70.00
CA TRP U 81 -4.55 36.42 -69.56
C TRP U 81 -3.90 37.69 -69.04
N VAL U 82 -4.51 38.83 -69.29
CA VAL U 82 -4.10 40.07 -68.64
C VAL U 82 -5.27 40.60 -67.80
N GLN U 83 -5.10 40.61 -66.47
CA GLN U 83 -6.13 40.97 -65.50
C GLN U 83 -5.93 42.38 -64.95
N VAL U 84 -7.05 43.02 -64.58
CA VAL U 84 -7.09 44.27 -63.81
C VAL U 84 -8.17 44.15 -62.73
N THR U 85 -7.91 44.74 -61.57
CA THR U 85 -8.87 44.79 -60.47
C THR U 85 -9.61 46.12 -60.46
N PHE U 86 -10.88 46.06 -60.10
CA PHE U 86 -11.81 47.17 -60.31
C PHE U 86 -12.96 47.06 -59.32
N CYS U 87 -13.32 48.18 -58.69
CA CYS U 87 -14.50 48.27 -57.82
C CYS U 87 -15.30 49.48 -58.30
N PRO U 88 -16.51 49.31 -58.81
CA PRO U 88 -17.15 50.45 -59.48
C PRO U 88 -17.34 51.66 -58.58
N VAL U 89 -17.93 51.48 -57.40
CA VAL U 89 -18.26 52.63 -56.56
C VAL U 89 -17.00 53.34 -56.10
N GLU U 90 -15.88 52.61 -55.99
CA GLU U 90 -14.63 53.19 -55.52
C GLU U 90 -13.77 53.76 -56.63
N ASP U 91 -13.88 53.21 -57.84
CA ASP U 91 -12.94 53.54 -58.91
C ASP U 91 -13.54 54.31 -60.07
N THR U 92 -14.86 54.29 -60.25
CA THR U 92 -15.43 54.99 -61.39
C THR U 92 -15.23 56.50 -61.21
N ILE U 93 -15.10 57.19 -62.33
CA ILE U 93 -14.91 58.64 -62.34
C ILE U 93 -16.25 59.31 -62.16
N ILE U 94 -16.32 60.24 -61.23
CA ILE U 94 -17.54 61.03 -61.09
C ILE U 94 -17.51 62.15 -62.13
N GLY U 95 -18.38 62.05 -63.12
CA GLY U 95 -18.48 63.09 -64.12
C GLY U 95 -18.99 64.39 -63.53
N PRO U 96 -19.00 65.44 -64.35
CA PRO U 96 -19.47 66.75 -63.89
C PRO U 96 -20.99 66.79 -63.85
N PRO U 97 -21.58 67.49 -62.86
CA PRO U 97 -23.03 67.67 -62.86
C PRO U 97 -23.40 68.71 -63.89
N GLU U 98 -24.69 68.71 -64.26
CA GLU U 98 -25.24 69.78 -65.09
C GLU U 98 -25.77 70.90 -64.21
N MET U 99 -25.64 72.14 -64.71
CA MET U 99 -26.04 73.31 -63.96
C MET U 99 -26.68 74.34 -64.88
N GLN U 100 -27.84 74.88 -64.49
CA GLN U 100 -28.43 76.01 -65.19
C GLN U 100 -28.61 77.16 -64.22
N ILE U 101 -28.37 78.36 -64.72
CA ILE U 101 -28.32 79.57 -63.90
C ILE U 101 -29.41 80.53 -64.35
N GLU U 102 -30.10 81.10 -63.38
CA GLU U 102 -31.07 82.15 -63.66
C GLU U 102 -30.70 83.38 -62.86
N SER U 103 -30.45 84.47 -63.54
CA SER U 103 -30.14 85.72 -62.86
C SER U 103 -31.45 86.35 -62.47
N LEU U 104 -31.61 86.62 -61.17
CA LEU U 104 -32.75 87.41 -60.75
C LEU U 104 -32.22 88.84 -60.66
N ALA U 105 -32.57 89.57 -59.62
CA ALA U 105 -32.04 90.91 -59.41
C ALA U 105 -30.87 90.78 -58.45
N GLU U 106 -29.67 91.14 -58.91
CA GLU U 106 -28.48 91.01 -58.10
C GLU U 106 -28.25 89.59 -57.54
N SER U 107 -29.04 88.60 -57.94
CA SER U 107 -28.79 87.24 -57.49
C SER U 107 -28.64 86.29 -58.67
N LEU U 108 -28.07 85.12 -58.38
CA LEU U 108 -27.86 84.08 -59.40
C LEU U 108 -28.36 82.76 -58.85
N HIS U 109 -29.42 82.24 -59.47
CA HIS U 109 -30.09 81.02 -59.03
C HIS U 109 -29.54 79.80 -59.76
N LEU U 110 -28.99 78.86 -59.00
CA LEU U 110 -28.39 77.64 -59.55
C LEU U 110 -29.31 76.45 -59.36
N ARG U 111 -29.39 75.60 -60.37
CA ARG U 111 -30.12 74.34 -60.26
C ARG U 111 -29.18 73.26 -60.78
N PHE U 112 -29.04 72.17 -60.01
CA PHE U 112 -28.10 71.10 -60.33
C PHE U 112 -28.77 69.79 -60.73
N SER U 113 -28.00 68.97 -61.42
CA SER U 113 -28.42 67.63 -61.82
C SER U 113 -27.23 66.70 -61.65
N ALA U 114 -27.34 65.77 -60.70
CA ALA U 114 -26.24 64.83 -60.52
C ALA U 114 -26.11 64.00 -61.79
N PRO U 115 -24.90 63.51 -62.10
CA PRO U 115 -24.74 62.65 -63.28
C PRO U 115 -25.51 61.34 -63.09
N GLN U 116 -26.15 60.91 -64.17
CA GLN U 116 -27.03 59.75 -64.19
C GLN U 116 -26.27 58.52 -64.68
N ILE U 117 -26.75 57.33 -64.25
CA ILE U 117 -26.28 56.07 -64.84
C ILE U 117 -27.15 55.73 -66.04
N GLU U 118 -26.51 55.28 -67.14
CA GLU U 118 -27.17 55.04 -68.41
C GLU U 118 -27.74 53.62 -68.59
N ASN U 119 -27.13 52.59 -67.99
CA ASN U 119 -27.57 51.20 -68.14
C ASN U 119 -29.05 50.98 -67.77
N GLU U 120 -29.57 51.75 -66.84
CA GLU U 120 -30.69 51.35 -66.00
C GLU U 120 -32.03 51.83 -66.54
N PRO U 121 -33.03 50.96 -66.68
CA PRO U 121 -34.37 51.41 -67.12
C PRO U 121 -35.06 52.32 -66.10
N GLU U 122 -34.47 52.54 -64.92
CA GLU U 122 -34.96 53.47 -63.92
C GLU U 122 -33.88 54.50 -63.67
N THR U 123 -34.21 55.77 -63.86
CA THR U 123 -33.30 56.90 -63.71
C THR U 123 -32.55 57.01 -62.38
N TRP U 124 -31.54 56.19 -62.13
CA TRP U 124 -30.69 56.38 -60.95
C TRP U 124 -29.53 57.35 -61.21
N THR U 125 -29.26 58.22 -60.24
CA THR U 125 -28.18 59.19 -60.36
C THR U 125 -27.11 58.90 -59.31
N LEU U 126 -25.93 59.52 -59.52
CA LEU U 126 -24.82 59.31 -58.58
C LEU U 126 -25.17 59.82 -57.19
N LYS U 127 -25.98 60.88 -57.11
CA LYS U 127 -26.45 61.34 -55.82
C LYS U 127 -27.26 60.27 -55.10
N ASN U 128 -28.02 59.46 -55.84
CA ASN U 128 -28.78 58.36 -55.24
C ASN U 128 -27.92 57.18 -54.88
N ILE U 129 -26.67 57.10 -55.34
CA ILE U 129 -25.85 55.90 -55.13
C ILE U 129 -24.89 56.07 -53.96
N TYR U 130 -24.29 57.24 -53.85
CA TYR U 130 -23.32 57.55 -52.81
C TYR U 130 -24.01 58.09 -51.57
N ASP U 131 -23.54 57.60 -50.44
CA ASP U 131 -24.11 57.92 -49.15
C ASP U 131 -23.78 59.34 -48.69
N SER U 132 -22.87 60.02 -49.36
CA SER U 132 -22.49 61.33 -48.88
C SER U 132 -22.47 62.38 -49.99
N TRP U 133 -23.33 62.27 -51.00
CA TRP U 133 -23.25 63.18 -52.14
C TRP U 133 -23.54 64.62 -51.76
N ALA U 134 -22.69 65.51 -52.24
CA ALA U 134 -22.85 66.95 -52.10
C ALA U 134 -22.24 67.64 -53.30
N TYR U 135 -22.68 68.88 -53.54
CA TYR U 135 -22.17 69.69 -54.63
C TYR U 135 -21.24 70.76 -54.08
N ARG U 136 -20.13 70.98 -54.77
CA ARG U 136 -19.27 72.11 -54.48
C ARG U 136 -19.41 73.11 -55.61
N VAL U 137 -19.75 74.35 -55.28
CA VAL U 137 -19.86 75.43 -56.27
C VAL U 137 -18.62 76.32 -56.14
N GLN U 138 -18.07 76.73 -57.28
CA GLN U 138 -16.98 77.70 -57.31
C GLN U 138 -17.33 78.84 -58.26
N TYR U 139 -17.32 80.09 -57.76
CA TYR U 139 -17.63 81.26 -58.58
C TYR U 139 -16.57 82.34 -58.38
N TRP U 140 -16.45 83.21 -59.38
CA TRP U 140 -15.53 84.34 -59.36
C TRP U 140 -16.07 85.44 -60.26
N LYS U 141 -15.62 86.67 -60.03
CA LYS U 141 -15.94 87.76 -60.96
C LYS U 141 -15.11 87.58 -62.21
N GLN U 142 -15.75 87.72 -63.39
CA GLN U 142 -15.18 87.18 -64.62
C GLN U 142 -13.81 87.78 -64.96
N GLY U 143 -12.92 86.92 -65.48
CA GLY U 143 -11.60 87.34 -65.88
C GLY U 143 -10.64 87.67 -64.75
N THR U 144 -11.09 87.67 -63.49
CA THR U 144 -10.24 88.06 -62.35
C THR U 144 -9.83 86.84 -61.53
N ASN U 145 -8.55 86.46 -61.61
CA ASN U 145 -8.05 85.25 -60.96
C ASN U 145 -8.25 85.31 -59.45
N GLU U 146 -9.27 84.63 -58.96
CA GLU U 146 -9.60 84.60 -57.53
C GLU U 146 -10.64 83.51 -57.31
N LYS U 147 -10.80 83.08 -56.06
CA LYS U 147 -11.54 81.86 -55.71
C LYS U 147 -12.69 82.17 -54.75
N PHE U 148 -13.91 81.68 -55.06
CA PHE U 148 -14.96 81.52 -54.05
C PHE U 148 -15.68 80.17 -54.16
N GLN U 149 -16.07 79.63 -53.01
CA GLN U 149 -16.61 78.27 -52.92
C GLN U 149 -17.83 78.20 -52.02
N VAL U 150 -18.81 77.37 -52.42
CA VAL U 150 -20.01 77.08 -51.64
C VAL U 150 -20.38 75.59 -51.78
N VAL U 151 -20.81 74.97 -50.68
CA VAL U 151 -21.21 73.56 -50.62
C VAL U 151 -22.70 73.46 -50.36
N SER U 152 -23.37 72.58 -51.11
CA SER U 152 -24.78 72.29 -50.94
C SER U 152 -25.07 70.82 -51.15
N PRO U 153 -25.94 70.24 -50.33
CA PRO U 153 -26.41 68.88 -50.56
C PRO U 153 -27.68 68.83 -51.36
N TYR U 154 -28.24 69.98 -51.71
CA TYR U 154 -29.51 69.99 -52.38
C TYR U 154 -29.28 70.28 -53.86
N ASP U 155 -30.32 70.05 -54.68
CA ASP U 155 -30.23 70.29 -56.11
C ASP U 155 -30.40 71.78 -56.47
N SER U 156 -30.38 72.67 -55.50
CA SER U 156 -30.57 74.10 -55.76
C SER U 156 -29.67 74.89 -54.82
N GLU U 157 -29.23 76.07 -55.29
CA GLU U 157 -28.45 76.99 -54.47
C GLU U 157 -28.66 78.40 -55.00
N VAL U 158 -28.64 79.37 -54.09
CA VAL U 158 -28.77 80.77 -54.42
C VAL U 158 -27.55 81.49 -53.91
N LEU U 159 -26.80 82.09 -54.82
CA LEU U 159 -25.69 82.99 -54.50
C LEU U 159 -26.31 84.38 -54.38
N ARG U 160 -26.34 84.96 -53.18
CA ARG U 160 -27.17 86.15 -53.02
C ARG U 160 -26.45 87.51 -53.09
N ASN U 161 -25.97 88.02 -51.96
CA ASN U 161 -25.27 89.30 -51.96
C ASN U 161 -24.14 89.39 -52.97
N LEU U 162 -24.43 89.85 -54.18
CA LEU U 162 -23.41 89.99 -55.21
C LEU U 162 -23.49 91.40 -55.77
N GLU U 163 -22.46 91.79 -56.47
CA GLU U 163 -22.46 93.15 -56.98
C GLU U 163 -23.43 93.24 -58.16
N PRO U 164 -24.16 94.35 -58.29
CA PRO U 164 -25.09 94.44 -59.42
C PRO U 164 -24.33 94.71 -60.72
N TRP U 165 -24.97 94.35 -61.83
CA TRP U 165 -24.43 94.56 -63.19
C TRP U 165 -22.98 94.09 -63.34
N THR U 166 -22.70 92.89 -62.84
CA THR U 166 -21.36 92.33 -62.88
C THR U 166 -21.49 90.87 -63.25
N THR U 167 -20.73 90.45 -64.27
CA THR U 167 -20.69 89.07 -64.70
C THR U 167 -19.85 88.24 -63.73
N TYR U 168 -20.45 87.19 -63.18
CA TYR U 168 -19.78 86.15 -62.42
C TYR U 168 -19.71 84.87 -63.28
N CYS U 169 -18.67 84.06 -63.06
CA CYS U 169 -18.51 82.78 -63.74
C CYS U 169 -18.62 81.65 -62.72
N ILE U 170 -19.44 80.64 -62.99
CA ILE U 170 -19.77 79.63 -62.00
C ILE U 170 -19.42 78.24 -62.51
N GLN U 171 -19.00 77.37 -61.58
CA GLN U 171 -18.69 75.97 -61.81
C GLN U 171 -19.29 75.12 -60.71
N VAL U 172 -19.50 73.83 -61.01
CA VAL U 172 -20.04 72.90 -60.02
C VAL U 172 -19.35 71.55 -60.17
N GLN U 173 -19.27 70.82 -59.05
CA GLN U 173 -18.77 69.45 -59.03
C GLN U 173 -19.47 68.66 -57.94
N GLY U 174 -19.56 67.36 -58.15
CA GLY U 174 -19.99 66.46 -57.11
C GLY U 174 -18.78 66.05 -56.30
N PHE U 175 -18.97 65.77 -55.02
CA PHE U 175 -17.90 65.21 -54.19
C PHE U 175 -18.56 64.50 -53.02
N LEU U 176 -17.77 63.73 -52.28
CA LEU U 176 -18.28 63.00 -51.13
C LEU U 176 -17.76 63.67 -49.87
N LEU U 177 -18.65 63.90 -48.92
CA LEU U 177 -18.27 64.60 -47.70
C LEU U 177 -17.34 63.71 -46.89
N ASP U 178 -16.09 64.16 -46.74
CA ASP U 178 -15.13 63.49 -45.87
C ASP U 178 -14.72 62.11 -46.35
N GLN U 179 -14.82 61.81 -47.65
CA GLN U 179 -14.30 60.54 -48.15
C GLN U 179 -13.22 60.78 -49.18
N GLN U 180 -12.50 61.90 -49.03
CA GLN U 180 -11.48 62.39 -49.94
C GLN U 180 -11.67 61.90 -51.38
N ARG U 181 -12.89 62.11 -51.92
CA ARG U 181 -13.19 61.81 -53.33
C ARG U 181 -13.88 62.98 -54.01
N THR U 182 -13.22 63.57 -54.99
CA THR U 182 -13.78 64.67 -55.76
C THR U 182 -14.15 64.23 -57.16
N GLY U 183 -15.29 64.70 -57.66
CA GLY U 183 -15.67 64.51 -59.04
C GLY U 183 -15.17 65.65 -59.93
N GLU U 184 -15.48 65.54 -61.23
CA GLU U 184 -15.00 66.50 -62.22
C GLU U 184 -15.80 67.80 -62.22
N TRP U 185 -15.10 68.91 -62.41
CA TRP U 185 -15.82 70.17 -62.47
C TRP U 185 -16.63 70.30 -63.75
N SER U 186 -17.70 71.06 -63.66
CA SER U 186 -18.45 71.38 -64.85
C SER U 186 -17.68 72.46 -65.59
N GLU U 187 -18.13 72.81 -66.83
CA GLU U 187 -17.41 73.90 -67.47
C GLU U 187 -17.95 75.24 -66.98
N PRO U 188 -17.09 76.20 -66.69
CA PRO U 188 -17.57 77.47 -66.15
C PRO U 188 -18.54 78.15 -67.11
N ILE U 189 -19.66 78.54 -66.57
CA ILE U 189 -20.63 79.37 -67.27
C ILE U 189 -20.65 80.74 -66.62
N CYS U 190 -20.79 81.77 -67.43
CA CYS U 190 -20.82 83.11 -66.88
C CYS U 190 -22.21 83.72 -67.02
N GLU U 191 -22.64 84.45 -65.99
CA GLU U 191 -23.92 85.12 -65.99
C GLU U 191 -23.77 86.50 -65.37
N ARG U 192 -24.55 87.44 -65.87
CA ARG U 192 -24.53 88.80 -65.36
C ARG U 192 -25.61 89.00 -64.30
N THR U 193 -25.30 89.76 -63.26
CA THR U 193 -26.31 89.91 -62.20
C THR U 193 -27.43 90.85 -62.61
N GLY U 194 -27.14 91.90 -63.34
CA GLY U 194 -28.28 92.75 -63.64
C GLY U 194 -29.00 93.39 -62.43
N ASN U 195 -30.27 93.71 -62.66
CA ASN U 195 -31.14 94.33 -61.66
C ASN U 195 -32.62 94.27 -62.06
N ARG V 6 -34.88 -52.90 33.30
CA ARG V 6 -33.78 -51.93 33.21
C ARG V 6 -33.92 -51.08 31.93
N CYS V 7 -32.78 -50.55 31.47
CA CYS V 7 -32.71 -49.69 30.29
C CYS V 7 -31.49 -50.05 29.46
N LYS V 8 -31.75 -50.63 28.29
CA LYS V 8 -30.73 -51.11 27.37
C LYS V 8 -31.06 -50.67 25.95
N LEU V 9 -30.04 -50.59 25.11
CA LEU V 9 -30.22 -50.40 23.68
C LEU V 9 -29.90 -51.67 22.90
N HIS V 10 -30.53 -51.82 21.74
CA HIS V 10 -30.22 -52.98 20.94
C HIS V 10 -28.92 -52.68 20.18
N VAL V 11 -28.09 -53.72 20.00
CA VAL V 11 -26.77 -53.56 19.40
C VAL V 11 -26.88 -53.06 17.97
N ARG V 12 -27.97 -53.38 17.28
CA ARG V 12 -28.18 -52.91 15.91
C ARG V 12 -28.12 -51.39 15.82
N ASN V 13 -28.46 -50.69 16.92
CA ASN V 13 -28.41 -49.23 16.96
C ASN V 13 -26.98 -48.70 16.79
N PHE V 14 -25.97 -49.53 17.05
CA PHE V 14 -24.60 -49.10 16.88
C PHE V 14 -23.90 -49.86 15.76
N GLN V 15 -24.65 -50.51 14.85
CA GLN V 15 -24.01 -51.33 13.83
C GLN V 15 -24.31 -50.87 12.41
N SER V 16 -24.81 -49.63 12.24
CA SER V 16 -25.03 -49.11 10.90
C SER V 16 -23.79 -48.38 10.39
N PRO V 17 -23.11 -48.90 9.37
CA PRO V 17 -21.91 -48.25 8.84
C PRO V 17 -22.14 -46.83 8.35
N TYR V 18 -23.34 -46.52 7.85
CA TYR V 18 -23.60 -45.14 7.46
C TYR V 18 -23.48 -44.22 8.68
N ILE V 19 -24.28 -44.47 9.71
CA ILE V 19 -24.26 -43.58 10.85
C ILE V 19 -22.92 -43.63 11.56
N VAL V 20 -22.26 -44.79 11.55
CA VAL V 20 -20.99 -44.87 12.24
C VAL V 20 -19.94 -44.04 11.53
N ASN V 21 -19.89 -44.16 10.21
CA ASN V 21 -18.97 -43.36 9.43
C ASN V 21 -19.22 -41.86 9.63
N ARG V 22 -20.50 -41.42 9.69
CA ARG V 22 -20.80 -39.99 9.72
C ARG V 22 -20.47 -39.42 11.09
N THR V 23 -20.84 -40.17 12.14
CA THR V 23 -20.53 -39.74 13.49
C THR V 23 -19.04 -39.65 13.70
N PHE V 24 -18.28 -40.67 13.24
CA PHE V 24 -16.86 -40.67 13.57
C PHE V 24 -16.08 -39.66 12.73
N MET V 25 -16.56 -39.40 11.53
CA MET V 25 -15.95 -38.36 10.73
C MET V 25 -16.22 -36.98 11.32
N LEU V 26 -17.37 -36.81 11.98
CA LEU V 26 -17.65 -35.54 12.66
C LEU V 26 -16.69 -35.28 13.81
N ALA V 27 -16.51 -36.28 14.67
CA ALA V 27 -15.59 -36.13 15.79
C ALA V 27 -14.15 -35.89 15.32
N LYS V 28 -13.77 -36.50 14.18
CA LYS V 28 -12.41 -36.32 13.69
C LYS V 28 -12.14 -34.86 13.39
N GLU V 29 -13.06 -34.22 12.64
CA GLU V 29 -12.87 -32.85 12.21
C GLU V 29 -12.88 -31.89 13.40
N ALA V 30 -13.73 -32.14 14.40
CA ALA V 30 -13.70 -31.28 15.56
C ALA V 30 -12.44 -31.53 16.38
N SER V 31 -11.99 -32.81 16.48
CA SER V 31 -10.85 -33.08 17.35
C SER V 31 -9.57 -32.45 16.81
N LEU V 32 -9.47 -32.33 15.48
CA LEU V 32 -8.36 -31.63 14.85
C LEU V 32 -8.30 -30.17 15.29
N ALA V 33 -9.44 -29.55 15.55
CA ALA V 33 -9.51 -28.19 16.06
C ALA V 33 -9.45 -28.14 17.59
N ASP V 34 -9.13 -29.25 18.25
CA ASP V 34 -9.09 -29.35 19.70
C ASP V 34 -7.67 -29.74 20.12
N GLN V 35 -6.91 -28.78 20.61
CA GLN V 35 -5.54 -29.00 21.05
C GLN V 35 -5.42 -29.08 22.56
N ASN V 36 -6.53 -29.33 23.24
CA ASN V 36 -6.53 -29.53 24.68
C ASN V 36 -6.41 -31.03 24.97
N THR V 37 -5.18 -31.54 25.02
CA THR V 37 -5.02 -32.95 25.38
C THR V 37 -5.23 -33.23 26.86
N ASP V 38 -5.28 -32.20 27.70
CA ASP V 38 -5.22 -32.44 29.15
C ASP V 38 -6.58 -32.76 29.77
N VAL V 39 -7.67 -32.24 29.20
CA VAL V 39 -9.01 -32.39 29.77
C VAL V 39 -9.82 -33.27 28.84
N ARG V 40 -10.45 -34.31 29.37
CA ARG V 40 -11.25 -35.24 28.57
C ARG V 40 -12.65 -35.35 29.16
N LEU V 41 -13.66 -35.20 28.31
CA LEU V 41 -15.04 -35.13 28.78
C LEU V 41 -15.55 -36.51 29.18
N ILE V 42 -15.65 -37.42 28.20
CA ILE V 42 -16.19 -38.76 28.45
C ILE V 42 -14.97 -39.58 28.86
N GLY V 43 -14.65 -39.53 30.14
CA GLY V 43 -13.46 -40.23 30.57
C GLY V 43 -13.59 -40.83 31.92
N GLU V 44 -12.48 -41.29 32.48
CA GLU V 44 -12.53 -41.94 33.79
C GLU V 44 -13.05 -40.99 34.86
N LYS V 45 -12.92 -39.67 34.67
CA LYS V 45 -13.59 -38.74 35.56
C LYS V 45 -15.10 -38.87 35.42
N LEU V 46 -15.59 -39.29 34.25
CA LEU V 46 -17.03 -39.43 34.08
C LEU V 46 -17.56 -40.73 34.66
N PHE V 47 -16.79 -41.81 34.60
CA PHE V 47 -17.28 -43.09 35.06
C PHE V 47 -16.86 -43.35 36.50
N ARG V 48 -16.41 -42.33 37.20
CA ARG V 48 -15.86 -42.46 38.53
C ARG V 48 -16.95 -42.91 39.49
N GLY V 49 -16.90 -44.19 39.90
CA GLY V 49 -17.79 -44.72 40.93
C GLY V 49 -19.24 -44.83 40.53
N VAL V 50 -19.46 -45.36 39.35
CA VAL V 50 -20.78 -45.56 38.76
C VAL V 50 -20.91 -47.04 38.47
N SER V 51 -21.83 -47.69 39.18
CA SER V 51 -22.14 -49.11 38.99
C SER V 51 -22.18 -49.47 37.51
N ALA V 52 -21.91 -50.73 37.19
CA ALA V 52 -21.90 -51.11 35.77
C ALA V 52 -23.31 -51.08 35.19
N LYS V 53 -24.31 -51.46 35.99
CA LYS V 53 -25.70 -51.37 35.57
C LYS V 53 -26.19 -49.93 35.46
N ASP V 54 -25.49 -49.00 36.12
CA ASP V 54 -25.81 -47.57 36.10
C ASP V 54 -25.13 -46.79 34.97
N GLN V 55 -24.21 -47.41 34.23
CA GLN V 55 -23.43 -46.66 33.26
C GLN V 55 -24.27 -46.24 32.08
N CYS V 56 -25.28 -47.04 31.72
CA CYS V 56 -26.13 -46.64 30.62
C CYS V 56 -26.93 -45.39 30.98
N TYR V 57 -27.55 -45.38 32.17
CA TYR V 57 -28.21 -44.16 32.64
C TYR V 57 -27.22 -43.02 32.73
N LEU V 58 -26.01 -43.28 33.20
CA LEU V 58 -25.04 -42.21 33.22
C LEU V 58 -24.87 -41.66 31.81
N MET V 59 -24.83 -42.56 30.82
CA MET V 59 -24.68 -42.15 29.44
C MET V 59 -25.95 -41.49 28.86
N LYS V 60 -27.13 -41.84 29.36
CA LYS V 60 -28.34 -41.10 28.96
C LYS V 60 -28.30 -39.63 29.39
N GLN V 61 -27.70 -39.36 30.56
CA GLN V 61 -27.65 -37.96 31.02
C GLN V 61 -26.63 -37.16 30.24
N VAL V 62 -25.50 -37.79 29.93
CA VAL V 62 -24.50 -37.11 29.11
C VAL V 62 -24.98 -36.96 27.67
N LEU V 63 -25.73 -37.94 27.14
CA LEU V 63 -26.26 -37.80 25.79
C LEU V 63 -27.32 -36.69 25.75
N GLN V 64 -28.24 -36.69 26.71
CA GLN V 64 -29.24 -35.62 26.71
C GLN V 64 -28.59 -34.26 26.92
N PHE V 65 -27.49 -34.19 27.69
CA PHE V 65 -26.81 -32.91 27.84
C PHE V 65 -26.18 -32.45 26.54
N THR V 66 -25.39 -33.34 25.93
CA THR V 66 -24.65 -32.94 24.74
C THR V 66 -25.60 -32.52 23.63
N LEU V 67 -26.77 -33.15 23.55
CA LEU V 67 -27.70 -32.79 22.50
C LEU V 67 -28.28 -31.39 22.73
N GLU V 68 -28.80 -31.12 23.92
CA GLU V 68 -29.56 -29.88 24.08
C GLU V 68 -28.67 -28.66 24.24
N ASP V 69 -27.50 -28.81 24.84
CA ASP V 69 -26.66 -27.66 25.17
C ASP V 69 -25.44 -27.52 24.28
N VAL V 70 -25.07 -28.56 23.54
CA VAL V 70 -23.86 -28.54 22.75
C VAL V 70 -24.14 -28.69 21.27
N LEU V 71 -25.00 -29.64 20.90
CA LEU V 71 -25.22 -29.98 19.50
C LEU V 71 -26.32 -29.11 18.86
N LEU V 72 -27.41 -28.87 19.58
CA LEU V 72 -28.46 -27.99 19.05
C LEU V 72 -28.01 -26.55 18.82
N PRO V 73 -27.25 -25.91 19.73
CA PRO V 73 -26.74 -24.56 19.43
C PRO V 73 -25.75 -24.50 18.27
N GLN V 74 -25.15 -25.61 17.86
CA GLN V 74 -24.14 -25.52 16.80
C GLN V 74 -24.50 -26.34 15.58
N SER V 75 -25.78 -26.34 15.18
CA SER V 75 -26.21 -27.16 14.05
C SER V 75 -25.79 -26.54 12.73
N ASP V 76 -25.12 -25.40 12.76
CA ASP V 76 -24.69 -24.63 11.59
C ASP V 76 -23.28 -24.96 11.12
N ARG V 77 -22.40 -25.50 11.99
CA ARG V 77 -21.03 -25.86 11.61
C ARG V 77 -20.87 -27.38 11.49
N PHE V 78 -19.66 -27.80 11.13
CA PHE V 78 -19.26 -29.20 10.90
C PHE V 78 -20.25 -29.93 9.99
N GLN V 79 -20.88 -29.17 9.11
CA GLN V 79 -21.71 -29.73 8.10
C GLN V 79 -20.80 -30.45 7.11
N PRO V 80 -21.34 -31.37 6.29
CA PRO V 80 -22.71 -31.87 6.22
C PRO V 80 -23.09 -32.90 7.28
N TYR V 81 -22.19 -33.25 8.22
CA TYR V 81 -22.43 -34.43 9.04
C TYR V 81 -23.43 -34.17 10.15
N MET V 82 -23.36 -33.01 10.79
CA MET V 82 -24.27 -32.72 11.87
C MET V 82 -25.72 -32.96 11.49
N TRP V 83 -26.06 -32.69 10.24
CA TRP V 83 -27.45 -32.87 9.82
C TRP V 83 -27.86 -34.34 9.95
N GLU V 84 -26.96 -35.28 9.65
CA GLU V 84 -27.34 -36.68 9.83
C GLU V 84 -27.08 -37.16 11.23
N VAL V 85 -26.15 -36.56 11.94
CA VAL V 85 -25.71 -37.11 13.21
C VAL V 85 -26.71 -36.81 14.32
N VAL V 86 -27.16 -35.58 14.47
CA VAL V 86 -28.02 -35.28 15.62
C VAL V 86 -29.39 -35.97 15.53
N PRO V 87 -30.03 -36.14 14.39
CA PRO V 87 -31.29 -36.90 14.42
C PRO V 87 -31.09 -38.31 14.86
N PHE V 88 -29.91 -38.88 14.58
CA PHE V 88 -29.56 -40.21 15.04
C PHE V 88 -29.34 -40.20 16.55
N LEU V 89 -28.56 -39.23 17.06
CA LEU V 89 -28.35 -39.15 18.51
C LEU V 89 -29.67 -38.94 19.24
N THR V 90 -30.58 -38.18 18.63
CA THR V 90 -31.91 -38.01 19.20
C THR V 90 -32.69 -39.31 19.19
N LYS V 91 -32.58 -40.09 18.09
CA LYS V 91 -33.26 -41.38 18.07
C LYS V 91 -32.73 -42.26 19.19
N LEU V 92 -31.50 -42.02 19.60
CA LEU V 92 -30.90 -42.82 20.66
C LEU V 92 -31.35 -42.28 22.01
N SER V 93 -31.47 -40.95 22.14
CA SER V 93 -31.99 -40.38 23.36
C SER V 93 -33.46 -40.74 23.56
N ASN V 94 -34.23 -40.82 22.47
CA ASN V 94 -35.65 -41.16 22.59
C ASN V 94 -35.83 -42.62 22.97
N LYS V 95 -34.96 -43.50 22.49
CA LYS V 95 -35.02 -44.90 22.88
C LYS V 95 -34.72 -45.07 24.37
N LEU V 96 -33.96 -44.16 24.96
CA LEU V 96 -33.58 -44.27 26.37
C LEU V 96 -34.48 -43.48 27.32
N SER V 97 -35.62 -42.98 26.85
CA SER V 97 -36.47 -42.16 27.73
C SER V 97 -36.96 -42.91 28.96
N SER V 98 -37.21 -44.22 28.86
CA SER V 98 -37.70 -45.05 29.96
C SER V 98 -36.60 -45.49 30.96
N CYS V 99 -35.38 -44.96 30.86
CA CYS V 99 -34.29 -45.33 31.76
C CYS V 99 -34.31 -44.43 32.98
N HIS V 100 -34.31 -45.04 34.16
CA HIS V 100 -34.33 -44.29 35.40
C HIS V 100 -33.62 -45.13 36.46
N ILE V 101 -32.81 -44.46 37.27
CA ILE V 101 -31.99 -45.13 38.28
C ILE V 101 -32.89 -45.53 39.45
N SER V 102 -33.10 -46.84 39.63
CA SER V 102 -33.82 -47.36 40.80
C SER V 102 -32.97 -47.39 42.06
N GLY V 103 -32.21 -46.34 42.35
CA GLY V 103 -31.30 -46.38 43.46
C GLY V 103 -30.61 -45.06 43.73
N ASP V 104 -29.39 -45.14 44.27
CA ASP V 104 -28.61 -43.97 44.63
C ASP V 104 -27.99 -43.38 43.35
N ASP V 105 -28.38 -42.15 43.02
CA ASP V 105 -27.83 -41.44 41.88
C ASP V 105 -27.03 -40.22 42.33
N GLN V 106 -26.26 -40.34 43.41
CA GLN V 106 -25.44 -39.20 43.84
C GLN V 106 -24.13 -39.13 43.06
N ASN V 107 -23.53 -40.26 42.69
CA ASN V 107 -22.31 -40.17 41.92
C ASN V 107 -22.60 -39.83 40.48
N ILE V 108 -23.73 -40.29 39.97
CA ILE V 108 -24.12 -39.94 38.61
C ILE V 108 -24.31 -38.44 38.49
N GLN V 109 -24.99 -37.84 39.47
CA GLN V 109 -25.20 -36.41 39.40
C GLN V 109 -23.92 -35.61 39.57
N LYS V 110 -22.98 -36.10 40.38
CA LYS V 110 -21.76 -35.36 40.59
C LYS V 110 -20.84 -35.42 39.38
N ASN V 111 -20.82 -36.55 38.67
CA ASN V 111 -19.96 -36.69 37.48
C ASN V 111 -20.56 -35.98 36.27
N VAL V 112 -21.88 -36.02 36.11
CA VAL V 112 -22.52 -35.30 35.02
C VAL V 112 -22.34 -33.79 35.18
N ARG V 113 -22.36 -33.31 36.42
CA ARG V 113 -22.20 -31.87 36.66
C ARG V 113 -20.79 -31.41 36.38
N ARG V 114 -19.79 -32.20 36.80
CA ARG V 114 -18.41 -31.86 36.49
C ARG V 114 -18.21 -31.83 34.98
N LEU V 115 -18.97 -32.65 34.26
CA LEU V 115 -18.94 -32.63 32.79
C LEU V 115 -19.51 -31.33 32.26
N LYS V 116 -20.73 -30.99 32.70
CA LYS V 116 -21.37 -29.75 32.26
C LYS V 116 -20.60 -28.54 32.75
N GLU V 117 -19.92 -28.64 33.90
CA GLU V 117 -19.17 -27.51 34.40
C GLU V 117 -17.91 -27.30 33.58
N THR V 118 -17.28 -28.39 33.18
CA THR V 118 -16.06 -28.28 32.39
C THR V 118 -16.34 -27.66 31.02
N VAL V 119 -17.44 -28.04 30.37
CA VAL V 119 -17.77 -27.52 29.04
C VAL V 119 -18.09 -26.04 29.13
N LYS V 120 -18.76 -25.62 30.19
CA LYS V 120 -19.07 -24.21 30.30
C LYS V 120 -17.89 -23.39 30.76
N LYS V 121 -16.92 -23.99 31.48
CA LYS V 121 -15.73 -23.22 31.84
C LYS V 121 -14.79 -23.01 30.65
N LEU V 122 -14.90 -23.82 29.60
CA LEU V 122 -14.07 -23.67 28.42
C LEU V 122 -14.80 -23.01 27.27
N GLY V 123 -15.93 -22.37 27.54
CA GLY V 123 -16.76 -21.74 26.53
C GLY V 123 -16.91 -22.53 25.25
N GLU V 124 -16.64 -21.86 24.13
CA GLU V 124 -16.86 -22.45 22.83
C GLU V 124 -15.90 -23.61 22.57
N SER V 125 -14.67 -23.53 23.09
CA SER V 125 -13.76 -24.65 22.90
C SER V 125 -14.34 -25.89 23.56
N GLY V 126 -15.07 -25.71 24.66
CA GLY V 126 -15.72 -26.84 25.30
C GLY V 126 -16.80 -27.48 24.46
N GLU V 127 -17.51 -26.68 23.67
CA GLU V 127 -18.54 -27.29 22.85
C GLU V 127 -17.92 -28.07 21.70
N ILE V 128 -16.82 -27.57 21.13
CA ILE V 128 -16.24 -28.34 20.03
C ILE V 128 -15.58 -29.58 20.58
N LYS V 129 -15.07 -29.50 21.82
CA LYS V 129 -14.53 -30.69 22.44
C LYS V 129 -15.60 -31.77 22.58
N ALA V 130 -16.80 -31.39 23.01
CA ALA V 130 -17.85 -32.38 23.15
C ALA V 130 -18.11 -33.08 21.83
N ILE V 131 -18.13 -32.32 20.74
CA ILE V 131 -18.36 -32.86 19.41
C ILE V 131 -17.16 -33.69 18.97
N GLY V 132 -15.94 -33.23 19.29
CA GLY V 132 -14.77 -34.04 19.02
C GLY V 132 -14.70 -35.35 19.80
N GLU V 133 -15.53 -35.51 20.83
CA GLU V 133 -15.63 -36.76 21.59
C GLU V 133 -16.90 -37.53 21.24
N LEU V 134 -17.58 -37.15 20.16
CA LEU V 134 -18.78 -37.92 19.79
C LEU V 134 -18.46 -39.38 19.46
N ASP V 135 -17.19 -39.71 19.13
CA ASP V 135 -16.78 -41.12 19.00
C ASP V 135 -16.73 -41.80 20.36
N LEU V 136 -16.14 -41.13 21.34
CA LEU V 136 -16.21 -41.62 22.70
C LEU V 136 -17.66 -41.77 23.15
N LEU V 137 -18.51 -40.82 22.77
CA LEU V 137 -19.90 -40.90 23.18
C LEU V 137 -20.56 -42.12 22.60
N PHE V 138 -20.46 -42.27 21.27
CA PHE V 138 -21.06 -43.41 20.58
C PHE V 138 -20.58 -44.72 21.19
N MET V 139 -19.27 -44.83 21.40
CA MET V 139 -18.76 -46.10 21.91
C MET V 139 -19.14 -46.33 23.36
N SER V 140 -19.18 -45.27 24.18
CA SER V 140 -19.60 -45.45 25.57
C SER V 140 -21.08 -45.82 25.63
N LEU V 141 -21.86 -45.21 24.76
CA LEU V 141 -23.27 -45.59 24.72
C LEU V 141 -23.40 -47.06 24.41
N ARG V 142 -22.57 -47.57 23.49
CA ARG V 142 -22.61 -48.98 23.12
C ARG V 142 -22.18 -49.88 24.29
N ASN V 143 -21.03 -49.59 24.89
CA ASN V 143 -20.46 -50.48 25.90
C ASN V 143 -21.30 -50.50 27.17
N ALA V 144 -22.03 -49.43 27.46
CA ALA V 144 -22.77 -49.31 28.70
C ALA V 144 -24.21 -49.82 28.61
N CYS V 145 -24.81 -49.83 27.42
CA CYS V 145 -26.23 -50.11 27.27
C CYS V 145 -26.53 -51.39 26.50
N VAL V 146 -25.52 -52.23 26.23
CA VAL V 146 -25.72 -53.49 25.50
C VAL V 146 -25.01 -54.66 26.21
N LEU W 1 -9.25 27.70 -29.43
CA LEU W 1 -7.83 27.93 -29.13
C LEU W 1 -6.89 27.10 -29.97
N LEU W 2 -6.27 27.77 -30.93
CA LEU W 2 -5.29 27.18 -31.84
C LEU W 2 -3.92 27.79 -31.59
N GLN W 3 -2.87 26.97 -31.63
CA GLN W 3 -1.53 27.44 -31.27
C GLN W 3 -0.48 26.65 -32.06
N HIS W 4 0.71 27.24 -32.12
CA HIS W 4 1.93 26.60 -32.67
C HIS W 4 1.72 26.11 -34.10
N VAL W 5 1.11 26.95 -34.95
CA VAL W 5 0.85 26.61 -36.35
C VAL W 5 2.08 26.93 -37.20
N LYS W 6 2.80 25.89 -37.63
CA LYS W 6 4.10 26.05 -38.27
C LYS W 6 4.34 24.92 -39.27
N PHE W 7 5.36 25.13 -40.09
CA PHE W 7 5.90 24.14 -41.01
C PHE W 7 7.08 23.43 -40.38
N GLN W 8 7.12 22.12 -40.54
CA GLN W 8 8.31 21.31 -40.21
C GLN W 8 8.73 20.63 -41.50
N SER W 9 9.95 20.95 -41.97
CA SER W 9 10.45 20.58 -43.30
C SER W 9 11.76 19.79 -43.24
N SER W 10 11.78 18.61 -43.86
CA SER W 10 12.98 17.77 -43.90
C SER W 10 13.10 17.14 -45.28
N ASN W 11 14.23 17.38 -45.96
CA ASN W 11 14.49 16.95 -47.34
C ASN W 11 13.34 17.29 -48.29
N PHE W 12 12.80 18.50 -48.11
CA PHE W 12 11.78 19.06 -48.98
C PHE W 12 10.48 18.31 -48.87
N GLU W 13 10.34 17.60 -47.76
CA GLU W 13 9.08 17.02 -47.31
C GLU W 13 8.52 18.06 -46.32
N ASN W 14 7.43 18.68 -46.67
CA ASN W 14 6.95 19.84 -45.95
C ASN W 14 5.65 19.46 -45.28
N ILE W 15 5.71 19.26 -43.99
CA ILE W 15 4.54 18.82 -43.24
C ILE W 15 4.12 19.99 -42.37
N LEU W 16 2.85 20.34 -42.44
CA LEU W 16 2.29 21.41 -41.66
C LEU W 16 1.81 20.83 -40.34
N THR W 17 2.27 21.43 -39.24
CA THR W 17 1.91 20.96 -37.93
C THR W 17 1.40 22.12 -37.08
N TRP W 18 0.51 21.80 -36.14
CA TRP W 18 -0.07 22.72 -35.18
C TRP W 18 -0.42 21.93 -33.93
N ASP W 19 -0.94 22.62 -32.93
CA ASP W 19 -1.25 21.99 -31.65
C ASP W 19 -2.63 22.38 -31.16
N GLY W 20 -3.18 21.52 -30.30
CA GLY W 20 -4.40 21.81 -29.58
C GLY W 20 -4.13 22.78 -28.44
N GLY W 21 -5.15 22.95 -27.61
CA GLY W 21 -5.04 23.92 -26.54
C GLY W 21 -5.53 23.42 -25.20
N PRO W 22 -5.77 24.37 -24.26
CA PRO W 22 -6.40 24.03 -22.97
C PRO W 22 -7.85 23.61 -23.17
N ALA W 23 -8.23 23.48 -24.44
CA ALA W 23 -9.53 22.96 -24.89
C ALA W 23 -9.23 21.92 -25.98
N SER W 24 -8.59 20.82 -25.56
CA SER W 24 -8.08 19.77 -26.46
C SER W 24 -9.17 19.04 -27.25
N THR W 25 -8.84 17.79 -27.64
CA THR W 25 -9.69 17.00 -28.53
C THR W 25 -11.05 16.73 -27.91
N SER W 26 -12.06 17.34 -28.51
CA SER W 26 -13.42 17.33 -28.02
C SER W 26 -14.35 17.59 -29.20
N ASP W 27 -14.08 16.91 -30.31
CA ASP W 27 -14.89 16.94 -31.52
C ASP W 27 -14.65 18.21 -32.34
N THR W 28 -13.57 18.92 -32.03
CA THR W 28 -13.15 20.11 -32.76
C THR W 28 -12.34 19.72 -33.99
N VAL W 29 -12.68 20.29 -35.15
CA VAL W 29 -12.04 19.95 -36.41
C VAL W 29 -11.25 21.15 -36.92
N TYR W 30 -10.32 20.88 -37.87
CA TYR W 30 -9.39 21.87 -38.40
C TYR W 30 -9.39 21.83 -39.93
N SER W 31 -9.38 23.01 -40.58
CA SER W 31 -9.29 23.15 -42.03
C SER W 31 -8.04 23.90 -42.45
N VAL W 32 -7.36 23.39 -43.48
CA VAL W 32 -6.06 23.90 -43.93
C VAL W 32 -6.23 24.64 -45.25
N GLU W 33 -5.59 25.82 -45.34
CA GLU W 33 -5.55 26.61 -46.55
C GLU W 33 -4.11 27.04 -46.79
N TYR W 34 -3.71 27.07 -48.05
CA TYR W 34 -2.35 27.42 -48.45
C TYR W 34 -2.39 28.33 -49.65
N LYS W 35 -1.29 29.07 -49.84
CA LYS W 35 -1.16 29.95 -50.98
C LYS W 35 0.32 30.21 -51.23
N LYS W 36 0.62 30.55 -52.46
CA LYS W 36 1.93 30.97 -52.86
C LYS W 36 2.02 32.47 -52.59
N TYR W 37 3.14 32.90 -52.01
CA TYR W 37 3.26 34.29 -51.58
C TYR W 37 3.06 35.26 -52.73
N GLY W 38 2.31 36.33 -52.46
CA GLY W 38 1.95 37.30 -53.47
C GLY W 38 0.63 37.11 -54.14
N GLU W 39 -0.20 36.20 -53.66
CA GLU W 39 -1.55 36.01 -54.20
C GLU W 39 -2.64 36.32 -53.18
N ARG W 40 -3.82 36.62 -53.70
CA ARG W 40 -4.95 36.93 -52.83
C ARG W 40 -5.77 35.70 -52.49
N LYS W 41 -5.95 34.79 -53.45
CA LYS W 41 -6.76 33.60 -53.24
C LYS W 41 -6.02 32.57 -52.40
N TRP W 42 -6.69 32.09 -51.36
CA TRP W 42 -6.17 31.01 -50.53
C TRP W 42 -6.74 29.68 -50.99
N LEU W 43 -5.87 28.77 -51.45
CA LEU W 43 -6.35 27.48 -51.88
C LEU W 43 -6.58 26.55 -50.69
N ALA W 44 -7.46 25.57 -50.87
CA ALA W 44 -7.83 24.65 -49.81
C ALA W 44 -7.25 23.27 -50.08
N LYS W 45 -6.53 22.71 -49.10
CA LYS W 45 -5.95 21.38 -49.23
C LYS W 45 -7.03 20.33 -49.08
N ALA W 46 -7.23 19.51 -50.12
CA ALA W 46 -8.35 18.57 -50.14
C ALA W 46 -8.24 17.53 -49.04
N GLY W 47 -7.04 17.04 -48.74
CA GLY W 47 -6.93 15.95 -47.78
C GLY W 47 -7.30 16.39 -46.37
N CYS W 48 -6.95 17.63 -46.02
CA CYS W 48 -7.05 18.13 -44.66
C CYS W 48 -8.19 19.14 -44.57
N GLN W 49 -9.43 18.63 -44.58
CA GLN W 49 -10.62 19.47 -44.52
C GLN W 49 -11.53 18.98 -43.39
N ARG W 50 -11.69 19.81 -42.36
CA ARG W 50 -12.50 19.50 -41.17
C ARG W 50 -12.02 18.20 -40.53
N ILE W 51 -10.72 18.15 -40.24
CA ILE W 51 -10.10 16.94 -39.71
C ILE W 51 -9.76 17.18 -38.25
N THR W 52 -9.66 16.08 -37.50
CA THR W 52 -9.32 16.13 -36.09
C THR W 52 -7.81 16.09 -35.84
N GLN W 53 -7.03 15.71 -36.85
CA GLN W 53 -5.60 15.51 -36.72
C GLN W 53 -4.87 16.82 -36.62
N LYS W 54 -3.60 16.77 -36.22
CA LYS W 54 -2.84 17.99 -36.01
C LYS W 54 -1.62 18.08 -36.92
N PHE W 55 -1.74 17.56 -38.15
CA PHE W 55 -0.69 17.66 -39.17
C PHE W 55 -1.32 17.49 -40.55
N CYS W 56 -0.63 18.00 -41.56
CA CYS W 56 -1.10 17.95 -42.93
C CYS W 56 0.10 18.08 -43.88
N ASP W 57 0.22 17.12 -44.79
CA ASP W 57 1.39 17.01 -45.67
C ASP W 57 1.18 17.88 -46.91
N LEU W 58 1.86 19.02 -46.98
CA LEU W 58 1.72 19.92 -48.13
C LEU W 58 2.92 19.82 -49.07
N THR W 59 3.58 18.66 -49.09
CA THR W 59 4.76 18.51 -49.93
C THR W 59 4.42 18.75 -51.40
N MET W 60 3.37 18.12 -51.89
CA MET W 60 2.97 18.33 -53.27
C MET W 60 2.62 19.78 -53.55
N GLU W 61 2.06 20.50 -52.56
CA GLU W 61 1.56 21.86 -52.71
C GLU W 61 2.62 22.96 -52.63
N THR W 62 3.77 22.68 -52.03
CA THR W 62 4.88 23.64 -51.89
C THR W 62 6.15 23.08 -52.53
N ARG W 63 6.00 22.51 -53.73
CA ARG W 63 7.00 21.68 -54.39
C ARG W 63 8.15 22.48 -54.98
N ASP W 64 7.96 23.77 -55.24
CA ASP W 64 9.00 24.62 -55.80
C ASP W 64 9.88 25.17 -54.67
N HIS W 65 11.12 24.67 -54.55
CA HIS W 65 11.99 25.05 -53.45
C HIS W 65 12.49 26.49 -53.56
N GLN W 66 12.34 27.12 -54.72
CA GLN W 66 12.74 28.51 -54.88
C GLN W 66 11.58 29.45 -54.65
N GLU W 67 10.44 28.90 -54.25
CA GLU W 67 9.21 29.64 -54.05
C GLU W 67 9.04 29.97 -52.56
N PHE W 68 7.99 30.72 -52.29
CA PHE W 68 7.67 31.19 -50.96
C PHE W 68 6.21 30.93 -50.74
N TYR W 69 5.87 30.32 -49.60
CA TYR W 69 4.50 29.93 -49.37
C TYR W 69 4.06 30.40 -48.00
N TYR W 70 2.76 30.34 -47.79
CA TYR W 70 2.16 30.62 -46.50
C TYR W 70 1.07 29.58 -46.32
N ALA W 71 0.75 29.29 -45.07
CA ALA W 71 -0.36 28.41 -44.79
C ALA W 71 -1.05 28.97 -43.56
N LYS W 72 -2.34 28.64 -43.43
CA LYS W 72 -3.12 29.03 -42.28
C LYS W 72 -3.99 27.84 -41.90
N VAL W 73 -4.25 27.68 -40.60
CA VAL W 73 -5.13 26.62 -40.10
C VAL W 73 -6.23 27.25 -39.28
N THR W 74 -7.47 26.84 -39.55
CA THR W 74 -8.68 27.34 -38.90
C THR W 74 -9.30 26.26 -38.01
N ALA W 75 -9.44 26.55 -36.70
CA ALA W 75 -10.00 25.64 -35.71
C ALA W 75 -11.41 26.07 -35.33
N VAL W 76 -12.36 25.16 -35.45
CA VAL W 76 -13.75 25.39 -35.05
C VAL W 76 -14.09 24.41 -33.95
N SER W 77 -14.65 24.93 -32.86
CA SER W 77 -14.97 24.08 -31.74
C SER W 77 -16.46 23.88 -31.54
N ALA W 78 -17.30 24.59 -32.29
CA ALA W 78 -18.76 24.52 -32.18
C ALA W 78 -19.21 24.92 -30.77
N GLY W 79 -18.33 25.61 -30.06
CA GLY W 79 -18.54 26.11 -28.71
C GLY W 79 -17.92 27.49 -28.71
N GLY W 80 -17.51 27.94 -29.90
CA GLY W 80 -16.90 29.22 -30.09
C GLY W 80 -16.68 29.50 -31.56
N PRO W 81 -16.31 30.74 -31.88
CA PRO W 81 -16.21 31.17 -33.28
C PRO W 81 -15.01 30.52 -33.95
N PRO W 82 -14.83 30.70 -35.27
CA PRO W 82 -13.65 30.10 -35.90
C PRO W 82 -12.42 30.94 -35.64
N VAL W 83 -11.31 30.26 -35.39
CA VAL W 83 -10.01 30.87 -35.14
C VAL W 83 -9.03 30.37 -36.19
N THR W 84 -8.38 31.29 -36.90
CA THR W 84 -7.44 30.99 -37.97
C THR W 84 -6.09 31.63 -37.67
N LYS W 85 -5.02 30.81 -37.56
CA LYS W 85 -3.66 31.30 -37.38
C LYS W 85 -2.81 30.77 -38.53
N MET W 86 -1.97 31.64 -39.10
CA MET W 86 -1.17 31.27 -40.27
C MET W 86 0.31 31.15 -39.90
N THR W 87 1.11 30.71 -40.86
CA THR W 87 2.52 30.43 -40.63
C THR W 87 3.37 31.60 -41.06
N ASP W 88 4.62 31.55 -40.63
CA ASP W 88 5.56 32.50 -41.18
C ASP W 88 5.81 32.13 -42.64
N ARG W 89 6.35 33.08 -43.39
CA ARG W 89 6.75 32.83 -44.77
C ARG W 89 7.65 31.61 -44.78
N PHE W 90 7.25 30.60 -45.55
CA PHE W 90 7.99 29.36 -45.69
C PHE W 90 8.71 29.33 -47.06
N SER W 91 10.01 29.01 -47.03
CA SER W 91 10.79 28.68 -48.24
C SER W 91 11.58 27.40 -47.99
N SER W 92 11.25 26.35 -48.76
CA SER W 92 11.87 25.05 -48.47
C SER W 92 13.37 25.14 -48.56
N LEU W 93 13.89 25.84 -49.56
CA LEU W 93 15.33 25.92 -49.74
C LEU W 93 16.03 26.38 -48.46
N GLN W 94 15.48 27.39 -47.78
CA GLN W 94 16.20 27.93 -46.62
C GLN W 94 15.78 27.34 -45.28
N HIS W 95 14.57 26.82 -45.18
CA HIS W 95 14.01 26.40 -43.91
C HIS W 95 14.02 24.90 -43.71
N THR W 96 14.33 24.13 -44.75
CA THR W 96 14.30 22.68 -44.68
C THR W 96 15.55 22.19 -43.93
N THR W 97 15.40 21.13 -43.16
CA THR W 97 16.54 20.49 -42.53
C THR W 97 16.96 19.34 -43.41
N ILE W 98 18.20 18.89 -43.23
CA ILE W 98 18.72 17.75 -43.99
C ILE W 98 18.59 16.49 -43.14
N LYS W 99 17.86 15.50 -43.66
CA LYS W 99 17.85 14.18 -43.03
C LYS W 99 19.24 13.56 -43.13
N PRO W 100 19.61 12.68 -42.19
CA PRO W 100 20.92 12.06 -42.22
C PRO W 100 21.12 11.29 -43.52
N PRO W 101 22.36 11.18 -43.99
CA PRO W 101 22.57 10.46 -45.26
C PRO W 101 22.33 8.96 -45.16
N ASP W 102 21.95 8.37 -46.32
CA ASP W 102 21.67 6.94 -46.47
C ASP W 102 23.00 6.23 -46.70
N VAL W 103 23.46 5.47 -45.70
CA VAL W 103 24.83 4.95 -45.74
C VAL W 103 24.88 3.44 -45.56
N THR W 104 25.87 2.83 -46.21
CA THR W 104 26.18 1.44 -45.90
C THR W 104 27.63 1.34 -45.43
N CYS W 105 27.80 0.89 -44.20
CA CYS W 105 29.11 0.66 -43.64
C CYS W 105 29.46 -0.80 -43.90
N ILE W 106 30.66 -1.02 -44.42
CA ILE W 106 31.11 -2.36 -44.74
C ILE W 106 32.34 -2.65 -43.91
N PRO W 107 32.23 -3.58 -42.97
CA PRO W 107 33.41 -3.93 -42.16
C PRO W 107 34.38 -4.72 -43.02
N LYS W 108 35.62 -4.27 -43.01
CA LYS W 108 36.69 -4.95 -43.73
C LYS W 108 37.68 -5.50 -42.70
N VAL W 109 38.72 -6.17 -43.19
CA VAL W 109 39.70 -6.76 -42.29
C VAL W 109 40.60 -5.69 -41.70
N ARG W 110 41.12 -4.78 -42.54
CA ARG W 110 42.01 -3.72 -42.08
C ARG W 110 41.47 -2.34 -42.41
N SER W 111 40.18 -2.23 -42.72
CA SER W 111 39.63 -0.95 -43.09
C SER W 111 38.14 -0.94 -42.77
N ILE W 112 37.54 0.22 -42.99
CA ILE W 112 36.11 0.36 -42.81
C ILE W 112 35.68 1.16 -44.01
N GLN W 113 34.79 0.62 -44.81
CA GLN W 113 34.38 1.30 -46.01
C GLN W 113 32.94 1.77 -45.82
N MET W 114 32.65 2.95 -46.36
CA MET W 114 31.33 3.52 -46.23
C MET W 114 30.87 4.00 -47.60
N LEU W 115 29.64 3.65 -47.96
CA LEU W 115 29.04 4.06 -49.23
C LEU W 115 27.84 4.94 -48.92
N VAL W 116 27.82 6.17 -49.48
CA VAL W 116 26.69 7.08 -49.33
C VAL W 116 25.80 6.93 -50.56
N HIS W 117 24.55 6.70 -50.34
CA HIS W 117 23.63 6.53 -51.43
C HIS W 117 22.82 7.80 -51.63
N PRO W 118 22.55 8.15 -52.88
CA PRO W 118 21.79 9.37 -53.15
C PRO W 118 20.41 9.28 -52.53
N THR W 119 19.92 10.40 -52.04
CA THR W 119 18.57 10.47 -51.49
C THR W 119 17.76 11.31 -52.47
N LEU W 120 16.71 10.71 -53.03
CA LEU W 120 15.80 11.49 -53.84
C LEU W 120 14.92 12.35 -52.93
N THR W 121 14.41 13.44 -53.48
CA THR W 121 13.63 14.39 -52.72
C THR W 121 12.39 14.69 -53.54
N PRO W 122 11.40 15.29 -52.96
CA PRO W 122 10.20 15.51 -53.76
C PRO W 122 10.34 16.68 -54.71
N VAL W 123 11.57 17.16 -54.96
CA VAL W 123 11.78 18.37 -55.77
C VAL W 123 12.12 17.99 -57.20
N LEU W 124 11.40 18.58 -58.16
CA LEU W 124 11.58 18.20 -59.56
C LEU W 124 12.16 19.37 -60.35
N SER W 125 12.92 19.03 -61.39
CA SER W 125 13.53 20.02 -62.28
C SER W 125 12.54 20.50 -63.33
N GLU W 126 13.00 21.44 -64.17
CA GLU W 126 12.14 21.98 -65.23
C GLU W 126 11.72 20.89 -66.20
N ASP W 127 12.61 19.95 -66.51
CA ASP W 127 12.23 18.82 -67.35
C ASP W 127 11.40 17.77 -66.61
N GLY W 128 11.29 17.84 -65.29
CA GLY W 128 10.40 16.98 -64.54
C GLY W 128 10.94 15.75 -63.84
N HIS W 129 12.25 15.60 -63.67
CA HIS W 129 12.79 14.45 -62.96
C HIS W 129 13.15 14.81 -61.53
N GLN W 130 12.98 13.84 -60.63
CA GLN W 130 13.29 14.08 -59.22
C GLN W 130 14.77 14.28 -59.01
N LEU W 131 15.10 15.29 -58.19
CA LEU W 131 16.46 15.69 -57.88
C LEU W 131 16.92 15.10 -56.55
N THR W 132 18.21 14.78 -56.48
CA THR W 132 18.87 14.42 -55.25
C THR W 132 19.34 15.69 -54.53
N LEU W 133 19.67 15.53 -53.24
CA LEU W 133 20.21 16.65 -52.47
C LEU W 133 21.44 17.23 -53.14
N GLU W 134 22.30 16.37 -53.66
CA GLU W 134 23.50 16.84 -54.37
C GLU W 134 23.15 17.73 -55.56
N GLU W 135 22.04 17.43 -56.26
CA GLU W 135 21.67 18.26 -57.40
C GLU W 135 21.03 19.60 -56.99
N ILE W 136 20.51 19.70 -55.77
CA ILE W 136 19.90 20.92 -55.25
C ILE W 136 20.94 21.81 -54.60
N PHE W 137 21.86 21.24 -53.84
CA PHE W 137 22.94 21.97 -53.18
C PHE W 137 24.26 21.58 -53.84
N HIS W 138 24.78 22.43 -54.70
CA HIS W 138 26.05 22.14 -55.34
C HIS W 138 27.20 22.18 -54.36
N ASP W 139 27.02 22.85 -53.22
CA ASP W 139 28.05 22.93 -52.19
C ASP W 139 28.02 21.71 -51.27
N LEU W 140 27.10 20.78 -51.49
CA LEU W 140 26.95 19.67 -50.56
C LEU W 140 28.23 18.86 -50.46
N PHE W 141 28.56 18.45 -49.24
CA PHE W 141 29.64 17.50 -49.05
C PHE W 141 29.42 16.67 -47.78
N TYR W 142 30.20 15.62 -47.67
CA TYR W 142 30.04 14.63 -46.62
C TYR W 142 31.24 14.70 -45.69
N ARG W 143 30.98 14.71 -44.39
CA ARG W 143 32.03 14.74 -43.38
C ARG W 143 31.92 13.43 -42.61
N LEU W 144 32.93 12.58 -42.73
CA LEU W 144 32.91 11.29 -42.05
C LEU W 144 33.96 11.25 -40.96
N GLU W 145 33.59 10.69 -39.81
CA GLU W 145 34.54 10.56 -38.72
C GLU W 145 34.54 9.11 -38.29
N LEU W 146 35.71 8.58 -38.03
CA LEU W 146 35.79 7.21 -37.51
C LEU W 146 36.35 7.37 -36.11
N HIS W 147 35.49 7.31 -35.11
CA HIS W 147 35.93 7.51 -33.74
C HIS W 147 36.34 6.20 -33.08
N VAL W 148 37.58 6.16 -32.59
CA VAL W 148 38.05 5.03 -31.81
C VAL W 148 38.14 5.38 -30.31
N ASN W 149 38.83 6.45 -29.96
CA ASN W 149 38.88 6.77 -28.54
C ASN W 149 39.05 8.27 -28.36
N HIS W 150 38.94 8.70 -27.10
CA HIS W 150 38.85 10.11 -26.78
C HIS W 150 39.91 10.93 -27.49
N THR W 151 41.07 10.34 -27.73
CA THR W 151 42.23 11.04 -28.23
C THR W 151 42.57 10.80 -29.69
N TYR W 152 41.88 9.90 -30.37
CA TYR W 152 42.27 9.54 -31.74
C TYR W 152 41.02 9.38 -32.58
N GLN W 153 40.95 10.16 -33.65
CA GLN W 153 39.89 10.03 -34.62
C GLN W 153 40.53 10.14 -35.97
N MET W 154 39.87 9.57 -36.97
CA MET W 154 40.28 9.73 -38.36
C MET W 154 39.17 10.56 -39.03
N HIS W 155 39.53 11.44 -39.95
CA HIS W 155 38.50 12.19 -40.66
C HIS W 155 38.65 11.99 -42.15
N LEU W 156 37.50 11.98 -42.82
CA LEU W 156 37.42 12.00 -44.27
C LEU W 156 36.33 12.96 -44.69
N GLU W 157 36.57 13.66 -45.79
CA GLU W 157 35.62 14.60 -46.33
C GLU W 157 35.73 14.69 -47.85
N GLY W 158 34.59 14.91 -48.49
CA GLY W 158 34.57 15.02 -49.93
C GLY W 158 33.15 15.08 -50.43
N LYS W 159 33.05 15.17 -51.74
CA LYS W 159 31.77 15.14 -52.43
C LYS W 159 31.44 13.76 -52.96
N GLN W 160 32.40 12.86 -52.97
CA GLN W 160 32.20 11.51 -53.51
C GLN W 160 31.35 10.66 -52.56
N ARG W 161 31.01 9.46 -53.01
CA ARG W 161 30.13 8.58 -52.27
C ARG W 161 30.80 7.30 -51.78
N GLU W 162 32.11 7.14 -52.01
CA GLU W 162 32.87 5.99 -51.56
C GLU W 162 34.02 6.48 -50.69
N TYR W 163 34.14 5.93 -49.49
CA TYR W 163 35.20 6.32 -48.57
C TYR W 163 35.71 5.07 -47.87
N GLU W 164 37.00 5.07 -47.57
CA GLU W 164 37.62 3.95 -46.88
C GLU W 164 38.64 4.47 -45.87
N PHE W 165 38.42 4.13 -44.60
CA PHE W 165 39.37 4.42 -43.53
C PHE W 165 40.42 3.32 -43.49
N LEU W 166 41.64 3.64 -43.90
CA LEU W 166 42.69 2.64 -44.02
C LEU W 166 43.52 2.49 -42.74
N GLY W 167 44.27 1.38 -42.67
CA GLY W 167 45.28 1.18 -41.65
C GLY W 167 44.79 0.76 -40.28
N LEU W 168 43.69 0.01 -40.20
CA LEU W 168 43.07 -0.35 -38.93
C LEU W 168 43.57 -1.70 -38.43
N THR W 169 43.42 -1.90 -37.14
CA THR W 169 43.74 -3.18 -36.56
C THR W 169 42.55 -4.12 -36.72
N PRO W 170 42.78 -5.40 -37.02
CA PRO W 170 41.66 -6.34 -37.17
C PRO W 170 40.90 -6.58 -35.87
N ASP W 171 39.63 -6.94 -36.02
CA ASP W 171 38.76 -7.31 -34.90
C ASP W 171 38.67 -6.19 -33.87
N THR W 172 38.65 -4.96 -34.34
CA THR W 172 38.53 -3.81 -33.46
C THR W 172 37.21 -3.11 -33.72
N GLU W 173 36.61 -2.62 -32.65
CA GLU W 173 35.35 -1.92 -32.68
C GLU W 173 35.56 -0.43 -32.96
N PHE W 174 34.78 0.11 -33.90
CA PHE W 174 34.88 1.51 -34.28
C PHE W 174 33.49 2.14 -34.27
N LEU W 175 33.45 3.47 -34.14
CA LEU W 175 32.20 4.21 -34.17
C LEU W 175 32.26 5.14 -35.38
N GLY W 176 31.41 4.89 -36.36
CA GLY W 176 31.38 5.70 -37.58
C GLY W 176 30.20 6.65 -37.62
N SER W 177 30.46 7.86 -38.10
CA SER W 177 29.41 8.86 -38.24
C SER W 177 29.53 9.58 -39.58
N ILE W 178 28.42 9.79 -40.26
CA ILE W 178 28.46 10.50 -41.53
C ILE W 178 27.42 11.62 -41.52
N THR W 179 27.87 12.83 -41.85
CA THR W 179 27.09 14.05 -41.78
C THR W 179 27.11 14.76 -43.12
N ILE W 180 25.94 15.30 -43.53
CA ILE W 180 25.79 16.08 -44.75
C ILE W 180 25.91 17.56 -44.40
N LEU W 181 26.75 18.29 -45.14
CA LEU W 181 26.87 19.72 -44.90
C LEU W 181 26.55 20.46 -46.17
N THR W 182 25.84 21.57 -46.02
CA THR W 182 25.58 22.50 -47.12
C THR W 182 26.05 23.83 -46.56
N PRO W 183 27.30 24.23 -46.85
CA PRO W 183 27.88 25.34 -46.08
C PRO W 183 27.24 26.69 -46.35
N ILE W 184 26.90 26.99 -47.60
CA ILE W 184 26.40 28.31 -47.95
C ILE W 184 25.16 28.67 -47.17
N LEU W 185 24.23 27.74 -47.08
CA LEU W 185 23.05 27.93 -46.25
C LEU W 185 23.27 27.38 -44.84
N SER W 186 24.47 26.94 -44.51
CA SER W 186 24.81 26.53 -43.15
C SER W 186 23.89 25.41 -42.64
N LYS W 187 23.52 24.46 -43.51
CA LYS W 187 22.68 23.32 -43.14
C LYS W 187 23.57 22.14 -42.79
N GLU W 188 23.16 21.39 -41.78
CA GLU W 188 23.91 20.21 -41.38
C GLU W 188 22.94 19.12 -40.94
N SER W 189 23.06 17.95 -41.51
CA SER W 189 22.19 16.85 -41.07
C SER W 189 22.65 16.31 -39.71
N ALA W 190 21.74 15.59 -39.05
CA ALA W 190 22.14 14.69 -37.98
C ALA W 190 23.10 13.63 -38.53
N PRO W 191 23.93 13.03 -37.69
CA PRO W 191 24.82 12.00 -38.19
C PRO W 191 24.04 10.74 -38.47
N TYR W 192 24.45 10.02 -39.50
CA TYR W 192 24.20 8.59 -39.60
C TYR W 192 25.29 7.88 -38.82
N VAL W 193 24.92 6.99 -37.91
CA VAL W 193 25.87 6.42 -36.96
C VAL W 193 25.85 4.91 -37.07
N CYS W 194 26.99 4.34 -37.42
CA CYS W 194 27.16 2.89 -37.47
C CYS W 194 28.23 2.47 -36.47
N ARG W 195 27.91 1.50 -35.62
CA ARG W 195 28.90 0.83 -34.78
C ARG W 195 29.38 -0.41 -35.52
N VAL W 196 30.62 -0.38 -36.02
CA VAL W 196 31.15 -1.41 -36.89
C VAL W 196 32.42 -1.99 -36.29
N LYS W 197 32.73 -3.22 -36.70
CA LYS W 197 33.86 -3.94 -36.17
C LYS W 197 34.61 -4.59 -37.32
N THR W 198 35.87 -4.24 -37.48
CA THR W 198 36.66 -4.83 -38.54
C THR W 198 36.69 -6.34 -38.40
N LEU W 199 36.70 -7.03 -39.54
CA LEU W 199 36.58 -8.47 -39.53
C LEU W 199 37.86 -9.11 -38.97
N PRO W 200 37.73 -10.26 -38.30
CA PRO W 200 38.91 -10.90 -37.67
C PRO W 200 39.71 -11.71 -38.67
N ASP W 201 40.47 -11.02 -39.52
CA ASP W 201 41.42 -11.60 -40.48
C ASP W 201 41.33 -13.11 -40.74
N CYS X 7 27.91 42.35 -68.36
CA CYS X 7 26.88 42.59 -67.35
C CYS X 7 26.58 41.29 -66.56
N LYS X 8 27.58 40.80 -65.82
CA LYS X 8 27.45 39.56 -65.06
C LYS X 8 28.22 39.67 -63.73
N LEU X 9 27.72 38.98 -62.69
CA LEU X 9 28.44 38.88 -61.42
C LEU X 9 28.96 37.45 -61.25
N HIS X 10 30.06 37.32 -60.51
CA HIS X 10 30.60 35.99 -60.27
C HIS X 10 29.82 35.31 -59.18
N VAL X 11 29.64 33.98 -59.32
CA VAL X 11 28.77 33.27 -58.38
C VAL X 11 29.32 33.35 -56.96
N ARG X 12 30.64 33.52 -56.79
CA ARG X 12 31.23 33.59 -55.45
C ARG X 12 30.61 34.72 -54.61
N ASN X 13 30.12 35.78 -55.26
CA ASN X 13 29.50 36.89 -54.56
C ASN X 13 28.29 36.46 -53.76
N PHE X 14 27.69 35.33 -54.09
CA PHE X 14 26.50 34.85 -53.40
C PHE X 14 26.78 33.60 -52.55
N GLN X 15 28.05 33.35 -52.21
CA GLN X 15 28.43 32.09 -51.57
C GLN X 15 29.11 32.25 -50.22
N SER X 16 29.03 33.43 -49.62
CA SER X 16 29.57 33.63 -48.28
C SER X 16 28.57 33.18 -47.24
N PRO X 17 28.89 32.14 -46.45
CA PRO X 17 27.90 31.68 -45.45
C PRO X 17 27.53 32.79 -44.49
N TYR X 18 28.53 33.58 -44.08
CA TYR X 18 28.26 34.72 -43.19
C TYR X 18 27.30 35.71 -43.87
N ILE X 19 27.60 36.12 -45.10
CA ILE X 19 26.71 37.11 -45.70
C ILE X 19 25.32 36.52 -45.91
N VAL X 20 25.25 35.23 -46.27
CA VAL X 20 23.96 34.59 -46.49
C VAL X 20 23.17 34.52 -45.19
N ASN X 21 23.82 34.12 -44.08
CA ASN X 21 23.13 34.13 -42.80
C ASN X 21 22.65 35.54 -42.44
N ARG X 22 23.49 36.56 -42.60
CA ARG X 22 23.08 37.89 -42.18
C ARG X 22 22.01 38.46 -43.09
N THR X 23 22.13 38.26 -44.41
CA THR X 23 21.09 38.73 -45.33
C THR X 23 19.76 38.05 -45.05
N PHE X 24 19.78 36.72 -44.85
CA PHE X 24 18.56 35.96 -44.67
C PHE X 24 17.97 36.13 -43.26
N MET X 25 18.81 36.32 -42.25
CA MET X 25 18.21 36.60 -40.95
C MET X 25 17.55 37.99 -40.94
N LEU X 26 18.15 38.95 -41.65
CA LEU X 26 17.54 40.26 -41.81
C LEU X 26 16.19 40.16 -42.48
N ALA X 27 16.11 39.36 -43.54
CA ALA X 27 14.83 39.17 -44.21
C ALA X 27 13.83 38.49 -43.28
N LYS X 28 14.30 37.64 -42.36
CA LYS X 28 13.40 36.95 -41.45
C LYS X 28 12.75 37.90 -40.45
N GLU X 29 13.51 38.84 -39.87
CA GLU X 29 12.92 39.78 -38.91
C GLU X 29 11.91 40.72 -39.56
N ALA X 30 12.17 41.18 -40.79
CA ALA X 30 11.19 42.08 -41.39
C ALA X 30 9.96 41.29 -41.81
N SER X 31 10.15 40.06 -42.28
CA SER X 31 9.01 39.29 -42.73
C SER X 31 8.08 39.03 -41.56
N LEU X 32 8.63 38.90 -40.37
CA LEU X 32 7.81 38.75 -39.18
C LEU X 32 6.88 39.95 -38.98
N ALA X 33 7.32 41.15 -39.36
CA ALA X 33 6.50 42.35 -39.21
C ALA X 33 5.66 42.70 -40.44
N ASP X 34 5.55 41.79 -41.43
CA ASP X 34 4.80 42.01 -42.68
C ASP X 34 3.75 40.91 -42.85
N GLN X 35 2.49 41.24 -42.57
CA GLN X 35 1.35 40.32 -42.68
C GLN X 35 0.54 40.53 -43.96
N ASN X 36 1.13 41.22 -44.93
CA ASN X 36 0.49 41.47 -46.22
C ASN X 36 0.96 40.38 -47.19
N THR X 37 0.29 39.25 -47.16
CA THR X 37 0.61 38.18 -48.08
C THR X 37 0.11 38.45 -49.49
N ASP X 38 -0.74 39.46 -49.68
CA ASP X 38 -1.42 39.60 -50.97
C ASP X 38 -0.53 40.23 -52.03
N VAL X 39 0.38 41.14 -51.67
CA VAL X 39 1.21 41.83 -52.66
C VAL X 39 2.68 41.49 -52.41
N ARG X 40 3.37 41.10 -53.49
CA ARG X 40 4.77 40.65 -53.49
C ARG X 40 5.58 41.53 -54.46
N LEU X 41 6.68 42.10 -53.97
CA LEU X 41 7.42 43.09 -54.75
C LEU X 41 8.22 42.41 -55.85
N ILE X 42 9.15 41.55 -55.45
CA ILE X 42 10.02 40.82 -56.36
C ILE X 42 9.23 39.56 -56.71
N GLY X 43 8.37 39.71 -57.70
CA GLY X 43 7.46 38.65 -58.09
C GLY X 43 7.26 38.69 -59.59
N GLU X 44 6.27 37.95 -60.11
CA GLU X 44 6.04 37.92 -61.55
C GLU X 44 5.72 39.30 -62.09
N LYS X 45 5.18 40.17 -61.24
CA LYS X 45 4.94 41.55 -61.63
C LYS X 45 6.23 42.26 -61.97
N LEU X 46 7.34 41.84 -61.36
CA LEU X 46 8.61 42.46 -61.68
C LEU X 46 9.17 41.94 -62.98
N PHE X 47 8.91 40.68 -63.29
CA PHE X 47 9.49 40.02 -64.44
C PHE X 47 8.57 39.98 -65.65
N ARG X 48 7.48 40.75 -65.64
CA ARG X 48 6.54 40.70 -66.76
C ARG X 48 7.25 41.22 -67.99
N GLY X 49 7.56 40.32 -68.92
CA GLY X 49 8.07 40.71 -70.22
C GLY X 49 9.46 41.33 -70.20
N VAL X 50 10.39 40.69 -69.50
CA VAL X 50 11.77 41.16 -69.38
C VAL X 50 12.67 40.08 -69.96
N SER X 51 13.22 40.33 -71.17
CA SER X 51 14.12 39.40 -71.85
C SER X 51 15.12 38.79 -70.86
N ALA X 52 15.56 37.56 -71.16
CA ALA X 52 16.40 36.87 -70.18
C ALA X 52 17.79 37.50 -70.06
N LYS X 53 18.32 38.01 -71.16
CA LYS X 53 19.62 38.69 -71.13
C LYS X 53 19.58 40.00 -70.36
N ASP X 54 18.40 40.62 -70.24
CA ASP X 54 18.23 41.90 -69.54
C ASP X 54 17.80 41.76 -68.08
N GLN X 55 17.63 40.53 -67.58
CA GLN X 55 17.12 40.37 -66.23
C GLN X 55 18.09 40.91 -65.19
N CYS X 56 19.40 40.84 -65.46
CA CYS X 56 20.36 41.41 -64.52
C CYS X 56 20.25 42.93 -64.47
N TYR X 57 20.14 43.60 -65.64
CA TYR X 57 19.94 45.05 -65.64
C TYR X 57 18.66 45.40 -64.90
N LEU X 58 17.61 44.60 -65.07
CA LEU X 58 16.40 44.83 -64.31
C LEU X 58 16.68 44.74 -62.82
N MET X 59 17.38 43.67 -62.39
CA MET X 59 17.68 43.51 -60.97
C MET X 59 18.69 44.55 -60.50
N LYS X 60 19.52 45.06 -61.41
CA LYS X 60 20.46 46.10 -61.02
C LYS X 60 19.72 47.34 -60.54
N GLN X 61 18.64 47.70 -61.21
CA GLN X 61 17.85 48.86 -60.79
C GLN X 61 17.05 48.52 -59.54
N VAL X 62 16.57 47.29 -59.42
CA VAL X 62 15.87 46.91 -58.19
C VAL X 62 16.81 47.01 -56.99
N LEU X 63 18.07 46.63 -57.20
CA LEU X 63 19.05 46.69 -56.12
C LEU X 63 19.38 48.14 -55.75
N GLN X 64 19.65 48.99 -56.75
CA GLN X 64 20.00 50.38 -56.45
C GLN X 64 18.86 51.12 -55.78
N PHE X 65 17.62 50.80 -56.13
CA PHE X 65 16.48 51.42 -55.45
C PHE X 65 16.39 50.98 -53.99
N THR X 66 16.52 49.67 -53.74
CA THR X 66 16.43 49.17 -52.37
C THR X 66 17.53 49.74 -51.49
N LEU X 67 18.72 49.94 -52.05
CA LEU X 67 19.78 50.55 -51.28
C LEU X 67 19.46 52.02 -51.01
N GLU X 68 18.98 52.73 -52.03
CA GLU X 68 18.80 54.18 -51.95
C GLU X 68 17.55 54.59 -51.18
N ASP X 69 16.47 53.84 -51.38
CA ASP X 69 15.15 54.26 -50.93
C ASP X 69 14.59 53.44 -49.78
N VAL X 70 15.16 52.27 -49.48
CA VAL X 70 14.68 51.44 -48.39
C VAL X 70 15.72 51.25 -47.32
N LEU X 71 16.97 51.05 -47.69
CA LEU X 71 17.93 50.64 -46.69
C LEU X 71 18.57 51.82 -45.97
N LEU X 72 18.94 52.86 -46.70
CA LEU X 72 19.44 54.05 -46.02
C LEU X 72 18.38 54.71 -45.14
N PRO X 73 17.10 54.79 -45.53
CA PRO X 73 16.10 55.32 -44.58
C PRO X 73 15.85 54.42 -43.37
N GLN X 74 16.19 53.15 -43.44
CA GLN X 74 15.91 52.22 -42.35
C GLN X 74 17.22 51.69 -41.80
N SER X 75 18.21 52.56 -41.66
CA SER X 75 19.55 52.11 -41.30
C SER X 75 19.70 51.75 -39.84
N ASP X 76 18.95 52.38 -38.94
CA ASP X 76 19.14 52.17 -37.51
C ASP X 76 18.28 51.05 -36.92
N ARG X 77 17.38 50.45 -37.69
CA ARG X 77 16.58 49.34 -37.21
C ARG X 77 17.10 48.02 -37.77
N PHE X 78 16.47 46.93 -37.29
CA PHE X 78 16.84 45.56 -37.65
C PHE X 78 18.32 45.23 -37.40
N GLN X 79 18.97 45.84 -36.39
CA GLN X 79 20.34 45.46 -36.10
C GLN X 79 20.33 44.05 -35.48
N PRO X 80 21.50 43.42 -35.29
CA PRO X 80 22.80 43.73 -35.91
C PRO X 80 22.90 43.40 -37.39
N TYR X 81 21.81 42.93 -38.01
CA TYR X 81 21.93 42.35 -39.34
C TYR X 81 22.08 43.40 -40.42
N MET X 82 21.28 44.48 -40.34
CA MET X 82 21.39 45.59 -41.27
C MET X 82 22.85 46.01 -41.44
N TRP X 83 23.58 46.06 -40.33
CA TRP X 83 24.94 46.59 -40.30
C TRP X 83 25.88 45.83 -41.24
N GLU X 84 25.74 44.52 -41.31
CA GLU X 84 26.66 43.80 -42.17
C GLU X 84 26.09 43.67 -43.57
N VAL X 85 24.76 43.70 -43.71
CA VAL X 85 24.11 43.43 -45.00
C VAL X 85 24.24 44.63 -45.95
N VAL X 86 24.06 45.87 -45.46
CA VAL X 86 24.00 47.00 -46.41
C VAL X 86 25.34 47.26 -47.11
N PRO X 87 26.49 47.25 -46.43
CA PRO X 87 27.75 47.44 -47.15
C PRO X 87 28.03 46.33 -48.17
N PHE X 88 27.58 45.10 -47.90
CA PHE X 88 27.71 44.02 -48.88
C PHE X 88 26.90 44.33 -50.13
N LEU X 89 25.65 44.76 -49.93
CA LEU X 89 24.80 45.11 -51.06
C LEU X 89 25.37 46.30 -51.84
N THR X 90 25.98 47.27 -51.15
CA THR X 90 26.58 48.37 -51.89
C THR X 90 27.72 47.87 -52.75
N LYS X 91 28.53 46.98 -52.19
CA LYS X 91 29.64 46.42 -52.93
C LYS X 91 29.16 45.69 -54.17
N LEU X 92 27.91 45.23 -54.17
CA LEU X 92 27.37 44.53 -55.32
C LEU X 92 26.84 45.51 -56.34
N SER X 93 26.27 46.63 -55.87
CA SER X 93 25.79 47.67 -56.76
C SER X 93 26.94 48.32 -57.52
N ASN X 94 28.12 48.43 -56.89
CA ASN X 94 29.26 49.02 -57.57
C ASN X 94 29.80 48.09 -58.65
N LYS X 95 29.75 46.77 -58.42
CA LYS X 95 30.20 45.82 -59.43
C LYS X 95 29.34 45.89 -60.69
N LEU X 96 28.07 46.26 -60.55
CA LEU X 96 27.13 46.31 -61.67
C LEU X 96 27.02 47.71 -62.28
N SER X 97 27.87 48.65 -61.87
CA SER X 97 27.79 50.01 -62.39
C SER X 97 28.01 50.05 -63.89
N SER X 98 28.82 49.13 -64.42
CA SER X 98 29.08 49.11 -65.86
C SER X 98 27.89 48.55 -66.63
N CYS X 99 27.11 47.68 -66.01
CA CYS X 99 25.94 47.14 -66.69
C CYS X 99 24.95 48.25 -67.04
N HIS X 100 24.55 48.28 -68.31
CA HIS X 100 23.53 49.17 -68.81
C HIS X 100 22.90 48.45 -69.99
N ILE X 101 21.69 48.86 -70.36
CA ILE X 101 20.91 48.04 -71.28
C ILE X 101 21.51 48.09 -72.68
N SER X 102 21.28 47.00 -73.42
CA SER X 102 21.69 46.86 -74.81
C SER X 102 20.50 46.47 -75.64
N GLY X 103 19.37 47.11 -75.41
CA GLY X 103 18.17 46.79 -76.13
C GLY X 103 17.04 47.71 -75.73
N ASP X 104 15.81 47.24 -75.94
CA ASP X 104 14.60 47.99 -75.64
C ASP X 104 14.31 47.89 -74.15
N ASP X 105 14.29 49.03 -73.45
CA ASP X 105 13.98 49.04 -72.02
C ASP X 105 12.69 49.77 -71.67
N GLN X 106 11.65 49.68 -72.50
CA GLN X 106 10.43 50.38 -72.13
C GLN X 106 9.66 49.64 -71.07
N ASN X 107 9.72 48.30 -71.10
CA ASN X 107 9.03 47.48 -70.12
C ASN X 107 9.81 47.34 -68.82
N ILE X 108 11.13 47.31 -68.88
CA ILE X 108 11.92 47.27 -67.65
C ILE X 108 11.66 48.52 -66.83
N GLN X 109 11.62 49.68 -67.49
CA GLN X 109 11.35 50.93 -66.78
C GLN X 109 9.95 50.91 -66.18
N LYS X 110 9.00 50.27 -66.86
CA LYS X 110 7.65 50.19 -66.33
C LYS X 110 7.55 49.23 -65.15
N ASN X 111 8.32 48.14 -65.14
CA ASN X 111 8.23 47.24 -64.00
C ASN X 111 8.88 47.86 -62.78
N VAL X 112 10.03 48.51 -62.98
CA VAL X 112 10.70 49.20 -61.88
C VAL X 112 9.83 50.34 -61.37
N ARG X 113 9.10 50.99 -62.27
CA ARG X 113 8.22 52.07 -61.84
C ARG X 113 7.10 51.50 -60.98
N ARG X 114 6.47 50.43 -61.43
CA ARG X 114 5.44 49.79 -60.62
C ARG X 114 5.99 49.27 -59.31
N LEU X 115 7.27 48.89 -59.29
CA LEU X 115 7.87 48.45 -58.02
C LEU X 115 7.98 49.62 -57.05
N LYS X 116 8.58 50.73 -57.50
CA LYS X 116 8.69 51.89 -56.63
C LYS X 116 7.33 52.49 -56.34
N GLU X 117 6.37 52.34 -57.24
CA GLU X 117 5.05 52.89 -57.01
C GLU X 117 4.33 52.12 -55.92
N THR X 118 4.51 50.80 -55.91
CA THR X 118 3.87 49.97 -54.90
C THR X 118 4.43 50.25 -53.52
N VAL X 119 5.75 50.43 -53.43
CA VAL X 119 6.39 50.68 -52.13
C VAL X 119 5.95 52.03 -51.56
N LYS X 120 5.80 53.04 -52.40
CA LYS X 120 5.40 54.31 -51.81
C LYS X 120 3.91 54.34 -51.49
N LYS X 121 3.10 53.55 -52.21
CA LYS X 121 1.67 53.49 -51.92
C LYS X 121 1.37 52.80 -50.60
N LEU X 122 2.33 52.04 -50.06
CA LEU X 122 2.15 51.31 -48.81
C LEU X 122 2.90 51.94 -47.65
N GLY X 123 3.34 53.19 -47.77
CA GLY X 123 4.15 53.84 -46.75
C GLY X 123 5.23 53.00 -46.09
N GLU X 124 5.32 53.02 -44.75
CA GLU X 124 6.43 52.35 -44.08
C GLU X 124 6.33 50.84 -44.22
N SER X 125 5.12 50.30 -44.23
CA SER X 125 5.02 48.86 -44.38
C SER X 125 5.66 48.41 -45.69
N GLY X 126 5.58 49.23 -46.74
CA GLY X 126 6.25 48.87 -47.98
C GLY X 126 7.76 48.83 -47.84
N GLU X 127 8.32 49.69 -46.98
CA GLU X 127 9.76 49.66 -46.76
C GLU X 127 10.13 48.43 -45.97
N ILE X 128 9.27 48.06 -45.02
CA ILE X 128 9.49 46.84 -44.27
C ILE X 128 9.34 45.64 -45.17
N LYS X 129 8.41 45.73 -46.12
CA LYS X 129 8.22 44.66 -47.09
C LYS X 129 9.47 44.45 -47.94
N ALA X 130 10.11 45.54 -48.37
CA ALA X 130 11.32 45.44 -49.19
C ALA X 130 12.47 44.76 -48.43
N ILE X 131 12.61 45.08 -47.14
CA ILE X 131 13.64 44.42 -46.32
C ILE X 131 13.23 42.97 -46.06
N GLY X 132 11.93 42.71 -45.91
CA GLY X 132 11.44 41.35 -45.78
C GLY X 132 11.59 40.53 -47.03
N GLU X 133 11.78 41.16 -48.19
CA GLU X 133 12.04 40.44 -49.43
C GLU X 133 13.51 40.49 -49.85
N LEU X 134 14.43 40.87 -48.95
CA LEU X 134 15.85 40.84 -49.32
C LEU X 134 16.35 39.44 -49.62
N ASP X 135 15.70 38.39 -49.11
CA ASP X 135 16.06 37.03 -49.53
C ASP X 135 15.67 36.80 -50.98
N LEU X 136 14.50 37.30 -51.39
CA LEU X 136 14.17 37.30 -52.80
C LEU X 136 15.17 38.11 -53.63
N LEU X 137 15.65 39.25 -53.11
CA LEU X 137 16.57 40.06 -53.91
C LEU X 137 17.86 39.31 -54.21
N PHE X 138 18.50 38.81 -53.16
CA PHE X 138 19.74 38.03 -53.22
C PHE X 138 19.63 36.89 -54.24
N MET X 139 18.53 36.12 -54.18
CA MET X 139 18.43 34.98 -55.07
C MET X 139 18.11 35.42 -56.50
N SER X 140 17.24 36.42 -56.68
CA SER X 140 16.96 36.94 -58.02
C SER X 140 18.17 37.65 -58.59
N LEU X 141 18.92 38.37 -57.74
CA LEU X 141 20.17 38.95 -58.20
C LEU X 141 21.14 37.87 -58.61
N ARG X 142 21.18 36.77 -57.86
CA ARG X 142 22.05 35.64 -58.20
C ARG X 142 21.61 35.00 -59.52
N ASN X 143 20.31 34.76 -59.67
CA ASN X 143 19.80 34.05 -60.83
C ASN X 143 19.91 34.86 -62.12
N ALA X 144 19.85 36.20 -62.04
CA ALA X 144 19.83 37.01 -63.25
C ALA X 144 21.21 37.40 -63.72
N CYS X 145 22.17 37.44 -62.80
CA CYS X 145 23.51 37.95 -63.07
C CYS X 145 24.56 36.86 -63.06
N VAL X 146 24.15 35.60 -63.14
CA VAL X 146 25.09 34.49 -63.13
C VAL X 146 24.75 33.56 -64.30
N MET Y 1 48.91 74.60 -30.07
CA MET Y 1 49.72 73.95 -31.10
C MET Y 1 50.01 72.52 -30.69
N ILE Y 2 49.18 71.57 -31.09
CA ILE Y 2 49.34 70.18 -30.66
C ILE Y 2 49.76 69.35 -31.87
N PRO Y 3 50.85 68.60 -31.78
CA PRO Y 3 51.29 67.77 -32.91
C PRO Y 3 50.42 66.53 -33.01
N PRO Y 4 50.19 66.01 -34.21
CA PRO Y 4 49.26 64.89 -34.37
C PRO Y 4 49.87 63.61 -33.86
N PRO Y 5 49.07 62.55 -33.67
CA PRO Y 5 49.64 61.25 -33.29
C PRO Y 5 50.52 60.73 -34.41
N GLU Y 6 51.56 60.01 -34.01
CA GLU Y 6 52.53 59.50 -34.97
C GLU Y 6 52.27 58.03 -35.25
N LYS Y 7 52.64 57.63 -36.47
CA LYS Y 7 52.55 56.24 -36.92
C LYS Y 7 51.19 55.64 -36.65
N VAL Y 8 50.13 56.41 -36.91
CA VAL Y 8 48.78 55.88 -36.73
C VAL Y 8 48.52 54.89 -37.86
N ARG Y 9 48.07 53.67 -37.49
CA ARG Y 9 47.93 52.60 -38.44
C ARG Y 9 46.76 51.76 -38.00
N MET Y 10 46.11 51.10 -38.95
CA MET Y 10 45.06 50.16 -38.63
C MET Y 10 45.70 48.76 -38.65
N ASN Y 11 45.95 48.21 -37.47
CA ASN Y 11 46.52 46.88 -37.36
C ASN Y 11 45.35 45.91 -37.26
N SER Y 12 45.09 45.17 -38.34
CA SER Y 12 43.93 44.29 -38.43
C SER Y 12 44.35 42.85 -38.79
N VAL Y 13 44.07 41.89 -37.92
CA VAL Y 13 44.32 40.47 -38.19
C VAL Y 13 43.08 39.67 -37.84
N ASN Y 14 42.62 38.83 -38.79
CA ASN Y 14 41.43 37.99 -38.59
C ASN Y 14 40.23 38.79 -38.08
N PHE Y 15 40.04 39.97 -38.69
CA PHE Y 15 38.92 40.85 -38.43
C PHE Y 15 38.91 41.44 -37.02
N LYS Y 16 40.05 41.41 -36.34
CA LYS Y 16 40.26 42.20 -35.13
C LYS Y 16 40.99 43.46 -35.54
N ASN Y 17 40.26 44.56 -35.64
CA ASN Y 17 40.79 45.81 -36.18
C ASN Y 17 41.17 46.79 -35.07
N ILE Y 18 42.45 47.05 -34.89
CA ILE Y 18 42.93 47.93 -33.84
C ILE Y 18 43.64 49.12 -34.44
N LEU Y 19 43.10 50.32 -34.24
CA LEU Y 19 43.78 51.54 -34.62
C LEU Y 19 44.84 51.84 -33.57
N GLN Y 20 46.09 51.99 -34.01
CA GLN Y 20 47.21 52.18 -33.10
C GLN Y 20 47.97 53.42 -33.51
N TRP Y 21 48.49 54.13 -32.53
CA TRP Y 21 49.30 55.31 -32.81
C TRP Y 21 50.38 55.40 -31.75
N GLU Y 22 51.27 56.37 -31.91
CA GLU Y 22 52.30 56.61 -30.92
C GLU Y 22 52.20 58.06 -30.46
N VAL Y 23 52.58 58.30 -29.21
CA VAL Y 23 52.47 59.66 -28.63
C VAL Y 23 53.50 60.58 -29.27
N PRO Y 24 53.09 61.80 -29.65
CA PRO Y 24 53.99 62.73 -30.35
C PRO Y 24 55.07 63.29 -29.43
N ALA Y 25 55.97 64.07 -30.05
CA ALA Y 25 57.06 64.78 -29.40
C ALA Y 25 56.61 65.90 -28.46
N PHE Y 26 55.43 65.77 -27.87
CA PHE Y 26 54.89 66.72 -26.90
C PHE Y 26 54.71 65.95 -25.58
N PRO Y 27 55.74 65.31 -25.06
CA PRO Y 27 55.52 64.49 -23.87
C PRO Y 27 55.20 65.37 -22.68
N LYS Y 28 53.90 65.63 -22.54
CA LYS Y 28 53.31 66.45 -21.49
C LYS Y 28 52.05 65.73 -21.06
N THR Y 29 51.87 65.56 -19.75
CA THR Y 29 50.77 64.74 -19.29
C THR Y 29 49.43 65.44 -19.50
N GLN Y 30 48.39 64.60 -19.60
CA GLN Y 30 46.97 64.93 -19.77
C GLN Y 30 46.65 65.05 -21.25
N LEU Y 31 47.44 64.37 -22.07
CA LEU Y 31 47.29 64.37 -23.51
C LEU Y 31 46.44 63.17 -23.87
N THR Y 32 45.24 63.44 -24.36
CA THR Y 32 44.28 62.41 -24.70
C THR Y 32 44.13 62.34 -26.21
N PHE Y 33 43.44 61.31 -26.66
CA PHE Y 33 43.26 61.10 -28.07
C PHE Y 33 41.79 60.84 -28.32
N THR Y 34 41.35 61.16 -29.54
CA THR Y 34 39.98 60.88 -29.93
C THR Y 34 40.04 60.24 -31.31
N ALA Y 35 39.35 59.12 -31.45
CA ALA Y 35 39.33 58.34 -32.68
C ALA Y 35 37.89 58.28 -33.18
N GLN Y 36 37.73 58.43 -34.49
CA GLN Y 36 36.42 58.45 -35.11
C GLN Y 36 36.44 57.58 -36.37
N TYR Y 37 35.26 57.13 -36.80
CA TYR Y 37 35.11 56.44 -38.07
C TYR Y 37 33.93 57.04 -38.83
N GLU Y 38 34.00 56.98 -40.16
CA GLU Y 38 32.95 57.50 -41.04
C GLU Y 38 32.08 56.35 -41.55
N SER Y 39 30.77 56.40 -41.28
CA SER Y 39 29.86 55.33 -41.70
C SER Y 39 28.91 55.73 -42.82
N TYR Y 40 28.14 56.82 -42.65
CA TYR Y 40 27.20 57.29 -43.67
C TYR Y 40 27.45 58.77 -43.97
N ARG Y 41 28.66 59.08 -44.38
CA ARG Y 41 29.18 60.41 -44.69
C ARG Y 41 29.45 61.25 -43.42
N SER Y 42 29.01 60.82 -42.23
CA SER Y 42 29.21 61.60 -41.01
C SER Y 42 30.04 60.81 -40.00
N PHE Y 43 30.99 61.50 -39.35
CA PHE Y 43 31.90 60.87 -38.39
C PHE Y 43 31.28 60.70 -37.00
N GLN Y 44 31.60 59.58 -36.38
CA GLN Y 44 31.11 59.30 -35.04
C GLN Y 44 32.28 59.02 -34.12
N ASP Y 45 32.23 59.60 -32.93
CA ASP Y 45 33.20 59.26 -31.91
C ASP Y 45 33.11 57.77 -31.64
N HIS Y 46 34.28 57.14 -31.50
CA HIS Y 46 34.45 55.76 -31.05
C HIS Y 46 35.31 55.66 -29.79
N CYS Y 47 36.49 56.27 -29.79
CA CYS Y 47 37.28 56.54 -28.59
C CYS Y 47 37.35 58.06 -28.45
N LYS Y 48 36.77 58.59 -27.38
CA LYS Y 48 36.74 60.03 -27.14
C LYS Y 48 37.59 60.37 -25.92
N ARG Y 49 38.61 61.19 -26.11
CA ARG Y 49 39.48 61.64 -25.02
C ARG Y 49 39.99 60.46 -24.20
N THR Y 50 40.63 59.53 -24.90
CA THR Y 50 41.23 58.36 -24.27
C THR Y 50 42.70 58.63 -24.00
N ALA Y 51 43.21 58.04 -22.91
CA ALA Y 51 44.65 58.08 -22.62
C ALA Y 51 45.42 56.95 -23.28
N SER Y 52 44.73 56.00 -23.93
CA SER Y 52 45.36 54.83 -24.50
C SER Y 52 45.98 55.19 -25.85
N THR Y 53 46.90 54.36 -26.31
CA THR Y 53 47.54 54.56 -27.59
C THR Y 53 46.92 53.70 -28.71
N GLN Y 54 45.69 53.23 -28.51
CA GLN Y 54 45.02 52.42 -29.52
C GLN Y 54 43.51 52.47 -29.32
N CYS Y 55 42.78 52.05 -30.34
CA CYS Y 55 41.31 52.03 -30.26
C CYS Y 55 40.80 50.74 -30.90
N ASP Y 56 39.87 50.06 -30.23
CA ASP Y 56 39.39 48.80 -30.78
C ASP Y 56 38.27 49.10 -31.76
N PHE Y 57 38.49 48.74 -33.02
CA PHE Y 57 37.58 48.98 -34.14
C PHE Y 57 37.05 47.69 -34.74
N SER Y 58 36.95 46.67 -33.92
CA SER Y 58 36.57 45.35 -34.40
C SER Y 58 35.10 45.26 -34.68
N HIS Y 59 34.36 46.34 -34.37
CA HIS Y 59 32.93 46.44 -34.65
C HIS Y 59 32.58 46.92 -36.06
N LEU Y 60 33.56 47.33 -36.88
CA LEU Y 60 33.25 47.83 -38.23
C LEU Y 60 32.77 46.70 -39.13
N SER Y 61 31.82 47.02 -40.03
CA SER Y 61 31.21 45.99 -40.86
C SER Y 61 32.29 45.34 -41.71
N LYS Y 62 32.16 44.03 -41.93
CA LYS Y 62 33.23 43.29 -42.58
C LYS Y 62 33.45 43.78 -44.00
N TYR Y 63 32.36 44.07 -44.70
CA TYR Y 63 32.39 44.51 -46.09
C TYR Y 63 32.39 46.04 -46.23
N GLY Y 64 32.45 46.79 -45.13
CA GLY Y 64 32.34 48.23 -45.21
C GLY Y 64 33.60 48.94 -45.65
N ASP Y 65 33.41 50.03 -46.38
CA ASP Y 65 34.46 51.01 -46.70
C ASP Y 65 34.46 52.08 -45.62
N TYR Y 66 35.52 52.18 -44.84
CA TYR Y 66 35.56 53.14 -43.76
C TYR Y 66 36.71 54.13 -43.92
N THR Y 67 36.50 55.32 -43.37
CA THR Y 67 37.58 56.25 -43.11
C THR Y 67 37.67 56.44 -41.61
N VAL Y 68 38.86 56.25 -41.09
CA VAL Y 68 39.07 56.33 -39.66
C VAL Y 68 40.09 57.44 -39.43
N ARG Y 69 39.90 58.22 -38.37
CA ARG Y 69 40.78 59.33 -38.04
C ARG Y 69 41.01 59.37 -36.54
N VAL Y 70 42.19 59.88 -36.16
CA VAL Y 70 42.61 60.06 -34.79
C VAL Y 70 43.25 61.45 -34.70
N ARG Y 71 43.13 62.09 -33.54
CA ARG Y 71 43.77 63.38 -33.30
C ARG Y 71 44.27 63.46 -31.87
N ALA Y 72 45.27 64.30 -31.65
CA ALA Y 72 45.73 64.57 -30.31
C ALA Y 72 44.86 65.67 -29.74
N GLU Y 73 44.53 65.56 -28.46
CA GLU Y 73 43.65 66.52 -27.80
C GLU Y 73 44.17 66.85 -26.41
N LEU Y 74 44.46 68.11 -26.19
CA LEU Y 74 44.88 68.54 -24.86
C LEU Y 74 43.79 69.52 -24.41
N ALA Y 75 42.80 68.98 -23.72
CA ALA Y 75 41.65 69.73 -23.19
C ALA Y 75 40.92 70.36 -24.38
N ASP Y 76 40.54 71.63 -24.29
CA ASP Y 76 39.80 72.27 -25.37
C ASP Y 76 40.54 72.43 -26.69
N GLU Y 77 41.87 72.26 -26.71
CA GLU Y 77 42.63 72.31 -27.96
C GLU Y 77 42.89 70.92 -28.51
N HIS Y 78 42.70 70.79 -29.80
CA HIS Y 78 42.95 69.53 -30.48
C HIS Y 78 43.99 69.73 -31.57
N SER Y 79 44.42 68.62 -32.14
CA SER Y 79 45.40 68.57 -33.22
C SER Y 79 44.69 68.36 -34.56
N GLU Y 80 45.47 68.36 -35.64
CA GLU Y 80 44.93 67.95 -36.93
C GLU Y 80 44.60 66.45 -36.92
N TRP Y 81 43.64 66.07 -37.76
CA TRP Y 81 43.26 64.68 -37.89
C TRP Y 81 44.27 63.90 -38.75
N VAL Y 82 44.49 62.64 -38.39
CA VAL Y 82 45.29 61.74 -39.21
C VAL Y 82 44.37 60.62 -39.67
N GLN Y 83 44.07 60.57 -40.96
CA GLN Y 83 43.11 59.63 -41.50
C GLN Y 83 43.79 58.46 -42.24
N VAL Y 84 43.14 57.28 -42.16
CA VAL Y 84 43.51 56.06 -42.88
C VAL Y 84 42.21 55.44 -43.42
N THR Y 85 42.28 54.86 -44.63
CA THR Y 85 41.14 54.18 -45.25
C THR Y 85 41.24 52.67 -45.01
N PHE Y 86 40.10 52.00 -44.81
CA PHE Y 86 40.13 50.63 -44.32
C PHE Y 86 38.84 49.89 -44.68
N CYS Y 87 38.97 48.70 -45.27
CA CYS Y 87 37.85 47.81 -45.57
C CYS Y 87 38.17 46.46 -44.94
N PRO Y 88 37.46 46.04 -43.90
CA PRO Y 88 37.95 44.88 -43.13
C PRO Y 88 38.14 43.64 -43.99
N VAL Y 89 37.14 43.28 -44.79
CA VAL Y 89 37.23 42.03 -45.56
C VAL Y 89 38.36 42.07 -46.60
N GLU Y 90 38.72 43.27 -47.10
CA GLU Y 90 39.79 43.36 -48.09
C GLU Y 90 41.16 43.57 -47.47
N ASP Y 91 41.23 44.16 -46.29
CA ASP Y 91 42.52 44.61 -45.79
C ASP Y 91 43.06 43.83 -44.61
N THR Y 92 42.21 43.06 -43.91
CA THR Y 92 42.67 42.33 -42.74
C THR Y 92 43.65 41.24 -43.15
N ILE Y 93 44.58 40.95 -42.25
CA ILE Y 93 45.54 39.89 -42.49
C ILE Y 93 44.88 38.58 -42.13
N ILE Y 94 44.93 37.64 -43.05
CA ILE Y 94 44.43 36.29 -42.77
C ILE Y 94 45.55 35.58 -42.01
N GLY Y 95 45.32 35.34 -40.73
CA GLY Y 95 46.30 34.61 -39.97
C GLY Y 95 46.41 33.17 -40.44
N PRO Y 96 47.41 32.47 -39.95
CA PRO Y 96 47.62 31.07 -40.36
C PRO Y 96 46.62 30.16 -39.69
N PRO Y 97 46.12 29.13 -40.39
CA PRO Y 97 45.23 28.17 -39.73
C PRO Y 97 46.02 27.28 -38.79
N GLU Y 98 45.31 26.62 -37.87
CA GLU Y 98 45.98 25.58 -37.10
C GLU Y 98 45.92 24.28 -37.87
N MET Y 99 46.96 23.46 -37.68
CA MET Y 99 46.99 22.18 -38.37
C MET Y 99 47.51 21.09 -37.42
N GLN Y 100 46.86 19.93 -37.45
CA GLN Y 100 47.33 18.73 -36.75
C GLN Y 100 47.57 17.62 -37.76
N ILE Y 101 48.65 16.86 -37.55
CA ILE Y 101 49.05 15.79 -38.45
C ILE Y 101 49.08 14.48 -37.66
N GLU Y 102 48.53 13.44 -38.28
CA GLU Y 102 48.55 12.10 -37.73
C GLU Y 102 49.27 11.20 -38.72
N SER Y 103 50.30 10.52 -38.25
CA SER Y 103 51.00 9.59 -39.11
C SER Y 103 50.25 8.27 -39.09
N LEU Y 104 49.82 7.84 -40.27
CA LEU Y 104 49.27 6.51 -40.43
C LEU Y 104 50.43 5.68 -40.95
N ALA Y 105 50.18 4.80 -41.89
CA ALA Y 105 51.23 4.06 -42.57
C ALA Y 105 51.52 4.77 -43.88
N GLU Y 106 52.79 5.06 -44.15
CA GLU Y 106 53.16 5.75 -45.38
C GLU Y 106 52.27 6.94 -45.76
N SER Y 107 51.38 7.37 -44.87
CA SER Y 107 50.54 8.52 -45.17
C SER Y 107 50.49 9.50 -43.99
N LEU Y 108 50.01 10.72 -44.29
CA LEU Y 108 49.94 11.83 -43.32
C LEU Y 108 48.54 12.42 -43.33
N HIS Y 109 47.83 12.29 -42.21
CA HIS Y 109 46.47 12.81 -42.12
C HIS Y 109 46.50 14.22 -41.54
N LEU Y 110 46.02 15.19 -42.32
CA LEU Y 110 45.97 16.58 -41.92
C LEU Y 110 44.54 16.97 -41.55
N ARG Y 111 44.42 17.79 -40.52
CA ARG Y 111 43.13 18.36 -40.14
C ARG Y 111 43.37 19.85 -39.87
N PHE Y 112 42.55 20.74 -40.45
CA PHE Y 112 42.77 22.18 -40.38
C PHE Y 112 41.69 22.88 -39.53
N SER Y 113 42.03 24.08 -39.03
CA SER Y 113 41.06 24.94 -38.38
C SER Y 113 41.27 26.37 -38.84
N ALA Y 114 40.30 26.92 -39.57
CA ALA Y 114 40.42 28.29 -40.05
C ALA Y 114 40.58 29.24 -38.87
N PRO Y 115 41.30 30.35 -39.02
CA PRO Y 115 41.43 31.26 -37.87
C PRO Y 115 40.07 31.86 -37.56
N GLN Y 116 39.75 31.92 -36.28
CA GLN Y 116 38.45 32.42 -35.84
C GLN Y 116 38.46 33.94 -35.63
N ILE Y 117 37.30 34.57 -35.86
CA ILE Y 117 37.20 35.98 -35.55
C ILE Y 117 36.79 36.06 -34.09
N GLU Y 118 37.48 36.90 -33.33
CA GLU Y 118 37.22 36.98 -31.91
C GLU Y 118 36.13 38.02 -31.63
N ASN Y 119 35.60 37.97 -30.41
CA ASN Y 119 34.58 38.89 -29.90
C ASN Y 119 33.22 38.71 -30.58
N GLU Y 120 32.97 37.57 -31.20
CA GLU Y 120 31.60 37.59 -31.68
C GLU Y 120 30.77 36.67 -30.79
N PRO Y 121 29.53 37.02 -30.42
CA PRO Y 121 28.77 36.13 -29.53
C PRO Y 121 28.48 34.80 -30.15
N GLU Y 122 28.81 34.66 -31.43
CA GLU Y 122 28.76 33.44 -32.20
C GLU Y 122 30.18 33.12 -32.66
N THR Y 123 30.47 31.85 -32.86
CA THR Y 123 31.83 31.45 -33.24
C THR Y 123 31.97 31.38 -34.75
N TRP Y 124 32.18 32.54 -35.38
CA TRP Y 124 32.46 32.54 -36.81
C TRP Y 124 33.94 32.29 -37.03
N THR Y 125 34.28 31.88 -38.24
CA THR Y 125 35.67 31.58 -38.61
C THR Y 125 35.87 32.11 -40.02
N LEU Y 126 37.14 32.28 -40.41
CA LEU Y 126 37.45 32.96 -41.66
C LEU Y 126 36.84 32.24 -42.84
N LYS Y 127 36.76 30.91 -42.73
CA LYS Y 127 36.13 30.08 -43.73
C LYS Y 127 34.65 30.39 -43.87
N ASN Y 128 33.99 30.76 -42.76
CA ASN Y 128 32.59 31.16 -42.82
C ASN Y 128 32.33 32.58 -43.31
N ILE Y 129 33.35 33.44 -43.36
CA ILE Y 129 33.13 34.84 -43.70
C ILE Y 129 33.40 35.08 -45.18
N TYR Y 130 34.49 34.48 -45.66
CA TYR Y 130 34.95 34.65 -47.03
C TYR Y 130 34.22 33.67 -47.96
N ASP Y 131 33.83 34.19 -49.11
CA ASP Y 131 33.02 33.44 -50.07
C ASP Y 131 33.83 32.43 -50.87
N SER Y 132 35.15 32.42 -50.74
CA SER Y 132 35.97 31.57 -51.60
C SER Y 132 37.13 30.95 -50.85
N TRP Y 133 36.92 30.59 -49.58
CA TRP Y 133 38.01 30.06 -48.76
C TRP Y 133 38.52 28.72 -49.26
N ALA Y 134 39.85 28.54 -49.17
CA ALA Y 134 40.48 27.25 -49.40
C ALA Y 134 41.80 27.18 -48.61
N TYR Y 135 42.27 25.95 -48.40
CA TYR Y 135 43.55 25.72 -47.74
C TYR Y 135 44.57 25.33 -48.80
N ARG Y 136 45.75 25.94 -48.75
CA ARG Y 136 46.91 25.51 -49.51
C ARG Y 136 47.91 24.86 -48.56
N VAL Y 137 48.31 23.65 -48.88
CA VAL Y 137 49.31 22.92 -48.12
C VAL Y 137 50.62 22.90 -48.90
N GLN Y 138 51.73 23.09 -48.19
CA GLN Y 138 53.09 22.95 -48.71
C GLN Y 138 53.81 21.93 -47.85
N TYR Y 139 54.31 20.87 -48.48
CA TYR Y 139 55.08 19.86 -47.79
C TYR Y 139 56.34 19.57 -48.57
N TRP Y 140 57.35 19.09 -47.86
CA TRP Y 140 58.62 18.71 -48.46
C TRP Y 140 59.28 17.66 -47.60
N LYS Y 141 60.25 16.97 -48.19
CA LYS Y 141 61.08 16.05 -47.44
C LYS Y 141 62.06 16.86 -46.60
N GLN Y 142 61.99 16.71 -45.28
CA GLN Y 142 63.02 17.21 -44.38
C GLN Y 142 64.41 17.14 -44.99
N GLY Y 143 65.08 18.29 -45.02
CA GLY Y 143 66.39 18.39 -45.62
C GLY Y 143 66.33 18.95 -47.02
N THR Y 144 65.44 18.44 -47.84
CA THR Y 144 65.41 18.80 -49.25
C THR Y 144 64.70 20.15 -49.45
N ASN Y 145 64.83 20.71 -50.64
CA ASN Y 145 64.16 21.95 -50.96
C ASN Y 145 63.00 21.78 -51.92
N GLU Y 146 62.84 20.62 -52.53
CA GLU Y 146 61.74 20.38 -53.47
C GLU Y 146 60.40 20.40 -52.72
N LYS Y 147 59.63 21.49 -52.88
CA LYS Y 147 58.34 21.60 -52.23
C LYS Y 147 57.21 21.14 -53.17
N PHE Y 148 56.13 20.64 -52.57
CA PHE Y 148 54.95 20.15 -53.27
C PHE Y 148 53.71 20.79 -52.66
N GLN Y 149 52.64 20.90 -53.45
CA GLN Y 149 51.47 21.64 -53.01
C GLN Y 149 50.17 20.94 -53.33
N VAL Y 150 49.21 21.09 -52.44
CA VAL Y 150 47.85 20.60 -52.63
C VAL Y 150 46.90 21.67 -52.10
N VAL Y 151 45.75 21.79 -52.76
CA VAL Y 151 44.68 22.70 -52.41
C VAL Y 151 43.49 21.87 -51.93
N SER Y 152 42.82 22.31 -50.86
CA SER Y 152 41.61 21.64 -50.37
C SER Y 152 40.65 22.66 -49.81
N PRO Y 153 39.35 22.51 -50.04
CA PRO Y 153 38.38 23.39 -49.37
C PRO Y 153 37.86 22.81 -48.06
N TYR Y 154 38.28 21.61 -47.72
CA TYR Y 154 37.70 20.94 -46.56
C TYR Y 154 38.63 21.05 -45.37
N ASP Y 155 38.10 20.73 -44.20
CA ASP Y 155 38.93 20.82 -43.02
C ASP Y 155 39.86 19.59 -42.83
N SER Y 156 39.93 18.69 -43.80
CA SER Y 156 40.70 17.46 -43.73
C SER Y 156 41.37 17.20 -45.07
N GLU Y 157 42.58 16.64 -45.02
CA GLU Y 157 43.30 16.25 -46.23
C GLU Y 157 44.27 15.15 -45.84
N VAL Y 158 44.43 14.18 -46.74
CA VAL Y 158 45.35 13.08 -46.51
C VAL Y 158 46.34 13.07 -47.65
N LEU Y 159 47.62 13.17 -47.31
CA LEU Y 159 48.72 13.08 -48.27
C LEU Y 159 49.10 11.61 -48.42
N ARG Y 160 48.80 11.04 -49.59
CA ARG Y 160 49.04 9.61 -49.78
C ARG Y 160 50.32 9.42 -50.60
N ASN Y 161 50.61 8.16 -50.91
CA ASN Y 161 51.74 7.76 -51.76
C ASN Y 161 53.05 8.44 -51.37
N LEU Y 162 53.29 8.56 -50.06
CA LEU Y 162 54.54 9.14 -49.57
C LEU Y 162 55.54 8.01 -49.29
N GLU Y 163 56.81 8.38 -49.20
CA GLU Y 163 57.83 7.37 -48.95
C GLU Y 163 57.81 6.95 -47.48
N PRO Y 164 58.03 5.67 -47.18
CA PRO Y 164 57.94 5.21 -45.79
C PRO Y 164 59.21 5.55 -45.03
N TRP Y 165 59.06 5.68 -43.71
CA TRP Y 165 60.15 6.06 -42.80
C TRP Y 165 60.90 7.29 -43.30
N THR Y 166 60.17 8.36 -43.58
CA THR Y 166 60.79 9.61 -44.03
C THR Y 166 60.07 10.78 -43.39
N THR Y 167 60.84 11.69 -42.81
CA THR Y 167 60.25 12.89 -42.24
C THR Y 167 59.92 13.86 -43.36
N TYR Y 168 58.65 14.24 -43.43
CA TYR Y 168 58.15 15.33 -44.23
C TYR Y 168 57.88 16.54 -43.33
N CYS Y 169 58.00 17.75 -43.89
CA CYS Y 169 57.65 18.99 -43.20
C CYS Y 169 56.48 19.65 -43.92
N ILE Y 170 55.44 20.00 -43.19
CA ILE Y 170 54.20 20.43 -43.82
C ILE Y 170 53.81 21.80 -43.26
N GLN Y 171 53.20 22.61 -44.13
CA GLN Y 171 52.67 23.94 -43.80
C GLN Y 171 51.32 24.12 -44.45
N VAL Y 172 50.52 25.04 -43.91
CA VAL Y 172 49.20 25.31 -44.46
C VAL Y 172 48.94 26.82 -44.44
N GLN Y 173 48.12 27.28 -45.38
CA GLN Y 173 47.66 28.65 -45.42
C GLN Y 173 46.27 28.70 -46.00
N GLY Y 174 45.52 29.73 -45.61
CA GLY Y 174 44.25 30.02 -46.26
C GLY Y 174 44.48 30.92 -47.49
N PHE Y 175 43.62 30.79 -48.50
CA PHE Y 175 43.67 31.68 -49.65
C PHE Y 175 42.29 31.72 -50.29
N LEU Y 176 42.09 32.66 -51.20
CA LEU Y 176 40.81 32.78 -51.90
C LEU Y 176 40.99 32.34 -53.35
N LEU Y 177 40.11 31.49 -53.82
CA LEU Y 177 40.34 30.86 -55.11
C LEU Y 177 40.36 31.90 -56.20
N ASP Y 178 41.52 31.96 -56.86
CA ASP Y 178 41.95 32.87 -57.93
C ASP Y 178 41.51 34.31 -57.68
N GLN Y 179 41.67 34.75 -56.44
CA GLN Y 179 41.50 36.16 -56.08
C GLN Y 179 42.80 36.69 -55.52
N GLN Y 180 43.92 36.10 -55.95
CA GLN Y 180 45.28 36.38 -55.53
C GLN Y 180 45.37 36.98 -54.13
N ARG Y 181 44.69 36.39 -53.15
CA ARG Y 181 44.83 36.76 -51.74
C ARG Y 181 45.26 35.51 -50.98
N THR Y 182 46.46 35.54 -50.43
CA THR Y 182 46.93 34.46 -49.60
C THR Y 182 46.98 34.93 -48.16
N GLY Y 183 46.64 34.03 -47.22
CA GLY Y 183 46.84 34.28 -45.82
C GLY Y 183 48.23 33.85 -45.45
N GLU Y 184 48.57 34.02 -44.19
CA GLU Y 184 49.90 33.70 -43.72
C GLU Y 184 50.06 32.18 -43.56
N TRP Y 185 51.28 31.68 -43.78
CA TRP Y 185 51.56 30.26 -43.60
C TRP Y 185 51.63 29.88 -42.12
N SER Y 186 51.26 28.64 -41.80
CA SER Y 186 51.55 28.19 -40.44
C SER Y 186 53.04 27.86 -40.36
N GLU Y 187 53.52 27.59 -39.15
CA GLU Y 187 54.94 27.26 -39.15
C GLU Y 187 55.12 25.77 -39.47
N PRO Y 188 56.15 25.41 -40.24
CA PRO Y 188 56.29 24.02 -40.66
C PRO Y 188 56.40 23.11 -39.46
N ILE Y 189 55.55 22.08 -39.46
CA ILE Y 189 55.59 21.00 -38.49
C ILE Y 189 55.98 19.75 -39.28
N CYS Y 190 56.91 18.96 -38.73
CA CYS Y 190 57.43 17.80 -39.46
C CYS Y 190 57.00 16.49 -38.78
N GLU Y 191 56.61 15.51 -39.61
CA GLU Y 191 56.19 14.20 -39.14
C GLU Y 191 56.76 13.14 -40.06
N ARG Y 192 57.23 12.02 -39.50
CA ARG Y 192 57.71 10.95 -40.36
C ARG Y 192 56.66 9.88 -40.57
N THR Y 193 56.70 9.30 -41.77
CA THR Y 193 55.72 8.31 -42.16
C THR Y 193 55.96 6.97 -41.46
N GLY Y 194 55.09 6.01 -41.78
CA GLY Y 194 55.03 4.74 -41.09
C GLY Y 194 55.59 3.58 -41.88
N ASN Y 195 55.30 2.38 -41.34
CA ASN Y 195 56.03 1.16 -41.71
C ASN Y 195 55.66 0.68 -43.11
N ASP Y 196 54.38 0.35 -43.32
CA ASP Y 196 53.93 -0.30 -44.55
C ASP Y 196 52.59 0.22 -45.04
N LEU Z 1 79.40 45.48 -13.46
CA LEU Z 1 78.75 45.14 -12.20
C LEU Z 1 77.47 45.96 -12.01
N LEU Z 2 76.35 45.27 -12.16
CA LEU Z 2 75.00 45.81 -12.03
C LEU Z 2 74.31 45.08 -10.89
N GLN Z 3 73.58 45.80 -10.05
CA GLN Z 3 72.95 45.13 -8.90
C GLN Z 3 71.61 45.77 -8.58
N HIS Z 4 70.81 45.03 -7.84
CA HIS Z 4 69.54 45.49 -7.29
C HIS Z 4 68.60 46.06 -8.35
N VAL Z 5 68.46 45.35 -9.47
CA VAL Z 5 67.55 45.81 -10.52
C VAL Z 5 66.15 45.34 -10.18
N LYS Z 6 65.28 46.29 -9.81
CA LYS Z 6 63.95 45.98 -9.29
C LYS Z 6 62.93 47.06 -9.62
N PHE Z 7 61.69 46.70 -9.40
CA PHE Z 7 60.56 47.61 -9.53
C PHE Z 7 60.28 48.21 -8.16
N GLN Z 8 60.01 49.50 -8.16
CA GLN Z 8 59.50 50.15 -6.97
C GLN Z 8 58.23 50.83 -7.41
N SER Z 9 57.10 50.32 -6.92
CA SER Z 9 55.77 50.68 -7.40
C SER Z 9 54.95 51.26 -6.26
N SER Z 10 54.39 52.46 -6.48
CA SER Z 10 53.59 53.21 -5.51
C SER Z 10 52.39 53.77 -6.25
N ASN Z 11 51.18 53.44 -5.81
CA ASN Z 11 49.98 53.93 -6.46
C ASN Z 11 50.05 53.73 -7.96
N PHE Z 12 50.50 52.54 -8.36
CA PHE Z 12 50.50 52.13 -9.75
C PHE Z 12 51.42 52.98 -10.62
N GLU Z 13 52.38 53.62 -9.98
CA GLU Z 13 53.48 54.28 -10.66
C GLU Z 13 54.70 53.36 -10.62
N ASN Z 14 55.08 52.84 -11.76
CA ASN Z 14 56.01 51.74 -11.77
C ASN Z 14 57.37 52.22 -12.25
N ILE Z 15 58.32 52.35 -11.32
CA ILE Z 15 59.65 52.85 -11.65
C ILE Z 15 60.67 51.73 -11.54
N LEU Z 16 61.43 51.53 -12.61
CA LEU Z 16 62.49 50.54 -12.62
C LEU Z 16 63.73 51.19 -12.07
N THR Z 17 64.30 50.59 -11.02
CA THR Z 17 65.49 51.12 -10.39
C THR Z 17 66.58 50.07 -10.34
N TRP Z 18 67.83 50.54 -10.38
CA TRP Z 18 69.01 49.69 -10.28
C TRP Z 18 70.15 50.49 -9.68
N ASP Z 19 71.27 49.82 -9.44
CA ASP Z 19 72.43 50.45 -8.87
C ASP Z 19 73.64 49.98 -9.64
N GLY Z 20 74.72 50.76 -9.59
CA GLY Z 20 75.98 50.34 -10.16
C GLY Z 20 76.63 49.32 -9.26
N GLY Z 21 77.86 48.96 -9.60
CA GLY Z 21 78.58 47.94 -8.87
C GLY Z 21 80.00 48.33 -8.62
N PRO Z 22 80.82 47.37 -8.22
CA PRO Z 22 82.25 47.65 -8.02
C PRO Z 22 82.99 47.97 -9.31
N ALA Z 23 82.27 48.11 -10.41
CA ALA Z 23 82.83 48.55 -11.68
C ALA Z 23 81.89 49.62 -12.23
N SER Z 24 81.77 50.72 -11.51
CA SER Z 24 80.86 51.79 -11.88
C SER Z 24 81.70 53.00 -12.21
N THR Z 25 82.39 52.90 -13.32
CA THR Z 25 83.12 54.00 -13.88
C THR Z 25 82.12 54.99 -14.47
N SER Z 26 82.45 56.30 -14.41
CA SER Z 26 81.54 57.32 -14.94
C SER Z 26 81.22 57.24 -16.53
N ASP Z 27 81.66 56.18 -17.20
CA ASP Z 27 81.33 55.87 -18.58
C ASP Z 27 80.41 54.65 -18.67
N THR Z 28 79.81 54.23 -17.53
CA THR Z 28 78.86 53.11 -17.51
C THR Z 28 77.50 53.65 -17.94
N VAL Z 29 76.93 53.04 -18.97
CA VAL Z 29 75.64 53.45 -19.49
C VAL Z 29 74.69 52.28 -19.38
N TYR Z 30 73.41 52.60 -19.34
CA TYR Z 30 72.39 51.62 -19.06
C TYR Z 30 71.27 51.73 -20.09
N SER Z 31 70.83 50.58 -20.58
CA SER Z 31 69.71 50.50 -21.51
C SER Z 31 68.58 49.65 -20.92
N VAL Z 32 67.34 50.10 -21.08
CA VAL Z 32 66.18 49.45 -20.48
C VAL Z 32 65.35 48.76 -21.56
N GLU Z 33 64.96 47.51 -21.30
CA GLU Z 33 64.07 46.73 -22.15
C GLU Z 33 62.99 46.15 -21.26
N TYR Z 34 61.77 46.10 -21.77
CA TYR Z 34 60.64 45.59 -21.00
C TYR Z 34 59.83 44.68 -21.88
N LYS Z 35 59.06 43.82 -21.23
CA LYS Z 35 58.29 42.87 -22.00
C LYS Z 35 57.13 42.40 -21.14
N LYS Z 36 56.08 41.96 -21.81
CA LYS Z 36 54.95 41.36 -21.14
C LYS Z 36 55.24 39.88 -20.94
N TYR Z 37 55.02 39.37 -19.73
CA TYR Z 37 55.33 37.98 -19.47
C TYR Z 37 54.57 37.13 -20.47
N GLY Z 38 55.26 36.14 -21.04
CA GLY Z 38 54.68 35.36 -22.13
C GLY Z 38 54.93 35.88 -23.53
N GLU Z 39 55.83 36.84 -23.70
CA GLU Z 39 56.17 37.32 -25.01
C GLU Z 39 57.61 36.96 -25.30
N ARG Z 40 57.96 36.83 -26.56
CA ARG Z 40 59.38 36.58 -26.77
C ARG Z 40 60.17 37.87 -27.03
N LYS Z 41 59.62 38.81 -27.80
CA LYS Z 41 60.32 40.04 -28.15
C LYS Z 41 60.32 41.04 -26.99
N TRP Z 42 61.50 41.58 -26.68
CA TRP Z 42 61.68 42.61 -25.64
C TRP Z 42 61.57 44.00 -26.27
N LEU Z 43 60.69 44.83 -25.74
CA LEU Z 43 60.61 46.18 -26.26
C LEU Z 43 61.67 47.03 -25.57
N ALA Z 44 62.10 48.08 -26.26
CA ALA Z 44 63.17 48.95 -25.78
C ALA Z 44 62.53 50.27 -25.40
N LYS Z 45 62.81 50.73 -24.18
CA LYS Z 45 62.28 52.01 -23.70
C LYS Z 45 63.02 53.16 -24.36
N ALA Z 46 62.27 54.01 -25.10
CA ALA Z 46 62.88 55.06 -25.92
C ALA Z 46 63.67 56.05 -25.08
N GLY Z 47 63.15 56.40 -23.91
CA GLY Z 47 63.85 57.38 -23.10
C GLY Z 47 65.14 56.85 -22.49
N CYS Z 48 65.17 55.57 -22.12
CA CYS Z 48 66.22 55.05 -21.27
C CYS Z 48 67.13 54.16 -22.10
N GLN Z 49 67.96 54.77 -22.94
CA GLN Z 49 68.88 54.01 -23.76
C GLN Z 49 70.28 54.59 -23.61
N ARG Z 50 71.19 53.79 -23.08
CA ARG Z 50 72.56 54.22 -22.90
C ARG Z 50 72.61 55.48 -22.05
N ILE Z 51 71.95 55.41 -20.88
CA ILE Z 51 71.83 56.56 -20.00
C ILE Z 51 72.72 56.34 -18.78
N THR Z 52 73.18 57.44 -18.20
CA THR Z 52 74.04 57.39 -17.02
C THR Z 52 73.26 57.28 -15.71
N GLN Z 53 71.95 57.54 -15.75
CA GLN Z 53 71.08 57.50 -14.58
C GLN Z 53 70.80 56.06 -14.16
N LYS Z 54 70.24 55.91 -12.94
CA LYS Z 54 70.04 54.62 -12.32
C LYS Z 54 68.55 54.37 -12.04
N PHE Z 55 67.68 54.88 -12.91
CA PHE Z 55 66.24 54.64 -12.82
C PHE Z 55 65.60 54.90 -14.18
N CYS Z 56 64.42 54.33 -14.38
CA CYS Z 56 63.69 54.48 -15.63
C CYS Z 56 62.23 54.23 -15.32
N ASP Z 57 61.38 55.17 -15.71
CA ASP Z 57 59.95 55.14 -15.37
C ASP Z 57 59.16 54.41 -16.45
N LEU Z 58 58.62 53.22 -16.11
CA LEU Z 58 57.88 52.37 -17.04
C LEU Z 58 56.37 52.39 -16.82
N THR Z 59 55.85 53.47 -16.25
CA THR Z 59 54.44 53.55 -15.86
C THR Z 59 53.54 53.33 -17.06
N MET Z 60 53.83 54.05 -18.15
CA MET Z 60 53.05 53.89 -19.37
C MET Z 60 53.25 52.50 -19.95
N GLU Z 61 54.45 51.96 -19.82
CA GLU Z 61 54.79 50.68 -20.41
C GLU Z 61 54.29 49.48 -19.60
N THR Z 62 53.94 49.66 -18.33
CA THR Z 62 53.38 48.59 -17.52
C THR Z 62 52.01 49.00 -16.96
N ARG Z 63 51.13 49.53 -17.82
CA ARG Z 63 49.92 50.19 -17.36
C ARG Z 63 48.78 49.25 -16.99
N ASP Z 64 48.77 48.04 -17.53
CA ASP Z 64 47.70 47.08 -17.28
C ASP Z 64 47.96 46.48 -15.91
N HIS Z 65 47.14 46.87 -14.93
CA HIS Z 65 47.48 46.45 -13.57
C HIS Z 65 47.23 44.96 -13.33
N GLN Z 66 46.43 44.33 -14.17
CA GLN Z 66 46.08 42.92 -14.12
C GLN Z 66 46.99 42.04 -14.95
N GLU Z 67 48.04 42.62 -15.52
CA GLU Z 67 49.02 41.94 -16.36
C GLU Z 67 50.23 41.64 -15.50
N PHE Z 68 51.18 40.93 -16.10
CA PHE Z 68 52.45 40.61 -15.47
C PHE Z 68 53.57 41.00 -16.41
N TYR Z 69 54.56 41.68 -15.89
CA TYR Z 69 55.57 42.17 -16.78
C TYR Z 69 56.93 41.83 -16.23
N TYR Z 70 57.91 42.01 -17.09
CA TYR Z 70 59.32 41.82 -16.78
C TYR Z 70 60.07 42.96 -17.45
N ALA Z 71 61.22 43.31 -16.88
CA ALA Z 71 62.11 44.30 -17.45
C ALA Z 71 63.56 43.87 -17.24
N LYS Z 72 64.46 44.32 -18.12
CA LYS Z 72 65.88 44.03 -17.93
C LYS Z 72 66.69 45.27 -18.26
N VAL Z 73 67.85 45.40 -17.59
CA VAL Z 73 68.80 46.49 -17.74
C VAL Z 73 70.15 45.93 -18.16
N THR Z 74 70.74 46.54 -19.18
CA THR Z 74 72.07 46.18 -19.69
C THR Z 74 73.02 47.32 -19.40
N ALA Z 75 74.05 47.06 -18.62
CA ALA Z 75 75.05 48.06 -18.28
C ALA Z 75 76.31 47.80 -19.08
N VAL Z 76 76.75 48.79 -19.85
CA VAL Z 76 78.02 48.72 -20.58
C VAL Z 76 78.89 49.86 -20.07
N SER Z 77 80.13 49.54 -19.76
CA SER Z 77 81.07 50.51 -19.20
C SER Z 77 82.05 51.00 -20.25
N ALA Z 78 81.94 50.52 -21.48
CA ALA Z 78 82.82 50.85 -22.60
C ALA Z 78 84.23 50.34 -22.34
N GLY Z 79 84.47 49.73 -21.19
CA GLY Z 79 85.75 49.21 -20.75
C GLY Z 79 85.67 47.71 -20.64
N GLY Z 80 84.47 47.15 -20.68
CA GLY Z 80 84.34 45.71 -20.62
C GLY Z 80 83.02 45.13 -21.09
N PRO Z 81 82.76 43.87 -20.71
CA PRO Z 81 81.63 43.16 -21.30
C PRO Z 81 80.31 43.64 -20.73
N PRO Z 82 79.21 43.50 -21.47
CA PRO Z 82 77.92 43.97 -20.95
C PRO Z 82 77.35 42.99 -19.92
N VAL Z 83 76.70 43.55 -18.91
CA VAL Z 83 76.05 42.80 -17.84
C VAL Z 83 74.56 43.10 -17.93
N THR Z 84 73.73 42.07 -18.04
CA THR Z 84 72.30 42.25 -18.17
C THR Z 84 71.56 41.44 -17.11
N LYS Z 85 70.83 42.12 -16.24
CA LYS Z 85 70.03 41.47 -15.22
C LYS Z 85 68.57 41.87 -15.36
N MET Z 86 67.65 40.92 -15.21
CA MET Z 86 66.24 41.29 -15.30
C MET Z 86 65.57 41.18 -13.95
N THR Z 87 64.31 41.52 -13.92
CA THR Z 87 63.60 41.70 -12.67
C THR Z 87 62.72 40.50 -12.36
N ASP Z 88 62.25 40.45 -11.10
CA ASP Z 88 61.26 39.42 -10.85
C ASP Z 88 59.99 39.76 -11.61
N ARG Z 89 59.14 38.77 -11.74
CA ARG Z 89 57.84 39.01 -12.32
C ARG Z 89 57.10 40.14 -11.56
N PHE Z 90 56.76 41.20 -12.27
CA PHE Z 90 56.07 42.34 -11.69
C PHE Z 90 54.61 42.30 -12.08
N SER Z 91 53.72 42.45 -11.10
CA SER Z 91 52.29 42.70 -11.29
C SER Z 91 51.95 43.86 -10.38
N SER Z 92 51.63 44.99 -10.99
CA SER Z 92 51.44 46.18 -10.21
C SER Z 92 50.31 46.00 -9.23
N LEU Z 93 49.24 45.29 -9.64
CA LEU Z 93 48.13 45.06 -8.72
C LEU Z 93 48.59 44.43 -7.41
N GLN Z 94 49.49 43.47 -7.48
CA GLN Z 94 49.84 42.82 -6.23
C GLN Z 94 51.04 43.44 -5.56
N HIS Z 95 51.90 44.15 -6.29
CA HIS Z 95 53.17 44.53 -5.67
C HIS Z 95 53.24 45.96 -5.21
N THR Z 96 52.33 46.81 -5.67
CA THR Z 96 52.41 48.22 -5.40
C THR Z 96 51.97 48.52 -3.99
N THR Z 97 52.56 49.54 -3.41
CA THR Z 97 52.17 50.09 -2.13
C THR Z 97 51.28 51.29 -2.35
N ILE Z 98 50.50 51.65 -1.34
CA ILE Z 98 49.62 52.81 -1.47
C ILE Z 98 50.30 54.03 -0.86
N LYS Z 99 50.36 55.10 -1.65
CA LYS Z 99 50.82 56.38 -1.19
C LYS Z 99 49.87 56.92 -0.11
N PRO Z 100 50.32 57.79 0.80
CA PRO Z 100 49.37 58.39 1.77
C PRO Z 100 48.23 59.10 1.06
N PRO Z 101 47.04 59.05 1.64
CA PRO Z 101 45.86 59.63 0.99
C PRO Z 101 45.90 61.16 0.92
N ASP Z 102 45.08 61.68 0.01
CA ASP Z 102 44.92 63.13 -0.17
C ASP Z 102 43.86 63.59 0.78
N VAL Z 103 44.27 64.26 1.85
CA VAL Z 103 43.39 64.70 2.92
C VAL Z 103 43.60 66.19 3.10
N THR Z 104 42.53 66.90 3.41
CA THR Z 104 42.64 68.26 3.93
C THR Z 104 42.00 68.26 5.32
N CYS Z 105 42.78 68.63 6.33
CA CYS Z 105 42.30 68.70 7.70
C CYS Z 105 41.74 70.08 8.03
N ILE Z 106 40.59 70.10 8.68
CA ILE Z 106 39.89 71.33 9.04
C ILE Z 106 39.79 71.41 10.56
N PRO Z 107 40.44 72.36 11.21
CA PRO Z 107 40.26 72.56 12.67
C PRO Z 107 38.90 73.21 12.97
N LYS Z 108 38.19 72.63 13.95
CA LYS Z 108 36.91 73.14 14.43
C LYS Z 108 37.02 73.52 15.92
N VAL Z 109 35.93 74.01 16.53
CA VAL Z 109 36.06 74.46 17.92
C VAL Z 109 36.16 73.27 18.87
N ARG Z 110 35.25 72.31 18.76
CA ARG Z 110 35.26 71.16 19.65
C ARG Z 110 35.38 69.86 18.86
N SER Z 111 35.87 69.95 17.63
CA SER Z 111 36.02 68.80 16.76
C SER Z 111 37.13 69.07 15.77
N ILE Z 112 37.40 68.07 14.94
CA ILE Z 112 38.40 68.15 13.88
C ILE Z 112 37.79 67.47 12.66
N GLN Z 113 37.83 68.16 11.53
CA GLN Z 113 37.18 67.66 10.31
C GLN Z 113 38.21 67.18 9.31
N MET Z 114 37.89 66.10 8.62
CA MET Z 114 38.81 65.53 7.64
C MET Z 114 38.04 65.16 6.38
N LEU Z 115 38.57 65.63 5.25
CA LEU Z 115 38.02 65.34 3.93
C LEU Z 115 39.09 64.57 3.16
N VAL Z 116 38.72 63.41 2.64
CA VAL Z 116 39.63 62.63 1.82
C VAL Z 116 39.28 62.86 0.35
N HIS Z 117 40.30 63.24 -0.47
CA HIS Z 117 39.90 63.45 -1.85
C HIS Z 117 40.35 62.29 -2.71
N PRO Z 118 39.60 61.99 -3.77
CA PRO Z 118 39.95 60.86 -4.61
C PRO Z 118 41.35 61.04 -5.17
N THR Z 119 42.10 59.95 -5.18
CA THR Z 119 43.47 59.95 -5.68
C THR Z 119 43.50 59.18 -6.99
N LEU Z 120 43.83 59.88 -8.06
CA LEU Z 120 43.94 59.28 -9.36
C LEU Z 120 45.26 58.55 -9.51
N THR Z 121 45.24 57.62 -10.44
CA THR Z 121 46.29 56.66 -10.73
C THR Z 121 46.46 56.59 -12.23
N PRO Z 122 47.56 56.03 -12.71
CA PRO Z 122 47.76 55.86 -14.15
C PRO Z 122 47.01 54.68 -14.76
N VAL Z 123 46.11 54.02 -14.05
CA VAL Z 123 45.47 52.82 -14.56
C VAL Z 123 44.20 53.25 -15.28
N LEU Z 124 43.93 52.65 -16.43
CA LEU Z 124 42.84 53.14 -17.28
C LEU Z 124 41.65 52.21 -17.32
N SER Z 125 40.50 52.82 -17.58
CA SER Z 125 39.26 52.09 -17.73
C SER Z 125 39.24 51.40 -19.09
N GLU Z 126 38.15 50.68 -19.37
CA GLU Z 126 38.05 50.04 -20.66
C GLU Z 126 38.06 51.10 -21.76
N ASP Z 127 37.43 52.25 -21.49
CA ASP Z 127 37.36 53.41 -22.37
C ASP Z 127 38.66 54.20 -22.42
N GLY Z 128 39.58 53.95 -21.51
CA GLY Z 128 40.84 54.65 -21.52
C GLY Z 128 40.91 55.83 -20.57
N HIS Z 129 40.02 55.92 -19.60
CA HIS Z 129 40.01 57.01 -18.65
C HIS Z 129 40.60 56.54 -17.32
N GLN Z 130 41.36 57.40 -16.68
CA GLN Z 130 42.06 57.00 -15.46
C GLN Z 130 41.11 56.84 -14.28
N LEU Z 131 41.38 55.79 -13.47
CA LEU Z 131 40.60 55.39 -12.30
C LEU Z 131 41.24 55.86 -10.99
N THR Z 132 40.38 56.14 -10.00
CA THR Z 132 40.90 56.32 -8.65
C THR Z 132 41.07 54.99 -7.92
N LEU Z 133 41.75 55.07 -6.80
CA LEU Z 133 41.96 53.92 -5.93
C LEU Z 133 40.65 53.25 -5.53
N GLU Z 134 39.66 54.06 -5.16
CA GLU Z 134 38.37 53.51 -4.76
C GLU Z 134 37.76 52.72 -5.90
N GLU Z 135 37.97 53.16 -7.14
CA GLU Z 135 37.45 52.41 -8.27
C GLU Z 135 38.26 51.16 -8.52
N ILE Z 136 39.52 51.13 -8.10
CA ILE Z 136 40.31 49.95 -8.36
C ILE Z 136 40.10 48.91 -7.27
N PHE Z 137 40.07 49.36 -6.03
CA PHE Z 137 39.90 48.50 -4.87
C PHE Z 137 38.54 48.69 -4.24
N HIS Z 138 37.60 47.83 -4.59
CA HIS Z 138 36.26 47.91 -4.03
C HIS Z 138 36.25 47.65 -2.54
N ASP Z 139 37.30 47.02 -2.01
CA ASP Z 139 37.41 46.75 -0.59
C ASP Z 139 38.04 47.91 0.16
N LEU Z 140 38.39 48.98 -0.54
CA LEU Z 140 39.16 50.05 0.09
C LEU Z 140 38.37 50.65 1.23
N PHE Z 141 39.08 51.02 2.31
CA PHE Z 141 38.47 51.82 3.35
C PHE Z 141 39.56 52.63 4.06
N TYR Z 142 39.14 53.61 4.84
CA TYR Z 142 40.06 54.58 5.45
C TYR Z 142 40.08 54.41 6.95
N ARG Z 143 41.28 54.39 7.51
CA ARG Z 143 41.50 54.32 8.95
C ARG Z 143 42.15 55.60 9.38
N LEU Z 144 41.43 56.45 10.07
CA LEU Z 144 42.05 57.68 10.52
C LEU Z 144 42.03 57.68 12.03
N GLU Z 145 43.11 58.18 12.62
CA GLU Z 145 43.30 58.27 14.07
C GLU Z 145 43.60 59.70 14.49
N LEU Z 146 43.10 60.06 15.68
CA LEU Z 146 43.38 61.34 16.32
C LEU Z 146 44.09 61.09 17.64
N HIS Z 147 45.39 61.39 17.67
CA HIS Z 147 46.21 61.15 18.83
C HIS Z 147 46.17 62.38 19.73
N VAL Z 148 45.80 62.18 21.00
CA VAL Z 148 45.85 63.26 22.01
C VAL Z 148 47.05 63.10 22.95
N ASN Z 149 47.28 61.90 23.50
CA ASN Z 149 48.46 61.65 24.34
C ASN Z 149 48.81 60.18 24.15
N HIS Z 150 50.04 59.80 24.55
CA HIS Z 150 50.54 58.47 24.18
C HIS Z 150 49.61 57.34 24.59
N THR Z 151 48.77 57.56 25.60
CA THR Z 151 47.91 56.53 26.15
C THR Z 151 46.45 56.63 25.68
N TYR Z 152 46.12 57.64 24.86
CA TYR Z 152 44.74 57.86 24.42
C TYR Z 152 44.74 58.23 22.94
N GLN Z 153 44.09 57.41 22.11
CA GLN Z 153 43.98 57.73 20.70
C GLN Z 153 42.59 57.41 20.22
N MET Z 154 42.07 58.26 19.35
CA MET Z 154 40.72 58.10 18.83
C MET Z 154 40.84 57.83 17.35
N HIS Z 155 40.29 56.73 16.90
CA HIS Z 155 40.20 56.52 15.47
C HIS Z 155 38.79 56.09 15.14
N LEU Z 156 38.35 56.48 13.95
CA LEU Z 156 37.12 56.00 13.39
C LEU Z 156 37.39 55.58 11.94
N GLU Z 157 36.56 54.68 11.45
CA GLU Z 157 36.85 53.97 10.21
C GLU Z 157 35.62 53.84 9.36
N GLY Z 158 35.85 53.88 8.05
CA GLY Z 158 34.74 53.75 7.13
C GLY Z 158 35.21 53.91 5.70
N LYS Z 159 34.24 53.80 4.78
CA LYS Z 159 34.43 54.01 3.35
C LYS Z 159 34.03 55.42 2.91
N GLN Z 160 33.41 56.19 3.80
CA GLN Z 160 32.95 57.50 3.38
C GLN Z 160 34.15 58.42 3.25
N ARG Z 161 33.90 59.63 2.79
CA ARG Z 161 34.98 60.58 2.54
C ARG Z 161 34.97 61.73 3.53
N GLU Z 162 34.03 61.74 4.48
CA GLU Z 162 33.85 62.77 5.48
C GLU Z 162 34.01 62.20 6.88
N TYR Z 163 34.84 62.84 7.71
CA TYR Z 163 35.02 62.39 9.08
C TYR Z 163 35.15 63.56 10.03
N GLU Z 164 34.59 63.42 11.24
CA GLU Z 164 34.76 64.42 12.28
C GLU Z 164 34.86 63.75 13.65
N PHE Z 165 35.96 64.03 14.35
CA PHE Z 165 36.19 63.52 15.69
C PHE Z 165 35.50 64.45 16.69
N LEU Z 166 34.49 63.95 17.38
CA LEU Z 166 33.67 64.77 18.25
C LEU Z 166 34.20 64.78 19.69
N GLY Z 167 33.76 65.78 20.46
CA GLY Z 167 34.01 65.81 21.89
C GLY Z 167 35.37 66.32 22.32
N LEU Z 168 35.97 67.21 21.54
CA LEU Z 168 37.32 67.71 21.76
C LEU Z 168 37.30 69.05 22.50
N THR Z 169 38.38 69.32 23.21
CA THR Z 169 38.55 70.59 23.89
C THR Z 169 39.15 71.61 22.94
N PRO Z 170 38.71 72.86 23.06
CA PRO Z 170 39.22 73.91 22.18
C PRO Z 170 40.69 74.19 22.42
N ASP Z 171 41.30 74.79 21.38
CA ASP Z 171 42.65 75.33 21.45
C ASP Z 171 43.65 74.28 21.92
N THR Z 172 43.40 73.05 21.53
CA THR Z 172 44.24 71.92 21.87
C THR Z 172 44.90 71.46 20.58
N GLU Z 173 46.17 71.07 20.66
CA GLU Z 173 46.89 70.60 19.50
C GLU Z 173 46.62 69.10 19.30
N PHE Z 174 46.35 68.71 18.06
CA PHE Z 174 46.11 67.30 17.76
C PHE Z 174 47.00 66.86 16.61
N LEU Z 175 47.20 65.53 16.55
CA LEU Z 175 47.95 64.85 15.50
C LEU Z 175 46.99 63.88 14.82
N GLY Z 176 46.64 64.19 13.59
CA GLY Z 176 45.74 63.36 12.84
C GLY Z 176 46.57 62.57 11.83
N SER Z 177 46.22 61.29 11.68
CA SER Z 177 46.88 60.39 10.74
C SER Z 177 45.80 59.65 9.97
N ILE Z 178 45.92 59.58 8.66
CA ILE Z 178 44.94 58.88 7.85
C ILE Z 178 45.67 57.87 6.95
N THR Z 179 45.12 56.65 6.86
CA THR Z 179 45.70 55.54 6.09
C THR Z 179 44.63 54.87 5.25
N ILE Z 180 45.00 54.47 4.01
CA ILE Z 180 44.16 53.69 3.11
C ILE Z 180 44.44 52.20 3.38
N LEU Z 181 43.39 51.40 3.44
CA LEU Z 181 43.51 49.97 3.60
C LEU Z 181 42.75 49.26 2.51
N THR Z 182 43.39 48.19 2.03
CA THR Z 182 42.85 47.22 1.06
C THR Z 182 42.99 45.82 1.64
N PRO Z 183 41.91 45.26 2.22
CA PRO Z 183 42.05 44.01 3.01
C PRO Z 183 42.45 42.79 2.20
N ILE Z 184 41.81 42.61 1.04
CA ILE Z 184 41.96 41.38 0.27
C ILE Z 184 43.44 41.11 -0.03
N LEU Z 185 44.13 42.13 -0.51
CA LEU Z 185 45.55 42.11 -0.83
C LEU Z 185 46.43 42.54 0.35
N SER Z 186 45.88 42.67 1.56
CA SER Z 186 46.71 42.94 2.73
C SER Z 186 47.61 44.18 2.57
N LYS Z 187 47.13 45.23 1.85
CA LYS Z 187 47.89 46.46 1.62
C LYS Z 187 47.44 47.57 2.57
N GLU Z 188 48.41 48.32 3.06
CA GLU Z 188 48.12 49.44 3.94
C GLU Z 188 49.00 50.62 3.55
N SER Z 189 48.39 51.79 3.32
CA SER Z 189 49.21 52.90 2.88
C SER Z 189 50.09 53.41 4.02
N ALA Z 190 51.12 54.15 3.66
CA ALA Z 190 51.75 55.01 4.64
C ALA Z 190 50.74 56.08 5.05
N PRO Z 191 50.90 56.70 6.21
CA PRO Z 191 49.90 57.68 6.67
C PRO Z 191 50.03 59.05 6.02
N TYR Z 192 48.90 59.70 5.84
CA TYR Z 192 48.90 61.16 5.76
C TYR Z 192 48.84 61.70 7.18
N VAL Z 193 49.71 62.67 7.50
CA VAL Z 193 49.88 63.15 8.87
C VAL Z 193 49.60 64.67 8.96
N CYS Z 194 48.56 65.04 9.75
CA CYS Z 194 48.13 66.42 10.00
C CYS Z 194 48.51 66.83 11.40
N ARG Z 195 49.28 67.90 11.52
CA ARG Z 195 49.44 68.54 12.82
C ARG Z 195 48.44 69.70 12.81
N VAL Z 196 47.31 69.52 13.50
CA VAL Z 196 46.27 70.54 13.46
C VAL Z 196 45.99 71.04 14.89
N LYS Z 197 45.48 72.28 15.00
CA LYS Z 197 45.21 72.88 16.31
C LYS Z 197 43.82 73.50 16.30
N THR Z 198 42.93 72.93 17.12
CA THR Z 198 41.54 73.35 17.17
C THR Z 198 41.39 74.80 17.60
N LEU Z 199 40.29 75.41 17.14
CA LEU Z 199 40.06 76.85 17.21
C LEU Z 199 39.88 77.37 18.65
N PRO Z 200 40.23 78.63 18.91
CA PRO Z 200 40.24 79.15 20.28
C PRO Z 200 38.90 79.53 20.87
N ASP Z 201 37.85 79.68 20.07
CA ASP Z 201 36.52 80.06 20.60
C ASP Z 201 36.56 81.49 21.19
N THR AA 5 24.29 28.58 -14.79
CA THR AA 5 24.42 28.96 -13.40
C THR AA 5 24.95 27.79 -12.59
N ARG AA 6 24.98 26.62 -13.25
CA ARG AA 6 25.44 25.40 -12.60
C ARG AA 6 26.84 25.57 -12.03
N CYS AA 7 27.64 26.42 -12.64
CA CYS AA 7 29.02 26.50 -12.22
C CYS AA 7 29.49 27.93 -12.13
N LYS AA 8 29.09 28.58 -11.06
CA LYS AA 8 29.55 29.90 -10.75
C LYS AA 8 29.99 29.81 -9.30
N LEU AA 9 31.06 30.52 -8.96
CA LEU AA 9 31.47 30.59 -7.57
C LEU AA 9 31.17 31.97 -7.01
N HIS AA 10 31.00 32.03 -5.69
CA HIS AA 10 30.77 33.30 -5.06
C HIS AA 10 32.08 34.01 -4.80
N VAL AA 11 32.04 35.34 -4.81
CA VAL AA 11 33.27 36.10 -4.62
C VAL AA 11 33.92 35.76 -3.29
N ARG AA 12 33.12 35.38 -2.29
CA ARG AA 12 33.68 35.12 -0.98
C ARG AA 12 34.80 34.11 -1.07
N ASN AA 13 34.71 33.19 -2.03
CA ASN AA 13 35.78 32.21 -2.18
C ASN AA 13 37.08 32.86 -2.59
N PHE AA 14 37.05 34.03 -3.20
CA PHE AA 14 38.28 34.66 -3.66
C PHE AA 14 38.66 35.91 -2.88
N GLN AA 15 38.05 36.19 -1.72
CA GLN AA 15 38.30 37.45 -1.02
C GLN AA 15 38.85 37.27 0.39
N SER AA 16 39.40 36.09 0.71
CA SER AA 16 40.03 35.75 1.99
C SER AA 16 41.46 36.23 2.03
N PRO AA 17 41.79 37.18 2.90
CA PRO AA 17 43.16 37.68 2.93
C PRO AA 17 44.20 36.60 3.20
N TYR AA 18 43.87 35.67 4.11
CA TYR AA 18 44.79 34.60 4.44
C TYR AA 18 45.06 33.74 3.22
N ILE AA 19 44.00 33.29 2.57
CA ILE AA 19 44.25 32.36 1.47
C ILE AA 19 44.97 33.08 0.34
N VAL AA 20 44.63 34.36 0.10
CA VAL AA 20 45.26 35.12 -0.98
C VAL AA 20 46.73 35.38 -0.65
N ASN AA 21 47.02 35.77 0.59
CA ASN AA 21 48.41 35.92 0.97
C ASN AA 21 49.18 34.63 0.74
N ARG AA 22 48.59 33.49 1.14
CA ARG AA 22 49.32 32.23 1.10
C ARG AA 22 49.48 31.74 -0.33
N THR AA 23 48.43 31.89 -1.15
CA THR AA 23 48.56 31.47 -2.54
C THR AA 23 49.59 32.33 -3.28
N PHE AA 24 49.49 33.66 -3.12
CA PHE AA 24 50.36 34.53 -3.89
C PHE AA 24 51.79 34.47 -3.41
N MET AA 25 51.99 34.14 -2.13
CA MET AA 25 53.32 33.84 -1.64
C MET AA 25 53.83 32.51 -2.20
N LEU AA 26 52.91 31.55 -2.40
CA LEU AA 26 53.31 30.30 -3.03
C LEU AA 26 53.73 30.54 -4.45
N ALA AA 27 52.96 31.36 -5.17
CA ALA AA 27 53.34 31.66 -6.55
C ALA AA 27 54.68 32.37 -6.60
N LYS AA 28 54.93 33.25 -5.63
CA LYS AA 28 56.15 34.04 -5.75
C LYS AA 28 57.36 33.15 -5.56
N GLU AA 29 57.33 32.25 -4.58
CA GLU AA 29 58.48 31.39 -4.36
C GLU AA 29 58.72 30.46 -5.57
N ALA AA 30 57.65 30.04 -6.24
CA ALA AA 30 57.86 29.25 -7.44
C ALA AA 30 58.32 30.11 -8.62
N SER AA 31 57.76 31.34 -8.78
CA SER AA 31 58.09 32.11 -9.99
C SER AA 31 59.55 32.52 -9.99
N LEU AA 32 60.11 32.74 -8.80
CA LEU AA 32 61.53 33.06 -8.70
C LEU AA 32 62.42 31.96 -9.30
N ALA AA 33 61.97 30.70 -9.29
CA ALA AA 33 62.74 29.59 -9.86
C ALA AA 33 62.44 29.29 -11.32
N ASP AA 34 61.71 30.17 -11.99
CA ASP AA 34 61.20 30.04 -13.34
C ASP AA 34 61.76 31.21 -14.17
N GLN AA 35 62.82 30.98 -14.94
CA GLN AA 35 63.43 32.05 -15.71
C GLN AA 35 62.96 32.04 -17.16
N ASN AA 36 61.89 31.32 -17.44
CA ASN AA 36 61.36 31.21 -18.78
C ASN AA 36 60.20 32.17 -18.93
N THR AA 37 60.54 33.43 -19.27
CA THR AA 37 59.60 34.50 -19.54
C THR AA 37 58.92 34.42 -20.91
N ASP AA 38 59.36 33.54 -21.80
CA ASP AA 38 58.82 33.54 -23.16
C ASP AA 38 57.54 32.74 -23.28
N VAL AA 39 57.37 31.69 -22.49
CA VAL AA 39 56.19 30.82 -22.58
C VAL AA 39 55.39 31.01 -21.29
N ARG AA 40 54.11 31.29 -21.46
CA ARG AA 40 53.20 31.58 -20.38
C ARG AA 40 51.98 30.68 -20.47
N LEU AA 41 51.70 29.97 -19.38
CA LEU AA 41 50.65 28.95 -19.38
C LEU AA 41 49.26 29.57 -19.36
N ILE AA 42 48.92 30.20 -18.25
CA ILE AA 42 47.59 30.74 -18.07
C ILE AA 42 47.65 32.14 -18.65
N GLY AA 43 47.44 32.23 -19.94
CA GLY AA 43 47.49 33.50 -20.58
C GLY AA 43 46.41 33.45 -21.62
N GLU AA 44 46.30 34.47 -22.45
CA GLU AA 44 45.25 34.46 -23.45
C GLU AA 44 45.49 33.39 -24.51
N LYS AA 45 46.70 32.84 -24.58
CA LYS AA 45 46.93 31.66 -25.43
C LYS AA 45 46.03 30.49 -25.01
N LEU AA 46 45.63 30.44 -23.75
CA LEU AA 46 44.70 29.44 -23.27
C LEU AA 46 43.25 29.76 -23.61
N PHE AA 47 42.90 31.03 -23.72
CA PHE AA 47 41.51 31.43 -23.89
C PHE AA 47 41.11 31.62 -25.34
N ARG AA 48 41.94 31.21 -26.30
CA ARG AA 48 41.72 31.50 -27.71
C ARG AA 48 40.47 30.78 -28.21
N GLY AA 49 39.42 31.55 -28.48
CA GLY AA 49 38.17 31.08 -29.05
C GLY AA 49 37.30 30.27 -28.13
N VAL AA 50 37.17 30.71 -26.87
CA VAL AA 50 36.30 30.08 -25.88
C VAL AA 50 35.38 31.19 -25.37
N SER AA 51 34.11 31.08 -25.74
CA SER AA 51 33.06 32.01 -25.34
C SER AA 51 33.18 32.39 -23.87
N ALA AA 52 32.65 33.56 -23.54
CA ALA AA 52 32.79 34.05 -22.18
C ALA AA 52 32.00 33.22 -21.18
N LYS AA 53 30.94 32.54 -21.61
CA LYS AA 53 30.22 31.73 -20.63
C LYS AA 53 30.79 30.31 -20.48
N ASP AA 54 31.59 29.84 -21.43
CA ASP AA 54 32.25 28.55 -21.30
C ASP AA 54 33.60 28.65 -20.60
N GLN AA 55 34.01 29.88 -20.21
CA GLN AA 55 35.33 30.10 -19.62
C GLN AA 55 35.47 29.52 -18.20
N CYS AA 56 34.40 29.51 -17.39
CA CYS AA 56 34.52 28.91 -16.07
C CYS AA 56 34.84 27.43 -16.17
N TYR AA 57 34.17 26.70 -17.07
CA TYR AA 57 34.52 25.30 -17.32
C TYR AA 57 35.98 25.15 -17.72
N LEU AA 58 36.45 26.05 -18.59
CA LEU AA 58 37.84 25.97 -19.04
C LEU AA 58 38.80 26.00 -17.87
N MET AA 59 38.57 26.92 -16.91
CA MET AA 59 39.43 27.06 -15.74
C MET AA 59 39.27 25.90 -14.79
N LYS AA 60 38.10 25.29 -14.81
CA LYS AA 60 37.86 24.08 -14.04
C LYS AA 60 38.78 22.95 -14.49
N GLN AA 61 39.04 22.86 -15.80
CA GLN AA 61 39.92 21.83 -16.33
C GLN AA 61 41.37 22.14 -16.04
N VAL AA 62 41.75 23.41 -16.15
CA VAL AA 62 43.11 23.77 -15.77
C VAL AA 62 43.32 23.55 -14.26
N LEU AA 63 42.28 23.82 -13.45
CA LEU AA 63 42.40 23.63 -12.00
C LEU AA 63 42.51 22.13 -11.68
N GLN AA 64 41.69 21.30 -12.33
CA GLN AA 64 41.84 19.87 -12.11
C GLN AA 64 43.21 19.36 -12.56
N PHE AA 65 43.73 19.91 -13.67
CA PHE AA 65 45.02 19.47 -14.18
C PHE AA 65 46.14 19.86 -13.23
N THR AA 66 46.15 21.12 -12.81
CA THR AA 66 47.19 21.61 -11.90
C THR AA 66 47.16 20.86 -10.58
N LEU AA 67 45.97 20.47 -10.12
CA LEU AA 67 45.86 19.67 -8.90
C LEU AA 67 46.39 18.26 -9.14
N GLU AA 68 45.98 17.64 -10.24
CA GLU AA 68 46.27 16.23 -10.46
C GLU AA 68 47.70 16.03 -10.96
N ASP AA 69 48.21 16.94 -11.78
CA ASP AA 69 49.46 16.67 -12.46
C ASP AA 69 50.66 17.45 -11.94
N VAL AA 70 50.47 18.56 -11.22
CA VAL AA 70 51.60 19.33 -10.71
C VAL AA 70 51.58 19.46 -9.19
N LEU AA 71 50.41 19.70 -8.58
CA LEU AA 71 50.40 20.01 -7.15
C LEU AA 71 50.34 18.76 -6.27
N LEU AA 72 49.46 17.81 -6.56
CA LEU AA 72 49.36 16.63 -5.70
C LEU AA 72 50.63 15.78 -5.70
N PRO AA 73 51.25 15.43 -6.84
CA PRO AA 73 52.47 14.62 -6.78
C PRO AA 73 53.63 15.35 -6.14
N GLN AA 74 53.54 16.65 -6.06
CA GLN AA 74 54.64 17.52 -5.69
C GLN AA 74 54.24 18.41 -4.53
N SER AA 75 53.50 17.82 -3.58
CA SER AA 75 52.95 18.55 -2.44
C SER AA 75 53.97 18.76 -1.32
N ASP AA 76 55.20 18.27 -1.48
CA ASP AA 76 56.22 18.32 -0.43
C ASP AA 76 57.17 19.51 -0.60
N ARG AA 77 57.24 20.11 -1.72
CA ARG AA 77 58.09 21.28 -1.81
C ARG AA 77 57.27 22.55 -1.65
N PHE AA 78 57.92 23.71 -1.67
CA PHE AA 78 57.29 25.00 -1.47
C PHE AA 78 56.42 25.06 -0.21
N GLN AA 79 56.79 24.31 0.84
CA GLN AA 79 56.06 24.46 2.08
C GLN AA 79 56.46 25.80 2.70
N PRO AA 80 55.78 26.23 3.79
CA PRO AA 80 54.52 25.81 4.39
C PRO AA 80 53.27 26.19 3.60
N TYR AA 81 53.41 26.76 2.40
CA TYR AA 81 52.21 27.26 1.72
C TYR AA 81 51.45 26.14 1.03
N MET AA 82 52.16 25.23 0.38
CA MET AA 82 51.51 24.10 -0.30
C MET AA 82 50.50 23.41 0.63
N TRP AA 83 50.85 23.26 1.90
CA TRP AA 83 49.98 22.62 2.88
C TRP AA 83 48.67 23.38 3.08
N GLU AA 84 48.69 24.71 2.99
CA GLU AA 84 47.43 25.46 3.11
C GLU AA 84 46.78 25.79 1.78
N VAL AA 85 47.57 25.93 0.72
CA VAL AA 85 47.04 26.37 -0.55
C VAL AA 85 46.32 25.22 -1.24
N VAL AA 86 46.91 24.01 -1.24
CA VAL AA 86 46.33 22.89 -1.98
C VAL AA 86 44.95 22.51 -1.43
N PRO AA 87 44.73 22.43 -0.11
CA PRO AA 87 43.35 22.19 0.39
C PRO AA 87 42.38 23.28 -0.02
N PHE AA 88 42.84 24.51 -0.16
CA PHE AA 88 41.95 25.56 -0.63
C PHE AA 88 41.53 25.35 -2.09
N LEU AA 89 42.52 25.22 -3.00
CA LEU AA 89 42.28 25.01 -4.42
C LEU AA 89 41.46 23.74 -4.72
N THR AA 90 41.69 22.65 -3.96
CA THR AA 90 40.86 21.44 -4.07
C THR AA 90 39.42 21.71 -3.65
N LYS AA 91 39.20 22.48 -2.55
CA LYS AA 91 37.83 22.83 -2.17
C LYS AA 91 37.14 23.62 -3.28
N LEU AA 92 37.91 24.26 -4.14
CA LEU AA 92 37.36 24.97 -5.29
C LEU AA 92 37.04 24.02 -6.42
N SER AA 93 37.92 23.03 -6.64
CA SER AA 93 37.63 22.07 -7.68
C SER AA 93 36.37 21.31 -7.35
N ASN AA 94 36.13 21.05 -6.06
CA ASN AA 94 34.93 20.34 -5.68
C ASN AA 94 33.69 21.22 -5.79
N LYS AA 95 33.81 22.52 -5.49
CA LYS AA 95 32.65 23.39 -5.67
C LYS AA 95 32.21 23.47 -7.14
N LEU AA 96 33.12 23.24 -8.08
CA LEU AA 96 32.83 23.29 -9.52
C LEU AA 96 32.46 21.93 -10.12
N SER AA 97 32.29 20.89 -9.30
CA SER AA 97 32.04 19.55 -9.84
C SER AA 97 30.78 19.50 -10.70
N SER AA 98 29.77 20.30 -10.38
CA SER AA 98 28.52 20.38 -11.11
C SER AA 98 28.63 21.17 -12.42
N CYS AA 99 29.84 21.55 -12.84
CA CYS AA 99 30.04 22.37 -14.03
C CYS AA 99 30.32 21.52 -15.26
N HIS AA 100 29.56 21.75 -16.32
CA HIS AA 100 29.76 21.07 -17.59
C HIS AA 100 29.39 22.00 -18.73
N ILE AA 101 29.95 21.71 -19.90
CA ILE AA 101 29.88 22.65 -21.00
C ILE AA 101 28.45 22.69 -21.54
N SER AA 102 28.08 23.84 -22.11
CA SER AA 102 26.74 23.98 -22.67
C SER AA 102 26.55 23.16 -23.94
N GLY AA 103 27.63 22.90 -24.66
CA GLY AA 103 27.56 22.15 -25.90
C GLY AA 103 28.92 21.85 -26.51
N ASP AA 104 29.42 22.72 -27.37
CA ASP AA 104 30.67 22.47 -28.08
C ASP AA 104 31.86 22.73 -27.17
N ASP AA 105 32.62 21.67 -26.87
CA ASP AA 105 33.85 21.76 -26.09
C ASP AA 105 35.06 21.34 -26.92
N GLN AA 106 35.07 21.69 -28.21
CA GLN AA 106 36.22 21.31 -29.03
C GLN AA 106 37.39 22.25 -28.80
N ASN AA 107 37.14 23.53 -28.56
CA ASN AA 107 38.23 24.46 -28.32
C ASN AA 107 38.76 24.40 -26.90
N ILE AA 108 37.90 24.12 -25.91
CA ILE AA 108 38.39 24.00 -24.54
C ILE AA 108 39.33 22.80 -24.40
N GLN AA 109 38.91 21.61 -24.86
CA GLN AA 109 39.79 20.46 -24.73
C GLN AA 109 41.02 20.56 -25.64
N LYS AA 110 40.89 21.26 -26.78
CA LYS AA 110 42.07 21.49 -27.63
C LYS AA 110 43.05 22.45 -26.99
N ASN AA 111 42.59 23.45 -26.21
CA ASN AA 111 43.48 24.36 -25.49
C ASN AA 111 44.06 23.74 -24.23
N VAL AA 112 43.24 23.02 -23.46
CA VAL AA 112 43.76 22.34 -22.27
C VAL AA 112 44.80 21.32 -22.69
N ARG AA 113 44.67 20.74 -23.89
CA ARG AA 113 45.70 19.81 -24.31
C ARG AA 113 47.02 20.55 -24.56
N ARG AA 114 46.99 21.68 -25.27
CA ARG AA 114 48.22 22.44 -25.52
C ARG AA 114 48.86 22.93 -24.23
N LEU AA 115 48.04 23.21 -23.22
CA LEU AA 115 48.57 23.56 -21.90
C LEU AA 115 49.24 22.36 -21.27
N LYS AA 116 48.54 21.23 -21.22
CA LYS AA 116 49.17 20.03 -20.65
C LYS AA 116 50.40 19.65 -21.48
N GLU AA 117 50.38 19.93 -22.79
CA GLU AA 117 51.51 19.62 -23.65
C GLU AA 117 52.71 20.50 -23.34
N THR AA 118 52.46 21.81 -23.10
CA THR AA 118 53.57 22.71 -22.81
C THR AA 118 54.23 22.37 -21.47
N VAL AA 119 53.42 22.05 -20.46
CA VAL AA 119 53.96 21.70 -19.16
C VAL AA 119 54.88 20.50 -19.26
N LYS AA 120 54.55 19.53 -20.11
CA LYS AA 120 55.42 18.37 -20.22
C LYS AA 120 56.62 18.60 -21.12
N LYS AA 121 56.55 19.59 -22.01
CA LYS AA 121 57.69 19.87 -22.87
C LYS AA 121 58.86 20.45 -22.09
N LEU AA 122 58.60 20.97 -20.90
CA LEU AA 122 59.58 21.68 -20.07
C LEU AA 122 60.03 20.86 -18.86
N GLY AA 123 59.74 19.57 -18.86
CA GLY AA 123 60.03 18.68 -17.75
C GLY AA 123 59.69 19.29 -16.41
N GLU AA 124 60.64 19.27 -15.48
CA GLU AA 124 60.38 19.78 -14.14
C GLU AA 124 60.10 21.27 -14.17
N SER AA 125 60.76 22.01 -15.07
CA SER AA 125 60.53 23.44 -15.15
C SER AA 125 59.09 23.73 -15.52
N GLY AA 126 58.43 22.83 -16.26
CA GLY AA 126 57.01 23.02 -16.51
C GLY AA 126 56.18 22.95 -15.23
N GLU AA 127 56.58 22.12 -14.28
CA GLU AA 127 55.78 22.04 -13.06
C GLU AA 127 56.00 23.27 -12.18
N ILE AA 128 57.25 23.72 -12.09
CA ILE AA 128 57.51 24.93 -11.31
C ILE AA 128 56.84 26.11 -11.96
N LYS AA 129 56.79 26.13 -13.31
CA LYS AA 129 56.13 27.22 -14.00
C LYS AA 129 54.65 27.26 -13.63
N ALA AA 130 54.02 26.08 -13.55
CA ALA AA 130 52.61 26.04 -13.21
C ALA AA 130 52.37 26.58 -11.80
N ILE AA 131 53.27 26.27 -10.88
CA ILE AA 131 53.09 26.71 -9.51
C ILE AA 131 53.30 28.22 -9.38
N GLY AA 132 54.27 28.75 -10.12
CA GLY AA 132 54.49 30.18 -10.21
C GLY AA 132 53.36 30.94 -10.88
N GLU AA 133 52.43 30.23 -11.54
CA GLU AA 133 51.24 30.85 -12.11
C GLU AA 133 49.99 30.59 -11.28
N LEU AA 134 50.16 30.22 -10.01
CA LEU AA 134 48.96 30.01 -9.20
C LEU AA 134 48.24 31.33 -8.94
N ASP AA 135 48.95 32.47 -8.94
CA ASP AA 135 48.24 33.75 -8.85
C ASP AA 135 47.44 33.99 -10.13
N LEU AA 136 48.05 33.71 -11.29
CA LEU AA 136 47.32 33.75 -12.56
C LEU AA 136 46.13 32.77 -12.56
N LEU AA 137 46.30 31.56 -12.02
CA LEU AA 137 45.18 30.61 -11.95
C LEU AA 137 44.08 31.09 -11.03
N PHE AA 138 44.43 31.48 -9.82
CA PHE AA 138 43.45 32.04 -8.89
C PHE AA 138 42.66 33.16 -9.54
N MET AA 139 43.35 34.13 -10.15
CA MET AA 139 42.61 35.31 -10.62
C MET AA 139 41.80 35.00 -11.87
N SER AA 140 42.34 34.11 -12.73
CA SER AA 140 41.57 33.67 -13.90
C SER AA 140 40.37 32.85 -13.53
N LEU AA 141 40.48 32.04 -12.48
CA LEU AA 141 39.33 31.29 -11.99
C LEU AA 141 38.29 32.26 -11.44
N ARG AA 142 38.77 33.29 -10.73
CA ARG AA 142 37.89 34.33 -10.19
C ARG AA 142 37.17 35.06 -11.29
N ASN AA 143 37.91 35.51 -12.31
CA ASN AA 143 37.25 36.31 -13.34
C ASN AA 143 36.28 35.48 -14.15
N ALA AA 144 36.52 34.16 -14.27
CA ALA AA 144 35.68 33.30 -15.10
C ALA AA 144 34.51 32.65 -14.37
N CYS AA 145 34.62 32.41 -13.07
CA CYS AA 145 33.61 31.64 -12.35
C CYS AA 145 32.81 32.47 -11.35
N VAL AA 146 32.88 33.80 -11.48
CA VAL AA 146 32.17 34.75 -10.64
C VAL AA 146 31.44 35.75 -11.53
N MET BA 1 36.66 -8.06 24.53
CA MET BA 1 36.27 -6.85 23.81
C MET BA 1 36.15 -5.67 24.76
N ILE BA 2 36.60 -4.52 24.26
CA ILE BA 2 36.65 -3.25 24.99
C ILE BA 2 35.71 -2.24 24.34
N PRO BA 3 34.93 -1.50 25.14
CA PRO BA 3 34.00 -0.53 24.56
C PRO BA 3 34.73 0.70 24.03
N PRO BA 4 34.19 1.34 23.01
CA PRO BA 4 34.87 2.47 22.40
C PRO BA 4 34.76 3.71 23.28
N PRO BA 5 35.53 4.73 22.99
CA PRO BA 5 35.41 5.97 23.76
C PRO BA 5 34.05 6.60 23.55
N GLU BA 6 33.57 7.27 24.59
CA GLU BA 6 32.26 7.90 24.60
C GLU BA 6 32.38 9.41 24.38
N LYS BA 7 31.32 10.00 23.86
CA LYS BA 7 31.23 11.45 23.65
C LYS BA 7 32.43 11.96 22.87
N VAL BA 8 32.82 11.21 21.83
CA VAL BA 8 33.92 11.57 20.95
C VAL BA 8 33.48 12.73 20.06
N ARG BA 9 34.24 13.83 20.10
CA ARG BA 9 33.86 15.08 19.48
C ARG BA 9 35.12 15.86 19.14
N MET BA 10 35.01 16.67 18.09
CA MET BA 10 36.06 17.63 17.70
C MET BA 10 35.71 18.97 18.33
N ASN BA 11 36.47 19.36 19.35
CA ASN BA 11 36.35 20.69 19.93
C ASN BA 11 37.37 21.56 19.23
N SER BA 12 36.88 22.44 18.35
CA SER BA 12 37.74 23.29 17.55
C SER BA 12 37.33 24.73 17.81
N VAL BA 13 38.26 25.53 18.32
CA VAL BA 13 38.00 26.96 18.53
C VAL BA 13 39.16 27.74 17.96
N ASN BA 14 38.85 28.66 17.05
CA ASN BA 14 39.88 29.45 16.40
C ASN BA 14 40.94 28.54 15.77
N PHE BA 15 40.50 27.50 15.07
CA PHE BA 15 41.40 26.59 14.34
C PHE BA 15 42.38 25.86 15.28
N LYS BA 16 42.09 25.82 16.60
CA LYS BA 16 42.77 24.93 17.56
C LYS BA 16 41.94 23.68 17.65
N ASN BA 17 42.29 22.67 16.87
CA ASN BA 17 41.41 21.51 16.69
C ASN BA 17 41.76 20.44 17.69
N ILE BA 18 40.90 20.27 18.68
CA ILE BA 18 41.13 19.33 19.75
C ILE BA 18 40.02 18.29 19.72
N LEU BA 19 40.41 17.07 19.40
CA LEU BA 19 39.53 15.93 19.50
C LEU BA 19 39.45 15.55 20.96
N GLN BA 20 38.25 15.37 21.49
CA GLN BA 20 38.07 15.07 22.90
C GLN BA 20 37.13 13.88 23.05
N TRP BA 21 37.39 13.03 24.05
CA TRP BA 21 36.48 11.94 24.34
C TRP BA 21 36.47 11.70 25.84
N GLU BA 22 35.64 10.76 26.24
CA GLU BA 22 35.57 10.36 27.63
C GLU BA 22 35.85 8.86 27.72
N VAL BA 23 36.45 8.45 28.84
CA VAL BA 23 36.82 7.03 29.01
C VAL BA 23 35.56 6.19 29.04
N PRO BA 24 35.55 5.01 28.41
CA PRO BA 24 34.31 4.23 28.29
C PRO BA 24 33.86 3.65 29.63
N ALA BA 25 32.60 3.20 29.63
CA ALA BA 25 31.94 2.54 30.75
C ALA BA 25 32.51 1.15 31.00
N PHE BA 26 33.71 1.08 31.54
CA PHE BA 26 34.37 -0.19 31.64
C PHE BA 26 35.30 -0.16 32.86
N PRO BA 27 34.92 -0.83 33.91
CA PRO BA 27 35.74 -0.77 35.13
C PRO BA 27 37.00 -1.55 34.91
N LYS BA 28 37.93 -1.00 34.14
CA LYS BA 28 39.18 -1.65 33.82
C LYS BA 28 40.36 -0.99 34.53
N THR BA 29 41.50 -1.00 33.87
CA THR BA 29 42.75 -0.46 34.34
C THR BA 29 43.55 -0.15 33.10
N GLN BA 30 44.65 0.58 33.28
CA GLN BA 30 45.67 0.75 32.26
C GLN BA 30 45.04 0.87 30.87
N LEU BA 31 43.98 1.68 30.78
CA LEU BA 31 43.22 1.86 29.54
C LEU BA 31 43.75 3.11 28.88
N THR BA 32 44.32 2.95 27.69
CA THR BA 32 44.91 4.11 27.02
C THR BA 32 44.27 4.31 25.65
N PHE BA 33 44.65 5.40 24.93
CA PHE BA 33 43.97 5.77 23.69
C PHE BA 33 44.90 6.03 22.53
N THR BA 34 44.37 5.83 21.31
CA THR BA 34 45.11 6.10 20.06
C THR BA 34 44.21 6.87 19.07
N ALA BA 35 44.71 7.99 18.53
CA ALA BA 35 43.93 8.85 17.62
C ALA BA 35 44.62 9.02 16.27
N GLN BA 36 43.83 8.96 15.21
CA GLN BA 36 44.40 9.01 13.87
C GLN BA 36 43.66 10.03 13.04
N TYR BA 37 44.30 10.49 11.96
CA TYR BA 37 43.63 11.25 10.91
C TYR BA 37 43.94 10.60 9.57
N GLU BA 38 43.01 10.79 8.62
CA GLU BA 38 43.14 10.20 7.29
C GLU BA 38 43.77 11.22 6.37
N SER BA 39 44.97 10.90 5.89
CA SER BA 39 45.72 11.72 4.95
C SER BA 39 46.03 10.91 3.71
N TYR BA 40 45.59 11.42 2.56
CA TYR BA 40 45.88 10.84 1.25
C TYR BA 40 45.34 9.41 1.10
N ARG BA 41 44.26 9.10 1.85
CA ARG BA 41 43.55 7.82 1.87
C ARG BA 41 44.23 6.73 2.71
N SER BA 42 45.04 7.12 3.69
CA SER BA 42 45.53 6.17 4.68
C SER BA 42 45.50 6.86 6.04
N PHE BA 43 45.09 6.12 7.07
CA PHE BA 43 45.06 6.74 8.38
C PHE BA 43 46.46 6.71 9.00
N GLN BA 44 46.81 7.79 9.72
CA GLN BA 44 48.12 7.94 10.32
C GLN BA 44 47.98 8.15 11.83
N ASP BA 45 48.84 7.47 12.60
CA ASP BA 45 48.87 7.66 14.05
C ASP BA 45 49.21 9.11 14.34
N HIS BA 46 48.44 9.74 15.24
CA HIS BA 46 48.79 11.08 15.71
C HIS BA 46 49.00 11.15 17.21
N CYS BA 47 48.10 10.60 18.03
CA CYS BA 47 48.35 10.31 19.44
C CYS BA 47 48.31 8.80 19.61
N LYS BA 48 49.42 8.20 20.01
CA LYS BA 48 49.49 6.74 20.10
C LYS BA 48 49.58 6.26 21.56
N ARG BA 49 48.59 5.49 21.98
CA ARG BA 49 48.60 4.87 23.30
C ARG BA 49 48.77 5.91 24.41
N THR BA 50 47.89 6.88 24.40
CA THR BA 50 48.00 7.92 25.41
C THR BA 50 47.08 7.69 26.60
N ALA BA 51 47.54 8.20 27.74
CA ALA BA 51 46.72 8.21 28.94
C ALA BA 51 45.72 9.34 28.94
N SER BA 52 45.77 10.21 27.96
CA SER BA 52 44.92 11.39 27.90
C SER BA 52 43.58 11.09 27.25
N THR BA 53 42.61 11.96 27.49
CA THR BA 53 41.31 11.84 26.86
C THR BA 53 41.09 12.87 25.74
N GLN BA 54 42.17 13.43 25.19
CA GLN BA 54 42.08 14.37 24.08
C GLN BA 54 43.34 14.31 23.24
N CYS BA 55 43.20 14.73 21.98
CA CYS BA 55 44.33 14.77 21.05
C CYS BA 55 44.24 16.02 20.17
N ASP BA 56 45.33 16.76 20.12
CA ASP BA 56 45.41 18.04 19.42
C ASP BA 56 45.72 17.86 17.94
N PHE BA 57 44.80 18.31 17.08
CA PHE BA 57 44.91 18.16 15.62
C PHE BA 57 45.02 19.53 14.94
N SER BA 58 45.64 20.50 15.60
CA SER BA 58 45.67 21.86 15.08
C SER BA 58 46.63 22.06 13.92
N HIS BA 59 47.49 21.09 13.62
CA HIS BA 59 48.39 21.19 12.50
C HIS BA 59 47.71 20.94 11.16
N LEU BA 60 46.44 20.55 11.16
CA LEU BA 60 45.75 20.29 9.90
C LEU BA 60 45.49 21.59 9.15
N SER BA 61 45.47 21.50 7.83
CA SER BA 61 45.22 22.69 7.01
C SER BA 61 43.83 23.24 7.31
N LYS BA 62 43.67 24.54 7.12
CA LYS BA 62 42.38 25.17 7.43
C LYS BA 62 41.28 24.72 6.48
N TYR BA 63 41.60 24.56 5.19
CA TYR BA 63 40.61 24.25 4.17
C TYR BA 63 40.45 22.77 3.87
N GLY BA 64 41.16 21.91 4.60
CA GLY BA 64 41.10 20.49 4.32
C GLY BA 64 39.87 19.80 4.88
N ASP BA 65 39.40 18.80 4.13
CA ASP BA 65 38.38 17.86 4.60
C ASP BA 65 39.11 16.66 5.22
N TYR BA 66 38.99 16.50 6.53
CA TYR BA 66 39.71 15.50 7.31
C TYR BA 66 38.75 14.49 7.92
N THR BA 67 39.23 13.27 8.10
CA THR BA 67 38.53 12.27 8.88
C THR BA 67 39.45 11.95 10.04
N VAL BA 68 38.96 12.12 11.26
CA VAL BA 68 39.72 11.81 12.46
C VAL BA 68 39.02 10.72 13.28
N ARG BA 69 39.79 9.79 13.87
CA ARG BA 69 39.23 8.68 14.67
C ARG BA 69 40.09 8.38 15.90
N VAL BA 70 39.43 7.80 16.88
CA VAL BA 70 40.04 7.44 18.16
C VAL BA 70 39.51 6.07 18.54
N ARG BA 71 40.27 5.32 19.34
CA ARG BA 71 39.83 4.04 19.90
C ARG BA 71 40.40 3.82 21.31
N ALA BA 72 39.73 2.98 22.10
CA ALA BA 72 40.26 2.54 23.41
C ALA BA 72 41.09 1.27 23.28
N GLU BA 73 42.10 1.14 24.12
CA GLU BA 73 42.95 -0.03 24.11
C GLU BA 73 43.36 -0.47 25.51
N LEU BA 74 43.68 -1.75 25.60
CA LEU BA 74 44.28 -2.49 26.68
C LEU BA 74 45.66 -2.95 26.21
N ALA BA 75 46.15 -4.05 26.76
CA ALA BA 75 47.46 -4.55 26.38
C ALA BA 75 47.55 -4.59 24.86
N ASP BA 76 46.84 -5.55 24.29
CA ASP BA 76 46.74 -5.75 22.87
C ASP BA 76 45.31 -5.75 22.40
N GLU BA 77 44.34 -5.74 23.32
CA GLU BA 77 42.93 -5.79 22.97
C GLU BA 77 42.46 -4.36 22.79
N HIS BA 78 41.99 -4.04 21.58
CA HIS BA 78 41.55 -2.70 21.26
C HIS BA 78 40.07 -2.70 20.87
N SER BA 79 39.48 -1.51 20.88
CA SER BA 79 38.06 -1.36 20.63
C SER BA 79 37.83 -0.99 19.16
N GLU BA 80 36.57 -0.81 18.80
CA GLU BA 80 36.23 -0.24 17.51
C GLU BA 80 36.64 1.24 17.44
N TRP BA 81 36.81 1.74 16.21
CA TRP BA 81 37.16 3.15 16.00
C TRP BA 81 35.95 4.05 16.17
N VAL BA 82 36.18 5.28 16.62
CA VAL BA 82 35.11 6.28 16.59
C VAL BA 82 35.56 7.41 15.66
N GLN BA 83 34.88 7.56 14.53
CA GLN BA 83 35.30 8.55 13.54
C GLN BA 83 34.47 9.83 13.62
N VAL BA 84 35.12 10.95 13.27
CA VAL BA 84 34.49 12.25 13.07
C VAL BA 84 35.04 12.89 11.79
N THR BA 85 34.15 13.46 10.99
CA THR BA 85 34.52 14.20 9.79
C THR BA 85 34.58 15.71 10.07
N PHE BA 86 35.53 16.37 9.44
CA PHE BA 86 35.84 17.70 9.90
C PHE BA 86 36.50 18.54 8.81
N CYS BA 87 36.02 19.77 8.60
CA CYS BA 87 36.68 20.76 7.75
C CYS BA 87 36.86 22.05 8.56
N PRO BA 88 38.09 22.45 8.91
CA PRO BA 88 38.24 23.54 9.89
C PRO BA 88 37.62 24.89 9.46
N VAL BA 89 37.94 25.42 8.27
CA VAL BA 89 37.45 26.77 7.94
C VAL BA 89 35.93 26.77 7.97
N GLU BA 90 35.31 25.59 7.77
CA GLU BA 90 33.86 25.48 7.77
C GLU BA 90 33.27 25.14 9.12
N ASP BA 91 33.99 24.40 9.97
CA ASP BA 91 33.42 23.83 11.17
C ASP BA 91 33.93 24.41 12.46
N THR BA 92 35.02 25.15 12.45
CA THR BA 92 35.56 25.65 13.69
C THR BA 92 34.58 26.62 14.39
N ILE BA 93 34.63 26.63 15.73
CA ILE BA 93 33.85 27.58 16.52
C ILE BA 93 34.62 28.87 16.59
N ILE BA 94 33.95 29.99 16.33
CA ILE BA 94 34.56 31.31 16.41
C ILE BA 94 34.61 31.76 17.87
N GLY BA 95 35.82 31.82 18.43
CA GLY BA 95 36.03 32.28 19.79
C GLY BA 95 35.67 33.74 19.94
N PRO BA 96 35.67 34.22 21.18
CA PRO BA 96 35.27 35.62 21.46
C PRO BA 96 36.38 36.61 21.14
N PRO BA 97 36.04 37.77 20.59
CA PRO BA 97 37.05 38.83 20.38
C PRO BA 97 37.43 39.61 21.65
N GLU BA 98 38.56 40.30 21.53
CA GLU BA 98 38.99 41.27 22.52
C GLU BA 98 38.43 42.67 22.19
N MET BA 99 38.14 43.44 23.26
CA MET BA 99 37.60 44.78 23.12
C MET BA 99 38.19 45.72 24.15
N GLN BA 100 38.53 46.93 23.71
CA GLN BA 100 38.99 48.01 24.57
C GLN BA 100 38.00 49.16 24.49
N ILE BA 101 37.68 49.76 25.63
CA ILE BA 101 36.63 50.77 25.73
C ILE BA 101 37.17 52.04 26.37
N GLU BA 102 36.91 53.18 25.75
CA GLU BA 102 37.28 54.49 26.30
C GLU BA 102 36.04 55.37 26.38
N SER BA 103 35.71 55.87 27.58
CA SER BA 103 34.55 56.74 27.74
C SER BA 103 34.92 58.17 27.37
N LEU BA 104 34.21 58.75 26.40
CA LEU BA 104 34.40 60.16 26.12
C LEU BA 104 33.21 60.93 26.65
N ALA BA 105 32.79 61.95 25.92
CA ALA BA 105 31.67 62.80 26.29
C ALA BA 105 30.42 62.26 25.64
N GLU BA 106 29.52 61.73 26.46
CA GLU BA 106 28.26 61.08 26.09
C GLU BA 106 28.43 59.98 25.05
N SER BA 107 29.67 59.65 24.70
CA SER BA 107 29.89 58.61 23.73
C SER BA 107 30.90 57.62 24.28
N LEU BA 108 30.94 56.44 23.64
CA LEU BA 108 31.80 55.33 24.02
C LEU BA 108 32.47 54.78 22.77
N HIS BA 109 33.80 54.93 22.67
CA HIS BA 109 34.54 54.50 21.49
C HIS BA 109 35.03 53.07 21.70
N LEU BA 110 34.62 52.16 20.81
CA LEU BA 110 34.93 50.74 20.88
C LEU BA 110 36.04 50.35 19.91
N ARG BA 111 36.93 49.46 20.34
CA ARG BA 111 37.95 48.87 19.47
C ARG BA 111 38.00 47.37 19.67
N PHE BA 112 37.97 46.63 18.57
CA PHE BA 112 37.85 45.18 18.61
C PHE BA 112 39.15 44.51 18.17
N SER BA 113 39.32 43.25 18.57
CA SER BA 113 40.47 42.47 18.11
C SER BA 113 39.96 41.07 17.79
N ALA BA 114 40.03 40.69 16.51
CA ALA BA 114 39.56 39.38 16.10
C ALA BA 114 40.40 38.31 16.79
N PRO BA 115 39.85 37.12 17.01
CA PRO BA 115 40.64 36.05 17.62
C PRO BA 115 41.85 35.73 16.77
N GLN BA 116 42.91 35.28 17.43
CA GLN BA 116 44.10 34.80 16.76
C GLN BA 116 43.91 33.37 16.29
N ILE BA 117 44.52 33.04 15.15
CA ILE BA 117 44.46 31.70 14.59
C ILE BA 117 45.57 30.86 15.17
N GLU BA 118 45.23 29.64 15.58
CA GLU BA 118 46.19 28.75 16.18
C GLU BA 118 47.06 28.19 15.07
N ASN BA 119 48.27 27.76 15.46
CA ASN BA 119 49.23 27.15 14.54
C ASN BA 119 49.53 28.03 13.33
N GLU BA 120 49.68 29.33 13.58
CA GLU BA 120 50.11 30.26 12.54
C GLU BA 120 51.33 31.03 13.07
N PRO BA 121 52.47 30.97 12.39
CA PRO BA 121 53.65 31.74 12.85
C PRO BA 121 53.48 33.24 12.72
N GLU BA 122 52.38 33.70 12.18
CA GLU BA 122 52.11 35.10 12.13
C GLU BA 122 50.85 35.40 12.94
N THR BA 123 50.61 36.69 13.17
CA THR BA 123 49.47 37.13 13.97
C THR BA 123 48.25 37.32 13.07
N TRP BA 124 47.86 36.24 12.41
CA TRP BA 124 46.67 36.27 11.58
C TRP BA 124 45.45 36.11 12.45
N THR BA 125 44.35 36.75 12.08
CA THR BA 125 43.10 36.69 12.84
C THR BA 125 41.99 36.06 12.02
N LEU BA 126 40.90 35.70 12.70
CA LEU BA 126 39.81 35.07 11.97
C LEU BA 126 39.20 36.04 10.95
N LYS BA 127 39.29 37.35 11.22
CA LYS BA 127 38.86 38.33 10.23
C LYS BA 127 39.69 38.26 8.96
N ASN BA 128 40.95 37.79 9.06
CA ASN BA 128 41.86 37.67 7.94
C ASN BA 128 41.58 36.47 7.01
N ILE BA 129 40.74 35.51 7.42
CA ILE BA 129 40.39 34.35 6.59
C ILE BA 129 38.99 34.49 6.02
N TYR BA 130 38.06 35.08 6.78
CA TYR BA 130 36.66 35.13 6.38
C TYR BA 130 36.31 36.46 5.72
N ASP BA 131 35.74 36.36 4.53
CA ASP BA 131 35.43 37.55 3.77
C ASP BA 131 34.18 38.25 4.28
N SER BA 132 33.41 37.59 5.10
CA SER BA 132 32.14 38.17 5.51
C SER BA 132 32.13 38.40 7.01
N TRP BA 133 33.31 38.68 7.58
CA TRP BA 133 33.42 38.94 9.00
C TRP BA 133 32.74 40.26 9.37
N ALA BA 134 31.98 40.25 10.46
CA ALA BA 134 31.43 41.46 11.04
C ALA BA 134 31.29 41.23 12.54
N TYR BA 135 31.22 42.32 13.30
CA TYR BA 135 31.10 42.23 14.75
C TYR BA 135 29.68 42.59 15.17
N ARG BA 136 29.09 41.82 16.10
CA ARG BA 136 27.83 42.22 16.72
C ARG BA 136 28.13 42.77 18.11
N VAL BA 137 27.72 44.01 18.38
CA VAL BA 137 27.95 44.68 19.65
C VAL BA 137 26.66 44.61 20.46
N GLN BA 138 26.79 44.28 21.75
CA GLN BA 138 25.68 44.32 22.70
C GLN BA 138 26.03 45.17 23.91
N TYR BA 139 25.20 46.18 24.18
CA TYR BA 139 25.37 47.04 25.34
C TYR BA 139 24.03 47.13 26.07
N TRP BA 140 24.10 47.42 27.37
CA TRP BA 140 22.90 47.62 28.19
C TRP BA 140 23.27 48.55 29.35
N LYS BA 141 22.26 49.04 30.07
CA LYS BA 141 22.53 49.78 31.29
C LYS BA 141 22.76 48.81 32.43
N GLN BA 142 23.79 49.08 33.25
CA GLN BA 142 24.12 48.19 34.35
C GLN BA 142 22.95 47.96 35.29
N GLY BA 143 22.26 46.83 35.11
CA GLY BA 143 21.13 46.45 35.93
C GLY BA 143 19.83 46.38 35.17
N THR BA 144 19.80 46.82 33.91
CA THR BA 144 18.61 46.80 33.08
C THR BA 144 18.61 45.56 32.20
N ASN BA 145 17.45 45.32 31.57
CA ASN BA 145 17.29 44.18 30.68
C ASN BA 145 17.02 44.58 29.23
N GLU BA 146 17.12 45.87 28.91
CA GLU BA 146 16.87 46.38 27.56
C GLU BA 146 18.19 46.43 26.80
N LYS BA 147 18.48 45.37 26.04
CA LYS BA 147 19.75 45.25 25.32
C LYS BA 147 19.60 45.66 23.86
N PHE BA 148 20.58 46.41 23.36
CA PHE BA 148 20.58 47.01 22.04
C PHE BA 148 21.77 46.50 21.24
N GLN BA 149 21.66 46.50 19.91
CA GLN BA 149 22.70 45.90 19.09
C GLN BA 149 23.07 46.82 17.95
N VAL BA 150 24.35 46.81 17.59
CA VAL BA 150 24.86 47.51 16.42
C VAL BA 150 25.87 46.60 15.75
N VAL BA 151 25.90 46.64 14.41
CA VAL BA 151 26.82 45.86 13.59
C VAL BA 151 27.75 46.84 12.90
N SER BA 152 29.02 46.48 12.86
CA SER BA 152 30.09 47.21 12.21
C SER BA 152 31.01 46.17 11.61
N PRO BA 153 31.53 46.40 10.40
CA PRO BA 153 32.54 45.50 9.83
C PRO BA 153 33.96 45.92 10.15
N TYR BA 154 34.13 47.00 10.90
CA TYR BA 154 35.44 47.59 11.18
C TYR BA 154 35.89 47.30 12.62
N ASP BA 155 37.20 47.46 12.85
CA ASP BA 155 37.74 47.22 14.18
C ASP BA 155 37.50 48.35 15.16
N SER BA 156 36.65 49.31 14.84
CA SER BA 156 36.37 50.43 15.72
C SER BA 156 34.91 50.78 15.53
N GLU BA 157 34.30 51.29 16.59
CA GLU BA 157 32.91 51.76 16.52
C GLU BA 157 32.72 52.78 17.62
N VAL BA 158 31.83 53.73 17.39
CA VAL BA 158 31.52 54.73 18.39
C VAL BA 158 30.02 54.65 18.65
N LEU BA 159 29.65 54.40 19.91
CA LEU BA 159 28.27 54.40 20.36
C LEU BA 159 27.94 55.83 20.77
N ARG BA 160 27.10 56.50 19.98
CA ARG BA 160 26.81 57.91 20.16
C ARG BA 160 25.42 58.11 20.75
N ASN BA 161 25.15 59.36 21.17
CA ASN BA 161 23.86 59.79 21.72
C ASN BA 161 23.31 58.77 22.71
N LEU BA 162 23.87 58.79 23.92
CA LEU BA 162 23.49 57.86 24.98
C LEU BA 162 23.40 58.63 26.29
N GLU BA 163 22.90 57.96 27.33
CA GLU BA 163 22.66 58.67 28.57
C GLU BA 163 24.00 59.00 29.24
N PRO BA 164 24.17 60.22 29.74
CA PRO BA 164 25.42 60.59 30.41
C PRO BA 164 25.46 60.18 31.88
N TRP BA 165 26.69 60.07 32.38
CA TRP BA 165 26.98 59.72 33.77
C TRP BA 165 26.26 58.43 34.20
N THR BA 166 26.39 57.38 33.39
CA THR BA 166 25.77 56.09 33.67
C THR BA 166 26.67 54.94 33.18
N THR BA 167 26.79 53.89 34.00
CA THR BA 167 27.62 52.72 33.69
C THR BA 167 26.96 51.81 32.66
N TYR BA 168 27.58 51.68 31.49
CA TYR BA 168 27.16 50.69 30.52
C TYR BA 168 28.12 49.50 30.52
N CYS BA 169 27.57 48.34 30.20
CA CYS BA 169 28.30 47.09 30.06
C CYS BA 169 28.22 46.64 28.62
N ILE BA 170 29.35 46.29 28.02
CA ILE BA 170 29.43 46.08 26.58
C ILE BA 170 29.97 44.70 26.27
N GLN BA 171 29.46 44.09 25.21
CA GLN BA 171 30.04 42.84 24.73
C GLN BA 171 30.13 42.85 23.22
N VAL BA 172 31.05 42.04 22.72
CA VAL BA 172 31.30 41.90 21.29
C VAL BA 172 31.47 40.43 20.96
N GLN BA 173 31.05 40.06 19.75
CA GLN BA 173 31.26 38.75 19.17
C GLN BA 173 31.37 38.86 17.65
N GLY BA 174 32.13 37.92 17.07
CA GLY BA 174 32.22 37.82 15.65
C GLY BA 174 31.09 36.99 15.08
N PHE BA 175 30.71 37.30 13.85
CA PHE BA 175 29.72 36.52 13.12
C PHE BA 175 30.01 36.68 11.63
N LEU BA 176 29.37 35.83 10.82
CA LEU BA 176 29.51 35.89 9.38
C LEU BA 176 28.18 36.35 8.81
N LEU BA 177 28.22 37.35 7.94
CA LEU BA 177 26.97 37.95 7.47
C LEU BA 177 26.22 37.03 6.51
N ASP BA 178 26.93 36.29 5.67
CA ASP BA 178 26.30 35.55 4.60
C ASP BA 178 26.39 34.04 4.74
N GLN BA 179 26.94 33.56 5.85
CA GLN BA 179 27.07 32.12 6.07
C GLN BA 179 26.42 31.64 7.36
N GLN BA 180 25.36 32.29 7.83
CA GLN BA 180 24.70 31.92 9.08
C GLN BA 180 25.60 31.21 10.12
N ARG BA 181 26.75 31.81 10.46
CA ARG BA 181 27.66 31.31 11.52
C ARG BA 181 27.90 32.44 12.53
N THR BA 182 27.48 32.24 13.78
CA THR BA 182 27.68 33.20 14.84
C THR BA 182 28.77 32.71 15.79
N GLY BA 183 29.69 33.63 16.17
CA GLY BA 183 30.76 33.32 17.10
C GLY BA 183 30.40 33.57 18.56
N GLU BA 184 31.36 33.28 19.42
CA GLU BA 184 31.14 33.34 20.87
C GLU BA 184 31.23 34.78 21.36
N TRP BA 185 30.41 35.09 22.39
CA TRP BA 185 30.44 36.39 23.06
C TRP BA 185 31.66 36.51 23.95
N SER BA 186 32.17 37.73 24.03
CA SER BA 186 33.25 38.10 24.92
C SER BA 186 32.76 38.26 26.34
N GLU BA 187 33.64 38.75 27.20
CA GLU BA 187 33.32 39.06 28.58
C GLU BA 187 32.67 40.43 28.64
N PRO BA 188 31.60 40.58 29.43
CA PRO BA 188 30.97 41.89 29.61
C PRO BA 188 31.93 42.83 30.30
N ILE BA 189 32.22 43.99 29.68
CA ILE BA 189 33.03 45.01 30.32
C ILE BA 189 32.16 46.24 30.60
N CYS BA 190 32.27 46.82 31.80
CA CYS BA 190 31.46 47.98 32.18
C CYS BA 190 32.38 49.15 32.49
N GLU BA 191 32.03 50.35 31.98
CA GLU BA 191 32.79 51.57 32.28
C GLU BA 191 31.83 52.75 32.39
N ARG BA 192 32.23 53.73 33.20
CA ARG BA 192 31.40 54.91 33.43
C ARG BA 192 31.44 55.87 32.25
N THR BA 193 30.28 56.43 31.93
CA THR BA 193 30.22 57.50 30.95
C THR BA 193 30.53 58.81 31.68
N GLY BA 194 30.90 59.84 30.89
CA GLY BA 194 31.20 61.12 31.51
C GLY BA 194 31.49 62.31 30.60
N ASN BA 195 31.19 63.51 31.11
CA ASN BA 195 31.51 64.79 30.45
C ASN BA 195 32.69 65.49 31.14
N LEU CA 1 96.83 -2.51 -10.89
CA LEU CA 1 95.48 -2.51 -11.40
C LEU CA 1 94.86 -3.89 -11.16
N LEU CA 2 93.68 -3.85 -10.56
CA LEU CA 2 92.90 -5.01 -10.21
C LEU CA 2 91.52 -4.91 -10.87
N GLN CA 3 91.01 -6.01 -11.39
CA GLN CA 3 89.73 -5.98 -12.07
C GLN CA 3 89.03 -7.31 -11.89
N HIS CA 4 87.72 -7.28 -12.08
CA HIS CA 4 86.89 -8.48 -12.09
C HIS CA 4 87.08 -9.33 -10.84
N VAL CA 5 87.05 -8.70 -9.67
CA VAL CA 5 87.13 -9.44 -8.42
C VAL CA 5 85.73 -9.90 -8.03
N LYS CA 6 85.49 -11.20 -8.12
CA LYS CA 6 84.15 -11.73 -7.97
C LYS CA 6 84.20 -13.17 -7.46
N PHE CA 7 83.03 -13.63 -7.09
CA PHE CA 7 82.81 -14.98 -6.65
C PHE CA 7 82.36 -15.83 -7.82
N GLN CA 8 82.95 -17.01 -7.94
CA GLN CA 8 82.51 -18.03 -8.89
C GLN CA 8 82.17 -19.26 -8.06
N SER CA 9 80.88 -19.62 -8.02
CA SER CA 9 80.40 -20.61 -7.07
C SER CA 9 79.68 -21.75 -7.79
N SER CA 10 80.08 -22.99 -7.47
CA SER CA 10 79.52 -24.17 -8.13
C SER CA 10 79.34 -25.29 -7.11
N ASN CA 11 78.10 -25.77 -6.96
CA ASN CA 11 77.77 -26.76 -5.93
C ASN CA 11 78.33 -26.34 -4.58
N PHE CA 12 78.21 -25.06 -4.26
CA PHE CA 12 78.62 -24.49 -2.98
C PHE CA 12 80.13 -24.58 -2.76
N GLU CA 13 80.86 -24.77 -3.82
CA GLU CA 13 82.31 -24.62 -3.81
C GLU CA 13 82.54 -23.18 -4.27
N ASN CA 14 82.95 -22.33 -3.32
CA ASN CA 14 82.90 -20.88 -3.52
C ASN CA 14 84.29 -20.31 -3.69
N ILE CA 15 84.64 -19.99 -4.94
CA ILE CA 15 85.99 -19.58 -5.29
C ILE CA 15 86.02 -18.09 -5.60
N LEU CA 16 86.93 -17.40 -4.95
CA LEU CA 16 87.14 -15.99 -5.18
C LEU CA 16 88.13 -15.86 -6.31
N THR CA 17 87.74 -15.16 -7.35
CA THR CA 17 88.56 -14.97 -8.52
C THR CA 17 88.72 -13.49 -8.81
N TRP CA 18 89.87 -13.14 -9.36
CA TRP CA 18 90.18 -11.80 -9.82
C TRP CA 18 91.20 -11.89 -10.94
N ASP CA 19 91.46 -10.76 -11.58
CA ASP CA 19 92.41 -10.70 -12.67
C ASP CA 19 93.25 -9.45 -12.52
N GLY CA 20 94.44 -9.49 -13.12
CA GLY CA 20 95.35 -8.36 -13.11
C GLY CA 20 94.88 -7.27 -14.05
N GLY CA 21 95.75 -6.29 -14.25
CA GLY CA 21 95.40 -5.16 -15.07
C GLY CA 21 96.50 -4.75 -16.03
N PRO CA 22 96.37 -3.54 -16.60
CA PRO CA 22 97.42 -3.02 -17.48
C PRO CA 22 98.72 -2.66 -16.77
N ALA CA 23 98.84 -2.91 -15.47
CA ALA CA 23 100.05 -2.66 -14.71
C ALA CA 23 100.29 -3.86 -13.82
N SER CA 24 100.58 -5.00 -14.44
CA SER CA 24 100.70 -6.24 -13.71
C SER CA 24 102.14 -6.74 -13.80
N THR CA 25 103.03 -6.06 -13.08
CA THR CA 25 104.38 -6.59 -13.02
C THR CA 25 104.33 -7.83 -12.12
N SER CA 26 105.08 -8.89 -12.48
CA SER CA 26 104.89 -10.16 -11.76
C SER CA 26 105.24 -10.07 -10.27
N ASP CA 27 105.83 -8.97 -9.78
CA ASP CA 27 105.98 -8.79 -8.34
C ASP CA 27 104.67 -8.36 -7.69
N THR CA 28 103.58 -8.42 -8.44
CA THR CA 28 102.27 -8.01 -7.95
C THR CA 28 101.76 -9.15 -7.11
N VAL CA 29 101.39 -8.86 -5.87
CA VAL CA 29 100.86 -9.87 -4.96
C VAL CA 29 99.45 -9.47 -4.61
N TYR CA 30 98.70 -10.45 -4.14
CA TYR CA 30 97.30 -10.27 -3.84
C TYR CA 30 97.05 -10.83 -2.44
N SER CA 31 96.33 -10.07 -1.61
CA SER CA 31 95.92 -10.55 -0.29
C SER CA 31 94.40 -10.54 -0.18
N VAL CA 32 93.84 -11.63 0.35
CA VAL CA 32 92.40 -11.82 0.41
C VAL CA 32 91.94 -11.73 1.86
N GLU CA 33 90.83 -11.03 2.08
CA GLU CA 33 90.11 -10.91 3.34
C GLU CA 33 88.62 -11.01 3.05
N TYR CA 34 87.87 -11.59 3.98
CA TYR CA 34 86.44 -11.84 3.83
C TYR CA 34 85.73 -11.56 5.12
N LYS CA 35 84.42 -11.40 5.03
CA LYS CA 35 83.65 -11.14 6.24
C LYS CA 35 82.18 -11.47 6.00
N LYS CA 36 81.44 -11.69 7.08
CA LYS CA 36 79.98 -11.85 7.01
C LYS CA 36 79.34 -10.47 6.98
N TYR CA 37 78.35 -10.32 6.11
CA TYR CA 37 77.67 -9.04 5.97
C TYR CA 37 77.05 -8.67 7.31
N GLY CA 38 77.19 -7.40 7.69
CA GLY CA 38 76.77 -6.94 9.00
C GLY CA 38 77.84 -6.99 10.07
N GLU CA 39 79.07 -7.28 9.71
CA GLU CA 39 80.18 -7.26 10.63
C GLU CA 39 81.12 -6.13 10.24
N ARG CA 40 81.90 -5.64 11.20
CA ARG CA 40 82.84 -4.56 10.88
C ARG CA 40 84.24 -5.08 10.54
N LYS CA 41 84.74 -6.06 11.28
CA LYS CA 41 86.08 -6.60 11.11
C LYS CA 41 86.18 -7.53 9.91
N TRP CA 42 87.23 -7.34 9.09
CA TRP CA 42 87.51 -8.22 7.94
C TRP CA 42 88.48 -9.32 8.38
N LEU CA 43 88.06 -10.56 8.26
CA LEU CA 43 88.95 -11.66 8.56
C LEU CA 43 89.82 -11.92 7.35
N ALA CA 44 91.02 -12.45 7.60
CA ALA CA 44 92.04 -12.60 6.57
C ALA CA 44 92.24 -14.06 6.23
N LYS CA 45 92.16 -14.39 4.93
CA LYS CA 45 92.33 -15.76 4.51
C LYS CA 45 93.79 -16.17 4.63
N ALA CA 46 94.06 -17.17 5.48
CA ALA CA 46 95.44 -17.54 5.79
C ALA CA 46 96.18 -18.01 4.55
N GLY CA 47 95.54 -18.81 3.71
CA GLY CA 47 96.23 -19.30 2.54
C GLY CA 47 96.56 -18.22 1.53
N CYS CA 48 95.66 -17.24 1.36
CA CYS CA 48 95.75 -16.29 0.26
C CYS CA 48 96.18 -14.93 0.79
N GLN CA 49 97.46 -14.80 1.12
CA GLN CA 49 98.02 -13.55 1.63
C GLN CA 49 99.27 -13.21 0.83
N ARG CA 50 99.23 -12.07 0.12
CA ARG CA 50 100.35 -11.61 -0.70
C ARG CA 50 100.73 -12.70 -1.70
N ILE CA 51 99.73 -13.11 -2.45
CA ILE CA 51 99.85 -14.25 -3.36
C ILE CA 51 99.89 -13.72 -4.80
N THR CA 52 100.62 -14.44 -5.66
CA THR CA 52 100.72 -14.01 -7.05
C THR CA 52 99.66 -14.62 -7.95
N GLN CA 53 99.06 -15.74 -7.55
CA GLN CA 53 98.01 -16.36 -8.36
C GLN CA 53 96.71 -15.58 -8.20
N LYS CA 54 95.75 -15.90 -9.06
CA LYS CA 54 94.57 -15.07 -9.21
C LYS CA 54 93.28 -15.78 -8.80
N PHE CA 55 93.37 -16.61 -7.77
CA PHE CA 55 92.15 -17.22 -7.24
C PHE CA 55 92.38 -17.61 -5.78
N CYS CA 56 91.28 -17.78 -5.06
CA CYS CA 56 91.32 -18.15 -3.65
C CYS CA 56 90.02 -18.87 -3.31
N ASP CA 57 90.16 -20.05 -2.72
CA ASP CA 57 89.04 -20.93 -2.38
C ASP CA 57 88.54 -20.60 -0.98
N LEU CA 58 87.35 -20.01 -0.88
CA LEU CA 58 86.80 -19.60 0.40
C LEU CA 58 85.64 -20.49 0.84
N THR CA 59 85.66 -21.74 0.35
CA THR CA 59 84.58 -22.66 0.63
C THR CA 59 84.40 -22.88 2.11
N MET CA 60 85.49 -23.14 2.81
CA MET CA 60 85.35 -23.30 4.25
C MET CA 60 84.92 -21.98 4.90
N GLU CA 61 85.34 -20.83 4.34
CA GLU CA 61 85.03 -19.57 5.02
C GLU CA 61 83.63 -19.06 4.72
N THR CA 62 82.99 -19.56 3.67
CA THR CA 62 81.63 -19.14 3.35
C THR CA 62 80.72 -20.36 3.32
N ARG CA 63 80.81 -21.18 4.35
CA ARG CA 63 80.17 -22.50 4.32
C ARG CA 63 78.69 -22.49 4.61
N ASP CA 64 78.17 -21.43 5.23
CA ASP CA 64 76.77 -21.31 5.60
C ASP CA 64 75.99 -20.84 4.37
N HIS CA 65 75.23 -21.74 3.75
CA HIS CA 65 74.66 -21.39 2.45
C HIS CA 65 73.55 -20.37 2.55
N GLN CA 66 72.95 -20.21 3.72
CA GLN CA 66 71.89 -19.24 3.97
C GLN CA 66 72.42 -17.92 4.55
N GLU CA 67 73.74 -17.71 4.57
CA GLU CA 67 74.35 -16.47 5.02
C GLU CA 67 74.62 -15.58 3.81
N PHE CA 68 75.06 -14.34 4.09
CA PHE CA 68 75.50 -13.39 3.08
C PHE CA 68 76.88 -12.91 3.45
N TYR CA 69 77.81 -12.94 2.50
CA TYR CA 69 79.20 -12.63 2.73
C TYR CA 69 79.68 -11.61 1.73
N TYR CA 70 80.87 -11.11 2.00
CA TYR CA 70 81.60 -10.19 1.12
C TYR CA 70 83.06 -10.59 1.20
N ALA CA 71 83.81 -10.34 0.14
CA ALA CA 71 85.25 -10.58 0.17
C ALA CA 71 85.93 -9.44 -0.56
N LYS CA 72 87.21 -9.20 -0.26
CA LYS CA 72 87.94 -8.15 -0.96
C LYS CA 72 89.37 -8.61 -1.18
N VAL CA 73 89.96 -8.14 -2.29
CA VAL CA 73 91.33 -8.49 -2.71
C VAL CA 73 92.13 -7.20 -2.81
N THR CA 74 93.29 -7.18 -2.17
CA THR CA 74 94.21 -6.05 -2.22
C THR CA 74 95.46 -6.49 -2.98
N ALA CA 75 95.77 -5.78 -4.05
CA ALA CA 75 96.95 -6.05 -4.86
C ALA CA 75 98.00 -4.97 -4.60
N VAL CA 76 99.22 -5.37 -4.25
CA VAL CA 76 100.34 -4.44 -4.09
C VAL CA 76 101.40 -4.84 -5.11
N SER CA 77 101.90 -3.83 -5.85
CA SER CA 77 102.89 -4.00 -6.92
C SER CA 77 104.24 -3.32 -6.60
N ALA CA 78 105.11 -4.00 -5.83
CA ALA CA 78 106.49 -3.57 -5.52
C ALA CA 78 106.60 -2.24 -4.77
N GLY CA 79 105.81 -2.04 -3.74
CA GLY CA 79 105.94 -0.76 -3.09
C GLY CA 79 105.06 0.35 -3.66
N GLY CA 80 104.47 0.16 -4.84
CA GLY CA 80 103.55 1.12 -5.41
C GLY CA 80 102.23 1.09 -4.65
N PRO CA 81 101.34 2.05 -4.89
CA PRO CA 81 100.13 2.17 -4.04
C PRO CA 81 99.19 1.00 -4.25
N PRO CA 82 98.59 0.49 -3.17
CA PRO CA 82 97.72 -0.69 -3.29
C PRO CA 82 96.32 -0.37 -3.75
N VAL CA 83 95.74 -1.33 -4.48
CA VAL CA 83 94.39 -1.25 -5.02
C VAL CA 83 93.54 -2.31 -4.32
N THR CA 84 92.41 -1.89 -3.74
CA THR CA 84 91.52 -2.80 -3.03
C THR CA 84 90.11 -2.70 -3.61
N LYS CA 85 89.60 -3.83 -4.13
CA LYS CA 85 88.22 -3.93 -4.62
C LYS CA 85 87.50 -5.08 -3.94
N MET CA 86 86.24 -4.89 -3.55
CA MET CA 86 85.48 -5.97 -2.91
C MET CA 86 84.38 -6.40 -3.85
N THR CA 87 83.66 -7.45 -3.46
CA THR CA 87 82.72 -8.07 -4.38
C THR CA 87 81.30 -7.66 -4.08
N ASP CA 88 80.42 -8.12 -4.95
CA ASP CA 88 79.03 -7.99 -4.63
C ASP CA 88 78.66 -8.90 -3.45
N ARG CA 89 77.55 -8.57 -2.82
CA ARG CA 89 76.99 -9.39 -1.77
C ARG CA 89 76.76 -10.81 -2.30
N PHE CA 90 77.38 -11.80 -1.64
CA PHE CA 90 77.38 -13.21 -2.07
C PHE CA 90 76.51 -14.06 -1.17
N SER CA 91 75.60 -14.82 -1.78
CA SER CA 91 74.82 -15.82 -1.09
C SER CA 91 74.89 -17.10 -1.91
N SER CA 92 75.61 -18.10 -1.37
CA SER CA 92 75.83 -19.31 -2.15
C SER CA 92 74.51 -19.95 -2.50
N LEU CA 93 73.53 -19.89 -1.57
CA LEU CA 93 72.22 -20.45 -1.89
C LEU CA 93 71.65 -19.85 -3.16
N GLN CA 94 71.78 -18.53 -3.35
CA GLN CA 94 71.17 -17.94 -4.54
C GLN CA 94 72.11 -17.83 -5.71
N HIS CA 95 73.42 -17.83 -5.49
CA HIS CA 95 74.31 -17.49 -6.59
C HIS CA 95 75.05 -18.68 -7.15
N THR CA 96 75.03 -19.83 -6.48
CA THR CA 96 75.85 -20.94 -6.91
C THR CA 96 75.17 -21.61 -8.07
N THR CA 97 75.97 -22.11 -9.02
CA THR CA 97 75.44 -22.94 -10.08
C THR CA 97 75.58 -24.42 -9.74
N ILE CA 98 74.76 -25.23 -10.38
CA ILE CA 98 74.75 -26.66 -10.11
C ILE CA 98 75.67 -27.33 -11.13
N LYS CA 99 76.62 -28.14 -10.63
CA LYS CA 99 77.46 -28.99 -11.49
C LYS CA 99 76.62 -30.11 -12.13
N PRO CA 100 77.08 -30.69 -13.25
CA PRO CA 100 76.32 -31.81 -13.85
C PRO CA 100 76.14 -32.94 -12.86
N PRO CA 101 75.01 -33.64 -12.91
CA PRO CA 101 74.74 -34.73 -11.95
C PRO CA 101 75.65 -35.94 -12.17
N ASP CA 102 75.80 -36.74 -11.11
CA ASP CA 102 76.59 -37.97 -11.14
C ASP CA 102 75.73 -39.07 -11.74
N VAL CA 103 75.92 -39.37 -13.01
CA VAL CA 103 75.05 -40.31 -13.71
C VAL CA 103 75.87 -41.43 -14.31
N THR CA 104 75.31 -42.63 -14.29
CA THR CA 104 75.83 -43.76 -15.05
C THR CA 104 74.76 -44.24 -16.02
N CYS CA 105 75.12 -44.30 -17.30
CA CYS CA 105 74.23 -44.75 -18.36
C CYS CA 105 74.42 -46.24 -18.61
N ILE CA 106 73.31 -46.95 -18.74
CA ILE CA 106 73.32 -48.39 -18.94
C ILE CA 106 72.76 -48.70 -20.32
N PRO CA 107 73.54 -49.32 -21.22
CA PRO CA 107 72.99 -49.80 -22.49
C PRO CA 107 72.15 -51.06 -22.30
N LYS CA 108 70.90 -51.01 -22.77
CA LYS CA 108 70.01 -52.15 -22.76
C LYS CA 108 69.73 -52.58 -24.19
N VAL CA 109 68.98 -53.67 -24.37
CA VAL CA 109 68.77 -54.19 -25.72
C VAL CA 109 67.79 -53.32 -26.49
N ARG CA 110 66.64 -53.07 -25.90
CA ARG CA 110 65.60 -52.25 -26.51
C ARG CA 110 65.21 -51.09 -25.60
N SER CA 111 66.11 -50.70 -24.69
CA SER CA 111 65.85 -49.59 -23.80
C SER CA 111 67.19 -49.03 -23.37
N ILE CA 112 67.15 -47.91 -22.64
CA ILE CA 112 68.35 -47.28 -22.09
C ILE CA 112 68.04 -46.88 -20.67
N GLN CA 113 68.83 -47.37 -19.72
CA GLN CA 113 68.56 -47.11 -18.32
C GLN CA 113 69.59 -46.16 -17.74
N MET CA 114 69.15 -45.33 -16.80
CA MET CA 114 69.99 -44.28 -16.22
C MET CA 114 69.84 -44.24 -14.71
N LEU CA 115 70.97 -44.19 -14.01
CA LEU CA 115 70.95 -44.06 -12.56
C LEU CA 115 71.63 -42.75 -12.13
N VAL CA 116 70.94 -41.93 -11.32
CA VAL CA 116 71.55 -40.74 -10.74
C VAL CA 116 71.97 -41.02 -9.31
N HIS CA 117 73.26 -40.78 -8.99
CA HIS CA 117 73.88 -41.02 -7.69
C HIS CA 117 73.99 -39.73 -6.91
N PRO CA 118 73.76 -39.83 -5.59
CA PRO CA 118 73.71 -38.60 -4.77
C PRO CA 118 75.01 -37.83 -4.86
N THR CA 119 74.90 -36.51 -4.86
CA THR CA 119 76.06 -35.64 -4.96
C THR CA 119 76.23 -34.92 -3.65
N LEU CA 120 77.40 -35.12 -3.05
CA LEU CA 120 77.80 -34.46 -1.83
C LEU CA 120 78.30 -33.05 -2.11
N THR CA 121 78.19 -32.24 -1.08
CA THR CA 121 78.38 -30.82 -1.15
C THR CA 121 79.10 -30.34 0.10
N PRO CA 122 79.66 -29.13 0.06
CA PRO CA 122 80.36 -28.59 1.23
C PRO CA 122 79.46 -28.07 2.33
N VAL CA 123 78.14 -28.25 2.29
CA VAL CA 123 77.29 -27.64 3.31
C VAL CA 123 76.89 -28.66 4.35
N LEU CA 124 76.82 -28.20 5.59
CA LEU CA 124 76.62 -29.03 6.75
C LEU CA 124 75.24 -28.86 7.36
N SER CA 125 74.80 -29.92 8.03
CA SER CA 125 73.58 -29.91 8.80
C SER CA 125 73.86 -29.22 10.13
N GLU CA 126 72.84 -29.10 10.97
CA GLU CA 126 73.07 -28.54 12.30
C GLU CA 126 74.10 -29.38 13.04
N ASP CA 127 74.05 -30.69 12.83
CA ASP CA 127 74.99 -31.63 13.40
C ASP CA 127 76.35 -31.60 12.73
N GLY CA 128 76.50 -30.94 11.59
CA GLY CA 128 77.83 -30.83 11.03
C GLY CA 128 78.17 -31.91 10.03
N HIS CA 129 77.17 -32.57 9.46
CA HIS CA 129 77.42 -33.59 8.44
C HIS CA 129 77.15 -33.02 7.08
N GLN CA 130 77.93 -33.48 6.10
CA GLN CA 130 77.76 -32.97 4.74
C GLN CA 130 76.42 -33.39 4.13
N LEU CA 131 75.79 -32.47 3.40
CA LEU CA 131 74.50 -32.69 2.76
C LEU CA 131 74.64 -32.99 1.25
N THR CA 132 73.70 -33.77 0.71
CA THR CA 132 73.54 -33.92 -0.73
C THR CA 132 72.67 -32.79 -1.27
N LEU CA 133 72.78 -32.53 -2.58
CA LEU CA 133 71.92 -31.54 -3.21
C LEU CA 133 70.46 -31.78 -2.87
N GLU CA 134 70.06 -33.04 -2.89
CA GLU CA 134 68.69 -33.44 -2.66
C GLU CA 134 68.22 -32.98 -1.31
N GLU CA 135 69.14 -32.99 -0.34
CA GLU CA 135 68.84 -32.58 1.01
C GLU CA 135 68.78 -31.06 1.17
N ILE CA 136 69.42 -30.30 0.29
CA ILE CA 136 69.39 -28.86 0.36
C ILE CA 136 68.19 -28.30 -0.39
N PHE CA 137 67.92 -28.87 -1.56
CA PHE CA 137 66.81 -28.46 -2.40
C PHE CA 137 65.74 -29.55 -2.38
N HIS CA 138 64.72 -29.35 -1.55
CA HIS CA 138 63.62 -30.31 -1.52
C HIS CA 138 62.83 -30.29 -2.82
N ASP CA 139 62.93 -29.22 -3.59
CA ASP CA 139 62.27 -29.14 -4.88
C ASP CA 139 63.07 -29.78 -5.98
N LEU CA 140 64.23 -30.35 -5.65
CA LEU CA 140 65.14 -30.81 -6.69
C LEU CA 140 64.48 -31.93 -7.49
N PHE CA 141 64.70 -31.89 -8.80
CA PHE CA 141 64.26 -32.98 -9.66
C PHE CA 141 65.17 -33.00 -10.88
N TYR CA 142 65.07 -34.10 -11.64
CA TYR CA 142 65.95 -34.40 -12.76
C TYR CA 142 65.15 -34.34 -14.05
N ARG CA 143 65.73 -33.74 -15.07
CA ARG CA 143 65.15 -33.75 -16.40
C ARG CA 143 66.15 -34.46 -17.28
N LEU CA 144 65.80 -35.65 -17.76
CA LEU CA 144 66.69 -36.39 -18.62
C LEU CA 144 66.02 -36.60 -19.98
N GLU CA 145 66.82 -36.52 -21.01
CA GLU CA 145 66.33 -36.65 -22.37
C GLU CA 145 67.19 -37.63 -23.15
N LEU CA 146 66.54 -38.40 -24.04
CA LEU CA 146 67.23 -39.31 -24.94
C LEU CA 146 67.01 -38.90 -26.39
N HIS CA 147 68.07 -38.42 -27.02
CA HIS CA 147 68.01 -37.90 -28.37
C HIS CA 147 68.22 -39.00 -29.41
N VAL CA 148 67.31 -39.04 -30.39
CA VAL CA 148 67.39 -39.99 -31.51
C VAL CA 148 67.96 -39.35 -32.76
N ASN CA 149 67.38 -38.23 -33.19
CA ASN CA 149 67.83 -37.46 -34.36
C ASN CA 149 67.43 -36.02 -34.07
N HIS CA 150 67.92 -35.08 -34.91
CA HIS CA 150 67.72 -33.68 -34.61
C HIS CA 150 66.24 -33.37 -34.33
N THR CA 151 65.32 -34.13 -34.91
CA THR CA 151 63.89 -33.87 -34.76
C THR CA 151 63.18 -34.79 -33.78
N TYR CA 152 63.87 -35.72 -33.11
CA TYR CA 152 63.22 -36.68 -32.23
C TYR CA 152 64.04 -36.81 -30.95
N GLN CA 153 63.40 -36.49 -29.81
CA GLN CA 153 64.01 -36.60 -28.49
C GLN CA 153 62.94 -37.14 -27.57
N MET CA 154 63.37 -37.86 -26.55
CA MET CA 154 62.49 -38.47 -25.56
C MET CA 154 62.83 -37.87 -24.21
N HIS CA 155 61.80 -37.59 -23.40
CA HIS CA 155 61.99 -37.00 -22.08
C HIS CA 155 61.45 -37.90 -20.97
N LEU CA 156 62.22 -37.95 -19.88
CA LEU CA 156 61.77 -38.49 -18.62
C LEU CA 156 62.24 -37.53 -17.53
N GLU CA 157 61.35 -37.26 -16.58
CA GLU CA 157 61.64 -36.32 -15.50
C GLU CA 157 60.97 -36.80 -14.23
N GLY CA 158 61.65 -36.55 -13.12
CA GLY CA 158 61.18 -36.94 -11.82
C GLY CA 158 62.23 -36.70 -10.76
N LYS CA 159 61.85 -37.06 -9.54
CA LYS CA 159 62.69 -36.93 -8.37
C LYS CA 159 63.44 -38.22 -8.07
N GLN CA 160 63.01 -39.31 -8.69
CA GLN CA 160 63.63 -40.60 -8.42
C GLN CA 160 64.99 -40.66 -9.05
N ARG CA 161 65.70 -41.73 -8.74
CA ARG CA 161 67.05 -41.87 -9.21
C ARG CA 161 67.22 -42.95 -10.25
N GLU CA 162 66.15 -43.63 -10.67
CA GLU CA 162 66.20 -44.66 -11.70
C GLU CA 162 65.27 -44.29 -12.85
N TYR CA 163 65.76 -44.43 -14.07
CA TYR CA 163 64.96 -44.09 -15.24
C TYR CA 163 65.24 -45.10 -16.33
N GLU CA 164 64.23 -45.38 -17.15
CA GLU CA 164 64.41 -46.25 -18.32
C GLU CA 164 63.61 -45.76 -19.53
N PHE CA 165 64.31 -45.54 -20.62
CA PHE CA 165 63.72 -45.23 -21.92
C PHE CA 165 63.42 -46.54 -22.65
N LEU CA 166 62.14 -46.90 -22.75
CA LEU CA 166 61.74 -48.18 -23.34
C LEU CA 166 61.47 -47.99 -24.83
N GLY CA 167 61.44 -49.12 -25.55
CA GLY CA 167 60.99 -49.11 -26.93
C GLY CA 167 62.02 -48.72 -27.95
N LEU CA 168 63.29 -49.02 -27.69
CA LEU CA 168 64.38 -48.63 -28.57
C LEU CA 168 64.74 -49.75 -29.54
N THR CA 169 65.34 -49.35 -30.65
CA THR CA 169 65.83 -50.35 -31.58
C THR CA 169 67.20 -50.82 -31.10
N PRO CA 170 67.51 -52.09 -31.27
CA PRO CA 170 68.81 -52.60 -30.81
C PRO CA 170 69.98 -52.00 -31.58
N ASP CA 171 71.13 -51.97 -30.92
CA ASP CA 171 72.41 -51.59 -31.52
C ASP CA 171 72.33 -50.24 -32.22
N THR CA 172 71.56 -49.34 -31.65
CA THR CA 172 71.40 -48.01 -32.18
C THR CA 172 72.06 -47.05 -31.20
N GLU CA 173 72.71 -46.02 -31.75
CA GLU CA 173 73.44 -45.03 -30.98
C GLU CA 173 72.45 -43.97 -30.51
N PHE CA 174 72.54 -43.59 -29.23
CA PHE CA 174 71.70 -42.56 -28.63
C PHE CA 174 72.54 -41.54 -27.87
N LEU CA 175 71.97 -40.35 -27.67
CA LEU CA 175 72.59 -39.28 -26.90
C LEU CA 175 71.70 -39.03 -25.70
N GLY CA 176 72.24 -39.24 -24.51
CA GLY CA 176 71.51 -39.04 -23.28
C GLY CA 176 72.02 -37.77 -22.62
N SER CA 177 71.09 -37.01 -22.04
CA SER CA 177 71.39 -35.76 -21.35
C SER CA 177 70.66 -35.76 -20.03
N ILE CA 178 71.36 -35.43 -18.94
CA ILE CA 178 70.71 -35.39 -17.63
C ILE CA 178 71.04 -34.04 -17.01
N THR CA 179 70.02 -33.36 -16.52
CA THR CA 179 70.19 -32.07 -15.86
C THR CA 179 69.39 -32.04 -14.57
N ILE CA 180 69.94 -31.32 -13.63
CA ILE CA 180 69.29 -31.03 -12.36
C ILE CA 180 68.55 -29.71 -12.45
N LEU CA 181 67.34 -29.69 -11.94
CA LEU CA 181 66.60 -28.44 -11.84
C LEU CA 181 66.12 -28.29 -10.42
N THR CA 182 66.17 -27.05 -9.92
CA THR CA 182 65.55 -26.66 -8.65
C THR CA 182 64.64 -25.47 -8.94
N PRO CA 183 63.34 -25.69 -9.12
CA PRO CA 183 62.49 -24.63 -9.71
C PRO CA 183 62.40 -23.35 -8.90
N ILE CA 184 62.35 -23.47 -7.58
CA ILE CA 184 62.03 -22.31 -6.73
C ILE CA 184 62.99 -21.15 -7.01
N LEU CA 185 64.27 -21.44 -7.01
CA LEU CA 185 65.38 -20.55 -7.30
C LEU CA 185 65.79 -20.52 -8.77
N SER CA 186 64.97 -21.10 -9.67
CA SER CA 186 65.24 -21.02 -11.12
C SER CA 186 66.65 -21.49 -11.53
N LYS CA 187 67.21 -22.52 -10.85
CA LYS CA 187 68.54 -23.02 -11.18
C LYS CA 187 68.46 -24.25 -12.08
N GLU CA 188 69.40 -24.34 -13.03
CA GLU CA 188 69.49 -25.53 -13.86
C GLU CA 188 70.96 -25.82 -14.15
N SER CA 189 71.39 -27.04 -13.80
CA SER CA 189 72.79 -27.42 -13.97
C SER CA 189 73.08 -27.56 -15.45
N ALA CA 190 74.36 -27.46 -15.81
CA ALA CA 190 74.77 -27.93 -17.13
C ALA CA 190 74.57 -29.45 -17.16
N PRO CA 191 74.47 -30.05 -18.34
CA PRO CA 191 74.16 -31.48 -18.41
C PRO CA 191 75.33 -32.40 -18.18
N TYR CA 192 75.04 -33.55 -17.58
CA TYR CA 192 75.87 -34.72 -17.79
C TYR CA 192 75.43 -35.34 -19.11
N VAL CA 193 76.40 -35.57 -20.00
CA VAL CA 193 76.10 -36.06 -21.35
C VAL CA 193 76.84 -37.38 -21.57
N CYS CA 194 76.06 -38.43 -21.86
CA CYS CA 194 76.54 -39.78 -22.14
C CYS CA 194 76.19 -40.14 -23.57
N ARG CA 195 77.20 -40.60 -24.31
CA ARG CA 195 77.00 -41.19 -25.64
C ARG CA 195 76.91 -42.71 -25.50
N VAL CA 196 75.71 -43.26 -25.70
CA VAL CA 196 75.46 -44.70 -25.55
C VAL CA 196 74.88 -45.32 -26.83
N LYS CA 197 75.00 -46.65 -26.90
CA LYS CA 197 74.52 -47.46 -28.02
C LYS CA 197 73.90 -48.73 -27.46
N THR CA 198 72.62 -48.95 -27.75
CA THR CA 198 71.96 -50.16 -27.30
C THR CA 198 72.70 -51.43 -27.79
N LEU CA 199 72.57 -52.50 -26.99
CA LEU CA 199 73.28 -53.77 -27.18
C LEU CA 199 72.77 -54.53 -28.40
N PRO CA 200 73.59 -55.40 -28.99
CA PRO CA 200 73.13 -56.12 -30.19
C PRO CA 200 72.12 -57.19 -29.80
N ASP CA 201 71.17 -57.41 -30.70
CA ASP CA 201 70.21 -58.51 -30.55
C ASP CA 201 70.87 -59.89 -30.70
N THR DA 5 43.75 -16.74 14.54
CA THR DA 5 44.58 -15.66 15.03
C THR DA 5 46.05 -16.04 15.11
N ARG DA 6 46.43 -17.17 14.51
CA ARG DA 6 47.82 -17.57 14.66
C ARG DA 6 48.69 -16.94 13.59
N CYS DA 7 49.98 -16.97 13.87
CA CYS DA 7 51.00 -16.33 13.06
C CYS DA 7 51.71 -17.39 12.22
N LYS DA 8 50.99 -17.91 11.24
CA LYS DA 8 51.60 -18.90 10.37
C LYS DA 8 51.24 -18.56 8.94
N LEU DA 9 52.20 -18.70 8.04
CA LEU DA 9 51.92 -18.62 6.62
C LEU DA 9 52.18 -19.99 5.98
N HIS DA 10 51.48 -20.25 4.88
CA HIS DA 10 51.72 -21.49 4.20
C HIS DA 10 52.99 -21.39 3.37
N VAL DA 11 53.62 -22.55 3.18
CA VAL DA 11 54.88 -22.59 2.43
C VAL DA 11 54.71 -22.09 1.01
N ARG DA 12 53.51 -22.26 0.42
CA ARG DA 12 53.28 -21.89 -0.98
C ARG DA 12 53.56 -20.42 -1.26
N ASN DA 13 53.38 -19.54 -0.26
CA ASN DA 13 53.61 -18.12 -0.44
C ASN DA 13 55.06 -17.84 -0.75
N PHE DA 14 55.93 -18.73 -0.31
CA PHE DA 14 57.35 -18.48 -0.49
C PHE DA 14 57.95 -19.38 -1.54
N GLN DA 15 57.13 -20.03 -2.35
CA GLN DA 15 57.73 -20.99 -3.26
C GLN DA 15 57.37 -20.69 -4.71
N SER DA 16 56.93 -19.47 -5.02
CA SER DA 16 56.59 -19.12 -6.39
C SER DA 16 57.80 -18.68 -7.19
N PRO DA 17 58.17 -19.43 -8.23
CA PRO DA 17 59.39 -19.06 -8.98
C PRO DA 17 59.36 -17.63 -9.49
N TYR DA 18 58.19 -17.18 -9.92
CA TYR DA 18 58.10 -15.83 -10.46
C TYR DA 18 58.45 -14.81 -9.40
N ILE DA 19 57.69 -14.77 -8.29
CA ILE DA 19 57.98 -13.68 -7.34
C ILE DA 19 59.34 -13.84 -6.70
N VAL DA 20 59.83 -15.07 -6.52
CA VAL DA 20 61.15 -15.23 -5.92
C VAL DA 20 62.21 -14.67 -6.86
N ASN DA 21 62.06 -14.91 -8.16
CA ASN DA 21 62.98 -14.29 -9.11
C ASN DA 21 62.88 -12.76 -9.07
N ARG DA 22 61.66 -12.24 -9.00
CA ARG DA 22 61.47 -10.80 -9.10
C ARG DA 22 61.96 -10.13 -7.83
N THR DA 23 61.64 -10.71 -6.68
CA THR DA 23 62.09 -10.12 -5.42
C THR DA 23 63.60 -10.10 -5.38
N PHE DA 24 64.24 -11.22 -5.75
CA PHE DA 24 65.68 -11.28 -5.58
C PHE DA 24 66.40 -10.47 -6.64
N MET DA 25 65.78 -10.28 -7.81
CA MET DA 25 66.35 -9.33 -8.77
C MET DA 25 66.17 -7.90 -8.26
N LEU DA 26 65.05 -7.60 -7.60
CA LEU DA 26 64.91 -6.29 -6.99
C LEU DA 26 65.96 -6.07 -5.90
N ALA DA 27 66.16 -7.07 -5.02
CA ALA DA 27 67.16 -6.87 -3.96
C ALA DA 27 68.55 -6.72 -4.54
N LYS DA 28 68.86 -7.42 -5.63
CA LYS DA 28 70.22 -7.32 -6.12
C LYS DA 28 70.46 -5.92 -6.68
N GLU DA 29 69.47 -5.37 -7.39
CA GLU DA 29 69.66 -4.03 -7.95
C GLU DA 29 69.79 -2.97 -6.83
N ALA DA 30 69.06 -3.13 -5.72
CA ALA DA 30 69.32 -2.18 -4.63
C ALA DA 30 70.61 -2.48 -3.92
N SER DA 31 70.93 -3.77 -3.67
CA SER DA 31 72.13 -4.02 -2.86
C SER DA 31 73.40 -3.56 -3.58
N LEU DA 32 73.42 -3.56 -4.92
CA LEU DA 32 74.58 -3.00 -5.63
C LEU DA 32 74.82 -1.54 -5.29
N ALA DA 33 73.78 -0.79 -4.95
CA ALA DA 33 73.92 0.62 -4.61
C ALA DA 33 74.21 0.84 -3.14
N ASP DA 34 74.48 -0.22 -2.41
CA ASP DA 34 74.66 -0.16 -0.96
C ASP DA 34 76.04 -0.68 -0.63
N GLN DA 35 76.95 0.26 -0.37
CA GLN DA 35 78.31 -0.08 -0.04
C GLN DA 35 78.54 -0.10 1.45
N ASN DA 36 77.48 -0.09 2.26
CA ASN DA 36 77.65 -0.11 3.70
C ASN DA 36 77.57 -1.55 4.19
N THR DA 37 78.71 -2.24 4.13
CA THR DA 37 78.79 -3.62 4.57
C THR DA 37 78.81 -3.76 6.10
N ASP DA 38 78.95 -2.68 6.86
CA ASP DA 38 79.17 -2.90 8.28
C ASP DA 38 77.87 -3.08 9.04
N VAL DA 39 76.76 -2.53 8.54
CA VAL DA 39 75.48 -2.56 9.25
C VAL DA 39 74.49 -3.41 8.44
N ARG DA 40 73.87 -4.36 9.11
CA ARG DA 40 72.88 -5.20 8.47
C ARG DA 40 71.62 -5.05 9.28
N LEU DA 41 70.52 -4.75 8.59
CA LEU DA 41 69.23 -4.47 9.23
C LEU DA 41 68.62 -5.76 9.76
N ILE DA 42 68.36 -6.70 8.85
CA ILE DA 42 67.72 -7.97 9.18
C ILE DA 42 68.84 -8.93 9.52
N GLY DA 43 69.25 -8.91 10.79
CA GLY DA 43 70.37 -9.73 11.23
C GLY DA 43 70.15 -10.30 12.61
N GLU DA 44 71.21 -10.82 13.19
CA GLU DA 44 71.05 -11.37 14.52
C GLU DA 44 70.65 -10.28 15.51
N LYS DA 45 71.02 -9.04 15.21
CA LYS DA 45 70.64 -7.94 16.09
C LYS DA 45 69.13 -7.82 16.20
N LEU DA 46 68.38 -8.23 15.15
CA LEU DA 46 66.92 -8.09 15.12
C LEU DA 46 66.21 -9.17 15.94
N PHE DA 47 66.79 -10.35 16.02
CA PHE DA 47 66.16 -11.46 16.72
C PHE DA 47 66.64 -11.57 18.15
N ARG DA 48 67.35 -10.55 18.65
CA ARG DA 48 68.01 -10.59 19.96
C ARG DA 48 66.95 -10.64 21.06
N GLY DA 49 66.85 -11.81 21.70
CA GLY DA 49 65.95 -12.06 22.80
C GLY DA 49 64.50 -12.15 22.35
N VAL DA 50 64.26 -12.83 21.24
CA VAL DA 50 62.93 -13.01 20.68
C VAL DA 50 62.70 -14.51 20.55
N SER DA 51 61.87 -15.05 21.41
CA SER DA 51 61.47 -16.44 21.32
C SER DA 51 61.04 -16.80 19.91
N ALA DA 52 61.16 -18.10 19.59
CA ALA DA 52 60.88 -18.57 18.24
C ALA DA 52 59.40 -18.48 17.87
N LYS DA 53 58.49 -18.60 18.83
CA LYS DA 53 57.07 -18.46 18.47
C LYS DA 53 56.66 -17.01 18.19
N ASP DA 54 57.38 -16.01 18.72
CA ASP DA 54 57.07 -14.61 18.47
C ASP DA 54 57.77 -14.07 17.24
N GLN DA 55 58.61 -14.89 16.60
CA GLN DA 55 59.44 -14.40 15.50
C GLN DA 55 58.60 -14.03 14.29
N CYS DA 56 57.49 -14.74 14.06
CA CYS DA 56 56.61 -14.37 12.95
C CYS DA 56 56.03 -12.98 13.15
N TYR DA 57 55.59 -12.67 14.38
CA TYR DA 57 55.12 -11.32 14.71
C TYR DA 57 56.21 -10.28 14.48
N LEU DA 58 57.43 -10.58 14.92
CA LEU DA 58 58.54 -9.66 14.73
C LEU DA 58 58.76 -9.36 13.25
N MET DA 59 58.72 -10.39 12.40
CA MET DA 59 58.93 -10.18 10.97
C MET DA 59 57.73 -9.50 10.31
N LYS DA 60 56.51 -9.73 10.82
CA LYS DA 60 55.35 -9.02 10.31
C LYS DA 60 55.48 -7.51 10.58
N GLN DA 61 56.09 -7.13 11.73
CA GLN DA 61 56.28 -5.72 12.02
C GLN DA 61 57.38 -5.12 11.14
N VAL DA 62 58.46 -5.89 10.90
CA VAL DA 62 59.50 -5.47 9.97
C VAL DA 62 58.96 -5.43 8.54
N LEU DA 63 58.04 -6.35 8.20
CA LEU DA 63 57.38 -6.31 6.91
C LEU DA 63 56.50 -5.04 6.79
N GLN DA 64 55.73 -4.74 7.84
CA GLN DA 64 54.89 -3.56 7.82
C GLN DA 64 55.72 -2.28 7.71
N PHE DA 65 56.89 -2.23 8.40
CA PHE DA 65 57.69 -1.00 8.36
C PHE DA 65 58.25 -0.77 6.96
N THR DA 66 58.85 -1.80 6.37
CA THR DA 66 59.45 -1.70 5.05
C THR DA 66 58.40 -1.31 4.01
N LEU DA 67 57.17 -1.80 4.17
CA LEU DA 67 56.11 -1.41 3.27
C LEU DA 67 55.74 0.05 3.51
N GLU DA 68 55.62 0.44 4.76
CA GLU DA 68 55.08 1.76 5.07
C GLU DA 68 56.12 2.85 4.91
N ASP DA 69 57.39 2.56 5.26
CA ASP DA 69 58.37 3.62 5.38
C ASP DA 69 59.45 3.58 4.31
N VAL DA 70 59.59 2.50 3.56
CA VAL DA 70 60.64 2.35 2.57
C VAL DA 70 60.08 2.16 1.16
N LEU DA 71 59.11 1.25 1.00
CA LEU DA 71 58.62 0.80 -0.32
C LEU DA 71 57.48 1.64 -0.90
N LEU DA 72 56.49 1.96 -0.10
CA LEU DA 72 55.38 2.77 -0.60
C LEU DA 72 55.86 4.15 -1.02
N PRO DA 73 56.73 4.83 -0.28
CA PRO DA 73 57.29 6.10 -0.77
C PRO DA 73 58.22 5.96 -1.96
N GLN DA 74 58.75 4.77 -2.24
CA GLN DA 74 59.72 4.64 -3.33
C GLN DA 74 59.20 3.69 -4.38
N SER DA 75 57.91 3.81 -4.72
CA SER DA 75 57.36 2.90 -5.72
C SER DA 75 57.76 3.32 -7.13
N ASP DA 76 58.43 4.47 -7.26
CA ASP DA 76 58.89 5.02 -8.52
C ASP DA 76 60.35 4.69 -8.81
N ARG DA 77 61.05 4.02 -7.91
CA ARG DA 77 62.42 3.61 -8.13
C ARG DA 77 62.43 2.14 -8.54
N PHE DA 78 63.64 1.63 -8.87
CA PHE DA 78 63.88 0.19 -9.03
C PHE DA 78 62.82 -0.49 -9.90
N GLN DA 79 62.28 0.18 -10.91
CA GLN DA 79 61.33 -0.50 -11.74
C GLN DA 79 62.08 -1.49 -12.65
N PRO DA 80 61.36 -2.35 -13.36
CA PRO DA 80 59.99 -2.85 -13.20
C PRO DA 80 59.72 -3.80 -12.04
N TYR DA 81 60.68 -4.08 -11.14
CA TYR DA 81 60.47 -5.14 -10.14
C TYR DA 81 59.53 -4.68 -9.06
N MET DA 82 59.68 -3.43 -8.62
CA MET DA 82 58.84 -2.86 -7.58
C MET DA 82 57.35 -3.03 -7.89
N TRP DA 83 56.98 -2.83 -9.14
CA TRP DA 83 55.58 -2.98 -9.54
C TRP DA 83 55.09 -4.40 -9.27
N GLU DA 84 55.94 -5.41 -9.43
CA GLU DA 84 55.49 -6.77 -9.16
C GLU DA 84 55.79 -7.23 -7.75
N VAL DA 85 56.89 -6.75 -7.17
CA VAL DA 85 57.32 -7.23 -5.85
C VAL DA 85 56.46 -6.64 -4.75
N VAL DA 86 56.16 -5.34 -4.83
CA VAL DA 86 55.46 -4.66 -3.74
C VAL DA 86 54.07 -5.22 -3.46
N PRO DA 87 53.23 -5.48 -4.46
CA PRO DA 87 51.92 -6.08 -4.15
C PRO DA 87 52.03 -7.46 -3.55
N PHE DA 88 53.07 -8.21 -3.88
CA PHE DA 88 53.23 -9.50 -3.25
C PHE DA 88 53.45 -9.39 -1.74
N LEU DA 89 54.44 -8.58 -1.32
CA LEU DA 89 54.72 -8.39 0.11
C LEU DA 89 53.51 -7.81 0.85
N THR DA 90 52.76 -6.93 0.19
CA THR DA 90 51.48 -6.45 0.73
C THR DA 90 50.48 -7.58 0.91
N LYS DA 91 50.42 -8.54 -0.03
CA LYS DA 91 49.54 -9.69 0.18
C LYS DA 91 49.98 -10.51 1.39
N LEU DA 92 51.26 -10.45 1.73
CA LEU DA 92 51.79 -11.19 2.86
C LEU DA 92 51.47 -10.49 4.17
N SER DA 93 51.54 -9.16 4.18
CA SER DA 93 51.21 -8.41 5.40
C SER DA 93 49.75 -8.60 5.77
N ASN DA 94 48.90 -8.74 4.77
CA ASN DA 94 47.47 -8.89 5.05
C ASN DA 94 47.13 -10.27 5.58
N LYS DA 95 47.82 -11.32 5.10
CA LYS DA 95 47.59 -12.64 5.69
C LYS DA 95 48.02 -12.67 7.15
N LEU DA 96 48.95 -11.79 7.55
CA LEU DA 96 49.44 -11.69 8.92
C LEU DA 96 48.67 -10.68 9.76
N SER DA 97 47.57 -10.13 9.26
CA SER DA 97 46.83 -9.16 10.07
C SER DA 97 46.30 -9.78 11.35
N SER DA 98 45.91 -11.06 11.30
CA SER DA 98 45.39 -11.81 12.44
C SER DA 98 46.49 -12.25 13.41
N CYS DA 99 47.71 -11.77 13.20
CA CYS DA 99 48.86 -12.13 14.01
C CYS DA 99 49.00 -11.14 15.15
N HIS DA 100 49.14 -11.65 16.38
CA HIS DA 100 49.27 -10.83 17.57
C HIS DA 100 50.13 -11.55 18.58
N ILE DA 101 50.95 -10.79 19.30
CA ILE DA 101 52.02 -11.36 20.12
C ILE DA 101 51.48 -12.22 21.25
N SER DA 102 50.26 -11.94 21.70
CA SER DA 102 49.62 -12.73 22.76
C SER DA 102 50.54 -12.88 23.96
N GLY DA 103 51.27 -11.83 24.26
CA GLY DA 103 52.18 -11.85 25.39
C GLY DA 103 52.90 -10.52 25.49
N ASP DA 104 54.02 -10.53 26.21
CA ASP DA 104 54.82 -9.32 26.40
C ASP DA 104 55.67 -9.12 25.16
N ASP DA 105 55.47 -7.99 24.50
CA ASP DA 105 56.17 -7.65 23.28
C ASP DA 105 57.11 -6.47 23.51
N GLN DA 106 57.83 -6.48 24.63
CA GLN DA 106 58.75 -5.39 24.92
C GLN DA 106 60.04 -5.51 24.13
N ASN DA 107 60.52 -6.74 23.89
CA ASN DA 107 61.76 -6.95 23.15
C ASN DA 107 61.52 -6.92 21.64
N ILE DA 108 60.37 -7.37 21.17
CA ILE DA 108 60.06 -7.17 19.76
C ILE DA 108 59.95 -5.68 19.46
N GLN DA 109 59.23 -4.94 20.32
CA GLN DA 109 59.03 -3.51 20.07
C GLN DA 109 60.35 -2.74 20.14
N LYS DA 110 61.26 -3.19 20.99
CA LYS DA 110 62.56 -2.56 21.10
C LYS DA 110 63.42 -2.80 19.87
N ASN DA 111 63.30 -3.97 19.23
CA ASN DA 111 64.12 -4.27 18.06
C ASN DA 111 63.58 -3.63 16.78
N VAL DA 112 62.26 -3.61 16.56
CA VAL DA 112 61.72 -2.87 15.42
C VAL DA 112 62.05 -1.41 15.58
N ARG DA 113 62.19 -0.92 16.81
CA ARG DA 113 62.59 0.46 17.04
C ARG DA 113 64.06 0.72 16.67
N ARG DA 114 64.99 -0.16 17.09
CA ARG DA 114 66.41 0.02 16.72
C ARG DA 114 66.62 -0.08 15.23
N LEU DA 115 65.82 -0.92 14.56
CA LEU DA 115 65.85 -1.05 13.12
C LEU DA 115 65.36 0.23 12.47
N LYS DA 116 64.19 0.71 12.88
CA LYS DA 116 63.68 1.92 12.27
C LYS DA 116 64.63 3.09 12.46
N GLU DA 117 65.38 3.08 13.57
CA GLU DA 117 66.29 4.19 13.81
C GLU DA 117 67.48 4.13 12.87
N THR DA 118 68.05 2.94 12.65
CA THR DA 118 69.21 2.84 11.75
C THR DA 118 68.80 3.21 10.32
N VAL DA 119 67.62 2.78 9.87
CA VAL DA 119 67.16 3.14 8.55
C VAL DA 119 67.11 4.66 8.39
N LYS DA 120 66.65 5.37 9.44
CA LYS DA 120 66.60 6.82 9.37
C LYS DA 120 67.93 7.45 9.72
N LYS DA 121 68.78 6.74 10.45
CA LYS DA 121 70.11 7.22 10.83
C LYS DA 121 71.04 7.34 9.63
N LEU DA 122 70.74 6.63 8.55
CA LEU DA 122 71.55 6.59 7.34
C LEU DA 122 70.90 7.38 6.21
N GLY DA 123 69.89 8.18 6.54
CA GLY DA 123 69.10 8.87 5.55
C GLY DA 123 68.71 8.00 4.38
N GLU DA 124 68.92 8.48 3.15
CA GLU DA 124 68.39 7.76 2.01
C GLU DA 124 69.10 6.43 1.80
N SER DA 125 70.39 6.37 2.10
CA SER DA 125 71.12 5.12 1.99
C SER DA 125 70.48 4.08 2.89
N GLY DA 126 69.82 4.52 3.97
CA GLY DA 126 69.10 3.59 4.82
C GLY DA 126 67.91 2.95 4.12
N GLU DA 127 67.27 3.66 3.19
CA GLU DA 127 66.12 3.05 2.56
C GLU DA 127 66.55 2.07 1.46
N ILE DA 128 67.59 2.41 0.70
CA ILE DA 128 68.01 1.44 -0.32
C ILE DA 128 68.60 0.20 0.34
N LYS DA 129 69.22 0.32 1.53
CA LYS DA 129 69.72 -0.87 2.20
C LYS DA 129 68.57 -1.81 2.51
N ALA DA 130 67.45 -1.26 2.95
CA ALA DA 130 66.32 -2.12 3.27
C ALA DA 130 65.83 -2.82 2.02
N ILE DA 131 65.79 -2.11 0.88
CA ILE DA 131 65.28 -2.69 -0.36
C ILE DA 131 66.22 -3.78 -0.84
N GLY DA 132 67.52 -3.56 -0.69
CA GLY DA 132 68.60 -4.50 -0.93
C GLY DA 132 68.63 -5.68 0.03
N GLU DA 133 67.87 -5.63 1.13
CA GLU DA 133 67.75 -6.77 2.03
C GLU DA 133 66.41 -7.50 1.87
N LEU DA 134 65.65 -7.21 0.81
CA LEU DA 134 64.42 -7.97 0.66
C LEU DA 134 64.67 -9.46 0.50
N ASP DA 135 65.83 -9.88 0.00
CA ASP DA 135 66.05 -11.33 -0.01
C ASP DA 135 66.16 -11.85 1.41
N LEU DA 136 66.91 -11.13 2.25
CA LEU DA 136 66.91 -11.40 3.68
C LEU DA 136 65.49 -11.28 4.28
N LEU DA 137 64.72 -10.25 3.91
CA LEU DA 137 63.37 -10.16 4.47
C LEU DA 137 62.51 -11.34 4.04
N PHE DA 138 62.44 -11.60 2.74
CA PHE DA 138 61.68 -12.73 2.23
C PHE DA 138 62.03 -13.99 3.00
N MET DA 139 63.33 -14.27 3.15
CA MET DA 139 63.66 -15.56 3.71
C MET DA 139 63.39 -15.62 5.21
N SER DA 140 63.65 -14.53 5.94
CA SER DA 140 63.33 -14.53 7.36
C SER DA 140 61.83 -14.56 7.62
N LEU DA 141 61.02 -13.94 6.76
CA LEU DA 141 59.58 -14.07 6.91
C LEU DA 141 59.15 -15.51 6.71
N ARG DA 142 59.76 -16.19 5.74
CA ARG DA 142 59.47 -17.60 5.48
C ARG DA 142 59.87 -18.45 6.70
N ASN DA 143 61.08 -18.23 7.21
CA ASN DA 143 61.60 -19.05 8.30
C ASN DA 143 60.82 -18.85 9.59
N ALA DA 144 60.23 -17.67 9.80
CA ALA DA 144 59.53 -17.40 11.05
C ALA DA 144 58.05 -17.73 11.01
N CYS DA 145 57.41 -17.68 9.85
CA CYS DA 145 55.96 -17.82 9.75
C CYS DA 145 55.52 -19.08 9.01
N VAL DA 146 56.42 -20.05 8.84
CA VAL DA 146 56.04 -21.32 8.26
C VAL DA 146 56.62 -22.34 9.23
N MET EA 1 18.83 9.06 -17.08
CA MET EA 1 19.83 9.59 -17.99
C MET EA 1 20.24 8.55 -19.03
N ILE EA 2 21.45 8.05 -18.83
CA ILE EA 2 22.05 7.03 -19.69
C ILE EA 2 22.20 5.77 -18.85
N PRO EA 3 21.80 4.60 -19.35
CA PRO EA 3 21.87 3.36 -18.53
C PRO EA 3 23.30 2.81 -18.49
N PRO EA 4 23.67 2.12 -17.42
CA PRO EA 4 25.05 1.65 -17.32
C PRO EA 4 25.30 0.52 -18.28
N PRO EA 5 26.56 0.17 -18.53
CA PRO EA 5 26.85 -0.97 -19.42
C PRO EA 5 26.41 -2.25 -18.77
N GLU EA 6 25.99 -3.20 -19.61
CA GLU EA 6 25.48 -4.47 -19.14
C GLU EA 6 26.54 -5.56 -19.24
N LYS EA 7 26.32 -6.62 -18.45
CA LYS EA 7 27.22 -7.77 -18.41
C LYS EA 7 28.65 -7.35 -18.13
N VAL EA 8 28.84 -6.41 -17.18
CA VAL EA 8 30.19 -5.93 -16.87
C VAL EA 8 30.94 -7.04 -16.14
N ARG EA 9 32.06 -7.48 -16.71
CA ARG EA 9 32.81 -8.63 -16.22
C ARG EA 9 34.29 -8.48 -16.57
N MET EA 10 35.15 -9.02 -15.71
CA MET EA 10 36.59 -9.12 -15.96
C MET EA 10 36.91 -10.50 -16.52
N ASN EA 11 37.23 -10.58 -17.79
CA ASN EA 11 37.65 -11.83 -18.39
C ASN EA 11 39.17 -11.84 -18.38
N SER EA 12 39.74 -12.68 -17.52
CA SER EA 12 41.20 -12.74 -17.34
C SER EA 12 41.63 -14.17 -17.64
N VAL EA 13 42.51 -14.32 -18.63
CA VAL EA 13 43.05 -15.62 -18.99
C VAL EA 13 44.56 -15.49 -19.06
N ASN EA 14 45.26 -16.32 -18.30
CA ASN EA 14 46.70 -16.31 -18.28
C ASN EA 14 47.23 -14.89 -18.01
N PHE EA 15 46.63 -14.20 -17.03
CA PHE EA 15 47.07 -12.85 -16.68
C PHE EA 15 46.88 -11.83 -17.83
N LYS EA 16 46.06 -12.17 -18.83
CA LYS EA 16 45.60 -11.22 -19.85
C LYS EA 16 44.28 -10.68 -19.33
N ASN EA 17 44.33 -9.52 -18.67
CA ASN EA 17 43.17 -9.04 -17.93
C ASN EA 17 42.36 -8.12 -18.82
N ILE EA 18 41.21 -8.59 -19.24
CA ILE EA 18 40.36 -7.81 -20.13
C ILE EA 18 39.02 -7.63 -19.44
N LEU EA 19 38.70 -6.37 -19.13
CA LEU EA 19 37.37 -6.00 -18.68
C LEU EA 19 36.47 -6.00 -19.89
N GLN EA 20 35.36 -6.72 -19.82
CA GLN EA 20 34.43 -6.75 -20.94
C GLN EA 20 33.05 -6.39 -20.45
N TRP EA 21 32.29 -5.66 -21.29
CA TRP EA 21 30.92 -5.30 -21.00
C TRP EA 21 30.17 -5.32 -22.32
N GLU EA 22 28.87 -5.12 -22.26
CA GLU EA 22 28.00 -5.08 -23.42
C GLU EA 22 27.30 -3.73 -23.49
N VAL EA 23 26.98 -3.29 -24.70
CA VAL EA 23 26.34 -1.98 -24.84
C VAL EA 23 24.94 -2.03 -24.23
N PRO EA 24 24.51 -0.99 -23.51
CA PRO EA 24 23.24 -1.09 -22.79
C PRO EA 24 22.05 -1.11 -23.73
N ALA EA 25 20.88 -1.40 -23.14
CA ALA EA 25 19.60 -1.41 -23.83
C ALA EA 25 19.22 0.00 -24.24
N PHE EA 26 19.90 0.55 -25.21
CA PHE EA 26 19.71 1.93 -25.48
C PHE EA 26 20.00 2.12 -26.96
N PRO EA 27 19.13 2.78 -27.67
CA PRO EA 27 19.24 2.86 -29.12
C PRO EA 27 20.37 3.71 -29.69
N LYS EA 28 20.53 4.96 -29.23
CA LYS EA 28 21.57 5.84 -29.77
C LYS EA 28 22.89 5.11 -29.80
N THR EA 29 23.39 4.88 -31.01
CA THR EA 29 24.59 4.09 -31.16
C THR EA 29 25.85 4.87 -30.89
N GLN EA 30 25.77 6.16 -30.56
CA GLN EA 30 26.98 6.96 -30.44
C GLN EA 30 27.45 7.12 -29.01
N LEU EA 31 27.34 6.06 -28.22
CA LEU EA 31 27.73 6.09 -26.80
C LEU EA 31 29.08 5.40 -26.68
N THR EA 32 30.03 6.07 -26.06
CA THR EA 32 31.37 5.58 -25.87
C THR EA 32 31.53 5.16 -24.41
N PHE EA 33 32.67 4.57 -24.08
CA PHE EA 33 32.86 4.03 -22.75
C PHE EA 33 34.14 4.55 -22.13
N THR EA 34 34.17 4.59 -20.81
CA THR EA 34 35.38 4.97 -20.10
C THR EA 34 35.62 3.98 -18.97
N ALA EA 35 36.83 3.40 -18.91
CA ALA EA 35 37.16 2.36 -17.95
C ALA EA 35 38.30 2.83 -17.06
N GLN EA 36 38.17 2.58 -15.77
CA GLN EA 36 39.17 3.09 -14.85
C GLN EA 36 39.58 1.99 -13.88
N TYR EA 37 40.76 2.18 -13.28
CA TYR EA 37 41.19 1.35 -12.16
C TYR EA 37 41.62 2.27 -11.02
N GLU EA 38 41.56 1.74 -9.81
CA GLU EA 38 41.89 2.50 -8.62
C GLU EA 38 43.35 2.20 -8.31
N SER EA 39 44.20 3.23 -8.40
CA SER EA 39 45.63 3.16 -8.13
C SER EA 39 45.96 4.11 -7.00
N TYR EA 40 46.69 3.60 -5.99
CA TYR EA 40 47.07 4.39 -4.83
C TYR EA 40 45.84 4.93 -4.09
N ARG EA 41 44.69 4.29 -4.32
CA ARG EA 41 43.37 4.62 -3.77
C ARG EA 41 42.69 5.81 -4.46
N SER EA 42 43.15 6.19 -5.67
CA SER EA 42 42.50 7.22 -6.48
C SER EA 42 42.25 6.63 -7.86
N PHE EA 43 41.11 6.91 -8.49
CA PHE EA 43 40.86 6.33 -9.80
C PHE EA 43 41.60 7.07 -10.89
N GLN EA 44 42.08 6.29 -11.86
CA GLN EA 44 42.81 6.76 -13.03
C GLN EA 44 42.10 6.25 -14.26
N ASP EA 45 41.96 7.11 -15.26
CA ASP EA 45 41.46 6.70 -16.56
C ASP EA 45 42.39 5.67 -17.19
N HIS EA 46 41.81 4.66 -17.83
CA HIS EA 46 42.62 3.75 -18.63
C HIS EA 46 42.14 3.58 -20.07
N CYS EA 47 40.83 3.41 -20.26
CA CYS EA 47 40.18 3.50 -21.55
C CYS EA 47 39.20 4.67 -21.50
N LYS EA 48 39.44 5.72 -22.31
CA LYS EA 48 38.63 6.95 -22.29
C LYS EA 48 37.80 7.08 -23.57
N ARG EA 49 36.47 7.13 -23.44
CA ARG EA 49 35.54 7.36 -24.56
C ARG EA 49 35.86 6.44 -25.74
N THR EA 50 35.90 5.15 -25.44
CA THR EA 50 36.21 4.20 -26.50
C THR EA 50 34.93 3.71 -27.16
N ALA EA 51 35.06 3.42 -28.44
CA ALA EA 51 34.00 2.75 -29.14
C ALA EA 51 34.01 1.26 -28.91
N SER EA 52 35.03 0.74 -28.21
CA SER EA 52 35.05 -0.70 -27.96
C SER EA 52 34.22 -1.07 -26.74
N THR EA 53 33.87 -2.35 -26.66
CA THR EA 53 33.18 -2.95 -25.53
C THR EA 53 34.16 -3.74 -24.64
N GLN EA 54 35.45 -3.36 -24.62
CA GLN EA 54 36.41 -4.02 -23.74
C GLN EA 54 37.56 -3.07 -23.46
N CYS EA 55 38.26 -3.32 -22.35
CA CYS EA 55 39.44 -2.57 -21.94
C CYS EA 55 40.46 -3.54 -21.34
N ASP EA 56 41.71 -3.47 -21.83
CA ASP EA 56 42.79 -4.38 -21.44
C ASP EA 56 43.55 -3.83 -20.25
N PHE EA 57 43.52 -4.57 -19.15
CA PHE EA 57 44.15 -4.16 -17.90
C PHE EA 57 45.31 -5.09 -17.57
N SER EA 58 45.98 -5.60 -18.60
CA SER EA 58 47.00 -6.61 -18.36
C SER EA 58 48.31 -6.04 -17.83
N HIS EA 59 48.45 -4.73 -17.76
CA HIS EA 59 49.61 -4.11 -17.15
C HIS EA 59 49.56 -4.11 -15.62
N LEU EA 60 48.43 -4.46 -15.02
CA LEU EA 60 48.33 -4.52 -13.57
C LEU EA 60 49.21 -5.65 -13.03
N SER EA 61 49.68 -5.46 -11.80
CA SER EA 61 50.54 -6.42 -11.14
C SER EA 61 49.82 -7.74 -10.86
N LYS EA 62 50.57 -8.82 -10.76
CA LYS EA 62 49.89 -10.09 -10.52
C LYS EA 62 49.27 -10.16 -9.12
N TYR EA 63 49.97 -9.64 -8.11
CA TYR EA 63 49.53 -9.83 -6.74
C TYR EA 63 48.67 -8.71 -6.22
N GLY EA 64 48.39 -7.70 -7.03
CA GLY EA 64 47.66 -6.58 -6.52
C GLY EA 64 46.19 -6.89 -6.38
N ASP EA 65 45.57 -6.28 -5.36
CA ASP EA 65 44.11 -6.27 -5.22
C ASP EA 65 43.57 -5.01 -5.89
N TYR EA 66 42.91 -5.16 -7.03
CA TYR EA 66 42.53 -4.01 -7.84
C TYR EA 66 41.02 -3.88 -7.90
N THR EA 67 40.57 -2.63 -8.01
CA THR EA 67 39.19 -2.29 -8.34
C THR EA 67 39.16 -1.52 -9.65
N VAL EA 68 38.38 -2.02 -10.60
CA VAL EA 68 38.20 -1.42 -11.91
C VAL EA 68 36.71 -1.10 -12.10
N ARG EA 69 36.41 0.01 -12.79
CA ARG EA 69 35.03 0.38 -13.08
C ARG EA 69 34.90 0.98 -14.47
N VAL EA 70 33.68 0.91 -15.01
CA VAL EA 70 33.36 1.37 -16.36
C VAL EA 70 32.02 2.10 -16.30
N ARG EA 71 31.83 3.02 -17.24
CA ARG EA 71 30.57 3.72 -17.48
C ARG EA 71 30.37 3.91 -18.97
N ALA EA 72 29.10 4.07 -19.32
CA ALA EA 72 28.67 4.47 -20.66
C ALA EA 72 28.59 5.99 -20.69
N GLU EA 73 28.93 6.57 -21.84
CA GLU EA 73 28.99 8.03 -21.97
C GLU EA 73 28.39 8.52 -23.28
N LEU EA 74 27.78 9.70 -23.20
CA LEU EA 74 27.29 10.44 -24.36
C LEU EA 74 27.97 11.79 -24.43
N ALA EA 75 27.36 12.75 -25.12
CA ALA EA 75 27.97 14.07 -25.27
C ALA EA 75 28.00 14.72 -23.88
N ASP EA 76 29.00 14.34 -23.08
CA ASP EA 76 29.18 14.76 -21.70
C ASP EA 76 28.07 14.26 -20.77
N GLU EA 77 27.05 13.57 -21.30
CA GLU EA 77 26.04 12.95 -20.45
C GLU EA 77 26.48 11.51 -20.18
N HIS EA 78 26.70 11.18 -18.92
CA HIS EA 78 27.22 9.84 -18.60
C HIS EA 78 26.29 9.09 -17.65
N SER EA 79 26.56 7.78 -17.53
CA SER EA 79 25.80 6.89 -16.67
C SER EA 79 26.53 6.67 -15.35
N GLU EA 80 25.87 5.97 -14.43
CA GLU EA 80 26.51 5.50 -13.21
C GLU EA 80 27.60 4.49 -13.54
N TRP EA 81 28.59 4.35 -12.62
CA TRP EA 81 29.72 3.43 -12.77
C TRP EA 81 29.36 1.98 -12.47
N VAL EA 82 30.02 1.06 -13.16
CA VAL EA 82 29.90 -0.35 -12.83
C VAL EA 82 31.27 -0.87 -12.39
N GLN EA 83 31.37 -1.31 -11.14
CA GLN EA 83 32.62 -1.72 -10.52
C GLN EA 83 32.77 -3.24 -10.41
N VAL EA 84 34.00 -3.73 -10.59
CA VAL EA 84 34.33 -5.11 -10.23
C VAL EA 84 35.70 -5.10 -9.58
N THR EA 85 35.82 -5.82 -8.48
CA THR EA 85 37.09 -6.00 -7.80
C THR EA 85 37.69 -7.35 -8.20
N PHE EA 86 39.00 -7.40 -8.32
CA PHE EA 86 39.61 -8.67 -8.75
C PHE EA 86 41.07 -8.73 -8.30
N CYS EA 87 41.61 -9.93 -8.13
CA CYS EA 87 43.04 -10.13 -7.87
C CYS EA 87 43.60 -11.16 -8.85
N PRO EA 88 44.52 -10.78 -9.74
CA PRO EA 88 44.82 -11.66 -10.90
C PRO EA 88 45.35 -13.01 -10.48
N VAL EA 89 46.39 -13.03 -9.63
CA VAL EA 89 47.01 -14.30 -9.30
C VAL EA 89 45.99 -15.17 -8.59
N GLU EA 90 45.00 -14.54 -7.95
CA GLU EA 90 43.97 -15.31 -7.27
C GLU EA 90 42.78 -15.60 -8.14
N ASP EA 91 42.47 -14.72 -9.12
CA ASP EA 91 41.23 -14.84 -9.87
C ASP EA 91 41.42 -15.25 -11.30
N THR EA 92 42.63 -15.18 -11.83
CA THR EA 92 42.77 -15.46 -13.26
C THR EA 92 42.39 -16.93 -13.59
N ILE EA 93 41.85 -17.10 -14.79
CA ILE EA 93 41.48 -18.40 -15.33
C ILE EA 93 42.70 -19.00 -15.98
N ILE EA 94 42.98 -20.25 -15.67
CA ILE EA 94 44.10 -20.96 -16.26
C ILE EA 94 43.70 -21.43 -17.66
N GLY EA 95 44.28 -20.80 -18.69
CA GLY EA 95 44.05 -21.20 -20.05
C GLY EA 95 44.64 -22.57 -20.27
N PRO EA 96 44.30 -23.20 -21.39
CA PRO EA 96 44.75 -24.55 -21.63
C PRO EA 96 46.19 -24.56 -22.09
N PRO EA 97 46.97 -25.53 -21.61
CA PRO EA 97 48.36 -25.69 -22.06
C PRO EA 97 48.46 -26.32 -23.44
N GLU EA 98 49.65 -26.18 -24.01
CA GLU EA 98 49.97 -26.90 -25.23
C GLU EA 98 50.58 -28.26 -24.94
N MET EA 99 50.28 -29.21 -25.83
CA MET EA 99 50.79 -30.57 -25.70
C MET EA 99 51.15 -31.14 -27.06
N GLN EA 100 52.31 -31.77 -27.13
CA GLN EA 100 52.74 -32.48 -28.32
C GLN EA 100 52.87 -33.96 -27.96
N ILE EA 101 52.44 -34.80 -28.89
CA ILE EA 101 52.27 -36.24 -28.68
C ILE EA 101 53.29 -36.96 -29.53
N GLU EA 102 53.99 -37.91 -28.94
CA GLU EA 102 54.90 -38.75 -29.70
C GLU EA 102 54.48 -40.20 -29.53
N SER EA 103 54.19 -40.85 -30.63
CA SER EA 103 53.79 -42.26 -30.62
C SER EA 103 55.02 -43.14 -30.60
N LEU EA 104 55.14 -43.98 -29.57
CA LEU EA 104 56.21 -44.95 -29.67
C LEU EA 104 55.62 -46.31 -30.05
N ALA EA 105 56.20 -47.40 -29.56
CA ALA EA 105 55.73 -48.75 -29.81
C ALA EA 105 54.92 -49.18 -28.59
N GLU EA 106 53.60 -49.13 -28.72
CA GLU EA 106 52.61 -49.44 -27.67
C GLU EA 106 52.48 -48.31 -26.63
N SER EA 107 53.23 -47.22 -26.75
CA SER EA 107 53.13 -46.13 -25.78
C SER EA 107 52.98 -44.77 -26.47
N LEU EA 108 52.56 -43.77 -25.70
CA LEU EA 108 52.33 -42.41 -26.21
C LEU EA 108 53.01 -41.42 -25.26
N HIS EA 109 54.05 -40.73 -25.74
CA HIS EA 109 54.86 -39.81 -24.95
C HIS EA 109 54.26 -38.41 -25.03
N LEU EA 110 53.93 -37.84 -23.88
CA LEU EA 110 53.27 -36.54 -23.83
C LEU EA 110 54.24 -35.45 -23.41
N ARG EA 111 54.23 -34.30 -24.11
CA ARG EA 111 55.03 -33.16 -23.65
C ARG EA 111 54.20 -31.88 -23.63
N PHE EA 112 54.22 -31.17 -22.49
CA PHE EA 112 53.37 -30.01 -22.26
C PHE EA 112 54.15 -28.70 -22.24
N SER EA 113 53.40 -27.63 -22.41
CA SER EA 113 53.90 -26.26 -22.29
C SER EA 113 52.82 -25.50 -21.53
N ALA EA 114 53.15 -25.03 -20.33
CA ALA EA 114 52.23 -24.24 -19.53
C ALA EA 114 51.92 -22.90 -20.21
N PRO EA 115 50.72 -22.35 -20.00
CA PRO EA 115 50.35 -21.08 -20.67
C PRO EA 115 51.32 -19.96 -20.31
N GLN EA 116 51.59 -19.10 -21.29
CA GLN EA 116 52.48 -17.94 -21.12
C GLN EA 116 51.79 -16.85 -20.32
N ILE EA 117 52.60 -16.13 -19.55
CA ILE EA 117 52.09 -14.99 -18.80
C ILE EA 117 52.10 -13.80 -19.74
N GLU EA 118 51.01 -13.04 -19.72
CA GLU EA 118 50.75 -11.99 -20.70
C GLU EA 118 51.76 -10.85 -20.69
N ASN EA 119 51.71 -9.99 -19.69
CA ASN EA 119 52.53 -8.79 -19.75
C ASN EA 119 53.94 -9.02 -19.23
N GLU EA 120 54.59 -10.08 -19.72
CA GLU EA 120 55.94 -10.35 -19.26
C GLU EA 120 56.91 -10.32 -20.42
N PRO EA 121 57.93 -9.46 -20.36
CA PRO EA 121 58.91 -9.39 -21.45
C PRO EA 121 59.77 -10.62 -21.53
N GLU EA 122 59.56 -11.55 -20.63
CA GLU EA 122 60.25 -12.81 -20.64
C GLU EA 122 59.23 -13.88 -20.97
N THR EA 123 59.72 -15.10 -21.06
CA THR EA 123 58.89 -16.25 -21.41
C THR EA 123 58.52 -17.04 -20.16
N TRP EA 124 57.89 -16.34 -19.21
CA TRP EA 124 57.43 -16.96 -17.98
C TRP EA 124 56.10 -17.66 -18.24
N THR EA 125 55.70 -18.59 -17.35
CA THR EA 125 54.45 -19.33 -17.52
C THR EA 125 53.75 -19.52 -16.18
N LEU EA 126 52.47 -19.92 -16.25
CA LEU EA 126 51.65 -20.05 -15.05
C LEU EA 126 52.27 -21.05 -14.11
N LYS EA 127 52.96 -22.03 -14.65
CA LYS EA 127 53.68 -22.94 -13.80
C LYS EA 127 54.75 -22.20 -13.04
N ASN EA 128 55.29 -21.14 -13.62
CA ASN EA 128 56.39 -20.48 -12.94
C ASN EA 128 55.91 -19.60 -11.77
N ILE EA 129 54.62 -19.30 -11.66
CA ILE EA 129 54.13 -18.46 -10.59
C ILE EA 129 53.39 -19.26 -9.54
N TYR EA 130 52.66 -20.30 -9.94
CA TYR EA 130 51.89 -21.06 -8.97
C TYR EA 130 52.73 -22.22 -8.48
N ASP EA 131 52.82 -22.33 -7.16
CA ASP EA 131 53.66 -23.36 -6.56
C ASP EA 131 53.03 -24.74 -6.61
N SER EA 132 51.75 -24.83 -6.96
CA SER EA 132 51.00 -26.06 -6.84
C SER EA 132 50.58 -26.58 -8.19
N TRP EA 133 51.31 -26.17 -9.21
CA TRP EA 133 50.98 -26.53 -10.57
C TRP EA 133 51.16 -28.02 -10.80
N ALA EA 134 50.14 -28.65 -11.40
CA ALA EA 134 50.22 -30.00 -11.92
C ALA EA 134 49.28 -30.11 -13.11
N TYR EA 135 49.55 -31.11 -13.95
CA TYR EA 135 48.78 -31.35 -15.16
C TYR EA 135 47.87 -32.57 -14.97
N ARG EA 136 46.60 -32.42 -15.36
CA ARG EA 136 45.68 -33.54 -15.48
C ARG EA 136 45.55 -33.91 -16.95
N VAL EA 137 45.87 -35.15 -17.31
CA VAL EA 137 45.74 -35.63 -18.67
C VAL EA 137 44.48 -36.46 -18.73
N GLN EA 138 43.66 -36.23 -19.75
CA GLN EA 138 42.47 -37.05 -20.00
C GLN EA 138 42.53 -37.56 -21.43
N TYR EA 139 42.56 -38.88 -21.60
CA TYR EA 139 42.60 -39.50 -22.91
C TYR EA 139 41.56 -40.61 -22.99
N TRP EA 140 41.16 -40.94 -24.21
CA TRP EA 140 40.18 -42.00 -24.40
C TRP EA 140 40.43 -42.70 -25.73
N LYS EA 141 39.76 -43.84 -25.91
CA LYS EA 141 39.76 -44.57 -27.17
C LYS EA 141 38.77 -43.93 -28.14
N GLN EA 142 39.27 -43.58 -29.33
CA GLN EA 142 38.46 -42.91 -30.35
C GLN EA 142 37.13 -43.64 -30.58
N GLY EA 143 36.05 -42.86 -30.60
CA GLY EA 143 34.70 -43.36 -30.75
C GLY EA 143 34.02 -43.66 -29.44
N THR EA 144 34.76 -44.26 -28.50
CA THR EA 144 34.23 -44.68 -27.22
C THR EA 144 34.33 -43.56 -26.20
N ASN EA 145 33.41 -43.56 -25.23
CA ASN EA 145 33.58 -42.74 -24.03
C ASN EA 145 33.97 -43.70 -22.90
N GLU EA 146 35.30 -43.91 -22.78
CA GLU EA 146 35.90 -44.71 -21.72
C GLU EA 146 37.21 -44.02 -21.31
N LYS EA 147 37.07 -42.90 -20.60
CA LYS EA 147 38.20 -42.02 -20.29
C LYS EA 147 39.07 -42.57 -19.17
N PHE EA 148 40.35 -42.19 -19.20
CA PHE EA 148 41.30 -42.46 -18.14
C PHE EA 148 42.08 -41.20 -17.85
N GLN EA 149 42.55 -41.09 -16.62
CA GLN EA 149 43.24 -39.86 -16.23
C GLN EA 149 44.50 -40.20 -15.47
N VAL EA 150 45.55 -39.43 -15.74
CA VAL EA 150 46.78 -39.51 -14.98
C VAL EA 150 47.23 -38.08 -14.78
N VAL EA 151 47.78 -37.80 -13.62
CA VAL EA 151 48.25 -36.49 -13.27
C VAL EA 151 49.77 -36.54 -13.17
N SER EA 152 50.40 -35.46 -13.63
CA SER EA 152 51.84 -35.30 -13.56
C SER EA 152 52.14 -33.84 -13.26
N PRO EA 153 53.13 -33.57 -12.42
CA PRO EA 153 53.57 -32.19 -12.18
C PRO EA 153 54.71 -31.72 -13.06
N TYR EA 154 55.15 -32.57 -14.01
CA TYR EA 154 56.29 -32.32 -14.88
C TYR EA 154 55.84 -31.99 -16.29
N ASP EA 155 56.76 -31.47 -17.08
CA ASP EA 155 56.41 -31.08 -18.45
C ASP EA 155 56.42 -32.27 -19.40
N SER EA 156 56.42 -33.47 -18.86
CA SER EA 156 56.46 -34.70 -19.62
C SER EA 156 55.62 -35.72 -18.91
N GLU EA 157 55.01 -36.63 -19.67
CA GLU EA 157 54.35 -37.79 -19.10
C GLU EA 157 54.28 -38.86 -20.18
N VAL EA 158 54.34 -40.14 -19.76
CA VAL EA 158 54.27 -41.24 -20.71
C VAL EA 158 53.06 -42.13 -20.38
N LEU EA 159 52.18 -42.29 -21.38
CA LEU EA 159 51.07 -43.24 -21.34
C LEU EA 159 51.62 -44.56 -21.84
N ARG EA 160 51.65 -45.59 -20.98
CA ARG EA 160 52.44 -46.76 -21.33
C ARG EA 160 51.70 -47.98 -21.90
N ASN EA 161 50.92 -48.68 -21.09
CA ASN EA 161 50.28 -49.91 -21.56
C ASN EA 161 48.85 -49.72 -22.08
N LEU EA 162 48.73 -49.56 -23.40
CA LEU EA 162 47.47 -49.39 -24.13
C LEU EA 162 47.49 -50.33 -25.35
N GLU EA 163 46.34 -50.45 -26.02
CA GLU EA 163 46.23 -51.42 -27.12
C GLU EA 163 47.02 -50.93 -28.34
N PRO EA 164 47.69 -51.83 -29.06
CA PRO EA 164 48.54 -51.39 -30.19
C PRO EA 164 47.74 -51.00 -31.43
N TRP EA 165 48.39 -50.21 -32.28
CA TRP EA 165 47.80 -49.76 -33.55
C TRP EA 165 46.38 -49.21 -33.38
N THR EA 166 46.18 -48.30 -32.42
CA THR EA 166 44.84 -47.76 -32.19
C THR EA 166 44.94 -46.27 -31.87
N THR EA 167 44.08 -45.46 -32.51
CA THR EA 167 44.09 -44.01 -32.32
C THR EA 167 43.45 -43.61 -30.99
N TYR EA 168 44.24 -42.98 -30.11
CA TYR EA 168 43.78 -42.32 -28.89
C TYR EA 168 43.69 -40.82 -29.10
N CYS EA 169 42.73 -40.19 -28.41
CA CYS EA 169 42.55 -38.75 -28.45
C CYS EA 169 42.83 -38.17 -27.08
N ILE EA 170 43.70 -37.17 -27.02
CA ILE EA 170 44.24 -36.72 -25.75
C ILE EA 170 44.03 -35.22 -25.61
N GLN EA 171 43.78 -34.79 -24.38
CA GLN EA 171 43.70 -33.38 -24.05
C GLN EA 171 44.36 -33.18 -22.69
N VAL EA 172 44.79 -31.94 -22.43
CA VAL EA 172 45.53 -31.63 -21.21
C VAL EA 172 44.98 -30.35 -20.60
N GLN EA 173 45.10 -30.23 -19.27
CA GLN EA 173 44.76 -29.00 -18.56
C GLN EA 173 45.59 -28.83 -17.29
N GLY EA 174 45.82 -27.57 -16.95
CA GLY EA 174 46.48 -27.23 -15.72
C GLY EA 174 45.47 -27.13 -14.60
N PHE EA 175 45.92 -27.46 -13.40
CA PHE EA 175 45.09 -27.30 -12.22
C PHE EA 175 46.03 -27.08 -11.04
N LEU EA 176 45.43 -26.73 -9.91
CA LEU EA 176 46.19 -26.48 -8.71
C LEU EA 176 45.87 -27.57 -7.68
N LEU EA 177 46.90 -28.01 -6.97
CA LEU EA 177 46.75 -29.19 -6.14
C LEU EA 177 45.82 -28.93 -4.97
N ASP EA 178 46.09 -27.92 -4.16
CA ASP EA 178 45.24 -27.67 -3.00
C ASP EA 178 44.60 -26.30 -2.98
N GLN EA 179 44.36 -25.69 -4.14
CA GLN EA 179 43.63 -24.43 -4.17
C GLN EA 179 42.36 -24.54 -4.99
N GLN EA 180 41.80 -25.75 -5.04
CA GLN EA 180 40.61 -26.09 -5.81
C GLN EA 180 40.39 -25.16 -6.99
N ARG EA 181 41.42 -24.99 -7.81
CA ARG EA 181 41.36 -24.21 -9.05
C ARG EA 181 41.81 -25.11 -10.19
N THR EA 182 40.90 -25.39 -11.13
CA THR EA 182 41.17 -26.19 -12.32
C THR EA 182 41.17 -25.30 -13.56
N GLY EA 183 42.10 -25.58 -14.47
CA GLY EA 183 42.22 -24.80 -15.70
C GLY EA 183 41.37 -25.32 -16.85
N GLU EA 184 41.49 -24.64 -17.97
CA GLU EA 184 40.72 -24.95 -19.17
C GLU EA 184 41.35 -26.15 -19.89
N TRP EA 185 40.50 -26.98 -20.50
CA TRP EA 185 40.97 -28.12 -21.31
C TRP EA 185 41.45 -27.66 -22.68
N SER EA 186 42.49 -28.34 -23.17
CA SER EA 186 42.98 -28.13 -24.53
C SER EA 186 42.07 -28.87 -25.51
N GLU EA 187 42.31 -28.70 -26.81
CA GLU EA 187 41.47 -29.42 -27.75
C GLU EA 187 42.03 -30.82 -27.98
N PRO EA 188 41.16 -31.83 -28.08
CA PRO EA 188 41.65 -33.21 -28.21
C PRO EA 188 42.49 -33.35 -29.48
N ILE EA 189 43.72 -33.85 -29.31
CA ILE EA 189 44.55 -34.25 -30.44
C ILE EA 189 44.67 -35.77 -30.42
N CYS EA 190 44.53 -36.41 -31.58
CA CYS EA 190 44.50 -37.86 -31.68
C CYS EA 190 45.70 -38.39 -32.45
N GLU EA 191 46.25 -39.53 -32.01
CA GLU EA 191 47.34 -40.17 -32.74
C GLU EA 191 47.28 -41.68 -32.64
N ARG EA 192 47.80 -42.35 -33.67
CA ARG EA 192 47.80 -43.80 -33.74
C ARG EA 192 48.94 -44.40 -32.92
N THR EA 193 48.68 -45.54 -32.29
CA THR EA 193 49.65 -46.14 -31.38
C THR EA 193 50.80 -46.78 -32.14
N GLY EA 194 50.65 -47.98 -32.69
CA GLY EA 194 51.82 -48.46 -33.39
C GLY EA 194 52.78 -49.27 -32.54
N ASN EA 195 53.34 -50.32 -33.12
CA ASN EA 195 54.50 -50.97 -32.53
C ASN EA 195 55.72 -50.89 -33.46
N LEU FA 1 55.31 31.16 48.03
CA LEU FA 1 54.16 30.80 47.20
C LEU FA 1 53.68 29.38 47.52
N LEU FA 2 52.56 29.30 48.23
CA LEU FA 2 51.97 28.05 48.68
C LEU FA 2 50.63 27.85 48.01
N GLN FA 3 50.29 26.62 47.64
CA GLN FA 3 49.07 26.37 46.90
C GLN FA 3 48.50 25.00 47.22
N HIS FA 4 47.22 24.85 46.90
CA HIS FA 4 46.53 23.56 46.91
C HIS FA 4 46.72 22.84 48.23
N VAL FA 5 46.50 23.55 49.32
CA VAL FA 5 46.55 22.90 50.63
C VAL FA 5 45.21 22.20 50.83
N LYS FA 6 45.25 20.88 50.89
CA LYS FA 6 44.07 20.06 50.91
C LYS FA 6 44.34 18.78 51.70
N PHE FA 7 43.26 18.13 52.07
CA PHE FA 7 43.23 16.81 52.67
C PHE FA 7 42.94 15.75 51.60
N GLN FA 8 43.63 14.62 51.65
CA GLN FA 8 43.27 13.45 50.85
C GLN FA 8 42.96 12.34 51.83
N SER FA 9 41.69 11.97 51.88
CA SER FA 9 41.16 11.07 52.89
C SER FA 9 40.56 9.85 52.19
N SER FA 10 41.06 8.68 52.57
CA SER FA 10 40.69 7.40 51.99
C SER FA 10 40.60 6.40 53.14
N ASN FA 11 39.43 5.78 53.32
CA ASN FA 11 39.18 4.83 54.42
C ASN FA 11 39.62 5.39 55.76
N PHE FA 12 39.39 6.69 55.95
CA PHE FA 12 39.65 7.41 57.20
C PHE FA 12 41.12 7.52 57.54
N GLU FA 13 42.02 7.28 56.59
CA GLU FA 13 43.41 7.67 56.79
C GLU FA 13 43.50 9.05 56.16
N ASN FA 14 43.74 10.04 56.99
CA ASN FA 14 43.59 11.42 56.57
C ASN FA 14 44.96 12.01 56.42
N ILE FA 15 45.35 12.23 55.17
CA ILE FA 15 46.66 12.71 54.83
C ILE FA 15 46.52 14.10 54.26
N LEU FA 16 47.35 14.99 54.75
CA LEU FA 16 47.39 16.37 54.30
C LEU FA 16 48.43 16.54 53.22
N THR FA 17 48.02 17.10 52.09
CA THR FA 17 48.91 17.37 50.97
C THR FA 17 48.76 18.82 50.53
N TRP FA 18 49.86 19.38 50.06
CA TRP FA 18 49.92 20.77 49.59
C TRP FA 18 50.98 20.87 48.50
N ASP FA 19 51.11 22.06 47.93
CA ASP FA 19 52.10 22.23 46.89
C ASP FA 19 52.88 23.52 47.11
N GLY FA 20 54.07 23.55 46.53
CA GLY FA 20 54.89 24.74 46.45
C GLY FA 20 54.40 25.66 45.33
N GLY FA 21 55.20 26.68 45.06
CA GLY FA 21 54.83 27.65 44.05
C GLY FA 21 55.99 28.02 43.15
N PRO FA 22 55.83 29.10 42.37
CA PRO FA 22 56.93 29.60 41.54
C PRO FA 22 58.10 30.15 42.35
N ALA FA 23 58.06 29.97 43.67
CA ALA FA 23 59.14 30.33 44.55
C ALA FA 23 59.35 29.19 45.57
N SER FA 24 59.76 28.01 45.09
CA SER FA 24 59.95 26.84 45.96
C SER FA 24 61.42 26.43 45.93
N THR FA 25 62.25 27.18 46.63
CA THR FA 25 63.66 26.86 46.72
C THR FA 25 63.87 25.60 47.55
N SER FA 26 64.98 24.91 47.27
CA SER FA 26 65.29 23.70 48.01
C SER FA 26 65.38 23.91 49.51
N ASP FA 27 65.59 25.15 49.98
CA ASP FA 27 65.57 25.39 51.43
C ASP FA 27 64.20 25.84 51.91
N THR FA 28 63.18 25.73 51.07
CA THR FA 28 61.83 26.11 51.49
C THR FA 28 61.30 24.97 52.33
N VAL FA 29 60.86 25.28 53.54
CA VAL FA 29 60.34 24.28 54.46
C VAL FA 29 58.90 24.62 54.78
N TYR FA 30 58.15 23.62 55.24
CA TYR FA 30 56.72 23.77 55.47
C TYR FA 30 56.40 23.25 56.86
N SER FA 31 55.57 24.00 57.58
CA SER FA 31 55.12 23.61 58.92
C SER FA 31 53.61 23.44 58.90
N VAL FA 32 53.11 22.40 59.56
CA VAL FA 32 51.69 22.10 59.56
C VAL FA 32 51.10 22.29 60.96
N GLU FA 33 49.90 22.88 60.99
CA GLU FA 33 49.10 23.04 62.19
C GLU FA 33 47.66 22.61 61.92
N TYR FA 34 47.02 22.05 62.94
CA TYR FA 34 45.64 21.58 62.90
C TYR FA 34 44.92 21.98 64.19
N LYS FA 35 43.58 22.01 64.15
CA LYS FA 35 42.74 22.39 65.28
C LYS FA 35 41.36 21.76 65.15
N LYS FA 36 40.67 21.62 66.28
CA LYS FA 36 39.28 21.20 66.28
C LYS FA 36 38.44 22.42 65.97
N TYR FA 37 37.46 22.27 65.08
CA TYR FA 37 36.66 23.42 64.68
C TYR FA 37 35.96 23.99 65.90
N GLY FA 38 35.99 25.33 66.04
CA GLY FA 38 35.48 25.94 67.25
C GLY FA 38 36.51 26.12 68.36
N GLU FA 39 37.78 25.94 68.06
CA GLU FA 39 38.89 26.12 68.98
C GLU FA 39 39.70 27.36 68.58
N ARG FA 40 40.36 27.93 69.58
CA ARG FA 40 41.22 29.08 69.30
C ARG FA 40 42.67 28.65 69.05
N LYS FA 41 43.16 27.66 69.79
CA LYS FA 41 44.54 27.19 69.71
C LYS FA 41 44.78 26.24 68.51
N TRP FA 42 45.85 26.51 67.76
CA TRP FA 42 46.29 25.64 66.68
C TRP FA 42 47.35 24.71 67.23
N LEU FA 43 47.08 23.40 67.21
CA LEU FA 43 48.09 22.47 67.67
C LEU FA 43 49.06 22.16 66.53
N ALA FA 44 50.25 21.70 66.89
CA ALA FA 44 51.33 21.46 65.92
C ALA FA 44 51.58 19.96 65.79
N LYS FA 45 51.61 19.48 64.54
CA LYS FA 45 51.88 18.06 64.29
C LYS FA 45 53.35 17.77 64.54
N ALA FA 46 53.60 16.86 65.49
CA ALA FA 46 54.96 16.59 65.97
C ALA FA 46 55.86 15.96 64.91
N GLY FA 47 55.36 15.02 64.13
CA GLY FA 47 56.26 14.28 63.26
C GLY FA 47 56.81 15.14 62.13
N CYS FA 48 55.98 15.99 61.58
CA CYS FA 48 56.32 16.76 60.38
C CYS FA 48 56.43 18.21 60.85
N GLN FA 49 57.66 18.64 61.11
CA GLN FA 49 57.94 19.99 61.61
C GLN FA 49 58.94 20.69 60.70
N ARG FA 50 58.48 21.73 60.00
CA ARG FA 50 59.33 22.52 59.09
C ARG FA 50 60.06 21.61 58.09
N ILE FA 51 59.29 20.81 57.37
CA ILE FA 51 59.82 19.76 56.51
C ILE FA 51 59.71 20.15 55.04
N THR FA 52 60.57 19.54 54.23
CA THR FA 52 60.68 19.82 52.80
C THR FA 52 59.69 19.05 51.94
N GLN FA 53 59.13 17.95 52.44
CA GLN FA 53 58.15 17.20 51.67
C GLN FA 53 56.82 17.95 51.66
N LYS FA 54 55.90 17.50 50.81
CA LYS FA 54 54.63 18.20 50.61
C LYS FA 54 53.45 17.37 51.06
N PHE FA 55 53.62 16.63 52.17
CA PHE FA 55 52.54 15.82 52.71
C PHE FA 55 52.81 15.55 54.19
N CYS FA 56 51.74 15.24 54.91
CA CYS FA 56 51.85 14.90 56.32
C CYS FA 56 50.62 14.08 56.69
N ASP FA 57 50.87 12.95 57.35
CA ASP FA 57 49.82 12.00 57.72
C ASP FA 57 49.24 12.42 59.07
N LEU FA 58 48.00 12.88 59.06
CA LEU FA 58 47.30 13.37 60.24
C LEU FA 58 46.21 12.40 60.72
N THR FA 59 46.37 11.12 60.41
CA THR FA 59 45.35 10.14 60.73
C THR FA 59 45.08 10.07 62.23
N MET FA 60 46.15 9.96 63.03
CA MET FA 60 46.01 9.88 64.48
C MET FA 60 45.43 11.16 65.06
N GLU FA 61 45.77 12.29 64.48
CA GLU FA 61 45.31 13.55 65.02
C GLU FA 61 43.87 13.84 64.64
N THR FA 62 43.33 13.12 63.66
CA THR FA 62 41.94 13.32 63.26
C THR FA 62 41.15 12.01 63.27
N ARG FA 63 41.29 11.22 64.33
CA ARG FA 63 40.70 9.89 64.37
C ARG FA 63 39.18 9.91 64.62
N ASP FA 64 38.63 11.01 65.16
CA ASP FA 64 37.19 11.09 65.46
C ASP FA 64 36.43 11.40 64.19
N HIS FA 65 35.72 10.41 63.67
CA HIS FA 65 35.11 10.57 62.36
C HIS FA 65 33.91 11.50 62.39
N GLN FA 66 33.34 11.72 63.57
CA GLN FA 66 32.17 12.55 63.76
C GLN FA 66 32.50 13.99 64.12
N GLU FA 67 33.78 14.36 64.10
CA GLU FA 67 34.23 15.70 64.47
C GLU FA 67 34.49 16.52 63.22
N PHE FA 68 34.75 17.80 63.41
CA PHE FA 68 35.10 18.69 62.32
C PHE FA 68 36.41 19.37 62.68
N TYR FA 69 37.33 19.44 61.71
CA TYR FA 69 38.69 19.93 61.88
C TYR FA 69 39.08 20.94 60.81
N TYR FA 70 40.25 21.52 61.05
CA TYR FA 70 40.92 22.42 60.14
C TYR FA 70 42.42 22.13 60.18
N ALA FA 71 43.09 22.41 59.07
CA ALA FA 71 44.54 22.28 59.07
C ALA FA 71 45.12 23.41 58.23
N LYS FA 72 46.30 23.88 58.63
CA LYS FA 72 46.98 24.97 57.94
C LYS FA 72 48.46 24.68 57.85
N VAL FA 73 49.08 25.17 56.79
CA VAL FA 73 50.51 25.00 56.57
C VAL FA 73 51.14 26.36 56.35
N THR FA 74 52.28 26.58 57.00
CA THR FA 74 53.06 27.81 56.92
C THR FA 74 54.35 27.51 56.19
N ALA FA 75 54.57 28.17 55.05
CA ALA FA 75 55.79 28.01 54.28
C ALA FA 75 56.64 29.25 54.49
N VAL FA 76 57.81 29.06 55.09
CA VAL FA 76 58.80 30.12 55.25
C VAL FA 76 60.11 29.62 54.67
N SER FA 77 60.71 30.43 53.80
CA SER FA 77 62.01 30.11 53.22
C SER FA 77 63.03 31.11 53.76
N ALA FA 78 64.30 30.85 53.46
CA ALA FA 78 65.34 31.77 53.91
C ALA FA 78 65.09 33.18 53.39
N GLY FA 79 64.45 33.32 52.24
CA GLY FA 79 64.22 34.63 51.66
C GLY FA 79 62.77 35.09 51.54
N GLY FA 80 62.46 36.20 52.21
CA GLY FA 80 61.16 36.83 52.12
C GLY FA 80 60.11 36.49 53.16
N PRO FA 81 58.85 36.83 52.84
CA PRO FA 81 57.73 36.75 53.81
C PRO FA 81 57.15 35.35 53.95
N PRO FA 82 56.52 35.05 55.09
CA PRO FA 82 55.86 33.75 55.26
C PRO FA 82 54.49 33.74 54.61
N VAL FA 83 54.10 32.56 54.12
CA VAL FA 83 52.78 32.33 53.53
C VAL FA 83 52.09 31.21 54.32
N THR FA 84 50.86 31.46 54.77
CA THR FA 84 50.08 30.47 55.52
C THR FA 84 48.69 30.33 54.88
N LYS FA 85 48.38 29.12 54.38
CA LYS FA 85 47.07 28.78 53.81
C LYS FA 85 46.50 27.55 54.51
N MET FA 86 45.20 27.58 54.78
CA MET FA 86 44.53 26.49 55.48
C MET FA 86 43.54 25.78 54.56
N THR FA 87 42.95 24.72 55.09
CA THR FA 87 42.06 23.86 54.35
C THR FA 87 40.64 24.22 54.68
N ASP FA 88 39.72 23.65 53.90
CA ASP FA 88 38.28 23.76 54.18
C ASP FA 88 37.94 22.99 55.45
N ARG FA 89 36.72 23.22 55.94
CA ARG FA 89 36.21 22.42 57.04
C ARG FA 89 36.28 20.94 56.66
N PHE FA 90 36.97 20.15 57.46
CA PHE FA 90 37.16 18.74 57.16
C PHE FA 90 36.31 17.89 58.10
N SER FA 91 35.59 16.92 57.53
CA SER FA 91 34.92 15.88 58.31
C SER FA 91 35.18 14.56 57.61
N SER FA 92 35.96 13.67 58.24
CA SER FA 92 36.35 12.48 57.48
C SER FA 92 35.14 11.69 57.08
N LEU FA 93 34.16 11.59 57.98
CA LEU FA 93 32.97 10.81 57.71
C LEU FA 93 32.31 11.24 56.42
N GLN FA 94 32.21 12.54 56.19
CA GLN FA 94 31.54 12.99 54.99
C GLN FA 94 32.50 13.17 53.83
N HIS FA 95 33.80 13.30 54.11
CA HIS FA 95 34.77 13.62 53.07
C HIS FA 95 35.66 12.44 52.69
N THR FA 96 35.70 11.37 53.47
CA THR FA 96 36.59 10.27 53.13
C THR FA 96 36.04 9.48 51.95
N THR FA 97 36.93 8.99 51.12
CA THR FA 97 36.55 8.11 50.03
C THR FA 97 36.79 6.64 50.43
N ILE FA 98 36.10 5.72 49.75
CA ILE FA 98 36.26 4.29 50.06
C ILE FA 98 37.27 3.70 49.09
N LYS FA 99 38.37 3.15 49.62
CA LYS FA 99 39.27 2.44 48.74
C LYS FA 99 38.62 1.14 48.33
N PRO FA 100 38.99 0.59 47.16
CA PRO FA 100 38.29 -0.59 46.64
C PRO FA 100 38.30 -1.70 47.67
N PRO FA 101 37.26 -2.53 47.66
CA PRO FA 101 37.11 -3.57 48.66
C PRO FA 101 38.13 -4.69 48.48
N ASP FA 102 38.36 -5.42 49.57
CA ASP FA 102 39.26 -6.58 49.61
C ASP FA 102 38.51 -7.82 49.17
N VAL FA 103 38.79 -8.29 47.96
CA VAL FA 103 38.04 -9.38 47.36
C VAL FA 103 38.98 -10.51 46.90
N THR FA 104 38.50 -11.74 47.02
CA THR FA 104 39.18 -12.89 46.44
C THR FA 104 38.29 -13.47 45.36
N CYS FA 105 38.79 -13.50 44.13
CA CYS FA 105 38.05 -14.06 43.00
C CYS FA 105 38.42 -15.53 42.87
N ILE FA 106 37.42 -16.40 42.82
CA ILE FA 106 37.67 -17.84 42.80
C ILE FA 106 37.15 -18.37 41.47
N PRO FA 107 38.05 -18.73 40.55
CA PRO FA 107 37.61 -19.29 39.28
C PRO FA 107 37.11 -20.70 39.52
N LYS FA 108 35.95 -21.00 38.96
CA LYS FA 108 35.36 -22.34 39.02
C LYS FA 108 35.25 -22.89 37.58
N VAL FA 109 34.72 -24.10 37.41
CA VAL FA 109 34.65 -24.69 36.07
C VAL FA 109 33.59 -24.00 35.21
N ARG FA 110 32.39 -23.82 35.75
CA ARG FA 110 31.30 -23.16 35.02
C ARG FA 110 30.76 -21.93 35.77
N SER FA 111 31.55 -21.37 36.68
CA SER FA 111 31.11 -20.21 37.44
C SER FA 111 32.35 -19.45 37.91
N ILE FA 112 32.11 -18.28 38.50
CA ILE FA 112 33.16 -17.47 39.08
C ILE FA 112 32.61 -16.96 40.39
N GLN FA 113 33.33 -17.22 41.47
CA GLN FA 113 32.91 -16.92 42.84
C GLN FA 113 33.72 -15.75 43.40
N MET FA 114 33.08 -14.94 44.24
CA MET FA 114 33.76 -13.78 44.80
C MET FA 114 33.47 -13.67 46.27
N LEU FA 115 34.53 -13.51 47.06
CA LEU FA 115 34.44 -13.34 48.50
C LEU FA 115 34.93 -11.96 48.86
N VAL FA 116 34.11 -11.20 49.56
CA VAL FA 116 34.50 -9.88 50.05
C VAL FA 116 34.95 -10.02 51.50
N HIS FA 117 36.11 -9.50 51.80
CA HIS FA 117 36.63 -9.60 53.15
C HIS FA 117 36.50 -8.26 53.89
N PRO FA 118 36.25 -8.27 55.21
CA PRO FA 118 36.06 -7.01 55.94
C PRO FA 118 37.32 -6.16 55.89
N THR FA 119 37.17 -4.85 55.77
CA THR FA 119 38.32 -3.95 55.75
C THR FA 119 38.35 -3.12 57.02
N LEU FA 120 39.43 -3.28 57.77
CA LEU FA 120 39.65 -2.50 58.97
C LEU FA 120 40.10 -1.09 58.64
N THR FA 121 39.78 -0.19 59.56
CA THR FA 121 40.02 1.23 59.42
C THR FA 121 40.58 1.75 60.74
N PRO FA 122 41.12 2.95 60.76
CA PRO FA 122 41.65 3.52 62.01
C PRO FA 122 40.63 4.16 62.94
N VAL FA 123 39.33 4.01 62.79
CA VAL FA 123 38.41 4.77 63.63
C VAL FA 123 37.90 3.89 64.77
N LEU FA 124 37.79 4.48 65.96
CA LEU FA 124 37.41 3.68 67.10
C LEU FA 124 35.96 3.91 67.48
N SER FA 125 35.37 2.85 68.04
CA SER FA 125 34.05 2.81 68.65
C SER FA 125 34.14 3.26 70.10
N GLU FA 126 33.00 3.25 70.79
CA GLU FA 126 32.95 3.64 72.20
C GLU FA 126 33.80 2.72 73.08
N ASP FA 127 33.82 1.40 72.79
CA ASP FA 127 34.67 0.50 73.55
C ASP FA 127 36.14 0.66 73.19
N GLY FA 128 36.43 1.43 72.15
CA GLY FA 128 37.80 1.73 71.82
C GLY FA 128 38.41 0.80 70.81
N HIS FA 129 37.59 0.07 70.07
CA HIS FA 129 38.04 -0.90 69.12
C HIS FA 129 37.94 -0.38 67.70
N GLN FA 130 38.88 -0.81 66.88
CA GLN FA 130 38.88 -0.41 65.48
C GLN FA 130 37.67 -1.00 64.77
N LEU FA 131 37.07 -0.21 63.91
CA LEU FA 131 35.89 -0.62 63.17
C LEU FA 131 36.23 -1.01 61.74
N THR FA 132 35.47 -1.96 61.20
CA THR FA 132 35.43 -2.26 59.78
C THR FA 132 34.46 -1.31 59.10
N LEU FA 133 34.57 -1.24 57.78
CA LEU FA 133 33.64 -0.43 57.00
C LEU FA 133 32.20 -0.82 57.30
N GLU FA 134 31.94 -2.13 57.35
CA GLU FA 134 30.62 -2.64 57.65
C GLU FA 134 30.16 -2.19 59.01
N GLU FA 135 31.08 -2.07 59.98
CA GLU FA 135 30.69 -1.52 61.28
C GLU FA 135 30.46 -0.02 61.23
N ILE FA 136 31.11 0.69 60.31
CA ILE FA 136 30.90 2.13 60.25
C ILE FA 136 29.68 2.48 59.42
N PHE FA 137 29.48 1.84 58.28
CA PHE FA 137 28.32 2.17 57.47
C PHE FA 137 27.32 1.05 57.53
N HIS FA 138 26.26 1.22 58.32
CA HIS FA 138 25.19 0.23 58.36
C HIS FA 138 24.41 0.13 57.04
N ASP FA 139 24.49 1.15 56.19
CA ASP FA 139 23.85 1.10 54.88
C ASP FA 139 24.74 0.47 53.82
N LEU FA 140 25.96 0.05 54.16
CA LEU FA 140 26.95 -0.39 53.18
C LEU FA 140 26.47 -1.59 52.39
N PHE FA 141 26.74 -1.62 51.08
CA PHE FA 141 26.45 -2.81 50.29
C PHE FA 141 27.40 -2.88 49.10
N TYR FA 142 27.37 -4.01 48.39
CA TYR FA 142 28.29 -4.29 47.29
C TYR FA 142 27.57 -4.42 45.95
N ARG FA 143 28.13 -3.81 44.91
CA ARG FA 143 27.67 -3.95 43.53
C ARG FA 143 28.79 -4.66 42.79
N LEU FA 144 28.55 -5.86 42.35
CA LEU FA 144 29.58 -6.51 41.57
C LEU FA 144 29.03 -6.81 40.21
N GLU FA 145 29.90 -6.73 39.22
CA GLU FA 145 29.55 -7.09 37.87
C GLU FA 145 30.64 -7.94 37.23
N LEU FA 146 30.21 -8.85 36.37
CA LEU FA 146 31.05 -9.72 35.55
C LEU FA 146 30.87 -9.37 34.08
N HIS FA 147 31.93 -8.87 33.47
CA HIS FA 147 31.93 -8.43 32.07
C HIS FA 147 32.39 -9.56 31.14
N VAL FA 148 31.59 -9.86 30.12
CA VAL FA 148 31.95 -10.84 29.09
C VAL FA 148 32.40 -10.19 27.79
N ASN FA 149 31.64 -9.22 27.29
CA ASN FA 149 32.04 -8.48 26.10
C ASN FA 149 31.38 -7.11 26.17
N HIS FA 150 31.85 -6.17 25.33
CA HIS FA 150 31.45 -4.77 25.49
C HIS FA 150 29.94 -4.59 25.55
N THR FA 151 29.17 -5.54 25.03
CA THR FA 151 27.71 -5.42 25.00
C THR FA 151 27.00 -6.29 26.05
N TYR FA 152 27.71 -7.11 26.83
CA TYR FA 152 27.07 -8.04 27.76
C TYR FA 152 27.82 -8.14 29.08
N GLN FA 153 27.14 -7.84 30.19
CA GLN FA 153 27.68 -7.90 31.55
C GLN FA 153 26.64 -8.53 32.48
N MET FA 154 27.10 -9.13 33.56
CA MET FA 154 26.21 -9.72 34.57
C MET FA 154 26.37 -8.98 35.89
N HIS FA 155 25.25 -8.76 36.60
CA HIS FA 155 25.24 -8.03 37.87
C HIS FA 155 24.78 -8.87 39.06
N LEU FA 156 25.39 -8.56 40.21
CA LEU FA 156 24.97 -9.04 41.51
C LEU FA 156 25.07 -7.89 42.50
N GLU FA 157 24.20 -7.90 43.49
CA GLU FA 157 24.23 -6.89 44.54
C GLU FA 157 23.77 -7.52 45.86
N GLY FA 158 24.29 -7.01 46.96
CA GLY FA 158 23.83 -7.51 48.24
C GLY FA 158 24.63 -6.99 49.40
N LYS FA 159 24.21 -7.41 50.60
CA LYS FA 159 24.93 -7.11 51.83
C LYS FA 159 25.83 -8.23 52.31
N GLN FA 160 25.66 -9.46 51.81
CA GLN FA 160 26.48 -10.58 52.26
C GLN FA 160 27.87 -10.43 51.63
N ARG FA 161 28.77 -11.33 51.99
CA ARG FA 161 30.13 -11.20 51.49
C ARG FA 161 30.49 -12.26 50.47
N GLU FA 162 29.54 -13.10 50.09
CA GLU FA 162 29.74 -14.20 49.16
C GLU FA 162 28.88 -14.03 47.93
N TYR FA 163 29.51 -14.14 46.76
CA TYR FA 163 28.82 -14.02 45.49
C TYR FA 163 29.34 -15.06 44.52
N GLU FA 164 28.45 -15.58 43.69
CA GLU FA 164 28.85 -16.54 42.65
C GLU FA 164 28.07 -16.28 41.38
N PHE FA 165 28.81 -16.05 40.29
CA PHE FA 165 28.24 -15.87 38.95
C PHE FA 165 28.09 -17.23 38.28
N LEU FA 166 26.87 -17.74 38.17
CA LEU FA 166 26.65 -19.07 37.64
C LEU FA 166 26.36 -19.05 36.14
N GLY FA 167 26.50 -20.23 35.53
CA GLY FA 167 26.11 -20.45 34.15
C GLY FA 167 27.12 -20.01 33.12
N LEU FA 168 28.41 -20.05 33.44
CA LEU FA 168 29.49 -19.58 32.58
C LEU FA 168 30.12 -20.72 31.79
N THR FA 169 30.74 -20.37 30.67
CA THR FA 169 31.39 -21.45 29.92
C THR FA 169 32.83 -21.68 30.40
N PRO FA 170 33.28 -22.93 30.45
CA PRO FA 170 34.66 -23.21 30.87
C PRO FA 170 35.68 -22.54 29.95
N ASP FA 171 36.90 -22.37 30.47
CA ASP FA 171 38.04 -21.92 29.68
C ASP FA 171 37.72 -20.63 28.93
N THR FA 172 36.93 -19.79 29.58
CA THR FA 172 36.56 -18.48 29.09
C THR FA 172 37.07 -17.40 30.04
N GLU FA 173 37.58 -16.32 29.46
CA GLU FA 173 38.11 -15.22 30.24
C GLU FA 173 37.02 -14.20 30.53
N PHE FA 174 36.94 -13.77 31.78
CA PHE FA 174 35.97 -12.79 32.25
C PHE FA 174 36.71 -11.71 33.02
N LEU FA 175 36.05 -10.55 33.13
CA LEU FA 175 36.53 -9.38 33.87
C LEU FA 175 35.54 -9.03 34.96
N GLY FA 176 35.94 -9.15 36.22
CA GLY FA 176 35.08 -8.83 37.34
C GLY FA 176 35.36 -7.50 38.04
N SER FA 177 34.31 -6.83 38.47
CA SER FA 177 34.52 -5.63 39.26
C SER FA 177 33.55 -5.60 40.42
N ILE FA 178 34.06 -5.20 41.58
CA ILE FA 178 33.30 -5.12 42.81
C ILE FA 178 33.42 -3.72 43.43
N THR FA 179 32.30 -3.15 43.84
CA THR FA 179 32.27 -1.80 44.38
C THR FA 179 31.53 -1.75 45.72
N ILE FA 180 32.07 -0.97 46.65
CA ILE FA 180 31.40 -0.70 47.91
C ILE FA 180 30.54 0.54 47.71
N LEU FA 181 29.32 0.50 48.21
CA LEU FA 181 28.40 1.61 48.15
C LEU FA 181 27.88 1.96 49.53
N THR FA 182 27.80 3.26 49.77
CA THR FA 182 27.18 3.85 50.95
C THR FA 182 26.14 4.85 50.44
N PRO FA 183 24.88 4.44 50.31
CA PRO FA 183 23.94 5.34 49.63
C PRO FA 183 23.66 6.62 50.42
N ILE FA 184 23.53 6.52 51.75
CA ILE FA 184 23.11 7.69 52.54
C ILE FA 184 24.05 8.86 52.31
N LEU FA 185 25.35 8.64 52.44
CA LEU FA 185 26.32 9.68 52.21
C LEU FA 185 26.78 9.71 50.76
N SER FA 186 26.15 8.92 49.89
CA SER FA 186 26.42 8.95 48.46
C SER FA 186 27.88 8.63 48.12
N LYS FA 187 28.47 7.66 48.85
CA LYS FA 187 29.85 7.23 48.61
C LYS FA 187 29.84 5.97 47.74
N GLU FA 188 30.81 5.92 46.84
CA GLU FA 188 31.02 4.77 45.98
C GLU FA 188 32.51 4.61 45.82
N SER FA 189 33.02 3.42 46.14
CA SER FA 189 34.45 3.15 46.07
C SER FA 189 34.91 2.94 44.65
N ALA FA 190 36.21 3.12 44.43
CA ALA FA 190 36.79 2.62 43.20
C ALA FA 190 36.63 1.12 43.18
N PRO FA 191 36.63 0.49 42.01
CA PRO FA 191 36.35 -0.94 41.95
C PRO FA 191 37.58 -1.75 42.26
N TYR FA 192 37.35 -2.89 42.92
CA TYR FA 192 38.33 -3.97 42.86
C TYR FA 192 38.07 -4.70 41.58
N VAL FA 193 39.13 -4.94 40.80
CA VAL FA 193 39.01 -5.52 39.47
C VAL FA 193 39.91 -6.74 39.35
N CYS FA 194 39.31 -7.89 39.10
CA CYS FA 194 40.02 -9.13 38.86
C CYS FA 194 39.79 -9.60 37.44
N ARG FA 195 40.88 -9.92 36.75
CA ARG FA 195 40.87 -10.64 35.47
C ARG FA 195 41.00 -12.14 35.78
N VAL FA 196 39.90 -12.88 35.67
CA VAL FA 196 39.88 -14.28 36.04
C VAL FA 196 39.44 -15.12 34.84
N LYS FA 197 39.75 -16.42 34.89
CA LYS FA 197 39.40 -17.31 33.79
C LYS FA 197 38.82 -18.61 34.32
N THR FA 198 37.60 -18.94 33.90
CA THR FA 198 36.98 -20.19 34.33
C THR FA 198 37.84 -21.41 33.97
N LEU FA 199 37.80 -22.43 34.84
CA LEU FA 199 38.72 -23.57 34.73
C LEU FA 199 38.39 -24.41 33.50
N PRO FA 200 39.37 -25.07 32.93
CA PRO FA 200 39.14 -25.76 31.66
C PRO FA 200 38.43 -27.11 31.75
N ASP FA 201 37.45 -27.25 32.63
CA ASP FA 201 36.61 -28.47 32.68
C ASP FA 201 37.46 -29.74 32.76
N ARG GA 6 11.01 8.49 75.44
CA ARG GA 6 9.63 8.95 75.29
C ARG GA 6 9.44 9.82 74.04
N CYS GA 7 10.43 10.69 73.82
CA CYS GA 7 10.36 11.79 72.86
C CYS GA 7 11.62 11.80 71.97
N LYS GA 8 11.63 10.91 70.97
CA LYS GA 8 12.78 10.71 70.11
C LYS GA 8 12.36 10.70 68.64
N LEU GA 9 13.36 10.70 67.75
CA LEU GA 9 13.11 10.56 66.32
C LEU GA 9 13.49 9.17 65.81
N HIS GA 10 12.83 8.76 64.73
CA HIS GA 10 13.15 7.51 64.09
C HIS GA 10 14.32 7.71 63.14
N VAL GA 11 15.12 6.64 62.99
CA VAL GA 11 16.32 6.71 62.15
C VAL GA 11 15.98 7.01 60.70
N ARG GA 12 14.79 6.57 60.24
CA ARG GA 12 14.35 6.74 58.87
C ARG GA 12 14.42 8.19 58.40
N ASN GA 13 14.18 9.14 59.31
CA ASN GA 13 14.19 10.55 58.96
C ASN GA 13 15.56 11.07 58.54
N PHE GA 14 16.63 10.35 58.85
CA PHE GA 14 17.97 10.82 58.55
C PHE GA 14 18.66 9.96 57.49
N GLN GA 15 17.90 9.15 56.73
CA GLN GA 15 18.48 8.18 55.82
C GLN GA 15 18.04 8.35 54.38
N SER GA 16 17.48 9.52 54.03
CA SER GA 16 17.10 9.83 52.66
C SER GA 16 18.29 10.45 51.93
N PRO GA 17 18.93 9.73 50.99
CA PRO GA 17 20.10 10.30 50.30
C PRO GA 17 19.81 11.62 49.64
N TYR GA 18 18.61 11.81 49.12
CA TYR GA 18 18.29 13.11 48.52
C TYR GA 18 18.39 14.23 49.57
N ILE GA 19 17.66 14.11 50.67
CA ILE GA 19 17.69 15.17 51.68
C ILE GA 19 19.09 15.27 52.26
N VAL GA 20 19.82 14.15 52.29
CA VAL GA 20 21.15 14.19 52.88
C VAL GA 20 22.13 14.91 51.96
N ASN GA 21 22.04 14.62 50.66
CA ASN GA 21 22.86 15.34 49.69
C ASN GA 21 22.52 16.83 49.70
N ARG GA 22 21.24 17.19 49.85
CA ARG GA 22 20.85 18.60 49.78
C ARG GA 22 21.29 19.37 51.02
N THR GA 23 21.13 18.76 52.19
CA THR GA 23 21.57 19.38 53.44
C THR GA 23 23.08 19.52 53.48
N PHE GA 24 23.80 18.51 53.06
CA PHE GA 24 25.25 18.58 53.17
C PHE GA 24 25.83 19.48 52.10
N MET GA 25 25.11 19.62 50.98
CA MET GA 25 25.52 20.57 49.97
C MET GA 25 25.20 22.00 50.40
N LEU GA 26 24.07 22.20 51.09
CA LEU GA 26 23.72 23.53 51.56
C LEU GA 26 24.73 24.01 52.60
N ALA GA 27 25.08 23.12 53.55
CA ALA GA 27 26.05 23.45 54.58
C ALA GA 27 27.40 23.73 53.96
N LYS GA 28 27.75 23.05 52.86
CA LYS GA 28 29.07 23.26 52.27
C LYS GA 28 29.18 24.64 51.64
N GLU GA 29 28.17 25.04 50.87
CA GLU GA 29 28.22 26.32 50.19
C GLU GA 29 28.26 27.46 51.20
N ALA GA 30 27.59 27.28 52.34
CA ALA GA 30 27.64 28.29 53.40
C ALA GA 30 28.95 28.23 54.17
N SER GA 31 29.45 27.03 54.46
CA SER GA 31 30.70 26.94 55.22
C SER GA 31 31.85 27.55 54.45
N LEU GA 32 31.78 27.43 53.11
CA LEU GA 32 32.83 27.97 52.25
C LEU GA 32 32.94 29.48 52.40
N ALA GA 33 31.84 30.15 52.71
CA ALA GA 33 31.88 31.58 52.99
C ALA GA 33 32.10 31.89 54.47
N ASP GA 34 32.46 30.89 55.28
CA ASP GA 34 32.61 31.05 56.73
C ASP GA 34 34.04 30.70 57.10
N GLN GA 35 34.87 31.73 57.31
CA GLN GA 35 36.27 31.58 57.70
C GLN GA 35 36.50 31.84 59.17
N ASN GA 36 35.43 31.79 59.96
CA ASN GA 36 35.53 32.03 61.40
C ASN GA 36 35.74 30.63 62.00
N THR GA 37 36.99 30.23 62.03
CA THR GA 37 37.36 28.94 62.57
C THR GA 37 37.32 28.88 64.08
N ASP GA 38 37.24 30.02 64.77
CA ASP GA 38 37.43 29.97 66.22
C ASP GA 38 36.16 29.63 66.97
N VAL GA 39 34.99 30.04 66.47
CA VAL GA 39 33.74 29.91 67.19
C VAL GA 39 32.84 28.92 66.45
N ARG GA 40 32.29 27.98 67.20
CA ARG GA 40 31.45 26.93 66.65
C ARG GA 40 30.12 26.96 67.38
N LEU GA 41 29.04 27.13 66.61
CA LEU GA 41 27.73 27.31 67.20
C LEU GA 41 27.24 25.99 67.77
N ILE GA 42 27.09 24.99 66.92
CA ILE GA 42 26.62 23.68 67.37
C ILE GA 42 27.90 22.93 67.72
N GLY GA 43 28.35 23.06 68.96
CA GLY GA 43 29.55 22.38 69.40
C GLY GA 43 29.33 21.81 70.77
N GLU GA 44 30.37 21.19 71.33
CA GLU GA 44 30.21 20.54 72.63
C GLU GA 44 29.92 21.58 73.71
N LYS GA 45 30.25 22.85 73.43
CA LYS GA 45 29.84 23.95 74.30
C LYS GA 45 28.33 24.01 74.44
N LEU GA 46 27.61 23.49 73.44
CA LEU GA 46 26.16 23.44 73.55
C LEU GA 46 25.75 22.29 74.46
N PHE GA 47 26.56 21.23 74.55
CA PHE GA 47 26.23 20.05 75.33
C PHE GA 47 26.84 20.08 76.72
N ARG GA 48 27.31 21.24 77.19
CA ARG GA 48 27.99 21.32 78.48
C ARG GA 48 26.97 21.02 79.57
N GLY GA 49 27.10 19.84 80.19
CA GLY GA 49 26.24 19.49 81.31
C GLY GA 49 24.81 19.18 80.96
N VAL GA 50 24.60 18.35 79.93
CA VAL GA 50 23.26 17.93 79.52
C VAL GA 50 23.23 16.40 79.52
N SER GA 51 22.55 15.80 80.50
CA SER GA 51 22.30 14.36 80.56
C SER GA 51 21.89 13.81 79.21
N ALA GA 52 22.09 12.51 79.00
CA ALA GA 52 21.93 11.93 77.66
C ALA GA 52 20.50 11.95 77.14
N LYS GA 53 19.49 11.96 78.02
CA LYS GA 53 18.12 12.03 77.53
C LYS GA 53 17.66 13.45 77.31
N ASP GA 54 18.36 14.42 77.89
CA ASP GA 54 17.96 15.80 77.70
C ASP GA 54 18.54 16.39 76.42
N GLN GA 55 19.42 15.65 75.74
CA GLN GA 55 20.06 16.23 74.56
C GLN GA 55 19.06 16.37 73.43
N CYS GA 56 18.12 15.42 73.31
CA CYS GA 56 17.16 15.51 72.23
C CYS GA 56 16.28 16.73 72.40
N TYR GA 57 15.81 16.96 73.63
CA TYR GA 57 15.11 18.21 73.91
C TYR GA 57 16.00 19.41 73.62
N LEU GA 58 17.28 19.31 73.99
CA LEU GA 58 18.22 20.39 73.74
C LEU GA 58 18.32 20.71 72.25
N MET GA 59 18.44 19.67 71.41
CA MET GA 59 18.51 19.92 69.97
C MET GA 59 17.19 20.42 69.40
N LYS GA 60 16.05 20.02 69.98
CA LYS GA 60 14.79 20.54 69.49
C LYS GA 60 14.77 22.06 69.66
N GLN GA 61 15.45 22.57 70.69
CA GLN GA 61 15.55 24.02 70.87
C GLN GA 61 16.43 24.62 69.78
N VAL GA 62 17.55 23.97 69.47
CA VAL GA 62 18.46 24.49 68.46
C VAL GA 62 17.85 24.47 67.07
N LEU GA 63 17.10 23.41 66.74
CA LEU GA 63 16.48 23.31 65.43
C LEU GA 63 15.45 24.42 65.22
N GLN GA 64 14.56 24.62 66.19
CA GLN GA 64 13.54 25.65 66.00
C GLN GA 64 14.14 27.05 65.97
N PHE GA 65 15.23 27.30 66.71
CA PHE GA 65 15.83 28.62 66.62
C PHE GA 65 16.42 28.86 65.24
N THR GA 66 17.24 27.93 64.77
CA THR GA 66 17.77 28.09 63.44
C THR GA 66 16.64 28.10 62.41
N LEU GA 67 15.56 27.37 62.66
CA LEU GA 67 14.41 27.42 61.73
C LEU GA 67 13.67 28.75 61.81
N GLU GA 68 13.48 29.28 63.02
CA GLU GA 68 12.63 30.44 63.14
C GLU GA 68 13.35 31.74 62.76
N ASP GA 69 14.63 31.92 63.13
CA ASP GA 69 15.22 33.24 62.96
C ASP GA 69 16.31 33.35 61.89
N VAL GA 70 16.85 32.26 61.37
CA VAL GA 70 17.92 32.34 60.38
C VAL GA 70 17.49 31.80 59.01
N LEU GA 71 16.71 30.72 58.97
CA LEU GA 71 16.38 30.08 57.69
C LEU GA 71 15.17 30.69 56.98
N LEU GA 72 14.10 30.95 57.71
CA LEU GA 72 12.95 31.60 57.07
C LEU GA 72 13.29 32.98 56.55
N PRO GA 73 14.05 33.83 57.27
CA PRO GA 73 14.49 35.11 56.69
C PRO GA 73 15.48 34.96 55.55
N GLN GA 74 16.06 33.77 55.34
CA GLN GA 74 17.13 33.56 54.36
C GLN GA 74 16.66 32.62 53.27
N SER GA 75 15.42 32.79 52.81
CA SER GA 75 14.93 31.92 51.76
C SER GA 75 15.39 32.34 50.38
N ASP GA 76 16.09 33.47 50.29
CA ASP GA 76 16.52 34.05 49.03
C ASP GA 76 17.93 33.64 48.63
N ARG GA 77 18.75 33.22 49.59
CA ARG GA 77 20.11 32.81 49.27
C ARG GA 77 20.24 31.30 49.29
N PHE GA 78 21.43 30.87 48.88
CA PHE GA 78 21.87 29.47 48.85
C PHE GA 78 20.85 28.53 48.17
N GLN GA 79 20.04 29.04 47.24
CA GLN GA 79 19.13 28.17 46.51
C GLN GA 79 19.92 27.32 45.51
N PRO GA 80 19.30 26.31 44.86
CA PRO GA 80 18.03 25.60 45.07
C PRO GA 80 17.94 24.71 46.31
N TYR GA 81 18.97 24.68 47.16
CA TYR GA 81 18.97 23.74 48.28
C TYR GA 81 18.08 24.25 49.43
N MET GA 82 18.13 25.56 49.69
CA MET GA 82 17.30 26.18 50.73
C MET GA 82 15.84 25.80 50.58
N TRP GA 83 15.35 25.74 49.33
CA TRP GA 83 13.94 25.43 49.06
C TRP GA 83 13.55 24.03 49.54
N GLU GA 84 14.46 23.05 49.40
CA GLU GA 84 14.17 21.67 49.80
C GLU GA 84 14.62 21.34 51.21
N VAL GA 85 15.60 22.04 51.75
CA VAL GA 85 16.16 21.66 53.03
C VAL GA 85 15.26 22.10 54.17
N VAL GA 86 14.78 23.34 54.16
CA VAL GA 86 14.01 23.82 55.30
C VAL GA 86 12.67 23.08 55.41
N PRO GA 87 11.92 22.81 54.32
CA PRO GA 87 10.69 22.03 54.51
C PRO GA 87 10.95 20.69 55.11
N PHE GA 88 12.15 20.14 54.87
CA PHE GA 88 12.51 18.90 55.53
C PHE GA 88 12.76 19.14 57.03
N LEU GA 89 13.60 20.14 57.37
CA LEU GA 89 13.90 20.42 58.76
C LEU GA 89 12.64 20.79 59.54
N THR GA 90 11.66 21.39 58.87
CA THR GA 90 10.38 21.65 59.53
C THR GA 90 9.69 20.35 59.89
N LYS GA 91 9.70 19.37 58.99
CA LYS GA 91 9.05 18.09 59.26
C LYS GA 91 9.72 17.38 60.43
N LEU GA 92 10.96 17.74 60.73
CA LEU GA 92 11.63 17.15 61.87
C LEU GA 92 11.21 17.86 63.15
N SER GA 93 11.03 19.19 63.06
CA SER GA 93 10.57 19.90 64.23
C SER GA 93 9.14 19.53 64.61
N ASN GA 94 8.28 19.23 63.62
CA ASN GA 94 6.90 18.90 63.95
C ASN GA 94 6.80 17.55 64.63
N LYS GA 95 7.64 16.61 64.22
CA LYS GA 95 7.64 15.31 64.88
C LYS GA 95 8.03 15.46 66.34
N LEU GA 96 8.81 16.49 66.68
CA LEU GA 96 9.33 16.69 68.02
C LEU GA 96 8.51 17.66 68.85
N SER GA 97 7.34 18.10 68.36
CA SER GA 97 6.57 19.13 69.04
C SER GA 97 6.15 18.73 70.45
N SER GA 98 5.87 17.44 70.67
CA SER GA 98 5.46 16.89 71.96
C SER GA 98 6.63 16.71 72.93
N CYS GA 99 7.79 17.28 72.66
CA CYS GA 99 8.93 17.13 73.56
C CYS GA 99 8.95 18.29 74.54
N HIS GA 100 8.91 17.96 75.83
CA HIS GA 100 9.08 18.95 76.88
C HIS GA 100 9.58 18.15 78.08
N ILE GA 101 10.71 18.52 78.65
CA ILE GA 101 11.26 17.64 79.68
C ILE GA 101 10.44 17.82 80.96
N SER GA 102 10.22 16.71 81.67
CA SER GA 102 9.53 16.76 82.95
C SER GA 102 10.43 17.31 84.04
N GLY GA 103 11.73 17.06 83.94
CA GLY GA 103 12.68 17.47 84.94
C GLY GA 103 13.08 18.93 84.82
N ASP GA 104 14.23 19.25 85.42
CA ASP GA 104 14.72 20.62 85.50
C ASP GA 104 15.34 21.02 84.17
N ASP GA 105 14.82 22.10 83.56
CA ASP GA 105 15.34 22.58 82.28
C ASP GA 105 16.04 23.91 82.42
N GLN GA 106 16.86 24.06 83.46
CA GLN GA 106 17.61 25.29 83.64
C GLN GA 106 18.88 25.35 82.78
N ASN GA 107 19.56 24.25 82.55
CA ASN GA 107 20.84 24.30 81.84
C ASN GA 107 20.72 24.35 80.33
N ILE GA 108 19.70 23.71 79.73
CA ILE GA 108 19.54 23.83 78.29
C ILE GA 108 19.21 25.29 77.91
N GLN GA 109 18.32 25.95 78.67
CA GLN GA 109 18.02 27.34 78.38
C GLN GA 109 19.25 28.22 78.58
N LYS GA 110 20.14 27.80 79.48
CA LYS GA 110 21.39 28.53 79.69
C LYS GA 110 22.31 28.43 78.47
N ASN GA 111 22.33 27.26 77.85
CA ASN GA 111 23.15 27.05 76.67
C ASN GA 111 22.46 27.55 75.41
N VAL GA 112 21.15 27.31 75.28
CA VAL GA 112 20.43 27.77 74.09
C VAL GA 112 20.44 29.30 74.00
N ARG GA 113 20.46 29.98 75.15
CA ARG GA 113 20.49 31.45 75.14
C ARG GA 113 21.82 31.97 74.60
N ARG GA 114 22.94 31.39 75.06
CA ARG GA 114 24.24 31.81 74.55
C ARG GA 114 24.35 31.60 73.05
N LEU GA 115 23.61 30.62 72.52
CA LEU GA 115 23.64 30.32 71.09
C LEU GA 115 23.04 31.42 70.25
N LYS GA 116 21.78 31.77 70.54
CA LYS GA 116 21.14 32.83 69.77
C LYS GA 116 21.83 34.16 69.95
N GLU GA 117 22.58 34.33 71.05
CA GLU GA 117 23.31 35.57 71.23
C GLU GA 117 24.60 35.62 70.40
N THR GA 118 25.33 34.52 70.27
CA THR GA 118 26.57 34.56 69.47
C THR GA 118 26.22 34.80 68.01
N VAL GA 119 25.15 34.17 67.53
CA VAL GA 119 24.70 34.37 66.15
C VAL GA 119 24.27 35.82 65.96
N LYS GA 120 23.65 36.41 66.98
CA LYS GA 120 23.30 37.81 66.88
C LYS GA 120 24.49 38.72 67.17
N LYS GA 121 25.46 38.24 67.94
CA LYS GA 121 26.69 38.99 68.16
C LYS GA 121 27.58 39.01 66.92
N LEU GA 122 27.36 38.09 65.97
CA LEU GA 122 28.18 38.02 64.75
C LEU GA 122 27.44 38.56 63.52
N GLY GA 123 26.34 39.28 63.72
CA GLY GA 123 25.51 39.80 62.65
C GLY GA 123 25.25 38.85 61.48
N GLU GA 124 25.50 39.31 60.24
CA GLU GA 124 25.22 38.49 59.07
C GLU GA 124 26.16 37.29 59.00
N SER GA 125 27.40 37.45 59.47
CA SER GA 125 28.31 36.31 59.54
C SER GA 125 27.78 35.22 60.44
N GLY GA 126 27.05 35.59 61.50
CA GLY GA 126 26.42 34.58 62.34
C GLY GA 126 25.31 33.81 61.63
N GLU GA 127 24.61 34.47 60.70
CA GLU GA 127 23.52 33.80 59.98
C GLU GA 127 24.06 32.81 58.97
N ILE GA 128 25.14 33.18 58.28
CA ILE GA 128 25.75 32.24 57.34
C ILE GA 128 26.45 31.10 58.09
N LYS GA 129 26.96 31.35 59.30
CA LYS GA 129 27.60 30.30 60.07
C LYS GA 129 26.63 29.19 60.43
N ALA GA 130 25.42 29.56 60.86
CA ALA GA 130 24.44 28.55 61.24
C ALA GA 130 24.10 27.67 60.03
N ILE GA 131 23.96 28.28 58.86
CA ILE GA 131 23.65 27.51 57.67
C ILE GA 131 24.83 26.58 57.33
N GLY GA 132 26.05 27.08 57.47
CA GLY GA 132 27.21 26.26 57.22
C GLY GA 132 27.36 25.13 58.19
N GLU GA 133 26.66 25.20 59.31
CA GLU GA 133 26.70 24.17 60.33
C GLU GA 133 25.47 23.27 60.31
N LEU GA 134 24.64 23.36 59.28
CA LEU GA 134 23.47 22.47 59.20
C LEU GA 134 23.84 21.00 59.09
N ASP GA 135 25.08 20.67 58.75
CA ASP GA 135 25.50 19.27 58.84
C ASP GA 135 25.64 18.83 60.30
N LEU GA 136 26.25 19.67 61.13
CA LEU GA 136 26.29 19.40 62.57
C LEU GA 136 24.88 19.32 63.13
N LEU GA 137 23.99 20.20 62.68
CA LEU GA 137 22.62 20.14 63.17
C LEU GA 137 22.01 18.79 62.84
N PHE GA 138 22.15 18.34 61.59
CA PHE GA 138 21.62 17.05 61.19
C PHE GA 138 22.15 15.96 62.11
N MET GA 139 23.48 15.93 62.30
CA MET GA 139 24.12 14.84 63.04
C MET GA 139 23.88 14.93 64.55
N SER GA 140 23.80 16.14 65.10
CA SER GA 140 23.36 16.30 66.49
C SER GA 140 21.88 15.98 66.64
N LEU GA 141 21.08 16.21 65.60
CA LEU GA 141 19.67 15.81 65.64
C LEU GA 141 19.53 14.30 65.67
N ARG GA 142 20.36 13.61 64.89
CA ARG GA 142 20.36 12.15 64.89
C ARG GA 142 20.88 11.60 66.21
N ASN GA 143 22.07 12.03 66.65
CA ASN GA 143 22.70 11.41 67.82
C ASN GA 143 21.95 11.70 69.11
N ALA GA 144 21.14 12.75 69.16
CA ALA GA 144 20.41 13.06 70.38
C ALA GA 144 19.02 12.45 70.45
N CYS GA 145 18.39 12.18 69.29
CA CYS GA 145 16.98 11.83 69.22
C CYS GA 145 16.68 10.42 68.72
N VAL GA 146 17.67 9.53 68.65
CA VAL GA 146 17.38 8.13 68.30
C VAL GA 146 18.22 7.20 69.16
N MET HA 1 -21.89 34.69 45.70
CA MET HA 1 -22.76 34.56 44.52
C MET HA 1 -22.37 33.49 43.47
N ILE HA 2 -21.09 33.17 43.35
CA ILE HA 2 -20.69 32.20 42.33
C ILE HA 2 -20.15 30.92 42.99
N PRO HA 3 -20.53 29.75 42.47
CA PRO HA 3 -20.19 28.50 43.15
C PRO HA 3 -18.70 28.19 43.05
N PRO HA 4 -18.15 27.47 44.03
CA PRO HA 4 -16.71 27.16 44.00
C PRO HA 4 -16.41 26.07 42.99
N PRO HA 5 -15.15 25.89 42.62
CA PRO HA 5 -14.81 24.78 41.71
C PRO HA 5 -15.14 23.44 42.33
N GLU HA 6 -15.53 22.46 41.50
CA GLU HA 6 -15.96 21.17 42.00
C GLU HA 6 -14.89 20.09 41.82
N LYS HA 7 -14.95 19.07 42.68
CA LYS HA 7 -14.04 17.92 42.62
C LYS HA 7 -12.60 18.40 42.61
N VAL HA 8 -12.27 19.31 43.52
CA VAL HA 8 -10.91 19.81 43.59
C VAL HA 8 -9.99 18.74 44.20
N ARG HA 9 -8.93 18.40 43.48
CA ARG HA 9 -8.03 17.33 43.86
C ARG HA 9 -6.62 17.65 43.35
N MET HA 10 -5.63 17.20 44.12
CA MET HA 10 -4.24 17.29 43.72
C MET HA 10 -3.85 15.92 43.21
N ASN HA 11 -3.70 15.82 41.89
CA ASN HA 11 -3.26 14.58 41.26
C ASN HA 11 -1.75 14.61 41.17
N SER HA 12 -1.10 13.78 42.01
CA SER HA 12 0.36 13.76 42.17
C SER HA 12 0.90 12.35 41.94
N VAL HA 13 1.76 12.21 40.93
CA VAL HA 13 2.47 10.97 40.60
C VAL HA 13 3.96 11.29 40.40
N ASN HA 14 4.83 10.54 41.07
CA ASN HA 14 6.29 10.72 40.99
C ASN HA 14 6.70 12.18 41.17
N PHE HA 15 6.12 12.84 42.17
CA PHE HA 15 6.41 14.25 42.47
C PHE HA 15 6.04 15.19 41.32
N LYS HA 16 5.25 14.70 40.37
CA LYS HA 16 4.59 15.53 39.38
C LYS HA 16 3.21 15.84 39.96
N ASN HA 17 3.08 16.99 40.60
CA ASN HA 17 1.85 17.34 41.33
C ASN HA 17 0.95 18.22 40.50
N ILE HA 18 -0.22 17.71 40.16
CA ILE HA 18 -1.16 18.47 39.35
C ILE HA 18 -2.47 18.58 40.10
N LEU HA 19 -2.86 19.82 40.40
CA LEU HA 19 -4.16 20.16 40.99
C LEU HA 19 -5.23 20.18 39.91
N GLN HA 20 -6.32 19.44 40.11
CA GLN HA 20 -7.41 19.36 39.16
C GLN HA 20 -8.73 19.68 39.83
N TRP HA 21 -9.60 20.38 39.12
CA TRP HA 21 -10.95 20.65 39.58
C TRP HA 21 -11.82 20.62 38.34
N GLU HA 22 -13.13 20.74 38.56
CA GLU HA 22 -14.11 20.83 37.49
C GLU HA 22 -14.90 22.11 37.64
N VAL HA 23 -15.35 22.60 36.52
CA VAL HA 23 -16.10 23.85 36.49
C VAL HA 23 -17.46 23.64 37.16
N PRO HA 24 -17.94 24.60 37.98
CA PRO HA 24 -19.19 24.41 38.72
C PRO HA 24 -20.41 24.40 37.83
N ALA HA 25 -21.53 23.94 38.39
CA ALA HA 25 -22.83 24.08 37.74
C ALA HA 25 -23.17 25.56 37.82
N PHE HA 26 -23.04 26.29 36.69
CA PHE HA 26 -23.20 27.75 36.63
C PHE HA 26 -23.54 28.24 35.22
N PRO HA 27 -24.59 29.07 35.05
CA PRO HA 27 -25.01 29.46 33.70
C PRO HA 27 -24.12 30.42 32.91
N LYS HA 28 -22.94 30.81 33.39
CA LYS HA 28 -22.06 31.73 32.66
C LYS HA 28 -20.80 31.07 32.13
N THR HA 29 -20.54 31.23 30.82
CA THR HA 29 -19.36 30.68 30.14
C THR HA 29 -18.13 31.58 30.30
N GLN HA 30 -18.00 32.29 31.39
CA GLN HA 30 -16.85 33.18 31.54
C GLN HA 30 -16.13 32.96 32.87
N LEU HA 31 -15.90 31.71 33.23
CA LEU HA 31 -15.36 31.40 34.54
C LEU HA 31 -13.86 31.17 34.43
N THR HA 32 -13.09 31.96 35.17
CA THR HA 32 -11.65 31.78 35.29
C THR HA 32 -11.37 31.25 36.69
N PHE HA 33 -10.14 30.80 36.92
CA PHE HA 33 -9.81 30.15 38.18
C PHE HA 33 -8.50 30.72 38.73
N THR HA 34 -8.35 30.69 40.06
CA THR HA 34 -7.11 31.16 40.66
C THR HA 34 -6.69 30.10 41.66
N ALA HA 35 -5.46 29.63 41.55
CA ALA HA 35 -4.97 28.57 42.42
C ALA HA 35 -3.77 29.09 43.17
N GLN HA 36 -3.68 28.76 44.44
CA GLN HA 36 -2.65 29.34 45.28
C GLN HA 36 -2.09 28.24 46.17
N TYR HA 37 -0.88 28.49 46.69
CA TYR HA 37 -0.27 27.63 47.69
C TYR HA 37 0.25 28.51 48.83
N GLU HA 38 0.34 27.89 50.01
CA GLU HA 38 0.81 28.56 51.22
C GLU HA 38 2.24 28.11 51.53
N SER HA 39 3.17 29.03 51.44
CA SER HA 39 4.55 28.85 51.89
C SER HA 39 4.85 29.97 52.85
N TYR HA 40 5.34 29.62 54.04
CA TYR HA 40 5.70 30.62 55.04
C TYR HA 40 4.45 31.43 55.41
N ARG HA 41 4.51 32.77 55.44
CA ARG HA 41 3.47 33.57 56.05
C ARG HA 41 2.18 33.61 55.23
N SER HA 42 2.27 33.96 53.96
CA SER HA 42 1.06 34.19 53.19
C SER HA 42 0.96 33.27 51.97
N PHE HA 43 -0.24 33.26 51.40
CA PHE HA 43 -0.55 32.54 50.18
C PHE HA 43 -0.02 33.30 48.98
N GLN HA 44 0.42 32.55 47.98
CA GLN HA 44 0.94 33.14 46.75
C GLN HA 44 0.17 32.61 45.54
N ASP HA 45 -0.15 33.51 44.61
CA ASP HA 45 -0.75 33.11 43.34
C ASP HA 45 0.21 32.20 42.59
N HIS HA 46 -0.33 31.15 41.97
CA HIS HA 46 0.49 30.34 41.06
C HIS HA 46 -0.11 30.23 39.67
N CYS HA 47 -1.40 29.89 39.57
CA CYS HA 47 -2.21 30.02 38.35
C CYS HA 47 -3.20 31.14 38.59
N LYS HA 48 -3.10 32.23 37.84
CA LYS HA 48 -3.93 33.42 38.06
C LYS HA 48 -4.94 33.58 36.95
N ARG HA 49 -6.21 33.48 37.29
CA ARG HA 49 -7.28 33.70 36.32
C ARG HA 49 -6.99 32.87 35.07
N THR HA 50 -6.87 31.57 35.31
CA THR HA 50 -6.54 30.70 34.20
C THR HA 50 -7.84 30.22 33.60
N ALA HA 51 -7.83 30.02 32.28
CA ALA HA 51 -9.00 29.39 31.69
C ALA HA 51 -8.96 27.89 31.88
N SER HA 52 -7.86 27.34 32.33
CA SER HA 52 -7.76 25.89 32.40
C SER HA 52 -8.36 25.37 33.69
N THR HA 53 -8.69 24.08 33.67
CA THR HA 53 -9.18 23.41 34.86
C THR HA 53 -8.10 22.56 35.51
N GLN HA 54 -6.84 22.96 35.37
CA GLN HA 54 -5.78 22.31 36.11
C GLN HA 54 -4.64 23.30 36.31
N CYS HA 55 -3.82 23.00 37.33
CA CYS HA 55 -2.65 23.81 37.70
C CYS HA 55 -1.51 22.89 38.13
N ASP HA 56 -0.30 23.17 37.63
CA ASP HA 56 0.90 22.37 37.89
C ASP HA 56 1.60 22.86 39.16
N PHE HA 57 1.76 21.97 40.13
CA PHE HA 57 2.40 22.30 41.40
C PHE HA 57 3.67 21.49 41.64
N SER HA 58 4.38 21.09 40.56
CA SER HA 58 5.53 20.21 40.68
C SER HA 58 6.78 20.90 41.20
N HIS HA 59 6.77 22.23 41.32
CA HIS HA 59 7.86 22.98 41.91
C HIS HA 59 7.78 22.99 43.43
N LEU HA 60 6.72 22.45 44.02
CA LEU HA 60 6.57 22.43 45.46
C LEU HA 60 7.63 21.53 46.09
N SER HA 61 8.06 21.90 47.30
CA SER HA 61 9.10 21.15 48.00
C SER HA 61 8.64 19.73 48.23
N LYS HA 62 9.59 18.78 48.14
CA LYS HA 62 9.21 17.37 48.31
C LYS HA 62 8.66 17.13 49.72
N TYR HA 63 9.33 17.67 50.74
CA TYR HA 63 8.93 17.44 52.12
C TYR HA 63 7.98 18.52 52.67
N GLY HA 64 7.57 19.49 51.86
CA GLY HA 64 6.76 20.57 52.38
C GLY HA 64 5.34 20.12 52.64
N ASP HA 65 4.78 20.62 53.74
CA ASP HA 65 3.36 20.49 54.06
C ASP HA 65 2.66 21.71 53.44
N TYR HA 66 1.84 21.49 52.40
CA TYR HA 66 1.21 22.62 51.75
C TYR HA 66 -0.31 22.59 51.93
N THR HA 67 -0.86 23.79 51.98
CA THR HA 67 -2.29 23.97 51.81
C THR HA 67 -2.44 24.65 50.46
N VAL HA 68 -3.22 24.03 49.60
CA VAL HA 68 -3.42 24.50 48.24
C VAL HA 68 -4.89 24.86 48.10
N ARG HA 69 -5.17 25.94 47.38
CA ARG HA 69 -6.57 26.32 47.20
C ARG HA 69 -6.81 26.88 45.80
N VAL HA 70 -8.05 26.75 45.36
CA VAL HA 70 -8.48 27.24 44.06
C VAL HA 70 -9.85 27.90 44.27
N ARG HA 71 -10.17 28.87 43.44
CA ARG HA 71 -11.49 29.48 43.48
C ARG HA 71 -11.85 29.87 42.05
N ALA HA 72 -13.17 29.91 41.82
CA ALA HA 72 -13.74 30.36 40.56
C ALA HA 72 -13.92 31.88 40.61
N GLU HA 73 -13.78 32.50 39.44
CA GLU HA 73 -13.89 33.95 39.36
C GLU HA 73 -14.68 34.39 38.13
N LEU HA 74 -15.40 35.49 38.30
CA LEU HA 74 -16.05 36.11 37.17
C LEU HA 74 -15.34 37.44 36.97
N ALA HA 75 -16.05 38.52 36.65
CA ALA HA 75 -15.33 39.78 36.43
C ALA HA 75 -14.61 40.19 37.70
N ASP HA 76 -15.36 40.40 38.76
CA ASP HA 76 -14.85 40.79 40.06
C ASP HA 76 -15.51 40.01 41.17
N GLU HA 77 -16.52 39.19 40.81
CA GLU HA 77 -17.17 38.30 41.76
C GLU HA 77 -16.39 36.99 41.74
N HIS HA 78 -15.92 36.56 42.89
CA HIS HA 78 -15.18 35.33 43.00
C HIS HA 78 -15.89 34.43 44.00
N SER HA 79 -15.52 33.14 44.01
CA SER HA 79 -16.19 32.19 44.86
C SER HA 79 -15.41 32.05 46.15
N GLU HA 80 -15.97 31.29 47.07
CA GLU HA 80 -15.18 30.88 48.21
C GLU HA 80 -14.05 29.99 47.72
N TRP HA 81 -12.97 29.95 48.48
CA TRP HA 81 -11.85 29.08 48.18
C TRP HA 81 -12.21 27.65 48.58
N VAL HA 82 -11.60 26.69 47.88
CA VAL HA 82 -11.67 25.28 48.22
C VAL HA 82 -10.25 24.82 48.55
N GLN HA 83 -10.01 24.39 49.78
CA GLN HA 83 -8.65 24.01 50.19
C GLN HA 83 -8.44 22.52 50.06
N VAL HA 84 -7.18 22.14 49.83
CA VAL HA 84 -6.69 20.75 49.93
C VAL HA 84 -5.34 20.76 50.67
N THR HA 85 -5.13 19.80 51.58
CA THR HA 85 -3.81 19.66 52.21
C THR HA 85 -2.98 18.61 51.48
N PHE HA 86 -1.67 18.85 51.38
CA PHE HA 86 -0.84 18.04 50.48
C PHE HA 86 0.64 18.09 50.89
N CYS HA 87 1.26 16.92 51.00
CA CYS HA 87 2.70 16.81 51.26
C CYS HA 87 3.23 15.85 50.22
N PRO HA 88 4.08 16.29 49.30
CA PRO HA 88 4.38 15.42 48.14
C PRO HA 88 4.98 14.09 48.55
N VAL HA 89 6.04 14.15 49.37
CA VAL HA 89 6.81 12.96 49.71
C VAL HA 89 5.96 11.94 50.47
N GLU HA 90 4.92 12.41 51.14
CA GLU HA 90 4.00 11.54 51.84
C GLU HA 90 2.82 11.10 50.97
N ASP HA 91 2.44 11.90 49.97
CA ASP HA 91 1.19 11.69 49.23
C ASP HA 91 1.36 11.36 47.75
N THR HA 92 2.51 11.60 47.15
CA THR HA 92 2.64 11.34 45.73
C THR HA 92 2.50 9.85 45.47
N ILE HA 93 1.99 9.51 44.29
CA ILE HA 93 1.83 8.11 43.87
C ILE HA 93 3.15 7.60 43.29
N ILE HA 94 3.56 6.39 43.69
CA ILE HA 94 4.79 5.79 43.20
C ILE HA 94 4.52 5.24 41.80
N GLY HA 95 5.11 5.87 40.77
CA GLY HA 95 4.96 5.45 39.40
C GLY HA 95 5.62 4.10 39.15
N PRO HA 96 5.32 3.48 38.01
CA PRO HA 96 5.85 2.12 37.75
C PRO HA 96 7.31 2.14 37.33
N PRO HA 97 8.11 1.22 37.87
CA PRO HA 97 9.53 1.16 37.49
C PRO HA 97 9.74 0.52 36.14
N GLU HA 98 10.88 0.87 35.53
CA GLU HA 98 11.35 0.21 34.32
C GLU HA 98 12.22 -0.98 34.69
N MET HA 99 12.12 -2.01 33.88
CA MET HA 99 12.84 -3.24 34.12
C MET HA 99 13.29 -3.84 32.80
N GLN HA 100 14.53 -4.31 32.74
CA GLN HA 100 15.03 -5.03 31.58
C GLN HA 100 15.44 -6.45 31.98
N ILE HA 101 15.15 -7.44 31.13
CA ILE HA 101 15.35 -8.85 31.47
C ILE HA 101 16.30 -9.52 30.48
N GLU HA 102 17.25 -10.28 31.03
CA GLU HA 102 18.21 -11.06 30.26
C GLU HA 102 18.11 -12.52 30.70
N SER HA 103 17.75 -13.39 29.77
CA SER HA 103 17.69 -14.83 30.03
C SER HA 103 19.05 -15.44 29.79
N LEU HA 104 19.59 -16.15 30.78
CA LEU HA 104 20.79 -16.93 30.49
C LEU HA 104 20.26 -18.35 30.26
N ALA HA 105 20.94 -19.36 30.77
CA ALA HA 105 20.39 -20.70 30.68
C ALA HA 105 19.63 -20.93 31.97
N GLU HA 106 18.46 -21.55 31.87
CA GLU HA 106 17.61 -21.86 33.01
C GLU HA 106 17.43 -20.72 34.03
N SER HA 107 17.99 -19.52 33.78
CA SER HA 107 17.87 -18.40 34.70
C SER HA 107 17.43 -17.12 33.99
N LEU HA 108 16.94 -16.16 34.78
CA LEU HA 108 16.47 -14.86 34.30
C LEU HA 108 17.08 -13.73 35.11
N HIS HA 109 17.97 -12.94 34.50
CA HIS HA 109 18.64 -11.84 35.19
C HIS HA 109 17.85 -10.55 34.95
N LEU HA 110 17.33 -9.98 36.03
CA LEU HA 110 16.52 -8.77 35.97
C LEU HA 110 17.34 -7.56 36.41
N ARG HA 111 17.08 -6.43 35.76
CA ARG HA 111 17.63 -5.14 36.19
C ARG HA 111 16.52 -4.12 36.28
N PHE HA 112 16.47 -3.41 37.40
CA PHE HA 112 15.40 -2.44 37.63
C PHE HA 112 15.97 -1.02 37.56
N SER HA 113 15.08 -0.08 37.27
CA SER HA 113 15.43 1.32 37.22
C SER HA 113 14.27 2.06 37.86
N ALA HA 114 14.50 2.66 39.03
CA ALA HA 114 13.43 3.32 39.75
C ALA HA 114 12.89 4.51 38.96
N PRO HA 115 11.61 4.86 39.15
CA PRO HA 115 11.03 6.00 38.40
C PRO HA 115 11.74 7.31 38.72
N GLN HA 116 11.88 8.15 37.69
CA GLN HA 116 12.53 9.43 37.86
C GLN HA 116 11.57 10.41 38.52
N ILE HA 117 12.09 11.26 39.39
CA ILE HA 117 11.28 12.25 40.09
C ILE HA 117 11.23 13.55 39.31
N GLU HA 118 10.08 14.18 39.38
CA GLU HA 118 9.83 15.39 38.62
C GLU HA 118 10.45 16.59 39.34
N ASN HA 119 10.95 17.52 38.51
CA ASN HA 119 11.52 18.81 38.90
C ASN HA 119 12.95 18.71 39.43
N GLU HA 120 13.67 17.64 39.13
CA GLU HA 120 15.04 17.60 39.63
C GLU HA 120 16.04 17.64 38.49
N PRO HA 121 16.89 18.67 38.42
CA PRO HA 121 17.87 18.75 37.31
C PRO HA 121 18.98 17.73 37.40
N GLU HA 122 19.02 16.90 38.42
CA GLU HA 122 20.13 15.98 38.60
C GLU HA 122 19.73 14.51 38.55
N THR HA 123 18.76 14.16 37.70
CA THR HA 123 18.28 12.79 37.49
C THR HA 123 18.29 11.95 38.78
N TRP HA 124 17.55 12.44 39.78
CA TRP HA 124 17.33 11.66 40.98
C TRP HA 124 16.14 10.74 40.75
N THR HA 125 15.95 9.76 41.61
CA THR HA 125 14.86 8.83 41.39
C THR HA 125 14.17 8.56 42.71
N LEU HA 126 12.95 8.02 42.61
CA LEU HA 126 12.15 7.83 43.82
C LEU HA 126 12.90 6.96 44.82
N LYS HA 127 13.80 6.09 44.33
CA LYS HA 127 14.67 5.32 45.22
C LYS HA 127 15.67 6.21 45.97
N ASN HA 128 16.05 7.35 45.38
CA ASN HA 128 16.98 8.26 46.03
C ASN HA 128 16.33 9.07 47.15
N ILE HA 129 15.01 9.07 47.22
CA ILE HA 129 14.26 9.87 48.19
C ILE HA 129 13.80 9.05 49.38
N TYR HA 130 13.36 7.81 49.14
CA TYR HA 130 12.83 6.97 50.21
C TYR HA 130 13.94 6.07 50.75
N ASP HA 131 14.11 6.07 52.06
CA ASP HA 131 15.18 5.25 52.59
C ASP HA 131 14.81 3.79 52.63
N SER HA 132 13.55 3.45 52.43
CA SER HA 132 13.05 2.10 52.53
C SER HA 132 12.52 1.61 51.20
N TRP HA 133 13.08 2.11 50.10
CA TRP HA 133 12.60 1.68 48.79
C TRP HA 133 12.90 0.21 48.57
N ALA HA 134 11.92 -0.53 48.07
CA ALA HA 134 12.23 -1.89 47.64
C ALA HA 134 11.37 -2.27 46.45
N TYR HA 135 11.81 -3.30 45.74
CA TYR HA 135 11.08 -3.79 44.57
C TYR HA 135 10.37 -5.09 44.90
N ARG HA 136 9.11 -5.19 44.46
CA ARG HA 136 8.37 -6.45 44.45
C ARG HA 136 8.31 -6.94 43.02
N VAL HA 137 8.78 -8.16 42.79
CA VAL HA 137 8.72 -8.77 41.47
C VAL HA 137 7.61 -9.81 41.46
N GLN HA 138 6.80 -9.81 40.40
CA GLN HA 138 5.77 -10.82 40.18
C GLN HA 138 5.99 -11.41 38.80
N TYR HA 139 6.17 -12.73 38.74
CA TYR HA 139 6.38 -13.42 37.47
C TYR HA 139 5.46 -14.62 37.34
N TRP HA 140 5.19 -15.03 36.10
CA TRP HA 140 4.36 -16.18 35.82
C TRP HA 140 4.79 -16.80 34.49
N LYS HA 141 4.39 -18.07 34.30
CA LYS HA 141 4.65 -18.81 33.06
C LYS HA 141 3.52 -18.55 32.09
N GLN HA 142 3.84 -17.98 30.93
CA GLN HA 142 2.81 -17.51 30.02
C GLN HA 142 1.80 -18.60 29.74
N GLY HA 143 0.52 -18.26 29.90
CA GLY HA 143 -0.59 -19.18 29.77
C GLY HA 143 -1.29 -19.48 31.09
N THR HA 144 -0.59 -19.32 32.21
CA THR HA 144 -1.13 -19.61 33.54
C THR HA 144 -1.56 -18.30 34.23
N ASN HA 145 -2.13 -18.44 35.43
CA ASN HA 145 -2.44 -17.32 36.30
C ASN HA 145 -1.76 -17.49 37.66
N GLU HA 146 -0.69 -18.30 37.70
CA GLU HA 146 -0.02 -18.74 38.93
C GLU HA 146 1.15 -17.81 39.24
N LYS HA 147 0.92 -16.85 40.15
CA LYS HA 147 1.86 -15.77 40.42
C LYS HA 147 2.79 -16.10 41.59
N PHE HA 148 4.05 -15.64 41.47
CA PHE HA 148 5.07 -15.75 42.50
C PHE HA 148 5.72 -14.40 42.77
N GLN HA 149 6.18 -14.20 43.99
CA GLN HA 149 6.69 -12.92 44.41
C GLN HA 149 8.01 -13.09 45.15
N VAL HA 150 8.93 -12.18 44.86
CA VAL HA 150 10.23 -12.07 45.52
C VAL HA 150 10.50 -10.58 45.74
N VAL HA 151 11.16 -10.24 46.85
CA VAL HA 151 11.49 -8.85 47.15
C VAL HA 151 13.01 -8.70 47.13
N SER HA 152 13.46 -7.63 46.50
CA SER HA 152 14.86 -7.31 46.49
C SER HA 152 14.93 -5.79 46.64
N PRO HA 153 15.87 -5.29 47.44
CA PRO HA 153 16.06 -3.84 47.59
C PRO HA 153 17.06 -3.22 46.63
N TYR HA 154 17.68 -4.02 45.79
CA TYR HA 154 18.76 -3.59 44.90
C TYR HA 154 18.24 -3.47 43.48
N ASP HA 155 19.06 -2.84 42.62
CA ASP HA 155 18.61 -2.60 41.26
C ASP HA 155 18.72 -3.84 40.38
N SER HA 156 19.10 -4.99 40.94
CA SER HA 156 19.21 -6.23 40.18
C SER HA 156 18.68 -7.37 41.02
N GLU HA 157 18.11 -8.33 40.31
CA GLU HA 157 17.62 -9.57 40.88
C GLU HA 157 17.66 -10.59 39.75
N VAL HA 158 17.96 -11.84 40.09
CA VAL HA 158 18.01 -12.92 39.11
C VAL HA 158 17.05 -14.01 39.59
N LEU HA 159 16.04 -14.32 38.76
CA LEU HA 159 15.08 -15.40 39.03
C LEU HA 159 15.65 -16.71 38.52
N ARG HA 160 16.02 -17.60 39.44
CA ARG HA 160 16.72 -18.82 39.07
C ARG HA 160 15.81 -20.02 39.17
N ASN HA 161 16.46 -21.19 39.05
CA ASN HA 161 15.87 -22.52 39.12
C ASN HA 161 14.46 -22.57 38.54
N LEU HA 162 14.40 -22.67 37.21
CA LEU HA 162 13.12 -22.62 36.52
C LEU HA 162 13.07 -23.69 35.43
N GLU HA 163 11.90 -23.83 34.83
CA GLU HA 163 11.73 -24.80 33.77
C GLU HA 163 12.39 -24.29 32.49
N PRO HA 164 13.14 -25.13 31.78
CA PRO HA 164 13.86 -24.63 30.60
C PRO HA 164 12.93 -24.44 29.40
N TRP HA 165 13.40 -23.61 28.47
CA TRP HA 165 12.71 -23.27 27.22
C TRP HA 165 11.26 -22.88 27.48
N THR HA 166 11.06 -21.91 28.36
CA THR HA 166 9.73 -21.53 28.80
C THR HA 166 9.64 -20.02 28.81
N THR HA 167 8.63 -19.50 28.14
CA THR HA 167 8.40 -18.06 28.13
C THR HA 167 7.72 -17.66 29.44
N TYR HA 168 8.42 -16.89 30.27
CA TYR HA 168 7.87 -16.29 31.48
C TYR HA 168 7.57 -14.81 31.24
N CYS HA 169 6.58 -14.29 31.97
CA CYS HA 169 6.22 -12.88 31.95
C CYS HA 169 6.41 -12.28 33.35
N ILE HA 170 7.14 -11.17 33.43
CA ILE HA 170 7.57 -10.59 34.69
C ILE HA 170 7.17 -9.11 34.73
N GLN HA 171 6.82 -8.63 35.94
CA GLN HA 171 6.59 -7.21 36.19
C GLN HA 171 7.10 -6.83 37.57
N VAL HA 172 7.31 -5.53 37.76
CA VAL HA 172 7.88 -5.00 38.99
C VAL HA 172 7.04 -3.80 39.46
N GLN HA 173 7.05 -3.58 40.77
CA GLN HA 173 6.43 -2.42 41.38
C GLN HA 173 7.30 -1.98 42.55
N GLY HA 174 7.27 -0.70 42.86
CA GLY HA 174 7.98 -0.21 44.03
C GLY HA 174 7.08 -0.25 45.26
N PHE HA 175 7.69 -0.43 46.42
CA PHE HA 175 6.95 -0.34 47.68
C PHE HA 175 7.91 0.15 48.77
N LEU HA 176 7.34 0.55 49.91
CA LEU HA 176 8.09 1.04 51.06
C LEU HA 176 7.88 0.10 52.24
N LEU HA 177 8.99 -0.29 52.90
CA LEU HA 177 8.87 -1.24 53.99
C LEU HA 177 8.35 -0.61 55.29
N ASP HA 178 8.53 0.71 55.49
CA ASP HA 178 8.11 1.33 56.74
C ASP HA 178 6.90 2.24 56.61
N GLN HA 179 6.34 2.41 55.41
CA GLN HA 179 5.15 3.24 55.26
C GLN HA 179 4.03 2.48 54.56
N GLN HA 180 4.02 1.16 54.64
CA GLN HA 180 3.03 0.34 53.94
C GLN HA 180 2.45 1.02 52.70
N ARG HA 181 3.30 1.47 51.77
CA ARG HA 181 2.89 2.11 50.51
C ARG HA 181 3.43 1.31 49.33
N THR HA 182 2.55 0.81 48.49
CA THR HA 182 2.94 0.06 47.29
C THR HA 182 2.72 0.93 46.06
N GLY HA 183 3.64 0.82 45.09
CA GLY HA 183 3.54 1.57 43.85
C GLY HA 183 2.77 0.82 42.79
N GLU HA 184 2.66 1.45 41.63
CA GLU HA 184 1.97 0.85 40.49
C GLU HA 184 2.85 -0.19 39.82
N TRP HA 185 2.22 -1.21 39.25
CA TRP HA 185 2.94 -2.25 38.53
C TRP HA 185 3.41 -1.74 37.16
N SER HA 186 4.50 -2.36 36.67
CA SER HA 186 5.07 -2.13 35.36
C SER HA 186 4.20 -2.80 34.29
N GLU HA 187 4.67 -2.75 32.99
CA GLU HA 187 4.04 -3.28 31.77
C GLU HA 187 4.46 -4.73 31.55
N PRO HA 188 3.56 -5.62 31.12
CA PRO HA 188 3.96 -7.02 31.02
C PRO HA 188 5.01 -7.21 29.93
N ILE HA 189 6.19 -7.64 30.33
CA ILE HA 189 7.22 -8.02 29.38
C ILE HA 189 7.54 -9.49 29.61
N CYS HA 190 7.67 -10.26 28.52
CA CYS HA 190 7.91 -11.69 28.58
C CYS HA 190 9.24 -12.04 27.92
N GLU HA 191 9.92 -13.06 28.47
CA GLU HA 191 11.17 -13.55 27.89
C GLU HA 191 11.24 -15.07 28.05
N ARG HA 192 11.81 -15.74 27.04
CA ARG HA 192 11.97 -17.20 27.05
C ARG HA 192 13.24 -17.55 27.81
N THR HA 193 13.20 -18.62 28.59
CA THR HA 193 14.35 -18.84 29.46
C THR HA 193 15.54 -19.46 28.73
N GLY HA 194 15.41 -20.65 28.17
CA GLY HA 194 16.61 -21.27 27.62
C GLY HA 194 16.85 -22.72 27.95
N ASN HA 195 18.11 -23.15 27.90
CA ASN HA 195 18.47 -24.56 27.85
C ASN HA 195 18.38 -25.21 29.23
N ASP HA 196 18.55 -26.53 29.25
CA ASP HA 196 18.55 -27.29 30.49
C ASP HA 196 19.90 -27.27 31.20
N GLU HA 197 20.94 -26.73 30.57
CA GLU HA 197 22.29 -26.76 31.13
C GLU HA 197 23.14 -25.60 30.61
N LEU IA 1 -9.99 -93.10 -7.30
CA LEU IA 1 -10.86 -92.03 -6.78
C LEU IA 1 -10.08 -91.02 -5.94
N LEU IA 2 -8.81 -91.33 -5.70
CA LEU IA 2 -7.90 -90.51 -4.93
C LEU IA 2 -6.67 -90.20 -5.76
N GLN IA 3 -6.23 -88.94 -5.77
CA GLN IA 3 -5.05 -88.57 -6.55
C GLN IA 3 -4.38 -87.36 -5.90
N HIS IA 4 -3.12 -87.14 -6.29
CA HIS IA 4 -2.35 -85.96 -5.89
C HIS IA 4 -2.31 -85.82 -4.37
N VAL IA 5 -2.06 -86.93 -3.69
CA VAL IA 5 -2.02 -86.89 -2.22
C VAL IA 5 -0.64 -86.39 -1.79
N LYS IA 6 -0.59 -85.18 -1.22
CA LYS IA 6 0.68 -84.55 -0.94
C LYS IA 6 0.58 -83.57 0.23
N PHE IA 7 1.75 -83.19 0.74
CA PHE IA 7 1.92 -82.15 1.75
C PHE IA 7 2.13 -80.78 1.05
N GLN IA 8 1.50 -79.76 1.58
CA GLN IA 8 1.75 -78.37 1.16
C GLN IA 8 2.16 -77.61 2.41
N SER IA 9 3.45 -77.22 2.48
CA SER IA 9 4.10 -76.75 3.71
C SER IA 9 4.74 -75.37 3.54
N SER IA 10 4.31 -74.41 4.35
CA SER IA 10 4.73 -73.02 4.28
C SER IA 10 5.07 -72.57 5.68
N ASN IA 11 6.28 -72.05 5.90
CA ASN IA 11 6.69 -71.61 7.23
C ASN IA 11 6.39 -72.67 8.31
N PHE IA 12 6.62 -73.95 7.97
CA PHE IA 12 6.43 -75.11 8.85
C PHE IA 12 4.98 -75.34 9.23
N GLU IA 13 4.06 -74.78 8.44
CA GLU IA 13 2.64 -75.08 8.55
C GLU IA 13 2.38 -76.20 7.54
N ASN IA 14 2.08 -77.40 8.04
CA ASN IA 14 2.14 -78.63 7.24
C ASN IA 14 0.75 -79.19 7.03
N ILE IA 15 0.22 -79.00 5.83
CA ILE IA 15 -1.16 -79.34 5.51
C ILE IA 15 -1.16 -80.49 4.54
N LEU IA 16 -1.97 -81.50 4.81
CA LEU IA 16 -2.13 -82.61 3.90
C LEU IA 16 -3.23 -82.30 2.88
N THR IA 17 -2.91 -82.46 1.59
CA THR IA 17 -3.92 -82.23 0.57
C THR IA 17 -3.96 -83.41 -0.38
N TRP IA 18 -5.16 -83.66 -0.91
CA TRP IA 18 -5.42 -84.72 -1.87
C TRP IA 18 -6.61 -84.27 -2.71
N ASP IA 19 -6.91 -85.04 -3.75
CA ASP IA 19 -8.04 -84.72 -4.62
C ASP IA 19 -8.80 -86.01 -4.91
N GLY IA 20 -10.07 -85.85 -5.28
CA GLY IA 20 -10.88 -86.95 -5.72
C GLY IA 20 -10.51 -87.37 -7.13
N GLY IA 21 -11.33 -88.25 -7.71
CA GLY IA 21 -11.04 -88.77 -9.03
C GLY IA 21 -12.27 -88.74 -9.90
N PRO IA 22 -12.22 -89.41 -11.05
CA PRO IA 22 -13.41 -89.47 -11.91
C PRO IA 22 -14.52 -90.33 -11.33
N ALA IA 23 -14.35 -90.82 -10.09
CA ALA IA 23 -15.35 -91.61 -9.38
C ALA IA 23 -15.46 -91.11 -7.93
N SER IA 24 -16.01 -89.92 -7.75
CA SER IA 24 -16.14 -89.26 -6.45
C SER IA 24 -17.62 -89.15 -6.09
N THR IA 25 -18.12 -90.13 -5.32
CA THR IA 25 -19.54 -90.19 -4.99
C THR IA 25 -19.95 -89.01 -4.13
N SER IA 26 -21.27 -88.94 -3.92
CA SER IA 26 -21.82 -87.87 -3.09
C SER IA 26 -21.27 -87.96 -1.68
N ASP IA 27 -21.39 -89.15 -1.08
CA ASP IA 27 -20.91 -89.44 0.27
C ASP IA 27 -19.52 -90.07 0.31
N THR IA 28 -18.62 -89.71 -0.61
CA THR IA 28 -17.29 -90.27 -0.56
C THR IA 28 -16.51 -89.57 0.53
N VAL IA 29 -15.92 -90.36 1.43
CA VAL IA 29 -15.21 -89.82 2.57
C VAL IA 29 -13.74 -90.23 2.52
N TYR IA 30 -12.93 -89.49 3.28
CA TYR IA 30 -11.48 -89.61 3.30
C TYR IA 30 -11.04 -89.64 4.75
N SER IA 31 -10.14 -90.56 5.07
CA SER IA 31 -9.54 -90.65 6.39
C SER IA 31 -8.03 -90.50 6.27
N VAL IA 32 -7.42 -89.76 7.20
CA VAL IA 32 -5.99 -89.48 7.12
C VAL IA 32 -5.28 -90.21 8.26
N GLU IA 33 -4.13 -90.81 7.92
CA GLU IA 33 -3.26 -91.48 8.86
C GLU IA 33 -1.86 -90.94 8.61
N TYR IA 34 -1.10 -90.76 9.69
CA TYR IA 34 0.23 -90.20 9.64
C TYR IA 34 1.09 -91.02 10.58
N LYS IA 35 2.38 -91.00 10.32
CA LYS IA 35 3.36 -91.67 11.17
C LYS IA 35 4.72 -91.03 10.89
N LYS IA 36 5.62 -91.20 11.85
CA LYS IA 36 7.01 -90.83 11.71
C LYS IA 36 7.76 -91.95 10.98
N TYR IA 37 8.64 -91.60 10.03
CA TYR IA 37 9.34 -92.62 9.23
C TYR IA 37 10.09 -93.61 10.11
N GLY IA 38 10.00 -94.91 9.79
CA GLY IA 38 10.66 -95.91 10.60
C GLY IA 38 9.84 -96.44 11.76
N GLU IA 39 8.55 -96.17 11.78
CA GLU IA 39 7.64 -96.66 12.78
C GLU IA 39 6.71 -97.66 12.10
N ARG IA 40 6.16 -98.57 12.87
CA ARG IA 40 5.27 -99.53 12.25
C ARG IA 40 3.81 -99.08 12.34
N LYS IA 41 3.44 -98.48 13.46
CA LYS IA 41 2.06 -98.05 13.75
C LYS IA 41 1.72 -96.75 13.02
N TRP IA 42 0.57 -96.74 12.35
CA TRP IA 42 0.03 -95.54 11.73
C TRP IA 42 -0.91 -94.85 12.70
N LEU IA 43 -0.59 -93.61 13.08
CA LEU IA 43 -1.48 -92.84 13.95
C LEU IA 43 -2.61 -92.22 13.15
N ALA IA 44 -3.75 -92.01 13.82
CA ALA IA 44 -4.93 -91.45 13.19
C ALA IA 44 -5.17 -90.05 13.74
N LYS IA 45 -5.30 -89.06 12.84
CA LYS IA 45 -5.55 -87.66 13.20
C LYS IA 45 -7.01 -87.55 13.65
N ALA IA 46 -7.23 -87.07 14.87
CA ALA IA 46 -8.56 -87.11 15.44
C ALA IA 46 -9.54 -86.32 14.58
N GLY IA 47 -9.11 -85.21 14.01
CA GLY IA 47 -10.02 -84.37 13.25
C GLY IA 47 -10.46 -84.96 11.92
N CYS IA 48 -9.55 -85.63 11.21
CA CYS IA 48 -9.76 -85.96 9.80
C CYS IA 48 -10.01 -87.46 9.60
N GLN IA 49 -11.18 -87.91 10.04
CA GLN IA 49 -11.64 -89.29 9.93
C GLN IA 49 -13.01 -89.27 9.28
N ARG IA 50 -13.13 -89.94 8.14
CA ARG IA 50 -14.40 -90.01 7.41
C ARG IA 50 -14.95 -88.61 7.16
N ILE IA 51 -14.12 -87.78 6.52
CA ILE IA 51 -14.44 -86.39 6.24
C ILE IA 51 -14.64 -86.20 4.75
N THR IA 52 -15.52 -85.25 4.39
CA THR IA 52 -15.81 -84.99 2.98
C THR IA 52 -14.87 -83.98 2.35
N GLN IA 53 -14.16 -83.20 3.16
CA GLN IA 53 -13.21 -82.21 2.66
C GLN IA 53 -11.94 -82.89 2.14
N LYS IA 54 -11.12 -82.12 1.44
CA LYS IA 54 -9.97 -82.65 0.75
C LYS IA 54 -8.66 -82.05 1.25
N PHE IA 55 -8.55 -81.81 2.56
CA PHE IA 55 -7.31 -81.32 3.14
C PHE IA 55 -7.29 -81.61 4.63
N CYS IA 56 -6.09 -81.59 5.23
CA CYS IA 56 -5.94 -81.88 6.66
C CYS IA 56 -4.69 -81.21 7.23
N ASP IA 57 -4.86 -80.52 8.36
CA ASP IA 57 -3.75 -79.77 8.95
C ASP IA 57 -2.97 -80.68 9.89
N LEU IA 58 -1.76 -81.02 9.49
CA LEU IA 58 -0.95 -81.90 10.31
C LEU IA 58 0.18 -81.14 10.99
N THR IA 59 0.00 -79.83 11.20
CA THR IA 59 1.10 -79.05 11.76
C THR IA 59 1.50 -79.58 13.14
N MET IA 60 0.53 -79.74 14.05
CA MET IA 60 0.88 -80.20 15.41
C MET IA 60 1.46 -81.60 15.40
N GLU IA 61 1.00 -82.43 14.47
CA GLU IA 61 1.40 -83.82 14.38
C GLU IA 61 2.77 -84.04 13.71
N THR IA 62 3.31 -83.06 12.95
CA THR IA 62 4.65 -83.12 12.31
C THR IA 62 5.52 -81.88 12.69
N ARG IA 63 5.54 -81.54 13.99
CA ARG IA 63 6.12 -80.32 14.54
C ARG IA 63 7.65 -80.33 14.59
N ASP IA 64 8.26 -81.50 14.53
CA ASP IA 64 9.69 -81.68 14.60
C ASP IA 64 10.25 -81.37 13.21
N HIS IA 65 10.91 -80.22 13.06
CA HIS IA 65 11.33 -79.82 11.72
C HIS IA 65 12.47 -80.69 11.21
N GLN IA 66 13.19 -81.35 12.12
CA GLN IA 66 14.32 -82.23 11.83
C GLN IA 66 13.94 -83.71 11.68
N GLU IA 67 12.64 -84.02 11.67
CA GLU IA 67 12.13 -85.37 11.59
C GLU IA 67 11.62 -85.72 10.18
N PHE IA 68 11.33 -87.02 9.98
CA PHE IA 68 10.80 -87.48 8.70
C PHE IA 68 9.53 -88.24 8.94
N TYR IA 69 8.53 -87.96 8.12
CA TYR IA 69 7.19 -88.50 8.33
C TYR IA 69 6.59 -88.99 7.03
N TYR IA 70 5.45 -89.62 7.18
CA TYR IA 70 4.63 -90.06 6.08
C TYR IA 70 3.16 -89.84 6.46
N ALA IA 71 2.33 -89.66 5.45
CA ALA IA 71 0.90 -89.59 5.67
C ALA IA 71 0.19 -90.30 4.52
N LYS IA 72 -0.98 -90.85 4.83
CA LYS IA 72 -1.78 -91.55 3.84
C LYS IA 72 -3.25 -91.20 4.02
N VAL IA 73 -3.96 -91.21 2.89
CA VAL IA 73 -5.38 -90.90 2.80
C VAL IA 73 -6.10 -92.14 2.31
N THR IA 74 -7.20 -92.48 2.98
CA THR IA 74 -8.05 -93.60 2.62
C THR IA 74 -9.41 -93.04 2.20
N ALA IA 75 -9.73 -93.24 0.92
CA ALA IA 75 -10.97 -92.81 0.31
C ALA IA 75 -11.87 -94.03 0.16
N VAL IA 76 -13.07 -93.96 0.71
CA VAL IA 76 -14.04 -95.04 0.61
C VAL IA 76 -15.25 -94.52 -0.14
N SER IA 77 -15.65 -95.25 -1.14
CA SER IA 77 -16.71 -94.88 -2.07
C SER IA 77 -17.96 -95.66 -1.73
N ALA IA 78 -19.11 -95.10 -2.11
CA ALA IA 78 -20.40 -95.72 -1.84
C ALA IA 78 -20.47 -97.16 -2.37
N GLY IA 79 -20.07 -97.37 -3.63
CA GLY IA 79 -20.22 -98.68 -4.23
C GLY IA 79 -19.23 -99.72 -3.74
N GLY IA 80 -18.15 -99.31 -3.10
CA GLY IA 80 -17.15 -100.26 -2.70
C GLY IA 80 -15.73 -99.78 -2.92
N PRO IA 81 -14.85 -100.73 -3.22
CA PRO IA 81 -13.60 -100.92 -2.47
C PRO IA 81 -12.85 -99.63 -2.18
N PRO IA 82 -12.11 -99.62 -1.05
CA PRO IA 82 -11.31 -98.45 -0.67
C PRO IA 82 -9.96 -98.35 -1.39
N VAL IA 83 -9.53 -97.10 -1.59
CA VAL IA 83 -8.25 -96.75 -2.17
C VAL IA 83 -7.46 -95.95 -1.14
N THR IA 84 -6.21 -96.36 -0.89
CA THR IA 84 -5.30 -95.72 0.07
C THR IA 84 -3.98 -95.34 -0.61
N LYS IA 85 -3.72 -94.03 -0.69
CA LYS IA 85 -2.48 -93.48 -1.25
C LYS IA 85 -1.78 -92.63 -0.20
N MET IA 86 -0.45 -92.76 -0.13
CA MET IA 86 0.31 -92.00 0.87
C MET IA 86 1.21 -90.99 0.16
N THR IA 87 1.92 -90.21 0.96
CA THR IA 87 2.73 -89.13 0.44
C THR IA 87 4.19 -89.54 0.34
N ASP IA 88 4.97 -88.72 -0.34
CA ASP IA 88 6.41 -88.89 -0.34
C ASP IA 88 6.93 -88.62 1.07
N ARG IA 89 8.14 -89.13 1.36
CA ARG IA 89 8.77 -88.83 2.64
C ARG IA 89 8.80 -87.33 2.82
N PHE IA 90 8.20 -86.83 3.92
CA PHE IA 90 8.06 -85.40 4.21
C PHE IA 90 9.05 -84.97 5.28
N SER IA 91 9.76 -83.88 5.01
CA SER IA 91 10.60 -83.24 6.00
C SER IA 91 10.31 -81.76 5.95
N SER IA 92 9.78 -81.20 7.04
CA SER IA 92 9.41 -79.80 6.97
C SER IA 92 10.63 -78.92 6.72
N LEU IA 93 11.73 -79.20 7.42
CA LEU IA 93 12.94 -78.41 7.24
C LEU IA 93 13.39 -78.39 5.78
N GLN IA 94 13.19 -79.49 5.04
CA GLN IA 94 13.64 -79.51 3.66
C GLN IA 94 12.58 -79.11 2.65
N HIS IA 95 11.29 -79.27 2.95
CA HIS IA 95 10.26 -79.09 1.95
C HIS IA 95 9.44 -77.82 2.13
N THR IA 96 9.59 -77.14 3.25
CA THR IA 96 8.77 -75.99 3.48
C THR IA 96 9.22 -74.81 2.63
N THR IA 97 8.24 -74.03 2.17
CA THR IA 97 8.50 -72.78 1.47
C THR IA 97 8.44 -71.63 2.47
N ILE IA 98 9.08 -70.54 2.11
CA ILE IA 98 9.09 -69.34 2.95
C ILE IA 98 7.97 -68.39 2.53
N LYS IA 99 7.14 -67.99 3.48
CA LYS IA 99 6.19 -66.92 3.26
C LYS IA 99 6.93 -65.59 3.08
N PRO IA 100 6.37 -64.65 2.33
CA PRO IA 100 7.00 -63.34 2.24
C PRO IA 100 7.13 -62.73 3.61
N PRO IA 101 8.16 -61.91 3.85
CA PRO IA 101 8.36 -61.33 5.18
C PRO IA 101 7.25 -60.35 5.50
N ASP IA 102 7.05 -60.16 6.80
CA ASP IA 102 6.06 -59.25 7.37
C ASP IA 102 6.66 -57.86 7.41
N VAL IA 103 6.26 -57.00 6.45
CA VAL IA 103 6.91 -55.70 6.32
C VAL IA 103 5.88 -54.55 6.39
N THR IA 104 6.34 -53.44 6.94
CA THR IA 104 5.64 -52.19 6.82
C THR IA 104 6.56 -51.23 6.10
N CYS IA 105 6.06 -50.65 5.02
CA CYS IA 105 6.83 -49.65 4.30
C CYS IA 105 6.43 -48.29 4.81
N ILE IA 106 7.43 -47.46 5.08
CA ILE IA 106 7.14 -46.12 5.58
C ILE IA 106 7.64 -45.13 4.53
N PRO IA 107 6.77 -44.42 3.85
CA PRO IA 107 7.23 -43.36 2.94
C PRO IA 107 7.71 -42.15 3.73
N LYS IA 108 8.89 -41.67 3.38
CA LYS IA 108 9.51 -40.47 3.90
C LYS IA 108 9.60 -39.39 2.80
N VAL IA 109 10.15 -38.21 3.14
CA VAL IA 109 10.22 -37.11 2.18
C VAL IA 109 11.27 -37.38 1.10
N ARG IA 110 12.47 -37.79 1.46
CA ARG IA 110 13.51 -38.02 0.46
C ARG IA 110 14.10 -39.42 0.54
N SER IA 111 13.38 -40.35 1.16
CA SER IA 111 13.86 -41.71 1.35
C SER IA 111 12.65 -42.62 1.52
N ILE IA 112 12.91 -43.92 1.66
CA ILE IA 112 11.86 -44.90 1.95
C ILE IA 112 12.41 -45.86 3.01
N GLN IA 113 11.69 -45.98 4.12
CA GLN IA 113 12.12 -46.81 5.23
C GLN IA 113 11.32 -48.10 5.25
N MET IA 114 11.98 -49.19 5.60
CA MET IA 114 11.29 -50.47 5.60
C MET IA 114 11.62 -51.21 6.88
N LEU IA 115 10.60 -51.69 7.55
CA LEU IA 115 10.75 -52.43 8.78
C LEU IA 115 10.20 -53.84 8.60
N VAL IA 116 11.07 -54.83 8.77
CA VAL IA 116 10.66 -56.24 8.71
C VAL IA 116 10.47 -56.78 10.14
N HIS IA 117 9.29 -57.36 10.40
CA HIS IA 117 8.94 -57.89 11.70
C HIS IA 117 9.05 -59.39 11.72
N PRO IA 118 9.48 -59.91 12.87
CA PRO IA 118 9.67 -61.35 13.01
C PRO IA 118 8.35 -62.09 12.85
N THR IA 119 8.44 -63.27 12.24
CA THR IA 119 7.32 -64.17 12.02
C THR IA 119 7.51 -65.38 12.92
N LEU IA 120 6.52 -65.65 13.75
CA LEU IA 120 6.63 -66.87 14.53
C LEU IA 120 6.19 -68.07 13.68
N THR IA 121 6.69 -69.25 14.05
CA THR IA 121 6.48 -70.50 13.32
C THR IA 121 6.04 -71.57 14.30
N PRO IA 122 5.41 -72.64 13.81
CA PRO IA 122 4.95 -73.70 14.71
C PRO IA 122 6.02 -74.66 15.18
N VAL IA 123 7.30 -74.38 14.96
CA VAL IA 123 8.35 -75.30 15.37
C VAL IA 123 8.88 -74.79 16.69
N LEU IA 124 9.06 -75.68 17.64
CA LEU IA 124 9.40 -75.23 18.98
C LEU IA 124 10.86 -75.52 19.28
N SER IA 125 11.39 -74.70 20.18
CA SER IA 125 12.71 -74.88 20.76
C SER IA 125 12.64 -75.97 21.83
N GLU IA 126 13.81 -76.37 22.35
CA GLU IA 126 13.88 -77.45 23.33
C GLU IA 126 13.07 -77.11 24.57
N ASP IA 127 13.10 -75.85 24.98
CA ASP IA 127 12.36 -75.32 26.11
C ASP IA 127 10.89 -75.08 25.79
N GLY IA 128 10.49 -75.20 24.54
CA GLY IA 128 9.08 -75.22 24.18
C GLY IA 128 8.44 -73.94 23.69
N HIS IA 129 9.22 -72.94 23.31
CA HIS IA 129 8.64 -71.73 22.73
C HIS IA 129 8.84 -71.71 21.21
N GLN IA 130 7.90 -71.03 20.55
CA GLN IA 130 7.91 -70.93 19.10
C GLN IA 130 9.10 -70.11 18.60
N LEU IA 131 9.67 -70.55 17.48
CA LEU IA 131 10.85 -69.93 16.91
C LEU IA 131 10.53 -68.97 15.79
N THR IA 132 11.38 -67.96 15.67
CA THR IA 132 11.31 -67.16 14.48
C THR IA 132 12.13 -67.86 13.39
N LEU IA 133 11.85 -67.48 12.13
CA LEU IA 133 12.63 -67.97 11.01
C LEU IA 133 14.11 -67.76 11.26
N GLU IA 134 14.46 -66.59 11.78
CA GLU IA 134 15.85 -66.29 12.13
C GLU IA 134 16.40 -67.29 13.12
N GLU IA 135 15.56 -67.79 14.00
CA GLU IA 135 16.02 -68.79 14.94
C GLU IA 135 16.23 -70.17 14.32
N ILE IA 136 15.57 -70.48 13.21
CA ILE IA 136 15.71 -71.79 12.55
C ILE IA 136 16.84 -71.79 11.52
N PHE IA 137 16.95 -70.76 10.71
CA PHE IA 137 17.98 -70.68 9.70
C PHE IA 137 18.92 -69.58 10.14
N HIS IA 138 20.10 -69.92 10.68
CA HIS IA 138 20.99 -68.83 11.06
C HIS IA 138 21.46 -68.04 9.84
N ASP IA 139 21.35 -68.61 8.65
CA ASP IA 139 21.78 -67.96 7.43
C ASP IA 139 20.73 -66.99 6.82
N LEU IA 140 19.59 -66.77 7.46
CA LEU IA 140 18.52 -65.96 6.87
C LEU IA 140 18.96 -64.51 6.66
N PHE IA 141 18.59 -63.93 5.51
CA PHE IA 141 18.85 -62.50 5.28
C PHE IA 141 17.82 -61.93 4.32
N TYR IA 142 17.78 -60.61 4.21
CA TYR IA 142 16.74 -59.91 3.47
C TYR IA 142 17.39 -59.20 2.30
N ARG IA 143 16.80 -59.30 1.12
CA ARG IA 143 17.29 -58.65 -0.09
C ARG IA 143 16.22 -57.66 -0.50
N LEU IA 144 16.53 -56.38 -0.47
CA LEU IA 144 15.49 -55.45 -0.85
C LEU IA 144 15.91 -54.73 -2.11
N GLU IA 145 14.91 -54.43 -2.90
CA GLU IA 145 15.08 -53.73 -4.15
C GLU IA 145 14.07 -52.60 -4.19
N LEU IA 146 14.50 -51.48 -4.68
CA LEU IA 146 13.63 -50.33 -4.93
C LEU IA 146 13.73 -50.04 -6.43
N HIS IA 147 12.66 -50.36 -7.18
CA HIS IA 147 12.57 -50.24 -8.63
C HIS IA 147 12.04 -48.85 -9.02
N VAL IA 148 12.74 -48.14 -9.93
CA VAL IA 148 12.29 -46.85 -10.46
C VAL IA 148 11.77 -46.95 -11.90
N ASN IA 149 12.57 -47.47 -12.81
CA ASN IA 149 12.20 -47.70 -14.20
C ASN IA 149 13.08 -48.85 -14.63
N HIS IA 150 12.83 -49.35 -15.84
CA HIS IA 150 13.52 -50.55 -16.32
C HIS IA 150 15.04 -50.49 -16.10
N THR IA 151 15.61 -49.29 -16.06
CA THR IA 151 17.05 -49.09 -16.10
C THR IA 151 17.68 -48.81 -14.74
N TYR IA 152 16.89 -48.58 -13.70
CA TYR IA 152 17.46 -48.10 -12.45
C TYR IA 152 16.84 -48.77 -11.24
N GLN IA 153 17.69 -49.39 -10.43
CA GLN IA 153 17.24 -50.03 -9.21
C GLN IA 153 18.23 -49.74 -8.10
N MET IA 154 17.72 -49.73 -6.88
CA MET IA 154 18.51 -49.56 -5.67
C MET IA 154 18.45 -50.88 -4.91
N HIS IA 155 19.58 -51.30 -4.35
CA HIS IA 155 19.55 -52.57 -3.63
C HIS IA 155 20.12 -52.45 -2.23
N LEU IA 156 19.45 -53.11 -1.29
CA LEU IA 156 19.95 -53.29 0.06
C LEU IA 156 19.74 -54.73 0.49
N GLU IA 157 20.68 -55.23 1.29
CA GLU IA 157 20.60 -56.57 1.85
C GLU IA 157 21.30 -56.58 3.21
N GLY IA 158 20.90 -57.51 4.07
CA GLY IA 158 21.51 -57.64 5.36
C GLY IA 158 20.70 -58.56 6.23
N LYS IA 159 21.18 -58.72 7.46
CA LYS IA 159 20.48 -59.49 8.47
C LYS IA 159 19.62 -58.62 9.38
N GLN IA 160 19.76 -57.30 9.31
CA GLN IA 160 19.01 -56.38 10.15
C GLN IA 160 17.55 -56.34 9.72
N ARG IA 161 16.73 -55.63 10.48
CA ARG IA 161 15.31 -55.57 10.15
C ARG IA 161 14.90 -54.16 9.80
N GLU IA 162 15.83 -53.21 9.76
CA GLU IA 162 15.54 -51.82 9.42
C GLU IA 162 16.30 -51.45 8.15
N TYR IA 163 15.60 -50.92 7.17
CA TYR IA 163 16.26 -50.54 5.94
C TYR IA 163 15.67 -49.23 5.46
N GLU IA 164 16.52 -48.39 4.89
CA GLU IA 164 16.09 -47.08 4.39
C GLU IA 164 16.82 -46.79 3.10
N PHE IA 165 16.06 -46.54 2.04
CA PHE IA 165 16.64 -46.15 0.76
C PHE IA 165 16.82 -44.65 0.80
N LEU IA 166 18.07 -44.19 0.84
CA LEU IA 166 18.30 -42.76 0.99
C LEU IA 166 18.51 -42.05 -0.36
N GLY IA 167 18.31 -40.73 -0.34
CA GLY IA 167 18.63 -39.90 -1.49
C GLY IA 167 17.59 -39.85 -2.58
N LEU IA 168 16.32 -39.93 -2.24
CA LEU IA 168 15.28 -39.98 -3.26
C LEU IA 168 14.69 -38.60 -3.52
N THR IA 169 14.08 -38.47 -4.66
CA THR IA 169 13.39 -37.24 -4.96
C THR IA 169 12.00 -37.28 -4.35
N PRO IA 170 11.51 -36.15 -3.85
CA PRO IA 170 10.18 -36.12 -3.26
C PRO IA 170 9.06 -36.34 -4.27
N ASP IA 171 7.92 -36.77 -3.74
CA ASP IA 171 6.67 -36.94 -4.49
C ASP IA 171 6.84 -37.90 -5.67
N THR IA 172 7.66 -38.94 -5.48
CA THR IA 172 7.90 -39.94 -6.51
C THR IA 172 7.45 -41.33 -6.13
N GLU IA 173 6.88 -42.02 -7.10
CA GLU IA 173 6.40 -43.38 -6.93
C GLU IA 173 7.57 -44.34 -7.10
N PHE IA 174 7.66 -45.29 -6.18
CA PHE IA 174 8.68 -46.34 -6.21
C PHE IA 174 7.97 -47.67 -5.96
N LEU IA 175 8.65 -48.75 -6.33
CA LEU IA 175 8.20 -50.11 -6.03
C LEU IA 175 9.25 -50.73 -5.14
N GLY IA 176 8.90 -51.06 -3.91
CA GLY IA 176 9.83 -51.73 -3.04
C GLY IA 176 9.45 -53.19 -2.94
N SER IA 177 10.44 -54.06 -3.00
CA SER IA 177 10.17 -55.47 -2.75
C SER IA 177 11.22 -55.99 -1.80
N ILE IA 178 10.77 -56.75 -0.80
CA ILE IA 178 11.63 -57.35 0.23
C ILE IA 178 11.47 -58.88 0.19
N THR IA 179 12.59 -59.59 0.12
CA THR IA 179 12.65 -61.05 -0.04
C THR IA 179 13.44 -61.69 1.10
N ILE IA 180 12.94 -62.83 1.61
CA ILE IA 180 13.72 -63.64 2.55
C ILE IA 180 14.49 -64.69 1.75
N LEU IA 181 15.75 -64.88 2.12
CA LEU IA 181 16.61 -65.89 1.54
C LEU IA 181 17.22 -66.74 2.64
N THR IA 182 17.27 -68.05 2.37
CA THR IA 182 17.99 -69.04 3.17
C THR IA 182 18.97 -69.76 2.24
N PRO IA 183 20.23 -69.34 2.19
CA PRO IA 183 21.11 -69.84 1.10
C PRO IA 183 21.44 -71.31 1.23
N ILE IA 184 21.68 -71.79 2.45
CA ILE IA 184 22.21 -73.13 2.64
C ILE IA 184 21.28 -74.17 2.01
N LEU IA 185 19.99 -74.05 2.28
CA LEU IA 185 18.98 -74.93 1.71
C LEU IA 185 18.37 -74.35 0.45
N SER IA 186 18.92 -73.24 -0.06
CA SER IA 186 18.47 -72.63 -1.30
C SER IA 186 16.98 -72.31 -1.26
N LYS IA 187 16.53 -71.77 -0.13
CA LYS IA 187 15.15 -71.34 0.04
C LYS IA 187 15.05 -69.85 -0.27
N GLU IA 188 13.99 -69.48 -0.95
CA GLU IA 188 13.77 -68.08 -1.24
C GLU IA 188 12.28 -67.77 -1.18
N SER IA 189 11.88 -66.77 -0.38
CA SER IA 189 10.45 -66.42 -0.30
C SER IA 189 10.01 -65.70 -1.56
N ALA IA 190 8.70 -65.67 -1.78
CA ALA IA 190 8.20 -64.69 -2.71
C ALA IA 190 8.41 -63.30 -2.10
N PRO IA 191 8.50 -62.27 -2.94
CA PRO IA 191 8.77 -60.90 -2.42
C PRO IA 191 7.53 -60.32 -1.78
N TYR IA 192 7.74 -59.55 -0.70
CA TYR IA 192 6.72 -58.61 -0.26
C TYR IA 192 6.92 -57.35 -1.07
N VAL IA 193 5.82 -56.82 -1.65
CA VAL IA 193 5.90 -55.67 -2.56
C VAL IA 193 5.01 -54.53 -2.10
N CYS IA 194 5.63 -53.37 -1.92
CA CYS IA 194 5.02 -52.11 -1.53
C CYS IA 194 4.96 -51.19 -2.75
N ARG IA 195 3.80 -50.61 -3.01
CA ARG IA 195 3.75 -49.48 -3.94
C ARG IA 195 3.76 -48.20 -3.10
N VAL IA 196 4.92 -47.52 -3.02
CA VAL IA 196 5.06 -46.38 -2.11
C VAL IA 196 5.34 -45.09 -2.86
N LYS IA 197 5.06 -43.99 -2.16
CA LYS IA 197 5.29 -42.67 -2.73
C LYS IA 197 5.85 -41.77 -1.66
N THR IA 198 7.05 -41.27 -1.92
CA THR IA 198 7.70 -40.34 -1.03
C THR IA 198 6.82 -39.11 -0.87
N LEU IA 199 6.88 -38.52 0.33
CA LEU IA 199 5.98 -37.44 0.70
C LEU IA 199 6.35 -36.17 -0.05
N PRO IA 200 5.41 -35.31 -0.36
CA PRO IA 200 5.71 -34.21 -1.26
C PRO IA 200 6.50 -33.06 -0.66
N ASP IA 201 7.09 -33.22 0.53
CA ASP IA 201 7.96 -32.18 1.11
C ASP IA 201 7.26 -30.83 1.33
N ARG JA 6 39.46 -82.61 19.19
CA ARG JA 6 40.22 -83.83 18.90
C ARG JA 6 39.43 -84.78 17.99
N CYS JA 7 38.10 -84.59 17.98
CA CYS JA 7 37.20 -85.27 17.05
C CYS JA 7 35.93 -84.45 16.80
N LYS JA 8 36.06 -83.33 16.11
CA LYS JA 8 34.90 -82.50 15.79
C LYS JA 8 35.05 -82.00 14.37
N LEU JA 9 33.92 -81.80 13.71
CA LEU JA 9 33.94 -81.21 12.38
C LEU JA 9 33.59 -79.75 12.52
N HIS JA 10 34.03 -78.95 11.55
CA HIS JA 10 33.60 -77.58 11.59
C HIS JA 10 32.25 -77.46 10.88
N VAL JA 11 31.42 -76.54 11.40
CA VAL JA 11 30.08 -76.34 10.85
C VAL JA 11 30.17 -75.97 9.39
N ARG JA 12 31.26 -75.30 9.02
CA ARG JA 12 31.48 -74.87 7.65
C ARG JA 12 31.32 -76.02 6.65
N ASN JA 13 31.66 -77.24 7.05
CA ASN JA 13 31.57 -78.37 6.14
C ASN JA 13 30.14 -78.68 5.70
N PHE JA 14 29.12 -78.16 6.37
CA PHE JA 14 27.75 -78.46 5.99
C PHE JA 14 27.00 -77.23 5.42
N GLN JA 15 27.72 -76.17 5.06
CA GLN JA 15 27.08 -74.89 4.74
C GLN JA 15 27.29 -74.44 3.30
N SER JA 16 27.69 -75.38 2.44
CA SER JA 16 27.87 -75.15 1.01
C SER JA 16 26.54 -75.36 0.32
N PRO JA 17 25.93 -74.32 -0.24
CA PRO JA 17 24.62 -74.53 -0.89
C PRO JA 17 24.69 -75.58 -1.97
N TYR JA 18 25.80 -75.67 -2.68
CA TYR JA 18 25.96 -76.64 -3.74
C TYR JA 18 25.94 -78.06 -3.22
N ILE JA 19 26.80 -78.35 -2.24
CA ILE JA 19 26.91 -79.71 -1.75
C ILE JA 19 25.61 -80.15 -1.07
N VAL JA 20 24.90 -79.21 -0.40
CA VAL JA 20 23.64 -79.57 0.27
C VAL JA 20 22.56 -79.88 -0.75
N ASN JA 21 22.49 -79.10 -1.83
CA ASN JA 21 21.55 -79.37 -2.89
C ASN JA 21 21.81 -80.72 -3.53
N ARG JA 22 23.07 -81.02 -3.83
CA ARG JA 22 23.37 -82.29 -4.51
C ARG JA 22 23.19 -83.48 -3.58
N THR JA 23 23.53 -83.34 -2.30
CA THR JA 23 23.30 -84.41 -1.34
C THR JA 23 21.80 -84.66 -1.14
N PHE JA 24 21.00 -83.60 -1.01
CA PHE JA 24 19.60 -83.84 -0.73
C PHE JA 24 18.87 -84.29 -1.96
N MET JA 25 19.29 -83.83 -3.13
CA MET JA 25 18.67 -84.28 -4.35
C MET JA 25 18.98 -85.75 -4.60
N LEU JA 26 20.19 -86.17 -4.25
CA LEU JA 26 20.54 -87.59 -4.34
C LEU JA 26 19.68 -88.42 -3.40
N ALA JA 27 19.49 -87.96 -2.15
CA ALA JA 27 18.69 -88.71 -1.19
C ALA JA 27 17.22 -88.81 -1.61
N LYS JA 28 16.69 -87.77 -2.27
CA LYS JA 28 15.28 -87.76 -2.67
C LYS JA 28 15.01 -88.75 -3.80
N GLU JA 29 15.90 -88.82 -4.79
CA GLU JA 29 15.72 -89.76 -5.89
C GLU JA 29 15.81 -91.20 -5.42
N ALA JA 30 16.65 -91.49 -4.42
CA ALA JA 30 16.69 -92.85 -3.91
C ALA JA 30 15.48 -93.11 -3.02
N SER JA 31 15.10 -92.13 -2.19
CA SER JA 31 13.99 -92.36 -1.25
C SER JA 31 12.66 -92.54 -1.97
N LEU JA 32 12.48 -91.88 -3.13
CA LEU JA 32 11.27 -92.08 -3.93
C LEU JA 32 11.12 -93.53 -4.39
N ALA JA 33 12.22 -94.23 -4.57
CA ALA JA 33 12.17 -95.65 -4.93
C ALA JA 33 12.18 -96.56 -3.71
N ASP JA 34 12.00 -96.01 -2.50
CA ASP JA 34 12.08 -96.76 -1.24
C ASP JA 34 10.71 -96.63 -0.56
N GLN JA 35 9.91 -97.69 -0.64
CA GLN JA 35 8.56 -97.75 -0.09
C GLN JA 35 8.50 -98.50 1.23
N ASN JA 36 9.67 -98.75 1.84
CA ASN JA 36 9.76 -99.49 3.08
C ASN JA 36 9.78 -98.48 4.22
N THR JA 37 8.58 -98.05 4.59
CA THR JA 37 8.41 -97.03 5.60
C THR JA 37 8.62 -97.56 7.01
N ASP JA 38 8.65 -98.89 7.17
CA ASP JA 38 8.69 -99.48 8.48
C ASP JA 38 10.10 -99.52 9.05
N VAL JA 39 11.12 -99.59 8.20
CA VAL JA 39 12.50 -99.72 8.64
C VAL JA 39 13.28 -98.47 8.26
N ARG JA 40 13.99 -97.92 9.26
CA ARG JA 40 14.79 -96.72 9.09
C ARG JA 40 16.20 -96.97 9.59
N LEU JA 41 17.18 -96.70 8.72
CA LEU JA 41 18.58 -97.02 9.02
C LEU JA 41 19.16 -96.03 10.04
N ILE JA 42 19.32 -94.79 9.60
CA ILE JA 42 19.89 -93.74 10.45
C ILE JA 42 18.70 -93.16 11.19
N GLY JA 43 18.35 -93.83 12.23
CA GLY JA 43 17.21 -93.44 12.96
C GLY JA 43 17.45 -93.74 14.41
N GLU JA 44 16.37 -93.66 15.16
CA GLU JA 44 16.60 -93.74 16.57
C GLU JA 44 17.16 -95.11 16.97
N LYS JA 45 16.88 -96.22 16.21
CA LYS JA 45 17.48 -97.53 16.53
C LYS JA 45 19.01 -97.51 16.46
N LEU JA 46 19.60 -96.57 15.73
CA LEU JA 46 21.05 -96.40 15.62
C LEU JA 46 21.67 -95.71 16.84
N PHE JA 47 20.94 -94.85 17.53
CA PHE JA 47 21.45 -94.05 18.63
C PHE JA 47 21.19 -94.66 20.01
N ARG JA 48 20.70 -95.91 20.08
CA ARG JA 48 20.32 -96.56 21.32
C ARG JA 48 21.53 -96.82 22.20
N GLY JA 49 21.60 -96.10 23.32
CA GLY JA 49 22.66 -96.33 24.27
C GLY JA 49 24.02 -95.85 23.80
N VAL JA 50 24.08 -94.70 23.13
CA VAL JA 50 25.33 -94.08 22.72
C VAL JA 50 25.35 -92.70 23.33
N SER JA 51 26.16 -92.52 24.36
CA SER JA 51 26.39 -91.20 24.98
C SER JA 51 26.56 -90.15 23.88
N ALA JA 52 26.23 -88.90 24.19
CA ALA JA 52 26.33 -87.88 23.14
C ALA JA 52 27.78 -87.53 22.77
N LYS JA 53 28.72 -87.65 23.70
CA LYS JA 53 30.13 -87.42 23.37
C LYS JA 53 30.68 -88.52 22.44
N ASP JA 54 30.06 -89.69 22.41
CA ASP JA 54 30.46 -90.75 21.48
C ASP JA 54 29.67 -90.76 20.18
N GLN JA 55 28.68 -89.87 20.02
CA GLN JA 55 27.78 -89.95 18.86
C GLN JA 55 28.47 -89.61 17.55
N CYS JA 56 29.44 -88.72 17.56
CA CYS JA 56 30.15 -88.44 16.32
C CYS JA 56 30.92 -89.67 15.83
N TYR JA 57 31.65 -90.35 16.74
CA TYR JA 57 32.36 -91.57 16.36
C TYR JA 57 31.41 -92.61 15.79
N LEU JA 58 30.20 -92.69 16.35
CA LEU JA 58 29.15 -93.54 15.78
C LEU JA 58 28.86 -93.12 14.34
N MET JA 59 28.71 -91.81 14.12
CA MET JA 59 28.49 -91.33 12.77
C MET JA 59 29.73 -91.47 11.91
N LYS JA 60 30.93 -91.44 12.50
CA LYS JA 60 32.12 -91.74 11.72
C LYS JA 60 32.06 -93.15 11.16
N GLN JA 61 31.53 -94.08 11.96
CA GLN JA 61 31.42 -95.46 11.51
C GLN JA 61 30.34 -95.62 10.44
N VAL JA 62 29.20 -94.92 10.61
CA VAL JA 62 28.13 -95.01 9.60
C VAL JA 62 28.53 -94.38 8.27
N LEU JA 63 29.25 -93.26 8.31
CA LEU JA 63 29.65 -92.65 7.04
C LEU JA 63 30.61 -93.54 6.28
N GLN JA 64 31.67 -94.00 6.92
CA GLN JA 64 32.59 -94.84 6.19
C GLN JA 64 31.91 -96.15 5.80
N PHE JA 65 30.95 -96.62 6.60
CA PHE JA 65 30.21 -97.81 6.17
C PHE JA 65 29.46 -97.52 4.88
N THR JA 66 28.71 -96.41 4.86
CA THR JA 66 27.95 -96.07 3.67
C THR JA 66 28.85 -95.85 2.47
N LEU JA 67 30.07 -95.32 2.68
CA LEU JA 67 30.98 -95.10 1.55
C LEU JA 67 31.53 -96.40 0.99
N GLU JA 68 31.91 -97.32 1.88
CA GLU JA 68 32.57 -98.54 1.42
C GLU JA 68 31.57 -99.58 0.94
N ASP JA 69 30.40 -99.71 1.56
CA ASP JA 69 29.55 -100.86 1.21
C ASP JA 69 28.35 -100.51 0.35
N VAL JA 70 27.96 -99.25 0.26
CA VAL JA 70 26.84 -98.85 -0.57
C VAL JA 70 27.25 -97.86 -1.65
N LEU JA 71 28.10 -96.88 -1.34
CA LEU JA 71 28.34 -95.83 -2.36
C LEU JA 71 29.43 -96.23 -3.35
N LEU JA 72 30.51 -96.86 -2.88
CA LEU JA 72 31.56 -97.29 -3.81
C LEU JA 72 31.06 -98.35 -4.78
N PRO JA 73 30.34 -99.42 -4.35
CA PRO JA 73 29.84 -100.41 -5.31
C PRO JA 73 28.72 -99.88 -6.18
N GLN JA 74 28.17 -98.76 -5.80
CA GLN JA 74 26.94 -98.18 -6.30
C GLN JA 74 27.18 -96.80 -6.90
N SER JA 75 28.33 -96.63 -7.54
CA SER JA 75 28.67 -95.36 -8.16
C SER JA 75 28.07 -95.21 -9.54
N ASP JA 76 27.37 -96.25 -10.01
CA ASP JA 76 26.95 -96.37 -11.39
C ASP JA 76 25.57 -95.77 -11.63
N ARG JA 77 24.68 -95.79 -10.65
CA ARG JA 77 23.37 -95.17 -10.83
C ARG JA 77 23.26 -93.91 -9.98
N PHE JA 78 22.07 -93.33 -10.00
CA PHE JA 78 21.78 -92.08 -9.32
C PHE JA 78 22.73 -90.95 -9.76
N GLN JA 79 23.25 -91.01 -10.98
CA GLN JA 79 23.99 -89.85 -11.43
C GLN JA 79 22.96 -88.76 -11.72
N PRO JA 80 23.39 -87.54 -12.06
CA PRO JA 80 24.70 -86.91 -11.86
C PRO JA 80 25.07 -86.58 -10.40
N TYR JA 81 24.23 -86.92 -9.43
CA TYR JA 81 24.52 -86.42 -8.08
C TYR JA 81 25.62 -87.27 -7.44
N MET JA 82 25.56 -88.59 -7.64
CA MET JA 82 26.54 -89.52 -7.08
C MET JA 82 27.98 -89.09 -7.41
N TRP JA 83 28.20 -88.56 -8.61
CA TRP JA 83 29.54 -88.11 -8.97
C TRP JA 83 30.05 -86.99 -8.06
N GLU JA 84 29.19 -86.09 -7.60
CA GLU JA 84 29.68 -84.98 -6.78
C GLU JA 84 29.57 -85.22 -5.29
N VAL JA 85 28.62 -86.05 -4.86
CA VAL JA 85 28.39 -86.24 -3.44
C VAL JA 85 29.44 -87.18 -2.85
N VAL JA 86 29.79 -88.25 -3.57
CA VAL JA 86 30.74 -89.23 -3.03
C VAL JA 86 32.10 -88.60 -2.75
N PRO JA 87 32.67 -87.73 -3.61
CA PRO JA 87 33.93 -87.08 -3.23
C PRO JA 87 33.75 -86.18 -2.02
N PHE JA 88 32.57 -85.60 -1.85
CA PHE JA 88 32.33 -84.77 -0.67
C PHE JA 88 32.29 -85.62 0.59
N LEU JA 89 31.53 -86.73 0.56
CA LEU JA 89 31.44 -87.60 1.74
C LEU JA 89 32.78 -88.21 2.09
N THR JA 90 33.61 -88.53 1.07
CA THR JA 90 34.94 -89.06 1.34
C THR JA 90 35.81 -88.03 2.06
N LYS JA 91 35.69 -86.76 1.68
CA LYS JA 91 36.45 -85.71 2.37
C LYS JA 91 36.03 -85.59 3.82
N LEU JA 92 34.81 -86.01 4.14
CA LEU JA 92 34.32 -85.95 5.52
C LEU JA 92 34.85 -87.10 6.35
N SER JA 93 35.03 -88.28 5.74
CA SER JA 93 35.61 -89.44 6.42
C SER JA 93 37.09 -89.24 6.74
N ASN JA 94 37.83 -88.58 5.85
CA ASN JA 94 39.25 -88.38 6.11
C ASN JA 94 39.50 -87.36 7.21
N LYS JA 95 38.65 -86.33 7.30
CA LYS JA 95 38.79 -85.39 8.41
C LYS JA 95 38.58 -86.11 9.74
N LEU JA 96 37.80 -87.19 9.72
CA LEU JA 96 37.40 -87.91 10.92
C LEU JA 96 38.28 -89.11 11.24
N SER JA 97 39.34 -89.35 10.46
CA SER JA 97 40.21 -90.47 10.77
C SER JA 97 40.86 -90.29 12.14
N SER JA 98 41.08 -89.02 12.53
CA SER JA 98 41.68 -88.57 13.78
C SER JA 98 40.76 -88.69 14.95
N CYS JA 99 39.60 -89.30 14.73
CA CYS JA 99 38.59 -89.51 15.75
C CYS JA 99 38.73 -90.91 16.35
N HIS JA 100 38.77 -90.99 17.68
CA HIS JA 100 38.84 -92.30 18.34
C HIS JA 100 38.18 -92.16 19.71
N ILE JA 101 37.27 -93.09 20.07
CA ILE JA 101 36.53 -92.91 21.32
C ILE JA 101 37.42 -93.32 22.49
N SER JA 102 37.51 -92.45 23.49
CA SER JA 102 38.23 -92.76 24.71
C SER JA 102 37.44 -93.66 25.66
N GLY JA 103 36.82 -94.71 25.17
CA GLY JA 103 36.02 -95.53 26.05
C GLY JA 103 35.47 -96.76 25.40
N ASP JA 104 34.38 -97.25 25.98
CA ASP JA 104 33.75 -98.51 25.57
C ASP JA 104 32.89 -98.28 24.33
N ASP JA 105 33.26 -98.97 23.23
CA ASP JA 105 32.51 -98.93 21.99
C ASP JA 105 31.81 -100.26 21.73
N GLN JA 106 31.26 -100.84 22.78
CA GLN JA 106 30.47 -102.05 22.61
C GLN JA 106 29.08 -101.69 22.08
N ASN JA 107 28.60 -100.48 22.38
CA ASN JA 107 27.31 -100.07 21.86
C ASN JA 107 27.39 -99.58 20.42
N ILE JA 108 28.47 -98.87 20.06
CA ILE JA 108 28.64 -98.41 18.68
C ILE JA 108 28.89 -99.57 17.73
N GLN JA 109 29.78 -100.50 18.08
CA GLN JA 109 30.05 -101.57 17.13
C GLN JA 109 28.85 -102.50 16.97
N LYS JA 110 28.05 -102.69 18.02
CA LYS JA 110 26.88 -103.55 17.88
C LYS JA 110 25.79 -102.89 17.03
N ASN JA 111 25.66 -101.57 17.12
CA ASN JA 111 24.64 -100.89 16.33
C ASN JA 111 25.11 -100.67 14.88
N VAL JA 112 26.39 -100.34 14.66
CA VAL JA 112 26.85 -100.22 13.28
C VAL JA 112 26.83 -101.58 12.61
N ARG JA 113 27.10 -102.65 13.36
CA ARG JA 113 26.99 -104.00 12.79
C ARG JA 113 25.53 -104.36 12.53
N ARG JA 114 24.63 -104.07 13.49
CA ARG JA 114 23.21 -104.34 13.29
C ARG JA 114 22.66 -103.58 12.09
N LEU JA 115 23.24 -102.40 11.83
CA LEU JA 115 22.92 -101.64 10.63
C LEU JA 115 23.42 -102.37 9.38
N LYS JA 116 24.69 -102.74 9.35
CA LYS JA 116 25.21 -103.44 8.19
C LYS JA 116 24.46 -104.74 7.97
N GLU JA 117 23.87 -105.33 9.02
CA GLU JA 117 23.09 -106.55 8.86
C GLU JA 117 21.75 -106.27 8.19
N THR JA 118 21.10 -105.17 8.59
CA THR JA 118 19.79 -104.83 8.04
C THR JA 118 19.88 -104.43 6.57
N VAL JA 119 20.94 -103.72 6.19
CA VAL JA 119 21.07 -103.38 4.77
C VAL JA 119 21.27 -104.64 3.93
N LYS JA 120 22.05 -105.60 4.44
CA LYS JA 120 22.32 -106.78 3.66
C LYS JA 120 21.20 -107.81 3.67
N LYS JA 121 20.37 -107.85 4.73
CA LYS JA 121 19.22 -108.74 4.65
C LYS JA 121 18.17 -108.20 3.68
N LEU JA 122 18.29 -106.94 3.26
CA LEU JA 122 17.37 -106.35 2.30
C LEU JA 122 17.98 -106.31 0.92
N GLY JA 123 19.13 -106.95 0.74
CA GLY JA 123 19.85 -106.92 -0.52
C GLY JA 123 19.89 -105.56 -1.16
N GLU JA 124 19.44 -105.51 -2.41
CA GLU JA 124 19.50 -104.26 -3.15
C GLU JA 124 18.57 -103.21 -2.57
N SER JA 125 17.40 -103.64 -2.07
CA SER JA 125 16.51 -102.67 -1.46
C SER JA 125 17.16 -102.01 -0.27
N GLY JA 126 18.01 -102.73 0.43
CA GLY JA 126 18.78 -102.14 1.51
C GLY JA 126 19.80 -101.12 1.05
N GLU JA 127 20.39 -101.30 -0.13
CA GLU JA 127 21.40 -100.35 -0.59
C GLU JA 127 20.77 -99.03 -1.05
N ILE JA 128 19.60 -99.09 -1.69
CA ILE JA 128 18.91 -97.88 -2.12
C ILE JA 128 18.39 -97.08 -0.92
N LYS JA 129 18.01 -97.77 0.16
CA LYS JA 129 17.52 -97.09 1.37
C LYS JA 129 18.58 -96.21 2.00
N ALA JA 130 19.84 -96.70 2.06
CA ALA JA 130 20.93 -95.90 2.63
C ALA JA 130 21.19 -94.67 1.79
N ILE JA 131 21.11 -94.80 0.46
CA ILE JA 131 21.28 -93.64 -0.41
C ILE JA 131 20.11 -92.69 -0.25
N GLY JA 132 18.90 -93.23 -0.11
CA GLY JA 132 17.76 -92.41 0.23
C GLY JA 132 17.84 -91.77 1.59
N GLU JA 133 18.76 -92.25 2.45
CA GLU JA 133 18.96 -91.67 3.78
C GLU JA 133 20.23 -90.81 3.88
N LEU JA 134 20.84 -90.42 2.76
CA LEU JA 134 21.98 -89.53 2.85
C LEU JA 134 21.64 -88.14 3.41
N ASP JA 135 20.39 -87.67 3.35
CA ASP JA 135 20.09 -86.42 4.08
C ASP JA 135 20.13 -86.64 5.59
N LEU JA 136 19.58 -87.77 6.08
CA LEU JA 136 19.73 -88.12 7.51
C LEU JA 136 21.19 -88.30 7.92
N LEU JA 137 22.00 -88.94 7.07
CA LEU JA 137 23.44 -89.09 7.34
C LEU JA 137 24.10 -87.72 7.42
N PHE JA 138 23.86 -86.88 6.41
CA PHE JA 138 24.40 -85.52 6.39
C PHE JA 138 24.06 -84.77 7.68
N MET JA 139 22.78 -84.80 8.06
CA MET JA 139 22.27 -84.04 9.19
C MET JA 139 22.55 -84.70 10.56
N SER JA 140 22.65 -86.05 10.65
CA SER JA 140 23.16 -86.68 11.88
C SER JA 140 24.67 -86.44 12.05
N LEU JA 141 25.43 -86.41 10.95
CA LEU JA 141 26.85 -86.04 11.00
C LEU JA 141 27.01 -84.61 11.48
N ARG JA 142 26.13 -83.71 11.01
CA ARG JA 142 26.14 -82.31 11.45
C ARG JA 142 25.80 -82.22 12.92
N ASN JA 143 24.65 -82.76 13.30
CA ASN JA 143 24.19 -82.61 14.67
C ASN JA 143 25.10 -83.38 15.64
N ALA JA 144 25.82 -84.41 15.19
CA ALA JA 144 26.67 -85.17 16.10
C ALA JA 144 28.11 -84.63 16.19
N CYS JA 145 28.61 -83.95 15.16
CA CYS JA 145 30.02 -83.55 15.14
C CYS JA 145 30.27 -82.04 15.19
N VAL JA 146 29.27 -81.22 15.50
CA VAL JA 146 29.53 -79.79 15.70
C VAL JA 146 28.80 -79.22 16.91
#